data_8C8R
#
_entry.id   8C8R
#
_cell.length_a   1.00
_cell.length_b   1.00
_cell.length_c   1.00
_cell.angle_alpha   90.00
_cell.angle_beta   90.00
_cell.angle_gamma   90.00
#
_symmetry.space_group_name_H-M   'P 1'
#
_entity_poly.entity_id   1
_entity_poly.type   'polypeptide(L)'
_entity_poly.pdbx_seq_one_letter_code
;MNNEIGRKITSLTLMTIMVAGGLTFAIPGVMPEAMAANANLFVSAENSQFDNYMSGPQVIEVVVIDSDINDTDEAKGEPD
VTVNGKVLRMVQAVDGNWYGYFADRDQAQIADSTATTADSGLDFGVFCASSSGTAALGFSTTETDGIAIPITIANATATG
NGTQTGSSSGGAITTTCAANTLDASTANGTINVVREAKDPVAASGSVSVGQIGLKNGTANSGPNWPFIQLYELNPTGNVV
VQYNKGGGVQSTTLTFDTVDQFAELSLDRTVFPRVSQVHATITDLWLNIDPTDEDSWTFATNTKNTTSSFNVDTFYQVFD
ENGASGGSALTLRTTLSSLMCEDNCVLTLDVDAQSSGTPVVTIQDNGDSILTQLNASSNTNANNASAFGISTETAKLGTG
SIPVTITEQGPNSGVFGTYDESDKSVLKITDNAKRGTSASLDYNETPQTILVGFSFASIDIQPVTDEWTSGQEIPVVIVD
ADQNKNSRADEDLDLNNPDVTLIPALRTGDPFTIDEGGTPSLIFTNGTNGDDSIFDTGAINNTSAGQVGNFTLNINVTRF
SSATNITSTESIDTFSKRLISAQTANSSANFDVDFAIIDLGSATLETLKETVVDEDNTAVGFNFFNYDVRSLGADTVSIA
LLNTTGNILPWVNNDTRNVDKNNAILLVSNSTNSQAYVDLTNAVSDAVYGSTNTDSNVNIGFAMYFTGVGDLAAKEVIVM
DFFSFGFTDDGVQSSERFANQIIRIEAEETGDNTSTFEGSLEYVMVNQINIQDAGTFSGITPIADDPSFIVIEDLTDEDA
PRVNYNDLGADGVTTPVSDQEEAPSHSGVVSLNADSYKIADTVVITVEDLDLNVDSDLIDIFTVVSDNSKATDDAVGSAT
TQSLSFGELGRLLDVTFDDVIWSTPDGANNTATGNDSDTCSTELSNAGITDTGLGATGFTLVETGAATGVFVGDFQIPSF
WCRVSDTTTTPYTYAGDEETTTGLDIEVNYVDFRDASGEIVEVGDSAGVRANTGSVSLDRTVYPVPFGTIADSSKAANAA
PNGRSVFPIHATGITSTIDSTEELPTGDLTIHVRINDPDFDENPAGEDAMDQDNALKISVIRGSDSVVLGYAGASERTGK
IDVGGNNGTISNIRSFGEMDEIAPDAGIFELDVNIKFTDGPASAQCNSHDTLYTALDGTTGKADTNRFDDGAASGQEYCI
LQGDILQVEYTDPADASGDANTVTDSATFDLRNGVLQSDKSVYIIGSDMILTLIEPDFDLDNDSAETYDLDLIEWDSDAA
TTTMGNKGVTGAAAAFDPEPTDFRETGDSTGIFQIVIEIPESLSNDKLERGEEIILEYTDWGPSGSDYVGDEDEDVNLTI
YTSNFGATVELDQKVYSWTDKVYITIVAPDHNFDSDLVDEIGETDSDPIKVSTRGFDLDNYKLVETGTDTGIFTGEVILT
GFTAHDADGDGNTGDATGTTSGSGPTDGLLATDDDDGLTVSFEFSEDETIVGSALIRWNIGEVQWLEASYPASGTGVVRV
IDPDMNLDPEAVDNFEVDVWSDSDAGGIDLTVTETNEATGIFEGTVFFTTLDESSGHRLRVSEGDTVTAEYEDNTLPDPY
TTADELDITATSLIGTVVPPLERAPAANLRTVDAFGNSLDSVSVDQQVQISADLANGQDREQSFAYLVQIQDANGVTVSL
AWITGSLSSGQSFSPALSWIPTEAGTYTATAFVWESVDNPTALSPPVSTTVNVS
;
_entity_poly.pdbx_strand_id   A,B,C,D,E,F
#
# COMPACT_ATOMS: atom_id res chain seq x y z
N ALA A 37 14.44 4.08 -7.96
CA ALA A 37 15.42 4.02 -9.03
C ALA A 37 14.80 3.46 -10.31
N ASN A 38 15.59 3.42 -11.38
CA ASN A 38 15.12 2.87 -12.64
C ASN A 38 14.93 1.37 -12.54
N ALA A 39 13.96 0.85 -13.30
CA ALA A 39 13.63 -0.56 -13.27
C ALA A 39 13.91 -1.28 -14.58
N ASN A 40 13.94 -0.57 -15.70
CA ASN A 40 14.18 -1.18 -16.99
C ASN A 40 15.39 -0.62 -17.72
N LEU A 41 16.01 0.45 -17.22
CA LEU A 41 17.16 1.08 -17.85
C LEU A 41 18.36 0.92 -16.94
N PHE A 42 19.43 0.34 -17.48
CA PHE A 42 20.67 0.16 -16.73
C PHE A 42 21.82 0.76 -17.52
N VAL A 43 22.50 1.72 -16.92
CA VAL A 43 23.65 2.40 -17.51
C VAL A 43 24.88 2.04 -16.70
N SER A 44 26.02 1.88 -17.37
CA SER A 44 27.22 1.41 -16.71
C SER A 44 27.69 2.37 -15.62
N ALA A 45 27.32 3.64 -15.73
CA ALA A 45 27.83 4.65 -14.82
C ALA A 45 26.95 4.90 -13.60
N GLU A 46 25.86 4.15 -13.43
CA GLU A 46 25.00 4.30 -12.25
C GLU A 46 25.73 3.70 -11.05
N ASN A 47 26.53 4.54 -10.39
CA ASN A 47 27.27 4.13 -9.21
C ASN A 47 27.22 5.25 -8.19
N SER A 48 26.39 5.08 -7.15
CA SER A 48 26.29 6.06 -6.09
C SER A 48 27.56 6.16 -5.25
N GLN A 49 28.42 5.14 -5.32
CA GLN A 49 29.69 5.22 -4.61
C GLN A 49 30.56 6.34 -5.17
N PHE A 50 30.57 6.50 -6.49
CA PHE A 50 31.32 7.56 -7.14
C PHE A 50 30.43 8.70 -7.61
N ASP A 51 29.22 8.82 -7.04
CA ASP A 51 28.30 9.92 -7.33
C ASP A 51 27.95 10.00 -8.82
N ASN A 52 27.94 8.85 -9.49
CA ASN A 52 27.52 8.75 -10.89
C ASN A 52 28.35 9.66 -11.80
N TYR A 53 29.64 9.77 -11.51
CA TYR A 53 30.54 10.51 -12.38
C TYR A 53 31.05 9.63 -13.51
N MET A 54 31.25 10.24 -14.68
CA MET A 54 31.90 9.58 -15.80
C MET A 54 32.94 10.52 -16.36
N SER A 55 34.11 9.97 -16.71
CA SER A 55 35.23 10.79 -17.11
C SER A 55 36.15 10.02 -18.04
N GLY A 56 37.00 10.75 -18.74
CA GLY A 56 37.99 10.16 -19.61
C GLY A 56 37.40 9.56 -20.86
N PRO A 57 38.19 8.74 -21.56
CA PRO A 57 37.70 8.09 -22.77
C PRO A 57 36.91 6.82 -22.53
N GLN A 58 36.46 6.58 -21.30
CA GLN A 58 35.77 5.34 -20.98
C GLN A 58 34.49 5.21 -21.79
N VAL A 59 34.20 3.98 -22.18
CA VAL A 59 32.96 3.67 -22.90
C VAL A 59 31.88 3.37 -21.87
N ILE A 60 30.71 3.97 -22.05
CA ILE A 60 29.59 3.80 -21.14
C ILE A 60 28.54 2.96 -21.84
N GLU A 61 28.16 1.86 -21.22
CA GLU A 61 27.21 0.91 -21.79
C GLU A 61 25.81 1.21 -21.30
N VAL A 62 24.84 1.14 -22.20
CA VAL A 62 23.43 1.33 -21.88
C VAL A 62 22.71 0.04 -22.21
N VAL A 63 22.00 -0.51 -21.22
CA VAL A 63 21.32 -1.79 -21.33
C VAL A 63 19.85 -1.60 -21.01
N VAL A 64 18.99 -2.23 -21.81
CA VAL A 64 17.55 -2.21 -21.59
C VAL A 64 17.09 -3.63 -21.32
N ILE A 65 16.48 -3.85 -20.16
CA ILE A 65 15.95 -5.15 -19.77
C ILE A 65 14.46 -4.96 -19.54
N ASP A 66 13.66 -5.19 -20.58
CA ASP A 66 12.22 -5.00 -20.52
C ASP A 66 11.52 -6.29 -20.89
N SER A 67 10.42 -6.58 -20.21
CA SER A 67 9.63 -7.76 -20.53
C SER A 67 8.81 -7.57 -21.80
N ASP A 68 8.61 -6.33 -22.22
CA ASP A 68 7.75 -6.06 -23.38
C ASP A 68 8.46 -6.25 -24.71
N ILE A 69 9.80 -6.28 -24.73
CA ILE A 69 10.54 -6.27 -25.98
C ILE A 69 11.64 -7.32 -26.01
N ASN A 70 11.61 -8.26 -25.06
CA ASN A 70 12.68 -9.26 -25.00
C ASN A 70 12.36 -10.55 -25.74
N ASP A 71 11.50 -10.51 -26.75
CA ASP A 71 11.23 -11.70 -27.54
C ASP A 71 12.17 -11.74 -28.74
N THR A 72 13.04 -12.75 -28.78
CA THR A 72 14.08 -12.85 -29.79
C THR A 72 13.60 -13.49 -31.09
N ASP A 73 12.42 -14.10 -31.09
CA ASP A 73 11.85 -14.69 -32.31
C ASP A 73 10.91 -13.74 -33.04
N GLU A 74 10.58 -12.60 -32.45
CA GLU A 74 9.68 -11.62 -33.04
C GLU A 74 10.41 -10.32 -33.30
N ALA A 75 9.96 -9.61 -34.33
CA ALA A 75 10.56 -8.32 -34.70
C ALA A 75 9.88 -7.20 -33.92
N LYS A 76 10.18 -7.17 -32.62
CA LYS A 76 9.66 -6.12 -31.77
C LYS A 76 10.40 -4.80 -32.02
N GLY A 77 9.79 -3.71 -31.56
CA GLY A 77 10.36 -2.40 -31.81
C GLY A 77 11.56 -2.12 -30.92
N GLU A 78 12.48 -1.35 -31.48
CA GLU A 78 13.66 -0.94 -30.73
C GLU A 78 13.27 -0.01 -29.59
N PRO A 79 13.90 -0.13 -28.42
CA PRO A 79 13.63 0.84 -27.35
C PRO A 79 14.07 2.23 -27.77
N ASP A 80 13.27 3.22 -27.39
CA ASP A 80 13.56 4.62 -27.71
C ASP A 80 14.36 5.20 -26.56
N VAL A 81 15.68 5.18 -26.71
CA VAL A 81 16.61 5.68 -25.70
C VAL A 81 17.37 6.85 -26.27
N THR A 82 17.60 7.86 -25.44
CA THR A 82 18.32 9.06 -25.85
C THR A 82 19.31 9.47 -24.77
N VAL A 83 20.51 9.83 -25.19
CA VAL A 83 21.52 10.41 -24.31
C VAL A 83 21.63 11.89 -24.66
N ASN A 84 21.32 12.75 -23.68
CA ASN A 84 21.25 14.19 -23.90
C ASN A 84 20.37 14.52 -25.10
N GLY A 85 19.26 13.79 -25.23
CA GLY A 85 18.29 14.01 -26.27
C GLY A 85 18.56 13.27 -27.57
N LYS A 86 19.82 13.08 -27.94
CA LYS A 86 20.15 12.42 -29.19
C LYS A 86 19.91 10.92 -29.08
N VAL A 87 19.35 10.34 -30.15
CA VAL A 87 18.97 8.94 -30.13
C VAL A 87 20.22 8.06 -30.08
N LEU A 88 20.05 6.85 -29.55
CA LEU A 88 21.16 5.90 -29.38
C LEU A 88 20.69 4.55 -29.89
N ARG A 89 21.12 4.16 -31.09
CA ARG A 89 20.69 2.93 -31.69
C ARG A 89 21.10 1.73 -30.84
N MET A 90 20.15 0.83 -30.58
CA MET A 90 20.36 -0.36 -29.79
C MET A 90 20.36 -1.60 -30.66
N VAL A 91 21.23 -2.54 -30.34
CA VAL A 91 21.28 -3.85 -30.98
C VAL A 91 20.86 -4.89 -29.96
N GLN A 92 19.93 -5.75 -30.34
CA GLN A 92 19.48 -6.80 -29.43
C GLN A 92 20.44 -7.98 -29.45
N ALA A 93 20.63 -8.60 -28.30
CA ALA A 93 21.50 -9.74 -28.14
C ALA A 93 20.67 -10.99 -27.90
N VAL A 94 21.36 -12.13 -27.84
CA VAL A 94 20.68 -13.42 -27.70
C VAL A 94 19.94 -13.53 -26.38
N ASP A 95 20.23 -12.66 -25.41
CA ASP A 95 19.49 -12.65 -24.16
C ASP A 95 18.25 -11.77 -24.21
N GLY A 96 17.93 -11.21 -25.37
CA GLY A 96 16.76 -10.36 -25.49
C GLY A 96 16.92 -8.97 -24.93
N ASN A 97 18.15 -8.53 -24.68
CA ASN A 97 18.42 -7.21 -24.15
C ASN A 97 19.11 -6.36 -25.20
N TRP A 98 18.75 -5.08 -25.23
CA TRP A 98 19.23 -4.15 -26.24
C TRP A 98 20.44 -3.38 -25.70
N TYR A 99 21.51 -3.33 -26.49
CA TYR A 99 22.79 -2.80 -26.06
C TYR A 99 23.19 -1.62 -26.93
N GLY A 100 23.73 -0.58 -26.29
CA GLY A 100 24.26 0.56 -27.00
C GLY A 100 25.48 1.14 -26.30
N TYR A 101 26.60 1.24 -27.01
CA TYR A 101 27.87 1.68 -26.43
C TYR A 101 28.16 3.08 -26.94
N PHE A 102 28.42 4.00 -26.01
CA PHE A 102 28.69 5.37 -26.40
C PHE A 102 29.87 5.93 -25.60
N ALA A 103 30.56 6.89 -26.20
CA ALA A 103 31.70 7.56 -25.59
C ALA A 103 31.86 8.92 -26.23
N ASP A 104 32.65 9.78 -25.57
CA ASP A 104 32.89 11.11 -26.11
C ASP A 104 33.72 11.03 -27.38
N ARG A 105 33.38 11.87 -28.35
CA ARG A 105 34.07 11.82 -29.65
C ARG A 105 35.52 12.27 -29.53
N ASP A 106 35.75 13.42 -28.90
CA ASP A 106 37.11 13.92 -28.76
C ASP A 106 37.96 12.99 -27.91
N GLN A 107 37.41 12.51 -26.79
CA GLN A 107 38.15 11.59 -25.94
C GLN A 107 38.47 10.29 -26.66
N ALA A 108 37.51 9.77 -27.43
CA ALA A 108 37.77 8.53 -28.17
C ALA A 108 38.84 8.74 -29.23
N GLN A 109 38.80 9.88 -29.94
CA GLN A 109 39.83 10.15 -30.93
C GLN A 109 41.20 10.27 -30.28
N ILE A 110 41.28 10.97 -29.15
CA ILE A 110 42.55 11.12 -28.44
C ILE A 110 43.07 9.76 -28.00
N ALA A 111 42.20 8.91 -27.46
CA ALA A 111 42.62 7.60 -27.00
C ALA A 111 43.04 6.71 -28.17
N ASP A 112 42.35 6.82 -29.31
CA ASP A 112 42.71 6.00 -30.46
C ASP A 112 44.01 6.48 -31.10
N SER A 113 44.35 7.76 -30.90
CA SER A 113 45.61 8.26 -31.44
C SER A 113 46.80 7.51 -30.87
N THR A 114 46.77 7.21 -29.57
CA THR A 114 47.85 6.45 -28.95
C THR A 114 47.88 5.00 -29.42
N ALA A 115 46.78 4.50 -29.99
CA ALA A 115 46.73 3.13 -30.49
C ALA A 115 47.39 3.06 -31.88
N THR A 116 48.73 3.11 -31.86
CA THR A 116 49.49 3.09 -33.10
C THR A 116 49.34 1.77 -33.83
N THR A 117 49.07 0.69 -33.12
CA THR A 117 48.83 -0.61 -33.71
C THR A 117 47.40 -1.05 -33.44
N ALA A 118 46.84 -1.78 -34.40
CA ALA A 118 45.44 -2.19 -34.31
C ALA A 118 45.23 -3.22 -33.19
N ASP A 119 44.05 -3.16 -32.58
CA ASP A 119 43.60 -4.14 -31.59
C ASP A 119 44.51 -4.15 -30.36
N SER A 120 45.13 -3.01 -30.03
CA SER A 120 45.97 -2.91 -28.85
C SER A 120 45.83 -1.51 -28.27
N GLY A 121 46.06 -1.42 -26.95
CA GLY A 121 45.92 -0.14 -26.29
C GLY A 121 44.48 0.33 -26.27
N LEU A 122 44.31 1.66 -26.25
CA LEU A 122 42.98 2.27 -26.31
C LEU A 122 42.50 2.37 -27.76
N ASP A 123 42.33 1.21 -28.39
CA ASP A 123 41.96 1.13 -29.79
C ASP A 123 40.44 1.14 -29.92
N PHE A 124 39.90 2.19 -30.52
CA PHE A 124 38.47 2.29 -30.78
C PHE A 124 38.08 1.76 -32.16
N GLY A 125 39.03 1.30 -32.94
CA GLY A 125 38.73 0.79 -34.27
C GLY A 125 38.90 1.83 -35.36
N VAL A 126 37.92 1.92 -36.26
CA VAL A 126 37.97 2.82 -37.39
C VAL A 126 36.83 3.82 -37.26
N PHE A 127 37.14 5.10 -37.41
CA PHE A 127 36.15 6.15 -37.28
C PHE A 127 35.47 6.40 -38.62
N CYS A 128 34.14 6.29 -38.63
CA CYS A 128 33.34 6.58 -39.80
C CYS A 128 32.33 7.66 -39.44
N ALA A 129 31.99 8.50 -40.41
CA ALA A 129 31.09 9.61 -40.17
C ALA A 129 29.68 9.10 -39.89
N SER A 130 28.83 10.01 -39.42
CA SER A 130 27.45 9.65 -39.09
C SER A 130 26.69 9.20 -40.34
N SER A 131 26.92 9.87 -41.47
CA SER A 131 26.19 9.57 -42.69
C SER A 131 26.56 8.21 -43.29
N SER A 132 27.64 7.59 -42.82
CA SER A 132 28.11 6.32 -43.38
C SER A 132 27.54 5.10 -42.66
N GLY A 133 26.70 5.31 -41.64
CA GLY A 133 26.18 4.18 -40.89
C GLY A 133 25.35 3.24 -41.74
N THR A 134 24.53 3.80 -42.63
CA THR A 134 23.66 2.96 -43.46
C THR A 134 24.47 2.03 -44.35
N ALA A 135 25.54 2.53 -44.96
CA ALA A 135 26.36 1.70 -45.82
C ALA A 135 27.28 0.77 -45.03
N ALA A 136 27.75 1.22 -43.86
CA ALA A 136 28.70 0.44 -43.09
C ALA A 136 28.04 -0.53 -42.12
N LEU A 137 26.97 -0.09 -41.43
CA LEU A 137 26.32 -0.94 -40.45
C LEU A 137 24.98 -1.49 -40.93
N GLY A 138 24.32 -0.83 -41.85
CA GLY A 138 23.03 -1.26 -42.33
C GLY A 138 21.84 -0.50 -41.78
N PHE A 139 22.06 0.59 -41.06
CA PHE A 139 20.96 1.37 -40.49
C PHE A 139 21.44 2.79 -40.27
N SER A 140 20.47 3.68 -40.07
CA SER A 140 20.78 5.11 -39.97
C SER A 140 21.33 5.46 -38.59
N THR A 141 22.41 6.23 -38.58
CA THR A 141 23.02 6.74 -37.36
C THR A 141 23.37 8.21 -37.49
N THR A 142 22.57 8.98 -38.22
CA THR A 142 22.91 10.37 -38.52
C THR A 142 22.82 11.24 -37.28
N GLU A 143 22.05 10.84 -36.27
CA GLU A 143 21.90 11.68 -35.09
C GLU A 143 23.14 11.66 -34.19
N THR A 144 23.99 10.64 -34.32
CA THR A 144 25.20 10.56 -33.51
C THR A 144 26.32 11.35 -34.17
N ASP A 145 27.29 11.75 -33.33
CA ASP A 145 28.43 12.51 -33.83
C ASP A 145 29.42 11.64 -34.58
N GLY A 146 29.37 10.33 -34.42
CA GLY A 146 30.27 9.43 -35.12
C GLY A 146 30.13 8.00 -34.64
N ILE A 147 30.60 7.05 -35.44
CA ILE A 147 30.55 5.64 -35.08
C ILE A 147 31.92 5.02 -35.27
N ALA A 148 32.34 4.20 -34.31
CA ALA A 148 33.63 3.51 -34.36
C ALA A 148 33.35 2.04 -34.58
N ILE A 149 33.68 1.55 -35.77
CA ILE A 149 33.37 0.17 -36.14
C ILE A 149 34.65 -0.67 -36.13
N PRO A 150 34.58 -1.96 -35.79
CA PRO A 150 35.79 -2.79 -35.63
C PRO A 150 36.29 -3.41 -36.93
N ILE A 151 36.78 -2.56 -37.83
CA ILE A 151 37.35 -3.05 -39.08
C ILE A 151 38.78 -2.56 -39.20
N THR A 152 39.44 -2.90 -40.31
CA THR A 152 40.72 -2.34 -40.69
C THR A 152 40.65 -1.93 -42.15
N ILE A 153 41.41 -0.90 -42.51
CA ILE A 153 41.43 -0.41 -43.87
C ILE A 153 42.56 -1.08 -44.63
N ALA A 154 42.29 -1.46 -45.89
CA ALA A 154 43.31 -1.98 -46.77
C ALA A 154 43.62 -1.07 -47.95
N ASN A 155 42.73 -0.11 -48.25
CA ASN A 155 42.94 0.89 -49.29
C ASN A 155 42.65 2.24 -48.64
N ALA A 156 43.66 2.82 -48.01
CA ALA A 156 43.48 4.05 -47.23
C ALA A 156 43.48 5.27 -48.15
N THR A 157 42.29 5.57 -48.66
CA THR A 157 42.11 6.75 -49.48
C THR A 157 41.89 7.98 -48.60
N ALA A 158 41.85 9.15 -49.24
CA ALA A 158 41.70 10.40 -48.51
C ALA A 158 40.27 10.63 -48.04
N THR A 159 39.28 10.25 -48.84
CA THR A 159 37.89 10.55 -48.55
C THR A 159 37.02 9.32 -48.38
N GLY A 160 37.15 8.34 -49.28
CA GLY A 160 36.26 7.20 -49.30
C GLY A 160 36.38 6.25 -48.13
N ASN A 161 37.49 6.29 -47.41
CA ASN A 161 37.72 5.39 -46.29
C ASN A 161 37.98 6.19 -45.03
N GLY A 162 37.61 5.63 -43.88
CA GLY A 162 37.73 6.32 -42.62
C GLY A 162 39.17 6.42 -42.15
N THR A 163 39.31 6.87 -40.91
CA THR A 163 40.61 7.04 -40.27
C THR A 163 40.89 5.85 -39.36
N GLN A 164 42.07 5.26 -39.53
CA GLN A 164 42.43 4.10 -38.73
C GLN A 164 42.83 4.49 -37.31
N THR A 165 43.50 5.62 -37.14
CA THR A 165 44.06 6.00 -35.85
C THR A 165 43.36 7.17 -35.18
N GLY A 166 42.73 8.05 -35.95
CA GLY A 166 42.05 9.19 -35.36
C GLY A 166 43.01 10.31 -34.98
N SER A 167 42.53 11.55 -35.05
CA SER A 167 43.38 12.71 -34.79
C SER A 167 43.82 12.75 -33.33
N SER A 168 45.05 13.18 -33.10
CA SER A 168 45.58 13.30 -31.75
C SER A 168 44.81 14.35 -30.96
N SER A 169 44.49 15.48 -31.59
CA SER A 169 43.78 16.57 -30.93
C SER A 169 42.27 16.41 -30.98
N GLY A 170 41.77 15.34 -31.58
CA GLY A 170 40.34 15.14 -31.70
C GLY A 170 39.73 15.91 -32.86
N GLY A 171 38.59 16.53 -32.63
CA GLY A 171 37.91 17.29 -33.67
C GLY A 171 36.80 16.49 -34.33
N ALA A 172 36.16 17.14 -35.30
CA ALA A 172 35.03 16.54 -35.98
C ALA A 172 35.47 15.37 -36.86
N ILE A 173 34.54 14.44 -37.07
CA ILE A 173 34.75 13.29 -37.94
C ILE A 173 34.09 13.60 -39.28
N THR A 174 34.82 13.39 -40.38
CA THR A 174 34.29 13.71 -41.69
C THR A 174 34.44 12.54 -42.65
N THR A 175 35.45 11.70 -42.42
CA THR A 175 35.69 10.57 -43.30
C THR A 175 34.53 9.58 -43.21
N THR A 176 34.18 8.99 -44.35
CA THR A 176 33.04 8.09 -44.46
C THR A 176 33.51 6.67 -44.76
N CYS A 177 32.55 5.76 -44.77
CA CYS A 177 32.80 4.34 -45.00
C CYS A 177 31.63 3.77 -45.80
N ALA A 178 31.88 2.64 -46.46
CA ALA A 178 30.88 2.02 -47.33
C ALA A 178 31.03 0.50 -47.28
N ALA A 179 30.30 -0.18 -48.16
CA ALA A 179 30.32 -1.64 -48.17
C ALA A 179 31.67 -2.17 -48.64
N ASN A 180 32.27 -1.54 -49.64
CA ASN A 180 33.59 -1.96 -50.10
C ASN A 180 34.63 -1.80 -49.00
N THR A 181 34.44 -0.81 -48.10
CA THR A 181 35.32 -0.68 -46.95
C THR A 181 35.24 -1.90 -46.05
N LEU A 182 34.03 -2.43 -45.85
CA LEU A 182 33.88 -3.66 -45.08
C LEU A 182 34.52 -4.84 -45.79
N ASP A 183 34.20 -5.01 -47.08
CA ASP A 183 34.66 -6.20 -47.80
C ASP A 183 36.17 -6.21 -47.97
N ALA A 184 36.80 -5.05 -48.06
CA ALA A 184 38.24 -4.97 -48.28
C ALA A 184 39.05 -5.15 -47.01
N SER A 185 38.41 -5.23 -45.84
CA SER A 185 39.15 -5.34 -44.59
C SER A 185 39.90 -6.66 -44.53
N THR A 186 41.18 -6.58 -44.15
CA THR A 186 42.00 -7.77 -43.96
C THR A 186 41.88 -8.36 -42.56
N ALA A 187 41.26 -7.65 -41.64
CA ALA A 187 41.08 -8.12 -40.27
C ALA A 187 39.88 -7.40 -39.67
N ASN A 188 39.05 -8.14 -38.95
CA ASN A 188 37.82 -7.61 -38.37
C ASN A 188 37.84 -7.79 -36.86
N GLY A 189 37.36 -6.76 -36.15
CA GLY A 189 37.35 -6.80 -34.70
C GLY A 189 38.51 -6.07 -34.07
N THR A 190 38.82 -4.87 -34.57
CA THR A 190 39.96 -4.12 -34.09
C THR A 190 39.67 -3.29 -32.85
N ILE A 191 38.41 -3.22 -32.40
CA ILE A 191 38.10 -2.47 -31.18
C ILE A 191 38.61 -3.24 -29.97
N ASN A 192 39.32 -2.54 -29.09
CA ASN A 192 39.84 -3.13 -27.86
C ASN A 192 39.28 -2.50 -26.60
N VAL A 193 38.45 -1.47 -26.71
CA VAL A 193 37.86 -0.85 -25.53
C VAL A 193 36.54 -1.51 -25.13
N VAL A 194 35.92 -2.28 -26.02
CA VAL A 194 34.73 -3.07 -25.71
C VAL A 194 35.02 -4.48 -26.21
N ARG A 195 35.41 -5.38 -25.30
CA ARG A 195 35.90 -6.69 -25.68
C ARG A 195 34.92 -7.82 -25.48
N GLU A 196 33.88 -7.64 -24.66
CA GLU A 196 32.97 -8.73 -24.30
C GLU A 196 31.53 -8.35 -24.58
N ALA A 197 31.28 -7.80 -25.77
CA ALA A 197 29.91 -7.53 -26.18
C ALA A 197 29.16 -8.83 -26.42
N LYS A 198 27.86 -8.82 -26.12
CA LYS A 198 27.07 -10.03 -26.26
C LYS A 198 26.78 -10.32 -27.74
N ASP A 199 26.40 -11.56 -28.01
CA ASP A 199 26.17 -11.99 -29.38
C ASP A 199 24.86 -11.41 -29.91
N PRO A 200 24.86 -10.77 -31.08
CA PRO A 200 23.61 -10.26 -31.64
C PRO A 200 22.67 -11.39 -32.04
N VAL A 201 21.38 -11.05 -32.13
CA VAL A 201 20.37 -12.01 -32.53
C VAL A 201 20.57 -12.39 -33.98
N ALA A 202 20.58 -13.69 -34.25
CA ALA A 202 20.76 -14.17 -35.62
C ALA A 202 19.52 -13.89 -36.46
N ALA A 203 19.72 -13.82 -37.77
CA ALA A 203 18.62 -13.59 -38.69
C ALA A 203 17.84 -14.89 -38.91
N SER A 204 16.52 -14.83 -38.73
CA SER A 204 15.68 -16.00 -38.91
C SER A 204 14.25 -15.52 -39.13
N GLY A 205 13.60 -16.04 -40.17
CA GLY A 205 12.25 -15.61 -40.47
C GLY A 205 12.20 -14.13 -40.79
N SER A 206 11.34 -13.41 -40.08
CA SER A 206 11.19 -11.97 -40.28
C SER A 206 12.19 -11.16 -39.47
N VAL A 207 12.85 -11.76 -38.48
CA VAL A 207 13.77 -11.04 -37.61
C VAL A 207 15.12 -10.91 -38.31
N SER A 208 15.59 -9.67 -38.44
CA SER A 208 16.90 -9.42 -39.02
C SER A 208 17.98 -9.57 -37.94
N VAL A 209 19.23 -9.33 -38.33
CA VAL A 209 20.33 -9.41 -37.37
C VAL A 209 20.25 -8.21 -36.44
N GLY A 210 20.17 -8.49 -35.14
CA GLY A 210 19.99 -7.43 -34.17
C GLY A 210 18.68 -6.68 -34.27
N GLN A 211 17.75 -7.19 -35.08
CA GLN A 211 16.43 -6.60 -35.28
C GLN A 211 16.50 -5.20 -35.89
N ILE A 212 17.69 -4.73 -36.22
CA ILE A 212 17.86 -3.44 -36.87
C ILE A 212 18.66 -3.53 -38.17
N GLY A 213 19.21 -4.68 -38.52
CA GLY A 213 19.82 -4.86 -39.81
C GLY A 213 21.34 -4.75 -39.87
N LEU A 214 22.02 -5.44 -38.96
CA LEU A 214 23.47 -5.53 -39.04
C LEU A 214 23.87 -6.37 -40.26
N LYS A 215 25.05 -6.05 -40.82
CA LYS A 215 25.52 -6.80 -41.97
C LYS A 215 26.25 -8.07 -41.55
N ASN A 216 27.15 -7.98 -40.58
CA ASN A 216 27.82 -9.15 -40.02
C ASN A 216 27.61 -9.14 -38.52
N GLY A 217 27.05 -10.24 -37.99
CA GLY A 217 26.64 -10.28 -36.61
C GLY A 217 27.55 -11.04 -35.68
N THR A 218 28.83 -11.17 -36.04
CA THR A 218 29.78 -11.83 -35.15
C THR A 218 30.02 -10.97 -33.91
N ALA A 219 30.12 -11.64 -32.75
CA ALA A 219 30.06 -10.94 -31.47
C ALA A 219 31.20 -9.97 -31.29
N ASN A 220 32.44 -10.43 -31.45
CA ASN A 220 33.61 -9.58 -31.20
C ASN A 220 34.67 -9.61 -32.28
N SER A 221 34.74 -10.66 -33.10
CA SER A 221 35.71 -10.74 -34.17
C SER A 221 35.14 -10.27 -35.51
N GLY A 222 33.89 -9.83 -35.52
CA GLY A 222 33.27 -9.35 -36.74
C GLY A 222 33.59 -7.90 -37.01
N PRO A 223 33.15 -7.40 -38.16
CA PRO A 223 33.40 -6.00 -38.54
C PRO A 223 32.28 -5.03 -38.17
N ASN A 224 31.27 -5.45 -37.42
CA ASN A 224 30.16 -4.55 -37.12
C ASN A 224 29.85 -4.47 -35.62
N TRP A 225 29.96 -5.57 -34.90
CA TRP A 225 29.62 -5.60 -33.50
C TRP A 225 30.82 -6.02 -32.68
N PRO A 226 31.15 -5.32 -31.59
CA PRO A 226 30.44 -4.11 -31.14
C PRO A 226 30.89 -2.86 -31.89
N PHE A 227 30.08 -1.81 -31.81
CA PHE A 227 30.43 -0.51 -32.39
C PHE A 227 30.05 0.57 -31.39
N ILE A 228 30.94 1.54 -31.23
CA ILE A 228 30.75 2.63 -30.29
C ILE A 228 30.18 3.83 -31.04
N GLN A 229 29.08 4.38 -30.53
CA GLN A 229 28.48 5.59 -31.10
C GLN A 229 28.99 6.80 -30.33
N LEU A 230 29.47 7.79 -31.05
CA LEU A 230 30.23 8.88 -30.45
C LEU A 230 29.34 10.08 -30.24
N TYR A 231 29.40 10.67 -29.03
CA TYR A 231 28.64 11.86 -28.69
C TYR A 231 29.58 12.89 -28.09
N GLU A 232 29.57 14.10 -28.64
CA GLU A 232 30.41 15.17 -28.12
C GLU A 232 29.73 15.75 -26.88
N LEU A 233 30.34 15.57 -25.72
CA LEU A 233 29.71 15.87 -24.44
C LEU A 233 30.27 17.16 -23.86
N ASN A 234 29.51 17.74 -22.93
CA ASN A 234 29.88 19.00 -22.31
C ASN A 234 30.71 18.73 -21.06
N PRO A 235 31.97 19.16 -21.01
CA PRO A 235 32.76 19.00 -19.79
C PRO A 235 32.13 19.75 -18.63
N THR A 236 32.20 19.13 -17.44
CA THR A 236 31.61 19.64 -16.21
C THR A 236 30.09 19.77 -16.32
N GLY A 237 29.53 19.30 -17.43
CA GLY A 237 28.10 19.36 -17.65
C GLY A 237 27.43 18.02 -17.44
N ASN A 238 26.15 18.07 -17.07
CA ASN A 238 25.38 16.88 -16.81
C ASN A 238 25.14 16.09 -18.10
N VAL A 239 25.24 14.77 -18.00
CA VAL A 239 24.87 13.86 -19.08
C VAL A 239 23.66 13.07 -18.61
N VAL A 240 22.56 13.19 -19.34
CA VAL A 240 21.30 12.57 -18.96
C VAL A 240 20.93 11.55 -20.02
N VAL A 241 20.74 10.30 -19.59
CA VAL A 241 20.29 9.22 -20.45
C VAL A 241 18.83 8.95 -20.17
N GLN A 242 18.00 9.02 -21.21
CA GLN A 242 16.56 8.87 -21.07
C GLN A 242 16.07 7.72 -21.94
N TYR A 243 15.19 6.90 -21.37
CA TYR A 243 14.57 5.80 -22.08
C TYR A 243 13.07 6.04 -22.12
N ASN A 244 12.48 5.93 -23.30
CA ASN A 244 11.08 6.25 -23.51
C ASN A 244 10.27 4.96 -23.65
N LYS A 245 9.30 4.77 -22.78
CA LYS A 245 8.39 3.63 -22.86
C LYS A 245 7.04 4.03 -22.29
N GLY A 246 6.02 3.26 -22.66
CA GLY A 246 4.68 3.55 -22.20
C GLY A 246 4.50 3.39 -20.70
N GLY A 247 4.23 4.49 -20.01
CA GLY A 247 4.03 4.46 -18.58
C GLY A 247 4.77 5.57 -17.86
N GLY A 248 5.91 5.97 -18.42
CA GLY A 248 6.73 7.01 -17.84
C GLY A 248 8.17 6.95 -18.29
N VAL A 249 8.77 8.10 -18.54
CA VAL A 249 10.16 8.15 -19.00
C VAL A 249 11.08 7.91 -17.82
N GLN A 250 12.17 7.20 -18.08
CA GLN A 250 13.19 6.90 -17.07
C GLN A 250 14.47 7.62 -17.44
N SER A 251 15.02 8.38 -16.49
CA SER A 251 16.17 9.23 -16.75
C SER A 251 17.26 8.97 -15.73
N THR A 252 18.50 8.93 -16.20
CA THR A 252 19.68 8.80 -15.36
C THR A 252 20.58 9.99 -15.59
N THR A 253 21.07 10.60 -14.52
CA THR A 253 21.91 11.79 -14.60
C THR A 253 23.37 11.40 -14.36
N LEU A 254 24.25 11.90 -15.21
CA LEU A 254 25.69 11.64 -15.11
C LEU A 254 26.45 12.94 -15.32
N THR A 255 27.61 13.04 -14.68
CA THR A 255 28.45 14.22 -14.76
C THR A 255 29.70 13.91 -15.59
N PHE A 256 30.03 14.81 -16.50
CA PHE A 256 31.22 14.68 -17.35
C PHE A 256 32.30 15.59 -16.78
N ASP A 257 32.96 15.10 -15.74
CA ASP A 257 33.89 15.92 -14.96
C ASP A 257 35.09 15.06 -14.55
N THR A 258 36.21 15.73 -14.30
CA THR A 258 37.39 15.05 -13.79
C THR A 258 37.09 14.41 -12.44
N VAL A 259 37.67 13.25 -12.20
CA VAL A 259 37.31 12.42 -11.04
C VAL A 259 38.49 12.23 -10.12
N ASP A 260 39.37 13.23 -10.02
CA ASP A 260 40.53 13.11 -9.14
C ASP A 260 40.15 13.10 -7.67
N GLN A 261 38.94 13.56 -7.33
CA GLN A 261 38.52 13.58 -5.93
C GLN A 261 38.02 12.23 -5.45
N PHE A 262 37.72 11.31 -6.37
CA PHE A 262 37.27 9.98 -6.00
C PHE A 262 38.36 8.92 -6.07
N ALA A 263 39.57 9.29 -6.49
CA ALA A 263 40.65 8.34 -6.66
C ALA A 263 41.55 8.33 -5.43
N GLU A 264 41.84 7.13 -4.92
CA GLU A 264 42.78 6.98 -3.82
C GLU A 264 43.24 5.54 -3.77
N LEU A 265 44.37 5.33 -3.09
CA LEU A 265 44.95 4.01 -2.88
C LEU A 265 44.96 3.70 -1.40
N SER A 266 44.64 2.46 -1.05
CA SER A 266 44.56 2.04 0.34
C SER A 266 45.40 0.81 0.56
N LEU A 267 46.25 0.84 1.59
CA LEU A 267 47.03 -0.32 1.99
C LEU A 267 46.27 -1.10 3.05
N ASP A 268 46.45 -2.42 3.04
CA ASP A 268 45.65 -3.27 3.91
C ASP A 268 46.11 -3.21 5.37
N ARG A 269 47.41 -3.09 5.62
CA ARG A 269 47.94 -3.07 6.97
C ARG A 269 48.87 -1.90 7.16
N THR A 270 49.01 -1.46 8.42
CA THR A 270 49.88 -0.34 8.73
C THR A 270 51.35 -0.73 8.66
N VAL A 271 51.68 -1.91 9.18
CA VAL A 271 53.07 -2.37 9.27
C VAL A 271 53.17 -3.72 8.58
N PHE A 272 54.20 -3.88 7.76
CA PHE A 272 54.37 -5.08 6.94
C PHE A 272 55.51 -5.94 7.48
N PRO A 273 55.23 -7.17 7.90
CA PRO A 273 56.33 -8.05 8.34
C PRO A 273 57.25 -8.45 7.20
N ARG A 274 58.24 -9.28 7.50
CA ARG A 274 59.36 -9.47 6.58
C ARG A 274 58.93 -10.08 5.26
N VAL A 275 58.12 -11.13 5.28
CA VAL A 275 57.76 -11.86 4.08
C VAL A 275 56.33 -11.56 3.64
N SER A 276 55.65 -10.64 4.31
CA SER A 276 54.25 -10.36 3.99
C SER A 276 54.09 -9.80 2.59
N GLN A 277 52.99 -10.19 1.94
CA GLN A 277 52.64 -9.61 0.65
C GLN A 277 52.17 -8.18 0.83
N VAL A 278 52.19 -7.42 -0.27
CA VAL A 278 51.73 -6.04 -0.28
C VAL A 278 50.55 -5.97 -1.23
N HIS A 279 49.34 -6.10 -0.69
CA HIS A 279 48.12 -5.97 -1.47
C HIS A 279 47.70 -4.51 -1.49
N ALA A 280 47.65 -3.93 -2.68
CA ALA A 280 47.27 -2.53 -2.88
C ALA A 280 45.97 -2.46 -3.66
N THR A 281 45.04 -1.63 -3.19
CA THR A 281 43.74 -1.47 -3.82
C THR A 281 43.63 -0.05 -4.36
N ILE A 282 43.32 0.07 -5.65
CA ILE A 282 43.17 1.35 -6.32
C ILE A 282 41.73 1.49 -6.76
N THR A 283 41.10 2.59 -6.36
CA THR A 283 39.73 2.90 -6.75
C THR A 283 39.74 4.17 -7.59
N ASP A 284 39.51 4.03 -8.89
CA ASP A 284 39.58 5.17 -9.79
C ASP A 284 38.60 4.94 -10.92
N LEU A 285 37.86 5.98 -11.29
CA LEU A 285 36.86 5.88 -12.35
C LEU A 285 37.50 5.88 -13.73
N TRP A 286 38.56 6.66 -13.91
CA TRP A 286 39.14 6.83 -15.25
C TRP A 286 39.71 5.52 -15.80
N LEU A 287 40.09 4.60 -14.92
CA LEU A 287 40.70 3.35 -15.38
C LEU A 287 39.67 2.32 -15.80
N ASN A 288 38.37 2.62 -15.67
CA ASN A 288 37.31 1.69 -16.06
C ASN A 288 36.83 2.01 -17.47
N ILE A 289 37.74 1.83 -18.43
CA ILE A 289 37.43 2.13 -19.82
C ILE A 289 36.39 1.16 -20.37
N ASP A 290 36.59 -0.13 -20.15
CA ASP A 290 35.72 -1.14 -20.72
C ASP A 290 34.51 -1.34 -19.82
N PRO A 291 33.29 -1.11 -20.30
CA PRO A 291 32.11 -1.32 -19.45
C PRO A 291 31.68 -2.78 -19.33
N THR A 292 32.28 -3.70 -20.10
CA THR A 292 31.82 -5.08 -20.12
C THR A 292 32.93 -6.09 -19.89
N ASP A 293 34.10 -5.66 -19.43
CA ASP A 293 35.18 -6.59 -19.15
C ASP A 293 36.11 -5.99 -18.11
N GLU A 294 36.96 -6.84 -17.54
CA GLU A 294 37.92 -6.39 -16.55
C GLU A 294 39.04 -5.62 -17.24
N ASP A 295 39.25 -4.38 -16.80
CA ASP A 295 40.31 -3.54 -17.34
C ASP A 295 41.61 -3.82 -16.59
N SER A 296 42.71 -3.96 -17.34
CA SER A 296 44.01 -4.25 -16.78
C SER A 296 45.00 -3.18 -17.21
N TRP A 297 45.74 -2.63 -16.26
CA TRP A 297 46.72 -1.60 -16.52
C TRP A 297 48.07 -2.03 -15.98
N THR A 298 49.11 -1.90 -16.80
CA THR A 298 50.48 -2.18 -16.39
C THR A 298 51.24 -0.87 -16.36
N PHE A 299 51.99 -0.64 -15.28
CA PHE A 299 52.64 0.64 -15.04
C PHE A 299 54.15 0.51 -15.11
N ALA A 300 54.82 1.65 -15.17
CA ALA A 300 56.28 1.76 -15.08
C ALA A 300 56.58 2.72 -13.94
N THR A 301 56.67 2.18 -12.72
CA THR A 301 56.65 2.99 -11.51
C THR A 301 58.04 3.31 -10.96
N ASN A 302 59.11 2.78 -11.54
CA ASN A 302 60.44 2.99 -10.99
C ASN A 302 60.83 4.46 -11.15
N THR A 303 60.84 5.20 -10.04
CA THR A 303 61.09 6.63 -10.08
C THR A 303 62.57 6.99 -10.05
N LYS A 304 63.46 6.02 -9.88
CA LYS A 304 64.89 6.30 -9.82
C LYS A 304 65.65 5.81 -11.04
N ASN A 305 64.97 5.24 -12.03
CA ASN A 305 65.65 4.83 -13.26
C ASN A 305 66.01 6.08 -14.04
N THR A 306 67.22 6.59 -13.81
CA THR A 306 67.62 7.91 -14.27
C THR A 306 68.03 7.95 -15.74
N THR A 307 67.86 6.85 -16.48
CA THR A 307 68.14 6.87 -17.90
C THR A 307 67.29 7.93 -18.59
N SER A 308 67.91 8.70 -19.48
CA SER A 308 67.21 9.79 -20.14
C SER A 308 66.04 9.29 -20.97
N SER A 309 66.24 8.16 -21.68
CA SER A 309 65.18 7.63 -22.52
C SER A 309 63.97 7.19 -21.71
N PHE A 310 64.19 6.55 -20.56
CA PHE A 310 63.09 6.03 -19.77
C PHE A 310 62.24 7.15 -19.18
N ASN A 311 60.93 6.93 -19.17
CA ASN A 311 59.98 7.84 -18.53
C ASN A 311 58.95 7.01 -17.78
N VAL A 312 58.37 7.61 -16.74
CA VAL A 312 57.32 6.93 -15.98
C VAL A 312 56.05 6.94 -16.81
N ASP A 313 55.62 5.76 -17.26
CA ASP A 313 54.53 5.66 -18.23
C ASP A 313 53.52 4.62 -17.76
N THR A 314 52.29 4.79 -18.21
CA THR A 314 51.19 3.88 -17.95
C THR A 314 50.81 3.16 -19.24
N PHE A 315 50.52 1.86 -19.14
CA PHE A 315 50.19 1.05 -20.29
C PHE A 315 48.83 0.40 -20.08
N TYR A 316 48.04 0.34 -21.14
CA TYR A 316 46.69 -0.20 -21.09
C TYR A 316 46.65 -1.58 -21.73
N GLN A 317 46.15 -2.56 -20.97
CA GLN A 317 45.84 -3.89 -21.48
C GLN A 317 47.04 -4.55 -22.13
N VAL A 318 48.14 -4.64 -21.37
CA VAL A 318 49.26 -5.48 -21.80
C VAL A 318 48.97 -6.94 -21.47
N PHE A 319 48.39 -7.19 -20.30
CA PHE A 319 47.96 -8.52 -19.89
C PHE A 319 46.45 -8.53 -19.73
N ASP A 320 45.80 -9.50 -20.38
CA ASP A 320 44.36 -9.62 -20.26
C ASP A 320 43.97 -10.01 -18.83
N GLU A 321 42.65 -10.05 -18.58
CA GLU A 321 42.16 -10.45 -17.28
C GLU A 321 42.55 -11.89 -16.93
N ASN A 322 42.78 -12.73 -17.93
CA ASN A 322 43.17 -14.12 -17.70
C ASN A 322 44.66 -14.30 -17.44
N GLY A 323 45.46 -13.26 -17.64
CA GLY A 323 46.88 -13.37 -17.44
C GLY A 323 47.69 -13.71 -18.67
N ALA A 324 47.10 -13.60 -19.86
CA ALA A 324 47.81 -13.89 -21.10
C ALA A 324 48.29 -12.60 -21.73
N SER A 325 48.84 -12.71 -22.95
CA SER A 325 49.35 -11.55 -23.67
C SER A 325 48.18 -10.79 -24.28
N GLY A 326 47.91 -9.59 -23.75
CA GLY A 326 46.82 -8.77 -24.25
C GLY A 326 47.12 -7.94 -25.46
N GLY A 327 48.36 -7.98 -25.96
CA GLY A 327 48.80 -7.19 -27.08
C GLY A 327 50.13 -6.54 -26.79
N SER A 328 50.44 -5.51 -27.56
CA SER A 328 51.68 -4.78 -27.37
C SER A 328 51.50 -3.66 -26.35
N ALA A 329 52.63 -3.15 -25.86
CA ALA A 329 52.64 -2.04 -24.93
C ALA A 329 52.81 -0.73 -25.69
N LEU A 330 51.97 0.26 -25.36
CA LEU A 330 51.93 1.50 -26.12
C LEU A 330 52.01 2.69 -25.16
N THR A 331 52.65 3.76 -25.62
CA THR A 331 52.91 4.92 -24.78
C THR A 331 51.61 5.65 -24.43
N LEU A 332 51.53 6.13 -23.19
CA LEU A 332 50.42 6.95 -22.75
C LEU A 332 50.83 8.15 -21.91
N ARG A 333 52.13 8.40 -21.74
CA ARG A 333 52.57 9.47 -20.86
C ARG A 333 52.27 10.84 -21.45
N THR A 334 52.47 11.01 -22.75
CA THR A 334 52.29 12.31 -23.39
C THR A 334 50.85 12.61 -23.75
N THR A 335 49.91 11.76 -23.35
CA THR A 335 48.52 11.91 -23.73
C THR A 335 47.57 12.09 -22.56
N LEU A 336 47.95 11.67 -21.35
CA LEU A 336 47.04 11.71 -20.21
C LEU A 336 46.50 13.10 -19.94
N SER A 337 47.26 14.14 -20.30
CA SER A 337 46.75 15.50 -20.16
C SER A 337 45.53 15.73 -21.03
N SER A 338 45.57 15.25 -22.28
CA SER A 338 44.41 15.38 -23.17
C SER A 338 43.33 14.36 -22.85
N LEU A 339 43.64 13.27 -22.16
CA LEU A 339 42.65 12.28 -21.76
C LEU A 339 41.93 12.66 -20.48
N MET A 340 41.95 13.94 -20.11
CA MET A 340 41.22 14.51 -18.98
C MET A 340 41.76 14.02 -17.64
N CYS A 341 42.87 13.28 -17.63
CA CYS A 341 43.49 12.90 -16.37
C CYS A 341 43.95 14.13 -15.61
N GLU A 342 43.63 14.18 -14.32
CA GLU A 342 44.10 15.23 -13.43
C GLU A 342 44.81 14.51 -12.28
N ASP A 343 46.10 14.26 -12.47
CA ASP A 343 47.03 13.69 -11.49
C ASP A 343 46.54 12.38 -10.87
N ASN A 344 45.80 11.56 -11.63
CA ASN A 344 45.29 10.32 -11.07
C ASN A 344 45.43 9.12 -12.01
N CYS A 345 46.27 9.21 -13.04
CA CYS A 345 46.43 8.12 -14.00
C CYS A 345 47.85 7.57 -14.06
N VAL A 346 48.73 8.01 -13.18
CA VAL A 346 50.12 7.60 -13.19
C VAL A 346 50.50 7.07 -11.81
N LEU A 347 51.22 5.94 -11.80
CA LEU A 347 51.67 5.30 -10.58
C LEU A 347 53.19 5.34 -10.53
N THR A 348 53.74 5.70 -9.37
CA THR A 348 55.18 5.74 -9.17
C THR A 348 55.52 5.01 -7.87
N LEU A 349 56.62 4.27 -7.88
CA LEU A 349 57.04 3.49 -6.73
C LEU A 349 58.52 3.72 -6.46
N ASP A 350 58.88 3.60 -5.18
CA ASP A 350 60.27 3.70 -4.73
C ASP A 350 60.52 2.57 -3.76
N VAL A 351 61.39 1.62 -4.14
CA VAL A 351 61.58 0.42 -3.34
C VAL A 351 62.32 0.66 -2.03
N ASP A 352 62.90 1.85 -1.85
CA ASP A 352 63.59 2.17 -0.60
C ASP A 352 63.65 3.69 -0.49
N ALA A 353 62.97 4.23 0.53
CA ALA A 353 62.95 5.68 0.69
C ALA A 353 64.26 6.20 1.29
N GLN A 354 64.90 5.43 2.14
CA GLN A 354 66.09 5.89 2.86
C GLN A 354 67.39 5.61 2.11
N SER A 355 67.34 4.95 0.96
CA SER A 355 68.52 4.64 0.16
C SER A 355 69.57 3.90 0.97
N SER A 356 69.12 2.92 1.74
CA SER A 356 69.98 2.15 2.64
C SER A 356 70.65 0.97 1.96
N GLY A 357 70.41 0.78 0.65
CA GLY A 357 71.00 -0.32 -0.07
C GLY A 357 70.22 -1.62 -0.02
N THR A 358 69.23 -1.73 0.87
CA THR A 358 68.38 -2.90 0.95
C THR A 358 66.96 -2.52 0.59
N PRO A 359 66.48 -2.88 -0.60
CA PRO A 359 65.12 -2.49 -0.98
C PRO A 359 64.06 -3.11 -0.07
N VAL A 360 63.01 -2.35 0.18
CA VAL A 360 61.94 -2.83 1.06
C VAL A 360 60.99 -3.74 0.30
N VAL A 361 60.38 -3.22 -0.77
CA VAL A 361 59.38 -3.96 -1.53
C VAL A 361 60.03 -4.53 -2.77
N THR A 362 59.52 -5.68 -3.22
CA THR A 362 59.91 -6.29 -4.48
C THR A 362 58.64 -6.64 -5.27
N ILE A 363 58.84 -7.19 -6.47
CA ILE A 363 57.73 -7.54 -7.33
C ILE A 363 57.85 -9.01 -7.72
N GLN A 364 56.72 -9.59 -8.12
CA GLN A 364 56.64 -11.01 -8.40
C GLN A 364 55.51 -11.27 -9.39
N ASP A 365 55.68 -12.31 -10.19
CA ASP A 365 54.64 -12.71 -11.13
C ASP A 365 53.50 -13.38 -10.40
N ASN A 366 52.30 -13.30 -10.97
CA ASN A 366 51.13 -13.97 -10.43
C ASN A 366 50.25 -14.42 -11.59
N GLY A 367 49.01 -14.77 -11.27
CA GLY A 367 48.10 -15.29 -12.28
C GLY A 367 47.52 -14.25 -13.22
N ASP A 368 47.69 -12.97 -12.92
CA ASP A 368 47.13 -11.90 -13.73
C ASP A 368 48.15 -11.21 -14.62
N SER A 369 49.36 -11.73 -14.69
CA SER A 369 50.43 -11.08 -15.46
C SER A 369 51.45 -12.12 -15.88
N ILE A 370 52.40 -11.68 -16.70
CA ILE A 370 53.52 -12.51 -17.14
C ILE A 370 54.79 -11.74 -16.83
N LEU A 371 55.39 -12.00 -15.68
CA LEU A 371 56.60 -11.33 -15.25
C LEU A 371 57.72 -12.35 -15.17
N THR A 372 58.85 -12.05 -15.81
CA THR A 372 59.95 -12.99 -15.92
C THR A 372 61.25 -12.34 -15.46
N GLN A 373 62.17 -13.19 -15.02
CA GLN A 373 63.48 -12.74 -14.55
C GLN A 373 64.42 -12.61 -15.74
N LEU A 374 64.65 -11.38 -16.20
CA LEU A 374 65.56 -11.17 -17.32
C LEU A 374 67.00 -11.38 -16.91
N ASN A 375 67.41 -10.80 -15.77
CA ASN A 375 68.77 -10.95 -15.26
C ASN A 375 68.82 -12.21 -14.41
N ALA A 376 68.88 -13.35 -15.08
CA ALA A 376 68.90 -14.65 -14.42
C ALA A 376 70.26 -14.96 -13.78
N SER A 377 71.18 -14.01 -13.73
CA SER A 377 72.49 -14.26 -13.17
C SER A 377 72.39 -14.62 -11.68
N SER A 378 73.25 -15.54 -11.25
CA SER A 378 73.26 -15.96 -9.86
C SER A 378 73.72 -14.86 -8.91
N ASN A 379 74.41 -13.84 -9.44
CA ASN A 379 74.86 -12.74 -8.60
C ASN A 379 73.70 -11.98 -7.98
N THR A 380 72.56 -11.89 -8.68
CA THR A 380 71.37 -11.27 -8.16
C THR A 380 70.30 -12.33 -7.90
N ASN A 381 69.36 -11.97 -7.04
CA ASN A 381 68.26 -12.86 -6.68
C ASN A 381 66.93 -12.16 -7.00
N ALA A 382 65.83 -12.81 -6.60
CA ALA A 382 64.51 -12.23 -6.79
C ALA A 382 64.28 -11.00 -5.93
N ASN A 383 65.15 -10.74 -4.95
CA ASN A 383 64.99 -9.58 -4.09
C ASN A 383 65.23 -8.27 -4.82
N ASN A 384 65.94 -8.31 -5.95
CA ASN A 384 66.21 -7.10 -6.74
C ASN A 384 64.97 -6.76 -7.55
N ALA A 385 64.30 -5.67 -7.18
CA ALA A 385 63.09 -5.27 -7.90
C ALA A 385 63.41 -4.77 -9.31
N SER A 386 64.65 -4.36 -9.56
CA SER A 386 65.02 -3.88 -10.88
C SER A 386 65.38 -5.01 -11.85
N ALA A 387 65.44 -6.25 -11.37
CA ALA A 387 65.84 -7.38 -12.21
C ALA A 387 64.68 -8.00 -12.96
N PHE A 388 63.44 -7.58 -12.71
CA PHE A 388 62.27 -8.15 -13.34
C PHE A 388 61.74 -7.24 -14.44
N GLY A 389 61.34 -7.84 -15.54
CA GLY A 389 60.75 -7.10 -16.65
C GLY A 389 59.91 -8.02 -17.50
N ILE A 390 59.23 -7.43 -18.47
CA ILE A 390 58.37 -8.16 -19.40
C ILE A 390 59.17 -8.48 -20.65
N SER A 391 59.32 -9.77 -20.93
CA SER A 391 60.22 -10.21 -21.99
C SER A 391 59.76 -9.70 -23.36
N THR A 392 58.46 -9.77 -23.63
CA THR A 392 57.95 -9.40 -24.95
C THR A 392 57.95 -7.89 -25.20
N GLU A 393 58.11 -7.08 -24.16
CA GLU A 393 58.08 -5.63 -24.27
C GLU A 393 59.25 -5.00 -23.52
N THR A 394 60.45 -5.51 -23.78
CA THR A 394 61.65 -5.00 -23.12
C THR A 394 62.03 -3.59 -23.56
N ALA A 395 61.39 -3.06 -24.60
CA ALA A 395 61.74 -1.72 -25.08
C ALA A 395 61.47 -0.67 -24.00
N LYS A 396 60.35 -0.80 -23.29
CA LYS A 396 60.02 0.13 -22.22
C LYS A 396 59.73 -0.55 -20.89
N LEU A 397 59.77 -1.88 -20.82
CA LEU A 397 59.50 -2.62 -19.60
C LEU A 397 60.52 -3.73 -19.41
N GLY A 398 61.79 -3.42 -19.65
CA GLY A 398 62.87 -4.38 -19.49
C GLY A 398 63.39 -4.42 -18.06
N THR A 399 64.70 -4.61 -17.93
CA THR A 399 65.33 -4.55 -16.62
C THR A 399 65.16 -3.15 -16.04
N GLY A 400 64.90 -3.10 -14.73
CA GLY A 400 64.50 -1.83 -14.18
C GLY A 400 63.08 -1.52 -14.63
N SER A 401 62.70 -0.25 -14.46
CA SER A 401 61.36 0.23 -14.84
C SER A 401 60.29 -0.68 -14.23
N ILE A 402 60.25 -0.68 -12.90
CA ILE A 402 59.48 -1.64 -12.11
C ILE A 402 58.04 -1.74 -12.62
N PRO A 403 57.68 -2.85 -13.27
CA PRO A 403 56.33 -2.99 -13.82
C PRO A 403 55.33 -3.45 -12.78
N VAL A 404 54.44 -2.56 -12.38
CA VAL A 404 53.36 -2.87 -11.45
C VAL A 404 52.09 -3.03 -12.27
N THR A 405 51.35 -4.10 -12.01
CA THR A 405 50.15 -4.43 -12.76
C THR A 405 48.96 -4.53 -11.81
N ILE A 406 47.82 -3.96 -12.23
CA ILE A 406 46.60 -3.98 -11.45
C ILE A 406 45.47 -4.48 -12.33
N THR A 407 44.55 -5.22 -11.72
CA THR A 407 43.38 -5.75 -12.41
C THR A 407 42.12 -5.28 -11.70
N GLU A 408 41.03 -5.17 -12.46
CA GLU A 408 39.77 -4.70 -11.92
C GLU A 408 39.06 -5.80 -11.16
N GLN A 409 38.43 -5.45 -10.04
CA GLN A 409 37.67 -6.41 -9.24
C GLN A 409 36.23 -6.43 -9.73
N GLY A 410 36.05 -7.00 -10.93
CA GLY A 410 34.77 -7.03 -11.57
C GLY A 410 34.75 -6.22 -12.85
N PRO A 411 33.81 -6.53 -13.75
CA PRO A 411 33.79 -5.83 -15.04
C PRO A 411 33.56 -4.33 -14.92
N ASN A 412 32.79 -3.89 -13.93
CA ASN A 412 32.42 -2.49 -13.84
C ASN A 412 32.50 -1.93 -12.43
N SER A 413 33.19 -2.62 -11.52
CA SER A 413 33.26 -2.14 -10.14
C SER A 413 34.13 -0.90 -10.02
N GLY A 414 35.11 -0.75 -10.90
CA GLY A 414 35.98 0.41 -10.85
C GLY A 414 37.05 0.35 -9.78
N VAL A 415 37.18 -0.77 -9.08
CA VAL A 415 38.18 -0.94 -8.03
C VAL A 415 39.25 -1.89 -8.53
N PHE A 416 40.50 -1.47 -8.45
CA PHE A 416 41.62 -2.23 -8.97
C PHE A 416 42.53 -2.68 -7.83
N GLY A 417 43.12 -3.85 -8.00
CA GLY A 417 43.98 -4.41 -6.98
C GLY A 417 45.21 -5.10 -7.52
N THR A 418 46.36 -4.87 -6.88
CA THR A 418 47.58 -5.56 -7.28
C THR A 418 47.45 -7.06 -7.07
N TYR A 419 46.83 -7.47 -5.97
CA TYR A 419 46.68 -8.89 -5.67
C TYR A 419 45.79 -9.57 -6.71
N ASP A 420 46.15 -10.79 -7.07
CA ASP A 420 45.38 -11.56 -8.03
C ASP A 420 44.19 -12.20 -7.32
N GLU A 421 43.53 -13.15 -7.99
CA GLU A 421 42.41 -13.84 -7.38
C GLU A 421 42.85 -14.86 -6.35
N SER A 422 44.15 -15.17 -6.28
CA SER A 422 44.68 -16.16 -5.35
C SER A 422 45.37 -15.52 -4.15
N ASP A 423 45.07 -14.26 -3.84
CA ASP A 423 45.64 -13.54 -2.70
C ASP A 423 47.15 -13.44 -2.78
N LYS A 424 47.71 -13.47 -3.98
CA LYS A 424 49.15 -13.35 -4.20
C LYS A 424 49.41 -12.03 -4.90
N SER A 425 50.05 -11.10 -4.19
CA SER A 425 50.18 -9.73 -4.66
C SER A 425 51.34 -9.59 -5.65
N VAL A 426 51.27 -8.52 -6.44
CA VAL A 426 52.40 -8.15 -7.28
C VAL A 426 53.54 -7.61 -6.42
N LEU A 427 53.23 -6.76 -5.45
CA LEU A 427 54.23 -6.16 -4.58
C LEU A 427 54.43 -7.04 -3.35
N LYS A 428 55.70 -7.28 -3.01
CA LYS A 428 56.05 -8.13 -1.87
C LYS A 428 57.16 -7.46 -1.07
N ILE A 429 57.13 -7.68 0.24
CA ILE A 429 58.18 -7.16 1.12
C ILE A 429 59.40 -8.09 1.04
N THR A 430 60.57 -7.49 0.88
CA THR A 430 61.80 -8.27 0.81
C THR A 430 62.06 -9.00 2.12
N ASP A 431 62.66 -10.19 2.03
CA ASP A 431 62.85 -11.01 3.21
C ASP A 431 63.96 -10.48 4.11
N ASN A 432 64.97 -9.82 3.54
CA ASN A 432 66.08 -9.27 4.30
C ASN A 432 65.84 -7.83 4.73
N ALA A 433 64.59 -7.41 4.87
CA ALA A 433 64.29 -6.02 5.20
C ALA A 433 64.75 -5.68 6.61
N LYS A 434 65.01 -4.39 6.83
CA LYS A 434 65.49 -3.88 8.09
C LYS A 434 64.39 -3.07 8.78
N ARG A 435 64.27 -3.25 10.09
CA ARG A 435 63.24 -2.55 10.85
C ARG A 435 63.43 -1.04 10.74
N GLY A 436 62.38 -0.37 10.25
CA GLY A 436 62.39 1.07 10.10
C GLY A 436 62.62 1.54 8.68
N THR A 437 63.31 0.76 7.86
CA THR A 437 63.46 1.11 6.45
C THR A 437 62.12 0.93 5.75
N SER A 438 61.74 1.92 4.93
CA SER A 438 60.41 1.97 4.35
C SER A 438 60.48 2.30 2.87
N ALA A 439 59.46 1.87 2.14
CA ALA A 439 59.30 2.15 0.73
C ALA A 439 58.08 3.01 0.49
N SER A 440 58.17 3.88 -0.51
CA SER A 440 57.13 4.86 -0.81
C SER A 440 56.42 4.46 -2.09
N LEU A 441 55.15 4.09 -1.97
CA LEU A 441 54.29 3.81 -3.12
C LEU A 441 53.33 4.97 -3.30
N ASP A 442 53.30 5.53 -4.50
CA ASP A 442 52.60 6.78 -4.76
C ASP A 442 51.52 6.59 -5.82
N TYR A 443 50.29 6.98 -5.49
CA TYR A 443 49.21 7.08 -6.46
C TYR A 443 48.45 8.36 -6.21
N ASN A 444 47.92 8.95 -7.29
CA ASN A 444 47.16 10.20 -7.22
C ASN A 444 48.00 11.34 -6.65
N GLU A 445 49.32 11.25 -6.82
CA GLU A 445 50.25 12.23 -6.27
C GLU A 445 50.04 12.40 -4.76
N THR A 446 49.67 11.31 -4.11
CA THR A 446 49.53 11.25 -2.65
C THR A 446 50.29 10.00 -2.20
N PRO A 447 51.62 10.07 -2.14
CA PRO A 447 52.40 8.88 -1.82
C PRO A 447 52.08 8.35 -0.42
N GLN A 448 52.05 7.04 -0.31
CA GLN A 448 51.86 6.36 0.97
C GLN A 448 53.12 5.55 1.25
N THR A 449 53.58 5.60 2.49
CA THR A 449 54.83 4.97 2.88
C THR A 449 54.58 3.57 3.43
N ILE A 450 55.26 2.59 2.87
CA ILE A 450 55.15 1.20 3.28
C ILE A 450 56.21 0.97 4.34
N LEU A 451 55.79 0.93 5.61
CA LEU A 451 56.72 0.80 6.73
C LEU A 451 56.97 -0.67 7.04
N VAL A 452 58.22 -1.00 7.35
CA VAL A 452 58.55 -2.39 7.77
C VAL A 452 58.71 -2.31 9.28
N GLY A 453 58.36 -3.35 10.02
CA GLY A 453 58.44 -3.19 11.49
C GLY A 453 58.15 -4.45 12.27
N PHE A 454 57.99 -4.32 13.59
CA PHE A 454 57.77 -5.50 14.47
C PHE A 454 56.84 -5.07 15.62
N SER A 455 56.34 -6.00 16.42
CA SER A 455 55.34 -5.65 17.47
C SER A 455 55.59 -6.42 18.76
N PHE A 456 55.27 -5.80 19.89
CA PHE A 456 55.43 -6.47 21.20
C PHE A 456 54.32 -7.49 21.35
N ALA A 457 54.66 -8.74 21.60
CA ALA A 457 53.67 -9.80 21.69
C ALA A 457 53.31 -10.08 23.15
N SER A 458 52.22 -10.83 23.33
CA SER A 458 51.76 -11.19 24.67
C SER A 458 50.98 -12.49 24.56
N ILE A 459 51.61 -13.60 24.94
CA ILE A 459 50.96 -14.90 24.93
C ILE A 459 50.29 -15.12 26.28
N ASP A 460 49.00 -15.46 26.25
CA ASP A 460 48.21 -15.61 27.46
C ASP A 460 47.44 -16.92 27.37
N ILE A 461 47.33 -17.61 28.51
CA ILE A 461 46.54 -18.82 28.65
C ILE A 461 45.34 -18.49 29.54
N GLN A 462 44.14 -18.66 28.99
CA GLN A 462 42.90 -18.30 29.68
C GLN A 462 42.07 -19.55 29.94
N PRO A 463 42.16 -20.12 31.14
CA PRO A 463 41.30 -21.26 31.47
C PRO A 463 39.84 -20.87 31.55
N VAL A 464 38.97 -21.83 31.24
CA VAL A 464 37.53 -21.57 31.31
C VAL A 464 37.06 -21.36 32.75
N THR A 465 37.82 -21.81 33.73
CA THR A 465 37.49 -21.62 35.13
C THR A 465 38.77 -21.29 35.90
N ASP A 466 38.70 -21.37 37.22
CA ASP A 466 39.82 -21.01 38.08
C ASP A 466 40.85 -22.12 38.23
N GLU A 467 40.58 -23.30 37.70
CA GLU A 467 41.50 -24.42 37.81
C GLU A 467 41.60 -25.13 36.46
N TRP A 468 42.83 -25.45 36.05
CA TRP A 468 43.06 -26.14 34.78
C TRP A 468 43.16 -27.64 35.04
N THR A 469 41.99 -28.25 35.21
CA THR A 469 41.92 -29.68 35.48
C THR A 469 42.14 -30.48 34.19
N SER A 470 42.37 -31.78 34.36
CA SER A 470 42.66 -32.65 33.24
C SER A 470 41.44 -32.78 32.33
N GLY A 471 41.71 -33.00 31.04
CA GLY A 471 40.64 -33.14 30.06
C GLY A 471 39.82 -31.88 29.87
N GLN A 472 40.48 -30.72 29.84
CA GLN A 472 39.80 -29.44 29.65
C GLN A 472 40.60 -28.63 28.64
N GLU A 473 40.10 -28.56 27.40
CA GLU A 473 40.76 -27.76 26.38
C GLU A 473 40.48 -26.28 26.62
N ILE A 474 41.53 -25.50 26.81
CA ILE A 474 41.40 -24.08 27.10
C ILE A 474 42.10 -23.28 26.01
N PRO A 475 41.54 -22.16 25.57
CA PRO A 475 42.14 -21.41 24.46
C PRO A 475 43.49 -20.80 24.84
N VAL A 476 44.36 -20.69 23.84
CA VAL A 476 45.63 -20.00 23.95
C VAL A 476 45.59 -18.83 22.98
N VAL A 477 45.81 -17.63 23.49
CA VAL A 477 45.68 -16.40 22.70
C VAL A 477 47.06 -15.78 22.55
N ILE A 478 47.47 -15.56 21.30
CA ILE A 478 48.75 -14.94 20.98
C ILE A 478 48.46 -13.72 20.12
N VAL A 479 48.90 -12.55 20.60
CA VAL A 479 48.73 -11.29 19.88
C VAL A 479 50.11 -10.87 19.38
N ASP A 480 50.35 -11.06 18.09
CA ASP A 480 51.65 -10.73 17.50
C ASP A 480 51.42 -10.22 16.08
N ALA A 481 51.65 -8.91 15.89
CA ALA A 481 51.48 -8.33 14.57
C ALA A 481 52.59 -8.71 13.60
N ASP A 482 53.71 -9.23 14.10
CA ASP A 482 54.81 -9.61 13.23
C ASP A 482 54.44 -10.79 12.34
N GLN A 483 53.61 -11.70 12.83
CA GLN A 483 53.21 -12.86 12.05
C GLN A 483 52.05 -12.58 11.11
N ASN A 484 51.39 -11.43 11.24
CA ASN A 484 50.30 -11.05 10.35
C ASN A 484 50.90 -10.37 9.12
N LYS A 485 51.38 -11.19 8.19
CA LYS A 485 52.07 -10.71 7.01
C LYS A 485 51.15 -10.49 5.82
N ASN A 486 49.85 -10.73 5.97
CA ASN A 486 48.88 -10.52 4.88
C ASN A 486 47.60 -9.96 5.49
N SER A 487 47.16 -8.81 5.01
CA SER A 487 45.97 -8.15 5.51
C SER A 487 44.69 -8.59 4.80
N ARG A 488 44.80 -9.42 3.78
CA ARG A 488 43.63 -9.88 3.01
C ARG A 488 43.43 -11.38 3.07
N ALA A 489 44.12 -12.07 3.98
CA ALA A 489 44.00 -13.52 4.09
C ALA A 489 44.29 -13.94 5.52
N ASP A 490 44.17 -15.24 5.77
CA ASP A 490 44.44 -15.82 7.07
C ASP A 490 45.81 -16.49 7.06
N GLU A 491 46.65 -16.11 8.01
CA GLU A 491 47.99 -16.69 8.15
C GLU A 491 47.97 -17.73 9.26
N ASP A 492 48.27 -18.98 8.91
CA ASP A 492 48.33 -20.07 9.86
C ASP A 492 49.78 -20.46 10.09
N LEU A 493 50.17 -20.56 11.36
CA LEU A 493 51.52 -20.99 11.68
C LEU A 493 51.75 -22.42 11.21
N ASP A 494 53.00 -22.74 10.87
CA ASP A 494 53.32 -24.06 10.36
C ASP A 494 54.81 -24.32 10.58
N LEU A 495 55.14 -25.46 11.21
CA LEU A 495 56.53 -25.88 11.31
C LEU A 495 57.12 -26.16 9.93
N ASN A 496 56.31 -26.73 9.03
CA ASN A 496 56.78 -27.06 7.69
C ASN A 496 56.98 -25.84 6.81
N ASN A 497 56.54 -24.66 7.25
CA ASN A 497 56.68 -23.45 6.44
C ASN A 497 57.88 -22.66 6.93
N PRO A 498 58.96 -22.57 6.15
CA PRO A 498 60.11 -21.76 6.58
C PRO A 498 59.77 -20.29 6.74
N ASP A 499 58.76 -19.79 6.03
CA ASP A 499 58.38 -18.39 6.16
C ASP A 499 57.89 -18.07 7.57
N VAL A 500 57.15 -19.00 8.18
CA VAL A 500 56.74 -18.84 9.58
C VAL A 500 57.96 -19.10 10.45
N THR A 501 58.63 -18.03 10.87
CA THR A 501 59.92 -18.18 11.55
C THR A 501 59.76 -18.63 13.00
N LEU A 502 58.74 -18.14 13.70
CA LEU A 502 58.62 -18.31 15.14
C LEU A 502 57.32 -19.03 15.47
N ILE A 503 57.45 -20.12 16.23
CA ILE A 503 56.29 -20.92 16.66
C ILE A 503 56.36 -21.11 18.17
N PRO A 504 55.26 -20.93 18.90
CA PRO A 504 55.28 -21.21 20.34
C PRO A 504 55.51 -22.69 20.61
N ALA A 505 56.17 -22.98 21.73
CA ALA A 505 56.52 -24.34 22.08
C ALA A 505 56.39 -24.55 23.58
N LEU A 506 56.12 -25.81 23.96
CA LEU A 506 56.06 -26.22 25.35
C LEU A 506 56.80 -27.55 25.47
N ARG A 507 57.55 -27.72 26.56
CA ARG A 507 58.34 -28.94 26.75
C ARG A 507 58.39 -29.28 28.22
N THR A 508 58.52 -30.58 28.50
CA THR A 508 58.67 -31.09 29.86
C THR A 508 59.81 -32.08 29.88
N GLY A 509 60.52 -32.12 31.02
CA GLY A 509 61.66 -33.01 31.14
C GLY A 509 62.80 -32.58 30.22
N ASP A 510 63.50 -33.56 29.67
CA ASP A 510 64.62 -33.33 28.76
C ASP A 510 64.40 -34.18 27.51
N PRO A 511 63.48 -33.77 26.63
CA PRO A 511 63.30 -34.50 25.38
C PRO A 511 64.52 -34.35 24.48
N PHE A 512 64.80 -35.41 23.71
CA PHE A 512 65.96 -35.42 22.82
C PHE A 512 65.56 -34.77 21.49
N THR A 513 65.83 -33.46 21.41
CA THR A 513 65.56 -32.72 20.19
C THR A 513 66.71 -32.89 19.20
N ILE A 514 66.60 -32.22 18.06
CA ILE A 514 67.62 -32.34 17.03
C ILE A 514 68.90 -31.60 17.41
N ASP A 515 68.85 -30.73 18.41
CA ASP A 515 69.98 -29.90 18.79
C ASP A 515 70.48 -30.19 20.21
N GLU A 516 70.20 -31.37 20.75
CA GLU A 516 70.71 -31.70 22.08
C GLU A 516 72.23 -31.77 22.10
N GLY A 517 72.85 -32.08 20.97
CA GLY A 517 74.30 -32.16 20.89
C GLY A 517 74.92 -30.93 20.26
N GLY A 518 74.17 -29.82 20.24
CA GLY A 518 74.65 -28.60 19.62
C GLY A 518 74.07 -28.39 18.24
N THR A 519 74.73 -27.51 17.50
CA THR A 519 74.28 -27.20 16.14
C THR A 519 74.58 -28.38 15.22
N PRO A 520 73.57 -28.92 14.54
CA PRO A 520 73.78 -30.08 13.67
C PRO A 520 74.40 -29.67 12.34
N SER A 521 74.81 -30.69 11.58
CA SER A 521 75.35 -30.51 10.24
C SER A 521 74.57 -31.41 9.30
N LEU A 522 73.95 -30.82 8.27
CA LEU A 522 73.10 -31.54 7.34
C LEU A 522 73.60 -31.38 5.92
N ILE A 523 73.62 -32.48 5.17
CA ILE A 523 74.04 -32.50 3.77
C ILE A 523 73.03 -33.32 2.97
N PHE A 524 73.07 -33.12 1.65
CA PHE A 524 72.24 -33.86 0.72
C PHE A 524 73.11 -34.62 -0.26
N THR A 525 72.64 -35.79 -0.68
CA THR A 525 73.43 -36.68 -1.52
C THR A 525 72.51 -37.39 -2.51
N ASN A 526 72.99 -37.58 -3.73
CA ASN A 526 72.28 -38.32 -4.76
C ASN A 526 73.06 -39.58 -5.12
N GLY A 527 72.35 -40.69 -5.26
CA GLY A 527 72.99 -41.95 -5.59
C GLY A 527 72.04 -43.11 -5.33
N THR A 528 72.64 -44.28 -5.10
CA THR A 528 71.91 -45.51 -4.85
C THR A 528 72.34 -46.10 -3.51
N ASN A 529 71.38 -46.66 -2.78
CA ASN A 529 71.67 -47.25 -1.48
C ASN A 529 72.38 -48.59 -1.61
N GLY A 530 72.02 -49.38 -2.62
CA GLY A 530 72.61 -50.68 -2.81
C GLY A 530 71.91 -51.76 -2.00
N ASP A 531 72.26 -53.01 -2.29
CA ASP A 531 71.67 -54.15 -1.61
C ASP A 531 72.15 -54.29 -0.18
N ASP A 532 73.36 -53.83 0.12
CA ASP A 532 73.90 -53.88 1.49
C ASP A 532 73.56 -52.62 2.26
N SER A 533 72.27 -52.26 2.27
CA SER A 533 71.81 -51.07 2.97
C SER A 533 70.53 -51.39 3.73
N ILE A 534 70.35 -50.71 4.86
CA ILE A 534 69.18 -50.95 5.69
C ILE A 534 67.91 -50.34 5.10
N PHE A 535 68.04 -49.38 4.19
CA PHE A 535 66.86 -48.71 3.64
C PHE A 535 66.04 -49.64 2.77
N ASP A 536 66.70 -50.50 1.99
CA ASP A 536 66.00 -51.40 1.08
C ASP A 536 65.71 -52.76 1.72
N THR A 537 66.73 -53.39 2.31
CA THR A 537 66.54 -54.71 2.90
C THR A 537 65.75 -54.64 4.20
N GLY A 538 65.95 -53.58 4.98
CA GLY A 538 65.29 -53.48 6.27
C GLY A 538 63.80 -53.26 6.15
N ALA A 539 63.10 -53.67 7.22
CA ALA A 539 61.66 -53.50 7.30
C ALA A 539 61.26 -53.47 8.77
N ILE A 540 60.06 -52.95 9.03
CA ILE A 540 59.55 -52.84 10.40
C ILE A 540 58.93 -54.19 10.75
N ASN A 541 59.66 -55.00 11.53
CA ASN A 541 59.15 -56.27 11.99
C ASN A 541 59.53 -56.59 13.44
N ASN A 542 60.12 -55.65 14.17
CA ASN A 542 60.59 -55.85 15.54
C ASN A 542 61.61 -56.98 15.64
N THR A 543 62.34 -57.25 14.57
CA THR A 543 63.39 -58.25 14.53
C THR A 543 64.75 -57.58 14.48
N SER A 544 65.74 -58.20 15.13
CA SER A 544 67.08 -57.64 15.18
C SER A 544 67.68 -57.50 13.78
N ALA A 545 67.57 -58.55 12.97
CA ALA A 545 68.08 -58.49 11.61
C ALA A 545 67.26 -57.54 10.75
N GLY A 546 65.94 -57.54 10.94
CA GLY A 546 65.05 -56.74 10.13
C GLY A 546 65.21 -55.24 10.29
N GLN A 547 65.36 -54.77 11.54
CA GLN A 547 65.41 -53.34 11.81
C GLN A 547 66.80 -52.80 12.11
N VAL A 548 67.76 -53.66 12.44
CA VAL A 548 69.12 -53.25 12.77
C VAL A 548 70.08 -53.89 11.78
N GLY A 549 70.94 -53.07 11.18
CA GLY A 549 71.90 -53.56 10.22
C GLY A 549 73.02 -52.59 9.93
N ASN A 550 73.42 -52.48 8.66
CA ASN A 550 74.48 -51.58 8.25
C ASN A 550 73.98 -50.70 7.11
N PHE A 551 74.53 -49.49 7.05
CA PHE A 551 74.16 -48.52 6.03
C PHE A 551 75.34 -48.29 5.10
N THR A 552 75.13 -48.51 3.81
CA THR A 552 76.15 -48.28 2.78
C THR A 552 75.53 -47.48 1.65
N LEU A 553 76.39 -46.78 0.92
CA LEU A 553 75.92 -45.93 -0.17
C LEU A 553 77.05 -45.67 -1.15
N ASN A 554 76.67 -45.31 -2.37
CA ASN A 554 77.60 -44.84 -3.39
C ASN A 554 77.09 -43.50 -3.90
N ILE A 555 78.02 -42.58 -4.14
CA ILE A 555 77.69 -41.18 -4.43
C ILE A 555 78.10 -40.88 -5.87
N ASN A 556 77.16 -40.30 -6.63
CA ASN A 556 77.40 -39.84 -8.01
C ASN A 556 76.88 -38.41 -8.09
N VAL A 557 77.74 -37.45 -7.75
CA VAL A 557 77.39 -36.04 -7.75
C VAL A 557 78.18 -35.27 -8.79
N THR A 558 78.64 -35.94 -9.85
CA THR A 558 79.42 -35.25 -10.87
C THR A 558 78.59 -34.20 -11.60
N ARG A 559 77.33 -34.51 -11.90
CA ARG A 559 76.46 -33.58 -12.61
C ARG A 559 76.02 -32.40 -11.75
N PHE A 560 76.22 -32.48 -10.43
CA PHE A 560 75.80 -31.40 -9.56
C PHE A 560 76.74 -30.20 -9.69
N SER A 561 76.31 -29.07 -9.13
CA SER A 561 77.12 -27.87 -9.15
C SER A 561 78.37 -28.07 -8.29
N SER A 562 79.52 -27.70 -8.84
CA SER A 562 80.83 -27.81 -8.17
C SER A 562 81.22 -29.26 -7.91
N ALA A 563 80.38 -30.21 -8.34
CA ALA A 563 80.65 -31.64 -8.20
C ALA A 563 80.95 -32.01 -6.75
N THR A 564 80.17 -31.47 -5.84
CA THR A 564 80.36 -31.70 -4.41
C THR A 564 79.02 -31.98 -3.75
N ASN A 565 79.09 -32.55 -2.55
CA ASN A 565 77.89 -32.81 -1.77
C ASN A 565 77.20 -31.50 -1.40
N ILE A 566 75.87 -31.52 -1.36
CA ILE A 566 75.08 -30.31 -1.14
C ILE A 566 75.16 -29.97 0.34
N THR A 567 76.05 -29.04 0.69
CA THR A 567 76.12 -28.54 2.06
C THR A 567 75.02 -27.51 2.30
N SER A 568 74.82 -27.17 3.57
CA SER A 568 73.76 -26.26 3.93
C SER A 568 74.12 -25.51 5.21
N THR A 569 73.47 -24.39 5.42
CA THR A 569 73.62 -23.59 6.63
C THR A 569 72.53 -23.97 7.62
N GLU A 570 72.93 -24.27 8.86
CA GLU A 570 72.04 -24.82 9.86
C GLU A 570 71.78 -23.81 10.97
N SER A 571 70.51 -23.66 11.34
CA SER A 571 70.11 -22.78 12.43
C SER A 571 69.06 -23.50 13.27
N ILE A 572 69.03 -23.17 14.56
CA ILE A 572 68.15 -23.82 15.52
C ILE A 572 67.38 -22.75 16.28
N ASP A 573 66.06 -22.92 16.39
CA ASP A 573 65.25 -22.05 17.21
C ASP A 573 65.40 -22.43 18.68
N THR A 574 65.29 -21.42 19.55
CA THR A 574 65.53 -21.63 20.98
C THR A 574 64.39 -22.36 21.68
N PHE A 575 63.16 -22.26 21.18
CA PHE A 575 62.02 -22.86 21.86
C PHE A 575 61.39 -23.99 21.06
N SER A 576 60.99 -23.73 19.81
CA SER A 576 60.45 -24.80 18.98
C SER A 576 61.51 -25.81 18.58
N LYS A 577 62.80 -25.46 18.72
CA LYS A 577 63.92 -26.32 18.42
C LYS A 577 63.94 -26.74 16.95
N ARG A 578 63.27 -25.98 16.09
CA ARG A 578 63.23 -26.32 14.68
C ARG A 578 64.58 -26.04 14.01
N LEU A 579 64.99 -26.97 13.15
CA LEU A 579 66.22 -26.82 12.37
C LEU A 579 65.84 -26.25 11.01
N ILE A 580 66.40 -25.08 10.69
CA ILE A 580 66.18 -24.42 9.41
C ILE A 580 67.44 -24.57 8.58
N SER A 581 67.31 -25.16 7.39
CA SER A 581 68.43 -25.44 6.51
C SER A 581 68.42 -24.44 5.35
N ALA A 582 69.52 -23.72 5.19
CA ALA A 582 69.68 -22.74 4.13
C ALA A 582 70.64 -23.29 3.09
N GLN A 583 70.23 -23.26 1.82
CA GLN A 583 71.02 -23.82 0.74
C GLN A 583 70.58 -23.18 -0.57
N THR A 584 71.25 -23.58 -1.65
CA THR A 584 70.92 -23.05 -2.97
C THR A 584 69.53 -23.50 -3.38
N ALA A 585 68.73 -22.56 -3.89
CA ALA A 585 67.37 -22.84 -4.31
C ALA A 585 67.32 -23.25 -5.78
N ASN A 586 67.94 -24.40 -6.06
CA ASN A 586 67.95 -24.95 -7.42
C ASN A 586 66.72 -25.81 -7.64
N SER A 587 65.95 -25.49 -8.68
CA SER A 587 64.73 -26.22 -9.00
C SER A 587 64.70 -26.67 -10.46
N SER A 588 65.85 -26.99 -11.04
CA SER A 588 65.90 -27.44 -12.42
C SER A 588 65.29 -28.82 -12.55
N ALA A 589 64.83 -29.14 -13.77
CA ALA A 589 64.25 -30.46 -14.03
C ALA A 589 65.29 -31.55 -13.89
N ASN A 590 66.53 -31.28 -14.28
CA ASN A 590 67.60 -32.27 -14.17
C ASN A 590 68.02 -32.53 -12.73
N PHE A 591 67.61 -31.68 -11.79
CA PHE A 591 67.96 -31.87 -10.39
C PHE A 591 67.30 -33.13 -9.85
N ASP A 592 68.10 -33.99 -9.23
CA ASP A 592 67.60 -35.20 -8.60
C ASP A 592 68.46 -35.52 -7.40
N VAL A 593 67.85 -35.53 -6.21
CA VAL A 593 68.53 -35.85 -4.97
C VAL A 593 67.71 -36.89 -4.23
N ASP A 594 68.41 -37.82 -3.58
CA ASP A 594 67.75 -38.94 -2.92
C ASP A 594 68.09 -39.08 -1.44
N PHE A 595 69.34 -38.85 -1.06
CA PHE A 595 69.80 -39.10 0.31
C PHE A 595 69.90 -37.78 1.08
N ALA A 596 70.04 -37.92 2.39
CA ALA A 596 70.26 -36.79 3.28
C ALA A 596 70.82 -37.32 4.59
N ILE A 597 72.03 -36.89 4.94
CA ILE A 597 72.72 -37.33 6.15
C ILE A 597 72.92 -36.13 7.05
N ILE A 598 72.52 -36.26 8.31
CA ILE A 598 72.64 -35.18 9.28
C ILE A 598 73.26 -35.73 10.56
N ASP A 599 74.25 -35.01 11.09
CA ASP A 599 74.90 -35.36 12.35
C ASP A 599 74.49 -34.36 13.42
N LEU A 600 74.25 -34.85 14.64
CA LEU A 600 73.75 -34.01 15.72
C LEU A 600 74.90 -33.36 16.50
N GLY A 601 75.81 -32.72 15.78
CA GLY A 601 76.93 -32.06 16.45
C GLY A 601 77.78 -33.05 17.21
N SER A 602 77.93 -32.81 18.52
CA SER A 602 78.73 -33.65 19.38
C SER A 602 77.89 -34.65 20.17
N ALA A 603 76.63 -34.87 19.78
CA ALA A 603 75.77 -35.79 20.51
C ALA A 603 76.27 -37.22 20.36
N THR A 604 76.18 -37.99 21.45
CA THR A 604 76.59 -39.37 21.45
C THR A 604 75.51 -40.26 22.05
N LEU A 605 75.82 -41.53 22.30
CA LEU A 605 74.87 -42.41 22.97
C LEU A 605 74.62 -41.96 24.40
N GLU A 606 75.59 -41.28 25.02
CA GLU A 606 75.36 -40.72 26.35
C GLU A 606 74.29 -39.64 26.31
N THR A 607 74.32 -38.78 25.28
CA THR A 607 73.31 -37.75 25.12
C THR A 607 71.96 -38.31 24.70
N LEU A 608 71.91 -39.56 24.25
CA LEU A 608 70.65 -40.18 23.86
C LEU A 608 70.03 -41.01 24.99
N LYS A 609 70.87 -41.63 25.82
CA LYS A 609 70.35 -42.50 26.88
C LYS A 609 69.70 -41.71 28.01
N GLU A 610 69.96 -40.41 28.11
CA GLU A 610 69.28 -39.60 29.12
C GLU A 610 67.79 -39.50 28.83
N THR A 611 67.41 -39.56 27.55
CA THR A 611 66.01 -39.56 27.14
C THR A 611 65.55 -40.96 26.73
N VAL A 612 66.27 -41.60 25.81
CA VAL A 612 65.93 -42.96 25.40
C VAL A 612 66.27 -43.91 26.53
N VAL A 613 65.27 -44.68 26.98
CA VAL A 613 65.44 -45.62 28.08
C VAL A 613 65.28 -47.03 27.55
N ASP A 614 65.84 -47.98 28.29
CA ASP A 614 65.76 -49.39 27.92
C ASP A 614 64.39 -49.93 28.31
N GLU A 615 63.56 -50.23 27.31
CA GLU A 615 62.21 -50.72 27.57
C GLU A 615 62.20 -52.10 28.22
N ASP A 616 63.27 -52.88 28.06
CA ASP A 616 63.31 -54.23 28.63
C ASP A 616 63.56 -54.21 30.13
N ASN A 617 64.36 -53.26 30.62
CA ASN A 617 64.72 -53.23 32.02
C ASN A 617 63.81 -52.36 32.88
N THR A 618 63.30 -51.25 32.33
CA THR A 618 62.40 -50.40 33.08
C THR A 618 61.05 -51.07 33.27
N ALA A 619 60.44 -50.83 34.44
CA ALA A 619 59.14 -51.41 34.73
C ALA A 619 58.10 -50.91 33.74
N VAL A 620 58.02 -49.60 33.55
CA VAL A 620 57.14 -48.99 32.56
C VAL A 620 57.94 -47.95 31.77
N GLY A 621 57.95 -48.10 30.46
CA GLY A 621 58.69 -47.17 29.61
C GLY A 621 58.42 -47.36 28.14
N PHE A 622 58.18 -46.26 27.43
CA PHE A 622 57.92 -46.28 26.00
C PHE A 622 58.72 -45.17 25.33
N ASN A 623 59.15 -45.43 24.10
CA ASN A 623 59.92 -44.48 23.31
C ASN A 623 59.15 -44.15 22.03
N PHE A 624 59.11 -42.86 21.69
CA PHE A 624 58.36 -42.39 20.54
C PHE A 624 59.23 -41.47 19.69
N PHE A 625 59.02 -41.52 18.38
CA PHE A 625 59.78 -40.72 17.43
C PHE A 625 58.79 -39.90 16.62
N ASN A 626 58.91 -38.58 16.72
CA ASN A 626 58.06 -37.64 15.99
C ASN A 626 58.91 -36.88 14.99
N TYR A 627 58.49 -36.87 13.72
CA TYR A 627 59.25 -36.22 12.66
C TYR A 627 58.32 -35.42 11.77
N ASP A 628 58.85 -34.33 11.21
CA ASP A 628 58.11 -33.46 10.31
C ASP A 628 59.04 -33.06 9.17
N VAL A 629 58.80 -33.62 7.98
CA VAL A 629 59.61 -33.32 6.81
C VAL A 629 58.71 -32.90 5.66
N ARG A 630 57.58 -32.27 5.99
CA ARG A 630 56.61 -31.88 4.97
C ARG A 630 57.18 -30.88 3.98
N SER A 631 58.12 -30.04 4.42
CA SER A 631 58.70 -29.03 3.53
C SER A 631 59.47 -29.64 2.37
N LEU A 632 59.99 -30.87 2.54
CA LEU A 632 60.70 -31.52 1.45
C LEU A 632 59.77 -31.91 0.32
N GLY A 633 58.52 -32.24 0.63
CA GLY A 633 57.57 -32.66 -0.39
C GLY A 633 57.92 -33.98 -1.03
N ALA A 634 58.46 -34.92 -0.25
CA ALA A 634 58.84 -36.23 -0.78
C ALA A 634 57.64 -37.16 -0.83
N ASP A 635 57.60 -38.01 -1.84
CA ASP A 635 56.52 -38.98 -1.96
C ASP A 635 56.57 -40.01 -0.84
N THR A 636 57.74 -40.58 -0.59
CA THR A 636 57.95 -41.52 0.51
C THR A 636 59.15 -41.07 1.32
N VAL A 637 59.09 -41.31 2.63
CA VAL A 637 60.12 -40.86 3.56
C VAL A 637 60.60 -42.06 4.36
N SER A 638 61.93 -42.21 4.46
CA SER A 638 62.55 -43.25 5.26
C SER A 638 63.61 -42.64 6.16
N ILE A 639 63.58 -43.00 7.44
CA ILE A 639 64.50 -42.46 8.44
C ILE A 639 65.16 -43.61 9.17
N ALA A 640 66.48 -43.53 9.32
CA ALA A 640 67.25 -44.55 10.03
C ALA A 640 68.21 -43.87 11.00
N LEU A 641 68.51 -44.57 12.10
CA LEU A 641 69.43 -44.06 13.11
C LEU A 641 70.80 -44.70 12.91
N LEU A 642 71.84 -43.87 12.94
CA LEU A 642 73.20 -44.31 12.71
C LEU A 642 74.03 -44.14 13.99
N ASN A 643 74.84 -45.14 14.30
CA ASN A 643 75.75 -45.08 15.43
C ASN A 643 77.14 -45.53 14.99
N THR A 644 78.15 -44.72 15.30
CA THR A 644 79.51 -45.04 14.90
C THR A 644 80.49 -44.35 15.84
N THR A 645 81.67 -44.94 15.99
CA THR A 645 82.70 -44.37 16.84
C THR A 645 83.49 -43.26 16.17
N GLY A 646 83.36 -43.09 14.86
CA GLY A 646 84.07 -42.07 14.12
C GLY A 646 83.16 -40.95 13.69
N ASN A 647 83.66 -40.16 12.74
CA ASN A 647 82.90 -39.03 12.20
C ASN A 647 81.82 -39.53 11.24
N ILE A 648 80.72 -38.78 11.20
CA ILE A 648 79.60 -39.12 10.32
C ILE A 648 79.82 -38.54 8.91
N LEU A 649 80.31 -37.31 8.82
CA LEU A 649 80.57 -36.68 7.53
C LEU A 649 82.07 -36.61 7.31
N PRO A 650 82.60 -37.21 6.22
CA PRO A 650 81.90 -38.01 5.20
C PRO A 650 81.57 -39.41 5.70
N TRP A 651 80.58 -40.07 5.09
CA TRP A 651 80.21 -41.40 5.54
C TRP A 651 81.12 -42.46 4.91
N VAL A 652 81.08 -43.66 5.51
CA VAL A 652 81.89 -44.78 5.05
C VAL A 652 80.97 -45.93 4.66
N ASN A 653 81.55 -47.05 4.24
CA ASN A 653 80.79 -48.21 3.81
C ASN A 653 81.35 -49.47 4.48
N ASN A 654 80.51 -50.51 4.52
CA ASN A 654 80.94 -51.78 5.10
C ASN A 654 82.08 -52.39 4.31
N ASP A 655 82.02 -52.30 2.97
CA ASP A 655 83.07 -52.85 2.13
C ASP A 655 84.37 -52.07 2.24
N THR A 656 84.36 -50.88 2.83
CA THR A 656 85.55 -50.06 2.98
C THR A 656 86.24 -50.27 4.32
N ARG A 657 85.48 -50.21 5.42
CA ARG A 657 86.04 -50.38 6.75
C ARG A 657 85.11 -51.25 7.58
N ASN A 658 85.68 -51.88 8.61
CA ASN A 658 84.95 -52.76 9.51
C ASN A 658 85.18 -52.35 10.96
N VAL A 659 85.26 -51.04 11.21
CA VAL A 659 85.49 -50.56 12.57
C VAL A 659 84.28 -50.84 13.45
N ASP A 660 83.08 -50.61 12.92
CA ASP A 660 81.84 -50.81 13.67
C ASP A 660 81.15 -52.08 13.20
N LYS A 661 80.76 -52.92 14.16
CA LYS A 661 80.04 -54.15 13.83
C LYS A 661 78.67 -53.85 13.22
N ASN A 662 77.98 -52.85 13.73
CA ASN A 662 76.69 -52.43 13.22
C ASN A 662 76.53 -50.94 13.41
N ASN A 663 76.01 -50.27 12.38
CA ASN A 663 75.92 -48.81 12.42
C ASN A 663 74.60 -48.28 11.88
N ALA A 664 73.57 -49.12 11.75
CA ALA A 664 72.29 -48.69 11.21
C ALA A 664 71.16 -49.25 12.06
N ILE A 665 70.23 -48.38 12.45
CA ILE A 665 69.03 -48.77 13.19
C ILE A 665 67.85 -48.13 12.46
N LEU A 666 67.10 -48.92 11.72
CA LEU A 666 65.98 -48.38 10.95
C LEU A 666 64.83 -48.00 11.88
N LEU A 667 64.25 -46.84 11.62
CA LEU A 667 63.11 -46.35 12.39
C LEU A 667 61.86 -46.20 11.54
N VAL A 668 61.96 -45.56 10.38
CA VAL A 668 60.84 -45.35 9.47
C VAL A 668 61.25 -45.84 8.09
N SER A 669 60.37 -46.62 7.46
CA SER A 669 60.66 -47.22 6.16
C SER A 669 59.55 -46.88 5.17
N ASN A 670 59.86 -45.98 4.23
CA ASN A 670 58.96 -45.67 3.11
C ASN A 670 57.58 -45.25 3.57
N SER A 671 57.54 -44.36 4.57
CA SER A 671 56.26 -43.83 5.03
C SER A 671 55.70 -42.85 4.00
N THR A 672 54.40 -42.97 3.74
CA THR A 672 53.73 -42.09 2.79
C THR A 672 53.35 -40.75 3.39
N ASN A 673 53.46 -40.59 4.71
CA ASN A 673 53.12 -39.36 5.40
C ASN A 673 54.38 -38.72 5.96
N SER A 674 54.62 -37.45 5.62
CA SER A 674 55.75 -36.73 6.18
C SER A 674 55.52 -36.38 7.64
N GLN A 675 54.26 -36.22 8.04
CA GLN A 675 53.90 -36.01 9.43
C GLN A 675 53.50 -37.35 10.05
N ALA A 676 54.21 -37.75 11.10
CA ALA A 676 53.91 -39.01 11.76
C ALA A 676 54.46 -38.97 13.18
N TYR A 677 53.70 -39.58 14.10
CA TYR A 677 54.09 -39.71 15.50
C TYR A 677 53.93 -41.19 15.84
N VAL A 678 54.98 -41.97 15.59
CA VAL A 678 54.91 -43.42 15.64
C VAL A 678 55.60 -43.93 16.90
N ASP A 679 55.11 -45.04 17.42
CA ASP A 679 55.69 -45.68 18.58
C ASP A 679 56.87 -46.54 18.13
N LEU A 680 58.05 -46.27 18.69
CA LEU A 680 59.23 -47.05 18.37
C LEU A 680 59.09 -48.47 18.90
N THR A 681 59.54 -49.44 18.09
CA THR A 681 59.48 -50.83 18.51
C THR A 681 60.56 -51.12 19.56
N ASN A 682 60.40 -52.25 20.24
CA ASN A 682 61.38 -52.66 21.24
C ASN A 682 62.74 -52.95 20.63
N ALA A 683 62.79 -53.22 19.31
CA ALA A 683 64.08 -53.48 18.66
C ALA A 683 64.98 -52.26 18.73
N VAL A 684 64.43 -51.07 18.55
CA VAL A 684 65.23 -49.86 18.61
C VAL A 684 65.81 -49.67 20.01
N SER A 685 64.99 -49.87 21.03
CA SER A 685 65.47 -49.74 22.40
C SER A 685 66.55 -50.77 22.71
N ASP A 686 66.37 -52.00 22.24
CA ASP A 686 67.39 -53.02 22.44
C ASP A 686 68.68 -52.66 21.73
N ALA A 687 68.59 -52.15 20.51
CA ALA A 687 69.78 -51.78 19.75
C ALA A 687 70.49 -50.59 20.36
N VAL A 688 69.76 -49.71 21.04
CA VAL A 688 70.41 -48.59 21.71
C VAL A 688 71.36 -49.08 22.79
N TYR A 689 70.95 -50.10 23.55
CA TYR A 689 71.78 -50.72 24.57
C TYR A 689 72.43 -52.02 24.09
N GLY A 690 72.37 -52.30 22.80
CA GLY A 690 72.86 -53.54 22.24
C GLY A 690 74.33 -53.59 21.88
N SER A 691 75.09 -52.55 22.23
CA SER A 691 76.52 -52.49 21.93
C SER A 691 77.31 -52.49 23.23
N THR A 692 78.33 -53.34 23.31
CA THR A 692 79.14 -53.45 24.51
C THR A 692 80.23 -52.37 24.58
N ASN A 693 80.43 -51.60 23.52
CA ASN A 693 81.44 -50.55 23.53
C ASN A 693 80.99 -49.38 24.40
N THR A 694 81.93 -48.52 24.72
CA THR A 694 81.64 -47.35 25.55
C THR A 694 80.65 -46.43 24.82
N ASP A 695 79.61 -46.03 25.54
CA ASP A 695 78.58 -45.18 24.94
C ASP A 695 79.11 -43.79 24.61
N SER A 696 80.07 -43.29 25.40
CA SER A 696 80.64 -41.97 25.13
C SER A 696 81.62 -41.98 23.96
N ASN A 697 82.12 -43.15 23.57
CA ASN A 697 83.08 -43.26 22.49
C ASN A 697 82.44 -43.48 21.13
N VAL A 698 81.11 -43.50 21.05
CA VAL A 698 80.39 -43.74 19.81
C VAL A 698 79.42 -42.59 19.57
N ASN A 699 79.48 -42.00 18.38
CA ASN A 699 78.59 -40.90 18.01
C ASN A 699 77.30 -41.45 17.40
N ILE A 700 76.35 -40.55 17.19
CA ILE A 700 75.05 -40.90 16.64
C ILE A 700 74.79 -40.05 15.40
N GLY A 701 74.19 -40.67 14.39
CA GLY A 701 73.85 -39.97 13.16
C GLY A 701 72.45 -40.33 12.72
N PHE A 702 71.83 -39.40 12.00
CA PHE A 702 70.47 -39.56 11.51
C PHE A 702 70.49 -39.56 9.98
N ALA A 703 69.79 -40.52 9.37
CA ALA A 703 69.83 -40.73 7.94
C ALA A 703 68.44 -40.53 7.35
N MET A 704 68.40 -40.11 6.08
CA MET A 704 67.16 -39.89 5.36
C MET A 704 67.26 -40.52 3.98
N TYR A 705 66.20 -41.20 3.56
CA TYR A 705 66.05 -41.68 2.19
C TYR A 705 64.64 -41.35 1.72
N PHE A 706 64.54 -40.71 0.55
CA PHE A 706 63.24 -40.27 0.05
C PHE A 706 63.29 -40.17 -1.47
N THR A 707 62.09 -40.09 -2.06
CA THR A 707 61.93 -39.96 -3.50
C THR A 707 60.99 -38.79 -3.79
N GLY A 708 61.05 -38.33 -5.04
CA GLY A 708 60.19 -37.22 -5.46
C GLY A 708 60.50 -35.90 -4.79
N VAL A 709 61.79 -35.59 -4.60
CA VAL A 709 62.19 -34.35 -3.94
C VAL A 709 63.14 -33.60 -4.87
N GLY A 710 62.93 -33.75 -6.18
CA GLY A 710 63.84 -33.21 -7.17
C GLY A 710 63.90 -31.70 -7.24
N ASP A 711 63.32 -31.01 -6.26
CA ASP A 711 63.41 -29.57 -6.17
C ASP A 711 63.56 -29.17 -4.71
N LEU A 712 64.53 -28.30 -4.43
CA LEU A 712 64.80 -27.82 -3.09
C LEU A 712 64.63 -26.31 -3.05
N ALA A 713 63.94 -25.81 -2.02
CA ALA A 713 63.73 -24.39 -1.87
C ALA A 713 64.94 -23.74 -1.20
N ALA A 714 64.88 -22.42 -1.03
CA ALA A 714 65.97 -21.70 -0.39
C ALA A 714 66.14 -22.13 1.06
N LYS A 715 65.03 -22.30 1.78
CA LYS A 715 65.06 -22.71 3.18
C LYS A 715 64.26 -23.98 3.34
N GLU A 716 64.81 -24.93 4.11
CA GLU A 716 64.13 -26.18 4.42
C GLU A 716 64.19 -26.41 5.92
N VAL A 717 63.14 -27.04 6.45
CA VAL A 717 62.98 -27.24 7.88
C VAL A 717 62.93 -28.74 8.17
N ILE A 718 63.70 -29.16 9.18
CA ILE A 718 63.72 -30.54 9.63
C ILE A 718 63.47 -30.56 11.12
N VAL A 719 62.40 -31.21 11.54
CA VAL A 719 62.03 -31.35 12.95
C VAL A 719 61.76 -32.81 13.23
N MET A 720 62.62 -33.43 14.04
CA MET A 720 62.43 -34.82 14.46
C MET A 720 63.13 -35.04 15.80
N ASP A 721 62.33 -35.25 16.84
CA ASP A 721 62.80 -35.41 18.22
C ASP A 721 62.47 -36.81 18.74
N PHE A 722 62.88 -37.06 19.97
CA PHE A 722 62.60 -38.31 20.66
C PHE A 722 61.76 -38.06 21.91
N PHE A 723 60.77 -38.92 22.13
CA PHE A 723 59.90 -38.84 23.29
C PHE A 723 60.09 -40.07 24.17
N SER A 724 59.83 -39.90 25.47
CA SER A 724 59.95 -40.99 26.43
C SER A 724 59.06 -40.71 27.63
N PHE A 725 58.38 -41.75 28.09
CA PHE A 725 57.51 -41.66 29.26
C PHE A 725 57.58 -42.97 30.03
N GLY A 726 57.20 -42.91 31.31
CA GLY A 726 57.14 -44.08 32.15
C GLY A 726 57.72 -43.79 33.52
N PHE A 727 57.97 -44.87 34.26
CA PHE A 727 58.53 -44.77 35.61
C PHE A 727 59.26 -46.07 35.93
N THR A 728 60.07 -46.02 36.98
CA THR A 728 60.89 -47.15 37.38
C THR A 728 60.53 -47.57 38.81
N ASP A 729 60.81 -48.83 39.12
CA ASP A 729 60.52 -49.48 40.39
C ASP A 729 59.17 -49.05 40.97
N ASP A 730 59.12 -48.67 42.26
CA ASP A 730 57.84 -48.35 42.87
C ASP A 730 57.20 -47.12 42.25
N GLY A 731 57.99 -46.16 41.76
CA GLY A 731 57.44 -45.03 41.04
C GLY A 731 56.59 -44.10 41.87
N VAL A 732 56.92 -43.91 43.15
CA VAL A 732 56.16 -42.98 43.98
C VAL A 732 56.89 -41.65 44.12
N GLN A 733 58.21 -41.67 44.22
CA GLN A 733 58.99 -40.46 44.35
C GLN A 733 59.04 -39.71 43.02
N SER A 734 59.38 -38.43 43.09
CA SER A 734 59.45 -37.60 41.89
C SER A 734 60.69 -37.89 41.06
N SER A 735 61.74 -38.45 41.67
CA SER A 735 62.97 -38.72 40.93
C SER A 735 62.79 -39.81 39.87
N GLU A 736 61.85 -40.74 40.09
CA GLU A 736 61.63 -41.84 39.16
C GLU A 736 60.48 -41.58 38.18
N ARG A 737 59.86 -40.40 38.24
CA ARG A 737 58.80 -40.04 37.32
C ARG A 737 59.35 -39.09 36.27
N PHE A 738 59.21 -39.45 35.01
CA PHE A 738 59.75 -38.66 33.91
C PHE A 738 58.77 -38.62 32.75
N ALA A 739 58.73 -37.49 32.06
CA ALA A 739 57.90 -37.33 30.86
C ALA A 739 58.62 -36.36 29.94
N ASN A 740 59.39 -36.89 29.00
CA ASN A 740 60.20 -36.09 28.09
C ASN A 740 59.44 -35.91 26.78
N GLN A 741 58.98 -34.69 26.54
CA GLN A 741 58.24 -34.39 25.32
C GLN A 741 58.35 -32.89 25.03
N ILE A 742 58.14 -32.55 23.76
CA ILE A 742 58.09 -31.16 23.32
C ILE A 742 56.81 -30.97 22.52
N ILE A 743 56.09 -29.89 22.82
CA ILE A 743 54.78 -29.62 22.24
C ILE A 743 54.81 -28.27 21.56
N ARG A 744 54.39 -28.23 20.29
CA ARG A 744 54.33 -27.01 19.50
C ARG A 744 52.89 -26.74 19.08
N ILE A 745 52.46 -25.49 19.24
CA ILE A 745 51.08 -25.09 18.99
C ILE A 745 51.01 -24.44 17.62
N GLU A 746 50.05 -24.91 16.81
CA GLU A 746 49.83 -24.35 15.47
C GLU A 746 48.72 -23.31 15.53
N ALA A 747 49.07 -22.14 16.05
CA ALA A 747 48.11 -21.06 16.21
C ALA A 747 47.62 -20.59 14.84
N GLU A 748 46.31 -20.34 14.76
CA GLU A 748 45.67 -19.89 13.53
C GLU A 748 45.15 -18.46 13.71
N GLU A 749 45.33 -17.64 12.69
CA GLU A 749 44.90 -16.25 12.76
C GLU A 749 43.39 -16.16 12.88
N THR A 750 42.92 -15.24 13.73
CA THR A 750 41.49 -15.11 13.98
C THR A 750 40.76 -14.53 12.76
N GLY A 751 41.30 -13.45 12.19
CA GLY A 751 40.66 -12.81 11.07
C GLY A 751 41.66 -12.48 9.97
N ASP A 752 41.15 -11.87 8.90
CA ASP A 752 42.00 -11.53 7.76
C ASP A 752 43.07 -10.53 8.15
N ASN A 753 42.70 -9.52 8.95
CA ASN A 753 43.63 -8.46 9.37
C ASN A 753 43.62 -8.31 10.88
N THR A 754 43.68 -9.42 11.60
CA THR A 754 43.74 -9.42 13.05
C THR A 754 45.07 -10.01 13.50
N SER A 755 45.79 -9.27 14.34
CA SER A 755 47.07 -9.75 14.86
C SER A 755 46.90 -10.84 15.90
N THR A 756 45.68 -11.10 16.36
CA THR A 756 45.43 -12.09 17.41
C THR A 756 45.40 -13.48 16.80
N PHE A 757 46.38 -14.31 17.17
CA PHE A 757 46.41 -15.70 16.79
C PHE A 757 45.86 -16.55 17.94
N GLU A 758 44.93 -17.45 17.61
CA GLU A 758 44.23 -18.23 18.61
C GLU A 758 44.65 -19.69 18.52
N GLY A 759 44.94 -20.27 19.68
CA GLY A 759 45.25 -21.69 19.78
C GLY A 759 44.62 -22.27 21.02
N SER A 760 44.96 -23.52 21.34
CA SER A 760 44.43 -24.16 22.54
C SER A 760 45.40 -25.24 22.99
N LEU A 761 45.33 -25.54 24.29
CA LEU A 761 46.18 -26.56 24.90
C LEU A 761 45.32 -27.62 25.58
N GLU A 762 45.67 -28.88 25.33
CA GLU A 762 45.05 -30.01 25.98
C GLU A 762 46.11 -30.76 26.78
N TYR A 763 45.69 -31.31 27.93
CA TYR A 763 46.61 -32.12 28.72
C TYR A 763 45.81 -33.21 29.42
N VAL A 764 46.36 -34.42 29.42
CA VAL A 764 45.76 -35.56 30.09
C VAL A 764 46.66 -35.92 31.27
N MET A 765 46.05 -36.17 32.41
CA MET A 765 46.77 -36.57 33.61
C MET A 765 46.78 -38.09 33.68
N VAL A 766 47.98 -38.67 33.58
CA VAL A 766 48.11 -40.12 33.47
C VAL A 766 47.60 -40.77 34.74
N ASN A 767 46.91 -41.90 34.58
CA ASN A 767 46.36 -42.66 35.69
C ASN A 767 46.98 -44.04 35.73
N GLN A 768 46.63 -44.81 36.77
CA GLN A 768 47.18 -46.15 36.94
C GLN A 768 46.73 -47.11 35.86
N ILE A 769 45.69 -46.77 35.11
CA ILE A 769 45.18 -47.68 34.08
C ILE A 769 45.92 -47.50 32.76
N ASN A 770 46.10 -46.24 32.33
CA ASN A 770 46.71 -45.97 31.04
C ASN A 770 48.22 -45.80 31.12
N ILE A 771 48.82 -45.85 32.32
CA ILE A 771 50.26 -45.71 32.43
C ILE A 771 50.98 -46.88 31.77
N GLN A 772 50.31 -48.03 31.67
CA GLN A 772 50.90 -49.22 31.07
C GLN A 772 50.43 -49.48 29.65
N ASP A 773 49.73 -48.51 29.04
CA ASP A 773 49.22 -48.64 27.68
C ASP A 773 49.93 -47.59 26.84
N ALA A 774 50.57 -48.03 25.76
CA ALA A 774 51.31 -47.10 24.90
C ALA A 774 50.39 -46.30 23.99
N GLY A 775 49.14 -46.72 23.83
CA GLY A 775 48.23 -45.99 22.95
C GLY A 775 47.92 -44.60 23.44
N THR A 776 47.75 -44.44 24.76
CA THR A 776 47.44 -43.12 25.31
C THR A 776 48.60 -42.15 25.14
N PHE A 777 49.84 -42.65 25.13
CA PHE A 777 50.98 -41.79 24.83
C PHE A 777 51.10 -41.53 23.34
N SER A 778 50.78 -42.53 22.51
CA SER A 778 50.83 -42.36 21.07
C SER A 778 49.58 -41.66 20.52
N GLY A 779 48.52 -41.54 21.31
CA GLY A 779 47.31 -40.90 20.85
C GLY A 779 47.31 -39.38 20.94
N ILE A 780 48.37 -38.80 21.49
CA ILE A 780 48.44 -37.34 21.60
C ILE A 780 48.94 -36.75 20.29
N THR A 781 48.65 -35.47 20.09
CA THR A 781 49.07 -34.75 18.89
C THR A 781 50.19 -33.80 19.26
N PRO A 782 51.43 -34.06 18.85
CA PRO A 782 52.54 -33.16 19.21
C PRO A 782 52.53 -31.87 18.41
N ILE A 783 52.15 -31.95 17.14
CA ILE A 783 52.13 -30.80 16.24
C ILE A 783 50.73 -30.67 15.67
N ALA A 784 49.97 -29.70 16.17
CA ALA A 784 48.61 -29.45 15.71
C ALA A 784 48.18 -28.09 16.27
N ASP A 785 46.99 -27.65 15.85
CA ASP A 785 46.45 -26.41 16.39
C ASP A 785 45.96 -26.58 17.82
N ASP A 786 45.60 -27.80 18.20
CA ASP A 786 45.15 -28.11 19.57
C ASP A 786 45.93 -29.32 20.06
N PRO A 787 47.20 -29.13 20.40
CA PRO A 787 48.04 -30.27 20.82
C PRO A 787 47.69 -30.73 22.23
N SER A 788 48.20 -31.92 22.56
CA SER A 788 48.01 -32.50 23.88
C SER A 788 49.33 -33.07 24.38
N PHE A 789 49.47 -33.11 25.70
CA PHE A 789 50.70 -33.60 26.31
C PHE A 789 50.37 -34.32 27.61
N ILE A 790 51.34 -35.11 28.08
CA ILE A 790 51.18 -35.97 29.24
C ILE A 790 51.70 -35.24 30.48
N VAL A 791 51.01 -35.44 31.60
CA VAL A 791 51.43 -34.91 32.89
C VAL A 791 51.52 -36.07 33.87
N ILE A 792 52.67 -36.20 34.53
CA ILE A 792 52.94 -37.34 35.41
C ILE A 792 52.77 -37.01 36.88
N GLU A 793 52.68 -35.74 37.25
CA GLU A 793 52.72 -35.32 38.64
C GLU A 793 52.03 -33.97 38.73
N ASP A 794 51.49 -33.65 39.92
CA ASP A 794 50.72 -32.42 40.04
C ASP A 794 51.65 -31.21 39.96
N LEU A 795 52.10 -30.89 38.75
CA LEU A 795 53.07 -29.82 38.54
C LEU A 795 52.45 -28.47 38.90
N THR A 796 52.89 -27.91 40.03
CA THR A 796 52.45 -26.57 40.43
C THR A 796 53.68 -25.70 40.71
N ASP A 797 53.44 -24.44 41.10
CA ASP A 797 54.51 -23.51 41.43
C ASP A 797 55.53 -23.38 40.31
N GLU A 798 56.80 -23.68 40.60
CA GLU A 798 57.87 -23.50 39.65
C GLU A 798 57.86 -24.54 38.53
N ASP A 799 57.15 -25.65 38.69
CA ASP A 799 57.14 -26.72 37.70
C ASP A 799 55.86 -26.75 36.89
N ALA A 800 55.02 -25.71 37.00
CA ALA A 800 53.76 -25.70 36.29
C ALA A 800 54.00 -25.68 34.78
N PRO A 801 53.10 -26.32 34.01
CA PRO A 801 53.27 -26.33 32.54
C PRO A 801 53.32 -24.92 31.99
N ARG A 802 54.47 -24.57 31.40
CA ARG A 802 54.71 -23.24 30.87
C ARG A 802 54.97 -23.32 29.38
N VAL A 803 54.25 -22.51 28.60
CA VAL A 803 54.43 -22.43 27.16
C VAL A 803 55.40 -21.29 26.86
N ASN A 804 56.32 -21.52 25.93
CA ASN A 804 57.34 -20.56 25.57
C ASN A 804 57.17 -20.11 24.12
N TYR A 805 57.42 -18.83 23.87
CA TYR A 805 57.28 -18.26 22.53
C TYR A 805 58.22 -17.08 22.41
N ASN A 806 59.20 -17.19 21.53
CA ASN A 806 60.06 -16.05 21.24
C ASN A 806 59.28 -14.99 20.47
N ASP A 807 59.81 -13.77 20.46
CA ASP A 807 59.19 -12.69 19.71
C ASP A 807 60.21 -11.58 19.48
N LEU A 808 60.10 -10.95 18.32
CA LEU A 808 60.87 -9.76 18.00
C LEU A 808 60.09 -8.55 18.48
N GLY A 809 60.57 -7.89 19.52
CA GLY A 809 59.87 -6.78 20.10
C GLY A 809 59.93 -5.54 19.22
N ALA A 810 59.17 -4.52 19.63
CA ALA A 810 59.15 -3.26 18.90
C ALA A 810 60.53 -2.61 18.88
N ASP A 811 61.32 -2.82 19.93
CA ASP A 811 62.68 -2.27 19.95
C ASP A 811 63.59 -2.98 18.97
N GLY A 812 63.40 -4.27 18.75
CA GLY A 812 64.21 -5.06 17.84
C GLY A 812 64.90 -6.24 18.47
N VAL A 813 64.82 -6.42 19.79
CA VAL A 813 65.44 -7.56 20.45
C VAL A 813 64.52 -8.76 20.36
N THR A 814 65.10 -9.96 20.47
CA THR A 814 64.33 -11.20 20.41
C THR A 814 64.02 -11.67 21.82
N THR A 815 63.26 -10.84 22.53
CA THR A 815 62.88 -11.17 23.90
C THR A 815 61.79 -12.24 23.90
N PRO A 816 61.85 -13.21 24.81
CA PRO A 816 60.80 -14.22 24.87
C PRO A 816 59.62 -13.78 25.74
N VAL A 817 58.45 -14.30 25.41
CA VAL A 817 57.24 -14.12 26.19
C VAL A 817 56.69 -15.49 26.54
N SER A 818 56.36 -15.70 27.80
CA SER A 818 55.93 -17.01 28.27
C SER A 818 54.75 -16.86 29.22
N ASP A 819 53.93 -17.91 29.28
CA ASP A 819 52.83 -17.98 30.22
C ASP A 819 52.74 -19.41 30.75
N GLN A 820 52.26 -19.54 31.99
CA GLN A 820 52.14 -20.83 32.63
C GLN A 820 50.81 -20.92 33.36
N GLU A 821 50.30 -22.14 33.48
CA GLU A 821 49.07 -22.41 34.21
C GLU A 821 49.26 -23.70 35.00
N GLU A 822 48.89 -23.66 36.27
CA GLU A 822 49.04 -24.84 37.13
C GLU A 822 48.11 -25.95 36.70
N ALA A 823 48.56 -27.19 36.85
CA ALA A 823 47.76 -28.38 36.56
C ALA A 823 47.79 -29.30 37.77
N PRO A 824 47.12 -28.91 38.85
CA PRO A 824 47.17 -29.72 40.08
C PRO A 824 46.25 -30.92 40.00
N SER A 825 46.39 -31.79 40.99
CA SER A 825 45.56 -32.98 41.09
C SER A 825 44.44 -32.78 42.10
N HIS A 826 43.54 -33.75 42.16
CA HIS A 826 42.39 -33.69 43.04
C HIS A 826 42.24 -35.01 43.79
N SER A 827 41.73 -34.93 45.01
CA SER A 827 41.53 -36.11 45.86
C SER A 827 40.21 -36.75 45.46
N GLY A 828 40.29 -37.93 44.84
CA GLY A 828 39.11 -38.65 44.42
C GLY A 828 38.21 -39.05 45.58
N VAL A 829 36.92 -38.74 45.47
CA VAL A 829 35.94 -39.04 46.50
C VAL A 829 34.89 -39.98 45.90
N VAL A 830 34.69 -41.13 46.53
CA VAL A 830 33.72 -42.12 46.10
C VAL A 830 32.75 -42.36 47.25
N SER A 831 31.45 -42.35 46.94
CA SER A 831 30.43 -42.53 47.96
C SER A 831 29.21 -43.19 47.34
N LEU A 832 28.37 -43.76 48.21
CA LEU A 832 27.14 -44.42 47.80
C LEU A 832 25.94 -43.53 48.14
N ASN A 833 24.86 -43.73 47.41
CA ASN A 833 23.69 -42.87 47.55
C ASN A 833 22.98 -43.04 48.89
N ALA A 834 23.08 -44.21 49.51
CA ALA A 834 22.37 -44.49 50.74
C ALA A 834 23.29 -45.20 51.73
N ASP A 835 22.96 -45.10 53.02
CA ASP A 835 23.73 -45.78 54.05
C ASP A 835 23.41 -47.27 54.11
N SER A 836 22.17 -47.66 53.80
CA SER A 836 21.76 -49.05 53.83
C SER A 836 21.05 -49.39 52.53
N TYR A 837 21.15 -50.66 52.13
CA TYR A 837 20.59 -51.11 50.87
C TYR A 837 19.88 -52.45 51.07
N LYS A 838 18.79 -52.65 50.34
CA LYS A 838 18.07 -53.91 50.36
C LYS A 838 18.61 -54.83 49.27
N ILE A 839 18.01 -56.02 49.15
CA ILE A 839 18.38 -56.94 48.09
C ILE A 839 17.93 -56.37 46.76
N ALA A 840 18.84 -56.33 45.78
CA ALA A 840 18.58 -55.76 44.47
C ALA A 840 18.07 -54.33 44.58
N ASP A 841 18.76 -53.54 45.39
CA ASP A 841 18.40 -52.14 45.62
C ASP A 841 19.01 -51.20 44.59
N THR A 842 19.75 -51.73 43.62
CA THR A 842 20.37 -50.95 42.56
C THR A 842 21.29 -49.87 43.13
N VAL A 843 22.34 -50.33 43.81
CA VAL A 843 23.35 -49.43 44.34
C VAL A 843 24.05 -48.73 43.19
N VAL A 844 24.41 -47.46 43.39
CA VAL A 844 25.09 -46.65 42.39
C VAL A 844 26.34 -46.06 43.01
N ILE A 845 27.45 -46.13 42.28
CA ILE A 845 28.74 -45.63 42.74
C ILE A 845 29.02 -44.32 42.02
N THR A 846 29.19 -43.25 42.78
CA THR A 846 29.50 -41.93 42.25
C THR A 846 30.94 -41.59 42.58
N VAL A 847 31.78 -41.48 41.55
CA VAL A 847 33.19 -41.16 41.70
C VAL A 847 33.42 -39.77 41.13
N GLU A 848 33.86 -38.84 41.96
CA GLU A 848 34.16 -37.48 41.54
C GLU A 848 35.67 -37.27 41.66
N ASP A 849 36.35 -37.22 40.52
CA ASP A 849 37.79 -37.00 40.46
C ASP A 849 38.12 -36.50 39.06
N LEU A 850 38.48 -35.23 38.94
CA LEU A 850 38.64 -34.60 37.64
C LEU A 850 39.89 -35.07 36.89
N ASP A 851 40.82 -35.74 37.58
CA ASP A 851 42.06 -36.14 36.92
C ASP A 851 41.89 -37.34 36.00
N LEU A 852 40.78 -38.07 36.10
CA LEU A 852 40.55 -39.20 35.21
C LEU A 852 39.97 -38.81 33.87
N ASN A 853 39.61 -37.54 33.67
CA ASN A 853 39.09 -37.08 32.40
C ASN A 853 40.27 -36.87 31.45
N VAL A 854 40.39 -37.74 30.44
CA VAL A 854 41.51 -37.73 29.52
C VAL A 854 41.12 -37.18 28.16
N ASP A 855 39.89 -36.67 28.01
CA ASP A 855 39.47 -36.05 26.77
C ASP A 855 38.20 -35.24 27.02
N SER A 856 38.23 -33.97 26.63
CA SER A 856 37.06 -33.12 26.73
C SER A 856 36.03 -33.40 25.64
N ASP A 857 36.39 -34.17 24.61
CA ASP A 857 35.48 -34.49 23.52
C ASP A 857 34.76 -35.81 23.75
N LEU A 858 35.52 -36.89 23.89
CA LEU A 858 34.93 -38.22 24.06
C LEU A 858 34.46 -38.42 25.50
N ILE A 859 33.56 -39.38 25.66
CA ILE A 859 33.07 -39.76 26.98
C ILE A 859 34.05 -40.77 27.58
N ASP A 860 34.63 -40.43 28.73
CA ASP A 860 35.60 -41.31 29.37
C ASP A 860 34.89 -42.45 30.09
N ILE A 861 35.35 -43.67 29.85
CA ILE A 861 34.75 -44.86 30.44
C ILE A 861 35.85 -45.74 31.01
N PHE A 862 35.46 -46.62 31.94
CA PHE A 862 36.37 -47.57 32.56
C PHE A 862 35.67 -48.90 32.68
N THR A 863 36.15 -49.90 31.94
CA THR A 863 35.55 -51.22 31.95
C THR A 863 36.07 -52.03 33.14
N VAL A 864 35.56 -53.25 33.28
CA VAL A 864 35.96 -54.17 34.33
C VAL A 864 36.76 -55.31 33.72
N VAL A 865 37.85 -55.68 34.37
CA VAL A 865 38.74 -56.72 33.86
C VAL A 865 38.09 -58.09 34.06
N SER A 866 38.11 -58.89 33.00
CA SER A 866 37.63 -60.28 33.03
C SER A 866 38.75 -61.17 32.52
N ASP A 867 39.65 -61.55 33.42
CA ASP A 867 40.79 -62.39 33.06
C ASP A 867 41.28 -63.07 34.33
N ASN A 868 41.12 -64.41 34.39
CA ASN A 868 41.48 -65.14 35.60
C ASN A 868 42.99 -65.13 35.83
N SER A 869 43.79 -65.13 34.77
CA SER A 869 45.24 -65.17 34.92
C SER A 869 45.77 -63.93 35.63
N LYS A 870 45.26 -62.75 35.29
CA LYS A 870 45.74 -61.52 35.89
C LYS A 870 45.23 -61.37 37.32
N ALA A 871 46.05 -60.75 38.17
CA ALA A 871 45.70 -60.56 39.57
C ALA A 871 44.58 -59.55 39.77
N THR A 872 44.25 -58.75 38.76
CA THR A 872 43.19 -57.76 38.85
C THR A 872 41.87 -58.26 38.26
N ASP A 873 41.59 -59.56 38.39
CA ASP A 873 40.33 -60.11 37.90
C ASP A 873 39.16 -59.51 38.66
N ASP A 874 38.07 -59.26 37.95
CA ASP A 874 36.84 -58.67 38.48
C ASP A 874 37.07 -57.28 39.08
N ALA A 875 38.14 -56.60 38.69
CA ALA A 875 38.43 -55.26 39.16
C ALA A 875 38.35 -54.29 38.00
N VAL A 876 37.90 -53.07 38.29
CA VAL A 876 37.87 -52.01 37.28
C VAL A 876 39.29 -51.66 36.87
N GLY A 877 39.52 -51.53 35.57
CA GLY A 877 40.84 -51.17 35.08
C GLY A 877 41.20 -51.84 33.77
N SER A 878 42.44 -52.34 33.70
CA SER A 878 42.95 -52.97 32.49
C SER A 878 43.55 -54.32 32.82
N ALA A 879 43.63 -55.19 31.81
CA ALA A 879 44.17 -56.53 32.01
C ALA A 879 45.63 -56.48 32.45
N THR A 880 46.42 -55.61 31.82
CA THR A 880 47.82 -55.45 32.20
C THR A 880 47.92 -54.97 33.65
N THR A 881 48.80 -55.59 34.42
CA THR A 881 48.92 -55.27 35.83
C THR A 881 50.32 -55.64 36.31
N GLN A 882 50.94 -54.74 37.05
CA GLN A 882 52.23 -54.96 37.68
C GLN A 882 52.09 -54.85 39.19
N SER A 883 52.81 -55.70 39.92
CA SER A 883 52.76 -55.70 41.37
C SER A 883 53.80 -54.74 41.92
N LEU A 884 53.35 -53.82 42.78
CA LEU A 884 54.22 -52.80 43.38
C LEU A 884 53.95 -52.73 44.87
N SER A 885 54.61 -51.78 45.54
CA SER A 885 54.45 -51.62 46.97
C SER A 885 53.07 -51.10 47.35
N PHE A 886 52.37 -50.43 46.44
CA PHE A 886 51.05 -49.87 46.71
C PHE A 886 49.92 -50.75 46.22
N GLY A 887 50.21 -52.00 45.84
CA GLY A 887 49.18 -52.90 45.38
C GLY A 887 49.34 -53.32 43.93
N GLU A 888 48.24 -53.29 43.18
CA GLU A 888 48.24 -53.67 41.78
C GLU A 888 48.05 -52.44 40.89
N LEU A 889 48.85 -52.36 39.84
CA LEU A 889 48.79 -51.21 38.94
C LEU A 889 47.45 -51.14 38.21
N GLY A 890 46.92 -52.29 37.79
CA GLY A 890 45.69 -52.33 37.04
C GLY A 890 44.42 -52.28 37.84
N ARG A 891 44.51 -52.14 39.17
CA ARG A 891 43.35 -52.13 40.04
C ARG A 891 42.89 -50.69 40.25
N LEU A 892 41.70 -50.36 39.71
CA LEU A 892 41.13 -49.02 39.86
C LEU A 892 40.05 -48.96 40.93
N LEU A 893 39.04 -49.81 40.85
CA LEU A 893 37.93 -49.78 41.80
C LEU A 893 37.49 -51.21 42.11
N ASP A 894 37.23 -51.48 43.40
CA ASP A 894 36.79 -52.79 43.84
C ASP A 894 35.61 -52.64 44.79
N VAL A 895 34.73 -53.64 44.78
CA VAL A 895 33.59 -53.72 45.68
C VAL A 895 33.77 -54.94 46.57
N THR A 896 33.62 -54.75 47.88
CA THR A 896 33.92 -55.78 48.85
C THR A 896 32.73 -56.00 49.78
N PHE A 897 32.36 -57.27 49.96
CA PHE A 897 31.40 -57.67 50.98
C PHE A 897 32.16 -58.31 52.14
N ASP A 898 31.95 -57.79 53.35
CA ASP A 898 32.69 -58.23 54.53
C ASP A 898 34.19 -58.11 54.32
N ASP A 899 34.60 -57.01 53.70
CA ASP A 899 36.01 -56.72 53.40
C ASP A 899 36.64 -57.80 52.52
N VAL A 900 35.82 -58.47 51.71
CA VAL A 900 36.29 -59.49 50.78
C VAL A 900 35.81 -59.12 49.38
N ILE A 901 36.72 -59.12 48.42
CA ILE A 901 36.39 -58.68 47.07
C ILE A 901 35.36 -59.62 46.45
N TRP A 902 34.34 -59.03 45.84
CA TRP A 902 33.28 -59.79 45.18
C TRP A 902 33.76 -60.17 43.78
N SER A 903 34.00 -61.47 43.57
CA SER A 903 34.46 -61.97 42.29
C SER A 903 33.67 -63.21 41.90
N THR A 904 33.52 -63.41 40.58
CA THR A 904 32.77 -64.57 40.10
C THR A 904 33.68 -65.79 40.07
N PRO A 905 33.18 -66.97 40.45
CA PRO A 905 34.02 -68.18 40.40
C PRO A 905 34.37 -68.54 38.97
N ASP A 906 35.66 -68.74 38.72
CA ASP A 906 36.15 -69.09 37.40
C ASP A 906 37.53 -69.71 37.53
N GLY A 907 38.06 -70.17 36.41
CA GLY A 907 39.38 -70.78 36.39
C GLY A 907 39.36 -72.18 36.98
N ALA A 908 40.56 -72.64 37.36
CA ALA A 908 40.73 -73.97 37.94
C ALA A 908 40.78 -73.94 39.47
N ASN A 909 40.61 -72.78 40.09
CA ASN A 909 40.67 -72.65 41.54
C ASN A 909 39.28 -72.58 42.18
N ASN A 910 38.23 -72.85 41.41
CA ASN A 910 36.87 -72.82 41.92
C ASN A 910 36.26 -74.21 42.05
N THR A 911 37.09 -75.23 42.23
CA THR A 911 36.62 -76.61 42.33
C THR A 911 36.14 -76.98 43.74
N ALA A 912 36.28 -76.08 44.71
CA ALA A 912 35.84 -76.37 46.06
C ALA A 912 34.32 -76.51 46.13
N THR A 913 33.85 -77.46 46.93
CA THR A 913 32.42 -77.70 47.09
C THR A 913 31.91 -77.40 48.49
N GLY A 914 32.80 -77.17 49.47
CA GLY A 914 32.35 -76.84 50.80
C GLY A 914 31.76 -78.03 51.54
N ASN A 915 30.84 -77.73 52.45
CA ASN A 915 30.22 -78.75 53.29
C ASN A 915 29.34 -79.72 52.52
N ASP A 916 28.86 -79.34 51.34
CA ASP A 916 28.04 -80.19 50.50
C ASP A 916 28.80 -80.55 49.23
N SER A 917 28.13 -81.31 48.35
CA SER A 917 28.73 -81.78 47.12
C SER A 917 28.50 -80.84 45.94
N ASP A 918 27.89 -79.69 46.18
CA ASP A 918 27.58 -78.74 45.11
C ASP A 918 28.62 -77.63 45.08
N THR A 919 29.14 -77.36 43.88
CA THR A 919 30.13 -76.31 43.70
C THR A 919 29.49 -74.93 43.83
N CYS A 920 30.30 -73.93 44.15
CA CYS A 920 29.79 -72.58 44.35
C CYS A 920 29.17 -72.03 43.07
N SER A 921 29.83 -72.25 41.93
CA SER A 921 29.27 -71.78 40.66
C SER A 921 27.96 -72.50 40.33
N THR A 922 27.93 -73.81 40.55
CA THR A 922 26.70 -74.57 40.31
C THR A 922 25.60 -74.14 41.28
N GLU A 923 25.97 -73.86 42.54
CA GLU A 923 24.99 -73.38 43.50
C GLU A 923 24.41 -72.04 43.07
N LEU A 924 25.25 -71.13 42.59
CA LEU A 924 24.76 -69.84 42.12
C LEU A 924 23.88 -69.99 40.90
N SER A 925 24.24 -70.90 39.99
CA SER A 925 23.41 -71.16 38.82
C SER A 925 22.05 -71.73 39.22
N ASN A 926 22.04 -72.65 40.18
CA ASN A 926 20.78 -73.21 40.65
C ASN A 926 19.92 -72.16 41.34
N ALA A 927 20.55 -71.26 42.10
CA ALA A 927 19.82 -70.18 42.76
C ALA A 927 19.27 -69.15 41.77
N GLY A 928 19.68 -69.20 40.50
CA GLY A 928 19.21 -68.26 39.52
C GLY A 928 19.89 -66.90 39.56
N ILE A 929 21.03 -66.79 40.25
CA ILE A 929 21.73 -65.53 40.38
C ILE A 929 22.71 -65.44 39.21
N THR A 930 22.33 -64.69 38.17
CA THR A 930 23.23 -64.44 37.06
C THR A 930 24.26 -63.36 37.38
N ASP A 931 24.08 -62.62 38.46
CA ASP A 931 25.06 -61.62 38.91
C ASP A 931 26.10 -62.28 39.82
N THR A 932 26.81 -63.25 39.25
CA THR A 932 27.81 -64.01 40.00
C THR A 932 29.05 -63.18 40.33
N GLY A 933 29.23 -62.02 39.71
CA GLY A 933 30.39 -61.20 39.99
C GLY A 933 30.22 -59.83 39.38
N LEU A 934 31.23 -58.99 39.58
CA LEU A 934 31.20 -57.63 39.06
C LEU A 934 31.15 -57.63 37.53
N GLY A 935 31.95 -58.50 36.90
CA GLY A 935 31.95 -58.59 35.46
C GLY A 935 30.63 -59.08 34.90
N ALA A 936 29.96 -59.99 35.62
CA ALA A 936 28.68 -60.51 35.14
C ALA A 936 27.63 -59.41 35.06
N THR A 937 27.61 -58.50 36.06
CA THR A 937 26.64 -57.42 36.06
C THR A 937 26.90 -56.39 34.97
N GLY A 938 28.08 -56.38 34.36
CA GLY A 938 28.40 -55.37 33.38
C GLY A 938 28.61 -53.99 33.97
N PHE A 939 28.96 -53.90 35.25
CA PHE A 939 29.14 -52.62 35.90
C PHE A 939 30.39 -51.92 35.36
N THR A 940 30.20 -50.74 34.77
CA THR A 940 31.29 -49.95 34.23
C THR A 940 31.09 -48.49 34.62
N LEU A 941 32.20 -47.77 34.71
CA LEU A 941 32.16 -46.35 35.04
C LEU A 941 32.00 -45.53 33.76
N VAL A 942 31.00 -44.64 33.75
CA VAL A 942 30.76 -43.76 32.62
C VAL A 942 30.70 -42.33 33.11
N GLU A 943 31.35 -41.42 32.39
CA GLU A 943 31.37 -40.03 32.77
C GLU A 943 29.99 -39.41 32.60
N THR A 944 29.65 -38.48 33.49
CA THR A 944 28.35 -37.81 33.41
C THR A 944 28.23 -37.00 32.13
N GLY A 945 29.30 -36.29 31.75
CA GLY A 945 29.30 -35.50 30.54
C GLY A 945 30.65 -35.56 29.84
N ALA A 946 30.80 -34.72 28.82
CA ALA A 946 32.04 -34.70 28.05
C ALA A 946 33.22 -34.26 28.92
N ALA A 947 33.03 -33.26 29.77
CA ALA A 947 34.11 -32.73 30.60
C ALA A 947 33.68 -32.55 32.05
N THR A 948 32.65 -33.28 32.50
CA THR A 948 32.20 -33.14 33.88
C THR A 948 33.26 -33.63 34.86
N GLY A 949 33.94 -34.73 34.54
CA GLY A 949 34.93 -35.29 35.43
C GLY A 949 34.38 -36.16 36.53
N VAL A 950 33.08 -36.42 36.54
CA VAL A 950 32.44 -37.27 37.55
C VAL A 950 31.92 -38.51 36.85
N PHE A 951 32.30 -39.68 37.37
CA PHE A 951 31.92 -40.97 36.79
C PHE A 951 30.86 -41.63 37.65
N VAL A 952 29.83 -42.17 36.98
CA VAL A 952 28.70 -42.78 37.64
C VAL A 952 28.60 -44.23 37.18
N GLY A 953 28.52 -45.15 38.14
CA GLY A 953 28.35 -46.56 37.83
C GLY A 953 27.44 -47.19 38.86
N ASP A 954 26.77 -48.27 38.44
CA ASP A 954 25.75 -48.88 39.29
C ASP A 954 25.64 -50.37 38.97
N PHE A 955 25.05 -51.09 39.92
CA PHE A 955 24.76 -52.51 39.78
C PHE A 955 23.75 -52.89 40.86
N GLN A 956 23.14 -54.06 40.69
CA GLN A 956 22.15 -54.58 41.63
C GLN A 956 22.80 -55.60 42.56
N ILE A 957 22.53 -55.48 43.86
CA ILE A 957 23.09 -56.38 44.86
C ILE A 957 22.42 -57.74 44.74
N PRO A 958 23.19 -58.81 44.53
CA PRO A 958 22.58 -60.14 44.48
C PRO A 958 22.21 -60.66 45.86
N SER A 959 21.27 -61.62 45.87
CA SER A 959 20.88 -62.23 47.14
C SER A 959 21.94 -63.20 47.63
N PHE A 960 22.62 -63.89 46.72
CA PHE A 960 23.65 -64.86 47.06
C PHE A 960 24.96 -64.46 46.38
N TRP A 961 26.06 -64.61 47.11
CA TRP A 961 27.38 -64.34 46.56
C TRP A 961 28.36 -65.42 47.05
N CYS A 962 29.42 -65.62 46.28
CA CYS A 962 30.44 -66.61 46.60
C CYS A 962 31.62 -65.92 47.24
N ARG A 963 31.92 -66.30 48.48
CA ARG A 963 33.05 -65.71 49.20
C ARG A 963 34.37 -66.26 48.68
N VAL A 964 35.37 -65.39 48.58
CA VAL A 964 36.70 -65.80 48.17
C VAL A 964 37.44 -66.37 49.38
N SER A 965 37.90 -67.62 49.25
CA SER A 965 38.59 -68.26 50.37
C SER A 965 39.90 -67.56 50.70
N ASP A 966 40.68 -67.20 49.68
CA ASP A 966 41.96 -66.53 49.90
C ASP A 966 42.29 -65.68 48.70
N THR A 967 42.86 -64.50 48.95
CA THR A 967 43.24 -63.56 47.90
C THR A 967 44.74 -63.57 47.61
N THR A 968 45.46 -64.57 48.13
CA THR A 968 46.92 -64.61 47.99
C THR A 968 47.37 -65.35 46.74
N THR A 969 46.45 -65.82 45.90
CA THR A 969 46.79 -66.56 44.70
C THR A 969 45.97 -66.07 43.52
N THR A 970 46.51 -66.22 42.32
CA THR A 970 45.80 -65.89 41.10
C THR A 970 45.74 -67.11 40.19
N PRO A 971 44.56 -67.50 39.69
CA PRO A 971 43.23 -66.90 39.94
C PRO A 971 42.77 -67.15 41.37
N TYR A 972 41.79 -66.38 41.84
CA TYR A 972 41.34 -66.51 43.22
C TYR A 972 40.75 -67.90 43.47
N THR A 973 40.99 -68.43 44.67
CA THR A 973 40.40 -69.69 45.10
C THR A 973 39.14 -69.38 45.89
N TYR A 974 37.99 -69.80 45.36
CA TYR A 974 36.70 -69.44 45.94
C TYR A 974 36.23 -70.51 46.92
N ALA A 975 35.39 -70.09 47.86
CA ALA A 975 34.80 -71.02 48.81
C ALA A 975 33.79 -71.94 48.11
N GLY A 976 33.55 -73.09 48.71
CA GLY A 976 32.68 -74.08 48.12
C GLY A 976 31.20 -73.86 48.32
N ASP A 977 30.81 -72.91 49.17
CA ASP A 977 29.41 -72.64 49.44
C ASP A 977 29.16 -71.14 49.41
N GLU A 978 27.99 -70.76 48.92
CA GLU A 978 27.60 -69.35 48.89
C GLU A 978 26.90 -68.97 50.18
N GLU A 979 26.84 -67.65 50.42
CA GLU A 979 26.18 -67.13 51.60
C GLU A 979 25.37 -65.89 51.23
N THR A 980 24.28 -65.68 51.97
CA THR A 980 23.40 -64.57 51.67
C THR A 980 24.02 -63.25 52.11
N THR A 981 23.96 -62.24 51.24
CA THR A 981 24.66 -60.98 51.47
C THR A 981 24.01 -60.10 52.52
N THR A 982 22.81 -60.44 53.00
CA THR A 982 22.12 -59.59 53.95
C THR A 982 22.91 -59.48 55.24
N GLY A 983 22.94 -58.27 55.81
CA GLY A 983 23.66 -58.00 57.03
C GLY A 983 25.13 -57.68 56.83
N LEU A 984 25.75 -58.25 55.80
CA LEU A 984 27.14 -57.94 55.50
C LEU A 984 27.28 -56.48 55.06
N ASP A 985 28.46 -55.93 55.30
CA ASP A 985 28.74 -54.55 54.92
C ASP A 985 29.36 -54.52 53.52
N ILE A 986 28.74 -53.75 52.63
CA ILE A 986 29.23 -53.59 51.27
C ILE A 986 30.13 -52.36 51.23
N GLU A 987 31.38 -52.54 50.85
CA GLU A 987 32.36 -51.47 50.82
C GLU A 987 33.00 -51.39 49.44
N VAL A 988 33.20 -50.17 48.96
CA VAL A 988 33.88 -49.93 47.70
C VAL A 988 35.24 -49.31 47.99
N ASN A 989 36.16 -49.50 47.06
CA ASN A 989 37.50 -48.94 47.18
C ASN A 989 37.94 -48.42 45.82
N TYR A 990 37.97 -47.10 45.67
CA TYR A 990 38.50 -46.45 44.47
C TYR A 990 39.99 -46.17 44.68
N VAL A 991 40.82 -46.72 43.81
CA VAL A 991 42.27 -46.56 43.91
C VAL A 991 42.60 -45.24 43.21
N ASP A 992 43.10 -44.28 43.97
CA ASP A 992 43.42 -42.95 43.47
C ASP A 992 44.91 -42.90 43.14
N PHE A 993 45.25 -42.81 41.85
CA PHE A 993 46.66 -42.80 41.47
C PHE A 993 47.35 -41.51 41.88
N ARG A 994 46.62 -40.39 41.92
CA ARG A 994 47.17 -39.09 42.25
C ARG A 994 46.21 -38.36 43.18
N ASP A 995 46.63 -38.16 44.43
CA ASP A 995 45.86 -37.41 45.41
C ASP A 995 46.07 -35.91 45.19
N ALA A 996 45.59 -35.09 46.13
CA ALA A 996 45.73 -33.65 45.98
C ALA A 996 47.19 -33.21 45.94
N SER A 997 48.03 -33.83 46.78
CA SER A 997 49.47 -33.62 46.71
C SER A 997 50.12 -34.39 45.57
N GLY A 998 49.37 -35.27 44.90
CA GLY A 998 49.85 -35.91 43.70
C GLY A 998 50.50 -37.27 43.92
N GLU A 999 49.89 -38.08 44.76
CA GLU A 999 50.41 -39.41 45.09
C GLU A 999 49.23 -40.32 45.41
N ILE A 1000 49.54 -41.57 45.70
CA ILE A 1000 48.52 -42.62 45.83
C ILE A 1000 47.94 -42.58 47.24
N VAL A 1001 46.63 -42.35 47.33
CA VAL A 1001 45.89 -42.40 48.59
C VAL A 1001 44.68 -43.29 48.40
N GLU A 1002 44.48 -44.24 49.31
CA GLU A 1002 43.41 -45.24 49.23
C GLU A 1002 42.17 -44.68 49.92
N VAL A 1003 41.11 -44.43 49.14
CA VAL A 1003 39.86 -43.91 49.66
C VAL A 1003 38.71 -44.81 49.21
N GLY A 1004 37.75 -44.99 50.11
CA GLY A 1004 36.54 -45.74 49.82
C GLY A 1004 35.40 -45.33 50.71
N ASP A 1005 34.24 -45.95 50.49
CA ASP A 1005 33.05 -45.70 51.28
C ASP A 1005 32.49 -47.03 51.79
N SER A 1006 31.60 -46.93 52.79
CA SER A 1006 31.05 -48.09 53.45
C SER A 1006 29.52 -48.02 53.48
N ALA A 1007 28.90 -49.20 53.38
CA ALA A 1007 27.45 -49.31 53.47
C ALA A 1007 27.11 -50.74 53.87
N GLY A 1008 25.88 -50.93 54.34
CA GLY A 1008 25.40 -52.23 54.79
C GLY A 1008 24.22 -52.69 53.96
N VAL A 1009 24.16 -54.01 53.72
CA VAL A 1009 23.06 -54.63 53.00
C VAL A 1009 21.96 -54.93 54.02
N ARG A 1010 20.92 -54.09 54.04
CA ARG A 1010 19.85 -54.23 55.00
C ARG A 1010 18.94 -55.40 54.67
N ALA A 1011 18.24 -55.90 55.68
CA ALA A 1011 17.26 -56.95 55.52
C ALA A 1011 16.13 -56.73 56.52
N ASN A 1012 14.93 -57.21 56.17
CA ASN A 1012 13.74 -56.99 56.97
C ASN A 1012 13.22 -58.32 57.52
N THR A 1013 12.74 -58.30 58.75
CA THR A 1013 12.18 -59.48 59.37
C THR A 1013 10.88 -59.87 58.67
N GLY A 1014 10.71 -61.17 58.41
CA GLY A 1014 9.48 -61.66 57.83
C GLY A 1014 8.37 -61.74 58.84
N SER A 1015 7.14 -61.65 58.34
CA SER A 1015 5.95 -61.72 59.18
C SER A 1015 4.85 -62.42 58.39
N VAL A 1016 4.07 -63.24 59.09
CA VAL A 1016 2.95 -63.97 58.50
C VAL A 1016 1.69 -63.66 59.30
N SER A 1017 0.59 -63.42 58.59
CA SER A 1017 -0.66 -63.05 59.22
C SER A 1017 -1.80 -63.85 58.60
N LEU A 1018 -2.87 -64.00 59.38
CA LEU A 1018 -4.06 -64.70 58.94
C LEU A 1018 -5.24 -63.74 58.94
N ASP A 1019 -6.21 -64.01 58.06
CA ASP A 1019 -7.33 -63.09 57.88
C ASP A 1019 -8.18 -62.98 59.14
N ARG A 1020 -8.46 -64.09 59.80
CA ARG A 1020 -9.36 -64.11 60.94
C ARG A 1020 -8.73 -64.86 62.11
N THR A 1021 -9.09 -64.44 63.32
CA THR A 1021 -8.62 -65.13 64.52
C THR A 1021 -9.26 -66.50 64.67
N VAL A 1022 -10.51 -66.65 64.24
CA VAL A 1022 -11.22 -67.92 64.31
C VAL A 1022 -11.76 -68.24 62.92
N TYR A 1023 -11.98 -69.54 62.68
CA TYR A 1023 -12.48 -70.02 61.41
C TYR A 1023 -13.53 -71.09 61.65
N PRO A 1024 -14.54 -71.17 60.79
CA PRO A 1024 -15.58 -72.20 60.95
C PRO A 1024 -15.06 -73.59 60.59
N VAL A 1025 -15.74 -74.59 61.14
CA VAL A 1025 -15.40 -75.99 60.84
C VAL A 1025 -15.96 -76.34 59.46
N PRO A 1026 -15.12 -76.80 58.54
CA PRO A 1026 -15.62 -77.16 57.21
C PRO A 1026 -16.53 -78.38 57.25
N PHE A 1027 -17.42 -78.45 56.26
CA PHE A 1027 -18.37 -79.53 56.14
C PHE A 1027 -18.36 -80.09 54.72
N GLY A 1028 -18.73 -81.36 54.59
CA GLY A 1028 -18.74 -82.05 53.32
C GLY A 1028 -20.14 -82.32 52.81
N THR A 1029 -20.23 -83.25 51.87
CA THR A 1029 -21.49 -83.64 51.25
C THR A 1029 -21.69 -85.14 51.41
N ILE A 1030 -22.80 -85.64 50.86
CA ILE A 1030 -23.10 -87.06 50.94
C ILE A 1030 -22.10 -87.89 50.14
N ALA A 1031 -21.62 -87.35 49.01
CA ALA A 1031 -20.70 -88.10 48.16
C ALA A 1031 -19.34 -88.32 48.80
N ASP A 1032 -19.05 -87.65 49.91
CA ASP A 1032 -17.79 -87.82 50.63
C ASP A 1032 -17.87 -88.93 51.67
N SER A 1033 -18.99 -89.63 51.77
CA SER A 1033 -19.17 -90.70 52.74
C SER A 1033 -19.60 -91.97 52.03
N SER A 1034 -19.05 -93.11 52.46
CA SER A 1034 -19.38 -94.40 51.88
C SER A 1034 -20.62 -95.02 52.49
N LYS A 1035 -21.23 -94.39 53.49
CA LYS A 1035 -22.42 -94.92 54.12
C LYS A 1035 -23.60 -94.89 53.14
N ALA A 1036 -24.53 -95.82 53.33
CA ALA A 1036 -25.72 -95.87 52.50
C ALA A 1036 -26.58 -94.63 52.72
N ALA A 1037 -27.44 -94.35 51.75
CA ALA A 1037 -28.28 -93.16 51.80
C ALA A 1037 -29.26 -93.25 52.96
N ASN A 1038 -29.31 -92.18 53.76
CA ASN A 1038 -30.19 -92.11 54.93
C ASN A 1038 -30.91 -90.76 54.92
N ALA A 1039 -32.07 -90.75 55.57
CA ALA A 1039 -32.84 -89.50 55.72
C ALA A 1039 -32.25 -88.58 56.78
N ALA A 1040 -31.26 -89.04 57.54
CA ALA A 1040 -30.61 -88.26 58.58
C ALA A 1040 -29.11 -88.32 58.38
N PRO A 1041 -28.36 -87.33 58.85
CA PRO A 1041 -26.90 -87.37 58.70
C PRO A 1041 -26.25 -88.56 59.38
N ASN A 1042 -26.81 -89.02 60.50
CA ASN A 1042 -26.28 -90.15 61.24
C ASN A 1042 -24.82 -89.92 61.65
N GLY A 1043 -24.51 -88.70 62.06
CA GLY A 1043 -23.18 -88.33 62.48
C GLY A 1043 -22.23 -87.98 61.36
N ARG A 1044 -22.67 -87.99 60.11
CA ARG A 1044 -21.80 -87.65 58.99
C ARG A 1044 -21.59 -86.14 58.91
N SER A 1045 -20.55 -85.75 58.17
CA SER A 1045 -20.26 -84.34 57.92
C SER A 1045 -21.08 -83.87 56.72
N VAL A 1046 -22.40 -83.84 56.93
CA VAL A 1046 -23.36 -83.47 55.90
C VAL A 1046 -24.21 -82.33 56.43
N PHE A 1047 -24.59 -81.41 55.55
CA PHE A 1047 -25.38 -80.23 55.91
C PHE A 1047 -26.64 -80.20 55.05
N PRO A 1048 -27.63 -81.03 55.38
CA PRO A 1048 -28.85 -81.10 54.57
C PRO A 1048 -29.88 -80.08 55.05
N ILE A 1049 -31.05 -80.14 54.40
CA ILE A 1049 -32.16 -79.26 54.76
C ILE A 1049 -32.88 -79.81 55.98
N HIS A 1050 -33.80 -79.01 56.51
CA HIS A 1050 -34.64 -79.45 57.62
C HIS A 1050 -35.52 -80.61 57.13
N ALA A 1051 -35.77 -81.56 58.05
CA ALA A 1051 -36.29 -82.88 57.69
C ALA A 1051 -37.39 -82.86 56.64
N THR A 1052 -38.28 -81.88 56.70
CA THR A 1052 -39.40 -81.86 55.75
C THR A 1052 -38.95 -81.64 54.31
N GLY A 1053 -37.75 -81.11 54.09
CA GLY A 1053 -37.25 -80.95 52.74
C GLY A 1053 -36.69 -82.22 52.12
N ILE A 1054 -36.45 -83.25 52.92
CA ILE A 1054 -35.91 -84.52 52.45
C ILE A 1054 -37.04 -85.54 52.35
N THR A 1055 -37.03 -86.33 51.28
CA THR A 1055 -38.02 -87.39 51.07
C THR A 1055 -37.31 -88.73 51.26
N SER A 1056 -37.21 -89.16 52.51
CA SER A 1056 -36.79 -90.49 52.93
C SER A 1056 -35.32 -90.78 52.65
N THR A 1057 -34.65 -89.93 51.88
CA THR A 1057 -33.26 -90.13 51.48
C THR A 1057 -32.65 -88.79 51.11
N ILE A 1058 -31.47 -88.52 51.64
CA ILE A 1058 -30.75 -87.28 51.35
C ILE A 1058 -29.93 -87.50 50.07
N ASP A 1059 -30.31 -86.79 49.01
CA ASP A 1059 -29.63 -86.87 47.73
C ASP A 1059 -28.92 -85.55 47.44
N SER A 1060 -28.32 -85.47 46.25
CA SER A 1060 -27.41 -84.36 45.95
C SER A 1060 -28.14 -83.03 45.78
N THR A 1061 -29.45 -83.07 45.59
CA THR A 1061 -30.21 -81.85 45.34
C THR A 1061 -30.81 -81.24 46.61
N GLU A 1062 -30.57 -81.83 47.77
CA GLU A 1062 -31.20 -81.40 49.01
C GLU A 1062 -30.18 -81.27 50.14
N GLU A 1063 -28.99 -80.76 49.85
CA GLU A 1063 -28.01 -80.45 50.87
C GLU A 1063 -27.15 -79.30 50.37
N LEU A 1064 -26.51 -78.61 51.31
CA LEU A 1064 -25.66 -77.48 50.94
C LEU A 1064 -24.43 -77.97 50.18
N PRO A 1065 -23.90 -77.14 49.28
CA PRO A 1065 -22.70 -77.53 48.52
C PRO A 1065 -21.51 -77.75 49.45
N THR A 1066 -20.40 -78.20 48.84
CA THR A 1066 -19.21 -78.52 49.62
C THR A 1066 -18.73 -77.30 50.39
N GLY A 1067 -18.34 -77.52 51.64
CA GLY A 1067 -18.02 -76.43 52.53
C GLY A 1067 -16.54 -76.27 52.82
N ASP A 1068 -15.71 -76.43 51.78
CA ASP A 1068 -14.27 -76.24 51.93
C ASP A 1068 -13.98 -74.76 52.10
N LEU A 1069 -13.73 -74.35 53.34
CA LEU A 1069 -13.41 -72.96 53.61
C LEU A 1069 -12.08 -72.59 52.96
N THR A 1070 -12.00 -71.40 52.40
CA THR A 1070 -10.82 -70.92 51.69
C THR A 1070 -10.14 -69.86 52.54
N ILE A 1071 -9.04 -70.25 53.17
CA ILE A 1071 -8.25 -69.33 53.98
C ILE A 1071 -7.17 -68.71 53.11
N HIS A 1072 -6.94 -67.41 53.27
CA HIS A 1072 -5.93 -66.68 52.54
C HIS A 1072 -4.76 -66.39 53.48
N VAL A 1073 -3.57 -66.81 53.10
CA VAL A 1073 -2.36 -66.56 53.87
C VAL A 1073 -1.64 -65.36 53.28
N ARG A 1074 -1.18 -64.46 54.15
CA ARG A 1074 -0.51 -63.24 53.73
C ARG A 1074 0.79 -63.09 54.52
N ILE A 1075 1.86 -62.72 53.83
CA ILE A 1075 3.14 -62.44 54.47
C ILE A 1075 3.57 -61.03 54.09
N ASN A 1076 4.36 -60.42 54.98
CA ASN A 1076 4.89 -59.07 54.76
C ASN A 1076 6.41 -59.14 54.85
N ASP A 1077 7.05 -59.47 53.73
CA ASP A 1077 8.50 -59.58 53.65
C ASP A 1077 9.02 -58.61 52.61
N PRO A 1078 9.55 -57.44 53.01
CA PRO A 1078 10.10 -56.51 52.03
C PRO A 1078 11.29 -57.06 51.26
N ASP A 1079 11.95 -58.11 51.77
CA ASP A 1079 13.11 -58.67 51.08
C ASP A 1079 12.73 -59.23 49.72
N PHE A 1080 11.58 -59.90 49.64
CA PHE A 1080 11.09 -60.45 48.38
C PHE A 1080 10.53 -59.39 47.44
N ASP A 1081 10.39 -58.15 47.91
CA ASP A 1081 9.93 -57.06 47.05
C ASP A 1081 11.12 -56.46 46.29
N GLU A 1082 11.68 -57.29 45.41
CA GLU A 1082 12.86 -56.86 44.65
C GLU A 1082 12.52 -55.74 43.68
N ASN A 1083 11.30 -55.73 43.13
CA ASN A 1083 10.88 -54.71 42.18
C ASN A 1083 9.96 -53.72 42.86
N PRO A 1084 10.39 -52.47 43.07
CA PRO A 1084 9.52 -51.50 43.74
C PRO A 1084 8.25 -51.19 42.99
N ALA A 1085 8.24 -51.32 41.66
CA ALA A 1085 7.05 -51.05 40.85
C ALA A 1085 6.86 -52.15 39.81
N GLY A 1086 7.02 -53.41 40.23
CA GLY A 1086 6.87 -54.53 39.33
C GLY A 1086 6.36 -55.76 40.06
N GLU A 1087 6.05 -56.78 39.26
CA GLU A 1087 5.54 -58.03 39.81
C GLU A 1087 6.64 -58.75 40.58
N ASP A 1088 6.29 -59.28 41.75
CA ASP A 1088 7.21 -60.06 42.57
C ASP A 1088 6.50 -61.32 43.07
N ALA A 1089 7.25 -62.39 43.22
CA ALA A 1089 6.72 -63.66 43.71
C ALA A 1089 7.71 -64.28 44.68
N MET A 1090 7.18 -64.90 45.74
CA MET A 1090 8.00 -65.59 46.74
C MET A 1090 8.45 -66.92 46.15
N ASP A 1091 9.66 -66.94 45.60
CA ASP A 1091 10.18 -68.12 44.91
C ASP A 1091 11.01 -69.02 45.81
N GLN A 1092 11.14 -68.69 47.09
CA GLN A 1092 11.89 -69.55 48.01
C GLN A 1092 11.18 -70.89 48.17
N ASP A 1093 11.94 -71.97 48.07
CA ASP A 1093 11.35 -73.31 48.05
C ASP A 1093 10.87 -73.71 49.44
N ASN A 1094 9.58 -74.03 49.57
CA ASN A 1094 8.99 -74.56 50.78
C ASN A 1094 9.22 -73.65 51.99
N ALA A 1095 9.16 -72.34 51.78
CA ALA A 1095 9.34 -71.40 52.88
C ALA A 1095 8.10 -71.27 53.75
N LEU A 1096 6.93 -71.63 53.25
CA LEU A 1096 5.68 -71.52 53.98
C LEU A 1096 5.11 -72.90 54.26
N LYS A 1097 4.77 -73.16 55.52
CA LYS A 1097 4.17 -74.42 55.93
C LYS A 1097 2.82 -74.15 56.57
N ILE A 1098 1.80 -74.85 56.10
CA ILE A 1098 0.45 -74.74 56.61
C ILE A 1098 0.07 -76.06 57.28
N SER A 1099 -0.31 -75.98 58.55
CA SER A 1099 -0.55 -77.19 59.33
C SER A 1099 -1.71 -76.97 60.29
N VAL A 1100 -2.31 -78.09 60.72
CA VAL A 1100 -3.39 -78.09 61.69
C VAL A 1100 -2.97 -78.96 62.86
N ILE A 1101 -3.11 -78.43 64.08
CA ILE A 1101 -2.69 -79.11 65.29
C ILE A 1101 -3.89 -79.28 66.21
N ARG A 1102 -4.04 -80.49 66.77
CA ARG A 1102 -5.05 -80.78 67.78
C ARG A 1102 -4.33 -81.41 68.97
N GLY A 1103 -3.90 -80.57 69.90
CA GLY A 1103 -3.19 -81.05 71.08
C GLY A 1103 -1.79 -81.56 70.79
N SER A 1104 -1.54 -82.83 71.08
CA SER A 1104 -0.22 -83.42 70.92
C SER A 1104 0.02 -83.97 69.51
N ASP A 1105 -0.98 -83.95 68.65
CA ASP A 1105 -0.85 -84.46 67.29
C ASP A 1105 -0.95 -83.31 66.29
N SER A 1106 -0.18 -83.42 65.21
CA SER A 1106 -0.10 -82.37 64.20
C SER A 1106 -0.20 -82.99 62.82
N VAL A 1107 -0.80 -82.24 61.89
CA VAL A 1107 -0.90 -82.62 60.49
C VAL A 1107 -0.62 -81.39 59.64
N VAL A 1108 0.12 -81.56 58.56
CA VAL A 1108 0.53 -80.45 57.69
C VAL A 1108 -0.32 -80.49 56.42
N LEU A 1109 -0.88 -79.34 56.05
CA LEU A 1109 -1.71 -79.27 54.85
C LEU A 1109 -0.86 -79.30 53.58
N GLY A 1110 0.28 -78.64 53.60
CA GLY A 1110 1.13 -78.61 52.43
C GLY A 1110 2.23 -77.59 52.59
N TYR A 1111 2.85 -77.27 51.45
CA TYR A 1111 3.96 -76.32 51.41
C TYR A 1111 3.71 -75.28 50.32
N ALA A 1112 4.27 -74.10 50.52
CA ALA A 1112 4.11 -73.00 49.56
C ALA A 1112 5.46 -72.33 49.33
N GLY A 1113 5.58 -71.70 48.17
CA GLY A 1113 6.79 -71.01 47.78
C GLY A 1113 7.55 -71.69 46.65
N ALA A 1114 7.53 -73.01 46.59
CA ALA A 1114 8.16 -73.74 45.51
C ALA A 1114 7.21 -73.85 44.32
N SER A 1115 7.68 -74.52 43.26
CA SER A 1115 6.83 -74.73 42.10
C SER A 1115 5.65 -75.62 42.47
N GLU A 1116 4.48 -75.30 41.91
CA GLU A 1116 3.28 -76.07 42.21
C GLU A 1116 3.46 -77.51 41.75
N ARG A 1117 3.13 -78.45 42.64
CA ARG A 1117 3.29 -79.87 42.34
C ARG A 1117 2.23 -80.66 43.09
N THR A 1118 1.98 -81.88 42.62
CA THR A 1118 1.03 -82.77 43.24
C THR A 1118 1.68 -83.51 44.41
N GLY A 1119 0.90 -83.73 45.46
CA GLY A 1119 1.42 -84.43 46.63
C GLY A 1119 0.29 -84.79 47.57
N LYS A 1120 0.64 -85.61 48.55
CA LYS A 1120 -0.31 -86.08 49.55
C LYS A 1120 -0.18 -85.24 50.83
N ILE A 1121 -0.90 -85.67 51.86
CA ILE A 1121 -0.89 -84.99 53.15
C ILE A 1121 -0.04 -85.78 54.13
N ASP A 1122 0.91 -85.10 54.78
CA ASP A 1122 1.78 -85.71 55.75
C ASP A 1122 1.26 -85.43 57.16
N VAL A 1123 1.50 -86.37 58.08
CA VAL A 1123 1.07 -86.24 59.46
C VAL A 1123 2.30 -86.03 60.35
N GLY A 1124 2.34 -84.88 61.03
CA GLY A 1124 3.44 -84.58 61.92
C GLY A 1124 4.79 -84.41 61.27
N GLY A 1125 4.83 -84.23 59.95
CA GLY A 1125 6.10 -84.12 59.26
C GLY A 1125 6.93 -85.39 59.29
N ASN A 1126 6.29 -86.55 59.24
CA ASN A 1126 7.02 -87.81 59.32
C ASN A 1126 7.72 -88.14 58.01
N ASN A 1127 7.16 -87.70 56.88
CA ASN A 1127 7.73 -88.00 55.56
C ASN A 1127 8.96 -87.13 55.35
N GLY A 1128 10.15 -87.75 55.33
CA GLY A 1128 11.37 -87.00 55.13
C GLY A 1128 11.46 -86.40 53.74
N THR A 1129 11.01 -87.14 52.73
CA THR A 1129 11.05 -86.65 51.35
C THR A 1129 10.03 -85.55 51.18
N ILE A 1130 10.48 -84.37 50.73
CA ILE A 1130 9.59 -83.22 50.62
C ILE A 1130 8.86 -83.18 49.29
N SER A 1131 9.35 -83.92 48.28
CA SER A 1131 8.71 -83.89 46.97
C SER A 1131 7.35 -84.58 46.97
N ASN A 1132 7.04 -85.39 47.98
CA ASN A 1132 5.76 -86.07 48.06
C ASN A 1132 4.68 -85.22 48.73
N ILE A 1133 5.01 -84.01 49.16
CA ILE A 1133 4.05 -83.14 49.84
C ILE A 1133 3.43 -82.21 48.80
N ARG A 1134 2.14 -81.93 48.98
CA ARG A 1134 1.44 -81.04 48.06
C ARG A 1134 2.01 -79.63 48.14
N SER A 1135 2.18 -79.00 46.97
CA SER A 1135 2.71 -77.65 46.87
C SER A 1135 1.66 -76.75 46.24
N PHE A 1136 1.43 -75.59 46.85
CA PHE A 1136 0.43 -74.64 46.37
C PHE A 1136 1.00 -73.62 45.39
N GLY A 1137 2.28 -73.71 45.05
CA GLY A 1137 2.88 -72.77 44.13
C GLY A 1137 3.43 -71.54 44.82
N GLU A 1138 3.91 -70.61 44.00
CA GLU A 1138 4.50 -69.38 44.48
C GLU A 1138 3.41 -68.33 44.76
N MET A 1139 3.53 -67.67 45.90
CA MET A 1139 2.58 -66.62 46.26
C MET A 1139 2.80 -65.39 45.39
N ASP A 1140 1.71 -64.71 45.07
CA ASP A 1140 1.74 -63.54 44.19
C ASP A 1140 1.58 -62.27 45.01
N GLU A 1141 2.32 -61.23 44.64
CA GLU A 1141 2.27 -59.95 45.34
C GLU A 1141 0.91 -59.30 45.10
N ILE A 1142 0.34 -58.71 46.15
CA ILE A 1142 -0.99 -58.13 46.04
C ILE A 1142 -0.97 -56.87 45.18
N ALA A 1143 0.06 -56.04 45.32
CA ALA A 1143 0.19 -54.80 44.58
C ALA A 1143 1.65 -54.60 44.19
N PRO A 1144 1.91 -53.95 43.05
CA PRO A 1144 3.31 -53.82 42.59
C PRO A 1144 4.23 -53.10 43.56
N ASP A 1145 3.69 -52.26 44.44
CA ASP A 1145 4.50 -51.52 45.41
C ASP A 1145 4.10 -51.81 46.85
N ALA A 1146 3.58 -53.02 47.12
CA ALA A 1146 3.13 -53.37 48.47
C ALA A 1146 4.11 -54.27 49.19
N GLY A 1147 4.63 -55.29 48.53
CA GLY A 1147 5.51 -56.25 49.16
C GLY A 1147 4.82 -57.35 49.94
N ILE A 1148 3.50 -57.41 49.90
CA ILE A 1148 2.72 -58.42 50.62
C ILE A 1148 2.22 -59.44 49.61
N PHE A 1149 2.45 -60.71 49.91
CA PHE A 1149 2.09 -61.82 49.03
C PHE A 1149 0.94 -62.60 49.64
N GLU A 1150 -0.08 -62.88 48.84
CA GLU A 1150 -1.27 -63.60 49.28
C GLU A 1150 -1.46 -64.88 48.47
N LEU A 1151 -1.75 -65.98 49.16
CA LEU A 1151 -2.02 -67.26 48.54
C LEU A 1151 -3.37 -67.76 49.04
N ASP A 1152 -4.23 -68.19 48.11
CA ASP A 1152 -5.55 -68.70 48.44
C ASP A 1152 -5.50 -70.22 48.49
N VAL A 1153 -5.78 -70.79 49.66
CA VAL A 1153 -5.77 -72.23 49.86
C VAL A 1153 -7.06 -72.64 50.56
N ASN A 1154 -7.70 -73.70 50.06
CA ASN A 1154 -8.93 -74.22 50.62
C ASN A 1154 -8.63 -75.47 51.44
N ILE A 1155 -9.32 -75.60 52.58
CA ILE A 1155 -9.15 -76.73 53.48
C ILE A 1155 -10.43 -77.55 53.46
N LYS A 1156 -10.29 -78.84 53.16
CA LYS A 1156 -11.42 -79.75 53.19
C LYS A 1156 -11.70 -80.20 54.62
N PHE A 1157 -12.93 -80.69 54.84
CA PHE A 1157 -13.29 -81.21 56.15
C PHE A 1157 -12.52 -82.47 56.52
N THR A 1158 -11.86 -83.10 55.54
CA THR A 1158 -11.05 -84.29 55.78
C THR A 1158 -9.62 -83.95 56.16
N ASP A 1159 -9.17 -82.72 55.93
CA ASP A 1159 -7.77 -82.33 56.14
C ASP A 1159 -7.57 -81.99 57.61
N GLY A 1160 -7.43 -83.03 58.42
CA GLY A 1160 -7.21 -82.87 59.83
C GLY A 1160 -6.61 -84.11 60.47
N PRO A 1161 -6.22 -84.01 61.74
CA PRO A 1161 -5.66 -85.17 62.43
C PRO A 1161 -6.69 -86.26 62.62
N ALA A 1162 -6.21 -87.50 62.67
CA ALA A 1162 -7.09 -88.65 62.84
C ALA A 1162 -7.66 -88.68 64.26
N SER A 1163 -8.93 -89.05 64.36
CA SER A 1163 -9.60 -89.17 65.66
C SER A 1163 -10.72 -90.20 65.55
N ALA A 1164 -11.06 -90.80 66.68
CA ALA A 1164 -12.11 -91.80 66.73
C ALA A 1164 -13.50 -91.19 66.81
N GLN A 1165 -13.60 -89.89 67.07
CA GLN A 1165 -14.91 -89.25 67.17
C GLN A 1165 -15.57 -89.11 65.80
N CYS A 1166 -14.80 -89.26 64.72
CA CYS A 1166 -15.31 -89.08 63.37
C CYS A 1166 -15.60 -90.40 62.67
N ASN A 1167 -15.64 -91.51 63.40
CA ASN A 1167 -16.01 -92.78 62.79
C ASN A 1167 -17.48 -92.86 62.42
N SER A 1168 -18.29 -91.88 62.82
CA SER A 1168 -19.71 -91.90 62.47
C SER A 1168 -19.92 -91.83 60.96
N HIS A 1169 -18.95 -91.28 60.23
CA HIS A 1169 -19.03 -91.17 58.78
C HIS A 1169 -17.91 -92.01 58.16
N ASP A 1170 -18.29 -92.94 57.27
CA ASP A 1170 -17.33 -93.71 56.49
C ASP A 1170 -16.83 -92.81 55.37
N THR A 1171 -15.88 -91.94 55.72
CA THR A 1171 -15.48 -90.85 54.84
C THR A 1171 -14.79 -91.37 53.59
N LEU A 1172 -15.14 -90.78 52.44
CA LEU A 1172 -14.44 -91.00 51.19
C LEU A 1172 -13.52 -89.82 50.94
N TYR A 1173 -12.22 -90.11 50.82
CA TYR A 1173 -11.20 -89.07 50.75
C TYR A 1173 -10.89 -88.75 49.29
N THR A 1174 -11.04 -87.49 48.92
CA THR A 1174 -10.73 -87.06 47.56
C THR A 1174 -9.22 -87.13 47.33
N ALA A 1175 -8.82 -87.71 46.20
CA ALA A 1175 -7.41 -87.90 45.91
C ALA A 1175 -6.74 -86.57 45.60
N LEU A 1176 -5.58 -86.33 46.22
CA LEU A 1176 -4.77 -85.16 45.92
C LEU A 1176 -3.66 -85.45 44.93
N ASP A 1177 -3.32 -86.72 44.70
CA ASP A 1177 -2.30 -87.09 43.74
C ASP A 1177 -2.95 -87.36 42.39
N GLY A 1178 -2.19 -87.95 41.47
CA GLY A 1178 -2.70 -88.18 40.12
C GLY A 1178 -3.74 -89.28 40.01
N THR A 1179 -3.77 -90.20 40.97
CA THR A 1179 -4.73 -91.29 40.92
C THR A 1179 -6.14 -90.79 41.17
N THR A 1180 -7.12 -91.51 40.62
CA THR A 1180 -8.53 -91.16 40.78
C THR A 1180 -9.20 -91.92 41.93
N GLY A 1181 -8.45 -92.73 42.68
CA GLY A 1181 -9.05 -93.50 43.75
C GLY A 1181 -9.47 -92.63 44.92
N LYS A 1182 -10.44 -93.14 45.67
CA LYS A 1182 -10.98 -92.45 46.84
C LYS A 1182 -10.46 -93.01 48.15
N ALA A 1183 -9.42 -93.82 48.11
CA ALA A 1183 -8.89 -94.44 49.33
C ALA A 1183 -8.16 -93.40 50.19
N ASP A 1184 -7.86 -93.81 51.42
CA ASP A 1184 -7.19 -92.91 52.36
C ASP A 1184 -5.79 -92.54 51.88
N THR A 1185 -5.05 -93.52 51.34
CA THR A 1185 -3.67 -93.27 50.92
C THR A 1185 -3.58 -92.32 49.74
N ASN A 1186 -4.68 -92.09 49.01
CA ASN A 1186 -4.64 -91.18 47.88
C ASN A 1186 -4.48 -89.72 48.32
N ARG A 1187 -5.05 -89.36 49.47
CA ARG A 1187 -4.98 -88.01 49.97
C ARG A 1187 -3.90 -87.82 51.04
N PHE A 1188 -3.63 -88.85 51.84
CA PHE A 1188 -2.68 -88.76 52.93
C PHE A 1188 -1.51 -89.70 52.68
N ASP A 1189 -0.35 -89.34 53.25
CA ASP A 1189 0.84 -90.16 53.06
C ASP A 1189 0.67 -91.55 53.68
N ASP A 1190 -0.07 -91.65 54.78
CA ASP A 1190 -0.32 -92.93 55.43
C ASP A 1190 -1.80 -93.06 55.76
N GLY A 1191 -2.25 -94.30 55.86
CA GLY A 1191 -3.64 -94.54 56.19
C GLY A 1191 -3.94 -94.21 57.64
N ALA A 1192 -5.20 -93.87 57.90
CA ALA A 1192 -5.62 -93.54 59.25
C ALA A 1192 -5.60 -94.78 60.13
N ALA A 1193 -5.42 -94.55 61.43
CA ALA A 1193 -5.41 -95.65 62.38
C ALA A 1193 -6.78 -96.32 62.42
N SER A 1194 -6.78 -97.63 62.66
CA SER A 1194 -8.04 -98.38 62.72
C SER A 1194 -8.94 -97.81 63.80
N GLY A 1195 -10.21 -97.57 63.44
CA GLY A 1195 -11.14 -96.95 64.34
C GLY A 1195 -11.08 -95.44 64.39
N GLN A 1196 -10.24 -94.81 63.57
CA GLN A 1196 -10.10 -93.36 63.55
C GLN A 1196 -10.11 -92.87 62.12
N GLU A 1197 -10.54 -91.62 61.94
CA GLU A 1197 -10.61 -90.99 60.63
C GLU A 1197 -10.07 -89.57 60.71
N TYR A 1198 -9.48 -89.12 59.61
CA TYR A 1198 -8.96 -87.76 59.55
C TYR A 1198 -10.10 -86.76 59.46
N CYS A 1199 -10.06 -85.73 60.32
CA CYS A 1199 -11.13 -84.75 60.41
C CYS A 1199 -10.66 -83.60 61.29
N ILE A 1200 -11.50 -82.57 61.37
CA ILE A 1200 -11.24 -81.39 62.20
C ILE A 1200 -12.40 -81.26 63.18
N LEU A 1201 -12.06 -81.08 64.45
CA LEU A 1201 -13.04 -80.92 65.52
C LEU A 1201 -13.10 -79.47 65.97
N GLN A 1202 -14.10 -79.18 66.81
CA GLN A 1202 -14.21 -77.84 67.39
C GLN A 1202 -13.07 -77.59 68.36
N GLY A 1203 -12.52 -76.38 68.33
CA GLY A 1203 -11.42 -76.01 69.18
C GLY A 1203 -10.05 -76.29 68.61
N ASP A 1204 -9.95 -76.92 67.44
CA ASP A 1204 -8.67 -77.19 66.83
C ASP A 1204 -7.99 -75.89 66.42
N ILE A 1205 -6.66 -75.88 66.50
CA ILE A 1205 -5.87 -74.68 66.24
C ILE A 1205 -5.28 -74.79 64.84
N LEU A 1206 -5.54 -73.76 64.03
CA LEU A 1206 -4.99 -73.65 62.68
C LEU A 1206 -3.82 -72.68 62.72
N GLN A 1207 -2.65 -73.15 62.27
CA GLN A 1207 -1.43 -72.37 62.35
C GLN A 1207 -0.72 -72.36 61.01
N VAL A 1208 -0.01 -71.26 60.76
CA VAL A 1208 0.75 -71.07 59.53
C VAL A 1208 2.22 -70.87 59.89
N GLU A 1209 3.10 -71.61 59.23
CA GLU A 1209 4.54 -71.55 59.47
C GLU A 1209 5.24 -70.93 58.27
N TYR A 1210 6.03 -69.90 58.51
CA TYR A 1210 6.83 -69.25 57.47
C TYR A 1210 8.26 -69.14 57.97
N THR A 1211 9.20 -69.58 57.14
CA THR A 1211 10.62 -69.53 57.47
C THR A 1211 11.25 -68.39 56.67
N ASP A 1212 11.59 -67.31 57.36
CA ASP A 1212 12.20 -66.16 56.69
C ASP A 1212 13.64 -66.49 56.31
N PRO A 1213 14.00 -66.46 55.03
CA PRO A 1213 15.41 -66.70 54.66
C PRO A 1213 16.36 -65.65 55.19
N ALA A 1214 15.88 -64.45 55.52
CA ALA A 1214 16.74 -63.39 56.01
C ALA A 1214 15.90 -62.45 56.87
N ASP A 1215 16.12 -62.48 58.18
CA ASP A 1215 15.48 -61.54 59.09
C ASP A 1215 16.32 -60.26 59.13
N ALA A 1216 16.05 -59.39 60.11
CA ALA A 1216 16.88 -58.21 60.28
C ALA A 1216 18.34 -58.55 60.54
N SER A 1217 18.61 -59.77 60.99
CA SER A 1217 19.98 -60.25 61.19
C SER A 1217 20.49 -61.04 59.99
N GLY A 1218 19.69 -61.19 58.94
CA GLY A 1218 20.12 -61.89 57.75
C GLY A 1218 20.41 -63.37 57.94
N ASP A 1219 19.51 -64.07 58.61
CA ASP A 1219 19.68 -65.50 58.85
C ASP A 1219 18.31 -66.17 58.73
N ALA A 1220 18.23 -67.43 59.13
CA ALA A 1220 16.96 -68.14 59.15
C ALA A 1220 16.14 -67.71 60.36
N ASN A 1221 14.83 -67.56 60.16
CA ASN A 1221 13.94 -67.16 61.24
C ASN A 1221 12.56 -67.75 60.97
N THR A 1222 11.90 -68.21 62.04
CA THR A 1222 10.59 -68.83 61.94
C THR A 1222 9.57 -67.95 62.65
N VAL A 1223 8.48 -67.63 61.94
CA VAL A 1223 7.38 -66.84 62.49
C VAL A 1223 6.10 -67.65 62.34
N THR A 1224 5.19 -67.47 63.30
CA THR A 1224 3.96 -68.25 63.34
C THR A 1224 2.77 -67.35 63.62
N ASP A 1225 1.64 -67.72 63.02
CA ASP A 1225 0.34 -67.13 63.35
C ASP A 1225 -0.66 -68.28 63.52
N SER A 1226 -1.59 -68.10 64.45
CA SER A 1226 -2.49 -69.18 64.84
C SER A 1226 -3.94 -68.72 64.76
N ALA A 1227 -4.81 -69.66 64.40
CA ALA A 1227 -6.25 -69.46 64.40
C ALA A 1227 -6.90 -70.69 65.01
N THR A 1228 -8.10 -70.51 65.57
CA THR A 1228 -8.80 -71.56 66.28
C THR A 1228 -10.10 -71.88 65.57
N PHE A 1229 -10.32 -73.16 65.28
CA PHE A 1229 -11.61 -73.60 64.74
C PHE A 1229 -12.69 -73.49 65.79
N ASP A 1230 -13.89 -73.12 65.37
CA ASP A 1230 -14.99 -72.95 66.30
C ASP A 1230 -16.31 -73.11 65.57
N LEU A 1231 -17.36 -73.40 66.33
CA LEU A 1231 -18.72 -73.50 65.83
C LEU A 1231 -19.64 -72.73 66.76
N ARG A 1232 -20.52 -71.92 66.18
CA ARG A 1232 -21.40 -71.04 66.93
C ARG A 1232 -22.85 -71.31 66.55
N ASN A 1233 -23.75 -70.97 67.47
CA ASN A 1233 -25.17 -71.14 67.24
C ASN A 1233 -25.69 -70.11 66.24
N GLY A 1234 -26.82 -70.43 65.63
CA GLY A 1234 -27.49 -69.55 64.68
C GLY A 1234 -28.75 -68.96 65.29
N VAL A 1235 -28.98 -67.69 65.01
CA VAL A 1235 -30.14 -66.96 65.56
C VAL A 1235 -30.72 -66.08 64.46
N LEU A 1236 -32.03 -66.11 64.32
CA LEU A 1236 -32.74 -65.27 63.36
C LEU A 1236 -33.06 -63.91 63.98
N GLN A 1237 -33.37 -62.96 63.10
CA GLN A 1237 -33.76 -61.63 63.55
C GLN A 1237 -34.61 -60.97 62.46
N SER A 1238 -35.49 -60.08 62.90
CA SER A 1238 -36.35 -59.33 61.99
C SER A 1238 -36.41 -57.88 62.44
N ASP A 1239 -36.67 -56.98 61.49
CA ASP A 1239 -36.73 -55.56 61.80
C ASP A 1239 -37.91 -55.20 62.68
N LYS A 1240 -38.96 -56.01 62.70
CA LYS A 1240 -40.11 -55.76 63.56
C LYS A 1240 -40.81 -57.09 63.82
N SER A 1241 -41.79 -57.04 64.72
CA SER A 1241 -42.50 -58.25 65.13
C SER A 1241 -43.74 -58.52 64.29
N VAL A 1242 -44.57 -57.51 64.07
CA VAL A 1242 -45.81 -57.67 63.32
C VAL A 1242 -45.56 -57.27 61.87
N TYR A 1243 -46.31 -57.90 60.96
CA TYR A 1243 -46.17 -57.65 59.54
C TYR A 1243 -47.54 -57.70 58.87
N ILE A 1244 -47.77 -56.78 57.95
CA ILE A 1244 -48.96 -56.80 57.11
C ILE A 1244 -48.76 -57.85 56.03
N ILE A 1245 -49.81 -58.63 55.76
CA ILE A 1245 -49.73 -59.66 54.72
C ILE A 1245 -49.40 -58.99 53.39
N GLY A 1246 -48.38 -59.50 52.71
CA GLY A 1246 -47.92 -58.92 51.46
C GLY A 1246 -46.84 -57.87 51.59
N SER A 1247 -46.45 -57.51 52.81
CA SER A 1247 -45.39 -56.53 53.00
C SER A 1247 -44.03 -57.19 52.82
N ASP A 1248 -42.97 -56.39 53.01
CA ASP A 1248 -41.61 -56.86 52.85
C ASP A 1248 -41.04 -57.28 54.20
N MET A 1249 -40.59 -58.53 54.29
CA MET A 1249 -39.98 -59.07 55.50
C MET A 1249 -38.46 -59.06 55.32
N ILE A 1250 -37.77 -58.29 56.16
CA ILE A 1250 -36.31 -58.23 56.14
C ILE A 1250 -35.82 -59.32 57.08
N LEU A 1251 -35.71 -60.54 56.56
CA LEU A 1251 -35.30 -61.70 57.34
C LEU A 1251 -33.78 -61.68 57.44
N THR A 1252 -33.27 -61.46 58.64
CA THR A 1252 -31.84 -61.34 58.91
C THR A 1252 -31.36 -62.54 59.70
N LEU A 1253 -30.33 -63.21 59.20
CA LEU A 1253 -29.71 -64.34 59.88
C LEU A 1253 -28.30 -63.94 60.30
N ILE A 1254 -28.03 -64.00 61.60
CA ILE A 1254 -26.70 -63.69 62.11
C ILE A 1254 -26.10 -64.95 62.71
N GLU A 1255 -25.07 -65.48 62.07
CA GLU A 1255 -24.44 -66.72 62.52
C GLU A 1255 -23.04 -66.82 61.91
N PRO A 1256 -22.01 -66.96 62.74
CA PRO A 1256 -20.64 -66.77 62.24
C PRO A 1256 -20.13 -67.87 61.31
N ASP A 1257 -20.53 -69.12 61.54
CA ASP A 1257 -19.86 -70.25 60.88
C ASP A 1257 -20.18 -70.37 59.40
N PHE A 1258 -21.13 -69.60 58.87
CA PHE A 1258 -21.37 -69.63 57.44
C PHE A 1258 -20.43 -68.70 56.65
N ASP A 1259 -19.63 -67.89 57.33
CA ASP A 1259 -18.66 -67.03 56.67
C ASP A 1259 -17.39 -67.84 56.36
N LEU A 1260 -17.48 -68.62 55.29
CA LEU A 1260 -16.38 -69.51 54.94
C LEU A 1260 -15.21 -68.76 54.34
N ASP A 1261 -15.47 -67.76 53.51
CA ASP A 1261 -14.42 -66.99 52.84
C ASP A 1261 -14.58 -65.53 53.25
N ASN A 1262 -13.51 -64.93 53.77
CA ASN A 1262 -13.57 -63.53 54.20
C ASN A 1262 -13.42 -62.57 53.03
N ASP A 1263 -12.92 -63.03 51.89
CA ASP A 1263 -12.70 -62.15 50.74
C ASP A 1263 -13.92 -61.99 49.84
N SER A 1264 -14.95 -62.79 50.04
CA SER A 1264 -16.14 -62.74 49.19
C SER A 1264 -17.37 -63.04 50.05
N ALA A 1265 -18.53 -62.66 49.51
CA ALA A 1265 -19.82 -62.92 50.15
C ALA A 1265 -20.46 -64.12 49.49
N GLU A 1266 -20.64 -65.19 50.25
CA GLU A 1266 -21.23 -66.42 49.75
C GLU A 1266 -22.75 -66.36 49.83
N THR A 1267 -23.39 -67.31 49.15
CA THR A 1267 -24.83 -67.46 49.21
C THR A 1267 -25.19 -68.88 49.63
N TYR A 1268 -26.28 -69.01 50.36
CA TYR A 1268 -26.74 -70.29 50.88
C TYR A 1268 -28.24 -70.41 50.67
N ASP A 1269 -28.70 -71.64 50.45
CA ASP A 1269 -30.08 -71.88 50.08
C ASP A 1269 -31.03 -71.38 51.14
N LEU A 1270 -32.11 -70.72 50.71
CA LEU A 1270 -33.17 -70.31 51.61
C LEU A 1270 -33.90 -71.50 52.22
N ASP A 1271 -33.74 -72.69 51.63
CA ASP A 1271 -34.42 -73.88 52.15
C ASP A 1271 -34.04 -74.19 53.59
N LEU A 1272 -32.89 -73.68 54.06
CA LEU A 1272 -32.53 -73.86 55.45
C LEU A 1272 -33.61 -73.34 56.40
N ILE A 1273 -34.31 -72.27 56.01
CA ILE A 1273 -35.44 -71.77 56.78
C ILE A 1273 -36.70 -72.48 56.31
N GLU A 1274 -37.66 -72.63 57.20
CA GLU A 1274 -38.91 -73.32 56.93
C GLU A 1274 -40.10 -72.48 57.37
N TRP A 1275 -41.19 -72.59 56.62
CA TRP A 1275 -42.44 -71.95 56.99
C TRP A 1275 -43.24 -72.89 57.87
N ASP A 1276 -43.66 -72.41 59.05
CA ASP A 1276 -44.45 -73.21 59.98
C ASP A 1276 -45.60 -72.33 60.42
N SER A 1277 -46.81 -72.67 59.97
CA SER A 1277 -48.01 -71.92 60.31
C SER A 1277 -49.21 -72.83 60.07
N ASP A 1278 -50.41 -72.31 60.33
CA ASP A 1278 -51.62 -73.10 60.11
C ASP A 1278 -51.89 -73.31 58.62
N ALA A 1279 -51.41 -72.40 57.76
CA ALA A 1279 -51.65 -72.54 56.33
C ALA A 1279 -50.98 -73.79 55.77
N ALA A 1280 -49.68 -73.95 56.03
CA ALA A 1280 -48.92 -75.09 55.52
C ALA A 1280 -47.56 -75.09 56.19
N THR A 1281 -46.83 -76.19 56.00
CA THR A 1281 -45.46 -76.33 56.46
C THR A 1281 -44.58 -76.67 55.26
N THR A 1282 -43.70 -75.74 54.89
CA THR A 1282 -42.86 -75.91 53.72
C THR A 1282 -41.56 -75.15 53.94
N THR A 1283 -40.53 -75.56 53.19
CA THR A 1283 -39.20 -74.98 53.28
C THR A 1283 -39.06 -73.69 52.51
N MET A 1284 -40.14 -73.22 51.86
CA MET A 1284 -40.19 -71.94 51.17
C MET A 1284 -39.21 -71.84 50.00
N GLY A 1285 -38.49 -72.92 49.72
CA GLY A 1285 -37.53 -72.95 48.63
C GLY A 1285 -37.99 -73.80 47.47
N ASN A 1286 -37.04 -74.18 46.62
CA ASN A 1286 -37.34 -75.03 45.49
C ASN A 1286 -37.73 -76.44 45.91
N LYS A 1287 -37.38 -76.85 47.13
CA LYS A 1287 -37.72 -78.16 47.65
C LYS A 1287 -39.05 -78.19 48.38
N GLY A 1288 -39.77 -77.07 48.42
CA GLY A 1288 -41.04 -76.99 49.11
C GLY A 1288 -42.19 -77.51 48.27
N VAL A 1289 -43.40 -77.22 48.75
CA VAL A 1289 -44.62 -77.66 48.07
C VAL A 1289 -44.80 -76.87 46.79
N THR A 1290 -45.71 -77.33 45.93
CA THR A 1290 -45.95 -76.66 44.66
C THR A 1290 -46.51 -75.26 44.88
N GLY A 1291 -45.92 -74.27 44.20
CA GLY A 1291 -46.35 -72.90 44.31
C GLY A 1291 -45.85 -72.16 45.52
N ALA A 1292 -44.99 -72.77 46.34
CA ALA A 1292 -44.54 -72.14 47.57
C ALA A 1292 -43.57 -71.00 47.30
N ALA A 1293 -42.44 -71.30 46.64
CA ALA A 1293 -41.37 -70.32 46.49
C ALA A 1293 -41.85 -69.08 45.76
N ALA A 1294 -42.85 -69.24 44.87
CA ALA A 1294 -43.40 -68.10 44.17
C ALA A 1294 -44.14 -67.16 45.12
N ALA A 1295 -44.71 -67.70 46.19
CA ALA A 1295 -45.52 -66.91 47.11
C ALA A 1295 -44.69 -65.86 47.85
N PHE A 1296 -43.46 -66.19 48.22
CA PHE A 1296 -42.58 -65.24 48.89
C PHE A 1296 -41.79 -64.35 47.93
N ASP A 1297 -41.45 -64.85 46.74
CA ASP A 1297 -40.68 -64.11 45.75
C ASP A 1297 -39.42 -63.52 46.37
N PRO A 1298 -38.44 -64.36 46.74
CA PRO A 1298 -37.26 -63.85 47.43
C PRO A 1298 -36.43 -62.94 46.54
N GLU A 1299 -35.88 -61.89 47.15
CA GLU A 1299 -34.98 -60.96 46.47
C GLU A 1299 -33.86 -60.60 47.43
N PRO A 1300 -32.70 -61.28 47.34
CA PRO A 1300 -32.29 -62.29 46.36
C PRO A 1300 -32.98 -63.63 46.56
N THR A 1301 -32.79 -64.57 45.63
CA THR A 1301 -33.49 -65.85 45.70
C THR A 1301 -33.04 -66.71 46.87
N ASP A 1302 -31.92 -66.38 47.50
CA ASP A 1302 -31.41 -67.16 48.61
C ASP A 1302 -30.77 -66.24 49.65
N PHE A 1303 -30.37 -66.83 50.77
CA PHE A 1303 -29.69 -66.08 51.81
C PHE A 1303 -28.40 -65.49 51.26
N ARG A 1304 -28.20 -64.21 51.49
CA ARG A 1304 -27.02 -63.52 50.96
C ARG A 1304 -26.31 -62.81 52.10
N GLU A 1305 -24.99 -62.95 52.16
CA GLU A 1305 -24.23 -62.34 53.24
C GLU A 1305 -24.08 -60.86 53.00
N THR A 1306 -24.16 -60.08 54.08
CA THR A 1306 -24.16 -58.62 53.95
C THR A 1306 -22.83 -58.11 53.41
N GLY A 1307 -21.73 -58.55 53.99
CA GLY A 1307 -20.42 -58.11 53.54
C GLY A 1307 -19.41 -59.25 53.61
N ASP A 1308 -18.34 -59.12 52.82
CA ASP A 1308 -17.40 -60.22 52.63
C ASP A 1308 -16.80 -60.68 53.96
N SER A 1309 -16.69 -59.79 54.95
CA SER A 1309 -16.13 -60.14 56.25
C SER A 1309 -17.09 -59.76 57.37
N THR A 1310 -18.37 -60.06 57.20
CA THR A 1310 -19.38 -59.74 58.20
C THR A 1310 -20.01 -60.96 58.85
N GLY A 1311 -20.40 -61.97 58.07
CA GLY A 1311 -21.04 -63.15 58.61
C GLY A 1311 -22.53 -63.04 58.82
N ILE A 1312 -23.14 -61.91 58.48
CA ILE A 1312 -24.57 -61.69 58.66
C ILE A 1312 -25.25 -61.84 57.31
N PHE A 1313 -26.31 -62.65 57.26
CA PHE A 1313 -27.03 -62.95 56.03
C PHE A 1313 -28.42 -62.33 56.10
N GLN A 1314 -28.80 -61.64 55.02
CA GLN A 1314 -30.09 -60.98 54.93
C GLN A 1314 -30.75 -61.31 53.60
N ILE A 1315 -32.08 -61.23 53.59
CA ILE A 1315 -32.86 -61.52 52.40
C ILE A 1315 -34.23 -60.86 52.56
N VAL A 1316 -34.79 -60.40 51.45
CA VAL A 1316 -36.10 -59.73 51.44
C VAL A 1316 -37.15 -60.77 51.06
N ILE A 1317 -38.12 -60.97 51.94
CA ILE A 1317 -39.18 -61.94 51.77
C ILE A 1317 -40.52 -61.22 51.81
N GLU A 1318 -41.43 -61.60 50.90
CA GLU A 1318 -42.78 -61.07 50.91
C GLU A 1318 -43.71 -62.04 51.62
N ILE A 1319 -44.55 -61.50 52.51
CA ILE A 1319 -45.48 -62.32 53.28
C ILE A 1319 -46.56 -62.85 52.34
N PRO A 1320 -46.71 -64.17 52.22
CA PRO A 1320 -47.68 -64.71 51.26
C PRO A 1320 -49.11 -64.52 51.75
N GLU A 1321 -49.99 -64.18 50.80
CA GLU A 1321 -51.41 -64.18 51.09
C GLU A 1321 -52.01 -65.59 51.09
N SER A 1322 -51.33 -66.54 50.46
CA SER A 1322 -51.78 -67.92 50.42
C SER A 1322 -50.55 -68.81 50.24
N LEU A 1323 -50.43 -69.85 51.07
CA LEU A 1323 -49.27 -70.73 51.03
C LEU A 1323 -49.45 -71.84 49.98
N SER A 1324 -50.48 -72.67 50.16
CA SER A 1324 -50.73 -73.76 49.21
C SER A 1324 -52.21 -74.11 49.28
N ASN A 1325 -52.98 -73.64 48.32
CA ASN A 1325 -54.41 -73.90 48.17
C ASN A 1325 -55.24 -73.37 49.33
N ASP A 1326 -54.67 -72.56 50.21
CA ASP A 1326 -55.42 -71.97 51.30
C ASP A 1326 -54.78 -70.63 51.69
N LYS A 1327 -55.60 -69.75 52.25
CA LYS A 1327 -55.16 -68.41 52.58
C LYS A 1327 -54.44 -68.40 53.94
N LEU A 1328 -53.78 -67.28 54.21
CA LEU A 1328 -53.14 -67.03 55.50
C LEU A 1328 -53.99 -66.06 56.29
N GLU A 1329 -54.26 -66.39 57.55
CA GLU A 1329 -55.26 -65.69 58.35
C GLU A 1329 -54.62 -64.62 59.22
N ARG A 1330 -55.46 -63.67 59.64
CA ARG A 1330 -55.00 -62.59 60.51
C ARG A 1330 -54.78 -63.12 61.92
N GLY A 1331 -53.72 -62.64 62.56
CA GLY A 1331 -53.37 -63.13 63.88
C GLY A 1331 -52.77 -64.51 63.89
N GLU A 1332 -52.42 -65.05 62.73
CA GLU A 1332 -51.85 -66.39 62.66
C GLU A 1332 -50.44 -66.41 63.25
N GLU A 1333 -50.12 -67.53 63.90
CA GLU A 1333 -48.80 -67.71 64.49
C GLU A 1333 -47.83 -68.14 63.39
N ILE A 1334 -46.80 -67.34 63.15
CA ILE A 1334 -45.80 -67.60 62.12
C ILE A 1334 -44.52 -68.04 62.83
N ILE A 1335 -44.06 -69.24 62.51
CA ILE A 1335 -42.85 -69.81 63.10
C ILE A 1335 -41.83 -70.00 62.00
N LEU A 1336 -40.66 -69.39 62.16
CA LEU A 1336 -39.54 -69.52 61.23
C LEU A 1336 -38.42 -70.25 61.95
N GLU A 1337 -38.32 -71.56 61.71
CA GLU A 1337 -37.34 -72.41 62.36
C GLU A 1337 -36.35 -72.96 61.35
N TYR A 1338 -35.08 -72.94 61.72
CA TYR A 1338 -34.00 -73.48 60.90
C TYR A 1338 -33.05 -74.28 61.78
N THR A 1339 -32.48 -75.34 61.21
CA THR A 1339 -31.57 -76.22 61.92
C THR A 1339 -30.13 -75.82 61.62
N ASP A 1340 -29.34 -75.58 62.67
CA ASP A 1340 -27.98 -75.08 62.49
C ASP A 1340 -27.04 -76.19 62.03
N TRP A 1341 -27.19 -77.40 62.56
CA TRP A 1341 -26.31 -78.54 62.33
C TRP A 1341 -24.93 -78.31 62.92
N GLY A 1342 -24.68 -77.11 63.45
CA GLY A 1342 -23.39 -76.75 63.97
C GLY A 1342 -23.41 -75.97 65.28
N PRO A 1343 -24.33 -76.31 66.23
CA PRO A 1343 -24.46 -75.46 67.43
C PRO A 1343 -23.21 -75.43 68.29
N SER A 1344 -23.24 -74.61 69.35
CA SER A 1344 -22.07 -74.45 70.20
C SER A 1344 -21.68 -75.76 70.87
N GLY A 1345 -22.65 -76.61 71.19
CA GLY A 1345 -22.37 -77.89 71.80
C GLY A 1345 -21.95 -78.99 70.85
N SER A 1346 -21.87 -78.69 69.55
CA SER A 1346 -21.49 -79.68 68.55
C SER A 1346 -19.98 -79.71 68.39
N ASP A 1347 -19.40 -80.90 68.51
CA ASP A 1347 -17.96 -81.06 68.28
C ASP A 1347 -17.60 -80.85 66.83
N TYR A 1348 -18.49 -81.19 65.91
CA TYR A 1348 -18.28 -80.97 64.49
C TYR A 1348 -19.63 -80.87 63.81
N VAL A 1349 -19.60 -80.57 62.51
CA VAL A 1349 -20.83 -80.37 61.75
C VAL A 1349 -21.58 -81.69 61.63
N GLY A 1350 -22.87 -81.67 61.94
CA GLY A 1350 -23.70 -82.85 61.88
C GLY A 1350 -23.73 -83.69 63.13
N ASP A 1351 -23.12 -83.23 64.22
CA ASP A 1351 -23.13 -83.97 65.48
C ASP A 1351 -24.42 -83.71 66.26
N GLU A 1352 -24.74 -82.44 66.51
CA GLU A 1352 -25.93 -82.05 67.24
C GLU A 1352 -26.91 -81.41 66.28
N ASP A 1353 -28.19 -81.74 66.43
CA ASP A 1353 -29.25 -81.31 65.52
C ASP A 1353 -30.18 -80.29 66.17
N GLU A 1354 -29.62 -79.36 66.94
CA GLU A 1354 -30.42 -78.35 67.62
C GLU A 1354 -31.10 -77.44 66.60
N ASP A 1355 -32.34 -77.07 66.91
CA ASP A 1355 -33.14 -76.20 66.06
C ASP A 1355 -33.45 -74.91 66.79
N VAL A 1356 -33.57 -73.82 66.02
CA VAL A 1356 -33.87 -72.49 66.56
C VAL A 1356 -35.00 -71.90 65.75
N ASN A 1357 -35.98 -71.32 66.44
CA ASN A 1357 -37.19 -70.79 65.80
C ASN A 1357 -37.40 -69.34 66.20
N LEU A 1358 -38.24 -68.65 65.41
CA LEU A 1358 -38.60 -67.27 65.68
C LEU A 1358 -40.10 -67.12 65.53
N THR A 1359 -40.68 -66.23 66.33
CA THR A 1359 -42.11 -65.97 66.33
C THR A 1359 -42.40 -64.67 65.59
N ILE A 1360 -43.36 -64.73 64.66
CA ILE A 1360 -43.74 -63.57 63.86
C ILE A 1360 -45.26 -63.42 63.91
N TYR A 1361 -45.72 -62.20 64.15
CA TYR A 1361 -47.14 -61.90 64.22
C TYR A 1361 -47.62 -61.25 62.94
N THR A 1362 -48.89 -61.46 62.59
CA THR A 1362 -49.53 -60.79 61.48
C THR A 1362 -50.38 -59.63 61.98
N SER A 1363 -50.62 -58.67 61.10
CA SER A 1363 -51.32 -57.45 61.50
C SER A 1363 -52.76 -57.75 61.91
N ASN A 1364 -53.19 -57.13 63.00
CA ASN A 1364 -54.56 -57.22 63.48
C ASN A 1364 -55.10 -55.82 63.73
N PHE A 1365 -56.22 -55.50 63.10
CA PHE A 1365 -56.86 -54.20 63.28
C PHE A 1365 -58.37 -54.38 63.19
N GLY A 1366 -59.10 -53.44 63.78
CA GLY A 1366 -60.55 -53.50 63.79
C GLY A 1366 -61.17 -53.30 62.42
N ALA A 1367 -61.84 -54.34 61.92
CA ALA A 1367 -62.50 -54.27 60.62
C ALA A 1367 -63.93 -53.74 60.77
N THR A 1368 -64.01 -52.51 61.26
CA THR A 1368 -65.30 -51.88 61.50
C THR A 1368 -66.01 -51.57 60.18
N VAL A 1369 -67.32 -51.76 60.16
CA VAL A 1369 -68.16 -51.50 59.00
C VAL A 1369 -69.19 -50.45 59.38
N GLU A 1370 -69.32 -49.41 58.57
CA GLU A 1370 -70.24 -48.32 58.84
C GLU A 1370 -71.11 -48.05 57.62
N LEU A 1371 -72.29 -47.49 57.87
CA LEU A 1371 -73.21 -47.09 56.83
C LEU A 1371 -73.44 -45.59 56.88
N ASP A 1372 -73.85 -45.02 55.74
CA ASP A 1372 -74.07 -43.58 55.68
C ASP A 1372 -75.21 -43.16 56.62
N GLN A 1373 -76.30 -43.93 56.64
CA GLN A 1373 -77.43 -43.64 57.49
C GLN A 1373 -77.86 -44.90 58.24
N LYS A 1374 -78.36 -44.71 59.46
CA LYS A 1374 -78.86 -45.84 60.22
C LYS A 1374 -80.24 -46.29 59.75
N VAL A 1375 -81.04 -45.37 59.22
CA VAL A 1375 -82.39 -45.65 58.76
C VAL A 1375 -82.49 -45.25 57.29
N TYR A 1376 -83.06 -46.14 56.48
CA TYR A 1376 -83.22 -45.92 55.06
C TYR A 1376 -84.66 -46.20 54.65
N SER A 1377 -85.05 -45.60 53.52
CA SER A 1377 -86.32 -45.92 52.87
C SER A 1377 -86.05 -46.82 51.67
N TRP A 1378 -87.13 -47.21 50.99
CA TRP A 1378 -86.96 -48.01 49.78
C TRP A 1378 -86.59 -47.11 48.60
N THR A 1379 -86.06 -47.75 47.55
CA THR A 1379 -85.51 -47.05 46.39
C THR A 1379 -84.44 -46.04 46.83
N ASP A 1380 -83.55 -46.50 47.71
CA ASP A 1380 -82.49 -45.67 48.27
C ASP A 1380 -81.15 -46.37 48.09
N LYS A 1381 -80.09 -45.56 48.08
CA LYS A 1381 -78.72 -46.05 47.89
C LYS A 1381 -77.95 -45.89 49.20
N VAL A 1382 -77.21 -46.92 49.58
CA VAL A 1382 -76.43 -46.93 50.80
C VAL A 1382 -74.95 -47.07 50.44
N TYR A 1383 -74.11 -46.22 51.04
CA TYR A 1383 -72.67 -46.27 50.85
C TYR A 1383 -72.07 -47.12 51.97
N ILE A 1384 -71.42 -48.21 51.59
CA ILE A 1384 -70.81 -49.12 52.55
C ILE A 1384 -69.32 -48.83 52.62
N THR A 1385 -68.82 -48.54 53.82
CA THR A 1385 -67.41 -48.28 54.05
C THR A 1385 -66.85 -49.29 55.04
N ILE A 1386 -65.63 -49.76 54.78
CA ILE A 1386 -64.97 -50.74 55.62
C ILE A 1386 -63.54 -50.28 55.86
N VAL A 1387 -63.14 -50.23 57.13
CA VAL A 1387 -61.78 -49.87 57.51
C VAL A 1387 -61.07 -51.17 57.88
N ALA A 1388 -60.31 -51.72 56.94
CA ALA A 1388 -59.62 -52.99 57.13
C ALA A 1388 -58.16 -52.83 56.74
N PRO A 1389 -57.33 -52.31 57.65
CA PRO A 1389 -55.90 -52.19 57.35
C PRO A 1389 -55.20 -53.52 57.12
N ASP A 1390 -55.76 -54.62 57.62
CA ASP A 1390 -55.14 -55.93 57.43
C ASP A 1390 -55.15 -56.36 55.98
N HIS A 1391 -56.14 -55.94 55.21
CA HIS A 1391 -56.30 -56.38 53.82
C HIS A 1391 -55.56 -55.48 52.84
N ASN A 1392 -54.84 -54.46 53.32
CA ASN A 1392 -54.00 -53.63 52.45
C ASN A 1392 -52.74 -54.41 52.11
N PHE A 1393 -52.90 -55.39 51.22
CA PHE A 1393 -51.82 -56.33 50.93
C PHE A 1393 -50.65 -55.63 50.23
N ASP A 1394 -50.94 -54.76 49.28
CA ASP A 1394 -49.90 -54.08 48.51
C ASP A 1394 -50.14 -52.58 48.53
N SER A 1395 -49.07 -51.81 48.72
CA SER A 1395 -49.20 -50.36 48.81
C SER A 1395 -49.51 -49.73 47.46
N ASP A 1396 -49.00 -50.31 46.36
CA ASP A 1396 -49.21 -49.78 45.03
C ASP A 1396 -50.37 -50.45 44.30
N LEU A 1397 -51.09 -51.35 44.96
CA LEU A 1397 -52.23 -52.03 44.38
C LEU A 1397 -53.47 -51.74 45.21
N VAL A 1398 -54.55 -51.32 44.56
CA VAL A 1398 -55.82 -51.12 45.25
C VAL A 1398 -56.39 -52.49 45.60
N ASP A 1399 -56.36 -52.83 46.88
CA ASP A 1399 -56.79 -54.14 47.32
C ASP A 1399 -58.31 -54.27 47.27
N GLU A 1400 -58.78 -55.51 47.22
CA GLU A 1400 -60.20 -55.81 47.12
C GLU A 1400 -60.57 -56.90 48.12
N ILE A 1401 -61.84 -56.88 48.55
CA ILE A 1401 -62.37 -57.88 49.46
C ILE A 1401 -63.75 -58.31 48.95
N GLY A 1402 -64.16 -59.51 49.36
CA GLY A 1402 -65.44 -60.04 48.95
C GLY A 1402 -65.45 -60.73 47.60
N GLU A 1403 -64.30 -60.83 46.93
CA GLU A 1403 -64.28 -61.40 45.58
C GLU A 1403 -64.43 -62.92 45.61
N THR A 1404 -63.73 -63.58 46.51
CA THR A 1404 -63.66 -65.04 46.55
C THR A 1404 -64.49 -65.60 47.69
N ASP A 1405 -64.73 -66.92 47.62
CA ASP A 1405 -65.48 -67.58 48.68
C ASP A 1405 -64.67 -67.69 49.97
N SER A 1406 -63.34 -67.72 49.87
CA SER A 1406 -62.49 -67.72 51.05
C SER A 1406 -62.58 -66.41 51.83
N ASP A 1407 -62.82 -65.31 51.14
CA ASP A 1407 -63.01 -63.99 51.78
C ASP A 1407 -64.29 -63.38 51.25
N PRO A 1408 -65.44 -63.83 51.75
CA PRO A 1408 -66.73 -63.37 51.22
C PRO A 1408 -67.25 -62.11 51.89
N ILE A 1409 -68.01 -61.34 51.11
CA ILE A 1409 -68.80 -60.21 51.60
C ILE A 1409 -70.27 -60.57 51.39
N LYS A 1410 -71.05 -60.52 52.47
CA LYS A 1410 -72.43 -61.00 52.47
C LYS A 1410 -73.32 -59.83 52.83
N VAL A 1411 -73.99 -59.26 51.84
CA VAL A 1411 -75.03 -58.26 52.08
C VAL A 1411 -76.38 -58.95 52.01
N SER A 1412 -77.28 -58.55 52.90
CA SER A 1412 -78.53 -59.28 53.06
C SER A 1412 -79.59 -58.39 53.70
N THR A 1413 -80.84 -58.60 53.27
CA THR A 1413 -82.01 -58.06 53.93
C THR A 1413 -82.73 -59.19 54.67
N ARG A 1414 -83.92 -58.88 55.20
CA ARG A 1414 -84.75 -59.88 55.86
C ARG A 1414 -85.60 -60.60 54.82
N GLY A 1415 -84.93 -61.35 53.95
CA GLY A 1415 -85.59 -62.08 52.90
C GLY A 1415 -84.82 -62.15 51.60
N PHE A 1416 -83.88 -61.24 51.39
CA PHE A 1416 -83.07 -61.20 50.19
C PHE A 1416 -81.62 -60.96 50.56
N ASP A 1417 -80.71 -61.40 49.70
CA ASP A 1417 -79.28 -61.27 49.94
C ASP A 1417 -78.53 -61.33 48.62
N LEU A 1418 -77.31 -60.80 48.64
CA LEU A 1418 -76.39 -60.89 47.51
C LEU A 1418 -75.11 -61.58 47.96
N ASP A 1419 -74.58 -62.45 47.12
CA ASP A 1419 -73.39 -63.22 47.44
C ASP A 1419 -72.19 -62.74 46.64
N ASN A 1420 -71.01 -62.80 47.27
CA ASN A 1420 -69.73 -62.45 46.65
C ASN A 1420 -69.77 -61.05 46.07
N TYR A 1421 -69.89 -60.06 46.95
CA TYR A 1421 -69.93 -58.66 46.57
C TYR A 1421 -68.54 -58.06 46.77
N LYS A 1422 -67.92 -57.61 45.67
CA LYS A 1422 -66.59 -57.04 45.75
C LYS A 1422 -66.63 -55.66 46.38
N LEU A 1423 -65.59 -55.34 47.16
CA LEU A 1423 -65.39 -54.00 47.69
C LEU A 1423 -63.99 -53.55 47.34
N VAL A 1424 -63.84 -52.26 47.05
CA VAL A 1424 -62.61 -51.70 46.49
C VAL A 1424 -62.05 -50.66 47.45
N GLU A 1425 -60.72 -50.65 47.56
CA GLU A 1425 -60.03 -49.65 48.38
C GLU A 1425 -60.20 -48.27 47.77
N THR A 1426 -60.46 -47.28 48.64
CA THR A 1426 -60.61 -45.90 48.15
C THR A 1426 -59.29 -45.37 47.60
N GLY A 1427 -58.17 -45.72 48.25
CA GLY A 1427 -56.87 -45.30 47.77
C GLY A 1427 -55.96 -46.51 47.62
N THR A 1428 -54.81 -46.27 46.97
CA THR A 1428 -53.88 -47.36 46.73
C THR A 1428 -53.23 -47.85 48.02
N ASP A 1429 -53.05 -46.97 49.00
CA ASP A 1429 -52.42 -47.32 50.27
C ASP A 1429 -53.15 -46.68 51.43
N THR A 1430 -54.48 -46.75 51.42
CA THR A 1430 -55.29 -46.12 52.47
C THR A 1430 -55.82 -47.12 53.49
N GLY A 1431 -56.11 -48.35 53.08
CA GLY A 1431 -56.64 -49.34 54.01
C GLY A 1431 -58.13 -49.27 54.25
N ILE A 1432 -58.85 -48.46 53.49
CA ILE A 1432 -60.30 -48.30 53.64
C ILE A 1432 -60.97 -48.76 52.36
N PHE A 1433 -61.99 -49.60 52.49
CA PHE A 1433 -62.73 -50.13 51.36
C PHE A 1433 -64.10 -49.47 51.28
N THR A 1434 -64.50 -49.09 50.08
CA THR A 1434 -65.74 -48.35 49.87
C THR A 1434 -66.50 -48.91 48.68
N GLY A 1435 -67.81 -49.06 48.86
CA GLY A 1435 -68.71 -49.48 47.79
C GLY A 1435 -70.14 -49.18 48.19
N GLU A 1436 -71.01 -49.11 47.20
CA GLU A 1436 -72.41 -48.77 47.45
C GLU A 1436 -73.33 -49.76 46.75
N VAL A 1437 -74.47 -50.01 47.39
CA VAL A 1437 -75.53 -50.85 46.85
C VAL A 1437 -76.83 -50.04 46.89
N ILE A 1438 -77.64 -50.20 45.85
CA ILE A 1438 -78.93 -49.53 45.75
C ILE A 1438 -80.03 -50.55 46.03
N LEU A 1439 -80.96 -50.18 46.91
CA LEU A 1439 -82.08 -51.05 47.28
C LEU A 1439 -83.21 -50.80 46.29
N THR A 1440 -83.44 -51.78 45.40
CA THR A 1440 -84.41 -51.62 44.34
C THR A 1440 -85.86 -51.82 44.79
N GLY A 1441 -86.07 -52.30 46.02
CA GLY A 1441 -87.44 -52.48 46.48
C GLY A 1441 -88.13 -53.66 45.81
N PHE A 1442 -89.46 -53.64 45.87
CA PHE A 1442 -90.28 -54.68 45.28
C PHE A 1442 -91.34 -54.05 44.38
N THR A 1443 -91.65 -54.75 43.29
CA THR A 1443 -92.55 -54.23 42.28
C THR A 1443 -94.02 -54.43 42.59
N ALA A 1444 -94.36 -55.11 43.68
CA ALA A 1444 -95.75 -55.41 44.02
C ALA A 1444 -96.36 -54.33 44.93
N HIS A 1445 -96.28 -53.08 44.48
CA HIS A 1445 -96.85 -51.97 45.24
C HIS A 1445 -97.07 -50.78 44.31
N ASP A 1446 -98.20 -50.10 44.49
CA ASP A 1446 -98.52 -48.89 43.73
C ASP A 1446 -98.21 -47.68 44.62
N ALA A 1447 -96.91 -47.37 44.72
CA ALA A 1447 -96.47 -46.25 45.54
C ALA A 1447 -97.01 -44.93 45.01
N ASP A 1448 -96.99 -44.75 43.69
CA ASP A 1448 -97.49 -43.51 43.10
C ASP A 1448 -98.99 -43.37 43.24
N GLY A 1449 -99.72 -44.47 43.37
CA GLY A 1449 -101.15 -44.43 43.51
C GLY A 1449 -101.94 -44.28 42.22
N ASP A 1450 -101.27 -44.35 41.07
CA ASP A 1450 -101.96 -44.21 39.80
C ASP A 1450 -102.77 -45.44 39.43
N GLY A 1451 -102.55 -46.56 40.09
CA GLY A 1451 -103.30 -47.78 39.84
C GLY A 1451 -102.56 -48.89 39.12
N ASN A 1452 -101.25 -48.79 38.97
CA ASN A 1452 -100.47 -49.82 38.30
C ASN A 1452 -99.21 -50.12 39.11
N THR A 1453 -98.70 -51.33 38.93
CA THR A 1453 -97.48 -51.75 39.61
C THR A 1453 -96.26 -51.26 38.82
N GLY A 1454 -95.08 -51.77 39.18
CA GLY A 1454 -93.86 -51.40 38.48
C GLY A 1454 -93.24 -50.09 38.91
N ASP A 1455 -93.64 -49.53 40.06
CA ASP A 1455 -93.05 -48.29 40.54
C ASP A 1455 -91.58 -48.45 40.88
N ALA A 1456 -91.18 -49.63 41.36
CA ALA A 1456 -89.78 -49.92 41.67
C ALA A 1456 -89.37 -51.19 40.95
N THR A 1457 -88.24 -51.13 40.25
CA THR A 1457 -87.75 -52.26 39.47
C THR A 1457 -87.07 -53.26 40.41
N GLY A 1458 -87.89 -54.07 41.07
CA GLY A 1458 -87.40 -55.06 42.00
C GLY A 1458 -86.51 -56.11 41.33
N THR A 1459 -85.21 -56.05 41.61
CA THR A 1459 -84.26 -56.97 41.01
C THR A 1459 -83.04 -57.08 41.91
N THR A 1460 -82.64 -58.32 42.20
CA THR A 1460 -81.46 -58.61 43.01
C THR A 1460 -80.35 -59.09 42.09
N SER A 1461 -79.34 -58.25 41.87
CA SER A 1461 -78.26 -58.57 40.97
C SER A 1461 -77.06 -57.68 41.30
N GLY A 1462 -75.93 -58.00 40.69
CA GLY A 1462 -74.72 -57.22 40.88
C GLY A 1462 -73.68 -57.92 41.72
N SER A 1463 -72.44 -57.95 41.22
CA SER A 1463 -71.33 -58.56 41.94
C SER A 1463 -70.12 -57.66 42.09
N GLY A 1464 -70.06 -56.53 41.37
CA GLY A 1464 -68.96 -55.62 41.48
C GLY A 1464 -69.10 -54.68 42.66
N PRO A 1465 -68.21 -53.70 42.76
CA PRO A 1465 -68.27 -52.77 43.91
C PRO A 1465 -69.27 -51.64 43.74
N THR A 1466 -69.84 -51.45 42.56
CA THR A 1466 -70.66 -50.29 42.29
C THR A 1466 -72.01 -50.61 41.65
N ASP A 1467 -72.23 -51.84 41.19
CA ASP A 1467 -73.43 -52.20 40.46
C ASP A 1467 -74.36 -53.11 41.25
N GLY A 1468 -74.28 -53.08 42.58
CA GLY A 1468 -75.11 -53.95 43.40
C GLY A 1468 -76.56 -53.49 43.39
N LEU A 1469 -77.47 -54.43 43.14
CA LEU A 1469 -78.90 -54.18 43.18
C LEU A 1469 -79.55 -55.18 44.13
N LEU A 1470 -80.40 -54.68 45.03
CA LEU A 1470 -81.03 -55.51 46.04
C LEU A 1470 -82.51 -55.17 46.16
N ALA A 1471 -83.34 -56.20 46.28
CA ALA A 1471 -84.75 -56.00 46.57
C ALA A 1471 -84.97 -55.90 48.07
N THR A 1472 -85.88 -55.00 48.47
CA THR A 1472 -86.10 -54.73 49.88
C THR A 1472 -87.56 -54.36 50.10
N ASP A 1473 -88.19 -55.01 51.07
CA ASP A 1473 -89.56 -54.67 51.43
C ASP A 1473 -89.62 -53.32 52.13
N ASP A 1474 -90.83 -52.74 52.16
CA ASP A 1474 -91.00 -51.44 52.80
C ASP A 1474 -90.73 -51.49 54.30
N ASP A 1475 -90.77 -52.68 54.90
CA ASP A 1475 -90.42 -52.88 56.31
C ASP A 1475 -89.41 -54.02 56.35
N ASP A 1476 -88.12 -53.68 56.33
CA ASP A 1476 -87.06 -54.67 56.25
C ASP A 1476 -85.85 -54.14 57.01
N GLY A 1477 -84.75 -54.90 56.95
CA GLY A 1477 -83.52 -54.49 57.61
C GLY A 1477 -82.27 -54.92 56.86
N LEU A 1478 -81.36 -53.97 56.64
CA LEU A 1478 -80.13 -54.24 55.93
C LEU A 1478 -79.08 -54.85 56.86
N THR A 1479 -78.34 -55.82 56.34
CA THR A 1479 -77.28 -56.48 57.08
C THR A 1479 -76.06 -56.66 56.17
N VAL A 1480 -74.92 -56.15 56.61
CA VAL A 1480 -73.66 -56.29 55.89
C VAL A 1480 -72.68 -57.01 56.81
N SER A 1481 -72.12 -58.11 56.33
CA SER A 1481 -71.22 -58.95 57.11
C SER A 1481 -69.88 -59.07 56.41
N PHE A 1482 -68.79 -58.90 57.17
CA PHE A 1482 -67.43 -58.96 56.65
C PHE A 1482 -66.64 -59.99 57.43
N GLU A 1483 -65.80 -60.74 56.73
CA GLU A 1483 -64.97 -61.78 57.34
C GLU A 1483 -63.50 -61.40 57.22
N PHE A 1484 -62.80 -61.43 58.35
CA PHE A 1484 -61.36 -61.17 58.40
C PHE A 1484 -60.52 -62.42 58.62
N SER A 1485 -61.14 -63.50 59.11
CA SER A 1485 -60.47 -64.79 59.26
C SER A 1485 -61.55 -65.86 59.30
N GLU A 1486 -61.15 -67.10 59.01
CA GLU A 1486 -62.11 -68.18 58.95
C GLU A 1486 -62.83 -68.35 60.29
N ASP A 1487 -64.14 -68.60 60.22
CA ASP A 1487 -64.99 -68.76 61.39
C ASP A 1487 -65.08 -67.51 62.24
N GLU A 1488 -64.71 -66.36 61.68
CA GLU A 1488 -64.84 -65.07 62.35
C GLU A 1488 -65.44 -64.07 61.37
N THR A 1489 -66.47 -63.35 61.82
CA THR A 1489 -67.18 -62.44 60.94
C THR A 1489 -67.66 -61.23 61.73
N ILE A 1490 -67.43 -60.04 61.17
CA ILE A 1490 -67.94 -58.79 61.73
C ILE A 1490 -69.09 -58.31 60.86
N VAL A 1491 -70.17 -57.88 61.50
CA VAL A 1491 -71.43 -57.60 60.81
C VAL A 1491 -71.86 -56.17 61.09
N GLY A 1492 -72.65 -55.63 60.17
CA GLY A 1492 -73.28 -54.35 60.36
C GLY A 1492 -74.76 -54.45 60.06
N SER A 1493 -75.53 -53.55 60.68
CA SER A 1493 -76.98 -53.62 60.62
C SER A 1493 -77.57 -52.27 60.23
N ALA A 1494 -78.75 -52.32 59.63
CA ALA A 1494 -79.52 -51.14 59.27
C ALA A 1494 -80.99 -51.54 59.18
N LEU A 1495 -81.86 -50.54 59.19
CA LEU A 1495 -83.30 -50.76 59.18
C LEU A 1495 -83.95 -49.98 58.05
N ILE A 1496 -85.12 -50.45 57.62
CA ILE A 1496 -85.86 -49.86 56.52
C ILE A 1496 -87.24 -49.47 57.03
N ARG A 1497 -87.62 -48.21 56.83
CA ARG A 1497 -88.94 -47.71 57.17
C ARG A 1497 -89.37 -46.71 56.11
N TRP A 1498 -90.59 -46.20 56.27
CA TRP A 1498 -91.13 -45.19 55.36
C TRP A 1498 -90.39 -43.87 55.53
N ALA B 37 -0.35 12.82 -16.30
CA ALA B 37 0.63 12.38 -17.29
C ALA B 37 0.07 11.27 -18.16
N ASN B 38 0.15 11.44 -19.48
CA ASN B 38 -0.35 10.44 -20.41
C ASN B 38 0.48 9.17 -20.31
N ALA B 39 -0.13 8.05 -20.73
CA ALA B 39 0.58 6.78 -20.66
C ALA B 39 1.17 6.40 -22.01
N ASN B 40 0.52 6.76 -23.11
CA ASN B 40 0.94 6.33 -24.43
C ASN B 40 0.94 7.43 -25.49
N LEU B 41 0.54 8.64 -25.16
CA LEU B 41 0.50 9.75 -26.10
C LEU B 41 1.56 10.77 -25.70
N PHE B 42 2.49 11.06 -26.61
CA PHE B 42 3.55 12.03 -26.38
C PHE B 42 3.50 13.10 -27.46
N VAL B 43 3.40 14.36 -27.04
CA VAL B 43 3.30 15.50 -27.94
C VAL B 43 4.47 16.43 -27.64
N SER B 44 5.15 16.89 -28.70
CA SER B 44 6.35 17.69 -28.53
C SER B 44 6.05 19.00 -27.79
N ALA B 45 4.95 19.65 -28.15
CA ALA B 45 4.61 20.93 -27.54
C ALA B 45 4.26 20.83 -26.07
N GLU B 46 4.05 19.62 -25.54
CA GLU B 46 3.66 19.43 -24.15
C GLU B 46 4.87 19.71 -23.26
N ASN B 47 5.05 20.97 -22.90
CA ASN B 47 6.14 21.41 -22.06
C ASN B 47 5.59 22.22 -20.89
N SER B 48 5.95 21.83 -19.67
CA SER B 48 5.50 22.55 -18.49
C SER B 48 6.22 23.89 -18.34
N GLN B 49 7.41 24.03 -18.92
CA GLN B 49 8.14 25.29 -18.81
C GLN B 49 7.43 26.41 -19.55
N PHE B 50 6.71 26.08 -20.63
CA PHE B 50 6.04 27.07 -21.46
C PHE B 50 4.53 26.92 -21.46
N ASP B 51 3.97 26.15 -20.52
CA ASP B 51 2.52 25.95 -20.41
C ASP B 51 1.92 25.41 -21.71
N ASN B 52 2.67 24.55 -22.39
CA ASN B 52 2.20 23.82 -23.57
C ASN B 52 1.74 24.76 -24.69
N TYR B 53 2.30 25.95 -24.76
CA TYR B 53 2.02 26.84 -25.87
C TYR B 53 2.74 26.36 -27.14
N MET B 54 2.26 26.84 -28.28
CA MET B 54 2.97 26.64 -29.55
C MET B 54 2.67 27.83 -30.45
N SER B 55 3.58 28.08 -31.38
CA SER B 55 3.43 29.24 -32.26
C SER B 55 4.28 29.05 -33.50
N GLY B 56 3.99 29.85 -34.52
CA GLY B 56 4.80 29.91 -35.70
C GLY B 56 4.76 28.66 -36.55
N PRO B 57 5.78 28.47 -37.37
CA PRO B 57 5.77 27.36 -38.34
C PRO B 57 6.19 26.03 -37.73
N GLN B 58 6.12 25.90 -36.41
CA GLN B 58 6.58 24.69 -35.74
C GLN B 58 5.87 23.45 -36.28
N VAL B 59 6.65 22.43 -36.57
CA VAL B 59 6.13 21.10 -36.81
C VAL B 59 6.07 20.39 -35.47
N ILE B 60 4.89 19.89 -35.12
CA ILE B 60 4.67 19.20 -33.86
C ILE B 60 4.69 17.70 -34.12
N GLU B 61 5.45 16.97 -33.30
CA GLU B 61 5.64 15.54 -33.46
C GLU B 61 4.76 14.81 -32.46
N VAL B 62 3.95 13.88 -32.96
CA VAL B 62 3.09 13.05 -32.13
C VAL B 62 3.64 11.63 -32.17
N VAL B 63 3.95 11.08 -31.00
CA VAL B 63 4.54 9.75 -30.88
C VAL B 63 3.59 8.89 -30.05
N VAL B 64 3.29 7.70 -30.56
CA VAL B 64 2.53 6.71 -29.81
C VAL B 64 3.50 5.61 -29.39
N ILE B 65 3.75 5.51 -28.09
CA ILE B 65 4.59 4.46 -27.53
C ILE B 65 3.68 3.57 -26.69
N ASP B 66 3.34 2.40 -27.22
CA ASP B 66 2.38 1.51 -26.56
C ASP B 66 2.82 0.08 -26.80
N SER B 67 2.85 -0.71 -25.74
CA SER B 67 3.28 -2.09 -25.85
C SER B 67 2.27 -2.95 -26.60
N ASP B 68 1.02 -2.51 -26.72
CA ASP B 68 0.01 -3.30 -27.41
C ASP B 68 0.36 -3.47 -28.89
N ILE B 69 0.83 -2.40 -29.52
CA ILE B 69 1.05 -2.39 -30.97
C ILE B 69 2.48 -1.98 -31.31
N ASN B 70 3.43 -2.29 -30.42
CA ASN B 70 4.81 -1.90 -30.65
C ASN B 70 5.56 -2.88 -31.55
N ASP B 71 4.96 -4.00 -31.90
CA ASP B 71 5.63 -4.96 -32.77
C ASP B 71 5.65 -4.48 -34.21
N THR B 72 6.62 -4.96 -34.97
CA THR B 72 6.81 -4.55 -36.36
C THR B 72 6.65 -5.68 -37.37
N ASP B 73 6.56 -6.93 -36.93
CA ASP B 73 6.41 -8.06 -37.82
C ASP B 73 4.95 -8.42 -38.08
N GLU B 74 4.01 -7.69 -37.50
CA GLU B 74 2.59 -7.97 -37.63
C GLU B 74 1.87 -6.71 -38.11
N ALA B 75 0.80 -6.92 -38.88
CA ALA B 75 -0.01 -5.81 -39.38
C ALA B 75 -1.05 -5.43 -38.32
N LYS B 76 -0.56 -4.76 -37.29
CA LYS B 76 -1.44 -4.28 -36.23
C LYS B 76 -2.22 -3.05 -36.72
N GLY B 77 -3.19 -2.64 -35.90
CA GLY B 77 -4.01 -1.51 -36.27
C GLY B 77 -3.34 -0.17 -35.97
N GLU B 78 -3.51 0.76 -36.90
CA GLU B 78 -3.04 2.12 -36.69
C GLU B 78 -3.75 2.72 -35.47
N PRO B 79 -3.02 3.37 -34.57
CA PRO B 79 -3.69 4.08 -33.47
C PRO B 79 -4.58 5.17 -34.01
N ASP B 80 -5.76 5.30 -33.38
CA ASP B 80 -6.73 6.31 -33.82
C ASP B 80 -6.48 7.56 -33.00
N VAL B 81 -5.55 8.38 -33.48
CA VAL B 81 -5.18 9.62 -32.83
C VAL B 81 -5.73 10.78 -33.64
N THR B 82 -6.34 11.74 -32.95
CA THR B 82 -6.95 12.89 -33.62
C THR B 82 -6.51 14.17 -32.93
N VAL B 83 -6.42 15.24 -33.72
CA VAL B 83 -6.19 16.59 -33.20
C VAL B 83 -7.40 17.44 -33.59
N ASN B 84 -7.99 18.09 -32.60
CA ASN B 84 -9.23 18.85 -32.79
C ASN B 84 -10.29 18.03 -33.51
N GLY B 85 -10.25 16.71 -33.33
CA GLY B 85 -11.16 15.80 -33.99
C GLY B 85 -10.67 15.19 -35.29
N LYS B 86 -9.94 15.95 -36.09
CA LYS B 86 -9.44 15.45 -37.36
C LYS B 86 -8.40 14.35 -37.14
N VAL B 87 -8.50 13.30 -37.95
CA VAL B 87 -7.61 12.15 -37.80
C VAL B 87 -6.21 12.52 -38.29
N LEU B 88 -5.20 11.97 -37.62
CA LEU B 88 -3.79 12.21 -37.95
C LEU B 88 -3.14 10.85 -38.24
N ARG B 89 -2.85 10.60 -39.52
CA ARG B 89 -2.24 9.33 -39.90
C ARG B 89 -0.86 9.19 -39.29
N MET B 90 -0.53 7.97 -38.87
CA MET B 90 0.75 7.68 -38.25
C MET B 90 1.45 6.53 -38.95
N VAL B 91 2.77 6.63 -39.08
CA VAL B 91 3.59 5.59 -39.70
C VAL B 91 4.45 4.97 -38.61
N GLN B 92 4.50 3.65 -38.58
CA GLN B 92 5.33 2.95 -37.61
C GLN B 92 6.81 3.11 -37.97
N ALA B 93 7.65 3.12 -36.94
CA ALA B 93 9.09 3.19 -37.09
C ALA B 93 9.73 1.92 -36.56
N VAL B 94 11.01 1.74 -36.88
CA VAL B 94 11.73 0.55 -36.44
C VAL B 94 11.80 0.46 -34.92
N ASP B 95 11.59 1.56 -34.21
CA ASP B 95 11.52 1.53 -32.76
C ASP B 95 10.14 1.16 -32.24
N GLY B 96 9.26 0.65 -33.11
CA GLY B 96 7.93 0.24 -32.69
C GLY B 96 7.06 1.38 -32.20
N ASN B 97 7.40 2.62 -32.52
CA ASN B 97 6.65 3.78 -32.08
C ASN B 97 6.03 4.47 -33.29
N TRP B 98 4.75 4.80 -33.17
CA TRP B 98 4.01 5.40 -34.27
C TRP B 98 4.24 6.90 -34.29
N TYR B 99 4.67 7.43 -35.43
CA TYR B 99 5.07 8.82 -35.54
C TYR B 99 4.14 9.56 -36.48
N GLY B 100 3.84 10.81 -36.13
CA GLY B 100 3.04 11.67 -36.97
C GLY B 100 3.37 13.12 -36.75
N TYR B 101 3.59 13.86 -37.84
CA TYR B 101 4.01 15.25 -37.78
C TYR B 101 2.95 16.14 -38.39
N PHE B 102 2.54 17.17 -37.67
CA PHE B 102 1.55 18.13 -38.16
C PHE B 102 2.03 19.54 -37.88
N ALA B 103 1.42 20.49 -38.59
CA ALA B 103 1.72 21.91 -38.40
C ALA B 103 0.56 22.72 -38.95
N ASP B 104 0.53 24.00 -38.56
CA ASP B 104 -0.50 24.90 -39.06
C ASP B 104 -0.33 25.11 -40.56
N ARG B 105 -1.46 25.23 -41.27
CA ARG B 105 -1.40 25.36 -42.72
C ARG B 105 -0.88 26.73 -43.13
N ASP B 106 -1.40 27.80 -42.50
CA ASP B 106 -0.98 29.15 -42.87
C ASP B 106 0.49 29.37 -42.55
N GLN B 107 0.91 29.00 -41.34
CA GLN B 107 2.30 29.22 -40.95
C GLN B 107 3.25 28.41 -41.83
N ALA B 108 2.89 27.15 -42.13
CA ALA B 108 3.75 26.34 -42.98
C ALA B 108 3.85 26.91 -44.39
N GLN B 109 2.73 27.37 -44.94
CA GLN B 109 2.79 27.97 -46.27
C GLN B 109 3.65 29.23 -46.27
N ILE B 110 3.50 30.07 -45.25
CA ILE B 110 4.29 31.29 -45.15
C ILE B 110 5.78 30.94 -45.03
N ALA B 111 6.11 29.94 -44.22
CA ALA B 111 7.50 29.55 -44.04
C ALA B 111 8.09 29.00 -45.34
N ASP B 112 7.36 28.11 -46.01
CA ASP B 112 7.85 27.57 -47.28
C ASP B 112 7.94 28.63 -48.36
N SER B 113 7.20 29.73 -48.22
CA SER B 113 7.38 30.85 -49.16
C SER B 113 8.79 31.42 -49.08
N THR B 114 9.35 31.53 -47.87
CA THR B 114 10.68 32.09 -47.70
C THR B 114 11.75 31.20 -48.30
N ALA B 115 11.57 29.89 -48.26
CA ALA B 115 12.58 28.94 -48.76
C ALA B 115 12.56 28.96 -50.28
N THR B 116 13.28 29.93 -50.84
CA THR B 116 13.35 30.09 -52.30
C THR B 116 14.17 28.98 -52.97
N THR B 117 14.88 28.16 -52.21
CA THR B 117 15.66 27.07 -52.76
C THR B 117 15.32 25.78 -52.03
N ALA B 118 15.52 24.67 -52.71
CA ALA B 118 15.14 23.37 -52.18
C ALA B 118 16.08 22.94 -51.07
N ASP B 119 15.52 22.27 -50.05
CA ASP B 119 16.30 21.65 -48.97
C ASP B 119 17.18 22.67 -48.25
N SER B 120 16.64 23.86 -48.01
CA SER B 120 17.34 24.87 -47.24
C SER B 120 16.32 25.82 -46.62
N GLY B 121 16.65 26.34 -45.44
CA GLY B 121 15.73 27.20 -44.76
C GLY B 121 14.50 26.43 -44.28
N LEU B 122 13.45 27.18 -43.95
CA LEU B 122 12.19 26.59 -43.51
C LEU B 122 11.43 26.03 -44.71
N ASP B 123 12.01 25.00 -45.33
CA ASP B 123 11.42 24.36 -46.49
C ASP B 123 10.61 23.16 -46.03
N PHE B 124 9.30 23.23 -46.18
CA PHE B 124 8.39 22.18 -45.77
C PHE B 124 8.23 21.09 -46.83
N GLY B 125 8.87 21.23 -47.97
CA GLY B 125 8.74 20.27 -49.05
C GLY B 125 7.79 20.78 -50.13
N VAL B 126 6.95 19.89 -50.64
CA VAL B 126 5.99 20.23 -51.69
C VAL B 126 4.59 20.01 -51.15
N PHE B 127 3.78 21.05 -51.16
CA PHE B 127 2.40 20.94 -50.73
C PHE B 127 1.58 20.16 -51.75
N CYS B 128 0.69 19.32 -51.25
CA CYS B 128 -0.23 18.55 -52.09
C CYS B 128 -1.62 18.62 -51.50
N ALA B 129 -2.62 18.43 -52.35
CA ALA B 129 -4.00 18.43 -51.89
C ALA B 129 -4.28 17.22 -51.02
N SER B 130 -5.29 17.37 -50.15
CA SER B 130 -5.63 16.28 -49.24
C SER B 130 -6.09 15.04 -50.00
N SER B 131 -6.67 15.21 -51.18
CA SER B 131 -7.11 14.07 -51.97
C SER B 131 -5.97 13.34 -52.66
N SER B 132 -4.76 13.89 -52.65
CA SER B 132 -3.63 13.31 -53.35
C SER B 132 -2.82 12.35 -52.50
N GLY B 133 -3.19 12.16 -51.23
CA GLY B 133 -2.43 11.27 -50.38
C GLY B 133 -2.48 9.82 -50.82
N THR B 134 -3.66 9.36 -51.24
CA THR B 134 -3.79 7.98 -51.68
C THR B 134 -2.96 7.71 -52.93
N ALA B 135 -2.89 8.69 -53.83
CA ALA B 135 -2.08 8.52 -55.04
C ALA B 135 -0.59 8.58 -54.72
N ALA B 136 -0.18 9.58 -53.94
CA ALA B 136 1.24 9.76 -53.68
C ALA B 136 1.72 8.89 -52.51
N LEU B 137 1.18 9.13 -51.32
CA LEU B 137 1.65 8.42 -50.14
C LEU B 137 1.17 6.97 -50.11
N GLY B 138 -0.01 6.71 -50.67
CA GLY B 138 -0.57 5.37 -50.67
C GLY B 138 -1.61 5.11 -49.62
N PHE B 139 -2.16 6.15 -48.98
CA PHE B 139 -3.20 5.97 -47.99
C PHE B 139 -4.04 7.23 -47.93
N SER B 140 -5.28 7.07 -47.45
CA SER B 140 -6.20 8.20 -47.39
C SER B 140 -5.75 9.22 -46.35
N THR B 141 -5.85 10.49 -46.71
CA THR B 141 -5.56 11.60 -45.80
C THR B 141 -6.55 12.74 -45.97
N THR B 142 -7.80 12.40 -46.30
CA THR B 142 -8.79 13.41 -46.69
C THR B 142 -9.09 14.37 -45.55
N GLU B 143 -9.17 13.87 -44.32
CA GLU B 143 -9.55 14.72 -43.19
C GLU B 143 -8.52 15.81 -42.90
N THR B 144 -7.32 15.70 -43.45
CA THR B 144 -6.33 16.77 -43.28
C THR B 144 -6.63 17.93 -44.21
N ASP B 145 -6.10 19.10 -43.87
CA ASP B 145 -6.25 20.30 -44.68
C ASP B 145 -5.14 20.45 -45.72
N GLY B 146 -4.30 19.45 -45.88
CA GLY B 146 -3.19 19.48 -46.81
C GLY B 146 -2.04 18.66 -46.27
N ILE B 147 -1.22 18.16 -47.19
CA ILE B 147 -0.03 17.39 -46.83
C ILE B 147 1.17 17.93 -47.59
N ALA B 148 2.31 18.01 -46.91
CA ALA B 148 3.56 18.43 -47.52
C ALA B 148 4.47 17.21 -47.62
N ILE B 149 4.89 16.88 -48.83
CA ILE B 149 5.70 15.70 -49.06
C ILE B 149 7.06 16.10 -49.63
N PRO B 150 8.13 15.36 -49.31
CA PRO B 150 9.49 15.76 -49.73
C PRO B 150 9.83 15.33 -51.15
N ILE B 151 9.32 16.09 -52.13
CA ILE B 151 9.61 15.82 -53.53
C ILE B 151 10.08 17.10 -54.22
N THR B 152 10.31 17.02 -55.51
CA THR B 152 10.54 18.20 -56.34
C THR B 152 9.77 18.01 -57.65
N ILE B 153 9.45 19.12 -58.30
CA ILE B 153 8.64 19.11 -59.51
C ILE B 153 9.52 19.37 -60.72
N ALA B 154 9.42 18.51 -61.72
CA ALA B 154 10.08 18.72 -63.00
C ALA B 154 9.17 19.34 -64.04
N ASN B 155 7.88 19.02 -64.01
CA ASN B 155 6.88 19.60 -64.92
C ASN B 155 5.86 20.33 -64.06
N ALA B 156 5.99 21.66 -63.97
CA ALA B 156 5.17 22.47 -63.07
C ALA B 156 3.83 22.80 -63.74
N THR B 157 3.00 21.77 -63.87
CA THR B 157 1.65 21.98 -64.36
C THR B 157 0.81 22.71 -63.32
N ALA B 158 -0.11 23.54 -63.80
CA ALA B 158 -0.95 24.33 -62.90
C ALA B 158 -1.96 23.47 -62.16
N THR B 159 -2.29 22.28 -62.67
CA THR B 159 -3.32 21.43 -62.08
C THR B 159 -2.76 20.12 -61.55
N GLY B 160 -2.06 19.35 -62.39
CA GLY B 160 -1.67 18.01 -62.02
C GLY B 160 -0.49 17.89 -61.09
N ASN B 161 0.17 18.99 -60.76
CA ASN B 161 1.35 18.98 -59.90
C ASN B 161 1.17 20.03 -58.82
N GLY B 162 1.65 19.71 -57.61
CA GLY B 162 1.50 20.60 -56.48
C GLY B 162 2.40 21.82 -56.58
N THR B 163 2.33 22.65 -55.53
CA THR B 163 3.11 23.87 -55.46
C THR B 163 4.40 23.63 -54.68
N GLN B 164 5.53 23.89 -55.32
CA GLN B 164 6.83 23.69 -54.68
C GLN B 164 7.09 24.74 -53.59
N THR B 165 6.65 25.97 -53.79
CA THR B 165 7.01 27.06 -52.90
C THR B 165 5.86 27.52 -52.00
N GLY B 166 4.64 27.06 -52.25
CA GLY B 166 3.53 27.55 -51.45
C GLY B 166 3.23 29.01 -51.77
N SER B 167 2.66 29.69 -50.78
CA SER B 167 2.31 31.09 -50.92
C SER B 167 2.64 31.83 -49.63
N SER B 168 2.87 33.14 -49.77
CA SER B 168 3.18 33.97 -48.60
C SER B 168 1.94 34.31 -47.78
N SER B 169 0.75 33.99 -48.28
CA SER B 169 -0.49 34.28 -47.57
C SER B 169 -1.11 33.04 -46.92
N GLY B 170 -1.13 31.92 -47.63
CA GLY B 170 -1.73 30.71 -47.09
C GLY B 170 -2.99 30.29 -47.82
N GLY B 171 -4.04 29.97 -47.06
CA GLY B 171 -5.30 29.56 -47.65
C GLY B 171 -5.31 28.10 -48.05
N ALA B 172 -6.43 27.70 -48.63
CA ALA B 172 -6.61 26.31 -49.05
C ALA B 172 -5.64 25.95 -50.16
N ILE B 173 -5.28 24.67 -50.22
CA ILE B 173 -4.32 24.18 -51.21
C ILE B 173 -5.04 23.27 -52.19
N THR B 174 -5.50 23.83 -53.30
CA THR B 174 -6.25 23.07 -54.30
C THR B 174 -5.37 22.30 -55.26
N THR B 175 -4.06 22.54 -55.26
CA THR B 175 -3.16 21.86 -56.18
C THR B 175 -2.99 20.41 -55.76
N THR B 176 -3.20 19.50 -56.70
CA THR B 176 -3.18 18.06 -56.43
C THR B 176 -1.86 17.45 -56.87
N CYS B 177 -1.68 16.17 -56.52
CA CYS B 177 -0.50 15.41 -56.87
C CYS B 177 -0.91 13.99 -57.21
N ALA B 178 -0.04 13.30 -57.95
CA ALA B 178 -0.33 11.94 -58.41
C ALA B 178 0.94 11.10 -58.33
N ALA B 179 0.83 9.85 -58.78
CA ALA B 179 1.99 8.97 -58.80
C ALA B 179 3.04 9.44 -59.79
N ASN B 180 2.61 9.94 -60.95
CA ASN B 180 3.55 10.49 -61.91
C ASN B 180 4.29 11.69 -61.34
N THR B 181 3.63 12.46 -60.47
CA THR B 181 4.33 13.54 -59.78
C THR B 181 5.47 12.99 -58.93
N LEU B 182 5.24 11.86 -58.26
CA LEU B 182 6.31 11.23 -57.49
C LEU B 182 7.43 10.75 -58.40
N ASP B 183 7.09 10.03 -59.46
CA ASP B 183 8.11 9.45 -60.32
C ASP B 183 8.84 10.49 -61.16
N ALA B 184 8.31 11.71 -61.26
CA ALA B 184 8.96 12.78 -62.00
C ALA B 184 9.80 13.69 -61.13
N SER B 185 10.16 13.24 -59.92
CA SER B 185 10.97 14.04 -59.02
C SER B 185 12.44 13.63 -59.18
N THR B 186 13.28 14.60 -59.56
CA THR B 186 14.70 14.33 -59.77
C THR B 186 15.53 14.46 -58.50
N ALA B 187 14.95 14.97 -57.41
CA ALA B 187 15.69 15.11 -56.15
C ALA B 187 14.71 14.87 -55.02
N ASN B 188 14.66 13.64 -54.51
CA ASN B 188 13.75 13.28 -53.44
C ASN B 188 14.33 13.66 -52.09
N GLY B 189 13.46 14.12 -51.19
CA GLY B 189 13.88 14.46 -49.85
C GLY B 189 14.24 15.92 -49.65
N THR B 190 13.39 16.82 -50.13
CA THR B 190 13.67 18.24 -50.03
C THR B 190 13.22 18.86 -48.72
N ILE B 191 12.59 18.09 -47.83
CA ILE B 191 12.12 18.64 -46.57
C ILE B 191 13.32 18.97 -45.68
N ASN B 192 13.35 20.20 -45.17
CA ASN B 192 14.39 20.64 -44.26
C ASN B 192 13.86 21.05 -42.90
N VAL B 193 12.56 20.90 -42.65
CA VAL B 193 12.00 21.27 -41.35
C VAL B 193 12.00 20.09 -40.39
N VAL B 194 12.00 18.86 -40.90
CA VAL B 194 12.16 17.66 -40.08
C VAL B 194 13.32 16.88 -40.67
N ARG B 195 14.37 16.67 -39.88
CA ARG B 195 15.61 16.08 -40.37
C ARG B 195 15.94 14.74 -39.75
N GLU B 196 15.26 14.36 -38.67
CA GLU B 196 15.61 13.16 -37.92
C GLU B 196 14.40 12.23 -37.82
N ALA B 197 13.78 11.96 -38.96
CA ALA B 197 12.73 10.95 -39.02
C ALA B 197 13.35 9.55 -38.88
N LYS B 198 12.58 8.64 -38.31
CA LYS B 198 13.06 7.28 -38.12
C LYS B 198 12.82 6.46 -39.39
N ASP B 199 13.13 5.18 -39.32
CA ASP B 199 13.02 4.30 -40.48
C ASP B 199 11.64 3.65 -40.53
N PRO B 200 10.86 3.87 -41.57
CA PRO B 200 9.60 3.12 -41.72
C PRO B 200 9.89 1.62 -41.81
N VAL B 201 8.96 0.83 -41.26
CA VAL B 201 9.16 -0.61 -41.17
C VAL B 201 9.25 -1.20 -42.56
N ALA B 202 10.21 -2.09 -42.77
CA ALA B 202 10.38 -2.73 -44.07
C ALA B 202 9.20 -3.64 -44.37
N ALA B 203 8.77 -3.64 -45.63
CA ALA B 203 7.60 -4.41 -46.06
C ALA B 203 8.01 -5.88 -46.21
N SER B 204 7.50 -6.73 -45.33
CA SER B 204 7.76 -8.16 -45.39
C SER B 204 6.46 -8.92 -45.19
N GLY B 205 6.17 -9.85 -46.10
CA GLY B 205 4.93 -10.61 -45.99
C GLY B 205 3.73 -9.70 -46.11
N SER B 206 2.80 -9.83 -45.17
CA SER B 206 1.62 -8.99 -45.16
C SER B 206 1.91 -7.57 -44.66
N VAL B 207 3.06 -7.36 -44.02
CA VAL B 207 3.43 -6.04 -43.54
C VAL B 207 3.81 -5.16 -44.72
N SER B 208 3.24 -3.97 -44.77
CA SER B 208 3.58 -2.99 -45.79
C SER B 208 4.69 -2.07 -45.27
N VAL B 209 5.13 -1.14 -46.12
CA VAL B 209 6.14 -0.18 -45.69
C VAL B 209 5.55 0.67 -44.57
N GLY B 210 6.29 0.78 -43.47
CA GLY B 210 5.68 1.26 -42.25
C GLY B 210 4.62 0.26 -41.83
N GLN B 211 3.39 0.74 -41.67
CA GLN B 211 2.26 -0.16 -41.49
C GLN B 211 1.06 0.24 -42.33
N ILE B 212 1.09 1.38 -43.02
CA ILE B 212 -0.07 1.94 -43.70
C ILE B 212 0.16 2.03 -45.20
N GLY B 213 1.19 1.39 -45.73
CA GLY B 213 1.36 1.28 -47.16
C GLY B 213 2.00 2.48 -47.83
N LEU B 214 3.18 2.89 -47.35
CA LEU B 214 3.94 3.90 -48.05
C LEU B 214 4.53 3.33 -49.33
N LYS B 215 4.79 4.19 -50.30
CA LYS B 215 5.37 3.76 -51.56
C LYS B 215 6.89 3.79 -51.56
N ASN B 216 7.50 4.64 -50.73
CA ASN B 216 8.93 4.67 -50.55
C ASN B 216 9.22 4.93 -49.07
N GLY B 217 10.15 4.16 -48.51
CA GLY B 217 10.30 4.16 -47.06
C GLY B 217 11.69 4.45 -46.52
N THR B 218 12.44 5.32 -47.18
CA THR B 218 13.74 5.72 -46.65
C THR B 218 13.57 6.77 -45.55
N ALA B 219 14.64 6.98 -44.78
CA ALA B 219 14.55 7.81 -43.59
C ALA B 219 14.24 9.27 -43.92
N ASN B 220 15.15 9.94 -44.60
CA ASN B 220 14.99 11.36 -44.88
C ASN B 220 15.42 11.76 -46.28
N SER B 221 15.70 10.80 -47.17
CA SER B 221 16.10 11.09 -48.53
C SER B 221 15.06 10.71 -49.57
N GLY B 222 13.98 10.06 -49.17
CA GLY B 222 12.96 9.63 -50.10
C GLY B 222 11.83 10.63 -50.27
N PRO B 223 10.87 10.28 -51.12
CA PRO B 223 9.76 11.19 -51.41
C PRO B 223 8.56 11.10 -50.48
N ASN B 224 8.55 10.18 -49.52
CA ASN B 224 7.38 9.97 -48.68
C ASN B 224 7.64 10.33 -47.22
N TRP B 225 8.63 9.72 -46.58
CA TRP B 225 8.85 9.91 -45.15
C TRP B 225 10.09 10.76 -44.93
N PRO B 226 10.01 11.81 -44.09
CA PRO B 226 8.81 12.23 -43.37
C PRO B 226 7.89 13.12 -44.19
N PHE B 227 6.67 13.33 -43.69
CA PHE B 227 5.74 14.27 -44.29
C PHE B 227 4.92 14.91 -43.17
N ILE B 228 4.56 16.18 -43.37
CA ILE B 228 3.80 16.94 -42.39
C ILE B 228 2.38 17.08 -42.92
N GLN B 229 1.40 16.85 -42.05
CA GLN B 229 -0.01 17.02 -42.39
C GLN B 229 -0.48 18.38 -41.88
N LEU B 230 -1.23 19.08 -42.71
CA LEU B 230 -1.51 20.50 -42.50
C LEU B 230 -2.89 20.64 -41.87
N TYR B 231 -2.97 21.40 -40.77
CA TYR B 231 -4.19 21.53 -39.98
C TYR B 231 -4.42 22.99 -39.64
N GLU B 232 -5.64 23.48 -39.90
CA GLU B 232 -6.02 24.82 -39.51
C GLU B 232 -6.22 24.88 -38.00
N LEU B 233 -5.61 25.87 -37.36
CA LEU B 233 -5.67 26.02 -35.91
C LEU B 233 -6.14 27.43 -35.56
N ASN B 234 -6.67 27.58 -34.35
CA ASN B 234 -7.26 28.84 -33.92
C ASN B 234 -6.26 29.61 -33.07
N PRO B 235 -5.76 30.76 -33.53
CA PRO B 235 -4.89 31.56 -32.67
C PRO B 235 -5.60 31.97 -31.38
N THR B 236 -4.85 31.95 -30.28
CA THR B 236 -5.35 32.14 -28.91
C THR B 236 -6.32 31.04 -28.50
N GLY B 237 -6.50 30.02 -29.33
CA GLY B 237 -7.39 28.92 -29.01
C GLY B 237 -6.65 27.62 -28.78
N ASN B 238 -7.23 26.74 -27.98
CA ASN B 238 -6.56 25.51 -27.62
C ASN B 238 -6.48 24.54 -28.81
N VAL B 239 -5.41 23.76 -28.83
CA VAL B 239 -5.24 22.67 -29.77
C VAL B 239 -5.21 21.38 -28.97
N VAL B 240 -6.14 20.47 -29.23
CA VAL B 240 -6.34 19.28 -28.42
C VAL B 240 -5.96 18.06 -29.25
N VAL B 241 -5.07 17.24 -28.70
CA VAL B 241 -4.66 15.99 -29.32
C VAL B 241 -5.33 14.85 -28.57
N GLN B 242 -6.13 14.06 -29.30
CA GLN B 242 -6.90 12.98 -28.70
C GLN B 242 -6.39 11.65 -29.22
N TYR B 243 -6.30 10.66 -28.33
CA TYR B 243 -5.89 9.31 -28.69
C TYR B 243 -6.95 8.35 -28.20
N ASN B 244 -7.66 7.72 -29.13
CA ASN B 244 -8.80 6.86 -28.81
C ASN B 244 -8.31 5.42 -28.77
N LYS B 245 -8.12 4.90 -27.56
CA LYS B 245 -7.64 3.55 -27.35
C LYS B 245 -8.58 2.82 -26.39
N GLY B 246 -8.55 1.50 -26.46
CA GLY B 246 -9.38 0.68 -25.59
C GLY B 246 -9.06 0.87 -24.12
N GLY B 247 -10.06 1.22 -23.33
CA GLY B 247 -9.90 1.45 -21.91
C GLY B 247 -9.95 2.89 -21.48
N GLY B 248 -9.91 3.83 -22.42
CA GLY B 248 -9.94 5.24 -22.09
C GLY B 248 -9.23 6.06 -23.14
N VAL B 249 -9.50 7.35 -23.11
CA VAL B 249 -8.97 8.30 -24.08
C VAL B 249 -7.89 9.14 -23.42
N GLN B 250 -6.79 9.35 -24.12
CA GLN B 250 -5.67 10.14 -23.63
C GLN B 250 -5.65 11.47 -24.38
N SER B 251 -5.77 12.56 -23.63
CA SER B 251 -5.89 13.89 -24.20
C SER B 251 -4.71 14.75 -23.79
N THR B 252 -4.26 15.59 -24.71
CA THR B 252 -3.20 16.56 -24.44
C THR B 252 -3.57 17.85 -25.18
N THR B 253 -3.88 18.89 -24.43
CA THR B 253 -4.36 20.15 -25.00
C THR B 253 -3.22 21.17 -25.01
N LEU B 254 -2.99 21.77 -26.17
CA LEU B 254 -1.96 22.77 -26.38
C LEU B 254 -2.59 24.15 -26.46
N THR B 255 -1.77 25.14 -26.79
CA THR B 255 -2.24 26.50 -27.03
C THR B 255 -1.48 27.07 -28.22
N PHE B 256 -2.22 27.60 -29.19
CA PHE B 256 -1.63 28.19 -30.40
C PHE B 256 -1.67 29.71 -30.23
N ASP B 257 -0.61 30.25 -29.62
CA ASP B 257 -0.58 31.67 -29.31
C ASP B 257 0.85 32.16 -29.32
N THR B 258 1.02 33.48 -29.47
CA THR B 258 2.34 34.08 -29.44
C THR B 258 3.01 33.82 -28.10
N VAL B 259 4.28 33.43 -28.15
CA VAL B 259 5.02 33.02 -26.96
C VAL B 259 6.11 34.03 -26.61
N ASP B 260 5.94 35.29 -27.01
CA ASP B 260 6.95 36.31 -26.73
C ASP B 260 7.16 36.48 -25.23
N GLN B 261 6.13 36.20 -24.42
CA GLN B 261 6.25 36.33 -22.97
C GLN B 261 7.14 35.25 -22.36
N PHE B 262 7.49 34.21 -23.12
CA PHE B 262 8.38 33.16 -22.64
C PHE B 262 9.80 33.31 -23.17
N ALA B 263 10.12 34.40 -23.86
CA ALA B 263 11.44 34.63 -24.41
C ALA B 263 12.25 35.51 -23.49
N GLU B 264 13.47 35.08 -23.18
CA GLU B 264 14.36 35.86 -22.32
C GLU B 264 15.80 35.44 -22.61
N LEU B 265 16.72 36.37 -22.42
CA LEU B 265 18.14 36.13 -22.61
C LEU B 265 18.84 36.29 -21.26
N SER B 266 19.62 35.28 -20.88
CA SER B 266 20.29 35.25 -19.59
C SER B 266 21.80 35.29 -19.78
N LEU B 267 22.47 36.00 -18.89
CA LEU B 267 23.93 36.11 -18.91
C LEU B 267 24.49 35.56 -17.62
N ASP B 268 25.70 34.98 -17.70
CA ASP B 268 26.24 34.19 -16.61
C ASP B 268 26.93 35.03 -15.53
N ARG B 269 27.04 36.34 -15.70
CA ARG B 269 27.64 37.18 -14.67
C ARG B 269 27.19 38.62 -14.85
N THR B 270 27.38 39.41 -13.80
CA THR B 270 26.98 40.81 -13.85
C THR B 270 28.03 41.69 -14.53
N VAL B 271 29.30 41.51 -14.16
CA VAL B 271 30.40 42.28 -14.72
C VAL B 271 31.35 41.31 -15.42
N PHE B 272 31.84 41.70 -16.59
CA PHE B 272 32.63 40.82 -17.43
C PHE B 272 34.10 41.21 -17.39
N PRO B 273 34.99 40.31 -16.96
CA PRO B 273 36.41 40.66 -16.88
C PRO B 273 37.12 40.76 -18.22
N ARG B 274 38.44 40.87 -18.16
CA ARG B 274 39.24 41.29 -19.33
C ARG B 274 38.98 40.43 -20.55
N VAL B 275 39.10 39.11 -20.41
CA VAL B 275 39.08 38.22 -21.58
C VAL B 275 38.04 37.13 -21.37
N SER B 276 37.00 37.44 -20.60
CA SER B 276 35.97 36.45 -20.30
C SER B 276 35.16 36.08 -21.54
N GLN B 277 34.68 34.84 -21.55
CA GLN B 277 33.70 34.43 -22.54
C GLN B 277 32.34 35.05 -22.23
N VAL B 278 31.57 35.31 -23.28
CA VAL B 278 30.23 35.84 -23.15
C VAL B 278 29.28 34.71 -23.52
N HIS B 279 28.70 34.07 -22.51
CA HIS B 279 27.77 32.97 -22.73
C HIS B 279 26.34 33.51 -22.70
N ALA B 280 25.61 33.30 -23.78
CA ALA B 280 24.23 33.75 -23.89
C ALA B 280 23.32 32.54 -24.01
N THR B 281 22.24 32.52 -23.23
CA THR B 281 21.26 31.45 -23.25
C THR B 281 19.92 32.04 -23.69
N ILE B 282 19.37 31.51 -24.78
CA ILE B 282 18.12 31.99 -25.34
C ILE B 282 17.04 30.95 -25.08
N THR B 283 16.05 31.32 -24.27
CA THR B 283 14.93 30.45 -23.95
C THR B 283 13.75 30.93 -24.80
N ASP B 284 13.59 30.34 -25.98
CA ASP B 284 12.56 30.75 -26.93
C ASP B 284 11.85 29.53 -27.48
N LEU B 285 10.53 29.47 -27.27
CA LEU B 285 9.74 28.38 -27.81
C LEU B 285 9.63 28.47 -29.34
N TRP B 286 9.57 29.69 -29.87
CA TRP B 286 9.33 29.88 -31.29
C TRP B 286 10.45 29.29 -32.13
N LEU B 287 11.70 29.42 -31.67
CA LEU B 287 12.86 29.02 -32.46
C LEU B 287 13.01 27.51 -32.57
N ASN B 288 12.25 26.72 -31.81
CA ASN B 288 12.34 25.27 -31.86
C ASN B 288 11.42 24.74 -32.96
N ILE B 289 11.83 24.98 -34.21
CA ILE B 289 11.00 24.61 -35.34
C ILE B 289 10.97 23.10 -35.54
N ASP B 290 12.15 22.47 -35.53
CA ASP B 290 12.23 21.03 -35.70
C ASP B 290 12.05 20.35 -34.35
N PRO B 291 11.07 19.45 -34.19
CA PRO B 291 10.89 18.80 -32.89
C PRO B 291 11.81 17.61 -32.67
N THR B 292 12.42 17.07 -33.72
CA THR B 292 13.23 15.86 -33.59
C THR B 292 14.73 16.13 -33.52
N ASP B 293 15.21 17.20 -34.13
CA ASP B 293 16.63 17.48 -34.20
C ASP B 293 16.92 18.86 -33.61
N GLU B 294 18.19 19.09 -33.30
CA GLU B 294 18.61 20.40 -32.84
C GLU B 294 18.57 21.40 -33.98
N ASP B 295 18.20 22.63 -33.66
CA ASP B 295 18.01 23.69 -34.64
C ASP B 295 19.09 24.75 -34.47
N SER B 296 19.75 25.11 -35.56
CA SER B 296 20.81 26.12 -35.55
C SER B 296 20.32 27.36 -36.27
N TRP B 297 20.49 28.51 -35.63
CA TRP B 297 20.07 29.80 -36.17
C TRP B 297 21.26 30.73 -36.26
N THR B 298 21.53 31.22 -37.46
CA THR B 298 22.61 32.17 -37.70
C THR B 298 22.00 33.56 -37.93
N PHE B 299 22.56 34.57 -37.27
CA PHE B 299 21.96 35.89 -37.22
C PHE B 299 22.82 36.91 -37.95
N ALA B 300 22.34 38.14 -37.99
CA ALA B 300 23.09 39.31 -38.44
C ALA B 300 22.77 40.43 -37.46
N THR B 301 23.56 40.53 -36.40
CA THR B 301 23.22 41.34 -35.25
C THR B 301 23.83 42.74 -35.28
N ASN B 302 24.63 43.07 -36.29
CA ASN B 302 25.34 44.35 -36.31
C ASN B 302 24.33 45.48 -36.53
N THR B 303 24.00 46.20 -35.46
CA THR B 303 23.00 47.26 -35.55
C THR B 303 23.56 48.53 -36.18
N LYS B 304 24.87 48.77 -36.08
CA LYS B 304 25.47 50.01 -36.57
C LYS B 304 25.99 49.92 -37.99
N ASN B 305 25.77 48.80 -38.68
CA ASN B 305 26.17 48.71 -40.07
C ASN B 305 25.21 49.54 -40.91
N THR B 306 25.50 50.83 -41.05
CA THR B 306 24.57 51.80 -41.64
C THR B 306 24.50 51.71 -43.16
N THR B 307 25.02 50.64 -43.77
CA THR B 307 24.86 50.44 -45.20
C THR B 307 23.37 50.35 -45.53
N SER B 308 22.97 51.05 -46.59
CA SER B 308 21.55 51.11 -46.94
C SER B 308 21.01 49.74 -47.34
N SER B 309 21.82 48.96 -48.07
CA SER B 309 21.37 47.67 -48.55
C SER B 309 21.41 46.58 -47.49
N PHE B 310 21.97 46.85 -46.32
CA PHE B 310 22.06 45.87 -45.25
C PHE B 310 20.89 46.06 -44.29
N ASN B 311 20.36 44.94 -43.79
CA ASN B 311 19.24 44.96 -42.86
C ASN B 311 19.33 43.76 -41.93
N VAL B 312 18.96 43.97 -40.66
CA VAL B 312 19.06 42.91 -39.66
C VAL B 312 18.11 41.78 -40.02
N ASP B 313 18.63 40.56 -40.04
CA ASP B 313 17.89 39.42 -40.55
C ASP B 313 18.20 38.18 -39.72
N THR B 314 17.28 37.22 -39.77
CA THR B 314 17.40 35.95 -39.07
C THR B 314 17.40 34.82 -40.08
N PHE B 315 18.23 33.80 -39.85
CA PHE B 315 18.39 32.71 -40.80
C PHE B 315 18.27 31.36 -40.10
N TYR B 316 17.74 30.38 -40.82
CA TYR B 316 17.47 29.05 -40.27
C TYR B 316 18.39 28.02 -40.87
N GLN B 317 19.06 27.25 -40.01
CA GLN B 317 19.86 26.09 -40.41
C GLN B 317 20.89 26.44 -41.48
N VAL B 318 21.62 27.53 -41.25
CA VAL B 318 22.78 27.84 -42.08
C VAL B 318 23.84 26.77 -41.89
N PHE B 319 24.10 26.39 -40.64
CA PHE B 319 25.09 25.39 -40.32
C PHE B 319 24.42 24.18 -39.67
N ASP B 320 24.90 22.99 -40.03
CA ASP B 320 24.40 21.77 -39.44
C ASP B 320 24.70 21.76 -37.94
N GLU B 321 23.88 21.01 -37.19
CA GLU B 321 24.02 20.98 -35.74
C GLU B 321 25.38 20.44 -35.30
N ASN B 322 26.06 19.68 -36.15
CA ASN B 322 27.36 19.12 -35.83
C ASN B 322 28.51 20.01 -36.26
N GLY B 323 28.22 21.22 -36.75
CA GLY B 323 29.22 22.17 -37.16
C GLY B 323 29.42 22.26 -38.67
N ALA B 324 28.90 21.30 -39.43
CA ALA B 324 29.04 21.34 -40.87
C ALA B 324 28.05 22.34 -41.47
N SER B 325 28.07 22.44 -42.80
CA SER B 325 27.15 23.31 -43.51
C SER B 325 25.77 22.69 -43.53
N GLY B 326 24.76 23.44 -43.11
CA GLY B 326 23.39 22.99 -43.06
C GLY B 326 22.49 23.48 -44.16
N GLY B 327 23.04 24.04 -45.23
CA GLY B 327 22.27 24.59 -46.32
C GLY B 327 22.46 26.09 -46.47
N SER B 328 21.83 26.62 -47.51
CA SER B 328 21.97 28.04 -47.82
C SER B 328 21.21 28.89 -46.81
N ALA B 329 21.51 30.18 -46.81
CA ALA B 329 20.89 31.14 -45.91
C ALA B 329 19.86 31.97 -46.68
N LEU B 330 18.66 32.11 -46.11
CA LEU B 330 17.55 32.75 -46.78
C LEU B 330 16.90 33.79 -45.87
N THR B 331 16.41 34.87 -46.49
CA THR B 331 15.86 35.99 -45.74
C THR B 331 14.59 35.59 -44.99
N LEU B 332 14.44 36.10 -43.77
CA LEU B 332 13.25 35.87 -42.97
C LEU B 332 12.68 37.14 -42.34
N ARG B 333 13.40 38.27 -42.41
CA ARG B 333 12.95 39.47 -41.71
C ARG B 333 11.65 40.01 -42.30
N THR B 334 11.49 39.92 -43.63
CA THR B 334 10.24 40.32 -44.25
C THR B 334 9.10 39.33 -43.97
N THR B 335 9.35 38.31 -43.15
CA THR B 335 8.38 37.29 -42.83
C THR B 335 8.03 37.22 -41.36
N LEU B 336 8.96 37.61 -40.47
CA LEU B 336 8.78 37.41 -39.04
C LEU B 336 7.55 38.14 -38.50
N SER B 337 7.06 39.15 -39.20
CA SER B 337 5.81 39.78 -38.79
C SER B 337 4.62 38.84 -39.01
N SER B 338 4.67 38.01 -40.04
CA SER B 338 3.61 37.09 -40.37
C SER B 338 3.73 35.76 -39.64
N LEU B 339 4.77 35.56 -38.83
CA LEU B 339 4.99 34.31 -38.12
C LEU B 339 4.80 34.46 -36.61
N MET B 340 3.89 35.34 -36.20
CA MET B 340 3.47 35.51 -34.81
C MET B 340 4.60 35.92 -33.89
N CYS B 341 5.72 36.40 -34.42
CA CYS B 341 6.81 36.92 -33.59
C CYS B 341 6.43 38.29 -33.06
N GLU B 342 6.02 38.36 -31.80
CA GLU B 342 5.77 39.63 -31.12
C GLU B 342 7.12 40.11 -30.59
N ASP B 343 7.90 40.73 -31.47
CA ASP B 343 9.23 41.27 -31.19
C ASP B 343 10.14 40.29 -30.45
N ASN B 344 10.01 38.99 -30.72
CA ASN B 344 10.77 37.95 -30.02
C ASN B 344 11.47 37.00 -30.99
N CYS B 345 11.91 37.51 -32.14
CA CYS B 345 12.61 36.66 -33.10
C CYS B 345 13.80 37.37 -33.75
N VAL B 346 14.25 38.50 -33.20
CA VAL B 346 15.34 39.27 -33.78
C VAL B 346 16.37 39.58 -32.69
N LEU B 347 17.63 39.32 -32.98
CA LEU B 347 18.74 39.62 -32.07
C LEU B 347 19.59 40.74 -32.66
N THR B 348 19.78 41.80 -31.88
CA THR B 348 20.60 42.93 -32.30
C THR B 348 21.73 43.15 -31.29
N LEU B 349 22.94 43.33 -31.80
CA LEU B 349 24.12 43.51 -30.96
C LEU B 349 24.79 44.84 -31.29
N ASP B 350 25.20 45.54 -30.23
CA ASP B 350 26.01 46.76 -30.35
C ASP B 350 27.22 46.60 -29.45
N VAL B 351 28.39 46.39 -30.05
CA VAL B 351 29.58 46.06 -29.29
C VAL B 351 30.02 47.22 -28.40
N ASP B 352 29.98 48.44 -28.92
CA ASP B 352 30.42 49.63 -28.18
C ASP B 352 29.24 50.59 -28.04
N ALA B 353 28.67 50.65 -26.83
CA ALA B 353 27.55 51.56 -26.58
C ALA B 353 27.98 53.01 -26.49
N GLN B 354 29.29 53.28 -26.42
CA GLN B 354 29.80 54.63 -26.31
C GLN B 354 30.60 55.08 -27.53
N SER B 355 30.83 54.18 -28.49
CA SER B 355 31.60 54.50 -29.69
C SER B 355 32.97 55.07 -29.34
N SER B 356 33.66 54.40 -28.43
CA SER B 356 34.99 54.82 -27.98
C SER B 356 36.10 54.31 -28.89
N GLY B 357 35.77 53.61 -29.97
CA GLY B 357 36.76 53.05 -30.86
C GLY B 357 37.38 51.74 -30.41
N THR B 358 36.93 51.19 -29.27
CA THR B 358 37.43 49.93 -28.74
C THR B 358 36.24 49.00 -28.53
N PRO B 359 35.89 48.19 -29.52
CA PRO B 359 34.75 47.28 -29.36
C PRO B 359 34.97 46.32 -28.20
N VAL B 360 33.96 46.24 -27.33
CA VAL B 360 34.08 45.40 -26.13
C VAL B 360 34.00 43.93 -26.51
N VAL B 361 33.05 43.56 -27.36
CA VAL B 361 32.72 42.16 -27.64
C VAL B 361 33.15 41.84 -29.07
N THR B 362 33.87 40.73 -29.23
CA THR B 362 34.19 40.17 -30.54
C THR B 362 33.66 38.76 -30.63
N ILE B 363 33.77 38.18 -31.82
CA ILE B 363 33.23 36.85 -32.09
C ILE B 363 34.34 35.94 -32.57
N GLN B 364 34.09 34.64 -32.44
CA GLN B 364 35.06 33.64 -32.88
C GLN B 364 34.33 32.34 -33.18
N ASP B 365 34.98 31.49 -33.98
CA ASP B 365 34.42 30.22 -34.39
C ASP B 365 34.45 29.22 -33.23
N ASN B 366 33.55 28.25 -33.30
CA ASN B 366 33.55 27.13 -32.34
C ASN B 366 33.09 25.88 -33.09
N GLY B 367 32.70 24.86 -32.33
CA GLY B 367 32.34 23.57 -32.91
C GLY B 367 30.95 23.47 -33.46
N ASP B 368 30.12 24.51 -33.29
CA ASP B 368 28.74 24.48 -33.78
C ASP B 368 28.53 25.37 -35.00
N SER B 369 29.60 25.87 -35.60
CA SER B 369 29.49 26.73 -36.77
C SER B 369 30.83 26.74 -37.50
N ILE B 370 30.88 27.45 -38.62
CA ILE B 370 32.11 27.66 -39.38
C ILE B 370 32.24 29.17 -39.59
N LEU B 371 32.95 29.83 -38.69
CA LEU B 371 33.22 31.25 -38.83
C LEU B 371 34.66 31.47 -39.31
N THR B 372 34.82 32.47 -40.18
CA THR B 372 36.10 32.70 -40.82
C THR B 372 36.38 34.19 -40.85
N GLN B 373 37.65 34.56 -40.66
CA GLN B 373 38.09 35.95 -40.76
C GLN B 373 38.29 36.27 -42.22
N LEU B 374 37.33 36.99 -42.81
CA LEU B 374 37.42 37.33 -44.23
C LEU B 374 38.61 38.24 -44.50
N ASN B 375 38.87 39.21 -43.62
CA ASN B 375 40.02 40.10 -43.76
C ASN B 375 41.18 39.48 -43.00
N ALA B 376 42.11 38.87 -43.74
CA ALA B 376 43.28 38.24 -43.16
C ALA B 376 44.49 39.16 -43.10
N SER B 377 44.32 40.44 -43.45
CA SER B 377 45.43 41.37 -43.45
C SER B 377 45.99 41.56 -42.06
N SER B 378 47.32 41.73 -41.99
CA SER B 378 47.99 41.94 -40.72
C SER B 378 47.70 43.31 -40.09
N ASN B 379 47.07 44.22 -40.85
CA ASN B 379 46.74 45.53 -40.30
C ASN B 379 45.67 45.46 -39.23
N THR B 380 44.97 44.33 -39.11
CA THR B 380 43.90 44.17 -38.14
C THR B 380 44.16 42.92 -37.29
N ASN B 381 43.46 42.87 -36.16
CA ASN B 381 43.58 41.76 -35.22
C ASN B 381 42.23 41.05 -35.10
N ALA B 382 42.15 40.12 -34.14
CA ALA B 382 40.91 39.39 -33.91
C ALA B 382 39.84 40.24 -33.25
N ASN B 383 40.17 41.43 -32.76
CA ASN B 383 39.18 42.29 -32.11
C ASN B 383 38.28 42.99 -33.11
N ASN B 384 38.59 42.95 -34.40
CA ASN B 384 37.74 43.57 -35.42
C ASN B 384 36.60 42.61 -35.74
N ALA B 385 35.48 42.78 -35.02
CA ALA B 385 34.33 41.90 -35.22
C ALA B 385 33.81 41.97 -36.65
N SER B 386 33.93 43.15 -37.28
CA SER B 386 33.43 43.33 -38.64
C SER B 386 34.29 42.60 -39.68
N ALA B 387 35.42 42.05 -39.29
CA ALA B 387 36.28 41.30 -40.20
C ALA B 387 35.92 39.83 -40.28
N PHE B 388 34.86 39.40 -39.61
CA PHE B 388 34.43 38.01 -39.61
C PHE B 388 33.17 37.84 -40.45
N GLY B 389 33.05 36.67 -41.06
CA GLY B 389 31.88 36.36 -41.87
C GLY B 389 31.88 34.91 -42.27
N ILE B 390 30.95 34.57 -43.17
CA ILE B 390 30.81 33.24 -43.71
C ILE B 390 31.27 33.27 -45.16
N SER B 391 32.21 32.37 -45.51
CA SER B 391 32.78 32.39 -46.85
C SER B 391 31.76 31.99 -47.90
N THR B 392 30.84 31.09 -47.55
CA THR B 392 29.86 30.62 -48.52
C THR B 392 28.62 31.50 -48.60
N GLU B 393 28.44 32.44 -47.67
CA GLU B 393 27.27 33.32 -47.64
C GLU B 393 27.71 34.78 -47.52
N THR B 394 28.67 35.17 -48.35
CA THR B 394 29.19 36.53 -48.29
C THR B 394 28.18 37.57 -48.76
N ALA B 395 27.14 37.16 -49.49
CA ALA B 395 26.20 38.12 -50.07
C ALA B 395 25.48 38.90 -48.97
N LYS B 396 25.03 38.23 -47.92
CA LYS B 396 24.33 38.88 -46.83
C LYS B 396 25.07 38.84 -45.50
N LEU B 397 26.03 37.95 -45.33
CA LEU B 397 26.81 37.83 -44.10
C LEU B 397 28.29 37.94 -44.38
N GLY B 398 28.67 38.91 -45.22
CA GLY B 398 30.07 39.12 -45.54
C GLY B 398 30.80 39.91 -44.47
N THR B 399 31.71 40.79 -44.89
CA THR B 399 32.40 41.65 -43.94
C THR B 399 31.41 42.53 -43.21
N GLY B 400 31.65 42.74 -41.91
CA GLY B 400 30.64 43.38 -41.11
C GLY B 400 29.49 42.41 -40.89
N SER B 401 28.38 42.94 -40.40
CA SER B 401 27.16 42.17 -40.17
C SER B 401 27.45 40.96 -39.28
N ILE B 402 27.83 41.27 -38.04
CA ILE B 402 28.33 40.31 -37.06
C ILE B 402 27.43 39.09 -37.00
N PRO B 403 27.87 37.94 -37.55
CA PRO B 403 27.03 36.74 -37.56
C PRO B 403 27.11 35.99 -36.24
N VAL B 404 26.01 36.00 -35.49
CA VAL B 404 25.92 35.25 -34.24
C VAL B 404 25.11 33.98 -34.52
N THR B 405 25.65 32.84 -34.13
CA THR B 405 25.02 31.56 -34.35
C THR B 405 24.69 30.91 -33.01
N ILE B 406 23.48 30.37 -32.90
CA ILE B 406 23.05 29.68 -31.69
C ILE B 406 22.65 28.26 -32.05
N THR B 407 22.73 27.37 -31.06
CA THR B 407 22.37 25.99 -31.20
C THR B 407 21.49 25.59 -30.03
N GLU B 408 20.43 24.83 -30.32
CA GLU B 408 19.49 24.44 -29.27
C GLU B 408 20.10 23.37 -28.39
N GLN B 409 20.00 23.56 -27.07
CA GLN B 409 20.58 22.63 -26.10
C GLN B 409 19.68 21.40 -25.93
N GLY B 410 19.50 20.67 -27.02
CA GLY B 410 18.66 19.50 -27.05
C GLY B 410 17.75 19.48 -28.26
N PRO B 411 17.33 18.29 -28.67
CA PRO B 411 16.46 18.19 -29.86
C PRO B 411 15.14 18.92 -29.69
N ASN B 412 14.58 18.91 -28.49
CA ASN B 412 13.28 19.54 -28.26
C ASN B 412 13.32 20.34 -26.97
N SER B 413 14.50 20.80 -26.57
CA SER B 413 14.63 21.57 -25.33
C SER B 413 13.91 22.91 -25.45
N GLY B 414 13.99 23.55 -26.61
CA GLY B 414 13.45 24.88 -26.76
C GLY B 414 14.29 25.98 -26.17
N VAL B 415 15.51 25.66 -25.72
CA VAL B 415 16.43 26.62 -25.13
C VAL B 415 17.72 26.61 -25.92
N PHE B 416 18.15 27.78 -26.36
CA PHE B 416 19.31 27.91 -27.24
C PHE B 416 20.46 28.59 -26.50
N GLY B 417 21.67 28.31 -26.95
CA GLY B 417 22.85 28.92 -26.38
C GLY B 417 23.92 29.12 -27.43
N THR B 418 24.73 30.16 -27.23
CA THR B 418 25.79 30.48 -28.17
C THR B 418 26.98 29.54 -28.04
N TYR B 419 27.28 29.09 -26.83
CA TYR B 419 28.44 28.24 -26.61
C TYR B 419 28.24 26.88 -27.28
N ASP B 420 29.36 26.27 -27.67
CA ASP B 420 29.34 24.92 -28.19
C ASP B 420 29.39 23.92 -27.03
N GLU B 421 29.62 22.65 -27.34
CA GLU B 421 29.77 21.65 -26.29
C GLU B 421 31.10 21.77 -25.57
N SER B 422 32.11 22.36 -26.22
CA SER B 422 33.41 22.59 -25.61
C SER B 422 33.47 23.91 -24.84
N ASP B 423 32.32 24.51 -24.53
CA ASP B 423 32.24 25.76 -23.78
C ASP B 423 33.02 26.89 -24.47
N LYS B 424 32.94 26.93 -25.79
CA LYS B 424 33.59 27.96 -26.59
C LYS B 424 32.50 28.89 -27.14
N SER B 425 32.20 29.94 -26.38
CA SER B 425 31.13 30.85 -26.75
C SER B 425 31.48 31.60 -28.03
N VAL B 426 30.44 31.91 -28.82
CA VAL B 426 30.64 32.71 -30.02
C VAL B 426 31.09 34.12 -29.64
N LEU B 427 30.48 34.71 -28.61
CA LEU B 427 30.80 36.06 -28.19
C LEU B 427 31.92 36.02 -27.15
N LYS B 428 32.97 36.80 -27.38
CA LYS B 428 34.10 36.87 -26.47
C LYS B 428 34.53 38.32 -26.30
N ILE B 429 34.98 38.67 -25.10
CA ILE B 429 35.39 40.03 -24.80
C ILE B 429 36.78 40.28 -25.39
N THR B 430 36.95 41.42 -26.05
CA THR B 430 38.26 41.79 -26.56
C THR B 430 39.24 42.03 -25.42
N ASP B 431 40.50 41.70 -25.65
CA ASP B 431 41.51 41.80 -24.59
C ASP B 431 41.95 43.24 -24.34
N ASN B 432 41.64 44.16 -25.26
CA ASN B 432 42.02 45.56 -25.10
C ASN B 432 40.88 46.43 -24.59
N ALA B 433 39.91 45.86 -23.89
CA ALA B 433 38.74 46.60 -23.46
C ALA B 433 39.11 47.65 -22.42
N LYS B 434 38.41 48.79 -22.48
CA LYS B 434 38.59 49.87 -21.52
C LYS B 434 37.61 49.73 -20.36
N ARG B 435 38.09 49.99 -19.15
CA ARG B 435 37.24 49.89 -17.98
C ARG B 435 36.12 50.93 -18.02
N GLY B 436 34.94 50.52 -17.58
CA GLY B 436 33.78 51.38 -17.60
C GLY B 436 32.97 51.34 -18.87
N THR B 437 33.52 50.81 -19.96
CA THR B 437 32.80 50.65 -21.22
C THR B 437 31.97 49.36 -21.15
N SER B 438 30.91 49.33 -21.94
CA SER B 438 29.99 48.20 -21.90
C SER B 438 29.41 47.95 -23.27
N ALA B 439 28.91 46.73 -23.46
CA ALA B 439 28.24 46.31 -24.68
C ALA B 439 26.75 46.11 -24.40
N SER B 440 25.95 46.23 -25.45
CA SER B 440 24.50 46.13 -25.35
C SER B 440 24.02 44.98 -26.22
N LEU B 441 23.55 43.91 -25.59
CA LEU B 441 22.96 42.77 -26.27
C LEU B 441 21.44 42.84 -26.07
N ASP B 442 20.70 42.84 -27.18
CA ASP B 442 19.27 43.06 -27.16
C ASP B 442 18.54 41.88 -27.78
N TYR B 443 17.74 41.20 -26.98
CA TYR B 443 16.83 40.16 -27.47
C TYR B 443 15.46 40.38 -26.86
N ASN B 444 14.43 40.05 -27.65
CA ASN B 444 13.04 40.28 -27.26
C ASN B 444 12.76 41.75 -26.99
N GLU B 445 13.52 42.63 -27.65
CA GLU B 445 13.43 44.07 -27.45
C GLU B 445 13.59 44.43 -25.98
N THR B 446 14.50 43.72 -25.30
CA THR B 446 14.87 43.99 -23.91
C THR B 446 16.39 44.05 -23.85
N PRO B 447 16.98 45.18 -24.24
CA PRO B 447 18.45 45.27 -24.28
C PRO B 447 19.07 45.01 -22.92
N GLN B 448 20.20 44.30 -22.93
CA GLN B 448 20.96 44.01 -21.73
C GLN B 448 22.37 44.55 -21.89
N THR B 449 22.99 44.89 -20.77
CA THR B 449 24.31 45.52 -20.77
C THR B 449 25.37 44.50 -20.35
N ILE B 450 26.50 44.55 -21.06
CA ILE B 450 27.65 43.72 -20.71
C ILE B 450 28.72 44.63 -20.13
N LEU B 451 28.72 44.79 -18.81
CA LEU B 451 29.60 45.74 -18.16
C LEU B 451 30.99 45.15 -18.00
N VAL B 452 32.04 45.97 -18.21
CA VAL B 452 33.46 45.52 -18.07
C VAL B 452 34.07 46.11 -16.79
N GLY B 453 34.81 45.32 -16.01
CA GLY B 453 35.34 45.81 -14.71
C GLY B 453 36.35 44.88 -14.04
N PHE B 454 36.69 45.15 -12.77
CA PHE B 454 37.68 44.34 -12.01
C PHE B 454 37.40 44.51 -10.50
N SER B 455 38.14 43.86 -9.60
CA SER B 455 37.77 43.92 -8.15
C SER B 455 38.98 43.92 -7.20
N PHE B 456 38.74 44.26 -5.92
CA PHE B 456 39.85 44.28 -4.97
C PHE B 456 40.10 42.87 -4.45
N ALA B 457 41.35 42.43 -4.55
CA ALA B 457 41.72 41.10 -4.09
C ALA B 457 42.18 41.15 -2.63
N SER B 458 42.29 39.95 -2.04
CA SER B 458 42.73 39.82 -0.66
C SER B 458 43.36 38.44 -0.49
N ILE B 459 44.68 38.39 -0.47
CA ILE B 459 45.41 37.14 -0.26
C ILE B 459 45.62 36.95 1.22
N ASP B 460 45.23 35.78 1.73
CA ASP B 460 45.30 35.49 3.15
C ASP B 460 45.94 34.13 3.35
N ILE B 461 46.77 34.01 4.39
CA ILE B 461 47.38 32.75 4.79
C ILE B 461 46.76 32.34 6.12
N GLN B 462 46.12 31.17 6.15
CA GLN B 462 45.40 30.69 7.31
C GLN B 462 46.06 29.43 7.84
N PRO B 463 46.91 29.53 8.85
CA PRO B 463 47.50 28.33 9.46
C PRO B 463 46.44 27.50 10.19
N VAL B 464 46.69 26.19 10.24
CA VAL B 464 45.77 25.29 10.93
C VAL B 464 45.76 25.53 12.42
N THR B 465 46.81 26.16 12.96
CA THR B 465 46.89 26.46 14.39
C THR B 465 47.51 27.85 14.54
N ASP B 466 47.91 28.19 15.76
CA ASP B 466 48.44 29.51 16.07
C ASP B 466 49.91 29.67 15.71
N GLU B 467 50.58 28.60 15.29
CA GLU B 467 51.99 28.66 14.92
C GLU B 467 52.22 27.90 13.63
N TRP B 468 52.99 28.48 12.71
CA TRP B 468 53.29 27.85 11.43
C TRP B 468 54.64 27.12 11.56
N THR B 469 54.59 25.95 12.18
CA THR B 469 55.78 25.15 12.38
C THR B 469 56.16 24.43 11.09
N SER B 470 57.38 23.89 11.08
CA SER B 470 57.90 23.23 9.88
C SER B 470 57.13 21.95 9.58
N GLY B 471 57.07 21.62 8.30
CA GLY B 471 56.35 20.42 7.87
C GLY B 471 54.85 20.49 8.11
N GLN B 472 54.24 21.64 7.86
CA GLN B 472 52.80 21.83 8.05
C GLN B 472 52.26 22.58 6.83
N GLU B 473 51.60 21.85 5.94
CA GLU B 473 51.00 22.48 4.77
C GLU B 473 49.72 23.21 5.18
N ILE B 474 49.68 24.52 4.95
CA ILE B 474 48.54 25.34 5.34
C ILE B 474 47.95 25.99 4.09
N PRO B 475 46.62 26.08 4.00
CA PRO B 475 46.01 26.61 2.77
C PRO B 475 46.32 28.09 2.57
N VAL B 476 46.38 28.47 1.30
CA VAL B 476 46.51 29.88 0.88
C VAL B 476 45.26 30.21 0.08
N VAL B 477 44.54 31.25 0.51
CA VAL B 477 43.26 31.62 -0.08
C VAL B 477 43.43 32.95 -0.78
N ILE B 478 43.08 32.99 -2.06
CA ILE B 478 43.15 34.20 -2.88
C ILE B 478 41.76 34.43 -3.47
N VAL B 479 41.19 35.59 -3.17
CA VAL B 479 39.87 35.97 -3.68
C VAL B 479 40.09 37.08 -4.69
N ASP B 480 40.01 36.74 -5.98
CA ASP B 480 40.24 37.71 -7.05
C ASP B 480 39.28 37.39 -8.19
N ALA B 481 38.29 38.26 -8.41
CA ALA B 481 37.35 38.05 -9.49
C ALA B 481 37.95 38.34 -10.86
N ASP B 482 39.09 39.03 -10.91
CA ASP B 482 39.69 39.34 -12.20
C ASP B 482 40.21 38.09 -12.90
N GLN B 483 40.65 37.09 -12.15
CA GLN B 483 41.17 35.87 -12.73
C GLN B 483 40.07 34.87 -13.08
N ASN B 484 38.84 35.09 -12.61
CA ASN B 484 37.72 34.22 -12.93
C ASN B 484 37.11 34.67 -14.26
N LYS B 485 37.76 34.24 -15.34
CA LYS B 485 37.38 34.66 -16.69
C LYS B 485 36.38 33.71 -17.35
N ASN B 486 35.95 32.66 -16.66
CA ASN B 486 34.98 31.72 -17.21
C ASN B 486 34.05 31.28 -16.08
N SER B 487 32.75 31.48 -16.28
CA SER B 487 31.75 31.15 -15.27
C SER B 487 31.24 29.72 -15.39
N ARG B 488 31.68 28.96 -16.40
CA ARG B 488 31.22 27.59 -16.61
C ARG B 488 32.35 26.58 -16.55
N ALA B 489 33.53 26.97 -16.06
CA ALA B 489 34.66 26.06 -15.98
C ALA B 489 35.57 26.50 -14.85
N ASP B 490 36.64 25.74 -14.64
CA ASP B 490 37.62 26.01 -13.60
C ASP B 490 38.86 26.63 -14.24
N GLU B 491 39.28 27.78 -13.72
CA GLU B 491 40.45 28.48 -14.20
C GLU B 491 41.61 28.22 -13.25
N ASP B 492 42.67 27.60 -13.75
CA ASP B 492 43.86 27.30 -12.97
C ASP B 492 44.98 28.23 -13.42
N LEU B 493 45.64 28.87 -12.45
CA LEU B 493 46.77 29.73 -12.76
C LEU B 493 47.91 28.90 -13.35
N ASP B 494 48.71 29.54 -14.21
CA ASP B 494 49.79 28.85 -14.88
C ASP B 494 50.83 29.86 -15.34
N LEU B 495 52.09 29.64 -14.97
CA LEU B 495 53.17 30.47 -15.49
C LEU B 495 53.30 30.30 -17.00
N ASN B 496 53.09 29.08 -17.49
CA ASN B 496 53.21 28.79 -18.93
C ASN B 496 52.07 29.37 -19.74
N ASN B 497 51.02 29.89 -19.09
CA ASN B 497 49.88 30.43 -19.82
C ASN B 497 49.99 31.95 -19.86
N PRO B 498 50.24 32.55 -21.03
CA PRO B 498 50.31 34.02 -21.09
C PRO B 498 48.99 34.68 -20.73
N ASP B 499 47.86 33.99 -20.91
CA ASP B 499 46.57 34.58 -20.55
C ASP B 499 46.48 34.85 -19.05
N VAL B 500 47.02 33.96 -18.23
CA VAL B 500 47.09 34.20 -16.79
C VAL B 500 48.19 35.23 -16.55
N THR B 501 47.79 36.49 -16.40
CA THR B 501 48.76 37.58 -16.34
C THR B 501 49.46 37.65 -14.99
N LEU B 502 48.74 37.41 -13.90
CA LEU B 502 49.24 37.69 -12.56
C LEU B 502 49.26 36.41 -11.74
N ILE B 503 50.41 36.10 -11.16
CA ILE B 503 50.59 34.91 -10.32
C ILE B 503 51.23 35.34 -9.00
N PRO B 504 50.73 34.87 -7.86
CA PRO B 504 51.38 35.18 -6.59
C PRO B 504 52.78 34.57 -6.52
N ALA B 505 53.67 35.25 -5.80
CA ALA B 505 55.06 34.83 -5.70
C ALA B 505 55.59 35.08 -4.31
N LEU B 506 56.58 34.27 -3.92
CA LEU B 506 57.29 34.43 -2.66
C LEU B 506 58.78 34.23 -2.94
N ARG B 507 59.61 35.05 -2.29
CA ARG B 507 61.05 34.98 -2.52
C ARG B 507 61.78 35.30 -1.23
N THR B 508 62.98 34.71 -1.10
CA THR B 508 63.86 34.96 0.03
C THR B 508 65.26 35.24 -0.48
N GLY B 509 65.98 36.10 0.24
CA GLY B 509 67.32 36.47 -0.19
C GLY B 509 67.28 37.28 -1.49
N ASP B 510 68.28 37.05 -2.33
CA ASP B 510 68.40 37.72 -3.63
C ASP B 510 68.62 36.66 -4.71
N PRO B 511 67.56 35.94 -5.08
CA PRO B 511 67.70 34.97 -6.18
C PRO B 511 67.94 35.67 -7.50
N PHE B 512 68.72 35.01 -8.37
CA PHE B 512 69.05 35.57 -9.67
C PHE B 512 67.94 35.24 -10.65
N THR B 513 66.99 36.17 -10.78
CA THR B 513 65.90 36.02 -11.73
C THR B 513 66.35 36.46 -13.12
N ILE B 514 65.42 36.40 -14.08
CA ILE B 514 65.73 36.76 -15.45
C ILE B 514 65.90 38.27 -15.61
N ASP B 515 65.47 39.06 -14.64
CA ASP B 515 65.48 40.51 -14.74
C ASP B 515 66.39 41.17 -13.71
N GLU B 516 67.36 40.44 -13.14
CA GLU B 516 68.27 41.05 -12.18
C GLU B 516 69.11 42.15 -12.83
N GLY B 517 69.36 42.07 -14.13
CA GLY B 517 70.12 43.08 -14.82
C GLY B 517 69.27 44.06 -15.60
N GLY B 518 67.99 44.14 -15.24
CA GLY B 518 67.06 45.01 -15.93
C GLY B 518 66.19 44.26 -16.92
N THR B 519 65.61 45.03 -17.84
CA THR B 519 64.74 44.44 -18.84
C THR B 519 65.58 43.67 -19.86
N PRO B 520 65.30 42.38 -20.06
CA PRO B 520 66.10 41.58 -21.00
C PRO B 520 65.69 41.86 -22.45
N SER B 521 66.50 41.32 -23.36
CA SER B 521 66.25 41.39 -24.80
C SER B 521 66.30 39.98 -25.36
N LEU B 522 65.21 39.54 -25.99
CA LEU B 522 65.08 38.18 -26.49
C LEU B 522 64.80 38.20 -27.98
N ILE B 523 65.48 37.32 -28.72
CA ILE B 523 65.31 37.17 -30.16
C ILE B 523 65.22 35.69 -30.50
N PHE B 524 64.70 35.41 -31.70
CA PHE B 524 64.59 34.05 -32.21
C PHE B 524 65.37 33.95 -33.51
N THR B 525 65.95 32.77 -33.74
CA THR B 525 66.84 32.56 -34.88
C THR B 525 66.65 31.15 -35.41
N ASN B 526 66.70 31.01 -36.74
CA ASN B 526 66.64 29.71 -37.39
C ASN B 526 67.96 29.44 -38.11
N GLY B 527 68.44 28.21 -37.99
CA GLY B 527 69.69 27.84 -38.64
C GLY B 527 70.23 26.54 -38.04
N THR B 528 71.54 26.37 -38.16
CA THR B 528 72.24 25.18 -37.67
C THR B 528 73.31 25.59 -36.68
N ASN B 529 73.49 24.78 -35.64
CA ASN B 529 74.49 25.08 -34.62
C ASN B 529 75.90 24.78 -35.12
N GLY B 530 76.06 23.72 -35.91
CA GLY B 530 77.37 23.32 -36.41
C GLY B 530 78.11 22.44 -35.43
N ASP B 531 79.21 21.87 -35.91
CA ASP B 531 80.03 20.99 -35.09
C ASP B 531 80.81 21.73 -34.02
N ASP B 532 81.15 22.99 -34.24
CA ASP B 532 81.86 23.80 -33.24
C ASP B 532 80.88 24.54 -32.34
N SER B 533 79.94 23.80 -31.76
CA SER B 533 78.93 24.37 -30.88
C SER B 533 78.78 23.47 -29.65
N ILE B 534 78.45 24.10 -28.52
CA ILE B 534 78.29 23.36 -27.29
C ILE B 534 76.97 22.58 -27.23
N PHE B 535 75.99 22.95 -28.06
CA PHE B 535 74.69 22.29 -28.02
C PHE B 535 74.78 20.85 -28.50
N ASP B 536 75.58 20.59 -29.53
CA ASP B 536 75.68 19.24 -30.09
C ASP B 536 76.82 18.44 -29.46
N THR B 537 78.02 19.02 -29.40
CA THR B 537 79.17 18.28 -28.86
C THR B 537 79.09 18.17 -27.34
N GLY B 538 78.55 19.19 -26.66
CA GLY B 538 78.51 19.17 -25.22
C GLY B 538 77.54 18.15 -24.67
N ALA B 539 77.82 17.74 -23.43
CA ALA B 539 76.97 16.78 -22.72
C ALA B 539 77.17 16.98 -21.23
N ILE B 540 76.20 16.49 -20.45
CA ILE B 540 76.26 16.60 -18.99
C ILE B 540 77.13 15.46 -18.48
N ASN B 541 78.37 15.78 -18.12
CA ASN B 541 79.29 14.80 -17.56
C ASN B 541 80.15 15.36 -16.44
N ASN B 542 79.92 16.59 -15.98
CA ASN B 542 80.72 17.26 -14.96
C ASN B 542 82.18 17.39 -15.37
N THR B 543 82.45 17.43 -16.67
CA THR B 543 83.80 17.61 -17.19
C THR B 543 83.93 19.01 -17.79
N SER B 544 85.13 19.58 -17.66
CA SER B 544 85.38 20.93 -18.17
C SER B 544 85.17 21.01 -19.68
N ALA B 545 85.73 20.04 -20.42
CA ALA B 545 85.55 20.03 -21.86
C ALA B 545 84.11 19.70 -22.23
N GLY B 546 83.48 18.78 -21.49
CA GLY B 546 82.14 18.33 -21.81
C GLY B 546 81.06 19.37 -21.64
N GLN B 547 81.12 20.16 -20.57
CA GLN B 547 80.06 21.12 -20.26
C GLN B 547 80.43 22.56 -20.57
N VAL B 548 81.71 22.88 -20.73
CA VAL B 548 82.17 24.25 -20.99
C VAL B 548 82.89 24.25 -22.33
N GLY B 549 82.50 25.18 -23.20
CA GLY B 549 83.12 25.30 -24.51
C GLY B 549 82.81 26.62 -25.19
N ASN B 550 82.57 26.56 -26.50
CA ASN B 550 82.26 27.75 -27.29
C ASN B 550 80.96 27.53 -28.06
N PHE B 551 80.24 28.63 -28.29
CA PHE B 551 78.96 28.60 -28.99
C PHE B 551 79.12 29.32 -30.33
N THR B 552 78.83 28.61 -31.41
CA THR B 552 78.86 29.16 -32.76
C THR B 552 77.57 28.81 -33.48
N LEU B 553 77.22 29.63 -34.48
CA LEU B 553 75.98 29.42 -35.21
C LEU B 553 76.08 30.10 -36.56
N ASN B 554 75.23 29.65 -37.48
CA ASN B 554 75.02 30.28 -38.77
C ASN B 554 73.54 30.53 -38.95
N ILE B 555 73.20 31.69 -39.52
CA ILE B 555 71.82 32.16 -39.56
C ILE B 555 71.36 32.17 -41.02
N ASN B 556 70.19 31.58 -41.27
CA ASN B 556 69.55 31.58 -42.59
C ASN B 556 68.10 32.01 -42.37
N VAL B 557 67.87 33.31 -42.40
CA VAL B 557 66.55 33.87 -42.16
C VAL B 557 66.01 34.59 -43.40
N THR B 558 66.49 34.21 -44.59
CA THR B 558 66.03 34.85 -45.82
C THR B 558 64.54 34.61 -46.06
N ARG B 559 64.07 33.39 -45.81
CA ARG B 559 62.67 33.07 -46.03
C ARG B 559 61.75 33.71 -45.00
N PHE B 560 62.27 34.24 -43.90
CA PHE B 560 61.45 34.84 -42.87
C PHE B 560 60.93 36.20 -43.34
N SER B 561 59.95 36.72 -42.59
CA SER B 561 59.39 38.03 -42.89
C SER B 561 60.44 39.11 -42.67
N SER B 562 60.58 40.00 -43.64
CA SER B 562 61.52 41.12 -43.61
C SER B 562 62.98 40.65 -43.60
N ALA B 563 63.18 39.34 -43.69
CA ALA B 563 64.52 38.73 -43.75
C ALA B 563 65.41 39.21 -42.60
N THR B 564 64.83 39.24 -41.39
CA THR B 564 65.52 39.71 -40.21
C THR B 564 65.25 38.77 -39.05
N ASN B 565 66.10 38.86 -38.03
CA ASN B 565 65.92 38.07 -36.82
C ASN B 565 64.62 38.45 -36.13
N ILE B 566 63.96 37.46 -35.52
CA ILE B 566 62.64 37.65 -34.93
C ILE B 566 62.83 38.38 -33.61
N THR B 567 62.65 39.70 -33.62
CA THR B 567 62.68 40.49 -32.40
C THR B 567 61.35 40.36 -31.66
N SER B 568 61.35 40.81 -30.40
CA SER B 568 60.16 40.68 -29.57
C SER B 568 60.12 41.80 -28.54
N THR B 569 58.93 42.04 -28.01
CA THR B 569 58.72 43.01 -26.95
C THR B 569 58.76 42.29 -25.60
N GLU B 570 59.56 42.81 -24.68
CA GLU B 570 59.85 42.15 -23.42
C GLU B 570 59.21 42.91 -22.26
N SER B 571 58.54 42.16 -21.37
CA SER B 571 57.95 42.74 -20.17
C SER B 571 58.24 41.81 -19.00
N ILE B 572 58.33 42.39 -17.81
CA ILE B 572 58.68 41.66 -16.59
C ILE B 572 57.64 41.96 -15.52
N ASP B 573 57.15 40.91 -14.87
CA ASP B 573 56.26 41.08 -13.73
C ASP B 573 57.07 41.45 -12.49
N THR B 574 56.45 42.24 -11.61
CA THR B 574 57.15 42.76 -10.44
C THR B 574 57.36 41.71 -9.35
N PHE B 575 56.51 40.69 -9.26
CA PHE B 575 56.60 39.71 -8.20
C PHE B 575 56.96 38.32 -8.72
N SER B 576 56.18 37.77 -9.64
CA SER B 576 56.54 36.46 -10.21
C SER B 576 57.78 36.54 -11.10
N LYS B 577 58.20 37.75 -11.48
CA LYS B 577 59.38 37.99 -12.30
C LYS B 577 59.31 37.28 -13.64
N ARG B 578 58.10 36.96 -14.09
CA ARG B 578 57.93 36.27 -15.36
C ARG B 578 58.21 37.22 -16.53
N LEU B 579 58.93 36.71 -17.53
CA LEU B 579 59.20 37.45 -18.75
C LEU B 579 58.15 37.08 -19.79
N ILE B 580 57.40 38.08 -20.26
CA ILE B 580 56.38 37.88 -21.29
C ILE B 580 56.91 38.46 -22.59
N SER B 581 56.97 37.63 -23.62
CA SER B 581 57.51 38.02 -24.92
C SER B 581 56.37 38.23 -25.91
N ALA B 582 56.31 39.42 -26.48
CA ALA B 582 55.28 39.78 -27.46
C ALA B 582 55.93 39.83 -28.85
N GLN B 583 55.32 39.13 -29.80
CA GLN B 583 55.86 39.04 -31.15
C GLN B 583 54.74 38.67 -32.11
N THR B 584 55.09 38.60 -33.39
CA THR B 584 54.12 38.23 -34.41
C THR B 584 53.65 36.80 -34.21
N ALA B 585 52.34 36.60 -34.28
CA ALA B 585 51.73 35.28 -34.08
C ALA B 585 51.62 34.53 -35.41
N ASN B 586 52.78 34.22 -35.98
CA ASN B 586 52.83 33.49 -37.23
C ASN B 586 52.84 31.99 -36.96
N SER B 587 51.88 31.27 -37.55
CA SER B 587 51.75 29.83 -37.35
C SER B 587 51.68 29.07 -38.67
N SER B 588 52.36 29.56 -39.71
CA SER B 588 52.34 28.89 -41.00
C SER B 588 53.11 27.57 -40.92
N ALA B 589 52.78 26.65 -41.84
CA ALA B 589 53.47 25.37 -41.89
C ALA B 589 54.93 25.55 -42.26
N ASN B 590 55.24 26.50 -43.15
CA ASN B 590 56.62 26.74 -43.55
C ASN B 590 57.46 27.37 -42.45
N PHE B 591 56.84 27.88 -41.39
CA PHE B 591 57.57 28.47 -40.28
C PHE B 591 58.40 27.41 -39.58
N ASP B 592 59.69 27.71 -39.40
CA ASP B 592 60.60 26.82 -38.69
C ASP B 592 61.65 27.67 -37.98
N VAL B 593 61.69 27.58 -36.65
CA VAL B 593 62.66 28.31 -35.84
C VAL B 593 63.30 27.32 -34.87
N ASP B 594 64.59 27.51 -34.63
CA ASP B 594 65.35 26.56 -33.81
C ASP B 594 66.06 27.22 -32.64
N PHE B 595 66.64 28.40 -32.82
CA PHE B 595 67.46 29.03 -31.80
C PHE B 595 66.67 30.13 -31.09
N ALA B 596 67.24 30.58 -29.96
CA ALA B 596 66.70 31.70 -29.20
C ALA B 596 67.80 32.22 -28.28
N ILE B 597 68.17 33.48 -28.46
CA ILE B 597 69.23 34.12 -27.69
C ILE B 597 68.61 35.27 -26.91
N ILE B 598 68.89 35.31 -25.61
CA ILE B 598 68.36 36.35 -24.73
C ILE B 598 69.49 36.88 -23.87
N ASP B 599 69.58 38.21 -23.78
CA ASP B 599 70.55 38.89 -22.94
C ASP B 599 69.84 39.53 -21.75
N LEU B 600 70.46 39.44 -20.58
CA LEU B 600 69.85 39.92 -19.34
C LEU B 600 70.12 41.40 -19.10
N GLY B 601 69.87 42.22 -20.11
CA GLY B 601 70.10 43.65 -19.95
C GLY B 601 71.57 43.96 -19.68
N SER B 602 71.83 44.62 -18.56
CA SER B 602 73.17 45.01 -18.16
C SER B 602 73.78 44.04 -17.15
N ALA B 603 73.19 42.87 -16.96
CA ALA B 603 73.71 41.91 -15.99
C ALA B 603 75.07 41.39 -16.42
N THR B 604 75.96 41.23 -15.43
CA THR B 604 77.30 40.73 -15.68
C THR B 604 77.63 39.60 -14.71
N LEU B 605 78.90 39.16 -14.70
CA LEU B 605 79.32 38.15 -13.72
C LEU B 605 79.24 38.68 -12.30
N GLU B 606 79.36 40.00 -12.12
CA GLU B 606 79.18 40.59 -10.80
C GLU B 606 77.75 40.42 -10.32
N THR B 607 76.77 40.61 -11.21
CA THR B 607 75.37 40.42 -10.88
C THR B 607 75.01 38.96 -10.70
N LEU B 608 75.87 38.04 -11.14
CA LEU B 608 75.60 36.60 -10.98
C LEU B 608 76.29 36.03 -9.76
N LYS B 609 77.46 36.56 -9.38
CA LYS B 609 78.21 36.00 -8.26
C LYS B 609 77.56 36.35 -6.91
N GLU B 610 76.67 37.33 -6.87
CA GLU B 610 75.96 37.62 -5.63
C GLU B 610 75.02 36.48 -5.24
N THR B 611 74.51 35.75 -6.24
CA THR B 611 73.69 34.58 -5.99
C THR B 611 74.46 33.29 -6.24
N VAL B 612 75.08 33.14 -7.42
CA VAL B 612 75.88 31.96 -7.71
C VAL B 612 77.15 32.02 -6.88
N VAL B 613 77.40 30.98 -6.10
CA VAL B 613 78.56 30.90 -5.22
C VAL B 613 79.47 29.79 -5.71
N ASP B 614 80.74 29.88 -5.32
CA ASP B 614 81.74 28.88 -5.69
C ASP B 614 81.58 27.67 -4.78
N GLU B 615 81.11 26.55 -5.34
CA GLU B 615 80.89 25.36 -4.55
C GLU B 615 82.18 24.74 -4.03
N ASP B 616 83.31 25.03 -4.68
CA ASP B 616 84.58 24.44 -4.25
C ASP B 616 85.15 25.13 -3.01
N ASN B 617 84.92 26.43 -2.86
CA ASN B 617 85.49 27.18 -1.74
C ASN B 617 84.56 27.28 -0.54
N THR B 618 83.26 27.39 -0.76
CA THR B 618 82.32 27.46 0.35
C THR B 618 82.23 26.11 1.07
N ALA B 619 82.07 26.18 2.40
CA ALA B 619 81.94 24.96 3.19
C ALA B 619 80.72 24.16 2.77
N VAL B 620 79.56 24.81 2.69
CA VAL B 620 78.34 24.20 2.21
C VAL B 620 77.69 25.14 1.21
N GLY B 621 77.41 24.65 0.01
CA GLY B 621 76.81 25.47 -1.01
C GLY B 621 76.39 24.68 -2.24
N PHE B 622 75.16 24.92 -2.71
CA PHE B 622 74.64 24.26 -3.90
C PHE B 622 73.97 25.30 -4.79
N ASN B 623 74.03 25.05 -6.09
CA ASN B 623 73.43 25.94 -7.09
C ASN B 623 72.40 25.15 -7.90
N PHE B 624 71.23 25.76 -8.11
CA PHE B 624 70.14 25.11 -8.81
C PHE B 624 69.61 26.02 -9.89
N PHE B 625 69.15 25.41 -11.00
CA PHE B 625 68.61 26.15 -12.13
C PHE B 625 67.21 25.63 -12.41
N ASN B 626 66.22 26.52 -12.29
CA ASN B 626 64.82 26.21 -12.54
C ASN B 626 64.36 26.97 -13.77
N TYR B 627 63.77 26.25 -14.73
CA TYR B 627 63.33 26.87 -15.97
C TYR B 627 61.93 26.35 -16.34
N ASP B 628 61.17 27.21 -17.02
CA ASP B 628 59.81 26.88 -17.47
C ASP B 628 59.64 27.43 -18.87
N VAL B 629 59.63 26.55 -19.87
CA VAL B 629 59.47 26.94 -21.27
C VAL B 629 58.32 26.16 -21.88
N ARG B 630 57.34 25.79 -21.07
CA ARG B 630 56.23 24.96 -21.55
C ARG B 630 55.43 25.65 -22.64
N SER B 631 55.36 26.99 -22.61
CA SER B 631 54.58 27.71 -23.60
C SER B 631 55.13 27.56 -25.01
N LEU B 632 56.43 27.28 -25.15
CA LEU B 632 57.01 27.08 -26.47
C LEU B 632 56.52 25.79 -27.11
N GLY B 633 56.23 24.78 -26.29
CA GLY B 633 55.79 23.50 -26.83
C GLY B 633 56.86 22.78 -27.63
N ALA B 634 58.12 22.87 -27.21
CA ALA B 634 59.21 22.22 -27.91
C ALA B 634 59.34 20.77 -27.48
N ASP B 635 59.72 19.91 -28.44
CA ASP B 635 59.91 18.50 -28.12
C ASP B 635 61.09 18.30 -27.18
N THR B 636 62.23 18.92 -27.49
CA THR B 636 63.41 18.88 -26.64
C THR B 636 63.90 20.30 -26.40
N VAL B 637 64.44 20.53 -25.21
CA VAL B 637 64.88 21.85 -24.79
C VAL B 637 66.33 21.77 -24.33
N SER B 638 67.16 22.69 -24.82
CA SER B 638 68.55 22.80 -24.42
C SER B 638 68.85 24.24 -24.04
N ILE B 639 69.51 24.42 -22.90
CA ILE B 639 69.82 25.74 -22.36
C ILE B 639 71.31 25.80 -22.04
N ALA B 640 71.97 26.87 -22.47
CA ALA B 640 73.39 27.08 -22.22
C ALA B 640 73.61 28.49 -21.72
N LEU B 641 74.65 28.66 -20.89
CA LEU B 641 75.01 29.96 -20.34
C LEU B 641 76.16 30.55 -21.14
N LEU B 642 76.03 31.83 -21.52
CA LEU B 642 77.02 32.50 -22.35
C LEU B 642 77.67 33.61 -21.54
N ASN B 643 78.99 33.74 -21.66
CA ASN B 643 79.73 34.82 -21.02
C ASN B 643 80.69 35.44 -22.04
N THR B 644 80.63 36.77 -22.16
CA THR B 644 81.48 37.47 -23.12
C THR B 644 81.69 38.90 -22.65
N THR B 645 82.81 39.48 -23.06
CA THR B 645 83.13 40.85 -22.70
C THR B 645 82.45 41.88 -23.60
N GLY B 646 81.87 41.45 -24.72
CA GLY B 646 81.19 42.35 -25.63
C GLY B 646 79.68 42.19 -25.58
N ASN B 647 79.02 42.72 -26.61
CA ASN B 647 77.57 42.64 -26.70
C ASN B 647 77.14 41.24 -27.13
N ILE B 648 75.96 40.84 -26.66
CA ILE B 648 75.40 39.54 -27.00
C ILE B 648 74.64 39.58 -28.31
N LEU B 649 73.87 40.64 -28.55
CA LEU B 649 73.12 40.79 -29.79
C LEU B 649 73.77 41.87 -30.64
N PRO B 650 74.21 41.56 -31.88
CA PRO B 650 74.20 40.24 -32.54
C PRO B 650 75.31 39.34 -32.01
N TRP B 651 75.17 38.03 -32.17
CA TRP B 651 76.17 37.10 -31.68
C TRP B 651 77.32 36.96 -32.68
N VAL B 652 78.43 36.43 -32.20
CA VAL B 652 79.63 36.22 -33.01
C VAL B 652 79.97 34.73 -33.02
N ASN B 653 81.05 34.37 -33.70
CA ASN B 653 81.48 32.99 -33.82
C ASN B 653 82.97 32.89 -33.54
N ASN B 654 83.39 31.67 -33.19
CA ASN B 654 84.80 31.43 -32.91
C ASN B 654 85.66 31.66 -34.15
N ASP B 655 85.17 31.23 -35.32
CA ASP B 655 85.91 31.42 -36.57
C ASP B 655 85.98 32.89 -36.99
N THR B 656 85.18 33.76 -36.39
CA THR B 656 85.18 35.18 -36.72
C THR B 656 86.08 36.00 -35.82
N ARG B 657 85.97 35.82 -34.50
CA ARG B 657 86.78 36.56 -33.55
C ARG B 657 87.25 35.63 -32.44
N ASN B 658 88.34 36.02 -31.79
CA ASN B 658 88.94 35.25 -30.70
C ASN B 658 89.16 36.13 -29.49
N VAL B 659 88.20 37.03 -29.23
CA VAL B 659 88.33 37.92 -28.08
C VAL B 659 88.18 37.15 -26.78
N ASP B 660 87.23 36.21 -26.72
CA ASP B 660 86.97 35.42 -25.52
C ASP B 660 87.51 34.01 -25.71
N LYS B 661 88.27 33.53 -24.72
CA LYS B 661 88.80 32.17 -24.79
C LYS B 661 87.68 31.14 -24.74
N ASN B 662 86.66 31.38 -23.91
CA ASN B 662 85.52 30.48 -23.80
C ASN B 662 84.28 31.31 -23.49
N ASN B 663 83.17 30.99 -24.16
CA ASN B 663 81.97 31.78 -24.00
C ASN B 663 80.70 30.94 -23.90
N ALA B 664 80.82 29.64 -23.61
CA ALA B 664 79.65 28.77 -23.53
C ALA B 664 79.78 27.87 -22.31
N ILE B 665 78.72 27.82 -21.51
CA ILE B 665 78.62 26.93 -20.35
C ILE B 665 77.29 26.22 -20.46
N LEU B 666 77.34 24.94 -20.85
CA LEU B 666 76.11 24.18 -21.04
C LEU B 666 75.48 23.85 -19.68
N LEU B 667 74.16 24.01 -19.61
CA LEU B 667 73.40 23.71 -18.39
C LEU B 667 72.40 22.58 -18.61
N VAL B 668 71.60 22.66 -19.68
CA VAL B 668 70.59 21.65 -19.99
C VAL B 668 70.80 21.23 -21.45
N SER B 669 70.79 19.91 -21.68
CA SER B 669 71.05 19.35 -23.01
C SER B 669 69.92 18.42 -23.40
N ASN B 670 69.07 18.87 -24.33
CA ASN B 670 68.05 18.03 -24.95
C ASN B 670 67.12 17.40 -23.91
N SER B 671 66.68 18.20 -22.94
CA SER B 671 65.73 17.72 -21.96
C SER B 671 64.35 17.54 -22.59
N THR B 672 63.70 16.42 -22.28
CA THR B 672 62.37 16.14 -22.80
C THR B 672 61.26 16.83 -22.02
N ASN B 673 61.58 17.43 -20.87
CA ASN B 673 60.61 18.13 -20.05
C ASN B 673 60.90 19.62 -20.04
N SER B 674 59.90 20.42 -20.40
CA SER B 674 60.06 21.87 -20.34
C SER B 674 60.09 22.37 -18.90
N GLN B 675 59.42 21.66 -17.99
CA GLN B 675 59.48 21.97 -16.57
C GLN B 675 60.53 21.08 -15.91
N ALA B 676 61.52 21.72 -15.29
CA ALA B 676 62.59 20.96 -14.63
C ALA B 676 63.24 21.84 -13.59
N TYR B 677 63.61 21.22 -12.47
CA TYR B 677 64.32 21.88 -11.37
C TYR B 677 65.53 21.01 -11.07
N VAL B 678 66.63 21.24 -11.79
CA VAL B 678 67.78 20.36 -11.80
C VAL B 678 68.91 20.99 -10.98
N ASP B 679 69.71 20.13 -10.36
CA ASP B 679 70.87 20.57 -9.59
C ASP B 679 72.04 20.80 -10.54
N LEU B 680 72.58 22.01 -10.54
CA LEU B 680 73.73 22.32 -11.39
C LEU B 680 74.95 21.56 -10.92
N THR B 681 75.73 21.06 -11.88
CA THR B 681 76.95 20.35 -11.56
C THR B 681 78.03 21.31 -11.09
N ASN B 682 79.06 20.75 -10.46
CA ASN B 682 80.19 21.56 -10.00
C ASN B 682 80.94 22.20 -11.16
N ALA B 683 80.82 21.67 -12.37
CA ALA B 683 81.48 22.25 -13.52
C ALA B 683 80.99 23.66 -13.80
N VAL B 684 79.68 23.89 -13.66
CA VAL B 684 79.12 25.22 -13.88
C VAL B 684 79.69 26.21 -12.87
N SER B 685 79.72 25.82 -11.60
CA SER B 685 80.26 26.69 -10.56
C SER B 685 81.74 26.99 -10.80
N ASP B 686 82.50 25.97 -11.21
CA ASP B 686 83.92 26.20 -11.52
C ASP B 686 84.07 27.15 -12.70
N ALA B 687 83.25 26.98 -13.74
CA ALA B 687 83.35 27.83 -14.92
C ALA B 687 82.93 29.27 -14.61
N VAL B 688 82.05 29.46 -13.63
CA VAL B 688 81.66 30.81 -13.25
C VAL B 688 82.85 31.58 -12.72
N TYR B 689 83.69 30.92 -11.91
CA TYR B 689 84.91 31.51 -11.38
C TYR B 689 86.15 31.06 -12.15
N GLY B 690 85.98 30.45 -13.31
CA GLY B 690 87.07 29.90 -14.08
C GLY B 690 87.76 30.85 -15.03
N SER B 691 87.41 32.13 -15.01
CA SER B 691 88.01 33.13 -15.88
C SER B 691 88.78 34.14 -15.04
N THR B 692 90.02 34.42 -15.45
CA THR B 692 90.87 35.36 -14.73
C THR B 692 90.58 36.81 -15.08
N ASN B 693 89.74 37.07 -16.09
CA ASN B 693 89.42 38.44 -16.45
C ASN B 693 88.50 39.07 -15.41
N THR B 694 88.37 40.40 -15.49
CA THR B 694 87.52 41.13 -14.56
C THR B 694 86.07 40.70 -14.74
N ASP B 695 85.41 40.38 -13.62
CA ASP B 695 84.02 39.93 -13.68
C ASP B 695 83.08 41.04 -14.13
N SER B 696 83.39 42.29 -13.82
CA SER B 696 82.54 43.39 -14.24
C SER B 696 82.72 43.75 -15.70
N ASN B 697 83.79 43.30 -16.33
CA ASN B 697 84.07 43.60 -17.73
C ASN B 697 83.51 42.56 -18.70
N VAL B 698 82.83 41.54 -18.19
CA VAL B 698 82.30 40.46 -19.01
C VAL B 698 80.80 40.34 -18.75
N ASN B 699 80.02 40.35 -19.82
CA ASN B 699 78.57 40.21 -19.71
C ASN B 699 78.17 38.73 -19.73
N ILE B 700 76.89 38.49 -19.47
CA ILE B 700 76.35 37.14 -19.42
C ILE B 700 75.17 37.04 -20.38
N GLY B 701 75.07 35.91 -21.08
CA GLY B 701 73.97 35.67 -22.00
C GLY B 701 73.43 34.28 -21.81
N PHE B 702 72.15 34.13 -22.14
CA PHE B 702 71.44 32.86 -22.01
C PHE B 702 71.00 32.39 -23.40
N ALA B 703 71.24 31.12 -23.69
CA ALA B 703 71.01 30.56 -25.01
C ALA B 703 69.97 29.45 -24.94
N MET B 704 69.24 29.26 -26.04
CA MET B 704 68.22 28.24 -26.15
C MET B 704 68.39 27.50 -27.46
N TYR B 705 68.27 26.17 -27.42
CA TYR B 705 68.18 25.35 -28.62
C TYR B 705 67.05 24.34 -28.42
N PHE B 706 66.14 24.26 -29.40
CA PHE B 706 64.98 23.40 -29.26
C PHE B 706 64.49 22.99 -30.65
N THR B 707 63.64 21.97 -30.67
CA THR B 707 63.02 21.46 -31.89
C THR B 707 61.53 21.35 -31.69
N GLY B 708 60.81 21.27 -32.81
CA GLY B 708 59.36 21.14 -32.77
C GLY B 708 58.65 22.36 -32.23
N VAL B 709 59.10 23.56 -32.58
CA VAL B 709 58.50 24.80 -32.11
C VAL B 709 58.11 25.65 -33.32
N GLY B 710 57.74 24.98 -34.41
CA GLY B 710 57.49 25.66 -35.67
C GLY B 710 56.27 26.56 -35.68
N ASP B 711 55.70 26.85 -34.52
CA ASP B 711 54.61 27.80 -34.40
C ASP B 711 54.79 28.60 -33.12
N LEU B 712 54.65 29.92 -33.25
CA LEU B 712 54.79 30.85 -32.13
C LEU B 712 53.50 31.62 -31.95
N ALA B 713 53.05 31.73 -30.69
CA ALA B 713 51.84 32.45 -30.39
C ALA B 713 52.12 33.95 -30.28
N ALA B 714 51.06 34.73 -30.04
CA ALA B 714 51.23 36.17 -29.90
C ALA B 714 52.09 36.51 -28.68
N LYS B 715 51.87 35.82 -27.57
CA LYS B 715 52.61 36.05 -26.34
C LYS B 715 53.29 34.76 -25.90
N GLU B 716 54.55 34.86 -25.49
CA GLU B 716 55.31 33.73 -24.99
C GLU B 716 55.96 34.11 -23.67
N VAL B 717 56.09 33.14 -22.78
CA VAL B 717 56.59 33.36 -21.43
C VAL B 717 57.85 32.54 -21.22
N ILE B 718 58.87 33.18 -20.66
CA ILE B 718 60.14 32.54 -20.34
C ILE B 718 60.46 32.81 -18.89
N VAL B 719 60.56 31.76 -18.08
CA VAL B 719 60.89 31.88 -16.67
C VAL B 719 62.01 30.90 -16.37
N MET B 720 63.19 31.44 -16.03
CA MET B 720 64.34 30.62 -15.65
C MET B 720 65.27 31.44 -14.76
N ASP B 721 65.32 31.06 -13.48
CA ASP B 721 66.09 31.76 -12.46
C ASP B 721 67.21 30.86 -11.92
N PHE B 722 67.97 31.41 -10.98
CA PHE B 722 69.05 30.69 -10.31
C PHE B 722 68.77 30.62 -8.82
N PHE B 723 69.03 29.45 -8.24
CA PHE B 723 68.85 29.22 -6.81
C PHE B 723 70.20 28.92 -6.16
N SER B 724 70.31 29.25 -4.86
CA SER B 724 71.52 29.01 -4.12
C SER B 724 71.19 28.89 -2.63
N PHE B 725 71.82 27.92 -1.97
CA PHE B 725 71.65 27.71 -0.54
C PHE B 725 72.96 27.23 0.05
N GLY B 726 73.09 27.41 1.37
CA GLY B 726 74.25 26.94 2.10
C GLY B 726 74.71 27.98 3.09
N PHE B 727 75.92 27.79 3.60
CA PHE B 727 76.51 28.68 4.58
C PHE B 727 78.03 28.57 4.49
N THR B 728 78.72 29.53 5.09
CA THR B 728 80.17 29.61 5.05
C THR B 728 80.73 29.57 6.46
N ASP B 729 82.00 29.12 6.55
CA ASP B 729 82.74 28.95 7.79
C ASP B 729 81.87 28.39 8.92
N ASP B 730 81.91 28.98 10.12
CA ASP B 730 81.17 28.41 11.24
C ASP B 730 79.66 28.45 11.03
N GLY B 731 79.16 29.43 10.28
CA GLY B 731 77.75 29.47 9.93
C GLY B 731 76.80 29.65 11.09
N VAL B 732 77.18 30.41 12.11
CA VAL B 732 76.29 30.67 13.24
C VAL B 732 75.63 32.03 13.13
N GLN B 733 76.36 33.02 12.63
CA GLN B 733 75.80 34.36 12.48
C GLN B 733 74.85 34.41 11.29
N SER B 734 74.00 35.44 11.29
CA SER B 734 73.02 35.59 10.21
C SER B 734 73.65 36.08 8.91
N SER B 735 74.81 36.73 8.98
CA SER B 735 75.45 37.24 7.78
C SER B 735 75.93 36.13 6.85
N GLU B 736 76.26 34.96 7.39
CA GLU B 736 76.77 33.84 6.60
C GLU B 736 75.69 32.84 6.23
N ARG B 737 74.44 33.09 6.60
CA ARG B 737 73.33 32.21 6.24
C ARG B 737 72.54 32.84 5.12
N PHE B 738 72.38 32.11 4.02
CA PHE B 738 71.71 32.63 2.83
C PHE B 738 70.84 31.54 2.21
N ALA B 739 69.70 31.96 1.66
CA ALA B 739 68.81 31.05 0.96
C ALA B 739 68.12 31.86 -0.14
N ASN B 740 68.68 31.81 -1.35
CA ASN B 740 68.19 32.60 -2.47
C ASN B 740 67.26 31.71 -3.31
N GLN B 741 65.97 32.00 -3.27
CA GLN B 741 64.99 31.25 -4.03
C GLN B 741 63.76 32.11 -4.27
N ILE B 742 63.00 31.75 -5.30
CA ILE B 742 61.73 32.39 -5.62
C ILE B 742 60.68 31.29 -5.77
N ILE B 743 59.53 31.48 -5.13
CA ILE B 743 58.48 30.48 -5.08
C ILE B 743 57.20 31.08 -5.65
N ARG B 744 56.59 30.37 -6.60
CA ARG B 744 55.34 30.80 -7.23
C ARG B 744 54.27 29.76 -6.98
N ILE B 745 53.08 30.22 -6.58
CA ILE B 745 51.97 29.34 -6.19
C ILE B 745 51.01 29.23 -7.36
N GLU B 746 50.66 27.99 -7.71
CA GLU B 746 49.71 27.72 -8.79
C GLU B 746 48.32 27.52 -8.20
N ALA B 747 47.71 28.65 -7.82
CA ALA B 747 46.38 28.59 -7.22
C ALA B 747 45.35 28.07 -8.20
N GLU B 748 44.46 27.22 -7.71
CA GLU B 748 43.42 26.61 -8.52
C GLU B 748 42.05 27.12 -8.06
N GLU B 749 41.18 27.42 -9.01
CA GLU B 749 39.86 27.93 -8.70
C GLU B 749 39.05 26.90 -7.93
N THR B 750 38.30 27.37 -6.93
CA THR B 750 37.54 26.46 -6.08
C THR B 750 36.35 25.87 -6.82
N GLY B 751 35.59 26.70 -7.52
CA GLY B 751 34.41 26.25 -8.22
C GLY B 751 34.34 26.83 -9.62
N ASP B 752 33.27 26.47 -10.33
CA ASP B 752 33.11 26.93 -11.70
C ASP B 752 32.95 28.45 -11.76
N ASN B 753 32.18 29.01 -10.84
CA ASN B 753 31.92 30.45 -10.81
C ASN B 753 32.24 31.03 -9.44
N THR B 754 33.38 30.65 -8.87
CA THR B 754 33.82 31.17 -7.59
C THR B 754 35.12 31.96 -7.78
N SER B 755 35.13 33.19 -7.30
CA SER B 755 36.32 34.03 -7.41
C SER B 755 37.42 33.60 -6.44
N THR B 756 37.13 32.68 -5.53
CA THR B 756 38.11 32.25 -4.52
C THR B 756 39.05 31.22 -5.12
N PHE B 757 40.32 31.59 -5.26
CA PHE B 757 41.36 30.66 -5.68
C PHE B 757 42.09 30.13 -4.46
N GLU B 758 42.25 28.82 -4.40
CA GLU B 758 42.81 28.15 -3.23
C GLU B 758 44.18 27.57 -3.56
N GLY B 759 45.14 27.83 -2.69
CA GLY B 759 46.46 27.26 -2.80
C GLY B 759 46.98 26.84 -1.44
N SER B 760 48.25 26.46 -1.36
CA SER B 760 48.84 26.09 -0.08
C SER B 760 50.34 26.32 -0.14
N LEU B 761 50.94 26.51 1.03
CA LEU B 761 52.36 26.75 1.17
C LEU B 761 52.98 25.69 2.09
N GLU B 762 54.11 25.15 1.66
CA GLU B 762 54.90 24.22 2.45
C GLU B 762 56.27 24.83 2.69
N TYR B 763 56.83 24.57 3.86
CA TYR B 763 58.19 25.03 4.15
C TYR B 763 58.86 24.02 5.07
N VAL B 764 60.12 23.72 4.77
CA VAL B 764 60.94 22.82 5.57
C VAL B 764 62.04 23.65 6.23
N MET B 765 62.25 23.42 7.51
CA MET B 765 63.29 24.11 8.25
C MET B 765 64.55 23.25 8.24
N VAL B 766 65.60 23.77 7.60
CA VAL B 766 66.80 22.98 7.37
C VAL B 766 67.44 22.62 8.71
N ASN B 767 67.95 21.40 8.80
CA ASN B 767 68.61 20.90 10.00
C ASN B 767 70.06 20.57 9.70
N GLN B 768 70.79 20.18 10.74
CA GLN B 768 72.20 19.87 10.59
C GLN B 768 72.44 18.62 9.77
N ILE B 769 71.41 17.80 9.54
CA ILE B 769 71.59 16.56 8.80
C ILE B 769 71.44 16.80 7.30
N ASN B 770 70.40 17.52 6.90
CA ASN B 770 70.12 17.73 5.49
C ASN B 770 70.76 18.99 4.91
N ILE B 771 71.46 19.77 5.74
CA ILE B 771 72.12 20.97 5.22
C ILE B 771 73.25 20.60 4.26
N GLN B 772 73.80 19.40 4.39
CA GLN B 772 74.90 18.95 3.55
C GLN B 772 74.45 17.99 2.46
N ASP B 773 73.14 17.83 2.26
CA ASP B 773 72.58 16.95 1.24
C ASP B 773 71.85 17.82 0.23
N ALA B 774 72.22 17.70 -1.04
CA ALA B 774 71.61 18.50 -2.09
C ALA B 774 70.21 18.00 -2.47
N GLY B 775 69.86 16.77 -2.10
CA GLY B 775 68.56 16.24 -2.47
C GLY B 775 67.41 16.99 -1.82
N THR B 776 67.59 17.37 -0.55
CA THR B 776 66.52 18.10 0.15
C THR B 776 66.28 19.47 -0.46
N PHE B 777 67.31 20.10 -1.01
CA PHE B 777 67.12 21.35 -1.73
C PHE B 777 66.53 21.11 -3.12
N SER B 778 66.95 20.03 -3.77
CA SER B 778 66.41 19.69 -5.09
C SER B 778 65.05 19.02 -5.01
N GLY B 779 64.65 18.54 -3.83
CA GLY B 779 63.36 17.87 -3.69
C GLY B 779 62.17 18.79 -3.53
N ILE B 780 62.40 20.10 -3.47
CA ILE B 780 61.29 21.03 -3.32
C ILE B 780 60.69 21.33 -4.70
N THR B 781 59.44 21.80 -4.67
CA THR B 781 58.73 22.15 -5.90
C THR B 781 58.64 23.67 -6.01
N PRO B 782 59.37 24.30 -6.93
CA PRO B 782 59.31 25.76 -7.03
C PRO B 782 58.03 26.26 -7.68
N ILE B 783 57.53 25.52 -8.67
CA ILE B 783 56.33 25.89 -9.41
C ILE B 783 55.34 24.74 -9.31
N ALA B 784 54.31 24.91 -8.49
CA ALA B 784 53.28 23.89 -8.30
C ALA B 784 52.12 24.56 -7.55
N ASP B 785 51.04 23.79 -7.39
CA ASP B 785 49.91 24.29 -6.61
C ASP B 785 50.21 24.30 -5.12
N ASP B 786 51.13 23.43 -4.68
CA ASP B 786 51.55 23.34 -3.28
C ASP B 786 53.07 23.38 -3.23
N PRO B 787 53.67 24.54 -3.46
CA PRO B 787 55.12 24.64 -3.50
C PRO B 787 55.74 24.56 -2.10
N SER B 788 57.06 24.35 -2.08
CA SER B 788 57.81 24.28 -0.84
C SER B 788 59.09 25.10 -0.99
N PHE B 789 59.58 25.61 0.13
CA PHE B 789 60.78 26.43 0.14
C PHE B 789 61.58 26.17 1.41
N ILE B 790 62.85 26.58 1.38
CA ILE B 790 63.80 26.33 2.45
C ILE B 790 63.83 27.53 3.38
N VAL B 791 63.96 27.28 4.68
CA VAL B 791 64.12 28.32 5.69
C VAL B 791 65.39 28.02 6.47
N ILE B 792 66.28 29.01 6.57
CA ILE B 792 67.59 28.83 7.18
C ILE B 792 67.67 29.36 8.60
N GLU B 793 66.70 30.16 9.04
CA GLU B 793 66.80 30.89 10.30
C GLU B 793 65.36 31.19 10.75
N ASP B 794 65.18 31.36 12.05
CA ASP B 794 63.82 31.55 12.56
C ASP B 794 63.31 32.92 12.15
N LEU B 795 62.91 33.06 10.89
CA LEU B 795 62.49 34.34 10.33
C LEU B 795 61.20 34.78 11.00
N THR B 796 61.28 35.80 11.84
CA THR B 796 60.10 36.39 12.47
C THR B 796 60.10 37.90 12.23
N ASP B 797 59.07 38.59 12.75
CA ASP B 797 58.96 40.04 12.65
C ASP B 797 59.06 40.51 11.20
N GLU B 798 60.03 41.37 10.91
CA GLU B 798 60.16 41.96 9.59
C GLU B 798 60.67 41.00 8.53
N ASP B 799 61.25 39.87 8.93
CA ASP B 799 61.82 38.92 7.98
C ASP B 799 60.96 37.68 7.80
N ALA B 800 59.73 37.70 8.31
CA ALA B 800 58.86 36.54 8.22
C ALA B 800 58.54 36.24 6.76
N PRO B 801 58.36 34.96 6.41
CA PRO B 801 58.03 34.61 5.02
C PRO B 801 56.76 35.28 4.56
N ARG B 802 56.89 36.15 3.57
CA ARG B 802 55.79 36.95 3.05
C ARG B 802 55.56 36.60 1.59
N VAL B 803 54.31 36.32 1.24
CA VAL B 803 53.91 36.03 -0.13
C VAL B 803 53.40 37.31 -0.76
N ASN B 804 53.79 37.56 -2.01
CA ASN B 804 53.43 38.78 -2.72
C ASN B 804 52.56 38.43 -3.93
N TYR B 805 51.58 39.30 -4.20
CA TYR B 805 50.66 39.09 -5.31
C TYR B 805 50.15 40.46 -5.76
N ASN B 806 50.49 40.84 -6.99
CA ASN B 806 49.92 42.04 -7.56
C ASN B 806 48.44 41.84 -7.87
N ASP B 807 47.73 42.94 -8.04
CA ASP B 807 46.32 42.88 -8.39
C ASP B 807 45.87 44.21 -8.99
N LEU B 808 44.97 44.12 -9.95
CA LEU B 808 44.31 45.30 -10.52
C LEU B 808 43.07 45.58 -9.68
N GLY B 809 43.09 46.66 -8.91
CA GLY B 809 41.99 46.98 -8.04
C GLY B 809 40.77 47.46 -8.79
N ALA B 810 39.67 47.62 -8.04
CA ALA B 810 38.43 48.12 -8.63
C ALA B 810 38.60 49.51 -9.20
N ASP B 811 39.50 50.32 -8.62
CA ASP B 811 39.74 51.66 -9.14
C ASP B 811 40.50 51.61 -10.46
N GLY B 812 41.38 50.63 -10.64
CA GLY B 812 42.17 50.49 -11.85
C GLY B 812 43.66 50.50 -11.64
N VAL B 813 44.15 50.76 -10.43
CA VAL B 813 45.59 50.77 -10.16
C VAL B 813 46.06 49.34 -9.90
N THR B 814 47.35 49.11 -10.12
CA THR B 814 47.95 47.80 -9.90
C THR B 814 48.57 47.74 -8.51
N THR B 815 47.72 47.89 -7.51
CA THR B 815 48.18 47.86 -6.13
C THR B 815 48.49 46.42 -5.72
N PRO B 816 49.57 46.19 -4.98
CA PRO B 816 49.87 44.84 -4.51
C PRO B 816 49.16 44.50 -3.20
N VAL B 817 48.89 43.22 -3.03
CA VAL B 817 48.35 42.68 -1.79
C VAL B 817 49.28 41.56 -1.31
N SER B 818 49.64 41.61 -0.03
CA SER B 818 50.62 40.67 0.50
C SER B 818 50.17 40.19 1.87
N ASP B 819 50.62 38.98 2.22
CA ASP B 819 50.38 38.42 3.55
C ASP B 819 51.64 37.69 3.98
N GLN B 820 51.86 37.65 5.30
CA GLN B 820 53.03 37.02 5.87
C GLN B 820 52.63 36.21 7.09
N GLU B 821 53.40 35.14 7.35
CA GLU B 821 53.20 34.31 8.53
C GLU B 821 54.57 33.95 9.09
N GLU B 822 54.72 34.11 10.41
CA GLU B 822 55.99 33.81 11.04
C GLU B 822 56.28 32.31 11.00
N ALA B 823 57.57 31.98 10.89
CA ALA B 823 58.03 30.59 10.91
C ALA B 823 59.15 30.48 11.94
N PRO B 824 58.80 30.55 13.22
CA PRO B 824 59.83 30.50 14.27
C PRO B 824 60.31 29.09 14.53
N SER B 825 61.38 29.00 15.33
CA SER B 825 61.94 27.73 15.69
C SER B 825 61.50 27.33 17.11
N HIS B 826 61.84 26.11 17.50
CA HIS B 826 61.46 25.57 18.79
C HIS B 826 62.67 24.93 19.46
N SER B 827 62.69 24.99 20.79
CA SER B 827 63.79 24.42 21.57
C SER B 827 63.52 22.93 21.75
N GLY B 828 64.33 22.10 21.09
CA GLY B 828 64.19 20.67 21.20
C GLY B 828 64.38 20.14 22.61
N VAL B 829 63.44 19.33 23.07
CA VAL B 829 63.48 18.75 24.40
C VAL B 829 63.53 17.23 24.27
N VAL B 830 64.54 16.61 24.87
CA VAL B 830 64.71 15.17 24.84
C VAL B 830 64.75 14.67 26.29
N SER B 831 63.99 13.61 26.57
CA SER B 831 63.90 13.08 27.92
C SER B 831 63.63 11.59 27.85
N LEU B 832 63.91 10.92 28.96
CA LEU B 832 63.70 9.48 29.09
C LEU B 832 62.47 9.22 29.96
N ASN B 833 61.86 8.06 29.74
CA ASN B 833 60.61 7.74 30.43
C ASN B 833 60.77 7.55 31.93
N ALA B 834 61.95 7.13 32.39
CA ALA B 834 62.17 6.84 33.79
C ALA B 834 63.50 7.42 34.24
N ASP B 835 63.61 7.65 35.55
CA ASP B 835 64.86 8.15 36.12
C ASP B 835 65.92 7.06 36.23
N SER B 836 65.52 5.81 36.47
CA SER B 836 66.43 4.69 36.61
C SER B 836 65.98 3.56 35.71
N TYR B 837 66.94 2.76 35.25
CA TYR B 837 66.65 1.66 34.33
C TYR B 837 67.43 0.42 34.75
N LYS B 838 66.82 -0.74 34.55
CA LYS B 838 67.47 -2.01 34.81
C LYS B 838 68.18 -2.50 33.56
N ILE B 839 68.80 -3.68 33.65
CA ILE B 839 69.42 -4.28 32.48
C ILE B 839 68.35 -4.72 31.50
N ALA B 840 68.50 -4.33 30.23
CA ALA B 840 67.52 -4.61 29.19
C ALA B 840 66.13 -4.11 29.59
N ASP B 841 66.07 -2.87 30.06
CA ASP B 841 64.84 -2.25 30.49
C ASP B 841 64.09 -1.58 29.36
N THR B 842 64.61 -1.66 28.13
CA THR B 842 63.98 -1.07 26.95
C THR B 842 63.76 0.44 27.12
N VAL B 843 64.87 1.16 27.25
CA VAL B 843 64.81 2.61 27.34
C VAL B 843 64.26 3.17 26.04
N VAL B 844 63.48 4.24 26.14
CA VAL B 844 62.89 4.90 24.98
C VAL B 844 63.23 6.38 25.02
N ILE B 845 63.64 6.93 23.89
CA ILE B 845 64.03 8.33 23.78
C ILE B 845 62.90 9.08 23.07
N THR B 846 62.35 10.08 23.74
CA THR B 846 61.27 10.91 23.20
C THR B 846 61.84 12.29 22.89
N VAL B 847 61.88 12.64 21.61
CA VAL B 847 62.39 13.92 21.16
C VAL B 847 61.22 14.72 20.61
N GLU B 848 60.93 15.87 21.22
CA GLU B 848 59.87 16.76 20.78
C GLU B 848 60.52 18.04 20.25
N ASP B 849 60.48 18.20 18.92
CA ASP B 849 61.03 19.39 18.27
C ASP B 849 60.39 19.47 16.89
N LEU B 850 59.51 20.46 16.70
CA LEU B 850 58.70 20.52 15.49
C LEU B 850 59.51 20.93 14.26
N ASP B 851 60.72 21.45 14.44
CA ASP B 851 61.49 21.93 13.29
C ASP B 851 62.10 20.80 12.47
N LEU B 852 62.15 19.58 13.00
CA LEU B 852 62.70 18.46 12.24
C LEU B 852 61.69 17.82 11.30
N ASN B 853 60.42 18.24 11.34
CA ASN B 853 59.42 17.71 10.43
C ASN B 853 59.57 18.40 9.09
N VAL B 854 60.05 17.66 8.09
CA VAL B 854 60.34 18.21 6.78
C VAL B 854 59.31 17.80 5.74
N ASP B 855 58.22 17.15 6.17
CA ASP B 855 57.14 16.79 5.25
C ASP B 855 55.92 16.41 6.07
N SER B 856 54.79 17.04 5.77
CA SER B 856 53.53 16.70 6.41
C SER B 856 52.91 15.42 5.84
N ASP B 857 53.43 14.91 4.73
CA ASP B 857 52.90 13.69 4.12
C ASP B 857 53.66 12.45 4.58
N LEU B 858 54.96 12.42 4.32
CA LEU B 858 55.78 11.27 4.66
C LEU B 858 56.13 11.27 6.14
N ILE B 859 56.49 10.09 6.64
CA ILE B 859 56.93 9.93 8.02
C ILE B 859 58.41 10.25 8.08
N ASP B 860 58.78 11.25 8.87
CA ASP B 860 60.16 11.67 9.00
C ASP B 860 60.93 10.69 9.90
N ILE B 861 62.09 10.25 9.42
CA ILE B 861 62.91 9.30 10.15
C ILE B 861 64.36 9.78 10.14
N PHE B 862 65.14 9.27 11.10
CA PHE B 862 66.55 9.60 11.22
C PHE B 862 67.30 8.32 11.56
N THR B 863 68.14 7.86 10.64
CA THR B 863 68.90 6.64 10.84
C THR B 863 70.17 6.94 11.64
N VAL B 864 70.93 5.88 11.92
CA VAL B 864 72.19 5.99 12.66
C VAL B 864 73.34 5.70 11.70
N VAL B 865 74.39 6.51 11.81
CA VAL B 865 75.53 6.41 10.91
C VAL B 865 76.37 5.19 11.29
N SER B 866 76.73 4.38 10.28
CA SER B 866 77.60 3.22 10.46
C SER B 866 78.76 3.37 9.46
N ASP B 867 79.79 4.11 9.88
CA ASP B 867 80.95 4.35 9.02
C ASP B 867 82.12 4.71 9.92
N ASN B 868 83.12 3.84 9.97
CA ASN B 868 84.25 4.06 10.86
C ASN B 868 85.08 5.27 10.43
N SER B 869 85.18 5.52 9.12
CA SER B 869 86.01 6.62 8.64
C SER B 869 85.49 7.97 9.11
N LYS B 870 84.18 8.18 9.07
CA LYS B 870 83.60 9.45 9.48
C LYS B 870 83.63 9.61 10.99
N ALA B 871 83.80 10.86 11.43
CA ALA B 871 83.87 11.16 12.86
C ALA B 871 82.54 10.99 13.58
N THR B 872 81.42 10.88 12.85
CA THR B 872 80.10 10.70 13.43
C THR B 872 79.67 9.24 13.45
N ASP B 873 80.61 8.32 13.61
CA ASP B 873 80.26 6.90 13.69
C ASP B 873 79.40 6.63 14.91
N ASP B 874 78.43 5.74 14.75
CA ASP B 874 77.48 5.34 15.79
C ASP B 874 76.65 6.50 16.30
N ALA B 875 76.55 7.58 15.53
CA ALA B 875 75.73 8.73 15.89
C ALA B 875 74.56 8.88 14.93
N VAL B 876 73.44 9.36 15.45
CA VAL B 876 72.28 9.62 14.61
C VAL B 876 72.61 10.75 13.65
N GLY B 877 72.24 10.58 12.38
CA GLY B 877 72.48 11.61 11.39
C GLY B 877 72.83 11.07 10.02
N SER B 878 73.85 11.66 9.39
CA SER B 878 74.27 11.29 8.05
C SER B 878 75.77 11.05 8.03
N ALA B 879 76.21 10.28 7.04
CA ALA B 879 77.63 9.96 6.92
C ALA B 879 78.46 11.21 6.68
N THR B 880 77.99 12.11 5.82
CA THR B 880 78.69 13.36 5.57
C THR B 880 78.76 14.18 6.86
N THR B 881 79.94 14.72 7.14
CA THR B 881 80.15 15.46 8.38
C THR B 881 81.31 16.43 8.20
N GLN B 882 81.11 17.66 8.64
CA GLN B 882 82.14 18.69 8.63
C GLN B 882 82.41 19.13 10.07
N SER B 883 83.67 19.41 10.37
CA SER B 883 84.07 19.84 11.70
C SER B 883 83.98 21.36 11.80
N LEU B 884 83.26 21.84 12.81
CA LEU B 884 83.06 23.27 13.02
C LEU B 884 83.31 23.59 14.49
N SER B 885 83.06 24.85 14.86
CA SER B 885 83.27 25.29 16.23
C SER B 885 82.25 24.69 17.19
N PHE B 886 81.08 24.27 16.70
CA PHE B 886 80.04 23.71 17.54
C PHE B 886 80.03 22.19 17.54
N GLY B 887 81.07 21.55 17.01
CA GLY B 887 81.15 20.11 16.99
C GLY B 887 81.14 19.52 15.59
N GLU B 888 80.34 18.48 15.39
CA GLU B 888 80.25 17.80 14.11
C GLU B 888 78.90 18.09 13.46
N LEU B 889 78.93 18.40 12.16
CA LEU B 889 77.70 18.74 11.44
C LEU B 889 76.76 17.55 11.36
N GLY B 890 77.29 16.35 11.15
CA GLY B 890 76.47 15.17 11.00
C GLY B 890 76.01 14.50 12.28
N ARG B 891 76.33 15.08 13.44
CA ARG B 891 75.98 14.50 14.73
C ARG B 891 74.64 15.07 15.19
N LEU B 892 73.62 14.22 15.24
CA LEU B 892 72.29 14.62 15.68
C LEU B 892 71.99 14.21 17.11
N LEU B 893 72.14 12.92 17.44
CA LEU B 893 71.83 12.43 18.77
C LEU B 893 72.84 11.37 19.16
N ASP B 894 73.29 11.42 20.42
CA ASP B 894 74.26 10.47 20.94
C ASP B 894 73.80 9.98 22.31
N VAL B 895 74.17 8.74 22.62
CA VAL B 895 73.90 8.14 23.93
C VAL B 895 75.24 7.84 24.59
N THR B 896 75.39 8.27 25.85
CA THR B 896 76.66 8.19 26.54
C THR B 896 76.50 7.47 27.88
N PHE B 897 77.39 6.52 28.14
CA PHE B 897 77.51 5.89 29.45
C PHE B 897 78.75 6.46 30.13
N ASP B 898 78.58 6.99 31.34
CA ASP B 898 79.65 7.66 32.08
C ASP B 898 80.26 8.79 31.23
N ASP B 899 79.41 9.54 30.55
CA ASP B 899 79.82 10.66 29.69
C ASP B 899 80.75 10.21 28.58
N VAL B 900 80.64 8.95 28.17
CA VAL B 900 81.44 8.40 27.07
C VAL B 900 80.48 7.81 26.04
N ILE B 901 80.67 8.18 24.77
CA ILE B 901 79.76 7.75 23.72
C ILE B 901 79.80 6.24 23.58
N TRP B 902 78.62 5.62 23.48
CA TRP B 902 78.50 4.18 23.30
C TRP B 902 78.66 3.86 21.81
N SER B 903 79.76 3.21 21.46
CA SER B 903 80.04 2.85 20.08
C SER B 903 80.52 1.41 20.00
N THR B 904 80.22 0.76 18.87
CA THR B 904 80.64 -0.63 18.70
C THR B 904 82.09 -0.68 18.22
N PRO B 905 82.89 -1.61 18.72
CA PRO B 905 84.28 -1.72 18.25
C PRO B 905 84.33 -2.13 16.79
N ASP B 906 85.09 -1.37 16.00
CA ASP B 906 85.23 -1.64 14.57
C ASP B 906 86.49 -0.93 14.07
N GLY B 907 86.81 -1.17 12.81
CA GLY B 907 87.97 -0.56 12.20
C GLY B 907 89.26 -1.20 12.66
N ALA B 908 90.35 -0.46 12.47
CA ALA B 908 91.69 -0.91 12.86
C ALA B 908 92.14 -0.37 14.20
N ASN B 909 91.28 0.38 14.90
CA ASN B 909 91.62 0.97 16.19
C ASN B 909 91.05 0.19 17.36
N ASN B 910 90.51 -1.01 17.11
CA ASN B 910 89.93 -1.84 18.15
C ASN B 910 90.79 -3.07 18.46
N THR B 911 92.10 -2.99 18.22
CA THR B 911 92.99 -4.10 18.45
C THR B 911 93.45 -4.23 19.89
N ALA B 912 93.07 -3.29 20.75
CA ALA B 912 93.48 -3.35 22.16
C ALA B 912 92.83 -4.54 22.85
N THR B 913 93.60 -5.19 23.73
CA THR B 913 93.11 -6.34 24.48
C THR B 913 93.00 -6.09 25.97
N GLY B 914 93.57 -4.99 26.49
CA GLY B 914 93.44 -4.69 27.90
C GLY B 914 94.32 -5.59 28.76
N ASN B 915 93.87 -5.81 29.99
CA ASN B 915 94.63 -6.60 30.96
C ASN B 915 94.73 -8.07 30.59
N ASP B 916 93.83 -8.58 29.75
CA ASP B 916 93.87 -9.97 29.31
C ASP B 916 94.17 -10.02 27.82
N SER B 917 94.19 -11.24 27.28
CA SER B 917 94.52 -11.48 25.88
C SER B 917 93.31 -11.47 24.97
N ASP B 918 92.12 -11.17 25.50
CA ASP B 918 90.89 -11.20 24.73
C ASP B 918 90.51 -9.78 24.29
N THR B 919 90.22 -9.61 23.02
CA THR B 919 89.83 -8.32 22.48
C THR B 919 88.42 -7.96 22.95
N CYS B 920 88.13 -6.65 22.94
CA CYS B 920 86.83 -6.18 23.40
C CYS B 920 85.70 -6.73 22.54
N SER B 921 85.86 -6.73 21.22
CA SER B 921 84.84 -7.28 20.34
C SER B 921 84.66 -8.77 20.57
N THR B 922 85.77 -9.51 20.71
CA THR B 922 85.68 -10.94 20.99
C THR B 922 85.05 -11.19 22.36
N GLU B 923 85.38 -10.35 23.34
CA GLU B 923 84.76 -10.49 24.66
C GLU B 923 83.26 -10.28 24.59
N LEU B 924 82.82 -9.25 23.85
CA LEU B 924 81.39 -9.02 23.69
C LEU B 924 80.70 -10.17 22.97
N SER B 925 81.36 -10.72 21.94
CA SER B 925 80.80 -11.87 21.23
C SER B 925 80.68 -13.08 22.15
N ASN B 926 81.70 -13.32 22.98
CA ASN B 926 81.64 -14.44 23.91
C ASN B 926 80.54 -14.24 24.96
N ALA B 927 80.37 -13.00 25.41
CA ALA B 927 79.32 -12.70 26.37
C ALA B 927 77.92 -12.82 25.78
N GLY B 928 77.80 -12.95 24.46
CA GLY B 928 76.50 -13.06 23.82
C GLY B 928 75.78 -11.75 23.63
N ILE B 929 76.46 -10.63 23.77
CA ILE B 929 75.85 -9.30 23.64
C ILE B 929 75.94 -8.90 22.17
N THR B 930 74.84 -9.08 21.45
CA THR B 930 74.76 -8.62 20.06
C THR B 930 74.51 -7.12 19.96
N ASP B 931 74.13 -6.47 21.06
CA ASP B 931 73.96 -5.02 21.09
C ASP B 931 75.29 -4.34 21.43
N THR B 932 76.27 -4.56 20.56
CA THR B 932 77.61 -4.02 20.77
C THR B 932 77.68 -2.51 20.57
N GLY B 933 76.65 -1.90 19.99
CA GLY B 933 76.67 -0.47 19.78
C GLY B 933 75.28 0.02 19.38
N LEU B 934 75.19 1.34 19.18
CA LEU B 934 73.92 1.94 18.79
C LEU B 934 73.47 1.41 17.43
N GLY B 935 74.39 1.29 16.48
CA GLY B 935 74.04 0.77 15.18
C GLY B 935 73.60 -0.68 15.21
N ALA B 936 74.20 -1.48 16.10
CA ALA B 936 73.82 -2.88 16.20
C ALA B 936 72.37 -3.04 16.64
N THR B 937 71.92 -2.21 17.58
CA THR B 937 70.55 -2.29 18.06
C THR B 937 69.53 -1.85 17.02
N GLY B 938 69.96 -1.16 15.97
CA GLY B 938 69.01 -0.64 14.99
C GLY B 938 68.18 0.52 15.49
N PHE B 939 68.66 1.23 16.51
CA PHE B 939 67.90 2.33 17.08
C PHE B 939 67.82 3.49 16.10
N THR B 940 66.60 3.85 15.71
CA THR B 940 66.37 4.96 14.79
C THR B 940 65.19 5.78 15.29
N LEU B 941 65.20 7.07 14.94
CA LEU B 941 64.12 7.97 15.33
C LEU B 941 63.02 7.92 14.29
N VAL B 942 61.79 7.71 14.74
CA VAL B 942 60.62 7.66 13.88
C VAL B 942 59.56 8.62 14.43
N GLU B 943 58.97 9.41 13.54
CA GLU B 943 57.95 10.37 13.95
C GLU B 943 56.70 9.64 14.42
N THR B 944 56.03 10.23 15.42
CA THR B 944 54.80 9.63 15.94
C THR B 944 53.71 9.61 14.87
N GLY B 945 53.58 10.69 14.11
CA GLY B 945 52.58 10.77 13.06
C GLY B 945 53.13 11.50 11.85
N ALA B 946 52.22 11.78 10.90
CA ALA B 946 52.62 12.47 9.68
C ALA B 946 53.12 13.88 9.97
N ALA B 947 52.46 14.60 10.87
CA ALA B 947 52.84 15.99 11.19
C ALA B 947 52.88 16.23 12.69
N THR B 948 53.07 15.19 13.50
CA THR B 948 53.14 15.37 14.94
C THR B 948 54.36 16.19 15.34
N GLY B 949 55.50 15.94 14.70
CA GLY B 949 56.72 16.65 15.05
C GLY B 949 57.46 16.08 16.25
N VAL B 950 57.01 14.96 16.79
CA VAL B 950 57.65 14.31 17.93
C VAL B 950 58.20 12.97 17.48
N PHE B 951 59.48 12.74 17.72
CA PHE B 951 60.16 11.53 17.28
C PHE B 951 60.40 10.61 18.48
N VAL B 952 60.12 9.33 18.30
CA VAL B 952 60.22 8.33 19.35
C VAL B 952 61.21 7.25 18.91
N GLY B 953 62.20 6.97 19.75
CA GLY B 953 63.16 5.92 19.48
C GLY B 953 63.51 5.20 20.77
N ASP B 954 63.91 3.94 20.62
CA ASP B 954 64.12 3.10 21.78
C ASP B 954 65.18 2.04 21.48
N PHE B 955 65.74 1.48 22.55
CA PHE B 955 66.69 0.37 22.47
C PHE B 955 66.79 -0.25 23.86
N GLN B 956 67.39 -1.44 23.91
CA GLN B 956 67.57 -2.17 25.16
C GLN B 956 68.99 -1.99 25.66
N ILE B 957 69.13 -1.70 26.95
CA ILE B 957 70.44 -1.49 27.57
C ILE B 957 71.16 -2.82 27.68
N PRO B 958 72.36 -2.95 27.11
CA PRO B 958 73.11 -4.21 27.25
C PRO B 958 73.73 -4.34 28.63
N SER B 959 74.04 -5.58 29.00
CA SER B 959 74.70 -5.83 30.27
C SER B 959 76.17 -5.46 30.22
N PHE B 960 76.82 -5.66 29.06
CA PHE B 960 78.23 -5.34 28.87
C PHE B 960 78.38 -4.36 27.72
N TRP B 961 79.28 -3.39 27.90
CA TRP B 961 79.58 -2.42 26.85
C TRP B 961 81.08 -2.18 26.82
N CYS B 962 81.57 -1.75 25.67
CA CYS B 962 82.98 -1.48 25.45
C CYS B 962 83.22 0.03 25.56
N ARG B 963 84.04 0.43 26.54
CA ARG B 963 84.34 1.84 26.73
C ARG B 963 85.31 2.33 25.66
N VAL B 964 85.10 3.55 25.19
CA VAL B 964 85.98 4.17 24.22
C VAL B 964 87.18 4.77 24.96
N SER B 965 88.39 4.34 24.58
CA SER B 965 89.58 4.83 25.26
C SER B 965 89.78 6.33 25.04
N ASP B 966 89.60 6.79 23.81
CA ASP B 966 89.77 8.20 23.48
C ASP B 966 88.91 8.56 22.29
N THR B 967 88.32 9.76 22.34
CA THR B 967 87.45 10.25 21.27
C THR B 967 88.14 11.26 20.37
N THR B 968 89.46 11.39 20.47
CA THR B 968 90.21 12.39 19.72
C THR B 968 90.68 11.90 18.36
N THR B 969 90.34 10.67 17.98
CA THR B 969 90.77 10.10 16.71
C THR B 969 89.59 9.41 16.03
N THR B 970 89.65 9.33 14.71
CA THR B 970 88.66 8.61 13.92
C THR B 970 89.36 7.55 13.07
N PRO B 971 88.92 6.28 13.11
CA PRO B 971 87.83 5.73 13.93
C PRO B 971 88.21 5.70 15.41
N TYR B 972 87.23 5.57 16.30
CA TYR B 972 87.50 5.60 17.73
C TYR B 972 88.39 4.43 18.14
N THR B 973 89.29 4.69 19.08
CA THR B 973 90.13 3.65 19.66
C THR B 973 89.47 3.15 20.93
N TYR B 974 89.06 1.88 20.94
CA TYR B 974 88.29 1.32 22.03
C TYR B 974 89.19 0.65 23.05
N ALA B 975 88.70 0.56 24.28
CA ALA B 975 89.42 -0.10 25.34
C ALA B 975 89.44 -1.62 25.10
N GLY B 976 90.43 -2.28 25.69
CA GLY B 976 90.60 -3.70 25.48
C GLY B 976 89.73 -4.61 26.31
N ASP B 977 89.01 -4.06 27.29
CA ASP B 977 88.15 -4.86 28.15
C ASP B 977 86.80 -4.18 28.31
N GLU B 978 85.75 -4.98 28.39
CA GLU B 978 84.41 -4.45 28.59
C GLU B 978 84.11 -4.33 30.08
N GLU B 979 83.09 -3.53 30.40
CA GLU B 979 82.67 -3.33 31.78
C GLU B 979 81.15 -3.33 31.85
N THR B 980 80.63 -3.77 32.99
CA THR B 980 79.19 -3.88 33.15
C THR B 980 78.58 -2.50 33.36
N THR B 981 77.48 -2.23 32.65
CA THR B 981 76.88 -0.90 32.61
C THR B 981 76.13 -0.53 33.89
N THR B 982 75.94 -1.47 34.82
CA THR B 982 75.17 -1.18 36.02
C THR B 982 75.87 -0.11 36.85
N GLY B 983 75.07 0.80 37.41
CA GLY B 983 75.57 1.90 38.21
C GLY B 983 76.01 3.11 37.41
N LEU B 984 76.48 2.91 36.19
CA LEU B 984 76.87 4.02 35.34
C LEU B 984 75.64 4.85 34.96
N ASP B 985 75.85 6.13 34.69
CA ASP B 985 74.78 7.02 34.30
C ASP B 985 74.66 7.05 32.78
N ILE B 986 73.47 6.74 32.28
CA ILE B 986 73.19 6.77 30.85
C ILE B 986 72.64 8.14 30.50
N GLU B 987 73.32 8.83 29.59
CA GLU B 987 72.95 10.19 29.20
C GLU B 987 72.82 10.27 27.69
N VAL B 988 71.79 10.98 27.23
CA VAL B 988 71.58 11.22 25.81
C VAL B 988 71.85 12.69 25.53
N ASN B 989 72.21 12.98 24.28
CA ASN B 989 72.48 14.33 23.84
C ASN B 989 71.89 14.53 22.45
N TYR B 990 70.80 15.27 22.37
CA TYR B 990 70.19 15.66 21.10
C TYR B 990 70.78 17.00 20.66
N VAL B 991 71.41 17.01 19.48
CA VAL B 991 72.05 18.21 18.97
C VAL B 991 70.95 19.01 18.26
N ASP B 992 70.65 20.19 18.78
CA ASP B 992 69.59 21.05 18.25
C ASP B 992 70.22 22.08 17.33
N PHE B 993 69.95 21.97 16.03
CA PHE B 993 70.55 22.90 15.07
C PHE B 993 69.97 24.30 15.21
N ARG B 994 68.72 24.42 15.61
CA ARG B 994 68.05 25.71 15.74
C ARG B 994 67.23 25.73 17.03
N ASP B 995 67.66 26.55 17.99
CA ASP B 995 66.92 26.73 19.24
C ASP B 995 65.76 27.70 19.02
N ALA B 996 65.12 28.13 20.11
CA ALA B 996 63.98 29.03 20.01
C ALA B 996 64.37 30.35 19.37
N SER B 997 65.53 30.89 19.73
CA SER B 997 66.09 32.06 19.06
C SER B 997 66.71 31.72 17.71
N GLY B 998 66.85 30.44 17.38
CA GLY B 998 67.27 30.02 16.05
C GLY B 998 68.76 29.79 15.91
N GLU B 999 69.35 29.12 16.89
CA GLU B 999 70.78 28.85 16.89
C GLU B 999 71.00 27.53 17.64
N ILE B 1000 72.27 27.13 17.71
CA ILE B 1000 72.63 25.80 18.20
C ILE B 1000 72.71 25.83 19.73
N VAL B 1001 71.87 25.03 20.39
CA VAL B 1001 71.90 24.86 21.83
C VAL B 1001 71.94 23.36 22.14
N GLU B 1002 72.87 22.96 23.01
CA GLU B 1002 73.11 21.56 23.33
C GLU B 1002 72.23 21.18 24.52
N VAL B 1003 71.26 20.29 24.28
CA VAL B 1003 70.34 19.83 25.31
C VAL B 1003 70.35 18.31 25.37
N GLY B 1004 70.26 17.77 26.59
CA GLY B 1004 70.17 16.34 26.79
C GLY B 1004 69.51 16.02 28.12
N ASP B 1005 69.36 14.72 28.38
CA ASP B 1005 68.77 14.24 29.62
C ASP B 1005 69.70 13.20 30.26
N SER B 1006 69.47 12.93 31.54
CA SER B 1006 70.31 12.04 32.31
C SER B 1006 69.49 10.96 32.99
N ALA B 1007 70.08 9.78 33.12
CA ALA B 1007 69.47 8.66 33.81
C ALA B 1007 70.55 7.69 34.25
N GLY B 1008 70.21 6.83 35.20
CA GLY B 1008 71.14 5.86 35.75
C GLY B 1008 70.69 4.43 35.47
N VAL B 1009 71.65 3.55 35.22
CA VAL B 1009 71.36 2.12 35.02
C VAL B 1009 71.34 1.46 36.38
N ARG B 1010 70.15 1.19 36.89
CA ARG B 1010 69.98 0.62 38.22
C ARG B 1010 70.37 -0.85 38.24
N ALA B 1011 70.71 -1.34 39.43
CA ALA B 1011 71.01 -2.74 39.66
C ALA B 1011 70.54 -3.13 41.05
N ASN B 1012 70.22 -4.40 41.23
CA ASN B 1012 69.67 -4.91 42.47
C ASN B 1012 70.63 -5.90 43.13
N THR B 1013 70.72 -5.84 44.45
CA THR B 1013 71.57 -6.76 45.19
C THR B 1013 71.02 -8.18 45.09
N GLY B 1014 71.91 -9.14 44.85
CA GLY B 1014 71.50 -10.53 44.84
C GLY B 1014 71.30 -11.09 46.23
N SER B 1015 70.44 -12.11 46.31
CA SER B 1015 70.14 -12.76 47.57
C SER B 1015 69.90 -14.25 47.30
N VAL B 1016 70.38 -15.09 48.23
CA VAL B 1016 70.23 -16.53 48.14
C VAL B 1016 69.56 -17.02 49.41
N SER B 1017 68.60 -17.93 49.26
CA SER B 1017 67.83 -18.44 50.39
C SER B 1017 67.71 -19.96 50.29
N LEU B 1018 67.53 -20.59 51.43
CA LEU B 1018 67.35 -22.04 51.51
C LEU B 1018 65.97 -22.35 52.07
N ASP B 1019 65.44 -23.51 51.69
CA ASP B 1019 64.07 -23.86 52.05
C ASP B 1019 63.91 -24.00 53.56
N ARG B 1020 64.86 -24.67 54.21
CA ARG B 1020 64.74 -24.98 55.63
C ARG B 1020 66.01 -24.58 56.37
N THR B 1021 65.83 -24.20 57.64
CA THR B 1021 66.98 -23.87 58.49
C THR B 1021 67.81 -25.11 58.83
N VAL B 1022 67.15 -26.26 58.97
CA VAL B 1022 67.84 -27.52 59.26
C VAL B 1022 67.43 -28.56 58.23
N TYR B 1023 68.29 -29.55 58.04
CA TYR B 1023 68.05 -30.61 57.09
C TYR B 1023 68.45 -31.95 57.71
N PRO B 1024 67.75 -33.02 57.35
CA PRO B 1024 68.10 -34.34 57.89
C PRO B 1024 69.38 -34.89 57.29
N VAL B 1025 70.00 -35.80 58.01
CA VAL B 1025 71.21 -36.47 57.53
C VAL B 1025 70.82 -37.53 56.51
N PRO B 1026 71.35 -37.48 55.29
CA PRO B 1026 71.00 -38.49 54.29
C PRO B 1026 71.53 -39.87 54.65
N PHE B 1027 70.85 -40.88 54.15
CA PHE B 1027 71.20 -42.28 54.40
C PHE B 1027 71.25 -43.04 53.08
N GLY B 1028 72.05 -44.10 53.05
CA GLY B 1028 72.22 -44.92 51.89
C GLY B 1028 71.58 -46.28 52.01
N THR B 1029 72.01 -47.20 51.16
CA THR B 1029 71.50 -48.56 51.12
C THR B 1029 72.67 -49.55 51.27
N ILE B 1030 72.34 -50.84 51.22
CA ILE B 1030 73.36 -51.88 51.36
C ILE B 1030 74.30 -51.86 50.16
N ALA B 1031 73.79 -51.56 48.97
CA ALA B 1031 74.61 -51.59 47.76
C ALA B 1031 75.68 -50.50 47.75
N ASP B 1032 75.60 -49.53 48.66
CA ASP B 1032 76.60 -48.47 48.75
C ASP B 1032 77.76 -48.83 49.67
N SER B 1033 77.78 -50.05 50.21
CA SER B 1033 78.83 -50.50 51.10
C SER B 1033 79.43 -51.80 50.58
N SER B 1034 80.76 -51.91 50.67
CA SER B 1034 81.47 -53.10 50.22
C SER B 1034 81.52 -54.20 51.28
N LYS B 1035 80.99 -53.95 52.47
CA LYS B 1035 80.98 -54.96 53.53
C LYS B 1035 80.07 -56.13 53.15
N ALA B 1036 80.40 -57.31 53.67
CA ALA B 1036 79.58 -58.48 53.44
C ALA B 1036 78.21 -58.33 54.08
N ALA B 1037 77.26 -59.11 53.57
CA ALA B 1037 75.88 -59.02 54.05
C ALA B 1037 75.79 -59.42 55.52
N ASN B 1038 75.13 -58.59 56.31
CA ASN B 1038 74.96 -58.82 57.73
C ASN B 1038 73.50 -58.57 58.11
N ALA B 1039 73.08 -59.20 59.21
CA ALA B 1039 71.74 -59.00 59.73
C ALA B 1039 71.59 -57.69 60.48
N ALA B 1040 72.68 -56.98 60.71
CA ALA B 1040 72.70 -55.70 61.41
C ALA B 1040 73.46 -54.69 60.58
N PRO B 1041 73.16 -53.39 60.74
CA PRO B 1041 73.90 -52.38 59.96
C PRO B 1041 75.39 -52.39 60.24
N ASN B 1042 75.81 -52.71 61.46
CA ASN B 1042 77.22 -52.74 61.84
C ASN B 1042 77.89 -51.39 61.59
N GLY B 1043 77.17 -50.31 61.90
CA GLY B 1043 77.69 -48.97 61.71
C GLY B 1043 77.56 -48.40 60.32
N ARG B 1044 76.99 -49.14 59.38
CA ARG B 1044 76.84 -48.66 58.03
C ARG B 1044 75.70 -47.65 57.94
N SER B 1045 75.70 -46.89 56.84
CA SER B 1045 74.63 -45.92 56.57
C SER B 1045 73.48 -46.64 55.86
N VAL B 1046 72.85 -47.53 56.61
CA VAL B 1046 71.75 -48.36 56.11
C VAL B 1046 70.56 -48.16 57.02
N PHE B 1047 69.36 -48.18 56.43
CA PHE B 1047 68.11 -47.96 57.16
C PHE B 1047 67.19 -49.15 56.93
N PRO B 1048 67.44 -50.28 57.61
CA PRO B 1048 66.64 -51.48 57.41
C PRO B 1048 65.43 -51.50 58.32
N ILE B 1049 64.69 -52.61 58.25
CA ILE B 1049 63.52 -52.80 59.09
C ILE B 1049 63.94 -53.27 60.47
N HIS B 1050 62.97 -53.31 61.39
CA HIS B 1050 63.23 -53.84 62.72
C HIS B 1050 63.58 -55.33 62.60
N ALA B 1051 64.48 -55.78 63.48
CA ALA B 1051 65.18 -57.05 63.33
C ALA B 1051 64.30 -58.20 62.85
N THR B 1052 63.05 -58.27 63.33
CA THR B 1052 62.20 -59.39 62.97
C THR B 1052 61.84 -59.40 61.48
N GLY B 1053 61.95 -58.26 60.79
CA GLY B 1053 61.70 -58.23 59.37
C GLY B 1053 62.82 -58.75 58.51
N ILE B 1054 64.01 -58.92 59.08
CA ILE B 1054 65.17 -59.42 58.36
C ILE B 1054 65.40 -60.89 58.70
N THR B 1055 65.73 -61.69 57.69
CA THR B 1055 66.02 -63.10 57.87
C THR B 1055 67.51 -63.31 57.66
N SER B 1056 68.28 -63.08 58.73
CA SER B 1056 69.69 -63.42 58.85
C SER B 1056 70.60 -62.58 57.96
N THR B 1057 70.02 -61.83 57.02
CA THR B 1057 70.79 -61.04 56.06
C THR B 1057 69.90 -59.93 55.53
N ILE B 1058 70.45 -58.72 55.51
CA ILE B 1058 69.73 -57.56 55.00
C ILE B 1058 69.96 -57.48 53.49
N ASP B 1059 68.89 -57.69 52.73
CA ASP B 1059 68.92 -57.65 51.27
C ASP B 1059 68.13 -56.44 50.77
N SER B 1060 68.03 -56.32 49.45
CA SER B 1060 67.52 -55.09 48.85
C SER B 1060 66.02 -54.92 49.07
N THR B 1061 65.32 -55.98 49.47
CA THR B 1061 63.87 -55.91 49.63
C THR B 1061 63.45 -55.59 51.06
N GLU B 1062 64.39 -55.38 51.98
CA GLU B 1062 64.07 -55.19 53.38
C GLU B 1062 64.81 -54.00 53.98
N GLU B 1063 64.93 -52.91 53.23
CA GLU B 1063 65.47 -51.67 53.74
C GLU B 1063 64.84 -50.51 52.97
N LEU B 1064 64.89 -49.33 53.58
CA LEU B 1064 64.30 -48.15 52.95
C LEU B 1064 65.10 -47.78 51.70
N PRO B 1065 64.45 -47.17 50.71
CA PRO B 1065 65.16 -46.76 49.49
C PRO B 1065 66.21 -45.70 49.80
N THR B 1066 66.96 -45.35 48.76
CA THR B 1066 68.06 -44.40 48.93
C THR B 1066 67.54 -43.07 49.47
N GLY B 1067 68.28 -42.51 50.42
CA GLY B 1067 67.82 -41.35 51.14
C GLY B 1067 68.53 -40.06 50.77
N ASP B 1068 68.79 -39.87 49.48
CA ASP B 1068 69.42 -38.64 48.99
C ASP B 1068 68.41 -37.51 49.10
N LEU B 1069 68.57 -36.68 50.13
CA LEU B 1069 67.68 -35.54 50.31
C LEU B 1069 67.89 -34.54 49.17
N THR B 1070 66.79 -33.97 48.69
CA THR B 1070 66.80 -33.04 47.57
C THR B 1070 66.55 -31.63 48.10
N ILE B 1071 67.61 -30.84 48.18
CA ILE B 1071 67.51 -29.45 48.61
C ILE B 1071 67.30 -28.57 47.39
N HIS B 1072 66.41 -27.59 47.51
CA HIS B 1072 66.14 -26.64 46.44
C HIS B 1072 66.76 -25.31 46.81
N VAL B 1073 67.61 -24.78 45.92
CA VAL B 1073 68.26 -23.49 46.13
C VAL B 1073 67.48 -22.44 45.35
N ARG B 1074 67.24 -21.29 45.97
CA ARG B 1074 66.48 -20.20 45.37
C ARG B 1074 67.25 -18.90 45.54
N ILE B 1075 67.30 -18.11 44.47
CA ILE B 1075 67.92 -16.79 44.50
C ILE B 1075 66.89 -15.77 44.05
N ASN B 1076 67.05 -14.53 44.53
CA ASN B 1076 66.16 -13.42 44.19
C ASN B 1076 67.03 -12.30 43.61
N ASP B 1077 67.29 -12.39 42.31
CA ASP B 1077 68.11 -11.40 41.61
C ASP B 1077 67.29 -10.76 40.50
N PRO B 1078 66.73 -9.57 40.69
CA PRO B 1078 65.97 -8.92 39.61
C PRO B 1078 66.81 -8.60 38.38
N ASP B 1079 68.14 -8.57 38.51
CA ASP B 1079 68.98 -8.25 37.35
C ASP B 1079 68.85 -9.31 36.26
N PHE B 1080 68.77 -10.59 36.65
CA PHE B 1080 68.61 -11.67 35.70
C PHE B 1080 67.19 -11.77 35.15
N ASP B 1081 66.25 -11.00 35.69
CA ASP B 1081 64.88 -10.96 35.18
C ASP B 1081 64.79 -9.98 34.01
N GLU B 1082 65.49 -10.32 32.93
CA GLU B 1082 65.53 -9.45 31.75
C GLU B 1082 64.17 -9.35 31.08
N ASN B 1083 63.39 -10.43 31.12
CA ASN B 1083 62.07 -10.45 30.49
C ASN B 1083 60.99 -10.33 31.55
N PRO B 1084 60.26 -9.22 31.62
CA PRO B 1084 59.22 -9.08 32.64
C PRO B 1084 58.10 -10.09 32.53
N ALA B 1085 57.82 -10.60 31.32
CA ALA B 1085 56.76 -11.59 31.12
C ALA B 1085 57.25 -12.70 30.21
N GLY B 1086 58.47 -13.19 30.46
CA GLY B 1086 59.04 -14.25 29.66
C GLY B 1086 59.97 -15.12 30.47
N GLU B 1087 60.41 -16.20 29.83
CA GLU B 1087 61.33 -17.13 30.48
C GLU B 1087 62.69 -16.49 30.67
N ASP B 1088 63.29 -16.70 31.85
CA ASP B 1088 64.62 -16.20 32.15
C ASP B 1088 65.41 -17.30 32.85
N ALA B 1089 66.72 -17.32 32.60
CA ALA B 1089 67.61 -18.30 33.21
C ALA B 1089 68.90 -17.62 33.63
N MET B 1090 69.43 -18.04 34.77
CA MET B 1090 70.69 -17.50 35.28
C MET B 1090 71.83 -18.14 34.49
N ASP B 1091 72.32 -17.43 33.48
CA ASP B 1091 73.33 -17.96 32.57
C ASP B 1091 74.76 -17.57 32.97
N GLN B 1092 74.93 -16.88 34.10
CA GLN B 1092 76.27 -16.53 34.55
C GLN B 1092 77.02 -17.79 34.93
N ASP B 1093 78.27 -17.90 34.47
CA ASP B 1093 79.04 -19.13 34.63
C ASP B 1093 79.52 -19.27 36.07
N ASN B 1094 79.16 -20.38 36.72
CA ASN B 1094 79.64 -20.73 38.05
C ASN B 1094 79.37 -19.65 39.08
N ALA B 1095 78.22 -18.99 38.98
CA ALA B 1095 77.87 -17.95 39.94
C ALA B 1095 77.39 -18.52 41.27
N LEU B 1096 76.93 -19.76 41.30
CA LEU B 1096 76.41 -20.38 42.52
C LEU B 1096 77.32 -21.53 42.93
N LYS B 1097 77.72 -21.53 44.19
CA LYS B 1097 78.56 -22.57 44.77
C LYS B 1097 77.83 -23.22 45.94
N ILE B 1098 77.73 -24.55 45.91
CA ILE B 1098 77.09 -25.31 46.97
C ILE B 1098 78.16 -26.14 47.66
N SER B 1099 78.28 -25.99 48.98
CA SER B 1099 79.36 -26.62 49.72
C SER B 1099 78.87 -27.04 51.09
N VAL B 1100 79.58 -28.00 51.68
CA VAL B 1100 79.32 -28.50 53.02
C VAL B 1100 80.58 -28.31 53.85
N ILE B 1101 80.43 -27.72 55.04
CA ILE B 1101 81.55 -27.42 55.92
C ILE B 1101 81.33 -28.12 57.25
N ARG B 1102 82.40 -28.75 57.76
CA ARG B 1102 82.41 -29.35 59.09
C ARG B 1102 83.64 -28.80 59.82
N GLY B 1103 83.45 -27.68 60.52
CA GLY B 1103 84.53 -27.07 61.24
C GLY B 1103 85.57 -26.42 60.35
N SER B 1104 86.82 -26.88 60.45
CA SER B 1104 87.92 -26.30 59.70
C SER B 1104 88.07 -26.89 58.31
N ASP B 1105 87.30 -27.91 57.95
CA ASP B 1105 87.39 -28.55 56.65
C ASP B 1105 86.12 -28.27 55.85
N SER B 1106 86.29 -28.10 54.54
CA SER B 1106 85.19 -27.76 53.65
C SER B 1106 85.23 -28.64 52.42
N VAL B 1107 84.05 -28.94 51.88
CA VAL B 1107 83.90 -29.68 50.64
C VAL B 1107 82.80 -29.03 49.82
N VAL B 1108 83.01 -28.93 48.51
CA VAL B 1108 82.07 -28.26 47.61
C VAL B 1108 81.30 -29.32 46.83
N LEU B 1109 79.98 -29.18 46.79
CA LEU B 1109 79.14 -30.14 46.08
C LEU B 1109 79.23 -29.94 44.57
N GLY B 1110 79.29 -28.69 44.13
CA GLY B 1110 79.37 -28.42 42.71
C GLY B 1110 79.14 -26.95 42.42
N TYR B 1111 78.87 -26.66 41.14
CA TYR B 1111 78.67 -25.30 40.68
C TYR B 1111 77.38 -25.24 39.87
N ALA B 1112 76.77 -24.06 39.86
CA ALA B 1112 75.53 -23.84 39.13
C ALA B 1112 75.61 -22.52 38.38
N GLY B 1113 74.82 -22.43 37.30
CA GLY B 1113 74.76 -21.26 36.46
C GLY B 1113 75.38 -21.45 35.08
N ALA B 1114 76.43 -22.26 34.97
CA ALA B 1114 77.03 -22.56 33.69
C ALA B 1114 76.27 -23.71 33.02
N SER B 1115 76.74 -24.09 31.84
CA SER B 1115 76.15 -25.23 31.14
C SER B 1115 76.37 -26.51 31.94
N GLU B 1116 75.35 -27.37 31.95
CA GLU B 1116 75.45 -28.62 32.69
C GLU B 1116 76.57 -29.48 32.13
N ARG B 1117 77.42 -30.00 33.03
CA ARG B 1117 78.56 -30.79 32.61
C ARG B 1117 78.87 -31.81 33.71
N THR B 1118 79.60 -32.86 33.32
CA THR B 1118 80.00 -33.89 34.26
C THR B 1118 81.27 -33.47 34.98
N GLY B 1119 81.36 -33.83 36.26
CA GLY B 1119 82.53 -33.49 37.05
C GLY B 1119 82.52 -34.22 38.37
N LYS B 1120 83.65 -34.14 39.07
CA LYS B 1120 83.83 -34.79 40.35
C LYS B 1120 83.59 -33.80 41.49
N ILE B 1121 83.87 -34.25 42.71
CA ILE B 1121 83.70 -33.43 43.90
C ILE B 1121 85.06 -32.95 44.37
N ASP B 1122 85.18 -31.64 44.59
CA ASP B 1122 86.41 -31.02 45.07
C ASP B 1122 86.31 -30.79 46.56
N VAL B 1123 87.47 -30.88 47.24
CA VAL B 1123 87.54 -30.67 48.69
C VAL B 1123 88.25 -29.35 48.95
N GLY B 1124 87.54 -28.44 49.61
CA GLY B 1124 88.12 -27.16 49.96
C GLY B 1124 88.50 -26.27 48.80
N GLY B 1125 87.98 -26.54 47.60
CA GLY B 1125 88.35 -25.76 46.44
C GLY B 1125 89.80 -25.87 46.04
N ASN B 1126 90.40 -27.05 46.22
CA ASN B 1126 91.82 -27.22 45.91
C ASN B 1126 92.06 -27.32 44.40
N ASN B 1127 91.09 -27.85 43.66
CA ASN B 1127 91.24 -28.00 42.21
C ASN B 1127 91.11 -26.65 41.54
N GLY B 1128 92.21 -26.15 40.98
CA GLY B 1128 92.17 -24.86 40.31
C GLY B 1128 91.33 -24.89 39.05
N THR B 1129 91.40 -25.98 38.29
CA THR B 1129 90.64 -26.11 37.05
C THR B 1129 89.17 -26.28 37.40
N ILE B 1130 88.32 -25.39 36.86
CA ILE B 1130 86.90 -25.41 37.20
C ILE B 1130 86.11 -26.37 36.32
N SER B 1131 86.66 -26.76 35.16
CA SER B 1131 85.93 -27.64 34.25
C SER B 1131 85.78 -29.06 34.81
N ASN B 1132 86.58 -29.43 35.80
CA ASN B 1132 86.50 -30.76 36.39
C ASN B 1132 85.45 -30.85 37.50
N ILE B 1133 84.77 -29.75 37.81
CA ILE B 1133 83.77 -29.74 38.88
C ILE B 1133 82.39 -29.98 38.26
N ARG B 1134 81.56 -30.73 38.98
CA ARG B 1134 80.21 -31.02 38.51
C ARG B 1134 79.39 -29.74 38.41
N SER B 1135 78.63 -29.63 37.32
CA SER B 1135 77.79 -28.47 37.06
C SER B 1135 76.33 -28.93 36.99
N PHE B 1136 75.46 -28.22 37.70
CA PHE B 1136 74.04 -28.56 37.74
C PHE B 1136 73.22 -27.86 36.67
N GLY B 1137 73.85 -27.06 35.81
CA GLY B 1137 73.13 -26.37 34.77
C GLY B 1137 72.62 -25.01 35.22
N GLU B 1138 71.87 -24.38 34.32
CA GLU B 1138 71.31 -23.05 34.56
C GLU B 1138 70.00 -23.16 35.33
N MET B 1139 69.86 -22.32 36.35
CA MET B 1139 68.63 -22.30 37.13
C MET B 1139 67.49 -21.69 36.31
N ASP B 1140 66.28 -22.21 36.52
CA ASP B 1140 65.10 -21.78 35.78
C ASP B 1140 64.23 -20.90 36.66
N GLU B 1141 63.67 -19.84 36.05
CA GLU B 1141 62.81 -18.92 36.78
C GLU B 1141 61.51 -19.61 37.18
N ILE B 1142 61.05 -19.35 38.40
CA ILE B 1142 59.86 -20.04 38.91
C ILE B 1142 58.61 -19.56 38.18
N ALA B 1143 58.51 -18.26 37.91
CA ALA B 1143 57.36 -17.68 37.25
C ALA B 1143 57.83 -16.61 36.29
N PRO B 1144 57.11 -16.40 35.18
CA PRO B 1144 57.59 -15.43 34.17
C PRO B 1144 57.76 -14.01 34.69
N ASP B 1145 57.05 -13.64 35.75
CA ASP B 1145 57.15 -12.29 36.31
C ASP B 1145 57.61 -12.30 37.76
N ALA B 1146 58.38 -13.30 38.17
CA ALA B 1146 58.83 -13.41 39.56
C ALA B 1146 60.27 -12.97 39.74
N GLY B 1147 61.18 -13.40 38.87
CA GLY B 1147 62.59 -13.11 39.01
C GLY B 1147 63.34 -14.01 39.95
N ILE B 1148 62.71 -15.05 40.49
CA ILE B 1148 63.33 -15.98 41.42
C ILE B 1148 63.61 -17.29 40.68
N PHE B 1149 64.85 -17.76 40.78
CA PHE B 1149 65.29 -18.96 40.08
C PHE B 1149 65.51 -20.08 41.09
N GLU B 1150 64.98 -21.26 40.79
CA GLU B 1150 65.08 -22.42 41.67
C GLU B 1150 65.79 -23.56 40.95
N LEU B 1151 66.72 -24.20 41.64
CA LEU B 1151 67.43 -25.36 41.13
C LEU B 1151 67.30 -26.50 42.14
N ASP B 1152 66.94 -27.68 41.65
CA ASP B 1152 66.77 -28.86 42.49
C ASP B 1152 68.04 -29.70 42.44
N VAL B 1153 68.69 -29.87 43.58
CA VAL B 1153 69.92 -30.64 43.68
C VAL B 1153 69.79 -31.61 44.85
N ASN B 1154 70.18 -32.86 44.61
CA ASN B 1154 70.14 -33.90 45.63
C ASN B 1154 71.54 -34.15 46.18
N ILE B 1155 71.62 -34.38 47.48
CA ILE B 1155 72.89 -34.62 48.17
C ILE B 1155 72.89 -36.06 48.66
N LYS B 1156 73.91 -36.81 48.26
CA LYS B 1156 74.08 -38.18 48.73
C LYS B 1156 74.71 -38.19 50.12
N PHE B 1157 74.55 -39.32 50.81
CA PHE B 1157 75.16 -39.47 52.13
C PHE B 1157 76.68 -39.51 52.06
N THR B 1158 77.25 -39.72 50.86
CA THR B 1158 78.69 -39.73 50.68
C THR B 1158 79.26 -38.34 50.41
N ASP B 1159 78.43 -37.36 50.08
CA ASP B 1159 78.89 -36.03 49.68
C ASP B 1159 79.15 -35.20 50.94
N GLY B 1160 80.29 -35.45 51.56
CA GLY B 1160 80.69 -34.74 52.75
C GLY B 1160 82.17 -34.82 53.00
N PRO B 1161 82.66 -34.06 53.98
CA PRO B 1161 84.09 -34.10 54.30
C PRO B 1161 84.50 -35.45 54.87
N ALA B 1162 85.76 -35.81 54.64
CA ALA B 1162 86.29 -37.08 55.12
C ALA B 1162 86.43 -37.06 56.63
N SER B 1163 86.12 -38.19 57.26
CA SER B 1163 86.24 -38.33 58.70
C SER B 1163 86.47 -39.80 59.03
N ALA B 1164 87.12 -40.05 60.17
CA ALA B 1164 87.40 -41.40 60.62
C ALA B 1164 86.21 -42.06 61.31
N GLN B 1165 85.18 -41.28 61.66
CA GLN B 1165 84.03 -41.85 62.34
C GLN B 1165 83.18 -42.69 61.40
N CYS B 1166 83.38 -42.56 60.10
CA CYS B 1166 82.58 -43.27 59.11
C CYS B 1166 83.29 -44.48 58.52
N ASN B 1167 84.38 -44.93 59.15
CA ASN B 1167 85.05 -46.14 58.70
C ASN B 1167 84.25 -47.41 58.98
N SER B 1168 83.17 -47.30 59.75
CA SER B 1168 82.35 -48.48 60.04
C SER B 1168 81.75 -49.07 58.78
N HIS B 1169 81.58 -48.27 57.73
CA HIS B 1169 81.04 -48.73 56.46
C HIS B 1169 82.11 -48.61 55.38
N ASP B 1170 82.41 -49.70 54.69
CA ASP B 1170 83.30 -49.69 53.53
C ASP B 1170 82.49 -49.15 52.35
N THR B 1171 82.38 -47.82 52.30
CA THR B 1171 81.45 -47.18 51.40
C THR B 1171 81.86 -47.36 49.94
N LEU B 1172 80.87 -47.66 49.10
CA LEU B 1172 81.05 -47.67 47.66
C LEU B 1172 80.50 -46.36 47.09
N TYR B 1173 81.35 -45.61 46.41
CA TYR B 1173 81.02 -44.26 45.95
C TYR B 1173 80.49 -44.32 44.53
N THR B 1174 79.28 -43.81 44.32
CA THR B 1174 78.71 -43.75 42.98
C THR B 1174 79.47 -42.76 42.13
N ALA B 1175 79.81 -43.16 40.91
CA ALA B 1175 80.61 -42.31 40.03
C ALA B 1175 79.78 -41.13 39.53
N LEU B 1176 80.37 -39.94 39.60
CA LEU B 1176 79.75 -38.74 39.04
C LEU B 1176 80.26 -38.40 37.65
N ASP B 1177 81.40 -38.97 37.25
CA ASP B 1177 81.94 -38.74 35.92
C ASP B 1177 81.43 -39.83 34.96
N GLY B 1178 82.03 -39.90 33.77
CA GLY B 1178 81.56 -40.84 32.77
C GLY B 1178 81.90 -42.29 33.05
N THR B 1179 82.90 -42.54 33.89
CA THR B 1179 83.28 -43.92 34.21
C THR B 1179 82.21 -44.59 35.06
N THR B 1180 82.14 -45.91 34.96
CA THR B 1180 81.19 -46.71 35.72
C THR B 1180 81.78 -47.28 37.00
N GLY B 1181 83.03 -46.96 37.31
CA GLY B 1181 83.67 -47.51 38.50
C GLY B 1181 83.09 -46.93 39.78
N LYS B 1182 83.22 -47.72 40.86
CA LYS B 1182 82.73 -47.34 42.17
C LYS B 1182 83.83 -46.86 43.10
N ALA B 1183 85.01 -46.57 42.58
CA ALA B 1183 86.12 -46.15 43.41
C ALA B 1183 85.92 -44.73 43.92
N ASP B 1184 86.76 -44.34 44.88
CA ASP B 1184 86.64 -43.02 45.48
C ASP B 1184 86.92 -41.91 44.47
N THR B 1185 87.93 -42.11 43.62
CA THR B 1185 88.31 -41.07 42.66
C THR B 1185 87.25 -40.82 41.60
N ASN B 1186 86.30 -41.75 41.44
CA ASN B 1186 85.25 -41.54 40.45
C ASN B 1186 84.29 -40.44 40.85
N ARG B 1187 84.03 -40.28 42.15
CA ARG B 1187 83.11 -39.25 42.64
C ARG B 1187 83.82 -38.01 43.14
N PHE B 1188 85.03 -38.15 43.70
CA PHE B 1188 85.76 -37.05 44.28
C PHE B 1188 87.05 -36.80 43.50
N ASP B 1189 87.52 -35.56 43.54
CA ASP B 1189 88.74 -35.21 42.81
C ASP B 1189 89.96 -35.94 43.36
N ASP B 1190 89.98 -36.20 44.67
CA ASP B 1190 91.07 -36.92 45.31
C ASP B 1190 90.50 -38.00 46.22
N GLY B 1191 91.31 -39.04 46.44
CA GLY B 1191 90.89 -40.10 47.33
C GLY B 1191 90.88 -39.66 48.79
N ALA B 1192 90.04 -40.31 49.57
CA ALA B 1192 89.95 -40.00 50.99
C ALA B 1192 91.23 -40.43 51.71
N ALA B 1193 91.51 -39.74 52.81
CA ALA B 1193 92.68 -40.08 53.62
C ALA B 1193 92.52 -41.47 54.21
N SER B 1194 93.66 -42.17 54.37
CA SER B 1194 93.64 -43.51 54.92
C SER B 1194 93.02 -43.52 56.31
N GLY B 1195 92.09 -44.43 56.54
CA GLY B 1195 91.36 -44.47 57.78
C GLY B 1195 90.18 -43.52 57.88
N GLN B 1196 89.87 -42.79 56.81
CA GLN B 1196 88.76 -41.84 56.81
C GLN B 1196 87.94 -42.02 55.54
N GLU B 1197 86.67 -41.66 55.63
CA GLU B 1197 85.74 -41.78 54.51
C GLU B 1197 84.89 -40.51 54.43
N TYR B 1198 84.50 -40.17 53.21
CA TYR B 1198 83.65 -38.99 52.99
C TYR B 1198 82.23 -39.28 53.46
N CYS B 1199 81.68 -38.38 54.26
CA CYS B 1199 80.36 -38.57 54.86
C CYS B 1199 79.93 -37.27 55.51
N ILE B 1200 78.69 -37.25 55.99
CA ILE B 1200 78.11 -36.11 56.68
C ILE B 1200 77.69 -36.57 58.08
N LEU B 1201 78.09 -35.80 59.09
CA LEU B 1201 77.77 -36.10 60.49
C LEU B 1201 76.70 -35.15 60.99
N GLN B 1202 76.20 -35.45 62.19
CA GLN B 1202 75.23 -34.57 62.82
C GLN B 1202 75.89 -33.26 63.22
N GLY B 1203 75.18 -32.15 63.02
CA GLY B 1203 75.70 -30.84 63.33
C GLY B 1203 76.47 -30.16 62.22
N ASP B 1204 76.68 -30.85 61.09
CA ASP B 1204 77.38 -30.25 59.97
C ASP B 1204 76.55 -29.11 59.38
N ILE B 1205 77.25 -28.09 58.88
CA ILE B 1205 76.62 -26.89 58.36
C ILE B 1205 76.58 -26.96 56.84
N LEU B 1206 75.39 -26.82 56.28
CA LEU B 1206 75.20 -26.77 54.84
C LEU B 1206 75.02 -25.32 54.41
N GLN B 1207 75.86 -24.87 53.47
CA GLN B 1207 75.89 -23.47 53.06
C GLN B 1207 75.84 -23.37 51.55
N VAL B 1208 75.26 -22.28 51.07
CA VAL B 1208 75.14 -21.99 49.64
C VAL B 1208 75.83 -20.67 49.35
N GLU B 1209 76.69 -20.67 48.34
CA GLU B 1209 77.44 -19.48 47.95
C GLU B 1209 76.96 -18.99 46.59
N TYR B 1210 76.59 -17.72 46.52
CA TYR B 1210 76.17 -17.08 45.28
C TYR B 1210 76.96 -15.78 45.12
N THR B 1211 77.56 -15.61 43.95
CA THR B 1211 78.35 -14.41 43.63
C THR B 1211 77.52 -13.54 42.69
N ASP B 1212 77.01 -12.44 43.22
CA ASP B 1212 76.21 -11.53 42.41
C ASP B 1212 77.10 -10.77 41.45
N PRO B 1213 76.89 -10.89 40.13
CA PRO B 1213 77.69 -10.10 39.19
C PRO B 1213 77.49 -8.61 39.30
N ALA B 1214 76.36 -8.17 39.86
CA ALA B 1214 76.09 -6.73 40.00
C ALA B 1214 75.15 -6.53 41.18
N ASP B 1215 75.68 -5.97 42.26
CA ASP B 1215 74.85 -5.59 43.40
C ASP B 1215 74.25 -4.21 43.14
N ALA B 1216 73.70 -3.59 44.18
CA ALA B 1216 73.21 -2.22 44.05
C ALA B 1216 74.32 -1.25 43.64
N SER B 1217 75.58 -1.62 43.87
CA SER B 1217 76.72 -0.83 43.43
C SER B 1217 77.26 -1.29 42.09
N GLY B 1218 76.67 -2.31 41.48
CA GLY B 1218 77.11 -2.78 40.18
C GLY B 1218 78.51 -3.37 40.15
N ASP B 1219 78.82 -4.24 41.11
CA ASP B 1219 80.13 -4.88 41.18
C ASP B 1219 79.93 -6.33 41.63
N ALA B 1220 81.03 -6.99 41.97
CA ALA B 1220 80.96 -8.35 42.49
C ALA B 1220 80.55 -8.32 43.95
N ASN B 1221 79.69 -9.27 44.35
CA ASN B 1221 79.22 -9.36 45.73
C ASN B 1221 78.91 -10.81 46.05
N THR B 1222 79.26 -11.23 47.26
CA THR B 1222 79.06 -12.60 47.71
C THR B 1222 78.03 -12.62 48.82
N VAL B 1223 77.01 -13.46 48.68
CA VAL B 1223 75.98 -13.64 49.69
C VAL B 1223 75.91 -15.11 50.06
N THR B 1224 75.59 -15.38 51.32
CA THR B 1224 75.60 -16.73 51.86
C THR B 1224 74.34 -17.00 52.65
N ASP B 1225 73.89 -18.26 52.59
CA ASP B 1225 72.85 -18.76 53.47
C ASP B 1225 73.31 -20.12 53.99
N SER B 1226 72.96 -20.42 55.24
CA SER B 1226 73.48 -21.59 55.93
C SER B 1226 72.35 -22.42 56.50
N ALA B 1227 72.56 -23.74 56.51
CA ALA B 1227 71.66 -24.69 57.14
C ALA B 1227 72.50 -25.71 57.89
N THR B 1228 71.89 -26.30 58.93
CA THR B 1228 72.60 -27.22 59.82
C THR B 1228 71.98 -28.61 59.72
N PHE B 1229 72.82 -29.61 59.50
CA PHE B 1229 72.36 -30.99 59.52
C PHE B 1229 72.02 -31.40 60.96
N ASP B 1230 70.98 -32.20 61.11
CA ASP B 1230 70.54 -32.63 62.43
C ASP B 1230 69.79 -33.94 62.32
N LEU B 1231 69.72 -34.64 63.45
CA LEU B 1231 68.96 -35.88 63.58
C LEU B 1231 68.13 -35.80 64.85
N ARG B 1232 66.85 -36.17 64.75
CA ARG B 1232 65.91 -36.07 65.85
C ARG B 1232 65.28 -37.43 66.12
N ASN B 1233 64.81 -37.60 67.36
CA ASN B 1233 64.15 -38.83 67.75
C ASN B 1233 62.77 -38.94 67.12
N GLY B 1234 62.26 -40.16 67.04
CA GLY B 1234 60.94 -40.44 66.52
C GLY B 1234 59.99 -40.84 67.64
N VAL B 1235 58.76 -40.35 67.56
CA VAL B 1235 57.75 -40.62 68.58
C VAL B 1235 56.42 -40.88 67.89
N LEU B 1236 55.73 -41.93 68.32
CA LEU B 1236 54.41 -42.26 67.80
C LEU B 1236 53.32 -41.50 68.57
N GLN B 1237 52.13 -41.45 67.96
CA GLN B 1237 50.99 -40.83 68.61
C GLN B 1237 49.71 -41.42 68.02
N SER B 1238 48.66 -41.42 68.83
CA SER B 1238 47.36 -41.91 68.42
C SER B 1238 46.28 -40.95 68.94
N ASP B 1239 45.15 -40.93 68.23
CA ASP B 1239 44.06 -40.04 68.61
C ASP B 1239 43.42 -40.41 69.93
N LYS B 1240 43.55 -41.66 70.36
CA LYS B 1240 43.00 -42.11 71.64
C LYS B 1240 43.78 -43.32 72.11
N SER B 1241 43.52 -43.74 73.35
CA SER B 1241 44.25 -44.83 73.95
C SER B 1241 43.58 -46.19 73.72
N VAL B 1242 42.27 -46.28 73.93
CA VAL B 1242 41.55 -47.54 73.78
C VAL B 1242 40.94 -47.59 72.38
N TYR B 1243 40.81 -48.80 71.85
CA TYR B 1243 40.25 -49.02 70.52
C TYR B 1243 39.41 -50.27 70.51
N ILE B 1244 38.26 -50.19 69.82
CA ILE B 1244 37.44 -51.37 69.58
C ILE B 1244 38.08 -52.18 68.47
N ILE B 1245 38.09 -53.51 68.63
CA ILE B 1245 38.65 -54.38 67.62
C ILE B 1245 37.90 -54.18 66.31
N GLY B 1246 38.64 -53.92 65.23
CA GLY B 1246 38.05 -53.66 63.94
C GLY B 1246 37.78 -52.20 63.64
N SER B 1247 38.05 -51.30 64.58
CA SER B 1247 37.85 -49.88 64.36
C SER B 1247 39.03 -49.29 63.57
N ASP B 1248 38.98 -47.99 63.34
CA ASP B 1248 40.02 -47.30 62.57
C ASP B 1248 41.04 -46.69 63.53
N MET B 1249 42.31 -47.06 63.35
CA MET B 1249 43.41 -46.53 64.15
C MET B 1249 44.12 -45.46 63.34
N ILE B 1250 44.10 -44.22 63.84
CA ILE B 1250 44.78 -43.11 63.19
C ILE B 1250 46.20 -43.08 63.77
N LEU B 1251 47.08 -43.89 63.20
CA LEU B 1251 48.46 -44.01 63.66
C LEU B 1251 49.25 -42.83 63.10
N THR B 1252 49.68 -41.94 63.98
CA THR B 1252 50.39 -40.72 63.60
C THR B 1252 51.84 -40.81 64.06
N LEU B 1253 52.77 -40.59 63.12
CA LEU B 1253 54.19 -40.58 63.41
C LEU B 1253 54.72 -39.16 63.20
N ILE B 1254 55.28 -38.58 64.25
CA ILE B 1254 55.86 -37.24 64.16
C ILE B 1254 57.36 -37.34 64.39
N GLU B 1255 58.14 -37.11 63.33
CA GLU B 1255 59.59 -37.22 63.40
C GLU B 1255 60.20 -36.42 62.25
N PRO B 1256 61.08 -35.47 62.55
CA PRO B 1256 61.49 -34.50 61.51
C PRO B 1256 62.37 -35.07 60.41
N ASP B 1257 63.25 -36.03 60.71
CA ASP B 1257 64.31 -36.41 59.78
C ASP B 1257 63.81 -37.19 58.57
N PHE B 1258 62.55 -37.62 58.55
CA PHE B 1258 62.03 -38.28 57.35
C PHE B 1258 61.53 -37.29 56.29
N ASP B 1259 61.49 -35.99 56.59
CA ASP B 1259 61.09 -34.98 55.62
C ASP B 1259 62.31 -34.61 54.77
N LEU B 1260 62.59 -35.49 53.79
CA LEU B 1260 63.77 -35.30 52.96
C LEU B 1260 63.58 -34.18 51.95
N ASP B 1261 62.40 -34.06 51.36
CA ASP B 1261 62.12 -33.03 50.36
C ASP B 1261 60.98 -32.17 50.86
N ASN B 1262 61.20 -30.86 50.92
CA ASN B 1262 60.16 -29.95 51.39
C ASN B 1262 59.11 -29.64 50.32
N ASP B 1263 59.41 -29.91 49.05
CA ASP B 1263 58.49 -29.59 47.97
C ASP B 1263 57.47 -30.69 47.70
N SER B 1264 57.65 -31.87 48.27
CA SER B 1264 56.75 -32.99 48.03
C SER B 1264 56.61 -33.82 49.31
N ALA B 1265 55.56 -34.63 49.35
CA ALA B 1265 55.29 -35.52 50.46
C ALA B 1265 55.74 -36.93 50.08
N GLU B 1266 56.74 -37.44 50.79
CA GLU B 1266 57.28 -38.76 50.53
C GLU B 1266 56.48 -39.83 51.26
N THR B 1267 56.72 -41.08 50.87
CA THR B 1267 56.11 -42.23 51.54
C THR B 1267 57.20 -43.17 52.00
N TYR B 1268 56.95 -43.83 53.12
CA TYR B 1268 57.91 -44.76 53.72
C TYR B 1268 57.17 -46.01 54.18
N ASP B 1269 57.88 -47.14 54.11
CA ASP B 1269 57.26 -48.43 54.36
C ASP B 1269 56.67 -48.51 55.75
N LEU B 1270 55.46 -49.07 55.85
CA LEU B 1270 54.84 -49.32 57.15
C LEU B 1270 55.62 -50.36 57.95
N ASP B 1271 56.49 -51.14 57.29
CA ASP B 1271 57.25 -52.17 57.98
C ASP B 1271 58.11 -51.60 59.10
N LEU B 1272 58.43 -50.31 59.06
CA LEU B 1272 59.17 -49.68 60.15
C LEU B 1272 58.47 -49.87 61.49
N ILE B 1273 57.13 -49.90 61.50
CA ILE B 1273 56.38 -50.21 62.71
C ILE B 1273 56.16 -51.70 62.78
N GLU B 1274 56.05 -52.22 64.00
CA GLU B 1274 55.89 -53.64 64.26
C GLU B 1274 54.72 -53.90 65.20
N TRP B 1275 54.03 -55.01 64.99
CA TRP B 1275 52.98 -55.44 65.90
C TRP B 1275 53.60 -56.30 66.99
N ASP B 1276 53.32 -55.96 68.25
CA ASP B 1276 53.85 -56.71 69.38
C ASP B 1276 52.67 -56.91 70.33
N SER B 1277 52.20 -58.14 70.43
CA SER B 1277 51.07 -58.50 71.28
C SER B 1277 51.13 -60.00 71.53
N ASP B 1278 50.16 -60.50 72.31
CA ASP B 1278 50.12 -61.94 72.59
C ASP B 1278 49.72 -62.74 71.36
N ALA B 1279 48.99 -62.12 70.43
CA ALA B 1279 48.56 -62.85 69.23
C ALA B 1279 49.75 -63.26 68.37
N ALA B 1280 50.61 -62.30 68.04
CA ALA B 1280 51.78 -62.58 67.19
C ALA B 1280 52.67 -61.34 67.21
N THR B 1281 53.88 -61.51 66.67
CA THR B 1281 54.83 -60.42 66.50
C THR B 1281 55.21 -60.36 65.03
N THR B 1282 54.80 -59.27 64.36
CA THR B 1282 55.02 -59.13 62.94
C THR B 1282 55.14 -57.65 62.59
N THR B 1283 55.78 -57.37 61.46
CA THR B 1283 56.03 -56.00 61.01
C THR B 1283 54.83 -55.38 60.31
N MET B 1284 53.71 -56.12 60.22
CA MET B 1284 52.44 -55.63 59.68
C MET B 1284 52.53 -55.23 58.21
N GLY B 1285 53.69 -55.41 57.59
CA GLY B 1285 53.89 -55.06 56.21
C GLY B 1285 54.00 -56.28 55.32
N ASN B 1286 54.55 -56.07 54.12
CA ASN B 1286 54.75 -57.16 53.18
C ASN B 1286 55.82 -58.14 53.65
N LYS B 1287 56.67 -57.72 54.59
CA LYS B 1287 57.72 -58.58 55.13
C LYS B 1287 57.27 -59.35 56.36
N GLY B 1288 56.00 -59.22 56.76
CA GLY B 1288 55.50 -59.89 57.94
C GLY B 1288 55.07 -61.32 57.64
N VAL B 1289 54.37 -61.90 58.61
CA VAL B 1289 53.90 -63.28 58.51
C VAL B 1289 52.79 -63.36 57.46
N THR B 1290 52.45 -64.58 57.06
CA THR B 1290 51.41 -64.78 56.05
C THR B 1290 50.06 -64.30 56.57
N GLY B 1291 49.38 -63.50 55.75
CA GLY B 1291 48.07 -62.99 56.10
C GLY B 1291 48.08 -61.78 57.01
N ALA B 1292 49.26 -61.25 57.35
CA ALA B 1292 49.34 -60.15 58.30
C ALA B 1292 48.82 -58.85 57.70
N ALA B 1293 49.46 -58.39 56.60
CA ALA B 1293 49.17 -57.07 56.05
C ALA B 1293 47.71 -56.94 55.65
N ALA B 1294 47.07 -58.05 55.29
CA ALA B 1294 45.66 -58.03 54.96
C ALA B 1294 44.80 -57.70 56.18
N ALA B 1295 45.26 -58.10 57.36
CA ALA B 1295 44.47 -57.95 58.58
C ALA B 1295 44.25 -56.49 58.94
N PHE B 1296 45.26 -55.64 58.71
CA PHE B 1296 45.14 -54.21 58.99
C PHE B 1296 44.55 -53.41 57.84
N ASP B 1297 44.79 -53.83 56.59
CA ASP B 1297 44.29 -53.14 55.40
C ASP B 1297 44.65 -51.66 55.46
N PRO B 1298 45.93 -51.32 55.32
CA PRO B 1298 46.32 -49.91 55.46
C PRO B 1298 45.76 -49.05 54.35
N GLU B 1299 45.36 -47.83 54.71
CA GLU B 1299 44.86 -46.83 53.76
C GLU B 1299 45.44 -45.48 54.17
N PRO B 1300 46.54 -45.04 53.55
CA PRO B 1300 47.29 -45.65 52.44
C PRO B 1300 48.09 -46.88 52.85
N THR B 1301 48.66 -47.60 51.88
CA THR B 1301 49.36 -48.85 52.18
C THR B 1301 50.63 -48.63 52.99
N ASP B 1302 51.11 -47.40 53.11
CA ASP B 1302 52.33 -47.12 53.84
C ASP B 1302 52.22 -45.77 54.55
N PHE B 1303 53.22 -45.47 55.37
CA PHE B 1303 53.27 -44.19 56.05
C PHE B 1303 53.29 -43.07 55.03
N ARG B 1304 52.42 -42.07 55.21
CA ARG B 1304 52.32 -40.98 54.26
C ARG B 1304 52.45 -39.67 55.01
N GLU B 1305 53.24 -38.75 54.49
CA GLU B 1305 53.47 -37.48 55.17
C GLU B 1305 52.26 -36.56 54.96
N THR B 1306 51.90 -35.82 56.02
CA THR B 1306 50.69 -35.01 55.97
C THR B 1306 50.80 -33.90 54.93
N GLY B 1307 51.90 -33.15 54.95
CA GLY B 1307 52.08 -32.06 54.02
C GLY B 1307 53.54 -31.96 53.59
N ASP B 1308 53.74 -31.35 52.42
CA ASP B 1308 55.07 -31.34 51.81
C ASP B 1308 56.13 -30.74 52.70
N SER B 1309 55.76 -29.84 53.60
CA SER B 1309 56.70 -29.20 54.51
C SER B 1309 56.23 -29.32 55.95
N THR B 1310 55.77 -30.50 56.34
CA THR B 1310 55.28 -30.75 57.69
C THR B 1310 56.13 -31.72 58.49
N GLY B 1311 56.52 -32.85 57.90
CA GLY B 1311 57.31 -33.85 58.61
C GLY B 1311 56.52 -34.83 59.43
N ILE B 1312 55.19 -34.72 59.45
CA ILE B 1312 54.33 -35.60 60.24
C ILE B 1312 53.71 -36.63 59.30
N PHE B 1313 53.82 -37.90 59.68
CA PHE B 1313 53.33 -39.01 58.87
C PHE B 1313 52.13 -39.67 59.56
N GLN B 1314 51.07 -39.90 58.77
CA GLN B 1314 49.85 -40.49 59.28
C GLN B 1314 49.39 -41.60 58.35
N ILE B 1315 48.64 -42.55 58.93
CA ILE B 1315 48.13 -43.68 58.17
C ILE B 1315 46.95 -44.26 58.94
N VAL B 1316 45.96 -44.76 58.20
CA VAL B 1316 44.75 -45.34 58.79
C VAL B 1316 44.93 -46.86 58.85
N ILE B 1317 44.86 -47.41 60.05
CA ILE B 1317 45.05 -48.83 60.30
C ILE B 1317 43.79 -49.39 60.94
N GLU B 1318 43.37 -50.57 60.50
CA GLU B 1318 42.25 -51.27 61.11
C GLU B 1318 42.77 -52.30 62.12
N ILE B 1319 42.16 -52.33 63.30
CA ILE B 1319 42.57 -53.25 64.36
C ILE B 1319 42.17 -54.66 63.94
N PRO B 1320 43.13 -55.58 63.83
CA PRO B 1320 42.79 -56.94 63.36
C PRO B 1320 42.05 -57.73 64.42
N GLU B 1321 41.04 -58.49 63.97
CA GLU B 1321 40.40 -59.46 64.84
C GLU B 1321 41.23 -60.72 65.02
N SER B 1322 42.17 -60.98 64.11
CA SER B 1322 43.05 -62.13 64.20
C SER B 1322 44.34 -61.81 63.46
N LEU B 1323 45.48 -62.05 64.11
CA LEU B 1323 46.77 -61.73 63.52
C LEU B 1323 47.28 -62.85 62.61
N SER B 1324 47.47 -64.04 63.15
CA SER B 1324 47.94 -65.17 62.36
C SER B 1324 47.49 -66.46 63.04
N ASN B 1325 46.44 -67.06 62.52
CA ASN B 1325 45.87 -68.33 62.99
C ASN B 1325 45.36 -68.26 64.42
N ASP B 1326 45.26 -67.07 65.01
CA ASP B 1326 44.70 -66.93 66.36
C ASP B 1326 44.06 -65.55 66.49
N LYS B 1327 43.09 -65.46 67.39
CA LYS B 1327 42.33 -64.23 67.58
C LYS B 1327 43.09 -63.26 68.48
N LEU B 1328 42.60 -62.02 68.51
CA LEU B 1328 43.10 -61.00 69.40
C LEU B 1328 42.10 -60.80 70.54
N GLU B 1329 42.60 -60.79 71.77
CA GLU B 1329 41.76 -60.86 72.95
C GLU B 1329 41.47 -59.48 73.52
N ARG B 1330 40.40 -59.41 74.30
CA ARG B 1330 40.01 -58.17 74.95
C ARG B 1330 40.96 -57.85 76.10
N GLY B 1331 41.31 -56.57 76.25
CA GLY B 1331 42.26 -56.18 77.27
C GLY B 1331 43.69 -56.54 76.95
N GLU B 1332 43.97 -56.96 75.72
CA GLU B 1332 45.31 -57.35 75.34
C GLU B 1332 46.23 -56.13 75.26
N GLU B 1333 47.48 -56.34 75.66
CA GLU B 1333 48.48 -55.27 75.60
C GLU B 1333 49.01 -55.15 74.18
N ILE B 1334 48.81 -54.00 73.56
CA ILE B 1334 49.24 -53.74 72.19
C ILE B 1334 50.45 -52.82 72.25
N ILE B 1335 51.58 -53.28 71.71
CA ILE B 1335 52.82 -52.53 71.70
C ILE B 1335 53.18 -52.22 70.25
N LEU B 1336 53.33 -50.94 69.92
CA LEU B 1336 53.74 -50.50 68.60
C LEU B 1336 55.11 -49.86 68.72
N GLU B 1337 56.15 -50.63 68.39
CA GLU B 1337 57.54 -50.19 68.52
C GLU B 1337 58.19 -50.10 67.15
N TYR B 1338 58.93 -49.02 66.94
CA TYR B 1338 59.68 -48.81 65.70
C TYR B 1338 61.08 -48.29 66.05
N THR B 1339 62.06 -48.67 65.25
CA THR B 1339 63.44 -48.27 65.45
C THR B 1339 63.77 -47.07 64.57
N ASP B 1340 64.27 -46.01 65.20
CA ASP B 1340 64.52 -44.76 64.47
C ASP B 1340 65.77 -44.85 63.59
N TRP B 1341 66.82 -45.51 64.08
CA TRP B 1341 68.13 -45.60 63.43
C TRP B 1341 68.81 -44.25 63.38
N GLY B 1342 68.13 -43.20 63.81
CA GLY B 1342 68.66 -41.84 63.76
C GLY B 1342 68.40 -40.99 64.98
N PRO B 1343 68.47 -41.55 66.20
CA PRO B 1343 68.06 -40.78 67.39
C PRO B 1343 68.93 -39.55 67.63
N SER B 1344 68.55 -38.76 68.64
CA SER B 1344 69.28 -37.51 68.91
C SER B 1344 70.74 -37.77 69.27
N GLY B 1345 71.02 -38.90 69.94
CA GLY B 1345 72.37 -39.23 70.30
C GLY B 1345 73.19 -39.88 69.22
N SER B 1346 72.61 -40.06 68.03
CA SER B 1346 73.31 -40.68 66.91
C SER B 1346 74.08 -39.62 66.12
N ASP B 1347 75.37 -39.86 65.91
CA ASP B 1347 76.16 -38.96 65.08
C ASP B 1347 75.76 -39.02 63.63
N TYR B 1348 75.31 -40.19 63.17
CA TYR B 1348 74.83 -40.35 61.80
C TYR B 1348 73.86 -41.53 61.77
N VAL B 1349 73.25 -41.75 60.60
CA VAL B 1349 72.24 -42.78 60.47
C VAL B 1349 72.89 -44.16 60.60
N GLY B 1350 72.30 -45.00 61.45
CA GLY B 1350 72.82 -46.33 61.69
C GLY B 1350 73.85 -46.44 62.79
N ASP B 1351 74.11 -45.36 63.53
CA ASP B 1351 75.06 -45.40 64.63
C ASP B 1351 74.42 -45.96 65.91
N GLU B 1352 73.30 -45.37 66.33
CA GLU B 1352 72.58 -45.79 67.52
C GLU B 1352 71.28 -46.46 67.10
N ASP B 1353 70.94 -47.56 67.78
CA ASP B 1353 69.79 -48.38 67.43
C ASP B 1353 68.67 -48.27 68.47
N GLU B 1354 68.43 -47.06 68.97
CA GLU B 1354 67.41 -46.84 69.97
C GLU B 1354 66.02 -47.13 69.40
N ASP B 1355 65.18 -47.74 70.23
CA ASP B 1355 63.82 -48.11 69.85
C ASP B 1355 62.82 -47.34 70.72
N VAL B 1356 61.67 -47.03 70.12
CA VAL B 1356 60.60 -46.31 70.80
C VAL B 1356 59.30 -47.07 70.59
N ASN B 1357 58.52 -47.24 71.66
CA ASN B 1357 57.30 -48.02 71.63
C ASN B 1357 56.13 -47.21 72.16
N LEU B 1358 54.93 -47.67 71.85
CA LEU B 1358 53.70 -47.06 72.31
C LEU B 1358 52.76 -48.13 72.84
N THR B 1359 51.98 -47.78 73.85
CA THR B 1359 51.04 -48.69 74.47
C THR B 1359 49.63 -48.38 74.00
N ILE B 1360 48.90 -49.42 73.58
CA ILE B 1360 47.55 -49.29 73.07
C ILE B 1360 46.66 -50.31 73.78
N TYR B 1361 45.51 -49.87 74.25
CA TYR B 1361 44.56 -50.72 74.95
C TYR B 1361 43.40 -51.11 74.02
N THR B 1362 42.84 -52.28 74.26
CA THR B 1362 41.64 -52.73 73.56
C THR B 1362 40.42 -52.51 74.43
N SER B 1363 39.25 -52.42 73.80
CA SER B 1363 38.03 -52.10 74.52
C SER B 1363 37.66 -53.21 75.49
N ASN B 1364 37.24 -52.80 76.69
CA ASN B 1364 36.76 -53.72 77.71
C ASN B 1364 35.42 -53.22 78.24
N PHE B 1365 34.40 -54.07 78.17
CA PHE B 1365 33.08 -53.74 78.67
C PHE B 1365 32.43 -54.99 79.22
N GLY B 1366 31.47 -54.80 80.13
CA GLY B 1366 30.78 -55.90 80.75
C GLY B 1366 29.90 -56.69 79.79
N ALA B 1367 30.25 -57.95 79.57
CA ALA B 1367 29.47 -58.83 78.69
C ALA B 1367 28.36 -59.52 79.47
N THR B 1368 27.46 -58.70 80.02
CA THR B 1368 26.36 -59.22 80.82
C THR B 1368 25.37 -59.99 79.95
N VAL B 1369 24.85 -61.08 80.49
CA VAL B 1369 23.87 -61.92 79.81
C VAL B 1369 22.61 -61.96 80.67
N GLU B 1370 21.46 -61.70 80.03
CA GLU B 1370 20.19 -61.66 80.73
C GLU B 1370 19.18 -62.54 80.02
N LEU B 1371 18.18 -63.00 80.77
CA LEU B 1371 17.09 -63.79 80.25
C LEU B 1371 15.77 -63.06 80.48
N ASP B 1372 14.78 -63.40 79.66
CA ASP B 1372 13.48 -62.75 79.78
C ASP B 1372 12.82 -63.05 81.12
N GLN B 1373 12.90 -64.29 81.58
CA GLN B 1373 12.32 -64.69 82.85
C GLN B 1373 13.34 -65.51 83.63
N LYS B 1374 13.29 -65.38 84.96
CA LYS B 1374 14.17 -66.17 85.81
C LYS B 1374 13.68 -67.61 85.95
N VAL B 1375 12.37 -67.83 85.86
CA VAL B 1375 11.78 -69.15 86.01
C VAL B 1375 10.98 -69.47 84.76
N TYR B 1376 11.18 -70.68 84.23
CA TYR B 1376 10.49 -71.12 83.02
C TYR B 1376 9.86 -72.49 83.25
N SER B 1377 8.87 -72.79 82.44
CA SER B 1377 8.28 -74.12 82.38
C SER B 1377 8.79 -74.84 81.14
N TRP B 1378 8.36 -76.08 80.97
CA TRP B 1378 8.74 -76.82 79.77
C TRP B 1378 7.87 -76.39 78.59
N THR B 1379 8.34 -76.71 77.39
CA THR B 1379 7.72 -76.27 76.13
C THR B 1379 7.59 -74.74 76.13
N ASP B 1380 8.66 -74.07 76.51
CA ASP B 1380 8.70 -72.61 76.60
C ASP B 1380 9.90 -72.08 75.83
N LYS B 1381 9.79 -70.82 75.40
CA LYS B 1381 10.83 -70.16 74.63
C LYS B 1381 11.47 -69.07 75.48
N VAL B 1382 12.79 -69.00 75.44
CA VAL B 1382 13.56 -68.03 76.22
C VAL B 1382 14.33 -67.13 75.25
N TYR B 1383 14.23 -65.82 75.47
CA TYR B 1383 14.97 -64.84 74.68
C TYR B 1383 16.28 -64.53 75.38
N ILE B 1384 17.40 -64.81 74.71
CA ILE B 1384 18.71 -64.58 75.27
C ILE B 1384 19.26 -63.27 74.70
N THR B 1385 19.64 -62.35 75.58
CA THR B 1385 20.21 -61.07 75.19
C THR B 1385 21.60 -60.93 75.80
N ILE B 1386 22.53 -60.39 75.01
CA ILE B 1386 23.91 -60.19 75.44
C ILE B 1386 24.33 -58.78 75.06
N VAL B 1387 24.86 -58.05 76.03
CA VAL B 1387 25.38 -56.71 75.81
C VAL B 1387 26.91 -56.81 75.77
N ALA B 1388 27.46 -56.88 74.57
CA ALA B 1388 28.91 -57.05 74.38
C ALA B 1388 29.41 -56.00 73.40
N PRO B 1389 29.68 -54.78 73.90
CA PRO B 1389 30.23 -53.74 73.02
C PRO B 1389 31.59 -54.09 72.44
N ASP B 1390 32.34 -54.99 73.09
CA ASP B 1390 33.66 -55.34 72.58
C ASP B 1390 33.58 -56.07 71.24
N HIS B 1391 32.51 -56.82 71.00
CA HIS B 1391 32.39 -57.63 69.80
C HIS B 1391 31.76 -56.87 68.63
N ASN B 1392 31.44 -55.59 68.81
CA ASN B 1392 30.94 -54.75 67.71
C ASN B 1392 32.13 -54.38 66.83
N PHE B 1393 32.57 -55.37 66.04
CA PHE B 1393 33.79 -55.20 65.27
C PHE B 1393 33.63 -54.15 64.17
N ASP B 1394 32.49 -54.16 63.47
CA ASP B 1394 32.27 -53.23 62.38
C ASP B 1394 30.93 -52.53 62.57
N SER B 1395 30.91 -51.22 62.33
CA SER B 1395 29.70 -50.44 62.53
C SER B 1395 28.64 -50.75 61.48
N ASP B 1396 29.05 -51.05 60.25
CA ASP B 1396 28.13 -51.32 59.16
C ASP B 1396 27.87 -52.81 58.97
N LEU B 1397 28.40 -53.66 59.83
CA LEU B 1397 28.21 -55.10 59.76
C LEU B 1397 27.59 -55.58 61.07
N VAL B 1398 26.50 -56.35 60.96
CA VAL B 1398 25.88 -56.95 62.14
C VAL B 1398 26.81 -58.07 62.62
N ASP B 1399 27.47 -57.84 63.75
CA ASP B 1399 28.44 -58.78 64.26
C ASP B 1399 27.75 -60.00 64.86
N GLU B 1400 28.49 -61.09 64.95
CA GLU B 1400 27.98 -62.36 65.46
C GLU B 1400 28.96 -62.94 66.46
N ILE B 1401 28.43 -63.73 67.40
CA ILE B 1401 29.22 -64.43 68.40
C ILE B 1401 28.72 -65.87 68.51
N GLY B 1402 29.59 -66.74 69.00
CA GLY B 1402 29.26 -68.14 69.14
C GLY B 1402 29.41 -68.99 67.90
N GLU B 1403 29.88 -68.40 66.80
CA GLU B 1403 29.97 -69.16 65.55
C GLU B 1403 31.12 -70.14 65.56
N THR B 1404 32.28 -69.72 66.04
CA THR B 1404 33.50 -70.52 65.96
C THR B 1404 33.86 -71.11 67.32
N ASP B 1405 34.79 -72.08 67.29
CA ASP B 1405 35.25 -72.68 68.54
C ASP B 1405 36.11 -71.72 69.35
N SER B 1406 36.79 -70.78 68.67
CA SER B 1406 37.59 -69.79 69.38
C SER B 1406 36.70 -68.84 70.19
N ASP B 1407 35.47 -68.57 69.73
CA ASP B 1407 34.51 -67.74 70.44
C ASP B 1407 33.20 -68.51 70.55
N PRO B 1408 33.13 -69.46 71.48
CA PRO B 1408 31.93 -70.32 71.57
C PRO B 1408 30.84 -69.75 72.47
N ILE B 1409 29.61 -70.13 72.13
CA ILE B 1409 28.44 -69.90 72.97
C ILE B 1409 27.92 -71.26 73.40
N LYS B 1410 27.78 -71.46 74.70
CA LYS B 1410 27.47 -72.77 75.27
C LYS B 1410 26.16 -72.64 76.05
N VAL B 1411 25.08 -73.12 75.47
CA VAL B 1411 23.81 -73.22 76.18
C VAL B 1411 23.65 -74.66 76.67
N SER B 1412 23.13 -74.81 77.88
CA SER B 1412 23.12 -76.11 78.52
C SER B 1412 22.06 -76.17 79.60
N THR B 1413 21.45 -77.35 79.74
CA THR B 1413 20.60 -77.70 80.86
C THR B 1413 21.36 -78.66 81.79
N ARG B 1414 20.66 -79.19 82.79
CA ARG B 1414 21.24 -80.18 83.69
C ARG B 1414 21.08 -81.58 83.08
N GLY B 1415 21.78 -81.79 81.96
CA GLY B 1415 21.73 -83.06 81.27
C GLY B 1415 21.81 -82.94 79.77
N PHE B 1416 21.48 -81.77 79.22
CA PHE B 1416 21.51 -81.53 77.79
C PHE B 1416 22.18 -80.19 77.52
N ASP B 1417 22.75 -80.05 76.32
CA ASP B 1417 23.44 -78.84 75.94
C ASP B 1417 23.49 -78.74 74.42
N LEU B 1418 23.69 -77.51 73.93
CA LEU B 1418 23.90 -77.25 72.52
C LEU B 1418 25.25 -76.55 72.35
N ASP B 1419 25.98 -76.94 71.31
CA ASP B 1419 27.31 -76.41 71.04
C ASP B 1419 27.30 -75.49 69.82
N ASN B 1420 28.14 -74.44 69.90
CA ASN B 1420 28.33 -73.49 68.81
C ASN B 1420 27.00 -72.88 68.36
N TYR B 1421 26.41 -72.10 69.26
CA TYR B 1421 25.14 -71.43 69.01
C TYR B 1421 25.42 -69.98 68.62
N LYS B 1422 25.06 -69.62 67.40
CA LYS B 1422 25.31 -68.27 66.92
C LYS B 1422 24.35 -67.28 67.58
N LEU B 1423 24.85 -66.08 67.84
CA LEU B 1423 24.03 -64.97 68.30
C LEU B 1423 24.27 -63.77 67.39
N VAL B 1424 23.22 -63.00 67.15
CA VAL B 1424 23.25 -61.94 66.15
C VAL B 1424 22.97 -60.60 66.82
N GLU B 1425 23.67 -59.56 66.35
CA GLU B 1425 23.46 -58.21 66.84
C GLU B 1425 22.08 -57.72 66.44
N THR B 1426 21.39 -57.06 67.38
CA THR B 1426 20.07 -56.51 67.08
C THR B 1426 20.15 -55.40 66.03
N GLY B 1427 21.19 -54.56 66.11
CA GLY B 1427 21.39 -53.51 65.14
C GLY B 1427 22.78 -53.59 64.56
N THR B 1428 22.99 -52.81 63.50
CA THR B 1428 24.28 -52.82 62.82
C THR B 1428 25.37 -52.23 63.69
N ASP B 1429 25.04 -51.25 64.54
CA ASP B 1429 26.02 -50.58 65.39
C ASP B 1429 25.46 -50.37 66.78
N THR B 1430 24.83 -51.41 67.34
CA THR B 1430 24.22 -51.32 68.66
C THR B 1430 25.06 -51.95 69.76
N GLY B 1431 25.79 -53.03 69.46
CA GLY B 1431 26.58 -53.70 70.47
C GLY B 1431 25.83 -54.68 71.33
N ILE B 1432 24.58 -55.00 70.99
CA ILE B 1432 23.75 -55.92 71.77
C ILE B 1432 23.40 -57.10 70.87
N PHE B 1433 23.61 -58.31 71.39
CA PHE B 1433 23.33 -59.54 70.65
C PHE B 1433 22.07 -60.20 71.21
N THR B 1434 21.20 -60.67 70.32
CA THR B 1434 19.91 -61.21 70.72
C THR B 1434 19.63 -62.49 69.93
N GLY B 1435 19.13 -63.50 70.65
CA GLY B 1435 18.70 -64.76 70.05
C GLY B 1435 17.85 -65.51 71.04
N GLU B 1436 17.05 -66.44 70.51
CA GLU B 1436 16.14 -67.19 71.37
C GLU B 1436 16.25 -68.68 71.08
N VAL B 1437 16.06 -69.48 72.14
CA VAL B 1437 16.04 -70.92 72.07
C VAL B 1437 14.74 -71.41 72.70
N ILE B 1438 14.15 -72.44 72.10
CA ILE B 1438 12.92 -73.04 72.60
C ILE B 1438 13.26 -74.35 73.28
N LEU B 1439 12.74 -74.55 74.49
CA LEU B 1439 12.97 -75.77 75.25
C LEU B 1439 11.90 -76.79 74.86
N THR B 1440 12.32 -77.82 74.12
CA THR B 1440 11.38 -78.80 73.58
C THR B 1440 10.94 -79.84 74.60
N GLY B 1441 11.57 -79.89 75.78
CA GLY B 1441 11.15 -80.86 76.77
C GLY B 1441 11.56 -82.27 76.40
N PHE B 1442 10.88 -83.24 77.03
CA PHE B 1442 11.13 -84.65 76.81
C PHE B 1442 9.82 -85.35 76.48
N THR B 1443 9.91 -86.35 75.60
CA THR B 1443 8.73 -87.04 75.09
C THR B 1443 8.23 -88.15 76.01
N ALA B 1444 8.93 -88.44 77.09
CA ALA B 1444 8.55 -89.54 77.99
C ALA B 1444 7.63 -89.07 79.10
N HIS B 1445 6.52 -88.43 78.75
CA HIS B 1445 5.56 -87.96 79.73
C HIS B 1445 4.22 -87.72 79.04
N ASP B 1446 3.14 -88.11 79.73
CA ASP B 1446 1.78 -87.87 79.25
C ASP B 1446 1.23 -86.64 79.98
N ALA B 1447 1.66 -85.47 79.52
CA ALA B 1447 1.22 -84.22 80.13
C ALA B 1447 -0.28 -84.01 79.95
N ASP B 1448 -0.80 -84.31 78.76
CA ASP B 1448 -2.22 -84.15 78.50
C ASP B 1448 -3.07 -85.15 79.29
N GLY B 1449 -2.51 -86.30 79.67
CA GLY B 1449 -3.25 -87.29 80.41
C GLY B 1449 -4.13 -88.19 79.59
N ASP B 1450 -4.07 -88.11 78.26
CA ASP B 1450 -4.90 -88.95 77.41
C ASP B 1450 -4.44 -90.40 77.36
N GLY B 1451 -3.21 -90.68 77.81
CA GLY B 1451 -2.70 -92.03 77.86
C GLY B 1451 -1.63 -92.36 76.82
N ASN B 1452 -1.08 -91.37 76.12
CA ASN B 1452 -0.05 -91.62 75.13
C ASN B 1452 1.07 -90.59 75.31
N THR B 1453 2.27 -90.97 74.87
CA THR B 1453 3.43 -90.10 74.93
C THR B 1453 3.43 -89.16 73.72
N GLY B 1454 4.55 -88.47 73.51
CA GLY B 1454 4.67 -87.57 72.39
C GLY B 1454 4.05 -86.20 72.57
N ASP B 1455 3.73 -85.82 73.81
CA ASP B 1455 3.17 -84.49 74.04
C ASP B 1455 4.16 -83.38 73.71
N ALA B 1456 5.45 -83.61 73.92
CA ALA B 1456 6.49 -82.64 73.58
C ALA B 1456 7.52 -83.32 72.68
N THR B 1457 7.85 -82.67 71.57
CA THR B 1457 8.79 -83.21 70.60
C THR B 1457 10.21 -82.99 71.11
N GLY B 1458 10.63 -83.86 72.01
CA GLY B 1458 11.97 -83.78 72.58
C GLY B 1458 13.07 -83.94 71.55
N THR B 1459 13.77 -82.86 71.25
CA THR B 1459 14.82 -82.88 70.24
C THR B 1459 15.80 -81.76 70.53
N THR B 1460 17.09 -82.09 70.55
CA THR B 1460 18.16 -81.12 70.76
C THR B 1460 18.85 -80.88 69.43
N SER B 1461 18.62 -79.71 68.85
CA SER B 1461 19.19 -79.37 67.55
C SER B 1461 19.18 -77.86 67.38
N GLY B 1462 19.83 -77.40 66.32
CA GLY B 1462 19.87 -75.98 66.01
C GLY B 1462 21.22 -75.34 66.28
N SER B 1463 21.73 -74.60 65.30
CA SER B 1463 23.00 -73.91 65.44
C SER B 1463 22.93 -72.43 65.09
N GLY B 1464 21.85 -71.96 64.48
CA GLY B 1464 21.70 -70.56 64.16
C GLY B 1464 21.22 -69.75 65.33
N PRO B 1465 20.91 -68.47 65.10
CA PRO B 1465 20.47 -67.61 66.19
C PRO B 1465 18.98 -67.73 66.53
N THR B 1466 18.19 -68.42 65.72
CA THR B 1466 16.75 -68.45 65.88
C THR B 1466 16.14 -69.84 65.87
N ASP B 1467 16.90 -70.88 65.49
CA ASP B 1467 16.36 -72.22 65.32
C ASP B 1467 16.84 -73.19 66.41
N GLY B 1468 17.24 -72.67 67.57
CA GLY B 1468 17.75 -73.54 68.62
C GLY B 1468 16.64 -74.36 69.26
N LEU B 1469 16.87 -75.66 69.37
CA LEU B 1469 15.94 -76.57 70.05
C LEU B 1469 16.69 -77.34 71.13
N LEU B 1470 16.12 -77.38 72.32
CA LEU B 1470 16.75 -78.02 73.46
C LEU B 1470 15.76 -78.88 74.22
N ALA B 1471 16.20 -80.06 74.64
CA ALA B 1471 15.40 -80.90 75.52
C ALA B 1471 15.65 -80.51 76.98
N THR B 1472 14.57 -80.54 77.76
CA THR B 1472 14.66 -80.09 79.15
C THR B 1472 13.66 -80.88 79.99
N ASP B 1473 14.14 -81.42 81.11
CA ASP B 1473 13.28 -82.13 82.03
C ASP B 1473 12.35 -81.16 82.76
N ASP B 1474 11.28 -81.70 83.33
CA ASP B 1474 10.33 -80.87 84.05
C ASP B 1474 10.95 -80.21 85.28
N ASP B 1475 12.06 -80.75 85.78
CA ASP B 1475 12.80 -80.15 86.89
C ASP B 1475 14.26 -80.05 86.43
N ASP B 1476 14.63 -78.90 85.89
CA ASP B 1476 15.95 -78.72 85.30
C ASP B 1476 16.36 -77.27 85.48
N GLY B 1477 17.52 -76.91 84.93
CA GLY B 1477 18.02 -75.55 85.02
C GLY B 1477 18.79 -75.11 83.79
N LEU B 1478 18.42 -73.96 83.24
CA LEU B 1478 19.07 -73.42 82.04
C LEU B 1478 20.36 -72.70 82.41
N THR B 1479 21.38 -72.88 81.57
CA THR B 1479 22.67 -72.24 81.75
C THR B 1479 23.17 -71.73 80.41
N VAL B 1480 23.46 -70.45 80.33
CA VAL B 1480 24.03 -69.81 79.14
C VAL B 1480 25.37 -69.21 79.50
N SER B 1481 26.41 -69.59 78.77
CA SER B 1481 27.78 -69.17 79.05
C SER B 1481 28.35 -68.47 77.83
N PHE B 1482 29.00 -67.32 78.05
CA PHE B 1482 29.59 -66.51 77.00
C PHE B 1482 31.06 -66.27 77.31
N GLU B 1483 31.89 -66.31 76.28
CA GLU B 1483 33.32 -66.11 76.41
C GLU B 1483 33.74 -64.84 75.70
N PHE B 1484 34.46 -63.97 76.42
CA PHE B 1484 34.99 -62.74 75.85
C PHE B 1484 36.50 -62.78 75.64
N SER B 1485 37.20 -63.70 76.27
CA SER B 1485 38.63 -63.92 76.07
C SER B 1485 38.94 -65.33 76.49
N GLU B 1486 40.07 -65.85 76.01
CA GLU B 1486 40.44 -67.23 76.32
C GLU B 1486 40.59 -67.42 77.82
N ASP B 1487 40.11 -68.56 78.31
CA ASP B 1487 40.15 -68.93 79.73
C ASP B 1487 39.32 -67.97 80.59
N GLU B 1488 38.42 -67.20 79.99
CA GLU B 1488 37.51 -66.33 80.71
C GLU B 1488 36.11 -66.52 80.15
N THR B 1489 35.14 -66.72 81.02
CA THR B 1489 33.77 -66.99 80.58
C THR B 1489 32.78 -66.38 81.57
N ILE B 1490 31.78 -65.69 81.03
CA ILE B 1490 30.67 -65.16 81.80
C ILE B 1490 29.44 -66.02 81.54
N VAL B 1491 28.72 -66.37 82.61
CA VAL B 1491 27.65 -67.35 82.54
C VAL B 1491 26.36 -66.75 83.05
N GLY B 1492 25.24 -67.31 82.58
CA GLY B 1492 23.94 -66.96 83.10
C GLY B 1492 23.18 -68.21 83.46
N SER B 1493 22.24 -68.07 84.39
CA SER B 1493 21.53 -69.21 84.96
C SER B 1493 20.03 -68.98 84.93
N ALA B 1494 19.29 -70.08 84.89
CA ALA B 1494 17.84 -70.08 84.96
C ALA B 1494 17.39 -71.43 85.49
N LEU B 1495 16.13 -71.49 85.93
CA LEU B 1495 15.58 -72.69 86.52
C LEU B 1495 14.27 -73.07 85.82
N ILE B 1496 13.94 -74.35 85.92
CA ILE B 1496 12.76 -74.92 85.27
C ILE B 1496 11.88 -75.56 86.34
N ARG B 1497 10.62 -75.16 86.39
CA ARG B 1497 9.63 -75.74 87.30
C ARG B 1497 8.29 -75.82 86.57
N TRP B 1498 7.30 -76.36 87.27
CA TRP B 1498 5.94 -76.47 86.73
C TRP B 1498 5.30 -75.09 86.64
N ALA C 37 -17.36 5.09 -19.60
CA ALA C 37 -17.45 3.88 -18.80
C ALA C 37 -17.06 2.66 -19.62
N ASN C 38 -17.55 2.61 -20.85
CA ASN C 38 -17.25 1.48 -21.74
C ASN C 38 -15.76 1.46 -22.07
N ALA C 39 -15.23 0.25 -22.23
CA ALA C 39 -13.80 0.10 -22.53
C ALA C 39 -13.52 -0.04 -24.01
N ASN C 40 -14.43 -0.64 -24.77
CA ASN C 40 -14.19 -0.91 -26.19
C ASN C 40 -15.23 -0.28 -27.11
N LEU C 41 -16.50 -0.34 -26.75
CA LEU C 41 -17.57 0.16 -27.60
C LEU C 41 -17.76 1.66 -27.39
N PHE C 42 -17.69 2.42 -28.47
CA PHE C 42 -17.94 3.85 -28.43
C PHE C 42 -19.00 4.20 -29.47
N VAL C 43 -20.02 4.94 -29.06
CA VAL C 43 -21.13 5.32 -29.91
C VAL C 43 -21.12 6.83 -30.07
N SER C 44 -21.36 7.30 -31.30
CA SER C 44 -21.32 8.73 -31.57
C SER C 44 -22.40 9.48 -30.79
N ALA C 45 -23.62 8.92 -30.75
CA ALA C 45 -24.70 9.59 -30.04
C ALA C 45 -24.51 9.58 -28.54
N GLU C 46 -23.59 8.77 -28.01
CA GLU C 46 -23.29 8.79 -26.58
C GLU C 46 -22.65 10.13 -26.23
N ASN C 47 -23.40 10.97 -25.53
CA ASN C 47 -22.94 12.32 -25.23
C ASN C 47 -23.65 12.80 -23.96
N SER C 48 -22.89 12.93 -22.88
CA SER C 48 -23.49 13.40 -21.63
C SER C 48 -23.94 14.86 -21.73
N GLN C 49 -23.34 15.63 -22.65
CA GLN C 49 -23.77 17.01 -22.85
C GLN C 49 -25.21 17.06 -23.34
N PHE C 50 -25.56 16.19 -24.28
CA PHE C 50 -26.92 16.14 -24.82
C PHE C 50 -27.71 14.94 -24.30
N ASP C 51 -27.21 14.27 -23.27
CA ASP C 51 -27.94 13.21 -22.57
C ASP C 51 -28.32 12.05 -23.50
N ASN C 52 -27.41 11.70 -24.41
CA ASN C 52 -27.49 10.48 -25.22
C ASN C 52 -28.69 10.47 -26.17
N TYR C 53 -29.28 11.62 -26.45
CA TYR C 53 -30.37 11.66 -27.41
C TYR C 53 -29.86 11.54 -28.84
N MET C 54 -30.79 11.25 -29.74
CA MET C 54 -30.52 11.20 -31.17
C MET C 54 -31.82 11.48 -31.91
N SER C 55 -31.73 12.23 -33.01
CA SER C 55 -32.95 12.62 -33.72
C SER C 55 -32.61 12.91 -35.17
N GLY C 56 -33.66 12.91 -36.00
CA GLY C 56 -33.53 13.25 -37.39
C GLY C 56 -32.88 12.15 -38.21
N PRO C 57 -32.34 12.53 -39.37
CA PRO C 57 -31.72 11.54 -40.26
C PRO C 57 -30.29 11.19 -39.85
N GLN C 58 -29.94 11.46 -38.60
CA GLN C 58 -28.58 11.23 -38.11
C GLN C 58 -28.11 9.83 -38.42
N VAL C 59 -26.90 9.73 -38.95
CA VAL C 59 -26.19 8.46 -39.08
C VAL C 59 -25.31 8.29 -37.86
N ILE C 60 -25.44 7.16 -37.17
CA ILE C 60 -24.75 6.95 -35.91
C ILE C 60 -23.57 6.02 -36.17
N GLU C 61 -22.37 6.51 -35.87
CA GLU C 61 -21.15 5.74 -35.99
C GLU C 61 -20.98 4.85 -34.76
N VAL C 62 -20.76 3.56 -34.99
CA VAL C 62 -20.45 2.61 -33.94
C VAL C 62 -19.04 2.11 -34.20
N VAL C 63 -18.14 2.37 -33.26
CA VAL C 63 -16.75 1.95 -33.36
C VAL C 63 -16.46 1.00 -32.20
N VAL C 64 -15.77 -0.09 -32.50
CA VAL C 64 -15.33 -1.03 -31.49
C VAL C 64 -13.81 -0.96 -31.46
N ILE C 65 -13.28 -0.13 -30.57
CA ILE C 65 -11.83 0.03 -30.40
C ILE C 65 -11.42 -1.01 -29.37
N ASP C 66 -10.96 -2.16 -29.83
CA ASP C 66 -10.63 -3.29 -28.97
C ASP C 66 -9.24 -3.76 -29.34
N SER C 67 -8.35 -3.84 -28.32
CA SER C 67 -6.97 -4.20 -28.57
C SER C 67 -6.79 -5.68 -28.87
N ASP C 68 -7.76 -6.53 -28.50
CA ASP C 68 -7.60 -7.96 -28.70
C ASP C 68 -7.80 -8.37 -30.16
N ILE C 69 -8.48 -7.56 -30.96
CA ILE C 69 -8.78 -7.92 -32.34
C ILE C 69 -8.33 -6.80 -33.28
N ASN C 70 -7.34 -6.02 -32.86
CA ASN C 70 -6.93 -4.86 -33.64
C ASN C 70 -6.04 -5.21 -34.83
N ASP C 71 -5.50 -6.43 -34.91
CA ASP C 71 -4.65 -6.76 -36.02
C ASP C 71 -5.45 -6.94 -37.31
N THR C 72 -4.78 -6.78 -38.44
CA THR C 72 -5.43 -6.88 -39.74
C THR C 72 -4.81 -7.90 -40.68
N ASP C 73 -3.86 -8.71 -40.21
CA ASP C 73 -3.23 -9.70 -41.07
C ASP C 73 -3.78 -11.10 -40.87
N GLU C 74 -4.34 -11.39 -39.70
CA GLU C 74 -4.91 -12.70 -39.41
C GLU C 74 -6.39 -12.72 -39.77
N ALA C 75 -6.90 -13.94 -40.01
CA ALA C 75 -8.30 -14.14 -40.37
C ALA C 75 -9.17 -14.08 -39.12
N LYS C 76 -9.23 -12.90 -38.53
CA LYS C 76 -10.02 -12.71 -37.33
C LYS C 76 -11.51 -12.72 -37.65
N GLY C 77 -12.31 -12.86 -36.60
CA GLY C 77 -13.75 -12.91 -36.75
C GLY C 77 -14.42 -11.58 -36.47
N GLU C 78 -15.65 -11.46 -36.94
CA GLU C 78 -16.42 -10.24 -36.74
C GLU C 78 -16.94 -10.17 -35.31
N PRO C 79 -16.79 -9.05 -34.62
CA PRO C 79 -17.36 -8.94 -33.28
C PRO C 79 -18.88 -8.91 -33.31
N ASP C 80 -19.48 -9.45 -32.25
CA ASP C 80 -20.93 -9.54 -32.16
C ASP C 80 -21.47 -8.23 -31.59
N VAL C 81 -21.86 -7.34 -32.47
CA VAL C 81 -22.43 -6.04 -32.09
C VAL C 81 -23.86 -5.98 -32.60
N THR C 82 -24.80 -5.80 -31.69
CA THR C 82 -26.21 -5.73 -32.02
C THR C 82 -26.84 -4.50 -31.37
N VAL C 83 -27.84 -3.95 -32.03
CA VAL C 83 -28.62 -2.84 -31.49
C VAL C 83 -30.09 -3.22 -31.52
N ASN C 84 -30.77 -3.03 -30.39
CA ASN C 84 -32.16 -3.46 -30.21
C ASN C 84 -32.32 -4.94 -30.54
N GLY C 85 -31.25 -5.72 -30.39
CA GLY C 85 -31.26 -7.14 -30.66
C GLY C 85 -30.92 -7.52 -32.09
N LYS C 86 -30.96 -6.57 -33.02
CA LYS C 86 -30.66 -6.87 -34.41
C LYS C 86 -29.16 -6.73 -34.67
N VAL C 87 -28.61 -7.70 -35.40
CA VAL C 87 -27.17 -7.74 -35.62
C VAL C 87 -26.76 -6.60 -36.54
N LEU C 88 -25.62 -5.99 -36.26
CA LEU C 88 -25.08 -4.86 -37.00
C LEU C 88 -23.75 -5.28 -37.62
N ARG C 89 -23.74 -5.44 -38.94
CA ARG C 89 -22.53 -5.89 -39.63
C ARG C 89 -21.40 -4.89 -39.42
N MET C 90 -20.23 -5.40 -39.05
CA MET C 90 -19.07 -4.57 -38.76
C MET C 90 -17.96 -4.84 -39.76
N VAL C 91 -17.28 -3.78 -40.17
CA VAL C 91 -16.17 -3.86 -41.12
C VAL C 91 -14.91 -3.37 -40.41
N GLN C 92 -13.84 -4.16 -40.47
CA GLN C 92 -12.57 -3.75 -39.92
C GLN C 92 -11.87 -2.79 -40.87
N ALA C 93 -11.24 -1.76 -40.30
CA ALA C 93 -10.56 -0.73 -41.05
C ALA C 93 -9.04 -0.87 -40.88
N VAL C 94 -8.30 -0.06 -41.63
CA VAL C 94 -6.85 -0.10 -41.58
C VAL C 94 -6.31 0.30 -40.21
N ASP C 95 -7.12 0.96 -39.38
CA ASP C 95 -6.72 1.36 -38.05
C ASP C 95 -7.00 0.29 -37.00
N GLY C 96 -7.47 -0.88 -37.41
CA GLY C 96 -7.72 -1.96 -36.49
C GLY C 96 -9.00 -1.84 -35.69
N ASN C 97 -9.86 -0.88 -36.02
CA ASN C 97 -11.13 -0.70 -35.37
C ASN C 97 -12.25 -1.14 -36.30
N TRP C 98 -13.26 -1.80 -35.74
CA TRP C 98 -14.40 -2.28 -36.51
C TRP C 98 -15.45 -1.18 -36.55
N TYR C 99 -15.94 -0.88 -37.75
CA TYR C 99 -16.88 0.21 -37.97
C TYR C 99 -18.21 -0.32 -38.45
N GLY C 100 -19.27 0.42 -38.11
CA GLY C 100 -20.61 0.09 -38.54
C GLY C 100 -21.53 1.29 -38.38
N TYR C 101 -22.30 1.59 -39.43
CA TYR C 101 -23.13 2.78 -39.47
C TYR C 101 -24.58 2.40 -39.61
N PHE C 102 -25.43 2.94 -38.74
CA PHE C 102 -26.85 2.64 -38.76
C PHE C 102 -27.65 3.93 -38.61
N ALA C 103 -28.89 3.88 -39.09
CA ALA C 103 -29.81 5.02 -38.98
C ALA C 103 -31.23 4.49 -39.07
N ASP C 104 -32.18 5.34 -38.67
CA ASP C 104 -33.58 4.97 -38.78
C ASP C 104 -33.99 4.85 -40.23
N ARG C 105 -34.80 3.83 -40.54
CA ARG C 105 -35.21 3.59 -41.91
C ARG C 105 -36.12 4.69 -42.43
N ASP C 106 -37.13 5.06 -41.64
CA ASP C 106 -38.08 6.09 -42.08
C ASP C 106 -37.39 7.43 -42.26
N GLN C 107 -36.56 7.82 -41.29
CA GLN C 107 -35.86 9.10 -41.39
C GLN C 107 -34.91 9.12 -42.57
N ALA C 108 -34.18 8.03 -42.78
CA ALA C 108 -33.25 7.96 -43.91
C ALA C 108 -33.99 8.06 -45.25
N GLN C 109 -35.12 7.35 -45.37
CA GLN C 109 -35.89 7.44 -46.61
C GLN C 109 -36.42 8.85 -46.82
N ILE C 110 -36.96 9.47 -45.77
CA ILE C 110 -37.49 10.82 -45.90
C ILE C 110 -36.39 11.80 -46.29
N ALA C 111 -35.19 11.63 -45.72
CA ALA C 111 -34.08 12.50 -46.05
C ALA C 111 -33.63 12.31 -47.49
N ASP C 112 -33.46 11.06 -47.93
CA ASP C 112 -33.06 10.81 -49.31
C ASP C 112 -34.11 11.24 -50.31
N SER C 113 -35.37 11.36 -49.88
CA SER C 113 -36.41 11.87 -50.76
C SER C 113 -36.13 13.31 -51.19
N THR C 114 -35.29 14.03 -50.46
CA THR C 114 -34.92 15.40 -50.81
C THR C 114 -33.64 15.47 -51.64
N ALA C 115 -33.05 14.32 -51.99
CA ALA C 115 -31.84 14.30 -52.81
C ALA C 115 -32.24 14.27 -54.28
N THR C 116 -32.45 15.47 -54.83
CA THR C 116 -32.81 15.58 -56.24
C THR C 116 -31.69 15.07 -57.14
N THR C 117 -30.45 15.39 -56.80
CA THR C 117 -29.29 14.92 -57.54
C THR C 117 -28.38 14.11 -56.62
N ALA C 118 -27.64 13.18 -57.21
CA ALA C 118 -26.81 12.27 -56.43
C ALA C 118 -25.67 13.01 -55.76
N ASP C 119 -25.24 12.49 -54.61
CA ASP C 119 -24.09 13.00 -53.86
C ASP C 119 -24.28 14.45 -53.43
N SER C 120 -25.53 14.83 -53.14
CA SER C 120 -25.83 16.18 -52.68
C SER C 120 -26.88 16.12 -51.57
N GLY C 121 -26.81 17.08 -50.67
CA GLY C 121 -27.80 17.18 -49.60
C GLY C 121 -27.76 15.96 -48.70
N LEU C 122 -28.95 15.52 -48.28
CA LEU C 122 -29.11 14.42 -47.34
C LEU C 122 -29.10 13.06 -48.02
N ASP C 123 -28.45 12.95 -49.18
CA ASP C 123 -28.47 11.71 -49.95
C ASP C 123 -27.86 10.56 -49.16
N PHE C 124 -28.65 9.50 -48.98
CA PHE C 124 -28.17 8.25 -48.41
C PHE C 124 -27.73 7.25 -49.46
N GLY C 125 -27.75 7.62 -50.73
CA GLY C 125 -27.35 6.71 -51.79
C GLY C 125 -28.54 6.00 -52.38
N VAL C 126 -28.45 4.67 -52.46
CA VAL C 126 -29.48 3.84 -53.06
C VAL C 126 -29.87 2.75 -52.06
N PHE C 127 -31.17 2.59 -51.83
CA PHE C 127 -31.67 1.61 -50.88
C PHE C 127 -31.84 0.26 -51.56
N CYS C 128 -31.71 -0.81 -50.77
CA CYS C 128 -31.90 -2.16 -51.27
C CYS C 128 -32.56 -2.99 -50.18
N ALA C 129 -33.12 -4.12 -50.58
CA ALA C 129 -33.77 -5.01 -49.64
C ALA C 129 -32.74 -5.67 -48.72
N SER C 130 -33.21 -6.06 -47.53
CA SER C 130 -32.33 -6.67 -46.55
C SER C 130 -31.81 -8.04 -47.00
N SER C 131 -32.47 -8.67 -47.97
CA SER C 131 -31.99 -9.93 -48.49
C SER C 131 -30.99 -9.77 -49.62
N SER C 132 -30.75 -8.55 -50.08
CA SER C 132 -29.84 -8.28 -51.19
C SER C 132 -28.39 -8.13 -50.75
N GLY C 133 -28.11 -8.21 -49.44
CA GLY C 133 -26.74 -8.03 -48.98
C GLY C 133 -25.79 -9.09 -49.51
N THR C 134 -26.24 -10.35 -49.55
CA THR C 134 -25.38 -11.42 -50.04
C THR C 134 -25.01 -11.22 -51.51
N ALA C 135 -25.98 -10.81 -52.33
CA ALA C 135 -25.71 -10.64 -53.75
C ALA C 135 -24.90 -9.37 -54.01
N ALA C 136 -25.17 -8.30 -53.26
CA ALA C 136 -24.51 -7.02 -53.49
C ALA C 136 -23.21 -6.89 -52.69
N LEU C 137 -23.31 -6.99 -51.37
CA LEU C 137 -22.15 -6.75 -50.50
C LEU C 137 -21.34 -8.01 -50.26
N GLY C 138 -21.83 -9.18 -50.66
CA GLY C 138 -21.10 -10.42 -50.48
C GLY C 138 -21.30 -11.10 -49.15
N PHE C 139 -22.01 -10.48 -48.21
CA PHE C 139 -22.26 -11.08 -46.90
C PHE C 139 -23.72 -10.84 -46.53
N SER C 140 -24.25 -11.74 -45.72
CA SER C 140 -25.67 -11.70 -45.37
C SER C 140 -25.98 -10.48 -44.50
N THR C 141 -27.10 -9.83 -44.79
CA THR C 141 -27.62 -8.71 -44.00
C THR C 141 -29.11 -8.87 -43.78
N THR C 142 -29.54 -10.11 -43.50
CA THR C 142 -30.98 -10.39 -43.42
C THR C 142 -31.64 -9.67 -42.26
N GLU C 143 -30.93 -9.53 -41.13
CA GLU C 143 -31.57 -9.06 -39.90
C GLU C 143 -31.86 -7.57 -39.91
N THR C 144 -31.44 -6.83 -40.93
CA THR C 144 -31.70 -5.41 -40.98
C THR C 144 -33.03 -5.11 -41.67
N ASP C 145 -33.36 -3.83 -41.77
CA ASP C 145 -34.56 -3.37 -42.43
C ASP C 145 -34.28 -2.69 -43.77
N GLY C 146 -33.08 -2.86 -44.30
CA GLY C 146 -32.69 -2.25 -45.56
C GLY C 146 -31.32 -1.63 -45.44
N ILE C 147 -30.59 -1.62 -46.54
CA ILE C 147 -29.23 -1.10 -46.60
C ILE C 147 -29.17 0.01 -47.64
N ALA C 148 -28.43 1.06 -47.32
CA ALA C 148 -28.25 2.21 -48.21
C ALA C 148 -26.81 2.20 -48.73
N ILE C 149 -26.64 1.79 -49.98
CA ILE C 149 -25.31 1.66 -50.56
C ILE C 149 -25.11 2.75 -51.60
N PRO C 150 -23.87 3.25 -51.80
CA PRO C 150 -23.67 4.37 -52.73
C PRO C 150 -23.52 3.96 -54.18
N ILE C 151 -24.38 3.05 -54.65
CA ILE C 151 -24.38 2.64 -56.04
C ILE C 151 -25.23 3.61 -56.86
N THR C 152 -25.15 3.49 -58.19
CA THR C 152 -26.10 4.15 -59.08
C THR C 152 -26.63 3.11 -60.05
N ILE C 153 -27.80 3.39 -60.62
CA ILE C 153 -28.53 2.44 -61.45
C ILE C 153 -28.48 2.91 -62.90
N ALA C 154 -28.17 1.98 -63.80
CA ALA C 154 -28.23 2.24 -65.24
C ALA C 154 -29.46 1.63 -65.89
N ASN C 155 -29.88 0.45 -65.44
CA ASN C 155 -31.11 -0.20 -65.90
C ASN C 155 -32.10 -0.14 -64.74
N ALA C 156 -32.96 0.87 -64.75
CA ALA C 156 -33.85 1.15 -63.61
C ALA C 156 -35.15 0.35 -63.74
N THR C 157 -35.03 -0.94 -63.47
CA THR C 157 -36.21 -1.80 -63.44
C THR C 157 -37.04 -1.53 -62.19
N ALA C 158 -38.32 -1.90 -62.25
CA ALA C 158 -39.22 -1.70 -61.13
C ALA C 158 -39.13 -2.80 -60.08
N THR C 159 -38.46 -3.91 -60.37
CA THR C 159 -38.36 -5.03 -59.47
C THR C 159 -36.93 -5.33 -59.03
N GLY C 160 -36.01 -5.47 -59.99
CA GLY C 160 -34.67 -5.94 -59.71
C GLY C 160 -33.68 -4.90 -59.23
N ASN C 161 -34.09 -3.65 -59.05
CA ASN C 161 -33.18 -2.60 -58.65
C ASN C 161 -33.84 -1.73 -57.58
N GLY C 162 -33.03 -1.21 -56.67
CA GLY C 162 -33.54 -0.41 -55.57
C GLY C 162 -34.02 0.95 -56.03
N THR C 163 -34.40 1.77 -55.05
CA THR C 163 -34.90 3.11 -55.30
C THR C 163 -33.76 4.11 -55.10
N GLN C 164 -33.42 4.83 -56.17
CA GLN C 164 -32.36 5.82 -56.07
C GLN C 164 -32.75 6.96 -55.15
N THR C 165 -34.01 7.40 -55.21
CA THR C 165 -34.50 8.53 -54.42
C THR C 165 -35.13 8.10 -53.10
N GLY C 166 -35.89 7.02 -53.10
CA GLY C 166 -36.55 6.59 -51.87
C GLY C 166 -37.92 7.21 -51.70
N SER C 167 -38.80 6.47 -51.04
CA SER C 167 -40.16 6.93 -50.83
C SER C 167 -40.18 8.11 -49.88
N SER C 168 -40.88 9.18 -50.28
CA SER C 168 -40.97 10.37 -49.44
C SER C 168 -41.83 10.15 -48.21
N SER C 169 -42.75 9.19 -48.26
CA SER C 169 -43.64 8.91 -47.13
C SER C 169 -43.04 7.92 -46.15
N GLY C 170 -41.84 7.41 -46.41
CA GLY C 170 -41.26 6.40 -45.55
C GLY C 170 -41.89 5.03 -45.78
N GLY C 171 -41.71 4.17 -44.79
CA GLY C 171 -42.23 2.82 -44.84
C GLY C 171 -41.20 1.81 -45.31
N ALA C 172 -41.60 0.55 -45.28
CA ALA C 172 -40.71 -0.54 -45.60
C ALA C 172 -40.34 -0.51 -47.08
N ILE C 173 -39.15 -1.03 -47.39
CA ILE C 173 -38.64 -1.14 -48.74
C ILE C 173 -38.53 -2.62 -49.09
N THR C 174 -38.97 -2.97 -50.30
CA THR C 174 -38.91 -4.35 -50.78
C THR C 174 -38.10 -4.48 -52.06
N THR C 175 -37.56 -3.40 -52.60
CA THR C 175 -36.80 -3.48 -53.83
C THR C 175 -35.47 -4.18 -53.57
N THR C 176 -35.15 -5.17 -54.40
CA THR C 176 -33.96 -5.98 -54.25
C THR C 176 -32.86 -5.51 -55.19
N CYS C 177 -31.62 -5.85 -54.83
CA CYS C 177 -30.44 -5.52 -55.62
C CYS C 177 -29.59 -6.76 -55.81
N ALA C 178 -28.93 -6.85 -56.96
CA ALA C 178 -28.18 -8.03 -57.32
C ALA C 178 -26.80 -7.62 -57.85
N ALA C 179 -26.01 -8.64 -58.23
CA ALA C 179 -24.65 -8.39 -58.71
C ALA C 179 -24.67 -7.60 -60.01
N ASN C 180 -25.61 -7.90 -60.90
CA ASN C 180 -25.68 -7.17 -62.17
C ASN C 180 -25.91 -5.68 -61.94
N THR C 181 -26.62 -5.32 -60.87
CA THR C 181 -26.77 -3.90 -60.53
C THR C 181 -25.41 -3.29 -60.21
N LEU C 182 -24.56 -4.02 -59.49
CA LEU C 182 -23.20 -3.55 -59.22
C LEU C 182 -22.42 -3.40 -60.52
N ASP C 183 -22.46 -4.42 -61.38
CA ASP C 183 -21.69 -4.37 -62.62
C ASP C 183 -22.19 -3.30 -63.56
N ALA C 184 -23.44 -2.85 -63.39
CA ALA C 184 -24.02 -1.82 -64.24
C ALA C 184 -23.91 -0.42 -63.63
N SER C 185 -23.20 -0.27 -62.51
CA SER C 185 -23.07 1.05 -61.90
C SER C 185 -22.16 1.95 -62.74
N THR C 186 -22.60 3.19 -62.95
CA THR C 186 -21.84 4.17 -63.70
C THR C 186 -21.14 5.20 -62.83
N ALA C 187 -21.41 5.21 -61.54
CA ALA C 187 -20.79 6.17 -60.62
C ALA C 187 -20.93 5.63 -59.20
N ASN C 188 -19.82 5.44 -58.52
CA ASN C 188 -19.80 4.90 -57.17
C ASN C 188 -19.41 5.99 -56.18
N GLY C 189 -20.15 6.07 -55.08
CA GLY C 189 -19.90 7.06 -54.06
C GLY C 189 -20.97 8.14 -53.93
N THR C 190 -22.24 7.81 -54.17
CA THR C 190 -23.31 8.78 -54.06
C THR C 190 -23.68 9.12 -52.62
N ILE C 191 -23.22 8.34 -51.65
CA ILE C 191 -23.54 8.60 -50.25
C ILE C 191 -22.87 9.89 -49.81
N ASN C 192 -23.65 10.78 -49.19
CA ASN C 192 -23.14 12.04 -48.69
C ASN C 192 -23.35 12.22 -47.19
N VAL C 193 -23.81 11.18 -46.49
CA VAL C 193 -24.00 11.28 -45.05
C VAL C 193 -22.87 10.62 -44.27
N VAL C 194 -22.05 9.81 -44.90
CA VAL C 194 -20.84 9.25 -44.31
C VAL C 194 -19.73 9.49 -45.33
N ARG C 195 -18.94 10.56 -45.10
CA ARG C 195 -17.99 11.01 -46.10
C ARG C 195 -16.54 10.71 -45.76
N GLU C 196 -16.23 10.37 -44.52
CA GLU C 196 -14.86 10.11 -44.09
C GLU C 196 -14.73 8.73 -43.45
N ALA C 197 -15.35 7.72 -44.06
CA ALA C 197 -15.22 6.37 -43.58
C ALA C 197 -13.80 5.86 -43.77
N LYS C 198 -13.32 5.06 -42.82
CA LYS C 198 -11.96 4.56 -42.89
C LYS C 198 -11.85 3.46 -43.95
N ASP C 199 -10.63 3.29 -44.46
CA ASP C 199 -10.38 2.33 -45.52
C ASP C 199 -10.57 0.91 -45.00
N PRO C 200 -11.40 0.09 -45.64
CA PRO C 200 -11.51 -1.32 -45.23
C PRO C 200 -10.18 -2.04 -45.37
N VAL C 201 -9.98 -3.05 -44.51
CA VAL C 201 -8.77 -3.85 -44.56
C VAL C 201 -8.67 -4.53 -45.91
N ALA C 202 -7.54 -4.33 -46.59
CA ALA C 202 -7.34 -4.91 -47.90
C ALA C 202 -7.25 -6.44 -47.82
N ALA C 203 -7.78 -7.10 -48.84
CA ALA C 203 -7.75 -8.55 -48.88
C ALA C 203 -6.34 -9.05 -49.14
N SER C 204 -5.96 -10.12 -48.45
CA SER C 204 -4.63 -10.71 -48.63
C SER C 204 -4.65 -12.11 -48.05
N GLY C 205 -4.36 -13.11 -48.88
CA GLY C 205 -4.26 -14.49 -48.43
C GLY C 205 -5.52 -15.01 -47.78
N SER C 206 -5.48 -15.20 -46.45
CA SER C 206 -6.60 -15.73 -45.70
C SER C 206 -7.54 -14.64 -45.20
N VAL C 207 -7.33 -13.39 -45.57
CA VAL C 207 -8.15 -12.27 -45.13
C VAL C 207 -8.80 -11.64 -46.35
N SER C 208 -10.11 -11.42 -46.28
CA SER C 208 -10.85 -10.76 -47.33
C SER C 208 -11.03 -9.28 -46.98
N VAL C 209 -11.63 -8.52 -47.89
CA VAL C 209 -11.82 -7.10 -47.68
C VAL C 209 -12.76 -6.90 -46.50
N GLY C 210 -12.28 -6.19 -45.47
CA GLY C 210 -13.07 -6.01 -44.27
C GLY C 210 -13.25 -7.25 -43.43
N GLN C 211 -12.55 -8.34 -43.76
CA GLN C 211 -12.63 -9.62 -43.09
C GLN C 211 -14.01 -10.26 -43.17
N ILE C 212 -14.94 -9.65 -43.91
CA ILE C 212 -16.27 -10.21 -44.06
C ILE C 212 -16.65 -10.43 -45.52
N GLY C 213 -15.92 -9.87 -46.49
CA GLY C 213 -16.12 -10.23 -47.88
C GLY C 213 -16.72 -9.16 -48.77
N LEU C 214 -16.39 -7.90 -48.54
CA LEU C 214 -16.84 -6.85 -49.45
C LEU C 214 -16.27 -7.06 -50.85
N LYS C 215 -17.09 -6.78 -51.86
CA LYS C 215 -16.62 -6.94 -53.24
C LYS C 215 -15.63 -5.86 -53.64
N ASN C 216 -15.92 -4.60 -53.30
CA ASN C 216 -15.03 -3.48 -53.60
C ASN C 216 -14.77 -2.72 -52.31
N GLY C 217 -13.50 -2.58 -51.97
CA GLY C 217 -13.09 -1.98 -50.70
C GLY C 217 -12.60 -0.55 -50.76
N THR C 218 -12.81 0.16 -51.86
CA THR C 218 -12.37 1.55 -51.95
C THR C 218 -13.30 2.42 -51.11
N ALA C 219 -12.77 3.01 -50.04
CA ALA C 219 -13.57 3.78 -49.11
C ALA C 219 -13.89 5.16 -49.67
N ASN C 220 -15.10 5.63 -49.39
CA ASN C 220 -15.56 6.99 -49.67
C ASN C 220 -15.71 7.23 -51.18
N SER C 221 -15.36 6.23 -51.99
CA SER C 221 -15.54 6.34 -53.44
C SER C 221 -15.98 5.03 -54.09
N GLY C 222 -16.23 3.98 -53.32
CA GLY C 222 -16.62 2.72 -53.87
C GLY C 222 -18.10 2.44 -53.69
N PRO C 223 -18.56 1.28 -54.19
CA PRO C 223 -19.98 0.95 -54.10
C PRO C 223 -20.41 0.25 -52.82
N ASN C 224 -19.47 -0.25 -52.03
CA ASN C 224 -19.81 -1.02 -50.83
C ASN C 224 -19.55 -0.28 -49.53
N TRP C 225 -18.40 0.37 -49.37
CA TRP C 225 -18.06 1.05 -48.13
C TRP C 225 -17.94 2.55 -48.41
N PRO C 226 -18.57 3.40 -47.61
CA PRO C 226 -19.43 3.03 -46.48
C PRO C 226 -20.86 2.69 -46.89
N PHE C 227 -21.56 1.93 -46.07
CA PHE C 227 -22.97 1.64 -46.26
C PHE C 227 -23.67 1.67 -44.92
N ILE C 228 -24.91 2.15 -44.91
CA ILE C 228 -25.70 2.31 -43.70
C ILE C 228 -26.75 1.20 -43.65
N GLN C 229 -26.89 0.60 -42.48
CA GLN C 229 -27.91 -0.43 -42.24
C GLN C 229 -29.08 0.21 -41.51
N LEU C 230 -30.25 0.15 -42.11
CA LEU C 230 -31.43 0.84 -41.59
C LEU C 230 -32.17 -0.05 -40.60
N TYR C 231 -32.66 0.58 -39.53
CA TYR C 231 -33.30 -0.12 -38.43
C TYR C 231 -34.58 0.59 -38.04
N GLU C 232 -35.52 -0.18 -37.50
CA GLU C 232 -36.80 0.35 -37.05
C GLU C 232 -36.67 0.86 -35.62
N LEU C 233 -36.83 2.17 -35.45
CA LEU C 233 -36.83 2.79 -34.13
C LEU C 233 -38.14 3.54 -33.93
N ASN C 234 -38.48 3.76 -32.66
CA ASN C 234 -39.74 4.40 -32.29
C ASN C 234 -39.46 5.74 -31.63
N PRO C 235 -40.05 6.83 -32.12
CA PRO C 235 -39.85 8.12 -31.45
C PRO C 235 -40.28 8.06 -29.99
N THR C 236 -39.51 8.74 -29.14
CA THR C 236 -39.59 8.72 -27.69
C THR C 236 -39.16 7.38 -27.10
N GLY C 237 -38.81 6.40 -27.92
CA GLY C 237 -38.37 5.11 -27.45
C GLY C 237 -36.85 4.98 -27.45
N ASN C 238 -36.32 4.36 -26.41
CA ASN C 238 -34.89 4.23 -26.26
C ASN C 238 -34.30 3.28 -27.29
N VAL C 239 -33.04 3.53 -27.64
CA VAL C 239 -32.27 2.68 -28.54
C VAL C 239 -31.07 2.16 -27.77
N VAL C 240 -30.90 0.84 -27.76
CA VAL C 240 -29.87 0.18 -26.96
C VAL C 240 -28.88 -0.49 -27.89
N VAL C 241 -27.63 -0.04 -27.86
CA VAL C 241 -26.55 -0.63 -28.64
C VAL C 241 -25.77 -1.57 -27.74
N GLN C 242 -25.64 -2.82 -28.16
CA GLN C 242 -25.03 -3.86 -27.35
C GLN C 242 -23.79 -4.40 -28.04
N TYR C 243 -22.71 -4.56 -27.28
CA TYR C 243 -21.49 -5.21 -27.74
C TYR C 243 -21.26 -6.44 -26.85
N ASN C 244 -21.18 -7.60 -27.46
CA ASN C 244 -21.05 -8.86 -26.74
C ASN C 244 -19.59 -9.30 -26.79
N LYS C 245 -18.97 -9.39 -25.61
CA LYS C 245 -17.58 -9.82 -25.49
C LYS C 245 -17.42 -10.63 -24.23
N GLY C 246 -16.36 -11.43 -24.19
CA GLY C 246 -16.10 -12.25 -23.02
C GLY C 246 -15.80 -11.39 -21.81
N GLY C 247 -16.23 -11.86 -20.63
CA GLY C 247 -16.00 -11.16 -19.40
C GLY C 247 -17.02 -10.12 -19.04
N GLY C 248 -18.01 -9.86 -19.90
CA GLY C 248 -19.02 -8.87 -19.63
C GLY C 248 -19.36 -8.02 -20.83
N VAL C 249 -20.64 -7.96 -21.18
CA VAL C 249 -21.06 -7.20 -22.35
C VAL C 249 -21.10 -5.71 -22.02
N GLN C 250 -21.02 -4.89 -23.07
CA GLN C 250 -21.09 -3.44 -22.94
C GLN C 250 -22.29 -2.95 -23.71
N SER C 251 -23.15 -2.18 -23.06
CA SER C 251 -24.39 -1.70 -23.65
C SER C 251 -24.52 -0.20 -23.43
N THR C 252 -25.06 0.49 -24.42
CA THR C 252 -25.30 1.92 -24.35
C THR C 252 -26.76 2.18 -24.71
N THR C 253 -27.36 3.17 -24.06
CA THR C 253 -28.75 3.51 -24.27
C THR C 253 -28.86 4.89 -24.92
N LEU C 254 -29.54 4.95 -26.05
CA LEU C 254 -29.80 6.20 -26.74
C LEU C 254 -31.30 6.44 -26.81
N THR C 255 -31.70 7.69 -26.74
CA THR C 255 -33.11 8.08 -26.82
C THR C 255 -33.38 8.69 -28.19
N PHE C 256 -34.37 8.14 -28.89
CA PHE C 256 -34.73 8.58 -30.24
C PHE C 256 -35.97 9.47 -30.10
N ASP C 257 -35.73 10.77 -29.94
CA ASP C 257 -36.81 11.70 -29.63
C ASP C 257 -36.40 13.09 -30.09
N THR C 258 -37.38 13.97 -30.25
CA THR C 258 -37.11 15.35 -30.58
C THR C 258 -36.25 16.00 -29.50
N VAL C 259 -35.30 16.82 -29.93
CA VAL C 259 -34.27 17.33 -29.03
C VAL C 259 -34.31 18.85 -28.95
N ASP C 260 -35.51 19.43 -29.08
CA ASP C 260 -35.63 20.88 -29.08
C ASP C 260 -35.18 21.52 -27.77
N GLN C 261 -35.27 20.77 -26.66
CA GLN C 261 -34.90 21.35 -25.37
C GLN C 261 -33.41 21.61 -25.25
N PHE C 262 -32.59 20.96 -26.07
CA PHE C 262 -31.15 21.16 -26.03
C PHE C 262 -30.65 22.12 -27.11
N ALA C 263 -31.42 22.34 -28.16
CA ALA C 263 -31.03 23.33 -29.15
C ALA C 263 -30.99 24.71 -28.52
N GLU C 264 -29.87 25.40 -28.70
CA GLU C 264 -29.67 26.71 -28.09
C GLU C 264 -28.68 27.49 -28.94
N LEU C 265 -28.70 28.81 -28.79
CA LEU C 265 -27.76 29.68 -29.46
C LEU C 265 -27.30 30.75 -28.48
N SER C 266 -26.00 31.01 -28.45
CA SER C 266 -25.41 31.93 -27.49
C SER C 266 -24.55 32.95 -28.22
N LEU C 267 -24.44 34.13 -27.63
CA LEU C 267 -23.59 35.20 -28.13
C LEU C 267 -22.45 35.42 -27.14
N ASP C 268 -21.25 35.66 -27.68
CA ASP C 268 -20.06 35.76 -26.84
C ASP C 268 -20.15 36.91 -25.85
N ARG C 269 -20.91 37.96 -26.18
CA ARG C 269 -21.02 39.13 -25.33
C ARG C 269 -22.49 39.55 -25.25
N THR C 270 -22.71 40.72 -24.67
CA THR C 270 -24.04 41.32 -24.59
C THR C 270 -24.15 42.59 -25.41
N VAL C 271 -23.27 43.56 -25.16
CA VAL C 271 -23.20 44.79 -25.96
C VAL C 271 -22.06 44.61 -26.96
N PHE C 272 -22.20 45.26 -28.12
CA PHE C 272 -21.27 45.03 -29.21
C PHE C 272 -20.88 46.34 -29.89
N PRO C 273 -19.59 46.57 -30.12
CA PRO C 273 -19.16 47.79 -30.83
C PRO C 273 -19.54 47.79 -32.31
N ARG C 274 -19.10 48.83 -33.02
CA ARG C 274 -19.63 49.12 -34.36
C ARG C 274 -19.27 48.03 -35.36
N VAL C 275 -18.05 47.50 -35.30
CA VAL C 275 -17.57 46.58 -36.32
C VAL C 275 -17.21 45.21 -35.75
N SER C 276 -17.56 44.95 -34.48
CA SER C 276 -17.24 43.68 -33.86
C SER C 276 -17.86 42.52 -34.63
N GLN C 277 -17.10 41.44 -34.77
CA GLN C 277 -17.62 40.23 -35.39
C GLN C 277 -18.70 39.63 -34.50
N VAL C 278 -19.78 39.17 -35.13
CA VAL C 278 -20.90 38.56 -34.41
C VAL C 278 -20.66 37.06 -34.42
N HIS C 279 -20.46 36.49 -33.23
CA HIS C 279 -20.14 35.08 -33.09
C HIS C 279 -21.36 34.32 -32.59
N ALA C 280 -21.71 33.24 -33.29
CA ALA C 280 -22.88 32.43 -32.96
C ALA C 280 -22.42 31.02 -32.64
N THR C 281 -22.83 30.52 -31.47
CA THR C 281 -22.53 29.16 -31.05
C THR C 281 -23.83 28.37 -31.00
N ILE C 282 -24.04 27.49 -31.96
CA ILE C 282 -25.28 26.75 -32.11
C ILE C 282 -25.07 25.36 -31.55
N THR C 283 -25.58 25.12 -30.34
CA THR C 283 -25.50 23.82 -29.69
C THR C 283 -26.75 23.04 -30.05
N ASP C 284 -26.72 22.33 -31.18
CA ASP C 284 -27.86 21.57 -31.66
C ASP C 284 -27.39 20.17 -32.03
N LEU C 285 -28.01 19.15 -31.42
CA LEU C 285 -27.66 17.77 -31.71
C LEU C 285 -28.16 17.35 -33.09
N TRP C 286 -29.30 17.88 -33.52
CA TRP C 286 -29.94 17.41 -34.74
C TRP C 286 -29.08 17.68 -35.97
N LEU C 287 -28.32 18.77 -35.96
CA LEU C 287 -27.56 19.18 -37.14
C LEU C 287 -26.36 18.27 -37.41
N ASN C 288 -26.01 17.38 -36.49
CA ASN C 288 -24.82 16.53 -36.62
C ASN C 288 -25.17 15.25 -37.37
N ILE C 289 -25.46 15.42 -38.66
CA ILE C 289 -25.86 14.29 -39.49
C ILE C 289 -24.70 13.32 -39.68
N ASP C 290 -23.53 13.83 -40.07
CA ASP C 290 -22.37 12.98 -40.31
C ASP C 290 -21.56 12.85 -39.03
N PRO C 291 -21.37 11.65 -38.51
CA PRO C 291 -20.58 11.50 -37.29
C PRO C 291 -19.08 11.58 -37.53
N THR C 292 -18.64 11.10 -38.68
CA THR C 292 -17.21 11.04 -39.00
C THR C 292 -16.70 12.26 -39.75
N ASP C 293 -17.51 13.31 -39.87
CA ASP C 293 -17.11 14.51 -40.59
C ASP C 293 -17.73 15.73 -39.94
N GLU C 294 -17.06 16.87 -40.13
CA GLU C 294 -17.66 18.15 -39.75
C GLU C 294 -18.77 18.50 -40.73
N ASP C 295 -19.92 18.90 -40.21
CA ASP C 295 -21.11 19.12 -41.02
C ASP C 295 -21.29 20.61 -41.29
N SER C 296 -21.75 20.93 -42.49
CA SER C 296 -21.97 22.30 -42.91
C SER C 296 -23.40 22.47 -43.37
N TRP C 297 -24.07 23.50 -42.86
CA TRP C 297 -25.45 23.81 -43.21
C TRP C 297 -25.54 25.23 -43.72
N THR C 298 -26.47 25.46 -44.65
CA THR C 298 -26.72 26.78 -45.21
C THR C 298 -28.18 27.15 -44.95
N PHE C 299 -28.41 28.39 -44.52
CA PHE C 299 -29.73 28.86 -44.18
C PHE C 299 -30.06 30.12 -44.99
N ALA C 300 -31.34 30.27 -45.32
CA ALA C 300 -31.86 31.52 -45.89
C ALA C 300 -32.63 32.22 -44.78
N THR C 301 -32.01 33.21 -44.16
CA THR C 301 -32.51 33.77 -42.91
C THR C 301 -33.18 35.13 -43.07
N ASN C 302 -33.42 35.59 -44.30
CA ASN C 302 -33.99 36.91 -44.52
C ASN C 302 -35.45 36.88 -44.10
N THR C 303 -35.76 37.51 -42.96
CA THR C 303 -37.10 37.46 -42.41
C THR C 303 -38.04 38.48 -43.05
N LYS C 304 -37.52 39.45 -43.80
CA LYS C 304 -38.33 40.51 -44.37
C LYS C 304 -38.18 40.63 -45.88
N ASN C 305 -37.79 39.57 -46.56
CA ASN C 305 -37.81 39.55 -48.02
C ASN C 305 -39.21 39.09 -48.43
N THR C 306 -40.09 40.07 -48.64
CA THR C 306 -41.52 39.81 -48.82
C THR C 306 -41.84 39.21 -50.19
N THR C 307 -40.85 38.79 -50.95
CA THR C 307 -41.12 38.10 -52.21
C THR C 307 -41.91 36.83 -51.95
N SER C 308 -42.96 36.61 -52.74
CA SER C 308 -43.85 35.47 -52.51
C SER C 308 -43.11 34.16 -52.69
N SER C 309 -42.28 34.05 -53.72
CA SER C 309 -41.60 32.81 -54.03
C SER C 309 -40.49 32.46 -53.04
N PHE C 310 -40.10 33.39 -52.17
CA PHE C 310 -39.02 33.17 -51.24
C PHE C 310 -39.56 32.77 -49.87
N ASN C 311 -38.90 31.81 -49.23
CA ASN C 311 -39.24 31.38 -47.88
C ASN C 311 -37.96 31.01 -47.15
N VAL C 312 -38.03 31.08 -45.81
CA VAL C 312 -36.91 30.65 -45.00
C VAL C 312 -36.68 29.16 -45.18
N ASP C 313 -35.44 28.77 -45.44
CA ASP C 313 -35.13 27.39 -45.78
C ASP C 313 -33.78 27.02 -45.21
N THR C 314 -33.49 25.72 -45.24
CA THR C 314 -32.22 25.17 -44.79
C THR C 314 -31.64 24.28 -45.88
N PHE C 315 -30.32 24.21 -45.93
CA PHE C 315 -29.63 23.42 -46.94
C PHE C 315 -28.46 22.67 -46.29
N TYR C 316 -28.11 21.53 -46.87
CA TYR C 316 -27.08 20.67 -46.32
C TYR C 316 -25.93 20.52 -47.33
N GLN C 317 -24.71 20.68 -46.83
CA GLN C 317 -23.49 20.42 -47.60
C GLN C 317 -23.43 21.23 -48.89
N VAL C 318 -23.84 22.49 -48.83
CA VAL C 318 -23.56 23.41 -49.93
C VAL C 318 -22.06 23.62 -50.06
N PHE C 319 -21.38 23.82 -48.94
CA PHE C 319 -19.93 23.96 -48.90
C PHE C 319 -19.35 22.83 -48.05
N ASP C 320 -18.13 22.43 -48.38
CA ASP C 320 -17.42 21.46 -47.56
C ASP C 320 -16.99 22.09 -46.24
N GLU C 321 -16.44 21.26 -45.36
CA GLU C 321 -15.88 21.77 -44.11
C GLU C 321 -14.68 22.69 -44.35
N ASN C 322 -14.08 22.63 -45.54
CA ASN C 322 -13.03 23.54 -45.94
C ASN C 322 -13.52 24.64 -46.87
N GLY C 323 -14.83 24.74 -47.07
CA GLY C 323 -15.39 25.73 -47.97
C GLY C 323 -15.00 25.52 -49.41
N ALA C 324 -15.10 24.28 -49.88
CA ALA C 324 -14.69 23.89 -51.23
C ALA C 324 -15.82 23.22 -51.97
N SER C 325 -17.01 23.83 -51.94
CA SER C 325 -18.20 23.34 -52.64
C SER C 325 -18.54 21.96 -52.08
N GLY C 326 -18.83 20.97 -52.92
CA GLY C 326 -19.11 19.63 -52.45
C GLY C 326 -20.38 19.04 -53.04
N GLY C 327 -21.25 19.90 -53.53
CA GLY C 327 -22.51 19.45 -54.10
C GLY C 327 -23.47 20.60 -54.27
N SER C 328 -24.67 20.25 -54.72
CA SER C 328 -25.71 21.23 -54.96
C SER C 328 -26.55 21.44 -53.70
N ALA C 329 -27.36 22.50 -53.72
CA ALA C 329 -28.24 22.85 -52.62
C ALA C 329 -29.64 22.31 -52.90
N LEU C 330 -30.25 21.70 -51.89
CA LEU C 330 -31.54 21.04 -52.04
C LEU C 330 -32.50 21.53 -50.97
N THR C 331 -33.77 21.64 -51.34
CA THR C 331 -34.79 22.18 -50.44
C THR C 331 -35.03 21.24 -49.26
N LEU C 332 -35.23 21.84 -48.08
CA LEU C 332 -35.57 21.08 -46.89
C LEU C 332 -36.63 21.74 -46.03
N ARG C 333 -37.20 22.87 -46.45
CA ARG C 333 -38.16 23.58 -45.61
C ARG C 333 -39.45 22.77 -45.42
N THR C 334 -39.92 22.12 -46.49
CA THR C 334 -41.17 21.37 -46.42
C THR C 334 -40.97 19.95 -45.89
N THR C 335 -39.74 19.55 -45.58
CA THR C 335 -39.46 18.21 -45.11
C THR C 335 -39.13 18.16 -43.63
N LEU C 336 -38.80 19.30 -43.02
CA LEU C 336 -38.39 19.32 -41.62
C LEU C 336 -39.49 18.85 -40.69
N SER C 337 -40.76 19.02 -41.09
CA SER C 337 -41.86 18.59 -40.25
C SER C 337 -41.82 17.09 -40.00
N SER C 338 -41.54 16.31 -41.04
CA SER C 338 -41.43 14.86 -40.90
C SER C 338 -40.09 14.41 -40.35
N LEU C 339 -39.12 15.32 -40.20
CA LEU C 339 -37.79 14.99 -39.73
C LEU C 339 -37.60 15.29 -38.25
N MET C 340 -38.65 15.14 -37.45
CA MET C 340 -38.59 15.31 -36.00
C MET C 340 -38.07 16.69 -35.60
N CYS C 341 -38.38 17.71 -36.39
CA CYS C 341 -37.91 19.07 -36.16
C CYS C 341 -39.06 19.90 -35.60
N GLU C 342 -39.25 19.84 -34.29
CA GLU C 342 -40.13 20.76 -33.58
C GLU C 342 -39.31 21.99 -33.26
N ASP C 343 -39.52 23.06 -34.04
CA ASP C 343 -38.90 24.38 -33.92
C ASP C 343 -37.44 24.33 -33.47
N ASN C 344 -36.66 23.42 -34.04
CA ASN C 344 -35.25 23.30 -33.69
C ASN C 344 -34.37 23.00 -34.91
N CYS C 345 -34.83 23.30 -36.12
CA CYS C 345 -34.00 23.06 -37.31
C CYS C 345 -34.08 24.19 -38.32
N VAL C 346 -34.49 25.38 -37.92
CA VAL C 346 -34.63 26.51 -38.84
C VAL C 346 -33.90 27.71 -38.27
N LEU C 347 -33.45 28.59 -39.15
CA LEU C 347 -32.74 29.81 -38.75
C LEU C 347 -33.27 30.97 -39.57
N THR C 348 -33.69 32.03 -38.88
CA THR C 348 -34.07 33.27 -39.53
C THR C 348 -33.44 34.43 -38.77
N LEU C 349 -33.08 35.47 -39.52
CA LEU C 349 -32.32 36.59 -38.97
C LEU C 349 -33.08 37.89 -39.17
N ASP C 350 -33.16 38.69 -38.10
CA ASP C 350 -33.72 40.04 -38.14
C ASP C 350 -32.56 41.03 -38.07
N VAL C 351 -32.42 41.86 -39.09
CA VAL C 351 -31.29 42.79 -39.15
C VAL C 351 -31.63 44.18 -38.61
N ASP C 352 -32.91 44.51 -38.47
CA ASP C 352 -33.30 45.83 -37.98
C ASP C 352 -34.63 45.67 -37.24
N ALA C 353 -34.56 45.59 -35.91
CA ALA C 353 -35.76 45.39 -35.10
C ALA C 353 -36.67 46.62 -35.08
N GLN C 354 -36.10 47.82 -35.07
CA GLN C 354 -36.88 49.05 -35.00
C GLN C 354 -37.23 49.61 -36.37
N SER C 355 -36.69 49.04 -37.44
CA SER C 355 -36.95 49.51 -38.81
C SER C 355 -36.66 51.00 -38.95
N SER C 356 -35.50 51.41 -38.42
CA SER C 356 -35.10 52.81 -38.42
C SER C 356 -34.26 53.19 -39.63
N GLY C 357 -34.11 52.30 -40.60
CA GLY C 357 -33.30 52.59 -41.77
C GLY C 357 -31.81 52.42 -41.56
N THR C 358 -31.39 51.86 -40.44
CA THR C 358 -29.97 51.63 -40.14
C THR C 358 -29.76 50.15 -39.87
N PRO C 359 -29.44 49.35 -40.89
CA PRO C 359 -29.20 47.92 -40.66
C PRO C 359 -27.98 47.71 -39.76
N VAL C 360 -28.06 46.67 -38.93
CA VAL C 360 -27.00 46.40 -37.97
C VAL C 360 -26.08 45.29 -38.45
N VAL C 361 -26.64 44.12 -38.75
CA VAL C 361 -25.86 42.91 -39.02
C VAL C 361 -25.72 42.74 -40.52
N THR C 362 -24.52 42.40 -40.97
CA THR C 362 -24.23 42.05 -42.36
C THR C 362 -23.31 40.84 -42.39
N ILE C 363 -23.04 40.34 -43.59
CA ILE C 363 -22.31 39.09 -43.77
C ILE C 363 -21.22 39.28 -44.82
N GLN C 364 -20.21 38.41 -44.74
CA GLN C 364 -19.08 38.44 -45.66
C GLN C 364 -18.61 37.01 -45.92
N ASP C 365 -17.74 36.88 -46.91
CA ASP C 365 -17.13 35.58 -47.20
C ASP C 365 -16.19 35.18 -46.08
N ASN C 366 -16.05 33.87 -45.88
CA ASN C 366 -15.19 33.32 -44.84
C ASN C 366 -14.29 32.25 -45.44
N GLY C 367 -13.49 31.62 -44.60
CA GLY C 367 -12.62 30.54 -45.04
C GLY C 367 -13.35 29.25 -45.36
N ASP C 368 -14.55 29.07 -44.79
CA ASP C 368 -15.36 27.89 -45.04
C ASP C 368 -16.65 28.24 -45.77
N SER C 369 -16.58 29.20 -46.70
CA SER C 369 -17.74 29.63 -47.46
C SER C 369 -17.28 30.20 -48.79
N ILE C 370 -18.21 30.26 -49.75
CA ILE C 370 -17.93 30.77 -51.08
C ILE C 370 -18.90 31.92 -51.37
N LEU C 371 -19.22 32.69 -50.34
CA LEU C 371 -20.14 33.81 -50.49
C LEU C 371 -19.61 34.81 -51.51
N THR C 372 -20.52 35.52 -52.17
CA THR C 372 -20.14 36.44 -53.23
C THR C 372 -21.12 37.60 -53.26
N GLN C 373 -20.58 38.81 -53.36
CA GLN C 373 -21.40 40.02 -53.48
C GLN C 373 -21.89 40.14 -54.92
N LEU C 374 -23.07 39.59 -55.20
CA LEU C 374 -23.62 39.65 -56.55
C LEU C 374 -23.91 41.09 -56.97
N ASN C 375 -24.51 41.88 -56.08
CA ASN C 375 -24.83 43.27 -56.36
C ASN C 375 -23.57 44.09 -56.12
N ALA C 376 -22.67 44.08 -57.09
CA ALA C 376 -21.39 44.78 -57.00
C ALA C 376 -21.46 46.22 -57.48
N SER C 377 -22.65 46.82 -57.48
CA SER C 377 -22.78 48.21 -57.92
C SER C 377 -22.07 49.14 -56.96
N SER C 378 -21.44 50.18 -57.52
CA SER C 378 -20.69 51.13 -56.71
C SER C 378 -21.61 52.00 -55.84
N ASN C 379 -22.90 52.06 -56.17
CA ASN C 379 -23.83 52.87 -55.38
C ASN C 379 -23.96 52.33 -53.96
N THR C 380 -24.00 51.01 -53.81
CA THR C 380 -24.13 50.37 -52.52
C THR C 380 -22.77 49.92 -52.00
N ASN C 381 -22.77 49.38 -50.78
CA ASN C 381 -21.53 48.93 -50.14
C ASN C 381 -21.73 47.59 -49.45
N ALA C 382 -20.73 47.17 -48.67
CA ALA C 382 -20.80 45.87 -47.99
C ALA C 382 -21.82 45.85 -46.86
N ASN C 383 -22.38 47.00 -46.49
CA ASN C 383 -23.37 47.04 -45.42
C ASN C 383 -24.73 46.52 -45.86
N ASN C 384 -25.03 46.56 -47.16
CA ASN C 384 -26.30 46.06 -47.68
C ASN C 384 -26.25 44.54 -47.68
N ALA C 385 -26.78 43.93 -46.62
CA ALA C 385 -26.73 42.48 -46.48
C ALA C 385 -27.45 41.78 -47.62
N SER C 386 -28.45 42.43 -48.22
CA SER C 386 -29.20 41.83 -49.31
C SER C 386 -28.40 41.73 -50.60
N ALA C 387 -27.22 42.35 -50.66
CA ALA C 387 -26.38 42.27 -51.85
C ALA C 387 -25.55 40.99 -51.91
N PHE C 388 -25.51 40.22 -50.83
CA PHE C 388 -24.69 39.02 -50.76
C PHE C 388 -25.49 37.79 -51.15
N GLY C 389 -24.81 36.86 -51.83
CA GLY C 389 -25.47 35.64 -52.25
C GLY C 389 -24.44 34.62 -52.70
N ILE C 390 -24.94 33.56 -53.33
CA ILE C 390 -24.11 32.46 -53.80
C ILE C 390 -24.31 32.32 -55.31
N SER C 391 -23.21 32.27 -56.05
CA SER C 391 -23.29 32.25 -57.51
C SER C 391 -23.88 30.95 -58.02
N THR C 392 -23.45 29.81 -57.47
CA THR C 392 -23.85 28.52 -58.02
C THR C 392 -25.33 28.23 -57.78
N GLU C 393 -25.90 28.80 -56.71
CA GLU C 393 -27.27 28.48 -56.33
C GLU C 393 -28.13 29.74 -56.25
N THR C 394 -28.08 30.57 -57.30
CA THR C 394 -28.87 31.80 -57.33
C THR C 394 -30.37 31.55 -57.34
N ALA C 395 -30.80 30.32 -57.61
CA ALA C 395 -32.24 30.02 -57.66
C ALA C 395 -32.90 30.30 -56.32
N LYS C 396 -32.33 29.78 -55.24
CA LYS C 396 -32.86 30.00 -53.89
C LYS C 396 -31.91 30.76 -52.98
N LEU C 397 -30.60 30.63 -53.19
CA LEU C 397 -29.60 31.36 -52.42
C LEU C 397 -28.98 32.50 -53.22
N GLY C 398 -29.78 33.16 -54.04
CA GLY C 398 -29.31 34.26 -54.86
C GLY C 398 -29.21 35.55 -54.07
N THR C 399 -29.36 36.68 -54.78
CA THR C 399 -29.32 37.97 -54.13
C THR C 399 -30.39 38.06 -53.05
N GLY C 400 -30.03 38.67 -51.93
CA GLY C 400 -30.94 38.62 -50.80
C GLY C 400 -30.90 37.24 -50.16
N SER C 401 -31.92 36.99 -49.33
CA SER C 401 -32.14 35.72 -48.65
C SER C 401 -31.12 35.49 -47.54
N ILE C 402 -30.12 36.35 -47.44
CA ILE C 402 -29.07 36.31 -46.42
C ILE C 402 -28.52 34.88 -46.29
N PRO C 403 -27.75 34.39 -47.25
CA PRO C 403 -27.18 33.05 -47.12
C PRO C 403 -26.18 33.00 -45.97
N VAL C 404 -26.46 32.15 -44.98
CA VAL C 404 -25.64 32.01 -43.79
C VAL C 404 -25.19 30.56 -43.69
N THR C 405 -23.88 30.36 -43.55
CA THR C 405 -23.29 29.03 -43.46
C THR C 405 -22.70 28.84 -42.06
N ILE C 406 -22.89 27.65 -41.50
CA ILE C 406 -22.34 27.30 -40.20
C ILE C 406 -21.59 25.98 -40.31
N THR C 407 -20.48 25.86 -39.57
CA THR C 407 -19.64 24.68 -39.58
C THR C 407 -19.49 24.16 -38.16
N GLU C 408 -19.38 22.85 -38.02
CA GLU C 408 -19.31 22.23 -36.71
C GLU C 408 -17.92 22.42 -36.10
N GLN C 409 -17.91 22.77 -34.81
CA GLN C 409 -16.66 22.87 -34.04
C GLN C 409 -16.30 21.45 -33.59
N GLY C 410 -15.61 20.74 -34.49
CA GLY C 410 -15.33 19.34 -34.28
C GLY C 410 -16.16 18.47 -35.18
N PRO C 411 -15.79 17.20 -35.32
CA PRO C 411 -16.55 16.30 -36.22
C PRO C 411 -17.82 15.76 -35.57
N ASN C 412 -17.80 15.62 -34.24
CA ASN C 412 -18.92 14.97 -33.55
C ASN C 412 -19.31 15.69 -32.27
N SER C 413 -18.84 16.92 -32.06
CA SER C 413 -19.21 17.64 -30.84
C SER C 413 -20.65 18.14 -30.88
N GLY C 414 -21.27 18.20 -32.06
CA GLY C 414 -22.62 18.67 -32.17
C GLY C 414 -22.79 20.15 -31.88
N VAL C 415 -21.72 20.93 -31.94
CA VAL C 415 -21.76 22.36 -31.71
C VAL C 415 -21.24 23.06 -32.96
N PHE C 416 -22.02 23.97 -33.50
CA PHE C 416 -21.71 24.65 -34.76
C PHE C 416 -21.43 26.13 -34.49
N GLY C 417 -20.59 26.72 -35.32
CA GLY C 417 -20.21 28.10 -35.15
C GLY C 417 -20.07 28.80 -36.48
N THR C 418 -20.47 30.07 -36.52
CA THR C 418 -20.27 30.89 -37.70
C THR C 418 -18.79 31.25 -37.87
N TYR C 419 -18.15 31.64 -36.77
CA TYR C 419 -16.74 32.00 -36.83
C TYR C 419 -15.89 30.82 -37.28
N ASP C 420 -14.92 31.11 -38.14
CA ASP C 420 -14.06 30.08 -38.72
C ASP C 420 -12.78 29.96 -37.91
N GLU C 421 -11.82 29.18 -38.42
CA GLU C 421 -10.54 29.02 -37.73
C GLU C 421 -9.76 30.33 -37.68
N SER C 422 -9.97 31.20 -38.66
CA SER C 422 -9.33 32.51 -38.70
C SER C 422 -10.09 33.56 -37.89
N ASP C 423 -11.16 33.15 -37.20
CA ASP C 423 -11.96 34.00 -36.33
C ASP C 423 -12.75 35.06 -37.09
N LYS C 424 -12.84 34.94 -38.41
CA LYS C 424 -13.65 35.85 -39.21
C LYS C 424 -15.08 35.32 -39.23
N SER C 425 -15.96 35.99 -38.50
CA SER C 425 -17.34 35.52 -38.36
C SER C 425 -18.09 35.63 -39.68
N VAL C 426 -19.20 34.90 -39.78
CA VAL C 426 -20.09 35.06 -40.91
C VAL C 426 -20.93 36.30 -40.75
N LEU C 427 -21.14 36.74 -39.51
CA LEU C 427 -21.97 37.90 -39.21
C LEU C 427 -21.12 38.99 -38.58
N LYS C 428 -21.29 40.22 -39.05
CA LYS C 428 -20.60 41.38 -38.49
C LYS C 428 -21.58 42.54 -38.43
N ILE C 429 -21.27 43.52 -37.59
CA ILE C 429 -22.10 44.71 -37.42
C ILE C 429 -21.61 45.79 -38.36
N THR C 430 -22.55 46.48 -39.00
CA THR C 430 -22.20 47.55 -39.94
C THR C 430 -21.50 48.70 -39.22
N ASP C 431 -20.57 49.34 -39.93
CA ASP C 431 -19.78 50.41 -39.33
C ASP C 431 -20.62 51.66 -39.05
N ASN C 432 -21.65 51.91 -39.86
CA ASN C 432 -22.52 53.06 -39.69
C ASN C 432 -23.75 52.76 -38.83
N ALA C 433 -23.65 51.78 -37.94
CA ALA C 433 -24.76 51.44 -37.08
C ALA C 433 -25.03 52.56 -36.07
N LYS C 434 -26.31 52.87 -35.88
CA LYS C 434 -26.72 53.89 -34.93
C LYS C 434 -26.74 53.31 -33.51
N ARG C 435 -26.31 54.12 -32.55
CA ARG C 435 -26.31 53.68 -31.16
C ARG C 435 -27.73 53.38 -30.71
N GLY C 436 -27.86 52.35 -29.86
CA GLY C 436 -29.14 51.91 -29.36
C GLY C 436 -29.88 50.97 -30.28
N THR C 437 -29.78 51.19 -31.59
CA THR C 437 -30.41 50.28 -32.54
C THR C 437 -29.84 48.88 -32.39
N SER C 438 -30.72 47.88 -32.36
CA SER C 438 -30.32 46.50 -32.13
C SER C 438 -30.98 45.59 -33.15
N ALA C 439 -30.33 44.47 -33.41
CA ALA C 439 -30.85 43.41 -34.26
C ALA C 439 -31.07 42.16 -33.42
N SER C 440 -31.87 41.25 -33.96
CA SER C 440 -32.21 40.02 -33.27
C SER C 440 -31.99 38.83 -34.20
N LEU C 441 -31.38 37.78 -33.67
CA LEU C 441 -31.17 36.54 -34.41
C LEU C 441 -32.05 35.47 -33.79
N ASP C 442 -32.67 34.64 -34.64
CA ASP C 442 -33.67 33.68 -34.21
C ASP C 442 -33.17 32.27 -34.46
N TYR C 443 -33.06 31.47 -33.39
CA TYR C 443 -32.87 30.04 -33.49
C TYR C 443 -33.69 29.36 -32.40
N ASN C 444 -34.24 28.20 -32.74
CA ASN C 444 -35.10 27.44 -31.83
C ASN C 444 -36.32 28.27 -31.40
N GLU C 445 -36.72 29.20 -32.25
CA GLU C 445 -37.82 30.14 -31.95
C GLU C 445 -37.57 30.86 -30.64
N THR C 446 -36.30 31.09 -30.32
CA THR C 446 -35.88 31.82 -29.13
C THR C 446 -35.03 32.99 -29.60
N PRO C 447 -35.63 34.17 -29.75
CA PRO C 447 -34.89 35.31 -30.29
C PRO C 447 -33.69 35.68 -29.42
N GLN C 448 -32.60 36.05 -30.09
CA GLN C 448 -31.39 36.51 -29.43
C GLN C 448 -31.09 37.92 -29.91
N THR C 449 -31.18 38.88 -29.00
CA THR C 449 -31.04 40.30 -29.35
C THR C 449 -29.57 40.70 -29.36
N ILE C 450 -29.18 41.43 -30.41
CA ILE C 450 -27.81 41.91 -30.55
C ILE C 450 -27.79 43.41 -30.30
N LEU C 451 -27.54 43.80 -29.05
CA LEU C 451 -27.57 45.22 -28.68
C LEU C 451 -26.32 45.92 -29.19
N VAL C 452 -26.40 47.26 -29.32
CA VAL C 452 -25.20 48.09 -29.71
C VAL C 452 -24.96 49.19 -28.66
N GLY C 453 -23.75 49.27 -28.05
CA GLY C 453 -23.43 50.26 -27.01
C GLY C 453 -21.93 50.32 -26.64
N PHE C 454 -21.57 50.91 -25.48
CA PHE C 454 -20.14 51.09 -25.08
C PHE C 454 -19.95 50.97 -23.55
N SER C 455 -18.83 51.47 -22.98
CA SER C 455 -18.54 51.36 -21.51
C SER C 455 -17.62 52.50 -21.02
N PHE C 456 -17.65 52.85 -19.72
CA PHE C 456 -16.83 53.99 -19.33
C PHE C 456 -15.40 53.53 -19.05
N ALA C 457 -14.43 54.17 -19.70
CA ALA C 457 -13.05 53.81 -19.52
C ALA C 457 -12.41 54.64 -18.41
N SER C 458 -11.23 54.21 -17.98
CA SER C 458 -10.49 54.91 -16.92
C SER C 458 -9.02 54.62 -17.11
N ILE C 459 -8.28 55.58 -17.67
CA ILE C 459 -6.84 55.45 -17.87
C ILE C 459 -6.14 55.98 -16.62
N ASP C 460 -5.25 55.17 -16.05
CA ASP C 460 -4.57 55.51 -14.82
C ASP C 460 -3.08 55.24 -14.98
N ILE C 461 -2.26 56.12 -14.41
CA ILE C 461 -0.81 55.97 -14.39
C ILE C 461 -0.42 55.69 -12.94
N GLN C 462 0.22 54.55 -12.70
CA GLN C 462 0.58 54.10 -11.36
C GLN C 462 2.09 54.02 -11.24
N PRO C 463 2.73 55.04 -10.69
CA PRO C 463 4.18 54.96 -10.46
C PRO C 463 4.52 53.94 -9.39
N VAL C 464 5.72 53.37 -9.52
CA VAL C 464 6.18 52.37 -8.55
C VAL C 464 6.42 52.99 -7.18
N THR C 465 6.61 54.31 -7.12
CA THR C 465 6.82 55.01 -5.85
C THR C 465 6.05 56.32 -5.91
N ASP C 466 6.35 57.22 -4.97
CA ASP C 466 5.64 58.49 -4.85
C ASP C 466 6.16 59.55 -5.80
N GLU C 467 7.25 59.30 -6.53
CA GLU C 467 7.81 60.26 -7.46
C GLU C 467 8.17 59.56 -8.76
N TRP C 468 7.81 60.18 -9.88
CA TRP C 468 8.12 59.63 -11.20
C TRP C 468 9.42 60.24 -11.70
N THR C 469 10.52 59.70 -11.18
CA THR C 469 11.84 60.19 -11.56
C THR C 469 12.25 59.64 -12.93
N SER C 470 13.30 60.22 -13.49
CA SER C 470 13.75 59.84 -14.82
C SER C 470 14.30 58.42 -14.82
N GLY C 471 14.17 57.76 -15.98
CA GLY C 471 14.63 56.39 -16.11
C GLY C 471 13.89 55.39 -15.25
N GLN C 472 12.57 55.54 -15.15
CA GLN C 472 11.74 54.64 -14.34
C GLN C 472 10.51 54.29 -15.17
N GLU C 473 10.49 53.08 -15.73
CA GLU C 473 9.33 52.61 -16.48
C GLU C 473 8.21 52.23 -15.53
N ILE C 474 7.07 52.90 -15.67
CA ILE C 474 5.94 52.66 -14.78
C ILE C 474 4.74 52.20 -15.61
N PRO C 475 3.96 51.24 -15.12
CA PRO C 475 2.86 50.70 -15.93
C PRO C 475 1.76 51.73 -16.17
N VAL C 476 1.11 51.59 -17.32
CA VAL C 476 -0.07 52.37 -17.67
C VAL C 476 -1.22 51.39 -17.85
N VAL C 477 -2.29 51.60 -17.09
CA VAL C 477 -3.42 50.67 -17.05
C VAL C 477 -4.62 51.36 -17.69
N ILE C 478 -5.19 50.72 -18.70
CA ILE C 478 -6.38 51.21 -19.40
C ILE C 478 -7.45 50.12 -19.31
N VAL C 479 -8.60 50.47 -18.74
CA VAL C 479 -9.73 49.56 -18.61
C VAL C 479 -10.80 50.04 -19.56
N ASP C 480 -10.95 49.36 -20.70
CA ASP C 480 -11.93 49.75 -21.71
C ASP C 480 -12.48 48.50 -22.35
N ALA C 481 -13.76 48.20 -22.08
CA ALA C 481 -14.39 47.02 -22.65
C ALA C 481 -14.71 47.20 -24.12
N ASP C 482 -14.70 48.44 -24.63
CA ASP C 482 -15.02 48.66 -26.04
C ASP C 482 -13.96 48.08 -26.96
N GLN C 483 -12.70 48.07 -26.52
CA GLN C 483 -11.61 47.54 -27.32
C GLN C 483 -11.47 46.03 -27.22
N ASN C 484 -12.14 45.39 -26.26
CA ASN C 484 -12.10 43.95 -26.11
C ASN C 484 -13.16 43.33 -27.02
N LYS C 485 -12.81 43.21 -28.30
CA LYS C 485 -13.73 42.74 -29.32
C LYS C 485 -13.67 41.23 -29.54
N ASN C 486 -12.83 40.51 -28.79
CA ASN C 486 -12.73 39.06 -28.91
C ASN C 486 -12.53 38.48 -27.52
N SER C 487 -13.41 37.57 -27.13
CA SER C 487 -13.36 36.95 -25.81
C SER C 487 -12.50 35.70 -25.76
N ARG C 488 -11.96 35.25 -26.89
CA ARG C 488 -11.15 34.04 -26.96
C ARG C 488 -9.73 34.32 -27.44
N ALA C 489 -9.30 35.58 -27.49
CA ALA C 489 -7.97 35.91 -27.97
C ALA C 489 -7.53 37.21 -27.30
N ASP C 490 -6.30 37.62 -27.61
CA ASP C 490 -5.72 38.84 -27.09
C ASP C 490 -5.77 39.92 -28.17
N GLU C 491 -6.35 41.07 -27.82
CA GLU C 491 -6.44 42.20 -28.72
C GLU C 491 -5.36 43.21 -28.38
N ASP C 492 -4.46 43.47 -29.32
CA ASP C 492 -3.39 44.44 -29.15
C ASP C 492 -3.69 45.67 -29.99
N LEU C 493 -3.59 46.84 -29.37
CA LEU C 493 -3.79 48.10 -30.08
C LEU C 493 -2.72 48.26 -31.15
N ASP C 494 -3.07 48.95 -32.23
CA ASP C 494 -2.14 49.14 -33.34
C ASP C 494 -2.56 50.35 -34.15
N LEU C 495 -1.63 51.28 -34.37
CA LEU C 495 -1.90 52.39 -35.27
C LEU C 495 -2.14 51.91 -36.70
N ASN C 496 -1.40 50.88 -37.12
CA ASN C 496 -1.54 50.33 -38.46
C ASN C 496 -2.83 49.57 -38.68
N ASN C 497 -3.59 49.29 -37.62
CA ASN C 497 -4.82 48.54 -37.75
C ASN C 497 -6.01 49.50 -37.77
N PRO C 498 -6.70 49.67 -38.89
CA PRO C 498 -7.88 50.55 -38.89
C PRO C 498 -8.99 50.08 -37.97
N ASP C 499 -9.06 48.78 -37.68
CA ASP C 499 -10.08 48.27 -36.78
C ASP C 499 -9.91 48.85 -35.37
N VAL C 500 -8.67 49.00 -34.90
CA VAL C 500 -8.42 49.65 -33.63
C VAL C 500 -8.62 51.15 -33.82
N THR C 501 -9.79 51.64 -33.45
CA THR C 501 -10.17 53.01 -33.76
C THR C 501 -9.47 54.02 -32.85
N LEU C 502 -9.33 53.70 -31.57
CA LEU C 502 -8.91 54.66 -30.56
C LEU C 502 -7.62 54.19 -29.90
N ILE C 503 -6.61 55.06 -29.88
CA ILE C 503 -5.32 54.76 -29.28
C ILE C 503 -4.95 55.91 -28.34
N PRO C 504 -4.49 55.62 -27.11
CA PRO C 504 -4.03 56.71 -26.23
C PRO C 504 -2.81 57.40 -26.81
N ALA C 505 -2.70 58.70 -26.51
CA ALA C 505 -1.61 59.51 -27.04
C ALA C 505 -1.14 60.50 -25.99
N LEU C 506 0.13 60.88 -26.12
CA LEU C 506 0.74 61.92 -25.29
C LEU C 506 1.57 62.82 -26.18
N ARG C 507 1.54 64.12 -25.92
CA ARG C 507 2.26 65.07 -26.75
C ARG C 507 2.76 66.23 -25.89
N THR C 508 3.88 66.81 -26.31
CA THR C 508 4.46 67.98 -25.66
C THR C 508 4.80 69.02 -26.71
N GLY C 509 4.68 70.30 -26.33
CA GLY C 509 4.94 71.35 -27.28
C GLY C 509 3.90 71.39 -28.39
N ASP C 510 4.35 71.73 -29.59
CA ASP C 510 3.49 71.78 -30.77
C ASP C 510 4.14 70.98 -31.89
N PRO C 511 4.08 69.65 -31.82
CA PRO C 511 4.61 68.83 -32.91
C PRO C 511 3.79 69.00 -34.17
N PHE C 512 4.45 68.90 -35.32
CA PHE C 512 3.79 69.06 -36.61
C PHE C 512 3.21 67.73 -37.03
N THR C 513 1.93 67.54 -36.69
CA THR C 513 1.22 66.33 -37.08
C THR C 513 0.69 66.46 -38.51
N ILE C 514 -0.01 65.43 -38.97
CA ILE C 514 -0.55 65.44 -40.32
C ILE C 514 -1.72 66.39 -40.47
N ASP C 515 -2.30 66.84 -39.36
CA ASP C 515 -3.50 67.69 -39.39
C ASP C 515 -3.26 69.07 -38.80
N GLU C 516 -2.02 69.54 -38.76
CA GLU C 516 -1.76 70.89 -38.25
C GLU C 516 -2.41 71.96 -39.14
N GLY C 517 -2.59 71.66 -40.42
CA GLY C 517 -3.22 72.61 -41.33
C GLY C 517 -4.68 72.30 -41.60
N GLY C 518 -5.29 71.51 -40.74
CA GLY C 518 -6.66 71.11 -40.90
C GLY C 518 -6.80 69.70 -41.46
N THR C 519 -7.98 69.43 -41.99
CA THR C 519 -8.25 68.11 -42.56
C THR C 519 -7.49 67.96 -43.88
N PRO C 520 -6.65 66.93 -44.00
CA PRO C 520 -5.88 66.75 -45.23
C PRO C 520 -6.72 66.14 -46.35
N SER C 521 -6.14 66.14 -47.55
CA SER C 521 -6.75 65.53 -48.72
C SER C 521 -5.73 64.55 -49.32
N LEU C 522 -6.13 63.29 -49.45
CA LEU C 522 -5.24 62.23 -49.91
C LEU C 522 -5.84 61.55 -51.14
N ILE C 523 -4.99 61.31 -52.14
CA ILE C 523 -5.38 60.63 -53.37
C ILE C 523 -4.33 59.57 -53.71
N PHE C 524 -4.72 58.65 -54.58
CA PHE C 524 -3.82 57.61 -55.07
C PHE C 524 -3.72 57.70 -56.58
N THR C 525 -2.54 57.37 -57.10
CA THR C 525 -2.25 57.53 -58.53
C THR C 525 -1.35 56.40 -58.99
N ASN C 526 -1.60 55.92 -60.21
CA ASN C 526 -0.77 54.91 -60.84
C ASN C 526 -0.09 55.49 -62.07
N GLY C 527 1.18 55.17 -62.24
CA GLY C 527 1.94 55.68 -63.37
C GLY C 527 3.44 55.50 -63.13
N THR C 528 4.22 56.34 -63.82
CA THR C 528 5.66 56.32 -63.74
C THR C 528 6.18 57.68 -63.29
N ASN C 529 7.23 57.66 -62.48
CA ASN C 529 7.80 58.91 -61.97
C ASN C 529 8.62 59.62 -63.04
N GLY C 530 9.32 58.87 -63.88
CA GLY C 530 10.17 59.44 -64.90
C GLY C 530 11.55 59.79 -64.39
N ASP C 531 12.43 60.12 -65.34
CA ASP C 531 13.80 60.48 -65.00
C ASP C 531 13.91 61.83 -64.32
N ASP C 532 13.00 62.75 -64.61
CA ASP C 532 13.00 64.07 -63.97
C ASP C 532 12.17 64.08 -62.70
N SER C 533 12.45 63.13 -61.81
CA SER C 533 11.74 63.00 -60.56
C SER C 533 12.73 62.75 -59.43
N ILE C 534 12.39 63.25 -58.23
CA ILE C 534 13.28 63.08 -57.09
C ILE C 534 13.23 61.67 -56.52
N PHE C 535 12.19 60.89 -56.83
CA PHE C 535 12.08 59.56 -56.25
C PHE C 535 13.15 58.62 -56.80
N ASP C 536 13.46 58.72 -58.09
CA ASP C 536 14.44 57.83 -58.70
C ASP C 536 15.85 58.41 -58.67
N THR C 537 16.02 59.66 -59.10
CA THR C 537 17.36 60.25 -59.14
C THR C 537 17.86 60.62 -57.74
N GLY C 538 16.96 61.04 -56.86
CA GLY C 538 17.36 61.46 -55.54
C GLY C 538 17.86 60.32 -54.67
N ALA C 539 18.69 60.68 -53.70
CA ALA C 539 19.23 59.72 -52.75
C ALA C 539 19.61 60.46 -51.47
N ILE C 540 19.75 59.71 -50.38
CA ILE C 540 20.11 60.28 -49.09
C ILE C 540 21.62 60.43 -49.06
N ASN C 541 22.10 61.65 -49.26
CA ASN C 541 23.53 61.95 -49.19
C ASN C 541 23.84 63.27 -48.53
N ASN C 542 22.86 63.96 -47.96
CA ASN C 542 23.02 65.28 -47.35
C ASN C 542 23.55 66.32 -48.34
N THR C 543 23.27 66.12 -49.63
CA THR C 543 23.67 67.06 -50.66
C THR C 543 22.44 67.78 -51.20
N SER C 544 22.62 69.06 -51.56
CA SER C 544 21.52 69.86 -52.06
C SER C 544 20.90 69.26 -53.32
N ALA C 545 21.75 68.88 -54.28
CA ALA C 545 21.26 68.26 -55.51
C ALA C 545 20.68 66.89 -55.24
N GLY C 546 21.31 66.12 -54.34
CA GLY C 546 20.91 64.76 -54.07
C GLY C 546 19.54 64.62 -53.41
N GLN C 547 19.26 65.47 -52.42
CA GLN C 547 18.03 65.36 -51.65
C GLN C 547 16.97 66.38 -52.00
N VAL C 548 17.31 67.46 -52.68
CA VAL C 548 16.38 68.51 -53.04
C VAL C 548 16.34 68.62 -54.56
N GLY C 549 15.13 68.61 -55.14
CA GLY C 549 14.98 68.70 -56.57
C GLY C 549 13.56 69.03 -56.99
N ASN C 550 13.09 68.40 -58.06
CA ASN C 550 11.75 68.61 -58.58
C ASN C 550 11.04 67.27 -58.72
N PHE C 551 9.72 67.31 -58.57
CA PHE C 551 8.89 66.12 -58.65
C PHE C 551 7.99 66.22 -59.88
N THR C 552 8.09 65.24 -60.77
CA THR C 552 7.27 65.15 -61.97
C THR C 552 6.68 63.76 -62.08
N LEU C 553 5.57 63.66 -62.79
CA LEU C 553 4.88 62.39 -62.92
C LEU C 553 3.98 62.41 -64.15
N ASN C 554 3.66 61.22 -64.63
CA ASN C 554 2.65 61.03 -65.67
C ASN C 554 1.64 60.01 -65.19
N ILE C 555 0.37 60.25 -65.48
CA ILE C 555 -0.74 59.49 -64.91
C ILE C 555 -1.40 58.69 -66.02
N ASN C 556 -1.60 57.39 -65.78
CA ASN C 556 -2.31 56.49 -66.68
C ASN C 556 -3.33 55.73 -65.85
N VAL C 557 -4.52 56.32 -65.69
CA VAL C 557 -5.57 55.74 -64.88
C VAL C 557 -6.79 55.37 -65.74
N THR C 558 -6.58 55.11 -67.03
CA THR C 558 -7.69 54.76 -67.91
C THR C 558 -8.33 53.44 -67.49
N ARG C 559 -7.52 52.44 -67.13
CA ARG C 559 -8.04 51.14 -66.73
C ARG C 559 -8.73 51.16 -65.38
N PHE C 560 -8.56 52.23 -64.59
CA PHE C 560 -9.17 52.30 -63.28
C PHE C 560 -10.68 52.56 -63.41
N SER C 561 -11.38 52.38 -62.28
CA SER C 561 -12.81 52.64 -62.25
C SER C 561 -13.08 54.12 -62.44
N SER C 562 -14.02 54.44 -63.33
CA SER C 562 -14.42 55.80 -63.65
C SER C 562 -13.30 56.61 -64.30
N ALA C 563 -12.15 55.96 -64.53
CA ALA C 563 -11.00 56.58 -65.19
C ALA C 563 -10.61 57.89 -64.51
N THR C 564 -10.57 57.85 -63.18
CA THR C 564 -10.25 59.03 -62.38
C THR C 564 -9.28 58.66 -61.27
N ASN C 565 -8.63 59.68 -60.71
CA ASN C 565 -7.73 59.45 -59.59
C ASN C 565 -8.50 58.93 -58.39
N ILE C 566 -7.87 58.07 -57.61
CA ILE C 566 -8.52 57.39 -56.49
C ILE C 566 -8.63 58.39 -55.35
N THR C 567 -9.79 59.02 -55.21
CA THR C 567 -10.06 59.90 -54.09
C THR C 567 -10.42 59.07 -52.85
N SER C 568 -10.42 59.74 -51.70
CA SER C 568 -10.68 59.05 -50.45
C SER C 568 -11.30 60.01 -49.44
N THR C 569 -11.95 59.43 -48.44
CA THR C 569 -12.53 60.19 -47.34
C THR C 569 -11.54 60.23 -46.18
N GLU C 570 -11.28 61.43 -45.66
CA GLU C 570 -10.23 61.66 -44.69
C GLU C 570 -10.84 62.00 -43.33
N SER C 571 -10.32 61.37 -42.29
CA SER C 571 -10.73 61.64 -40.91
C SER C 571 -9.50 61.69 -40.02
N ILE C 572 -9.58 62.48 -38.97
CA ILE C 572 -8.45 62.70 -38.06
C ILE C 572 -8.91 62.45 -36.63
N ASP C 573 -8.13 61.68 -35.89
CA ASP C 573 -8.39 61.48 -34.47
C ASP C 573 -7.90 62.70 -33.68
N THR C 574 -8.61 62.99 -32.58
CA THR C 574 -8.32 64.19 -31.80
C THR C 574 -7.05 64.08 -30.97
N PHE C 575 -6.65 62.88 -30.57
CA PHE C 575 -5.48 62.72 -29.70
C PHE C 575 -4.34 62.01 -30.39
N SER C 576 -4.56 60.80 -30.93
CA SER C 576 -3.49 60.12 -31.66
C SER C 576 -3.18 60.80 -32.98
N LYS C 577 -4.06 61.69 -33.45
CA LYS C 577 -3.87 62.45 -34.68
C LYS C 577 -3.72 61.55 -35.90
N ARG C 578 -4.22 60.32 -35.80
CA ARG C 578 -4.12 59.38 -36.91
C ARG C 578 -5.08 59.77 -38.03
N LEU C 579 -4.60 59.68 -39.27
CA LEU C 579 -5.41 59.93 -40.45
C LEU C 579 -5.95 58.59 -40.95
N ILE C 580 -7.27 58.48 -41.00
CA ILE C 580 -7.93 57.27 -41.50
C ILE C 580 -8.52 57.58 -42.87
N SER C 581 -8.12 56.81 -43.87
CA SER C 581 -8.53 57.02 -45.24
C SER C 581 -9.57 55.98 -45.63
N ALA C 582 -10.74 56.44 -46.06
CA ALA C 582 -11.83 55.57 -46.49
C ALA C 582 -11.95 55.63 -48.01
N GLN C 583 -11.97 54.47 -48.64
CA GLN C 583 -12.02 54.39 -50.10
C GLN C 583 -12.56 53.03 -50.49
N THR C 584 -12.70 52.83 -51.80
CA THR C 584 -13.21 51.56 -52.32
C THR C 584 -12.22 50.43 -52.01
N ALA C 585 -12.76 49.32 -51.52
CA ALA C 585 -11.94 48.17 -51.14
C ALA C 585 -11.78 47.21 -52.33
N ASN C 586 -11.11 47.71 -53.36
CA ASN C 586 -10.85 46.91 -54.56
C ASN C 586 -9.55 46.13 -54.38
N SER C 587 -9.64 44.81 -54.54
CA SER C 587 -8.48 43.93 -54.38
C SER C 587 -8.30 43.01 -55.58
N SER C 588 -8.64 43.47 -56.78
CA SER C 588 -8.48 42.65 -57.97
C SER C 588 -7.00 42.46 -58.30
N ALA C 589 -6.70 41.38 -59.02
CA ALA C 589 -5.32 41.13 -59.44
C ALA C 589 -4.82 42.19 -60.40
N ASN C 590 -5.69 42.70 -61.28
CA ASN C 590 -5.31 43.74 -62.22
C ASN C 590 -5.06 45.09 -61.55
N PHE C 591 -5.48 45.25 -60.30
CA PHE C 591 -5.26 46.51 -59.59
C PHE C 591 -3.77 46.73 -59.38
N ASP C 592 -3.30 47.92 -59.77
CA ASP C 592 -1.91 48.31 -59.56
C ASP C 592 -1.85 49.81 -59.33
N VAL C 593 -1.37 50.21 -58.15
CA VAL C 593 -1.22 51.62 -57.81
C VAL C 593 0.18 51.83 -57.26
N ASP C 594 0.77 52.98 -57.59
CA ASP C 594 2.15 53.25 -57.22
C ASP C 594 2.34 54.54 -56.44
N PHE C 595 1.62 55.60 -56.79
CA PHE C 595 1.82 56.92 -56.19
C PHE C 595 0.74 57.21 -55.15
N ALA C 596 1.00 58.25 -54.36
CA ALA C 596 0.04 58.76 -53.38
C ALA C 596 0.45 60.17 -53.01
N ILE C 597 -0.44 61.13 -53.27
CA ILE C 597 -0.18 62.54 -52.99
C ILE C 597 -1.20 63.01 -51.97
N ILE C 598 -0.72 63.65 -50.91
CA ILE C 598 -1.56 64.15 -49.84
C ILE C 598 -1.17 65.59 -49.52
N ASP C 599 -2.18 66.46 -49.41
CA ASP C 599 -1.99 67.86 -49.04
C ASP C 599 -2.51 68.08 -47.62
N LEU C 600 -1.78 68.88 -46.85
CA LEU C 600 -2.12 69.09 -45.44
C LEU C 600 -3.11 70.25 -45.27
N GLY C 601 -4.20 70.22 -46.02
CA GLY C 601 -5.19 71.28 -45.92
C GLY C 601 -4.61 72.63 -46.29
N SER C 602 -4.69 73.57 -45.35
CA SER C 602 -4.19 74.93 -45.55
C SER C 602 -2.80 75.14 -44.95
N ALA C 603 -2.10 74.07 -44.59
CA ALA C 603 -0.78 74.20 -43.99
C ALA C 603 0.22 74.78 -44.99
N THR C 604 1.09 75.66 -44.48
CA THR C 604 2.11 76.29 -45.31
C THR C 604 3.48 76.18 -44.64
N LEU C 605 4.49 76.87 -45.20
CA LEU C 605 5.79 76.90 -44.56
C LEU C 605 5.73 77.62 -43.21
N GLU C 606 4.78 78.54 -43.04
CA GLU C 606 4.60 79.17 -41.73
C GLU C 606 4.14 78.17 -40.69
N THR C 607 3.23 77.26 -41.07
CA THR C 607 2.77 76.22 -40.18
C THR C 607 3.82 75.15 -39.93
N LEU C 608 4.87 75.10 -40.75
CA LEU C 608 5.94 74.12 -40.57
C LEU C 608 7.11 74.69 -39.79
N LYS C 609 7.40 75.98 -39.92
CA LYS C 609 8.55 76.57 -39.26
C LYS C 609 8.34 76.74 -37.76
N GLU C 610 7.09 76.66 -37.28
CA GLU C 610 6.86 76.71 -35.85
C GLU C 610 7.41 75.46 -35.15
N THR C 611 7.45 74.34 -35.86
CA THR C 611 8.04 73.11 -35.35
C THR C 611 9.41 72.84 -35.97
N VAL C 612 9.50 72.85 -37.30
CA VAL C 612 10.78 72.65 -37.98
C VAL C 612 11.63 73.90 -37.77
N VAL C 613 12.83 73.71 -37.22
CA VAL C 613 13.73 74.83 -36.94
C VAL C 613 14.97 74.69 -37.83
N ASP C 614 15.65 75.81 -38.02
CA ASP C 614 16.86 75.84 -38.84
C ASP C 614 18.02 75.31 -38.01
N GLU C 615 18.52 74.13 -38.38
CA GLU C 615 19.61 73.51 -37.62
C GLU C 615 20.91 74.28 -37.74
N ASP C 616 21.07 75.08 -38.80
CA ASP C 616 22.31 75.82 -39.00
C ASP C 616 22.42 77.04 -38.08
N ASN C 617 21.30 77.69 -37.79
CA ASN C 617 21.31 78.90 -36.99
C ASN C 617 21.10 78.67 -35.50
N THR C 618 20.28 77.69 -35.13
CA THR C 618 20.06 77.39 -33.72
C THR C 618 21.32 76.77 -33.10
N ALA C 619 21.57 77.10 -31.84
CA ALA C 619 22.72 76.56 -31.14
C ALA C 619 22.62 75.04 -31.02
N VAL C 620 21.48 74.54 -30.56
CA VAL C 620 21.21 73.11 -30.49
C VAL C 620 19.81 72.86 -31.06
N GLY C 621 19.73 71.99 -32.06
CA GLY C 621 18.45 71.69 -32.68
C GLY C 621 18.52 70.52 -33.64
N PHE C 622 17.56 69.60 -33.52
CA PHE C 622 17.48 68.44 -34.41
C PHE C 622 16.04 68.26 -34.86
N ASN C 623 15.88 67.74 -36.08
CA ASN C 623 14.57 67.49 -36.67
C ASN C 623 14.45 66.01 -36.98
N PHE C 624 13.30 65.43 -36.65
CA PHE C 624 13.06 64.01 -36.83
C PHE C 624 11.73 63.80 -37.54
N PHE C 625 11.67 62.75 -38.37
CA PHE C 625 10.48 62.41 -39.12
C PHE C 625 10.09 60.98 -38.79
N ASN C 626 8.90 60.80 -38.22
CA ASN C 626 8.36 59.50 -37.85
C ASN C 626 7.15 59.21 -38.72
N TYR C 627 7.15 58.04 -39.37
CA TYR C 627 6.07 57.67 -40.27
C TYR C 627 5.66 56.22 -40.03
N ASP C 628 4.38 55.93 -40.26
CA ASP C 628 3.83 54.59 -40.10
C ASP C 628 2.87 54.34 -41.26
N VAL C 629 3.30 53.49 -42.20
CA VAL C 629 2.49 53.15 -43.36
C VAL C 629 2.36 51.63 -43.47
N ARG C 630 2.39 50.95 -42.33
CA ARG C 630 2.35 49.49 -42.33
C ARG C 630 1.06 48.95 -42.93
N SER C 631 -0.05 49.69 -42.80
CA SER C 631 -1.33 49.22 -43.32
C SER C 631 -1.33 49.08 -44.84
N LEU C 632 -0.48 49.84 -45.53
CA LEU C 632 -0.40 49.73 -46.98
C LEU C 632 0.20 48.40 -47.42
N GLY C 633 1.11 47.85 -46.62
CA GLY C 633 1.76 46.61 -46.98
C GLY C 633 2.66 46.72 -48.18
N ALA C 634 3.35 47.84 -48.34
CA ALA C 634 4.22 48.04 -49.49
C ALA C 634 5.60 47.42 -49.23
N ASP C 635 6.20 46.90 -50.30
CA ASP C 635 7.54 46.32 -50.17
C ASP C 635 8.58 47.38 -49.84
N THR C 636 8.57 48.49 -50.58
CA THR C 636 9.46 49.61 -50.32
C THR C 636 8.63 50.88 -50.24
N VAL C 637 9.07 51.81 -49.39
CA VAL C 637 8.35 53.05 -49.13
C VAL C 637 9.29 54.22 -49.36
N SER C 638 8.82 55.22 -50.11
CA SER C 638 9.57 56.45 -50.34
C SER C 638 8.66 57.64 -50.04
N ILE C 639 9.19 58.60 -49.29
CA ILE C 639 8.45 59.78 -48.88
C ILE C 639 9.25 61.03 -49.23
N ALA C 640 8.60 62.01 -49.85
CA ALA C 640 9.23 63.26 -50.22
C ALA C 640 8.34 64.43 -49.79
N LEU C 641 8.98 65.55 -49.48
CA LEU C 641 8.26 66.76 -49.09
C LEU C 641 8.16 67.71 -50.27
N LEU C 642 6.95 68.23 -50.49
CA LEU C 642 6.66 69.11 -51.62
C LEU C 642 6.34 70.50 -51.12
N ASN C 643 6.88 71.51 -51.79
CA ASN C 643 6.57 72.90 -51.48
C ASN C 643 6.25 73.65 -52.77
N THR C 644 5.12 74.35 -52.79
CA THR C 644 4.71 75.07 -53.99
C THR C 644 3.80 76.22 -53.58
N THR C 645 3.79 77.27 -54.41
CA THR C 645 2.94 78.43 -54.16
C THR C 645 1.51 78.24 -54.61
N GLY C 646 1.23 77.20 -55.39
CA GLY C 646 -0.10 76.91 -55.87
C GLY C 646 -0.74 75.72 -55.18
N ASN C 647 -1.80 75.22 -55.80
CA ASN C 647 -2.50 74.06 -55.26
C ASN C 647 -1.73 72.78 -55.54
N ILE C 648 -1.87 71.82 -54.62
CA ILE C 648 -1.20 70.53 -54.75
C ILE C 648 -2.01 69.56 -55.61
N LEU C 649 -3.32 69.54 -55.43
CA LEU C 649 -4.20 68.68 -56.22
C LEU C 649 -4.98 69.51 -57.22
N PRO C 650 -4.86 69.26 -58.53
CA PRO C 650 -3.99 68.27 -59.19
C PRO C 650 -2.55 68.73 -59.24
N TRP C 651 -1.61 67.81 -59.39
CA TRP C 651 -0.20 68.17 -59.43
C TRP C 651 0.20 68.61 -60.83
N VAL C 652 1.36 69.28 -60.91
CA VAL C 652 1.89 69.78 -62.17
C VAL C 652 3.27 69.16 -62.40
N ASN C 653 3.91 69.54 -63.50
CA ASN C 653 5.22 69.00 -63.86
C ASN C 653 6.14 70.14 -64.25
N ASN C 654 7.45 69.86 -64.18
CA ASN C 654 8.46 70.85 -64.55
C ASN C 654 8.33 71.22 -66.02
N ASP C 655 8.09 70.23 -66.89
CA ASP C 655 7.95 70.49 -68.32
C ASP C 655 6.68 71.27 -68.66
N THR C 656 5.74 71.38 -67.72
CA THR C 656 4.49 72.10 -67.95
C THR C 656 4.56 73.55 -67.48
N ARG C 657 5.03 73.78 -66.26
CA ARG C 657 5.12 75.12 -65.71
C ARG C 657 6.44 75.28 -64.97
N ASN C 658 6.88 76.53 -64.84
CA ASN C 658 8.12 76.87 -64.15
C ASN C 658 7.87 77.94 -63.10
N VAL C 659 6.73 77.85 -62.41
CA VAL C 659 6.41 78.84 -61.38
C VAL C 659 7.35 78.69 -60.19
N ASP C 660 7.63 77.46 -59.78
CA ASP C 660 8.48 77.18 -58.63
C ASP C 660 9.84 76.69 -59.09
N LYS C 661 10.91 77.29 -58.56
CA LYS C 661 12.25 76.87 -58.91
C LYS C 661 12.53 75.45 -58.44
N ASN C 662 12.05 75.10 -57.25
CA ASN C 662 12.22 73.77 -56.70
C ASN C 662 11.02 73.43 -55.84
N ASN C 663 10.52 72.20 -55.98
CA ASN C 663 9.29 71.82 -55.28
C ASN C 663 9.37 70.42 -54.68
N ALA C 664 10.56 69.83 -54.55
CA ALA C 664 10.69 68.49 -54.01
C ALA C 664 11.84 68.44 -53.02
N ILE C 665 11.57 67.88 -51.84
CA ILE C 665 12.57 67.67 -50.80
C ILE C 665 12.44 66.21 -50.36
N LEU C 666 13.37 65.37 -50.79
CA LEU C 666 13.31 63.96 -50.48
C LEU C 666 13.64 63.74 -49.01
N LEU C 667 12.86 62.88 -48.35
CA LEU C 667 13.08 62.52 -46.95
C LEU C 667 13.40 61.05 -46.77
N VAL C 668 12.62 60.16 -47.39
CA VAL C 668 12.83 58.72 -47.30
C VAL C 668 12.85 58.15 -48.70
N SER C 669 13.84 57.30 -48.99
CA SER C 669 14.04 56.75 -50.32
C SER C 669 14.11 55.23 -50.23
N ASN C 670 13.04 54.56 -50.69
CA ASN C 670 13.01 53.10 -50.84
C ASN C 670 13.35 52.38 -49.54
N SER C 671 12.76 52.84 -48.44
CA SER C 671 12.94 52.16 -47.16
C SER C 671 12.20 50.83 -47.15
N THR C 672 12.87 49.79 -46.64
CA THR C 672 12.26 48.47 -46.56
C THR C 672 11.35 48.31 -45.35
N ASN C 673 11.36 49.26 -44.41
CA ASN C 673 10.55 49.20 -43.21
C ASN C 673 9.50 50.31 -43.26
N SER C 674 8.22 49.92 -43.10
CA SER C 674 7.16 50.91 -43.04
C SER C 674 7.18 51.68 -41.73
N GLN C 675 7.68 51.07 -40.67
CA GLN C 675 7.88 51.75 -39.40
C GLN C 675 9.32 52.22 -39.30
N ALA C 676 9.51 53.53 -39.14
CA ALA C 676 10.85 54.09 -39.06
C ALA C 676 10.78 55.44 -38.34
N TYR C 677 11.80 55.70 -37.52
CA TYR C 677 11.94 56.97 -36.81
C TYR C 677 13.36 57.46 -37.10
N VAL C 678 13.51 58.17 -38.21
CA VAL C 678 14.82 58.51 -38.76
C VAL C 678 15.12 59.98 -38.47
N ASP C 679 16.41 60.27 -38.30
CA ASP C 679 16.88 61.63 -38.10
C ASP C 679 17.01 62.33 -39.44
N LEU C 680 16.31 63.45 -39.60
CA LEU C 680 16.39 64.21 -40.84
C LEU C 680 17.78 64.83 -41.00
N THR C 681 18.29 64.81 -42.22
CA THR C 681 19.60 65.39 -42.50
C THR C 681 19.51 66.91 -42.49
N ASN C 682 20.67 67.55 -42.40
CA ASN C 682 20.73 69.01 -42.43
C ASN C 682 20.26 69.58 -43.76
N ALA C 683 20.27 68.77 -44.83
CA ALA C 683 19.81 69.25 -46.12
C ALA C 683 18.34 69.61 -46.09
N VAL C 684 17.52 68.82 -45.38
CA VAL C 684 16.09 69.12 -45.28
C VAL C 684 15.87 70.44 -44.56
N SER C 685 16.59 70.65 -43.45
CA SER C 685 16.45 71.90 -42.70
C SER C 685 16.90 73.09 -43.54
N ASP C 686 17.99 72.93 -44.29
CA ASP C 686 18.44 74.01 -45.16
C ASP C 686 17.41 74.31 -46.25
N ALA C 687 16.83 73.27 -46.84
CA ALA C 687 15.84 73.47 -47.90
C ALA C 687 14.55 74.08 -47.37
N VAL C 688 14.23 73.85 -46.10
CA VAL C 688 13.06 74.48 -45.51
C VAL C 688 13.21 76.00 -45.51
N TYR C 689 14.40 76.49 -45.18
CA TYR C 689 14.71 77.91 -45.19
C TYR C 689 15.48 78.33 -46.45
N GLY C 690 15.55 77.45 -47.44
CA GLY C 690 16.33 77.70 -48.64
C GLY C 690 15.64 78.46 -49.74
N SER C 691 14.43 78.97 -49.50
CA SER C 691 13.67 79.72 -50.50
C SER C 691 13.50 81.15 -50.03
N THR C 692 13.78 82.10 -50.92
CA THR C 692 13.67 83.51 -50.59
C THR C 692 12.25 84.04 -50.69
N ASN C 693 11.32 83.25 -51.24
CA ASN C 693 9.94 83.69 -51.36
C ASN C 693 9.26 83.71 -49.99
N THR C 694 8.11 84.38 -49.93
CA THR C 694 7.35 84.47 -48.70
C THR C 694 6.90 83.08 -48.25
N ASP C 695 7.14 82.76 -46.97
CA ASP C 695 6.79 81.45 -46.45
C ASP C 695 5.27 81.25 -46.40
N SER C 696 4.51 82.32 -46.18
CA SER C 696 3.05 82.21 -46.14
C SER C 696 2.43 82.07 -47.51
N ASN C 697 3.17 82.40 -48.57
CA ASN C 697 2.66 82.34 -49.93
C ASN C 697 2.92 81.01 -50.62
N VAL C 698 3.56 80.07 -49.92
CA VAL C 698 3.91 78.77 -50.48
C VAL C 698 3.32 77.67 -49.61
N ASN C 699 2.60 76.75 -50.23
CA ASN C 699 2.00 75.62 -49.52
C ASN C 699 2.98 74.45 -49.44
N ILE C 700 2.59 73.44 -48.67
CA ILE C 700 3.42 72.26 -48.46
C ILE C 700 2.62 71.02 -48.82
N GLY C 701 3.28 70.06 -49.47
CA GLY C 701 2.65 68.81 -49.83
C GLY C 701 3.55 67.64 -49.50
N PHE C 702 2.92 66.50 -49.25
CA PHE C 702 3.61 65.27 -48.90
C PHE C 702 3.37 64.22 -49.97
N ALA C 703 4.44 63.56 -50.42
CA ALA C 703 4.39 62.63 -51.54
C ALA C 703 4.77 61.24 -51.08
N MET C 704 4.23 60.23 -51.76
CA MET C 704 4.51 58.84 -51.47
C MET C 704 4.80 58.09 -52.77
N TYR C 705 5.83 57.25 -52.74
CA TYR C 705 6.09 56.31 -53.82
C TYR C 705 6.39 54.94 -53.21
N PHE C 706 5.70 53.92 -53.71
CA PHE C 706 5.84 52.59 -53.13
C PHE C 706 5.51 51.54 -54.18
N THR C 707 5.91 50.29 -53.89
CA THR C 707 5.64 49.15 -54.75
C THR C 707 5.02 48.03 -53.93
N GLY C 708 4.40 47.09 -54.63
CA GLY C 708 3.77 45.97 -53.97
C GLY C 708 2.57 46.31 -53.11
N VAL C 709 1.73 47.24 -53.58
CA VAL C 709 0.56 47.68 -52.83
C VAL C 709 -0.67 47.49 -53.70
N GLY C 710 -0.63 46.48 -54.56
CA GLY C 710 -1.69 46.28 -55.55
C GLY C 710 -3.05 45.91 -55.00
N ASP C 711 -3.22 46.03 -53.68
CA ASP C 711 -4.52 45.81 -53.05
C ASP C 711 -4.71 46.83 -51.94
N LEU C 712 -5.88 47.47 -51.93
CA LEU C 712 -6.22 48.47 -50.94
C LEU C 712 -7.45 48.02 -50.17
N ALA C 713 -7.41 48.15 -48.85
CA ALA C 713 -8.53 47.77 -48.01
C ALA C 713 -9.56 48.90 -47.97
N ALA C 714 -10.67 48.65 -47.25
CA ALA C 714 -11.70 49.67 -47.11
C ALA C 714 -11.18 50.90 -46.37
N LYS C 715 -10.42 50.68 -45.30
CA LYS C 715 -9.86 51.77 -44.51
C LYS C 715 -8.34 51.65 -44.48
N GLU C 716 -7.66 52.78 -44.65
CA GLU C 716 -6.21 52.84 -44.58
C GLU C 716 -5.81 53.98 -43.66
N VAL C 717 -4.69 53.78 -42.96
CA VAL C 717 -4.22 54.72 -41.94
C VAL C 717 -2.85 55.25 -42.35
N ILE C 718 -2.69 56.56 -42.25
CA ILE C 718 -1.43 57.23 -42.54
C ILE C 718 -1.07 58.09 -41.35
N VAL C 719 0.08 57.81 -40.72
CA VAL C 719 0.57 58.58 -39.58
C VAL C 719 2.01 58.95 -39.85
N MET C 720 2.28 60.24 -40.03
CA MET C 720 3.65 60.73 -40.22
C MET C 720 3.72 62.19 -39.77
N ASP C 721 4.43 62.42 -38.67
CA ASP C 721 4.55 63.73 -38.04
C ASP C 721 6.00 64.21 -38.09
N PHE C 722 6.23 65.40 -37.55
CA PHE C 722 7.55 65.99 -37.44
C PHE C 722 7.91 66.23 -35.98
N PHE C 723 9.16 65.92 -35.62
CA PHE C 723 9.67 66.12 -34.27
C PHE C 723 10.78 67.15 -34.28
N SER C 724 10.95 67.84 -33.15
CA SER C 724 11.99 68.84 -33.01
C SER C 724 12.35 69.00 -31.54
N PHE C 725 13.64 69.11 -31.27
CA PHE C 725 14.14 69.31 -29.91
C PHE C 725 15.37 70.21 -29.96
N GLY C 726 15.68 70.82 -28.83
CA GLY C 726 16.86 71.65 -28.69
C GLY C 726 16.54 72.92 -27.94
N PHE C 727 17.48 73.87 -28.02
CA PHE C 727 17.33 75.15 -27.35
C PHE C 727 18.18 76.19 -28.09
N THR C 728 17.92 77.45 -27.79
CA THR C 728 18.59 78.57 -28.45
C THR C 728 19.33 79.42 -27.42
N ASP C 729 20.36 80.12 -27.92
CA ASP C 729 21.25 80.97 -27.12
C ASP C 729 21.58 80.35 -25.76
N ASP C 730 21.48 81.12 -24.67
CA ASP C 730 21.88 80.60 -23.37
C ASP C 730 21.01 79.44 -22.91
N GLY C 731 19.74 79.40 -23.31
CA GLY C 731 18.89 78.26 -23.02
C GLY C 731 18.60 78.03 -21.56
N VAL C 732 18.47 79.09 -20.76
CA VAL C 732 18.14 78.94 -19.35
C VAL C 732 16.67 79.21 -19.09
N GLN C 733 16.09 80.18 -19.80
CA GLN C 733 14.68 80.50 -19.63
C GLN C 733 13.80 79.45 -20.29
N SER C 734 12.53 79.41 -19.87
CA SER C 734 11.60 78.43 -20.40
C SER C 734 11.15 78.76 -21.82
N SER C 735 11.25 80.03 -22.23
CA SER C 735 10.81 80.42 -23.57
C SER C 735 11.68 79.82 -24.67
N GLU C 736 12.95 79.56 -24.38
CA GLU C 736 13.88 79.03 -25.38
C GLU C 736 14.03 77.51 -25.29
N ARG C 737 13.30 76.84 -24.40
CA ARG C 737 13.34 75.40 -24.28
C ARG C 737 12.09 74.82 -24.94
N PHE C 738 12.28 73.92 -25.90
CA PHE C 738 11.17 73.35 -26.64
C PHE C 738 11.43 71.87 -26.88
N ALA C 739 10.35 71.08 -26.87
CA ALA C 739 10.42 69.65 -27.17
C ALA C 739 9.09 69.27 -27.81
N ASN C 740 9.06 69.26 -29.14
CA ASN C 740 7.85 69.00 -29.91
C ASN C 740 7.85 67.53 -30.31
N GLN C 741 6.97 66.74 -29.70
CA GLN C 741 6.85 65.33 -30.01
C GLN C 741 5.45 64.84 -29.65
N ILE C 742 5.06 63.73 -30.27
CA ILE C 742 3.80 63.06 -29.97
C ILE C 742 4.11 61.59 -29.71
N ILE C 743 3.55 61.05 -28.63
CA ILE C 743 3.83 59.70 -28.18
C ILE C 743 2.53 58.92 -28.10
N ARG C 744 2.50 57.74 -28.73
CA ARG C 744 1.34 56.87 -28.74
C ARG C 744 1.72 55.53 -28.11
N ILE C 745 0.85 55.05 -27.22
CA ILE C 745 1.10 53.85 -26.44
C ILE C 745 0.36 52.69 -27.09
N GLU C 746 1.09 51.59 -27.30
CA GLU C 746 0.50 50.38 -27.89
C GLU C 746 0.11 49.41 -26.76
N ALA C 747 -0.99 49.74 -26.09
CA ALA C 747 -1.46 48.93 -24.99
C ALA C 747 -1.85 47.54 -25.46
N GLU C 748 -1.48 46.53 -24.67
CA GLU C 748 -1.76 45.14 -24.98
C GLU C 748 -2.73 44.56 -23.95
N GLU C 749 -3.70 43.79 -24.42
CA GLU C 749 -4.70 43.20 -23.55
C GLU C 749 -4.06 42.24 -22.55
N THR C 750 -4.52 42.29 -21.30
CA THR C 750 -3.92 41.47 -20.26
C THR C 750 -4.28 40.00 -20.45
N GLY C 751 -5.55 39.70 -20.70
CA GLY C 751 -6.00 38.33 -20.85
C GLY C 751 -6.90 38.17 -22.05
N ASP C 752 -7.36 36.93 -22.25
CA ASP C 752 -8.22 36.64 -23.39
C ASP C 752 -9.54 37.39 -23.30
N ASN C 753 -10.13 37.46 -22.11
CA ASN C 753 -11.41 38.12 -21.90
C ASN C 753 -11.31 39.12 -20.77
N THR C 754 -10.27 39.94 -20.76
CA THR C 754 -10.07 40.98 -19.77
C THR C 754 -10.11 42.34 -20.46
N SER C 755 -10.96 43.24 -19.97
CA SER C 755 -11.06 44.57 -20.53
C SER C 755 -9.87 45.45 -20.16
N THR C 756 -9.01 44.99 -19.26
CA THR C 756 -7.88 45.79 -18.80
C THR C 756 -6.73 45.69 -19.81
N PHE C 757 -6.41 46.81 -20.45
CA PHE C 757 -5.26 46.90 -21.33
C PHE C 757 -4.10 47.52 -20.57
N GLU C 758 -2.94 46.88 -20.65
CA GLU C 758 -1.77 47.29 -19.88
C GLU C 758 -0.71 47.86 -20.80
N GLY C 759 -0.16 49.01 -20.41
CA GLY C 759 0.95 49.62 -21.11
C GLY C 759 1.95 50.20 -20.13
N SER C 760 2.93 50.95 -20.63
CA SER C 760 3.90 51.58 -19.75
C SER C 760 4.46 52.81 -20.43
N LEU C 761 4.96 53.73 -19.62
CA LEU C 761 5.54 54.98 -20.11
C LEU C 761 6.97 55.12 -19.60
N GLU C 762 7.87 55.50 -20.50
CA GLU C 762 9.25 55.80 -20.18
C GLU C 762 9.54 57.25 -20.52
N TYR C 763 10.37 57.89 -19.73
CA TYR C 763 10.78 59.25 -20.02
C TYR C 763 12.20 59.47 -19.54
N VAL C 764 13.01 60.13 -20.36
CA VAL C 764 14.39 60.47 -20.04
C VAL C 764 14.47 61.97 -19.87
N MET C 765 15.14 62.41 -18.82
CA MET C 765 15.33 63.83 -18.57
C MET C 765 16.66 64.26 -19.17
N VAL C 766 16.60 65.13 -20.17
CA VAL C 766 17.78 65.50 -20.94
C VAL C 766 18.79 66.19 -20.02
N ASN C 767 20.07 65.88 -20.22
CA ASN C 767 21.15 66.46 -19.45
C ASN C 767 22.07 67.24 -20.37
N GLN C 768 23.06 67.90 -19.76
CA GLN C 768 24.00 68.72 -20.52
C GLN C 768 24.90 67.90 -21.44
N ILE C 769 24.96 66.58 -21.23
CA ILE C 769 25.84 65.75 -22.05
C ILE C 769 25.13 65.29 -23.31
N ASN C 770 23.90 64.81 -23.19
CA ASN C 770 23.17 64.27 -24.33
C ASN C 770 22.33 65.30 -25.07
N ILE C 771 22.28 66.55 -24.58
CA ILE C 771 21.51 67.57 -25.26
C ILE C 771 22.10 67.89 -26.63
N GLN C 772 23.40 67.63 -26.82
CA GLN C 772 24.08 67.91 -28.07
C GLN C 772 24.30 66.65 -28.91
N ASP C 773 23.70 65.53 -28.53
CA ASP C 773 23.83 64.28 -29.26
C ASP C 773 22.46 63.91 -29.81
N ALA C 774 22.38 63.70 -31.12
CA ALA C 774 21.11 63.38 -31.76
C ALA C 774 20.68 61.93 -31.52
N GLY C 775 21.62 61.08 -31.11
CA GLY C 775 21.26 59.68 -30.90
C GLY C 775 20.26 59.47 -29.78
N THR C 776 20.40 60.23 -28.69
CA THR C 776 19.49 60.10 -27.57
C THR C 776 18.07 60.53 -27.94
N PHE C 777 17.93 61.48 -28.87
CA PHE C 777 16.61 61.84 -29.35
C PHE C 777 16.09 60.82 -30.37
N SER C 778 16.99 60.28 -31.20
CA SER C 778 16.61 59.25 -32.16
C SER C 778 16.48 57.87 -31.54
N GLY C 779 17.00 57.67 -30.33
CA GLY C 779 16.94 56.37 -29.68
C GLY C 779 15.63 56.08 -28.98
N ILE C 780 14.70 57.03 -28.94
CA ILE C 780 13.41 56.81 -28.30
C ILE C 780 12.47 56.10 -29.25
N THR C 781 11.46 55.45 -28.67
CA THR C 781 10.45 54.74 -29.45
C THR C 781 9.15 55.52 -29.43
N PRO C 782 8.75 56.14 -30.54
CA PRO C 782 7.50 56.92 -30.54
C PRO C 782 6.25 56.05 -30.54
N ILE C 783 6.31 54.92 -31.26
CA ILE C 783 5.18 54.02 -31.39
C ILE C 783 5.63 52.64 -30.94
N ALA C 784 5.22 52.25 -29.74
CA ALA C 784 5.55 50.94 -29.18
C ALA C 784 4.65 50.70 -27.97
N ASP C 785 4.76 49.51 -27.39
CA ASP C 785 4.00 49.22 -26.18
C ASP C 785 4.59 49.93 -24.96
N ASP C 786 5.89 50.23 -25.00
CA ASP C 786 6.57 50.95 -23.93
C ASP C 786 7.34 52.11 -24.53
N PRO C 787 6.64 53.17 -24.95
CA PRO C 787 7.30 54.30 -25.61
C PRO C 787 8.08 55.15 -24.62
N SER C 788 8.93 56.01 -25.17
CA SER C 788 9.73 56.93 -24.39
C SER C 788 9.69 58.32 -25.03
N PHE C 789 9.85 59.34 -24.20
CA PHE C 789 9.80 60.72 -24.68
C PHE C 789 10.79 61.57 -23.89
N ILE C 790 11.10 62.74 -24.45
CA ILE C 790 12.10 63.64 -23.90
C ILE C 790 11.42 64.68 -23.01
N VAL C 791 12.07 65.03 -21.92
CA VAL C 791 11.61 66.09 -21.03
C VAL C 791 12.73 67.11 -20.88
N ILE C 792 12.41 68.38 -21.11
CA ILE C 792 13.41 69.45 -21.15
C ILE C 792 13.42 70.28 -19.87
N GLU C 793 12.41 70.18 -19.02
CA GLU C 793 12.24 71.07 -17.90
C GLU C 793 11.40 70.33 -16.85
N ASP C 794 11.55 70.71 -15.58
CA ASP C 794 10.84 69.98 -14.54
C ASP C 794 9.35 70.27 -14.61
N LEU C 795 8.68 69.65 -15.58
CA LEU C 795 7.26 69.91 -15.82
C LEU C 795 6.42 69.43 -14.65
N THR C 796 5.89 70.36 -13.87
CA THR C 796 4.99 70.03 -12.77
C THR C 796 3.71 70.83 -12.89
N ASP C 797 2.78 70.65 -11.96
CA ASP C 797 1.52 71.38 -11.93
C ASP C 797 0.77 71.26 -13.25
N GLU C 798 0.49 72.39 -13.89
CA GLU C 798 -0.32 72.41 -15.10
C GLU C 798 0.42 71.89 -16.32
N ASP C 799 1.75 71.78 -16.28
CA ASP C 799 2.53 71.34 -17.42
C ASP C 799 3.03 69.91 -17.27
N ALA C 800 2.54 69.18 -16.28
CA ALA C 800 3.01 67.83 -16.05
C ALA C 800 2.65 66.94 -17.24
N PRO C 801 3.50 65.95 -17.55
CA PRO C 801 3.22 65.04 -18.67
C PRO C 801 1.87 64.35 -18.49
N ARG C 802 0.95 64.63 -19.41
CA ARG C 802 -0.41 64.12 -19.37
C ARG C 802 -0.67 63.27 -20.60
N VAL C 803 -1.17 62.06 -20.38
CA VAL C 803 -1.55 61.16 -21.47
C VAL C 803 -3.03 61.33 -21.74
N ASN C 804 -3.39 61.35 -23.03
CA ASN C 804 -4.77 61.58 -23.45
C ASN C 804 -5.29 60.35 -24.18
N TYR C 805 -6.56 60.04 -23.95
CA TYR C 805 -7.19 58.88 -24.57
C TYR C 805 -8.68 59.14 -24.69
N ASN C 806 -9.19 59.22 -25.92
CA ASN C 806 -10.62 59.33 -26.14
C ASN C 806 -11.29 58.01 -25.77
N ASP C 807 -12.61 58.08 -25.57
CA ASP C 807 -13.38 56.88 -25.28
C ASP C 807 -14.85 57.13 -25.55
N LEU C 808 -15.53 56.10 -26.05
CA LEU C 808 -16.98 56.12 -26.20
C LEU C 808 -17.60 55.63 -24.90
N GLY C 809 -18.24 56.53 -24.16
CA GLY C 809 -18.80 56.18 -22.88
C GLY C 809 -20.04 55.32 -23.01
N ALA C 810 -20.51 54.85 -21.86
CA ALA C 810 -21.72 54.02 -21.83
C ALA C 810 -22.92 54.78 -22.35
N ASP C 811 -22.95 56.10 -22.16
CA ASP C 811 -24.06 56.90 -22.67
C ASP C 811 -24.01 57.01 -24.19
N GLY C 812 -22.82 57.04 -24.77
CA GLY C 812 -22.66 57.15 -26.22
C GLY C 812 -21.84 58.34 -26.67
N VAL C 813 -21.45 59.24 -25.77
CA VAL C 813 -20.65 60.39 -26.16
C VAL C 813 -19.18 59.99 -26.20
N THR C 814 -18.38 60.75 -26.97
CA THR C 814 -16.95 60.49 -27.10
C THR C 814 -16.19 61.37 -26.11
N THR C 815 -16.45 61.15 -24.83
CA THR C 815 -15.79 61.92 -23.79
C THR C 815 -14.35 61.44 -23.62
N PRO C 816 -13.39 62.34 -23.43
CA PRO C 816 -12.00 61.91 -23.22
C PRO C 816 -11.72 61.61 -21.75
N VAL C 817 -10.77 60.71 -21.55
CA VAL C 817 -10.24 60.40 -20.22
C VAL C 817 -8.73 60.59 -20.25
N SER C 818 -8.21 61.30 -19.25
CA SER C 818 -6.81 61.65 -19.24
C SER C 818 -6.25 61.47 -17.83
N ASP C 819 -4.94 61.20 -17.77
CA ASP C 819 -4.22 61.13 -16.51
C ASP C 819 -2.85 61.78 -16.69
N GLN C 820 -2.33 62.33 -15.61
CA GLN C 820 -1.05 63.02 -15.64
C GLN C 820 -0.24 62.65 -14.40
N GLU C 821 1.08 62.67 -14.56
CA GLU C 821 2.00 62.42 -13.45
C GLU C 821 3.16 63.39 -13.55
N GLU C 822 3.48 64.02 -12.42
CA GLU C 822 4.57 65.01 -12.41
C GLU C 822 5.90 64.33 -12.64
N ALA C 823 6.81 65.04 -13.32
CA ALA C 823 8.17 64.59 -13.58
C ALA C 823 9.14 65.67 -13.13
N PRO C 824 9.28 65.87 -11.83
CA PRO C 824 10.14 66.95 -11.34
C PRO C 824 11.60 66.56 -11.37
N SER C 825 12.45 67.56 -11.13
CA SER C 825 13.88 67.35 -11.10
C SER C 825 14.38 67.24 -9.65
N HIS C 826 15.65 66.91 -9.51
CA HIS C 826 16.28 66.72 -8.21
C HIS C 826 17.60 67.46 -8.17
N SER C 827 17.95 67.94 -6.98
CA SER C 827 19.20 68.67 -6.77
C SER C 827 20.32 67.66 -6.57
N GLY C 828 21.22 67.56 -7.55
CA GLY C 828 22.34 66.64 -7.48
C GLY C 828 23.27 66.94 -6.32
N VAL C 829 23.58 65.91 -5.53
CA VAL C 829 24.46 66.03 -4.38
C VAL C 829 25.67 65.13 -4.60
N VAL C 830 26.87 65.71 -4.54
CA VAL C 830 28.11 64.98 -4.69
C VAL C 830 28.95 65.18 -3.44
N SER C 831 29.49 64.09 -2.91
CA SER C 831 30.28 64.14 -1.68
C SER C 831 31.33 63.05 -1.71
N LEU C 832 32.34 63.22 -0.86
CA LEU C 832 33.43 62.26 -0.73
C LEU C 832 33.26 61.48 0.57
N ASN C 833 33.83 60.27 0.59
CA ASN C 833 33.64 59.37 1.73
C ASN C 833 34.31 59.87 3.00
N ALA C 834 35.39 60.65 2.88
CA ALA C 834 36.15 61.08 4.03
C ALA C 834 36.49 62.57 3.89
N ASP C 835 36.75 63.21 5.04
CA ASP C 835 37.15 64.61 5.04
C ASP C 835 38.60 64.79 4.62
N SER C 836 39.47 63.83 4.95
CA SER C 836 40.89 63.91 4.62
C SER C 836 41.31 62.61 3.96
N TYR C 837 42.31 62.70 3.08
CA TYR C 837 42.78 61.55 2.32
C TYR C 837 44.30 61.54 2.29
N LYS C 838 44.87 60.33 2.32
CA LYS C 838 46.31 60.17 2.21
C LYS C 838 46.70 60.00 0.75
N ILE C 839 48.00 59.79 0.50
CA ILE C 839 48.47 59.52 -0.84
C ILE C 839 47.99 58.15 -1.28
N ALA C 840 47.38 58.09 -2.48
CA ALA C 840 46.80 56.86 -3.01
C ALA C 840 45.80 56.25 -2.03
N ASP C 841 44.91 57.09 -1.51
CA ASP C 841 43.89 56.67 -0.56
C ASP C 841 42.64 56.14 -1.22
N THR C 842 42.61 56.10 -2.56
CA THR C 842 41.47 55.59 -3.32
C THR C 842 40.19 56.36 -2.99
N VAL C 843 40.22 57.65 -3.32
CA VAL C 843 39.04 58.49 -3.13
C VAL C 843 37.93 57.99 -4.04
N VAL C 844 36.69 58.08 -3.56
CA VAL C 844 35.52 57.64 -4.31
C VAL C 844 34.51 58.78 -4.34
N ILE C 845 33.94 59.05 -5.52
CA ILE C 845 32.97 60.11 -5.71
C ILE C 845 31.60 59.49 -5.82
N THR C 846 30.69 59.88 -4.93
CA THR C 846 29.32 59.40 -4.91
C THR C 846 28.40 60.53 -5.37
N VAL C 847 27.76 60.35 -6.52
CA VAL C 847 26.86 61.34 -7.08
C VAL C 847 25.45 60.76 -7.03
N GLU C 848 24.57 61.43 -6.29
CA GLU C 848 23.17 61.01 -6.19
C GLU C 848 22.30 62.07 -6.87
N ASP C 849 21.77 61.71 -8.05
CA ASP C 849 20.90 62.60 -8.81
C ASP C 849 20.11 61.73 -9.78
N LEU C 850 18.81 61.60 -9.52
CA LEU C 850 17.99 60.65 -10.26
C LEU C 850 17.71 61.09 -11.70
N ASP C 851 17.96 62.35 -12.03
CA ASP C 851 17.64 62.83 -13.37
C ASP C 851 18.62 62.36 -14.43
N LEU C 852 19.80 61.85 -14.03
CA LEU C 852 20.75 61.36 -15.01
C LEU C 852 20.48 59.94 -15.46
N ASN C 853 19.51 59.26 -14.85
CA ASN C 853 19.15 57.90 -15.26
C ASN C 853 18.28 57.99 -16.51
N VAL C 854 18.84 57.59 -17.65
CA VAL C 854 18.15 57.70 -18.93
C VAL C 854 17.66 56.36 -19.43
N ASP C 855 17.76 55.31 -18.62
CA ASP C 855 17.23 54.00 -19.00
C ASP C 855 17.15 53.13 -17.76
N SER C 856 15.97 52.57 -17.50
CA SER C 856 15.79 51.64 -16.40
C SER C 856 16.33 50.25 -16.71
N ASP C 857 16.69 49.98 -17.96
CA ASP C 857 17.22 48.67 -18.34
C ASP C 857 18.75 48.65 -18.33
N LEU C 858 19.36 49.52 -19.12
CA LEU C 858 20.81 49.56 -19.23
C LEU C 858 21.43 50.29 -18.04
N ILE C 859 22.71 50.03 -17.82
CA ILE C 859 23.47 50.71 -16.77
C ILE C 859 23.98 52.03 -17.34
N ASP C 860 23.59 53.13 -16.72
CA ASP C 860 24.00 54.45 -17.19
C ASP C 860 25.44 54.74 -16.76
N ILE C 861 26.26 55.18 -17.72
CA ILE C 861 27.66 55.47 -17.47
C ILE C 861 28.00 56.82 -18.07
N PHE C 862 29.09 57.41 -17.56
CA PHE C 862 29.59 58.70 -18.05
C PHE C 862 31.10 58.62 -18.13
N THR C 863 31.64 58.67 -19.34
CA THR C 863 33.07 58.58 -19.56
C THR C 863 33.72 59.96 -19.37
N VAL C 864 35.04 60.00 -19.49
CA VAL C 864 35.81 61.23 -19.37
C VAL C 864 36.35 61.61 -20.74
N VAL C 865 36.27 62.89 -21.06
CA VAL C 865 36.69 63.39 -22.37
C VAL C 865 38.20 63.42 -22.45
N SER C 866 38.74 62.89 -23.54
CA SER C 866 40.18 62.91 -23.83
C SER C 866 40.36 63.54 -25.21
N ASP C 867 40.41 64.87 -25.25
CA ASP C 867 40.56 65.60 -26.51
C ASP C 867 41.12 66.97 -26.19
N ASN C 868 42.36 67.23 -26.62
CA ASN C 868 43.02 68.48 -26.29
C ASN C 868 42.35 69.67 -26.97
N SER C 869 41.82 69.47 -28.18
CA SER C 869 41.20 70.57 -28.91
C SER C 869 39.98 71.13 -28.20
N LYS C 870 39.14 70.26 -27.65
CA LYS C 870 37.93 70.70 -26.97
C LYS C 870 38.26 71.32 -25.62
N ALA C 871 37.46 72.32 -25.23
CA ALA C 871 37.67 73.01 -23.96
C ALA C 871 37.34 72.14 -22.74
N THR C 872 36.65 71.01 -22.93
CA THR C 872 36.28 70.13 -21.84
C THR C 872 37.24 68.94 -21.72
N ASP C 873 38.53 69.16 -22.02
CA ASP C 873 39.51 68.09 -21.88
C ASP C 873 39.64 67.69 -20.41
N ASP C 874 39.83 66.38 -20.19
CA ASP C 874 39.95 65.78 -18.87
C ASP C 874 38.74 66.02 -17.99
N ALA C 875 37.59 66.33 -18.58
CA ALA C 875 36.35 66.51 -17.85
C ALA C 875 35.36 65.41 -18.20
N VAL C 876 34.54 65.02 -17.23
CA VAL C 876 33.49 64.04 -17.47
C VAL C 876 32.47 64.65 -18.42
N GLY C 877 32.05 63.87 -19.40
CA GLY C 877 31.05 64.33 -20.35
C GLY C 877 31.26 63.83 -21.77
N SER C 878 31.12 64.74 -22.74
CA SER C 878 31.24 64.40 -24.15
C SER C 878 32.20 65.37 -24.83
N ALA C 879 32.78 64.92 -25.95
CA ALA C 879 33.72 65.75 -26.69
C ALA C 879 33.06 67.03 -27.19
N THR C 880 31.84 66.91 -27.71
CA THR C 880 31.12 68.10 -28.18
C THR C 880 30.87 69.05 -27.01
N THR C 881 31.11 70.33 -27.23
CA THR C 881 30.99 71.32 -26.17
C THR C 881 30.75 72.70 -26.78
N GLN C 882 29.77 73.41 -26.24
CA GLN C 882 29.48 74.78 -26.63
C GLN C 882 29.66 75.70 -25.43
N SER C 883 30.18 76.90 -25.69
CA SER C 883 30.43 77.88 -24.64
C SER C 883 29.18 78.73 -24.44
N LEU C 884 28.71 78.80 -23.19
CA LEU C 884 27.52 79.56 -22.85
C LEU C 884 27.82 80.40 -21.60
N SER C 885 26.78 81.08 -21.10
CA SER C 885 26.93 81.93 -19.93
C SER C 885 27.17 81.14 -18.66
N PHE C 886 26.77 79.87 -18.62
CA PHE C 886 26.93 79.03 -17.44
C PHE C 886 28.16 78.13 -17.52
N GLY C 887 29.05 78.36 -18.48
CA GLY C 887 30.25 77.56 -18.60
C GLY C 887 30.32 76.76 -19.88
N GLU C 888 30.68 75.49 -19.78
CA GLU C 888 30.81 74.61 -20.93
C GLU C 888 29.69 73.57 -20.91
N LEU C 889 29.09 73.36 -22.09
CA LEU C 889 27.98 72.42 -22.19
C LEU C 889 28.43 70.99 -21.90
N GLY C 890 29.61 70.61 -22.39
CA GLY C 890 30.11 69.25 -22.23
C GLY C 890 30.78 68.94 -20.92
N ARG C 891 30.81 69.89 -19.99
CA ARG C 891 31.47 69.70 -18.70
C ARG C 891 30.46 69.20 -17.68
N LEU C 892 30.65 67.95 -17.23
CA LEU C 892 29.77 67.34 -16.24
C LEU C 892 30.36 67.34 -14.84
N LEU C 893 31.57 66.80 -14.69
CA LEU C 893 32.20 66.70 -13.38
C LEU C 893 33.70 66.96 -13.51
N ASP C 894 34.25 67.73 -12.58
CA ASP C 894 35.66 68.07 -12.56
C ASP C 894 36.22 67.88 -11.16
N VAL C 895 37.50 67.53 -11.10
CA VAL C 895 38.23 67.39 -9.84
C VAL C 895 39.35 68.42 -9.83
N THR C 896 39.44 69.19 -8.75
CA THR C 896 40.37 70.32 -8.67
C THR C 896 41.25 70.20 -7.45
N PHE C 897 42.55 70.39 -7.64
CA PHE C 897 43.50 70.54 -6.54
C PHE C 897 43.88 72.01 -6.44
N ASP C 898 43.71 72.58 -5.25
CA ASP C 898 43.93 74.01 -5.01
C ASP C 898 43.10 74.85 -5.97
N ASP C 899 41.85 74.43 -6.19
CA ASP C 899 40.90 75.11 -7.07
C ASP C 899 41.42 75.19 -8.50
N VAL C 900 42.26 74.24 -8.89
CA VAL C 900 42.80 74.15 -10.25
C VAL C 900 42.49 72.77 -10.79
N ILE C 901 41.91 72.72 -12.00
CA ILE C 901 41.48 71.45 -12.58
C ILE C 901 42.69 70.54 -12.80
N TRP C 902 42.55 69.28 -12.42
CA TRP C 902 43.60 68.29 -12.60
C TRP C 902 43.51 67.73 -14.02
N SER C 903 44.49 68.06 -14.85
CA SER C 903 44.52 67.61 -16.24
C SER C 903 45.91 67.09 -16.58
N THR C 904 45.96 66.12 -17.50
CA THR C 904 47.24 65.56 -17.91
C THR C 904 47.88 66.45 -18.97
N PRO C 905 49.20 66.67 -18.91
CA PRO C 905 49.86 67.48 -19.94
C PRO C 905 49.79 66.81 -21.30
N ASP C 906 49.34 67.57 -22.30
CA ASP C 906 49.22 67.06 -23.66
C ASP C 906 49.14 68.24 -24.61
N GLY C 907 49.12 67.93 -25.91
CA GLY C 907 49.05 68.96 -26.92
C GLY C 907 50.37 69.70 -27.10
N ALA C 908 50.27 70.87 -27.71
CA ALA C 908 51.43 71.72 -27.96
C ALA C 908 51.61 72.81 -26.90
N ASN C 909 50.77 72.84 -25.87
CA ASN C 909 50.85 73.85 -24.83
C ASN C 909 51.53 73.35 -23.56
N ASN C 910 52.14 72.16 -23.61
CA ASN C 910 52.83 71.58 -22.46
C ASN C 910 54.35 71.59 -22.63
N THR C 911 54.87 72.54 -23.40
CA THR C 911 56.31 72.62 -23.65
C THR C 911 57.06 73.35 -22.54
N ALA C 912 56.36 73.90 -21.56
CA ALA C 912 57.03 74.62 -20.48
C ALA C 912 57.85 73.66 -19.63
N THR C 913 59.03 74.13 -19.20
CA THR C 913 59.93 73.34 -18.38
C THR C 913 60.12 73.89 -16.97
N GLY C 914 59.66 75.11 -16.70
CA GLY C 914 59.77 75.65 -15.36
C GLY C 914 61.20 76.05 -15.00
N ASN C 915 61.50 75.99 -13.71
CA ASN C 915 62.80 76.40 -13.20
C ASN C 915 63.94 75.50 -13.66
N ASP C 916 63.65 74.26 -14.06
CA ASP C 916 64.65 73.33 -14.53
C ASP C 916 64.42 73.04 -16.01
N SER C 917 65.26 72.17 -16.57
CA SER C 917 65.21 71.83 -17.98
C SER C 917 64.32 70.62 -18.28
N ASP C 918 63.62 70.10 -17.28
CA ASP C 918 62.78 68.92 -17.44
C ASP C 918 61.33 69.34 -17.60
N THR C 919 60.67 68.79 -18.62
CA THR C 919 59.27 69.10 -18.86
C THR C 919 58.38 68.41 -17.82
N CYS C 920 57.18 68.95 -17.64
CA CYS C 920 56.27 68.42 -16.63
C CYS C 920 55.88 66.97 -16.94
N SER C 921 55.59 66.68 -18.21
CA SER C 921 55.24 65.31 -18.58
C SER C 921 56.43 64.37 -18.37
N THR C 922 57.64 64.80 -18.77
CA THR C 922 58.82 63.99 -18.55
C THR C 922 59.10 63.83 -17.06
N GLU C 923 58.87 64.87 -16.27
CA GLU C 923 59.06 64.76 -14.83
C GLU C 923 58.10 63.75 -14.22
N LEU C 924 56.83 63.77 -14.65
CA LEU C 924 55.86 62.81 -14.16
C LEU C 924 56.23 61.39 -14.58
N SER C 925 56.72 61.23 -15.82
CA SER C 925 57.15 59.91 -16.27
C SER C 925 58.33 59.40 -15.46
N ASN C 926 59.29 60.28 -15.17
CA ASN C 926 60.44 59.89 -14.36
C ASN C 926 60.02 59.53 -12.94
N ALA C 927 59.05 60.27 -12.38
CA ALA C 927 58.55 59.97 -11.04
C ALA C 927 57.77 58.67 -10.99
N GLY C 928 57.42 58.08 -12.13
CA GLY C 928 56.66 56.85 -12.15
C GLY C 928 55.18 57.02 -11.94
N ILE C 929 54.65 58.24 -12.05
CA ILE C 929 53.24 58.50 -11.83
C ILE C 929 52.53 58.34 -13.17
N THR C 930 51.90 57.18 -13.37
CA THR C 930 51.10 56.95 -14.55
C THR C 930 49.73 57.61 -14.46
N ASP C 931 49.32 58.07 -13.28
CA ASP C 931 48.06 58.80 -13.11
C ASP C 931 48.30 60.29 -13.33
N THR C 932 48.73 60.61 -14.55
CA THR C 932 49.03 62.00 -14.92
C THR C 932 47.79 62.87 -15.04
N GLY C 933 46.61 62.28 -15.09
CA GLY C 933 45.39 63.06 -15.21
C GLY C 933 44.18 62.19 -14.95
N LEU C 934 43.01 62.83 -15.02
CA LEU C 934 41.75 62.11 -14.81
C LEU C 934 41.55 61.02 -15.85
N GLY C 935 41.85 61.34 -17.11
CA GLY C 935 41.71 60.35 -18.17
C GLY C 935 42.66 59.18 -18.02
N ALA C 936 43.87 59.44 -17.52
CA ALA C 936 44.85 58.37 -17.34
C ALA C 936 44.36 57.34 -16.32
N THR C 937 43.74 57.79 -15.23
CA THR C 937 43.23 56.88 -14.22
C THR C 937 42.04 56.06 -14.70
N GLY C 938 41.41 56.43 -15.80
CA GLY C 938 40.22 55.72 -16.23
C GLY C 938 39.01 55.94 -15.36
N PHE C 939 38.97 57.05 -14.62
CA PHE C 939 37.86 57.32 -13.73
C PHE C 939 36.59 57.63 -14.51
N THR C 940 35.57 56.81 -14.32
CA THR C 940 34.29 56.98 -14.99
C THR C 940 33.16 56.76 -13.98
N LEU C 941 32.02 57.41 -14.25
CA LEU C 941 30.85 57.26 -13.39
C LEU C 941 30.03 56.07 -13.85
N VAL C 942 29.70 55.17 -12.92
CA VAL C 942 28.89 54.00 -13.20
C VAL C 942 27.73 53.97 -12.20
N GLU C 943 26.54 53.70 -12.69
CA GLU C 943 25.36 53.63 -11.84
C GLU C 943 25.43 52.44 -10.91
N THR C 944 24.91 52.60 -9.70
CA THR C 944 24.92 51.50 -8.74
C THR C 944 24.07 50.33 -9.22
N GLY C 945 22.91 50.62 -9.81
CA GLY C 945 22.03 49.59 -10.32
C GLY C 945 21.36 50.04 -11.60
N ALA C 946 20.40 49.23 -12.04
CA ALA C 946 19.68 49.53 -13.28
C ALA C 946 18.89 50.83 -13.17
N ALA C 947 18.22 51.05 -12.03
CA ALA C 947 17.40 52.23 -11.84
C ALA C 947 17.65 52.91 -10.49
N THR C 948 18.83 52.69 -9.90
CA THR C 948 19.14 53.32 -8.62
C THR C 948 19.21 54.84 -8.74
N GLY C 949 19.81 55.33 -9.82
CA GLY C 949 19.97 56.76 -9.99
C GLY C 949 21.16 57.37 -9.27
N VAL C 950 21.99 56.55 -8.64
CA VAL C 950 23.17 57.01 -7.92
C VAL C 950 24.41 56.48 -8.64
N PHE C 951 25.32 57.38 -8.99
CA PHE C 951 26.53 57.03 -9.73
C PHE C 951 27.73 57.06 -8.81
N VAL C 952 28.57 56.03 -8.91
CA VAL C 952 29.75 55.87 -8.06
C VAL C 952 30.99 55.83 -8.94
N GLY C 953 31.97 56.66 -8.62
CA GLY C 953 33.22 56.67 -9.34
C GLY C 953 34.36 56.93 -8.37
N ASP C 954 35.54 56.43 -8.74
CA ASP C 954 36.68 56.48 -7.82
C ASP C 954 37.98 56.54 -8.61
N PHE C 955 39.03 56.97 -7.91
CA PHE C 955 40.39 57.01 -8.45
C PHE C 955 41.35 57.17 -7.27
N GLN C 956 42.63 56.93 -7.54
CA GLN C 956 43.68 57.03 -6.54
C GLN C 956 44.41 58.35 -6.69
N ILE C 957 44.63 59.04 -5.58
CA ILE C 957 45.30 60.33 -5.57
C ILE C 957 46.78 60.13 -5.85
N PRO C 958 47.33 60.76 -6.89
CA PRO C 958 48.77 60.64 -7.15
C PRO C 958 49.60 61.46 -6.18
N SER C 959 50.87 61.07 -6.05
CA SER C 959 51.78 61.83 -5.19
C SER C 959 52.21 63.13 -5.87
N PHE C 960 52.37 63.11 -7.18
CA PHE C 960 52.78 64.28 -7.94
C PHE C 960 51.73 64.60 -9.00
N TRP C 961 51.45 65.89 -9.18
CA TRP C 961 50.53 66.35 -10.20
C TRP C 961 51.08 67.60 -10.86
N CYS C 962 50.65 67.84 -12.09
CA CYS C 962 51.10 68.98 -12.87
C CYS C 962 50.04 70.07 -12.80
N ARG C 963 50.41 71.23 -12.26
CA ARG C 963 49.48 72.35 -12.15
C ARG C 963 49.27 73.01 -13.50
N VAL C 964 48.04 73.42 -13.77
CA VAL C 964 47.71 74.13 -15.01
C VAL C 964 48.06 75.60 -14.81
N SER C 965 48.91 76.13 -15.70
CA SER C 965 49.33 77.53 -15.58
C SER C 965 48.16 78.48 -15.79
N ASP C 966 47.32 78.22 -16.80
CA ASP C 966 46.18 79.08 -17.09
C ASP C 966 45.10 78.25 -17.77
N THR C 967 43.84 78.53 -17.42
CA THR C 967 42.70 77.84 -17.97
C THR C 967 41.96 78.66 -19.03
N THR C 968 42.57 79.75 -19.50
CA THR C 968 41.92 80.65 -20.44
C THR C 968 42.17 80.27 -21.90
N THR C 969 42.87 79.17 -22.16
CA THR C 969 43.17 78.74 -23.52
C THR C 969 42.95 77.24 -23.66
N THR C 970 42.65 76.82 -24.88
CA THR C 970 42.50 75.41 -25.21
C THR C 970 43.47 75.03 -26.32
N PRO C 971 44.27 73.97 -26.16
CA PRO C 971 44.40 73.10 -24.98
C PRO C 971 45.06 73.84 -23.81
N TYR C 972 44.92 73.33 -22.59
CA TYR C 972 45.45 74.02 -21.42
C TYR C 972 46.96 74.12 -21.50
N THR C 973 47.49 75.24 -21.03
CA THR C 973 48.93 75.43 -20.92
C THR C 973 49.37 75.06 -19.51
N TYR C 974 50.18 74.02 -19.40
CA TYR C 974 50.55 73.46 -18.11
C TYR C 974 51.86 74.07 -17.61
N ALA C 975 52.03 74.05 -16.29
CA ALA C 975 53.26 74.54 -15.68
C ALA C 975 54.41 73.59 -15.99
N GLY C 976 55.63 74.12 -15.91
CA GLY C 976 56.81 73.36 -16.26
C GLY C 976 57.33 72.44 -15.18
N ASP C 977 56.81 72.54 -13.95
CA ASP C 977 57.26 71.71 -12.85
C ASP C 977 56.07 71.16 -12.09
N GLU C 978 56.20 69.93 -11.61
CA GLU C 978 55.15 69.31 -10.82
C GLU C 978 55.33 69.64 -9.34
N GLU C 979 54.25 69.45 -8.57
CA GLU C 979 54.28 69.70 -7.15
C GLU C 979 53.52 68.59 -6.43
N THR C 980 53.94 68.32 -5.20
CA THR C 980 53.34 67.23 -4.43
C THR C 980 51.97 67.66 -3.92
N THR C 981 50.99 66.77 -4.07
CA THR C 981 49.59 67.10 -3.77
C THR C 981 49.28 67.16 -2.28
N THR C 982 50.21 66.78 -1.41
CA THR C 982 49.93 66.76 0.02
C THR C 982 49.67 68.18 0.53
N GLY C 983 48.68 68.30 1.42
CA GLY C 983 48.29 69.57 1.98
C GLY C 983 47.30 70.34 1.14
N LEU C 984 47.35 70.19 -0.18
CA LEU C 984 46.40 70.85 -1.06
C LEU C 984 45.00 70.30 -0.83
N ASP C 985 44.00 71.12 -1.10
CA ASP C 985 42.60 70.72 -0.95
C ASP C 985 42.08 70.17 -2.25
N ILE C 986 41.57 68.94 -2.20
CA ILE C 986 40.99 68.28 -3.37
C ILE C 986 39.49 68.57 -3.39
N GLU C 987 39.02 69.20 -4.46
CA GLU C 987 37.63 69.59 -4.58
C GLU C 987 37.05 69.05 -5.88
N VAL C 988 35.82 68.56 -5.81
CA VAL C 988 35.10 68.08 -6.98
C VAL C 988 33.97 69.05 -7.29
N ASN C 989 33.56 69.08 -8.56
CA ASN C 989 32.47 69.93 -9.00
C ASN C 989 31.61 69.17 -9.99
N TYR C 990 30.42 68.77 -9.55
CA TYR C 990 29.42 68.14 -10.41
C TYR C 990 28.53 69.21 -10.99
N VAL C 991 28.50 69.32 -12.32
CA VAL C 991 27.69 70.32 -13.00
C VAL C 991 26.29 69.75 -13.13
N ASP C 992 25.33 70.39 -12.46
CA ASP C 992 23.95 69.93 -12.44
C ASP C 992 23.16 70.71 -13.48
N PHE C 993 22.73 70.02 -14.54
CA PHE C 993 22.01 70.70 -15.62
C PHE C 993 20.62 71.15 -15.18
N ARG C 994 20.00 70.41 -14.26
CA ARG C 994 18.65 70.72 -13.79
C ARG C 994 18.60 70.53 -12.28
N ASP C 995 18.43 71.64 -11.55
CA ASP C 995 18.27 71.61 -10.11
C ASP C 995 16.83 71.24 -9.75
N ALA C 996 16.48 71.38 -8.47
CA ALA C 996 15.13 71.01 -8.03
C ALA C 996 14.07 71.88 -8.71
N SER C 997 14.35 73.17 -8.86
CA SER C 997 13.49 74.07 -9.64
C SER C 997 13.68 73.88 -11.14
N GLY C 998 14.69 73.12 -11.55
CA GLY C 998 14.86 72.78 -12.95
C GLY C 998 15.77 73.69 -13.73
N GLU C 999 16.90 74.06 -13.14
CA GLU C 999 17.85 74.96 -13.77
C GLU C 999 19.24 74.60 -13.27
N ILE C 1000 20.25 75.31 -13.76
CA ILE C 1000 21.64 74.97 -13.54
C ILE C 1000 22.10 75.53 -12.20
N VAL C 1001 22.51 74.64 -11.29
CA VAL C 1001 23.10 75.04 -10.01
C VAL C 1001 24.41 74.29 -9.83
N GLU C 1002 25.46 75.04 -9.48
CA GLU C 1002 26.80 74.49 -9.34
C GLU C 1002 27.02 73.98 -7.92
N VAL C 1003 27.17 72.67 -7.77
CA VAL C 1003 27.37 72.05 -6.46
C VAL C 1003 28.62 71.18 -6.49
N GLY C 1004 29.36 71.20 -5.39
CA GLY C 1004 30.53 70.36 -5.23
C GLY C 1004 30.83 70.11 -3.77
N ASP C 1005 31.88 69.31 -3.54
CA ASP C 1005 32.34 68.99 -2.20
C ASP C 1005 33.83 69.28 -2.08
N SER C 1006 34.31 69.35 -0.84
CA SER C 1006 35.69 69.72 -0.54
C SER C 1006 36.33 68.68 0.37
N ALA C 1007 37.63 68.47 0.16
CA ALA C 1007 38.41 67.58 1.00
C ALA C 1007 39.89 67.97 0.88
N GLY C 1008 40.69 67.51 1.84
CA GLY C 1008 42.12 67.81 1.87
C GLY C 1008 42.94 66.54 1.75
N VAL C 1009 44.08 66.66 1.07
CA VAL C 1009 45.02 65.55 0.92
C VAL C 1009 45.95 65.58 2.14
N ARG C 1010 45.70 64.70 3.10
CA ARG C 1010 46.47 64.68 4.34
C ARG C 1010 47.86 64.11 4.11
N ALA C 1011 48.77 64.46 5.01
CA ALA C 1011 50.12 63.91 5.02
C ALA C 1011 50.61 63.80 6.45
N ASN C 1012 51.52 62.87 6.68
CA ASN C 1012 52.01 62.56 8.02
C ASN C 1012 53.49 62.89 8.13
N THR C 1013 53.87 63.44 9.29
CA THR C 1013 55.27 63.75 9.55
C THR C 1013 56.11 62.49 9.62
N GLY C 1014 57.27 62.51 8.98
CA GLY C 1014 58.17 61.38 9.07
C GLY C 1014 58.93 61.35 10.39
N SER C 1015 59.33 60.15 10.77
CA SER C 1015 60.08 59.93 12.00
C SER C 1015 61.08 58.81 11.79
N VAL C 1016 62.27 58.97 12.37
CA VAL C 1016 63.33 57.97 12.28
C VAL C 1016 63.77 57.61 13.69
N SER C 1017 63.96 56.31 13.92
CA SER C 1017 64.30 55.81 15.24
C SER C 1017 65.44 54.79 15.12
N LEU C 1018 66.19 54.65 16.20
CA LEU C 1018 67.30 53.70 16.29
C LEU C 1018 67.00 52.67 17.36
N ASP C 1019 67.55 51.46 17.18
CA ASP C 1019 67.24 50.36 18.09
C ASP C 1019 67.72 50.64 19.50
N ARG C 1020 68.93 51.18 19.65
CA ARG C 1020 69.54 51.36 20.96
C ARG C 1020 70.07 52.77 21.10
N THR C 1021 70.05 53.27 22.35
CA THR C 1021 70.61 54.58 22.63
C THR C 1021 72.13 54.58 22.51
N VAL C 1022 72.78 53.48 22.86
CA VAL C 1022 74.23 53.34 22.76
C VAL C 1022 74.56 52.09 21.96
N TYR C 1023 75.75 52.10 21.37
CA TYR C 1023 76.21 50.98 20.56
C TYR C 1023 77.67 50.70 20.88
N PRO C 1024 78.08 49.43 20.80
CA PRO C 1024 79.48 49.09 21.08
C PRO C 1024 80.40 49.53 19.94
N VAL C 1025 81.67 49.68 20.28
CA VAL C 1025 82.69 50.03 19.29
C VAL C 1025 83.05 48.79 18.49
N PRO C 1026 82.92 48.83 17.17
CA PRO C 1026 83.27 47.64 16.36
C PRO C 1026 84.75 47.35 16.40
N PHE C 1027 85.08 46.08 16.17
CA PHE C 1027 86.45 45.60 16.18
C PHE C 1027 86.71 44.77 14.92
N GLY C 1028 87.98 44.74 14.50
CA GLY C 1028 88.39 44.01 13.34
C GLY C 1028 89.19 42.78 13.66
N THR C 1029 89.92 42.28 12.66
CA THR C 1029 90.74 41.09 12.77
C THR C 1029 92.17 41.42 12.36
N ILE C 1030 93.03 40.40 12.39
CA ILE C 1030 94.43 40.59 12.01
C ILE C 1030 94.56 40.92 10.53
N ALA C 1031 93.71 40.33 9.69
CA ALA C 1031 93.80 40.54 8.25
C ALA C 1031 93.46 41.97 7.83
N ASP C 1032 92.90 42.78 8.73
CA ASP C 1032 92.58 44.17 8.44
C ASP C 1032 93.74 45.11 8.75
N SER C 1033 94.89 44.58 9.17
CA SER C 1033 96.06 45.39 9.50
C SER C 1033 97.26 44.91 8.70
N SER C 1034 98.06 45.85 8.20
CA SER C 1034 99.25 45.53 7.43
C SER C 1034 100.47 45.27 8.31
N LYS C 1035 100.35 45.40 9.62
CA LYS C 1035 101.46 45.14 10.52
C LYS C 1035 101.82 43.66 10.52
N ALA C 1036 103.10 43.38 10.78
CA ALA C 1036 103.57 42.02 10.87
C ALA C 1036 102.92 41.29 12.04
N ALA C 1037 102.93 39.96 11.96
CA ALA C 1037 102.28 39.14 12.98
C ALA C 1037 102.99 39.31 14.32
N ASN C 1038 102.20 39.57 15.36
CA ASN C 1038 102.72 39.77 16.71
C ASN C 1038 101.89 38.96 17.69
N ALA C 1039 102.50 38.62 18.83
CA ALA C 1039 101.81 37.91 19.88
C ALA C 1039 100.88 38.81 20.70
N ALA C 1040 100.93 40.12 20.47
CA ALA C 1040 100.11 41.10 21.16
C ALA C 1040 99.45 41.99 20.13
N PRO C 1041 98.29 42.58 20.47
CA PRO C 1041 97.63 43.48 19.51
C PRO C 1041 98.48 44.67 19.11
N ASN C 1042 99.30 45.19 20.02
CA ASN C 1042 100.16 46.34 19.75
C ASN C 1042 99.35 47.55 19.30
N GLY C 1043 98.19 47.75 19.95
CA GLY C 1043 97.32 48.86 19.62
C GLY C 1043 96.40 48.65 18.46
N ARG C 1044 96.42 47.48 17.82
CA ARG C 1044 95.56 47.22 16.69
C ARG C 1044 94.14 46.93 17.14
N SER C 1045 93.19 47.02 16.20
CA SER C 1045 91.78 46.72 16.46
C SER C 1045 91.57 45.22 16.29
N VAL C 1046 92.19 44.46 17.19
CA VAL C 1046 92.16 43.00 17.17
C VAL C 1046 91.65 42.53 18.52
N PHE C 1047 90.88 41.44 18.51
CA PHE C 1047 90.27 40.86 19.71
C PHE C 1047 90.70 39.41 19.85
N PRO C 1048 91.93 39.16 20.28
CA PRO C 1048 92.44 37.79 20.37
C PRO C 1048 92.10 37.18 21.73
N ILE C 1049 92.59 35.95 21.93
CA ILE C 1049 92.39 35.23 23.17
C ILE C 1049 93.40 35.73 24.21
N HIS C 1050 93.20 35.28 25.45
CA HIS C 1050 94.14 35.58 26.52
C HIS C 1050 95.49 34.93 26.19
N ALA C 1051 96.57 35.62 26.57
CA ALA C 1051 97.92 35.35 26.06
C ALA C 1051 98.25 33.86 25.95
N THR C 1052 97.81 33.05 26.92
CA THR C 1052 98.17 31.63 26.89
C THR C 1052 97.56 30.88 25.72
N GLY C 1053 96.51 31.42 25.11
CA GLY C 1053 95.93 30.79 23.94
C GLY C 1053 96.68 31.04 22.65
N ILE C 1054 97.59 32.00 22.64
CA ILE C 1054 98.37 32.34 21.45
C ILE C 1054 99.78 31.76 21.60
N THR C 1055 100.30 31.21 20.50
CA THR C 1055 101.65 30.65 20.47
C THR C 1055 102.52 31.57 19.63
N SER C 1056 103.03 32.63 20.28
CA SER C 1056 104.07 33.52 19.75
C SER C 1056 103.60 34.39 18.59
N THR C 1057 102.42 34.10 18.03
CA THR C 1057 101.90 34.82 16.88
C THR C 1057 100.39 34.65 16.85
N ILE C 1058 99.68 35.76 16.66
CA ILE C 1058 98.23 35.75 16.56
C ILE C 1058 97.85 35.47 15.12
N ASP C 1059 97.24 34.31 14.88
CA ASP C 1059 96.80 33.89 13.56
C ASP C 1059 95.28 33.85 13.51
N SER C 1060 94.75 33.41 12.36
CA SER C 1060 93.32 33.56 12.10
C SER C 1060 92.48 32.63 12.97
N THR C 1061 93.08 31.62 13.56
CA THR C 1061 92.33 30.63 14.34
C THR C 1061 92.27 30.96 15.83
N GLU C 1062 92.86 32.08 16.26
CA GLU C 1062 92.95 32.41 17.67
C GLU C 1062 92.54 33.86 17.96
N GLU C 1063 91.50 34.33 17.27
CA GLU C 1063 90.92 35.63 17.57
C GLU C 1063 89.44 35.59 17.21
N LEU C 1064 88.68 36.51 17.80
CA LEU C 1064 87.25 36.57 17.54
C LEU C 1064 86.99 36.98 16.10
N PRO C 1065 85.88 36.52 15.51
CA PRO C 1065 85.57 36.91 14.13
C PRO C 1065 85.34 38.41 14.00
N THR C 1066 85.13 38.85 12.77
CA THR C 1066 84.97 40.27 12.49
C THR C 1066 83.80 40.84 13.28
N GLY C 1067 84.00 42.02 13.85
CA GLY C 1067 83.03 42.61 14.75
C GLY C 1067 82.25 43.76 14.17
N ASP C 1068 81.86 43.65 12.90
CA ASP C 1068 81.05 44.67 12.26
C ASP C 1068 79.64 44.63 12.85
N LEU C 1069 79.35 45.56 13.75
CA LEU C 1069 78.02 45.63 14.35
C LEU C 1069 77.00 46.00 13.29
N THR C 1070 75.82 45.37 13.36
CA THR C 1070 74.76 45.57 12.39
C THR C 1070 73.65 46.37 13.06
N ILE C 1071 73.57 47.65 12.71
CA ILE C 1071 72.52 48.53 13.21
C ILE C 1071 71.34 48.50 12.24
N HIS C 1072 70.13 48.46 12.79
CA HIS C 1072 68.92 48.46 11.99
C HIS C 1072 68.26 49.83 12.13
N VAL C 1073 68.01 50.48 11.00
CA VAL C 1073 67.36 51.79 10.96
C VAL C 1073 65.89 51.57 10.65
N ARG C 1074 65.02 52.27 11.37
CA ARG C 1074 63.58 52.15 11.22
C ARG C 1074 62.97 53.54 11.10
N ILE C 1075 62.04 53.69 10.16
CA ILE C 1075 61.30 54.94 9.99
C ILE C 1075 59.82 54.64 10.07
N ASN C 1076 59.05 55.64 10.51
CA ASN C 1076 57.59 55.51 10.64
C ASN C 1076 56.96 56.63 9.80
N ASP C 1077 56.79 56.35 8.51
CA ASP C 1077 56.20 57.31 7.58
C ASP C 1077 54.95 56.72 6.96
N PRO C 1078 53.75 57.08 7.43
CA PRO C 1078 52.52 56.54 6.82
C PRO C 1078 52.34 56.94 5.38
N ASP C 1079 53.02 58.00 4.91
CA ASP C 1079 52.87 58.44 3.53
C ASP C 1079 53.34 57.37 2.55
N PHE C 1080 54.44 56.69 2.87
CA PHE C 1080 54.96 55.62 2.02
C PHE C 1080 54.14 54.34 2.13
N ASP C 1081 53.21 54.26 3.07
CA ASP C 1081 52.32 53.10 3.19
C ASP C 1081 51.14 53.23 2.24
N GLU C 1082 51.46 53.21 0.94
CA GLU C 1082 50.44 53.36 -0.09
C GLU C 1082 49.46 52.20 -0.11
N ASN C 1083 49.95 50.99 0.21
CA ASN C 1083 49.10 49.79 0.21
C ASN C 1083 48.76 49.41 1.65
N PRO C 1084 47.51 49.54 2.07
CA PRO C 1084 47.16 49.19 3.45
C PRO C 1084 47.37 47.72 3.78
N ALA C 1085 47.29 46.82 2.79
CA ALA C 1085 47.48 45.40 3.01
C ALA C 1085 48.38 44.81 1.93
N GLY C 1086 49.47 45.51 1.61
CA GLY C 1086 50.38 45.06 0.57
C GLY C 1086 51.79 45.50 0.86
N GLU C 1087 52.71 44.99 0.03
CA GLU C 1087 54.12 45.33 0.19
C GLU C 1087 54.36 46.78 -0.20
N ASP C 1088 55.16 47.48 0.59
CA ASP C 1088 55.54 48.86 0.31
C ASP C 1088 57.04 49.03 0.54
N ALA C 1089 57.66 49.90 -0.24
CA ALA C 1089 59.08 50.18 -0.13
C ALA C 1089 59.31 51.68 -0.27
N MET C 1090 60.26 52.20 0.51
CA MET C 1090 60.62 53.62 0.45
C MET C 1090 61.49 53.84 -0.79
N ASP C 1091 60.87 54.27 -1.88
CA ASP C 1091 61.55 54.44 -3.16
C ASP C 1091 62.08 55.84 -3.38
N GLN C 1092 61.94 56.74 -2.41
CA GLN C 1092 62.47 58.09 -2.56
C GLN C 1092 64.00 58.04 -2.61
N ASP C 1093 64.58 58.75 -3.57
CA ASP C 1093 66.02 58.65 -3.81
C ASP C 1093 66.79 59.39 -2.74
N ASN C 1094 67.69 58.68 -2.05
CA ASN C 1094 68.62 59.25 -1.08
C ASN C 1094 67.90 60.03 0.02
N ALA C 1095 66.74 59.53 0.46
CA ALA C 1095 66.01 60.19 1.53
C ALA C 1095 66.60 59.93 2.91
N LEU C 1096 67.39 58.86 3.07
CA LEU C 1096 67.97 58.50 4.35
C LEU C 1096 69.48 58.64 4.27
N LYS C 1097 70.06 59.34 5.24
CA LYS C 1097 71.50 59.53 5.34
C LYS C 1097 71.99 58.99 6.68
N ILE C 1098 73.01 58.14 6.63
CA ILE C 1098 73.61 57.54 7.82
C ILE C 1098 75.03 58.08 7.93
N SER C 1099 75.34 58.68 9.08
CA SER C 1099 76.62 59.35 9.25
C SER C 1099 77.12 59.18 10.68
N VAL C 1100 78.43 59.34 10.85
CA VAL C 1100 79.08 59.28 12.15
C VAL C 1100 79.81 60.59 12.36
N ILE C 1101 79.61 61.21 13.52
CA ILE C 1101 80.19 62.50 13.85
C ILE C 1101 81.05 62.36 15.11
N ARG C 1102 82.24 62.94 15.07
CA ARG C 1102 83.13 63.03 16.23
C ARG C 1102 83.52 64.49 16.39
N GLY C 1103 82.72 65.24 17.16
CA GLY C 1103 83.00 66.65 17.37
C GLY C 1103 82.74 67.51 16.16
N SER C 1104 83.78 68.20 15.70
CA SER C 1104 83.66 69.12 14.56
C SER C 1104 83.81 68.43 13.21
N ASP C 1105 84.14 67.14 13.18
CA ASP C 1105 84.31 66.41 11.93
C ASP C 1105 83.21 65.38 11.77
N SER C 1106 82.78 65.18 10.53
CA SER C 1106 81.69 64.28 10.22
C SER C 1106 82.06 63.40 9.04
N VAL C 1107 81.53 62.18 9.05
CA VAL C 1107 81.70 61.22 7.96
C VAL C 1107 80.36 60.53 7.74
N VAL C 1108 80.01 60.31 6.47
CA VAL C 1108 78.73 59.73 6.09
C VAL C 1108 78.96 58.29 5.67
N LEU C 1109 78.15 57.37 6.22
CA LEU C 1109 78.30 55.95 5.88
C LEU C 1109 77.74 55.65 4.49
N GLY C 1110 76.63 56.28 4.13
CA GLY C 1110 76.04 56.03 2.83
C GLY C 1110 74.65 56.65 2.75
N TYR C 1111 73.91 56.21 1.73
CA TYR C 1111 72.58 56.70 1.48
C TYR C 1111 71.63 55.52 1.30
N ALA C 1112 70.35 55.75 1.62
CA ALA C 1112 69.33 54.72 1.51
C ALA C 1112 68.09 55.31 0.86
N GLY C 1113 67.30 54.45 0.23
CA GLY C 1113 66.08 54.82 -0.43
C GLY C 1113 66.14 54.72 -1.95
N ALA C 1114 67.31 54.97 -2.54
CA ALA C 1114 67.47 54.83 -3.97
C ALA C 1114 67.83 53.39 -4.31
N SER C 1115 68.04 53.13 -5.61
CA SER C 1115 68.45 51.80 -6.03
C SER C 1115 69.82 51.47 -5.48
N GLU C 1116 70.01 50.21 -5.07
CA GLU C 1116 71.28 49.78 -4.51
C GLU C 1116 72.39 49.93 -5.54
N ARG C 1117 73.49 50.55 -5.12
CA ARG C 1117 74.61 50.81 -6.03
C ARG C 1117 75.91 50.80 -5.23
N THR C 1118 77.01 50.58 -5.94
CA THR C 1118 78.32 50.58 -5.33
C THR C 1118 78.86 52.01 -5.20
N GLY C 1119 79.56 52.27 -4.11
CA GLY C 1119 80.11 53.60 -3.88
C GLY C 1119 81.08 53.58 -2.73
N LYS C 1120 81.79 54.70 -2.58
CA LYS C 1120 82.80 54.86 -1.54
C LYS C 1120 82.19 55.63 -0.36
N ILE C 1121 83.06 55.97 0.59
CA ILE C 1121 82.65 56.70 1.79
C ILE C 1121 83.09 58.15 1.65
N ASP C 1122 82.16 59.07 1.86
CA ASP C 1122 82.44 60.51 1.79
C ASP C 1122 82.64 61.06 3.19
N VAL C 1123 83.48 62.07 3.31
CA VAL C 1123 83.79 62.72 4.58
C VAL C 1123 83.17 64.11 4.58
N GLY C 1124 82.26 64.33 5.53
CA GLY C 1124 81.61 65.63 5.66
C GLY C 1124 80.75 66.05 4.50
N GLY C 1125 80.35 65.12 3.63
CA GLY C 1125 79.57 65.47 2.46
C GLY C 1125 80.29 66.36 1.47
N ASN C 1126 81.60 66.18 1.31
CA ASN C 1126 82.37 67.02 0.41
C ASN C 1126 82.14 66.66 -1.05
N ASN C 1127 81.86 65.40 -1.34
CA ASN C 1127 81.65 64.95 -2.70
C ASN C 1127 80.29 65.43 -3.19
N GLY C 1128 80.29 66.36 -4.14
CA GLY C 1128 79.03 66.87 -4.66
C GLY C 1128 78.24 65.83 -5.44
N THR C 1129 78.95 65.00 -6.21
CA THR C 1129 78.30 63.95 -7.00
C THR C 1129 77.79 62.87 -6.06
N ILE C 1130 76.48 62.58 -6.13
CA ILE C 1130 75.87 61.63 -5.22
C ILE C 1130 75.98 60.20 -5.72
N SER C 1131 76.24 60.00 -7.02
CA SER C 1131 76.31 58.65 -7.57
C SER C 1131 77.54 57.89 -7.08
N ASN C 1132 78.54 58.58 -6.55
CA ASN C 1132 79.74 57.93 -6.05
C ASN C 1132 79.61 57.46 -4.60
N ILE C 1133 78.47 57.70 -3.97
CA ILE C 1133 78.24 57.30 -2.58
C ILE C 1133 77.55 55.94 -2.55
N ARG C 1134 77.94 55.12 -1.58
CA ARG C 1134 77.36 53.79 -1.44
C ARG C 1134 75.87 53.89 -1.11
N SER C 1135 75.07 53.06 -1.77
CA SER C 1135 73.63 53.02 -1.57
C SER C 1135 73.23 51.65 -1.03
N PHE C 1136 72.42 51.64 0.02
CA PHE C 1136 71.98 50.41 0.66
C PHE C 1136 70.68 49.87 0.08
N GLY C 1137 70.12 50.52 -0.92
CA GLY C 1137 68.87 50.06 -1.52
C GLY C 1137 67.64 50.62 -0.82
N GLU C 1138 66.49 50.14 -1.28
CA GLU C 1138 65.21 50.59 -0.75
C GLU C 1138 64.85 49.79 0.51
N MET C 1139 64.38 50.51 1.52
CA MET C 1139 63.97 49.86 2.76
C MET C 1139 62.66 49.11 2.54
N ASP C 1140 62.52 47.97 3.23
CA ASP C 1140 61.35 47.12 3.09
C ASP C 1140 60.44 47.26 4.30
N GLU C 1141 59.14 47.27 4.05
CA GLU C 1141 58.16 47.40 5.12
C GLU C 1141 58.17 46.16 6.00
N ILE C 1142 58.08 46.37 7.32
CA ILE C 1142 58.18 45.24 8.25
C ILE C 1142 56.93 44.36 8.16
N ALA C 1143 55.76 44.96 8.03
CA ALA C 1143 54.50 44.23 7.96
C ALA C 1143 53.60 44.91 6.94
N PRO C 1144 52.73 44.15 6.27
CA PRO C 1144 51.90 44.74 5.21
C PRO C 1144 51.00 45.86 5.66
N ASP C 1145 50.64 45.90 6.95
CA ASP C 1145 49.77 46.95 7.48
C ASP C 1145 50.43 47.75 8.59
N ALA C 1146 51.76 47.86 8.57
CA ALA C 1146 52.48 48.58 9.62
C ALA C 1146 52.91 49.98 9.19
N GLY C 1147 53.48 50.10 7.99
CA GLY C 1147 54.00 51.37 7.53
C GLY C 1147 55.39 51.71 8.00
N ILE C 1148 56.06 50.79 8.71
CA ILE C 1148 57.40 51.01 9.23
C ILE C 1148 58.38 50.22 8.37
N PHE C 1149 59.43 50.89 7.91
CA PHE C 1149 60.42 50.29 7.03
C PHE C 1149 61.73 50.12 7.78
N GLU C 1150 62.33 48.94 7.68
CA GLU C 1150 63.57 48.62 8.37
C GLU C 1150 64.65 48.24 7.36
N LEU C 1151 65.85 48.78 7.55
CA LEU C 1151 67.00 48.46 6.71
C LEU C 1151 68.14 48.03 7.62
N ASP C 1152 68.77 46.90 7.28
CA ASP C 1152 69.89 46.35 8.05
C ASP C 1152 71.20 46.79 7.41
N VAL C 1153 72.00 47.54 8.15
CA VAL C 1153 73.28 48.04 7.67
C VAL C 1153 74.34 47.74 8.73
N ASN C 1154 75.48 47.22 8.29
CA ASN C 1154 76.60 46.91 9.16
C ASN C 1154 77.68 47.98 9.04
N ILE C 1155 78.28 48.33 10.18
CA ILE C 1155 79.32 49.34 10.24
C ILE C 1155 80.63 48.67 10.60
N LYS C 1156 81.64 48.85 9.76
CA LYS C 1156 82.97 48.32 10.04
C LYS C 1156 83.70 49.23 11.02
N PHE C 1157 84.73 48.68 11.66
CA PHE C 1157 85.56 49.47 12.57
C PHE C 1157 86.36 50.55 11.84
N THR C 1158 86.46 50.47 10.52
CA THR C 1158 87.15 51.47 9.73
C THR C 1158 86.25 52.62 9.30
N ASP C 1159 84.93 52.46 9.43
CA ASP C 1159 83.98 53.47 8.94
C ASP C 1159 83.81 54.55 10.00
N GLY C 1160 84.78 55.45 10.05
CA GLY C 1160 84.75 56.55 10.99
C GLY C 1160 85.64 57.69 10.57
N PRO C 1161 85.57 58.81 11.28
CA PRO C 1161 86.42 59.96 10.96
C PRO C 1161 87.90 59.65 11.21
N ALA C 1162 88.76 60.30 10.44
CA ALA C 1162 90.19 60.10 10.59
C ALA C 1162 90.69 60.71 11.89
N SER C 1163 91.63 60.01 12.53
CA SER C 1163 92.23 60.48 13.77
C SER C 1163 93.64 59.90 13.89
N ALA C 1164 94.48 60.60 14.64
CA ALA C 1164 95.86 60.16 14.84
C ALA C 1164 95.98 59.12 15.95
N GLN C 1165 94.92 58.92 16.75
CA GLN C 1165 95.00 57.94 17.83
C GLN C 1165 94.97 56.52 17.30
N CYS C 1166 94.58 56.33 16.04
CA CYS C 1166 94.45 55.00 15.45
C CYS C 1166 95.63 54.63 14.57
N ASN C 1167 96.73 55.37 14.64
CA ASN C 1167 97.92 55.02 13.87
C ASN C 1167 98.62 53.78 14.41
N SER C 1168 98.20 53.27 15.58
CA SER C 1168 98.81 52.07 16.14
C SER C 1168 98.63 50.86 15.23
N HIS C 1169 97.59 50.87 14.39
CA HIS C 1169 97.32 49.79 13.45
C HIS C 1169 97.44 50.31 12.04
N ASP C 1170 98.28 49.66 11.23
CA ASP C 1170 98.39 49.97 9.80
C ASP C 1170 97.21 49.30 9.11
N THR C 1171 96.06 49.98 9.19
CA THR C 1171 94.79 49.38 8.80
C THR C 1171 94.73 49.10 7.30
N LEU C 1172 94.22 47.93 6.96
CA LEU C 1172 93.89 47.59 5.59
C LEU C 1172 92.40 47.76 5.38
N TYR C 1173 92.02 48.61 4.43
CA TYR C 1173 90.64 49.02 4.24
C TYR C 1173 89.99 48.13 3.18
N THR C 1174 88.91 47.47 3.54
CA THR C 1174 88.18 46.64 2.58
C THR C 1174 87.51 47.52 1.53
N ALA C 1175 87.65 47.13 0.26
CA ALA C 1175 87.12 47.95 -0.82
C ALA C 1175 85.60 47.86 -0.86
N LEU C 1176 84.95 49.03 -0.99
CA LEU C 1176 83.51 49.08 -1.16
C LEU C 1176 83.09 49.22 -2.62
N ASP C 1177 84.01 49.60 -3.50
CA ASP C 1177 83.73 49.72 -4.93
C ASP C 1177 84.06 48.39 -5.61
N GLY C 1178 84.08 48.41 -6.95
CA GLY C 1178 84.30 47.19 -7.70
C GLY C 1178 85.73 46.67 -7.66
N THR C 1179 86.70 47.54 -7.35
CA THR C 1179 88.09 47.12 -7.31
C THR C 1179 88.33 46.20 -6.11
N THR C 1180 89.34 45.33 -6.24
CA THR C 1180 89.71 44.41 -5.18
C THR C 1180 90.85 44.93 -4.32
N GLY C 1181 91.33 46.15 -4.55
CA GLY C 1181 92.44 46.67 -3.79
C GLY C 1181 92.05 47.00 -2.36
N LYS C 1182 93.06 46.98 -1.49
CA LYS C 1182 92.89 47.26 -0.07
C LYS C 1182 93.34 48.66 0.32
N ALA C 1183 93.56 49.54 -0.65
CA ALA C 1183 94.03 50.89 -0.36
C ALA C 1183 92.93 51.73 0.27
N ASP C 1184 93.32 52.89 0.79
CA ASP C 1184 92.36 53.78 1.46
C ASP C 1184 91.32 54.31 0.48
N THR C 1185 91.76 54.66 -0.74
CA THR C 1185 90.84 55.25 -1.71
C THR C 1185 89.78 54.26 -2.19
N ASN C 1186 89.98 52.96 -1.97
CA ASN C 1186 89.00 51.98 -2.41
C ASN C 1186 87.73 52.04 -1.57
N ARG C 1187 87.85 52.37 -0.28
CA ARG C 1187 86.70 52.44 0.60
C ARG C 1187 86.20 53.87 0.82
N PHE C 1188 87.10 54.85 0.79
CA PHE C 1188 86.75 56.24 1.05
C PHE C 1188 86.98 57.08 -0.19
N ASP C 1189 86.22 58.18 -0.30
CA ASP C 1189 86.36 59.06 -1.46
C ASP C 1189 87.73 59.70 -1.52
N ASP C 1190 88.34 59.99 -0.37
CA ASP C 1190 89.66 60.58 -0.31
C ASP C 1190 90.51 59.83 0.71
N GLY C 1191 91.83 59.88 0.51
CA GLY C 1191 92.73 59.24 1.44
C GLY C 1191 92.79 59.96 2.77
N ALA C 1192 93.12 59.20 3.81
CA ALA C 1192 93.23 59.78 5.15
C ALA C 1192 94.44 60.70 5.23
N ALA C 1193 94.35 61.67 6.12
CA ALA C 1193 95.46 62.60 6.33
C ALA C 1193 96.68 61.86 6.86
N SER C 1194 97.87 62.34 6.48
CA SER C 1194 99.10 61.71 6.91
C SER C 1194 99.20 61.71 8.42
N GLY C 1195 99.51 60.55 8.98
CA GLY C 1195 99.54 60.38 10.43
C GLY C 1195 98.20 60.11 11.06
N GLN C 1196 97.14 59.94 10.27
CA GLN C 1196 95.81 59.69 10.79
C GLN C 1196 95.16 58.56 10.00
N GLU C 1197 94.24 57.85 10.65
CA GLU C 1197 93.54 56.74 10.04
C GLU C 1197 92.06 56.81 10.40
N TYR C 1198 91.22 56.35 9.47
CA TYR C 1198 89.78 56.33 9.71
C TYR C 1198 89.42 55.26 10.73
N CYS C 1199 88.64 55.64 11.73
CA CYS C 1199 88.29 54.74 12.83
C CYS C 1199 87.20 55.40 13.67
N ILE C 1200 86.70 54.63 14.64
CA ILE C 1200 85.68 55.10 15.58
C ILE C 1200 86.24 54.97 16.99
N LEU C 1201 86.12 56.04 17.76
CA LEU C 1201 86.61 56.07 19.14
C LEU C 1201 85.43 55.99 20.11
N GLN C 1202 85.77 55.83 21.39
CA GLN C 1202 84.75 55.85 22.43
C GLN C 1202 84.14 57.23 22.57
N GLY C 1203 82.82 57.28 22.75
CA GLY C 1203 82.12 58.53 22.87
C GLY C 1203 81.65 59.14 21.57
N ASP C 1204 81.98 58.54 20.43
CA ASP C 1204 81.52 59.06 19.15
C ASP C 1204 80.01 58.92 19.03
N ILE C 1205 79.40 59.87 18.34
CA ILE C 1205 77.95 59.95 18.21
C ILE C 1205 77.55 59.38 16.85
N LEU C 1206 76.66 58.40 16.86
CA LEU C 1206 76.10 57.82 15.65
C LEU C 1206 74.72 58.41 15.41
N GLN C 1207 74.51 58.99 14.23
CA GLN C 1207 73.28 59.70 13.92
C GLN C 1207 72.73 59.24 12.58
N VAL C 1208 71.41 59.29 12.46
CA VAL C 1208 70.70 58.90 11.24
C VAL C 1208 69.91 60.10 10.75
N GLU C 1209 70.04 60.41 9.47
CA GLU C 1209 69.36 61.54 8.85
C GLU C 1209 68.33 61.04 7.86
N TYR C 1210 67.08 61.49 8.03
CA TYR C 1210 66.00 61.15 7.11
C TYR C 1210 65.30 62.44 6.69
N THR C 1211 65.13 62.62 5.38
CA THR C 1211 64.47 63.80 4.82
C THR C 1211 63.07 63.40 4.39
N ASP C 1212 62.08 63.84 5.13
CA ASP C 1212 60.68 63.51 4.81
C ASP C 1212 60.25 64.31 3.58
N PRO C 1213 59.86 63.66 2.49
CA PRO C 1213 59.37 64.42 1.32
C PRO C 1213 58.07 65.18 1.60
N ALA C 1214 57.30 64.79 2.61
CA ALA C 1214 56.05 65.45 2.92
C ALA C 1214 55.75 65.26 4.40
N ASP C 1215 55.88 66.34 5.18
CA ASP C 1215 55.49 66.30 6.58
C ASP C 1215 53.99 66.59 6.68
N ALA C 1216 53.50 66.88 7.89
CA ALA C 1216 52.11 67.28 8.05
C ALA C 1216 51.77 68.53 7.26
N SER C 1217 52.78 69.33 6.90
CA SER C 1217 52.60 70.50 6.05
C SER C 1217 52.86 70.21 4.57
N GLY C 1218 53.21 68.97 4.23
CA GLY C 1218 53.43 68.59 2.85
C GLY C 1218 54.62 69.28 2.19
N ASP C 1219 55.76 69.31 2.87
CA ASP C 1219 56.96 69.92 2.34
C ASP C 1219 58.17 69.07 2.76
N ALA C 1220 59.37 69.62 2.55
CA ALA C 1220 60.57 68.93 2.99
C ALA C 1220 60.76 69.11 4.48
N ASN C 1221 61.21 68.05 5.16
CA ASN C 1221 61.44 68.10 6.59
C ASN C 1221 62.55 67.11 6.94
N THR C 1222 63.42 67.52 7.87
CA THR C 1222 64.56 66.71 8.28
C THR C 1222 64.36 66.29 9.74
N VAL C 1223 64.49 64.99 10.00
CA VAL C 1223 64.39 64.44 11.34
C VAL C 1223 65.66 63.66 11.63
N THR C 1224 66.08 63.67 12.90
CA THR C 1224 67.34 63.05 13.30
C THR C 1224 67.14 62.21 14.55
N ASP C 1225 67.90 61.12 14.63
CA ASP C 1225 68.04 60.34 15.84
C ASP C 1225 69.52 60.05 16.04
N SER C 1226 69.94 60.01 17.31
CA SER C 1226 71.36 59.93 17.63
C SER C 1226 71.63 58.79 18.60
N ALA C 1227 72.79 58.18 18.44
CA ALA C 1227 73.29 57.16 19.35
C ALA C 1227 74.76 57.42 19.62
N THR C 1228 75.23 56.97 20.78
CA THR C 1228 76.58 57.23 21.23
C THR C 1228 77.37 55.93 21.34
N PHE C 1229 78.54 55.89 20.72
CA PHE C 1229 79.43 54.74 20.87
C PHE C 1229 80.00 54.72 22.29
N ASP C 1230 80.17 53.52 22.83
CA ASP C 1230 80.66 53.38 24.19
C ASP C 1230 81.31 52.01 24.36
N LEU C 1231 82.17 51.90 25.36
CA LEU C 1231 82.81 50.65 25.75
C LEU C 1231 82.70 50.49 27.25
N ARG C 1232 82.31 49.29 27.69
CA ARG C 1232 82.07 49.01 29.09
C ARG C 1232 82.92 47.83 29.54
N ASN C 1233 83.18 47.78 30.84
CA ASN C 1233 83.95 46.69 31.42
C ASN C 1233 83.14 45.40 31.45
N GLY C 1234 83.85 44.29 31.52
CA GLY C 1234 83.25 42.97 31.62
C GLY C 1234 83.41 42.39 33.01
N VAL C 1235 82.36 41.73 33.49
CA VAL C 1235 82.35 41.15 34.84
C VAL C 1235 81.68 39.79 34.78
N LEU C 1236 82.30 38.80 35.41
CA LEU C 1236 81.76 37.46 35.50
C LEU C 1236 80.81 37.35 36.69
N GLN C 1237 79.99 36.30 36.65
CA GLN C 1237 79.08 36.02 37.76
C GLN C 1237 78.73 34.54 37.76
N SER C 1238 78.43 34.02 38.95
CA SER C 1238 78.04 32.63 39.12
C SER C 1238 76.86 32.55 40.09
N ASP C 1239 76.06 31.50 39.94
CA ASP C 1239 74.89 31.34 40.79
C ASP C 1239 75.25 31.06 42.24
N LYS C 1240 76.46 30.57 42.51
CA LYS C 1240 76.90 30.31 43.87
C LYS C 1240 78.42 30.32 43.90
N SER C 1241 78.98 30.29 45.10
CA SER C 1241 80.42 30.39 45.29
C SER C 1241 81.11 29.02 45.29
N VAL C 1242 80.58 28.06 46.04
CA VAL C 1242 81.17 26.74 46.14
C VAL C 1242 80.49 25.80 45.15
N TYR C 1243 81.25 24.82 44.67
CA TYR C 1243 80.76 23.86 43.70
C TYR C 1243 81.33 22.48 44.00
N ILE C 1244 80.48 21.46 43.87
CA ILE C 1244 80.94 20.08 43.94
C ILE C 1244 81.60 19.72 42.63
N ILE C 1245 82.72 19.00 42.70
CA ILE C 1245 83.42 18.59 41.50
C ILE C 1245 82.48 17.72 40.65
N GLY C 1246 82.36 18.07 39.37
CA GLY C 1246 81.45 17.37 38.48
C GLY C 1246 80.06 17.94 38.40
N SER C 1247 79.74 18.96 39.18
CA SER C 1247 78.42 19.59 39.13
C SER C 1247 78.33 20.55 37.95
N ASP C 1248 77.18 21.21 37.83
CA ASP C 1248 76.93 22.13 36.73
C ASP C 1248 77.24 23.55 37.18
N MET C 1249 78.13 24.22 36.45
CA MET C 1249 78.50 25.60 36.73
C MET C 1249 77.77 26.51 35.74
N ILE C 1250 76.90 27.38 36.27
CA ILE C 1250 76.17 28.33 35.44
C ILE C 1250 77.04 29.58 35.37
N LEU C 1251 77.97 29.58 34.42
CA LEU C 1251 78.91 30.68 34.23
C LEU C 1251 78.20 31.78 33.44
N THR C 1252 77.96 32.91 34.10
CA THR C 1252 77.22 34.03 33.52
C THR C 1252 78.17 35.20 33.30
N LEU C 1253 78.20 35.71 32.07
CA LEU C 1253 79.01 36.88 31.72
C LEU C 1253 78.07 38.02 31.38
N ILE C 1254 78.19 39.12 32.11
CA ILE C 1254 77.38 40.31 31.85
C ILE C 1254 78.29 41.43 31.39
N GLU C 1255 78.19 41.82 30.12
CA GLU C 1255 79.05 42.85 29.56
C GLU C 1255 78.38 43.40 28.29
N PRO C 1256 78.15 44.71 28.23
CA PRO C 1256 77.28 45.25 27.17
C PRO C 1256 77.87 45.21 25.77
N ASP C 1257 79.18 45.40 25.61
CA ASP C 1257 79.76 45.66 24.31
C ASP C 1257 79.78 44.44 23.38
N PHE C 1258 79.47 43.25 23.88
CA PHE C 1258 79.39 42.10 23.00
C PHE C 1258 78.03 41.97 22.31
N ASP C 1259 77.05 42.79 22.67
CA ASP C 1259 75.74 42.78 22.01
C ASP C 1259 75.82 43.62 20.74
N LEU C 1260 76.38 43.01 19.70
CA LEU C 1260 76.60 43.72 18.44
C LEU C 1260 75.30 43.92 17.68
N ASP C 1261 74.42 42.92 17.67
CA ASP C 1261 73.16 42.99 16.93
C ASP C 1261 72.03 42.81 17.92
N ASN C 1262 71.09 43.75 17.94
CA ASN C 1262 69.96 43.68 18.86
C ASN C 1262 68.88 42.73 18.36
N ASP C 1263 68.87 42.39 17.08
CA ASP C 1263 67.83 41.55 16.52
C ASP C 1263 68.12 40.06 16.66
N SER C 1264 69.33 39.67 17.04
CA SER C 1264 69.70 38.28 17.15
C SER C 1264 70.66 38.09 18.32
N ALA C 1265 70.79 36.85 18.76
CA ALA C 1265 71.71 36.49 19.84
C ALA C 1265 72.97 35.87 19.23
N GLU C 1266 74.09 36.54 19.41
CA GLU C 1266 75.36 36.09 18.87
C GLU C 1266 76.02 35.10 19.82
N THR C 1267 77.05 34.42 19.31
CA THR C 1267 77.86 33.51 20.10
C THR C 1267 79.33 33.91 20.01
N TYR C 1268 80.06 33.70 21.09
CA TYR C 1268 81.46 34.06 21.17
C TYR C 1268 82.23 32.92 21.83
N ASP C 1269 83.48 32.77 21.41
CA ASP C 1269 84.29 31.63 21.83
C ASP C 1269 84.45 31.59 23.34
N LEU C 1270 84.30 30.40 23.91
CA LEU C 1270 84.58 30.22 25.34
C LEU C 1270 86.04 30.43 25.68
N ASP C 1271 86.92 30.41 24.67
CA ASP C 1271 88.35 30.59 24.91
C ASP C 1271 88.66 31.92 25.57
N LEU C 1272 87.76 32.91 25.47
CA LEU C 1272 87.96 34.17 26.17
C LEU C 1272 88.14 33.97 27.67
N ILE C 1273 87.48 32.97 28.25
CA ILE C 1273 87.69 32.62 29.65
C ILE C 1273 88.81 31.60 29.73
N GLU C 1274 89.53 31.61 30.85
CA GLU C 1274 90.67 30.74 31.07
C GLU C 1274 90.55 30.03 32.42
N TRP C 1275 91.04 28.79 32.47
CA TRP C 1275 91.11 28.05 33.72
C TRP C 1275 92.44 28.35 34.39
N ASP C 1276 92.40 28.76 35.65
CA ASP C 1276 93.60 29.07 36.41
C ASP C 1276 93.43 28.38 37.77
N SER C 1277 94.22 27.35 37.99
CA SER C 1277 94.17 26.57 39.24
C SER C 1277 95.49 25.82 39.36
N ASP C 1278 95.64 25.06 40.44
CA ASP C 1278 96.85 24.27 40.64
C ASP C 1278 96.93 23.11 39.67
N ALA C 1279 95.79 22.62 39.17
CA ALA C 1279 95.80 21.50 38.24
C ALA C 1279 96.50 21.87 36.94
N ALA C 1280 96.08 22.95 36.31
CA ALA C 1280 96.64 23.39 35.04
C ALA C 1280 96.11 24.78 34.73
N THR C 1281 96.71 25.41 33.71
CA THR C 1281 96.27 26.70 33.20
C THR C 1281 95.97 26.54 31.72
N THR C 1282 94.69 26.66 31.35
CA THR C 1282 94.28 26.45 29.98
C THR C 1282 93.04 27.31 29.70
N THR C 1283 92.82 27.57 28.41
CA THR C 1283 91.71 28.41 27.97
C THR C 1283 90.38 27.66 27.89
N MET C 1284 90.39 26.36 28.25
CA MET C 1284 89.18 25.54 28.34
C MET C 1284 88.47 25.37 27.00
N GLY C 1285 89.03 25.92 25.93
CA GLY C 1285 88.45 25.82 24.61
C GLY C 1285 89.23 24.91 23.70
N ASN C 1286 88.99 25.06 22.39
CA ASN C 1286 89.71 24.26 21.40
C ASN C 1286 91.18 24.64 21.33
N LYS C 1287 91.55 25.82 21.82
CA LYS C 1287 92.95 26.26 21.81
C LYS C 1287 93.69 25.88 23.08
N GLY C 1288 93.06 25.15 23.99
CA GLY C 1288 93.68 24.75 25.23
C GLY C 1288 94.54 23.50 25.08
N VAL C 1289 94.92 22.95 26.22
CA VAL C 1289 95.76 21.75 26.26
C VAL C 1289 94.96 20.54 25.79
N THR C 1290 95.66 19.44 25.51
CA THR C 1290 94.99 18.24 25.04
C THR C 1290 94.06 17.69 26.11
N GLY C 1291 92.83 17.37 25.71
CA GLY C 1291 91.84 16.82 26.62
C GLY C 1291 91.14 17.83 27.50
N ALA C 1292 91.41 19.13 27.32
CA ALA C 1292 90.84 20.14 28.20
C ALA C 1292 89.35 20.32 27.94
N ALA C 1293 88.99 20.72 26.71
CA ALA C 1293 87.62 21.09 26.41
C ALA C 1293 86.65 19.96 26.69
N ALA C 1294 87.11 18.71 26.57
CA ALA C 1294 86.27 17.57 26.88
C ALA C 1294 85.93 17.51 28.36
N ALA C 1295 86.82 18.00 29.22
CA ALA C 1295 86.66 17.90 30.65
C ALA C 1295 85.47 18.71 31.15
N PHE C 1296 85.23 19.89 30.56
CA PHE C 1296 84.09 20.72 30.94
C PHE C 1296 82.81 20.38 30.19
N ASP C 1297 82.91 19.91 28.95
CA ASP C 1297 81.75 19.57 28.13
C ASP C 1297 80.75 20.71 28.09
N PRO C 1298 81.09 21.83 27.44
CA PRO C 1298 80.20 22.99 27.47
C PRO C 1298 78.89 22.71 26.75
N GLU C 1299 77.81 23.26 27.31
CA GLU C 1299 76.47 23.17 26.73
C GLU C 1299 75.78 24.51 26.91
N PRO C 1300 75.82 25.40 25.90
CA PRO C 1300 76.37 25.24 24.55
C PRO C 1300 77.89 25.23 24.51
N THR C 1301 78.49 24.93 23.36
CA THR C 1301 79.93 24.82 23.25
C THR C 1301 80.66 26.15 23.46
N ASP C 1302 79.94 27.26 23.41
CA ASP C 1302 80.55 28.58 23.56
C ASP C 1302 79.61 29.50 24.32
N PHE C 1303 80.11 30.69 24.64
CA PHE C 1303 79.30 31.70 25.30
C PHE C 1303 78.10 32.05 24.42
N ARG C 1304 76.91 32.04 25.01
CA ARG C 1304 75.70 32.30 24.26
C ARG C 1304 74.93 33.40 24.96
N GLU C 1305 74.44 34.37 24.19
CA GLU C 1305 73.72 35.50 24.76
C GLU C 1305 72.30 35.08 25.14
N THR C 1306 71.84 35.58 26.29
CA THR C 1306 70.55 35.14 26.82
C THR C 1306 69.40 35.55 25.89
N GLY C 1307 69.36 36.81 25.48
CA GLY C 1307 68.31 37.28 24.61
C GLY C 1307 68.85 38.28 23.60
N ASP C 1308 68.11 38.42 22.49
CA ASP C 1308 68.61 39.20 21.36
C ASP C 1308 68.92 40.64 21.74
N SER C 1309 68.26 41.18 22.76
CA SER C 1309 68.49 42.55 23.20
C SER C 1309 68.78 42.60 24.69
N THR C 1310 69.61 41.68 25.19
CA THR C 1310 69.95 41.61 26.60
C THR C 1310 71.41 41.93 26.90
N GLY C 1311 72.35 41.36 26.14
CA GLY C 1311 73.75 41.59 26.38
C GLY C 1311 74.39 40.69 27.43
N ILE C 1312 73.62 39.78 28.02
CA ILE C 1312 74.13 38.87 29.06
C ILE C 1312 74.37 37.51 28.43
N PHE C 1313 75.57 36.96 28.65
CA PHE C 1313 75.97 35.68 28.08
C PHE C 1313 76.08 34.64 29.18
N GLN C 1314 75.51 33.46 28.92
CA GLN C 1314 75.51 32.37 29.87
C GLN C 1314 75.90 31.08 29.18
N ILE C 1315 76.45 30.14 29.97
CA ILE C 1315 76.88 28.85 29.45
C ILE C 1315 76.96 27.89 30.63
N VAL C 1316 76.65 26.62 30.36
CA VAL C 1316 76.68 25.58 31.37
C VAL C 1316 78.00 24.84 31.28
N ILE C 1317 78.77 24.85 32.37
CA ILE C 1317 80.09 24.23 32.43
C ILE C 1317 80.08 23.18 33.53
N GLU C 1318 80.69 22.04 33.25
CA GLU C 1318 80.85 20.99 34.25
C GLU C 1318 82.24 21.10 34.87
N ILE C 1319 82.30 21.00 36.20
CA ILE C 1319 83.56 21.11 36.93
C ILE C 1319 84.39 19.86 36.65
N PRO C 1320 85.59 19.98 36.09
CA PRO C 1320 86.37 18.79 35.74
C PRO C 1320 86.93 18.11 36.98
N GLU C 1321 86.90 16.78 36.97
CA GLU C 1321 87.60 16.01 37.98
C GLU C 1321 89.10 15.94 37.72
N SER C 1322 89.53 16.19 36.48
CA SER C 1322 90.94 16.20 36.12
C SER C 1322 91.12 17.11 34.92
N LEU C 1323 92.10 18.02 35.00
CA LEU C 1323 92.33 18.99 33.93
C LEU C 1323 93.21 18.40 32.83
N SER C 1324 94.44 18.03 33.18
CA SER C 1324 95.37 17.46 32.20
C SER C 1324 96.38 16.59 32.94
N ASN C 1325 96.16 15.28 32.90
CA ASN C 1325 97.04 14.27 33.50
C ASN C 1325 97.14 14.39 35.02
N ASP C 1326 96.29 15.20 35.65
CA ASP C 1326 96.29 15.31 37.11
C ASP C 1326 94.89 15.69 37.57
N LYS C 1327 94.58 15.31 38.81
CA LYS C 1327 93.26 15.52 39.36
C LYS C 1327 93.12 16.95 39.90
N LEU C 1328 91.88 17.33 40.20
CA LEU C 1328 91.56 18.59 40.85
C LEU C 1328 91.22 18.32 42.31
N GLU C 1329 91.83 19.09 43.20
CA GLU C 1329 91.80 18.80 44.63
C GLU C 1329 90.71 19.58 45.34
N ARG C 1330 90.33 19.08 46.51
CA ARG C 1330 89.31 19.73 47.33
C ARG C 1330 89.88 20.99 47.96
N GLY C 1331 89.06 22.05 48.01
CA GLY C 1331 89.53 23.31 48.54
C GLY C 1331 90.46 24.07 47.62
N GLU C 1332 90.58 23.62 46.37
CA GLU C 1332 91.48 24.28 45.42
C GLU C 1332 90.94 25.65 45.04
N GLU C 1333 91.87 26.59 44.82
CA GLU C 1333 91.50 27.93 44.41
C GLU C 1333 91.27 27.94 42.90
N ILE C 1334 90.04 28.27 42.49
CA ILE C 1334 89.66 28.30 41.08
C ILE C 1334 89.55 29.75 40.66
N ILE C 1335 90.34 30.14 39.67
CA ILE C 1335 90.37 31.51 39.16
C ILE C 1335 89.89 31.48 37.72
N LEU C 1336 88.84 32.25 37.42
CA LEU C 1336 88.30 32.38 36.07
C LEU C 1336 88.53 33.82 35.63
N GLU C 1337 89.57 34.03 34.85
CA GLU C 1337 89.97 35.35 34.39
C GLU C 1337 89.84 35.46 32.87
N TYR C 1338 89.27 36.57 32.41
CA TYR C 1338 89.14 36.86 31.00
C TYR C 1338 89.53 38.30 30.74
N THR C 1339 90.10 38.55 29.56
CA THR C 1339 90.55 39.89 29.17
C THR C 1339 89.49 40.56 28.30
N ASP C 1340 89.07 41.76 28.69
CA ASP C 1340 87.98 42.44 28.01
C ASP C 1340 88.43 43.03 26.67
N TRP C 1341 89.65 43.57 26.63
CA TRP C 1341 90.20 44.29 25.47
C TRP C 1341 89.45 45.58 25.19
N GLY C 1342 88.37 45.82 25.93
CA GLY C 1342 87.53 46.98 25.73
C GLY C 1342 87.06 47.69 26.99
N PRO C 1343 87.92 47.80 28.03
CA PRO C 1343 87.43 48.34 29.31
C PRO C 1343 86.95 49.77 29.22
N SER C 1344 86.40 50.29 30.32
CA SER C 1344 85.85 51.65 30.32
C SER C 1344 86.91 52.69 30.02
N GLY C 1345 88.16 52.46 30.43
CA GLY C 1345 89.24 53.38 30.16
C GLY C 1345 89.85 53.27 28.79
N SER C 1346 89.36 52.35 27.96
CA SER C 1346 89.89 52.15 26.62
C SER C 1346 89.20 53.08 25.63
N ASP C 1347 90.00 53.84 24.88
CA ASP C 1347 89.43 54.69 23.83
C ASP C 1347 88.85 53.88 22.70
N TYR C 1348 89.43 52.71 22.41
CA TYR C 1348 88.92 51.81 21.38
C TYR C 1348 89.36 50.40 21.71
N VAL C 1349 88.89 49.44 20.91
CA VAL C 1349 89.16 48.04 21.17
C VAL C 1349 90.65 47.77 20.95
N GLY C 1350 91.27 47.09 21.92
CA GLY C 1350 92.68 46.77 21.84
C GLY C 1350 93.62 47.83 22.37
N ASP C 1351 93.10 48.90 22.99
CA ASP C 1351 93.94 49.93 23.57
C ASP C 1351 94.44 49.54 24.97
N GLU C 1352 93.51 49.20 25.86
CA GLU C 1352 93.83 48.79 27.22
C GLU C 1352 93.58 47.30 27.38
N ASP C 1353 94.49 46.62 28.07
CA ASP C 1353 94.46 45.17 28.21
C ASP C 1353 94.11 44.75 29.64
N GLU C 1354 93.15 45.44 30.25
CA GLU C 1354 92.74 45.12 31.61
C GLU C 1354 92.10 43.75 31.68
N ASP C 1355 92.40 43.02 32.75
CA ASP C 1355 91.89 41.69 32.98
C ASP C 1355 91.01 41.67 34.22
N VAL C 1356 90.00 40.80 34.21
CA VAL C 1356 89.07 40.65 35.32
C VAL C 1356 88.95 39.17 35.65
N ASN C 1357 89.00 38.84 36.94
CA ASN C 1357 89.00 37.47 37.40
C ASN C 1357 87.90 37.24 38.43
N LEU C 1358 87.57 35.97 38.64
CA LEU C 1358 86.57 35.57 39.61
C LEU C 1358 87.11 34.41 40.44
N THR C 1359 86.72 34.36 41.71
CA THR C 1359 87.17 33.33 42.64
C THR C 1359 86.05 32.31 42.83
N ILE C 1360 86.39 31.03 42.70
CA ILE C 1360 85.45 29.94 42.84
C ILE C 1360 86.03 28.91 43.80
N TYR C 1361 85.21 28.46 44.75
CA TYR C 1361 85.62 27.47 45.74
C TYR C 1361 85.08 26.10 45.39
N THR C 1362 85.80 25.06 45.79
CA THR C 1362 85.35 23.69 45.64
C THR C 1362 84.80 23.18 46.98
N SER C 1363 83.94 22.18 46.90
CA SER C 1363 83.26 21.68 48.10
C SER C 1363 84.25 21.07 49.08
N ASN C 1364 84.07 21.39 50.36
CA ASN C 1364 84.86 20.81 51.44
C ASN C 1364 83.93 20.29 52.52
N PHE C 1365 84.07 19.00 52.85
CA PHE C 1365 83.27 18.39 53.89
C PHE C 1365 84.11 17.33 54.60
N GLY C 1366 83.71 17.04 55.84
CA GLY C 1366 84.43 16.07 56.64
C GLY C 1366 84.35 14.66 56.13
N ALA C 1367 85.48 14.10 55.71
CA ALA C 1367 85.54 12.72 55.20
C ALA C 1367 85.76 11.74 56.36
N THR C 1368 84.79 11.73 57.26
CA THR C 1368 84.88 10.86 58.44
C THR C 1368 84.73 9.40 58.04
N VAL C 1369 85.52 8.55 58.70
CA VAL C 1369 85.50 7.10 58.47
C VAL C 1369 85.13 6.42 59.78
N GLU C 1370 84.14 5.52 59.72
CA GLU C 1370 83.66 4.82 60.89
C GLU C 1370 83.65 3.32 60.64
N LEU C 1371 83.73 2.56 61.73
CA LEU C 1371 83.66 1.11 61.69
C LEU C 1371 82.46 0.64 62.51
N ASP C 1372 81.98 -0.56 62.18
CA ASP C 1372 80.82 -1.11 62.87
C ASP C 1372 81.12 -1.34 64.36
N GLN C 1373 82.31 -1.87 64.66
CA GLN C 1373 82.71 -2.12 66.04
C GLN C 1373 84.12 -1.59 66.27
N LYS C 1374 84.37 -1.13 67.49
CA LYS C 1374 85.71 -0.66 67.83
C LYS C 1374 86.66 -1.82 68.09
N VAL C 1375 86.14 -2.95 68.57
CA VAL C 1375 86.95 -4.12 68.90
C VAL C 1375 86.44 -5.30 68.09
N TYR C 1376 87.35 -6.03 67.47
CA TYR C 1376 87.01 -7.19 66.65
C TYR C 1376 87.86 -8.39 67.07
N SER C 1377 87.36 -9.58 66.74
CA SER C 1377 88.11 -10.81 66.87
C SER C 1377 88.60 -11.25 65.50
N TRP C 1378 89.33 -12.36 65.47
CA TRP C 1378 89.77 -12.89 64.19
C TRP C 1378 88.64 -13.66 63.52
N THR C 1379 88.79 -13.89 62.22
CA THR C 1379 87.75 -14.49 61.38
C THR C 1379 86.44 -13.70 61.51
N ASP C 1380 86.56 -12.38 61.43
CA ASP C 1380 85.43 -11.47 61.57
C ASP C 1380 85.38 -10.52 60.38
N LYS C 1381 84.20 -10.00 60.11
CA LYS C 1381 83.95 -9.09 59.00
C LYS C 1381 83.66 -7.69 59.55
N VAL C 1382 84.27 -6.67 58.95
CA VAL C 1382 84.10 -5.29 59.35
C VAL C 1382 83.48 -4.51 58.20
N TYR C 1383 82.44 -3.74 58.51
CA TYR C 1383 81.79 -2.87 57.53
C TYR C 1383 82.42 -1.49 57.62
N ILE C 1384 83.02 -1.05 56.51
CA ILE C 1384 83.68 0.26 56.46
C ILE C 1384 82.74 1.25 55.78
N THR C 1385 82.44 2.35 56.46
CA THR C 1385 81.59 3.39 55.93
C THR C 1385 82.36 4.71 55.88
N ILE C 1386 82.17 5.46 54.80
CA ILE C 1386 82.84 6.74 54.60
C ILE C 1386 81.81 7.77 54.16
N VAL C 1387 81.77 8.90 54.84
CA VAL C 1387 80.90 10.01 54.48
C VAL C 1387 81.75 11.05 53.79
N ALA C 1388 81.73 11.05 52.46
CA ALA C 1388 82.56 11.95 51.66
C ALA C 1388 81.68 12.64 50.61
N PRO C 1389 80.98 13.70 51.00
CA PRO C 1389 80.16 14.44 50.02
C PRO C 1389 80.97 15.06 48.90
N ASP C 1390 82.27 15.30 49.11
CA ASP C 1390 83.09 15.91 48.07
C ASP C 1390 83.25 14.99 46.86
N HIS C 1391 83.24 13.68 47.07
CA HIS C 1391 83.47 12.73 45.99
C HIS C 1391 82.19 12.33 45.26
N ASN C 1392 81.05 12.90 45.61
CA ASN C 1392 79.80 12.67 44.89
C ASN C 1392 79.85 13.48 43.59
N PHE C 1393 80.64 12.98 42.65
CA PHE C 1393 80.91 13.73 41.43
C PHE C 1393 79.66 13.88 40.56
N ASP C 1394 78.88 12.81 40.43
CA ASP C 1394 77.69 12.83 39.58
C ASP C 1394 76.51 12.31 40.38
N SER C 1395 75.36 12.99 40.23
CA SER C 1395 74.17 12.61 40.98
C SER C 1395 73.57 11.30 40.47
N ASP C 1396 73.67 11.04 39.17
CA ASP C 1396 73.09 9.84 38.57
C ASP C 1396 74.10 8.70 38.43
N LEU C 1397 75.32 8.89 38.94
CA LEU C 1397 76.37 7.88 38.88
C LEU C 1397 76.81 7.55 40.30
N VAL C 1398 76.84 6.27 40.63
CA VAL C 1398 77.36 5.83 41.92
C VAL C 1398 78.87 6.01 41.91
N ASP C 1399 79.36 7.00 42.66
CA ASP C 1399 80.77 7.33 42.65
C ASP C 1399 81.57 6.29 43.43
N GLU C 1400 82.87 6.23 43.13
CA GLU C 1400 83.77 5.28 43.74
C GLU C 1400 85.05 5.99 44.20
N ILE C 1401 85.68 5.42 45.22
CA ILE C 1401 86.93 5.93 45.75
C ILE C 1401 87.87 4.75 45.99
N GLY C 1402 89.17 5.04 46.01
CA GLY C 1402 90.18 4.02 46.22
C GLY C 1402 90.57 3.23 44.99
N GLU C 1403 90.02 3.57 43.82
CA GLU C 1403 90.31 2.79 42.62
C GLU C 1403 91.70 3.08 42.08
N THR C 1404 92.10 4.34 42.03
CA THR C 1404 93.35 4.75 41.39
C THR C 1404 94.39 5.11 42.44
N ASP C 1405 95.64 5.23 41.97
CA ASP C 1405 96.73 5.62 42.86
C ASP C 1405 96.64 7.08 43.26
N SER C 1406 96.03 7.92 42.41
CA SER C 1406 95.83 9.32 42.77
C SER C 1406 94.85 9.48 43.92
N ASP C 1407 93.87 8.57 44.03
CA ASP C 1407 92.92 8.58 45.14
C ASP C 1407 92.90 7.19 45.77
N PRO C 1408 93.90 6.87 46.58
CA PRO C 1408 94.01 5.52 47.14
C PRO C 1408 93.26 5.32 48.45
N ILE C 1409 92.83 4.09 48.65
CA ILE C 1409 92.29 3.62 49.93
C ILE C 1409 93.24 2.57 50.47
N LYS C 1410 93.72 2.77 51.69
CA LYS C 1410 94.78 1.95 52.27
C LYS C 1410 94.23 1.31 53.54
N VAL C 1411 93.90 0.03 53.46
CA VAL C 1411 93.53 -0.74 54.64
C VAL C 1411 94.76 -1.54 55.08
N SER C 1412 94.96 -1.63 56.38
CA SER C 1412 96.20 -2.19 56.90
C SER C 1412 96.02 -2.68 58.33
N THR C 1413 96.70 -3.77 58.65
CA THR C 1413 96.88 -4.25 60.01
C THR C 1413 98.31 -3.94 60.47
N ARG C 1414 98.68 -4.45 61.65
CA ARG C 1414 100.03 -4.32 62.16
C ARG C 1414 100.90 -5.45 61.61
N GLY C 1415 101.10 -5.41 60.29
CA GLY C 1415 101.90 -6.42 59.62
C GLY C 1415 101.41 -6.78 58.24
N PHE C 1416 100.14 -6.50 57.95
CA PHE C 1416 99.55 -6.81 56.65
C PHE C 1416 98.72 -5.62 56.19
N ASP C 1417 98.56 -5.49 54.88
CA ASP C 1417 97.81 -4.39 54.29
C ASP C 1417 97.32 -4.78 52.91
N LEU C 1418 96.29 -4.08 52.45
CA LEU C 1418 95.77 -4.21 51.09
C LEU C 1418 95.85 -2.86 50.40
N ASP C 1419 96.24 -2.87 49.12
CA ASP C 1419 96.41 -1.66 48.34
C ASP C 1419 95.31 -1.52 47.29
N ASN C 1420 94.92 -0.27 47.06
CA ASN C 1420 93.93 0.09 46.04
C ASN C 1420 92.62 -0.68 46.23
N TYR C 1421 91.96 -0.38 47.34
CA TYR C 1421 90.69 -1.02 47.71
C TYR C 1421 89.56 -0.08 47.31
N LYS C 1422 88.71 -0.53 46.37
CA LYS C 1422 87.61 0.30 45.91
C LYS C 1422 86.51 0.38 46.97
N LEU C 1423 85.87 1.53 47.05
CA LEU C 1423 84.69 1.72 47.88
C LEU C 1423 83.59 2.32 47.02
N VAL C 1424 82.34 1.91 47.29
CA VAL C 1424 81.21 2.23 46.43
C VAL C 1424 80.18 3.03 47.22
N GLU C 1425 79.56 4.00 46.55
CA GLU C 1425 78.52 4.80 47.16
C GLU C 1425 77.28 3.94 47.41
N THR C 1426 76.67 4.12 48.58
CA THR C 1426 75.47 3.35 48.92
C THR C 1426 74.31 3.73 48.00
N GLY C 1427 74.19 5.02 47.66
CA GLY C 1427 73.16 5.47 46.76
C GLY C 1427 73.75 6.27 45.63
N THR C 1428 72.93 6.54 44.61
CA THR C 1428 73.41 7.27 43.45
C THR C 1428 73.73 8.73 43.79
N ASP C 1429 73.02 9.31 44.75
CA ASP C 1429 73.23 10.72 45.13
C ASP C 1429 73.18 10.87 46.64
N THR C 1430 73.85 9.97 47.37
CA THR C 1430 73.85 10.00 48.82
C THR C 1430 75.11 10.59 49.42
N GLY C 1431 76.27 10.41 48.78
CA GLY C 1431 77.52 10.93 49.30
C GLY C 1431 78.18 10.07 50.35
N ILE C 1432 77.70 8.86 50.58
CA ILE C 1432 78.25 7.95 51.57
C ILE C 1432 78.76 6.71 50.87
N PHE C 1433 79.99 6.31 51.18
CA PHE C 1433 80.63 5.15 50.58
C PHE C 1433 80.68 4.01 51.58
N THR C 1434 80.34 2.80 51.13
CA THR C 1434 80.25 1.65 52.02
C THR C 1434 80.91 0.44 51.38
N GLY C 1435 81.67 -0.30 52.18
CA GLY C 1435 82.29 -1.54 51.76
C GLY C 1435 82.75 -2.30 52.98
N GLU C 1436 82.94 -3.61 52.81
CA GLU C 1436 83.33 -4.45 53.93
C GLU C 1436 84.52 -5.33 53.55
N VAL C 1437 85.37 -5.59 54.54
CA VAL C 1437 86.51 -6.50 54.41
C VAL C 1437 86.41 -7.53 55.51
N ILE C 1438 86.77 -8.77 55.18
CA ILE C 1438 86.77 -9.88 56.13
C ILE C 1438 88.20 -10.18 56.52
N LEU C 1439 88.45 -10.29 57.83
CA LEU C 1439 89.77 -10.59 58.35
C LEU C 1439 89.94 -12.11 58.40
N THR C 1440 90.77 -12.64 57.50
CA THR C 1440 90.93 -14.07 57.37
C THR C 1440 91.83 -14.69 58.43
N GLY C 1441 92.54 -13.87 59.21
CA GLY C 1441 93.39 -14.43 60.24
C GLY C 1441 94.64 -15.09 59.65
N PHE C 1442 95.26 -15.95 60.46
CA PHE C 1442 96.46 -16.67 60.08
C PHE C 1442 96.26 -18.15 60.31
N THR C 1443 96.85 -18.96 59.44
CA THR C 1443 96.65 -20.40 59.45
C THR C 1443 97.57 -21.13 60.44
N ALA C 1444 98.48 -20.43 61.10
CA ALA C 1444 99.43 -21.07 62.01
C ALA C 1444 98.92 -21.12 63.44
N HIS C 1445 97.72 -21.68 63.63
CA HIS C 1445 97.13 -21.81 64.95
C HIS C 1445 96.05 -22.88 64.93
N ASP C 1446 96.01 -23.68 65.99
CA ASP C 1446 94.99 -24.71 66.16
C ASP C 1446 93.93 -24.17 67.11
N ALA C 1447 93.07 -23.30 66.56
CA ALA C 1447 92.01 -22.71 67.39
C ALA C 1447 91.02 -23.76 67.87
N ASP C 1448 90.65 -24.70 67.00
CA ASP C 1448 89.71 -25.75 67.40
C ASP C 1448 90.31 -26.71 68.42
N GLY C 1449 91.63 -26.84 68.46
CA GLY C 1449 92.28 -27.74 69.40
C GLY C 1449 92.31 -29.19 68.99
N ASP C 1450 91.90 -29.52 67.78
CA ASP C 1450 91.90 -30.91 67.33
C ASP C 1450 93.29 -31.42 67.01
N GLY C 1451 94.28 -30.53 66.87
CA GLY C 1451 95.65 -30.93 66.61
C GLY C 1451 96.16 -30.66 65.21
N ASN C 1452 95.44 -29.90 64.39
CA ASN C 1452 95.88 -29.59 63.04
C ASN C 1452 95.68 -28.10 62.76
N THR C 1453 96.47 -27.58 61.83
CA THR C 1453 96.38 -26.19 61.44
C THR C 1453 95.27 -26.02 60.40
N GLY C 1454 95.21 -24.85 59.76
CA GLY C 1454 94.22 -24.60 58.74
C GLY C 1454 92.86 -24.20 59.24
N ASP C 1455 92.73 -23.81 60.51
CA ASP C 1455 91.45 -23.38 61.03
C ASP C 1455 90.96 -22.10 60.37
N ALA C 1456 91.87 -21.20 59.98
CA ALA C 1456 91.52 -19.97 59.28
C ALA C 1456 92.33 -19.90 57.99
N THR C 1457 91.65 -19.62 56.89
CA THR C 1457 92.29 -19.56 55.58
C THR C 1457 92.98 -18.21 55.43
N GLY C 1458 94.18 -18.12 56.02
CA GLY C 1458 94.95 -16.89 55.96
C GLY C 1458 95.35 -16.51 54.55
N THR C 1459 94.75 -15.44 54.03
CA THR C 1459 95.01 -15.00 52.68
C THR C 1459 94.69 -13.51 52.56
N THR C 1460 95.62 -12.75 52.01
CA THR C 1460 95.45 -11.32 51.80
C THR C 1460 95.22 -11.10 50.30
N SER C 1461 93.99 -10.76 49.94
CA SER C 1461 93.63 -10.57 48.54
C SER C 1461 92.35 -9.74 48.47
N GLY C 1462 92.00 -9.33 47.26
CA GLY C 1462 90.79 -8.56 47.05
C GLY C 1462 91.05 -7.10 46.74
N SER C 1463 90.42 -6.60 45.67
CA SER C 1463 90.56 -5.21 45.28
C SER C 1463 89.22 -4.50 45.07
N GLY C 1464 88.11 -5.23 45.02
CA GLY C 1464 86.81 -4.62 44.85
C GLY C 1464 86.24 -4.12 46.16
N PRO C 1465 84.98 -3.68 46.15
CA PRO C 1465 84.38 -3.15 47.38
C PRO C 1465 83.82 -4.21 48.32
N THR C 1466 83.74 -5.47 47.89
CA THR C 1466 83.08 -6.50 48.66
C THR C 1466 83.88 -7.78 48.84
N ASP C 1467 84.99 -7.95 48.12
CA ASP C 1467 85.75 -9.19 48.14
C ASP C 1467 87.10 -9.04 48.84
N GLY C 1468 87.23 -8.08 49.74
CA GLY C 1468 88.50 -7.87 50.42
C GLY C 1468 88.76 -8.96 51.44
N LEU C 1469 89.96 -9.52 51.38
CA LEU C 1469 90.43 -10.53 52.33
C LEU C 1469 91.74 -10.07 52.95
N LEU C 1470 91.83 -10.15 54.27
CA LEU C 1470 93.00 -9.66 54.99
C LEU C 1470 93.41 -10.66 56.06
N ALA C 1471 94.71 -10.90 56.19
CA ALA C 1471 95.24 -11.71 57.28
C ALA C 1471 95.47 -10.84 58.50
N THR C 1472 95.18 -11.39 59.68
CA THR C 1472 95.26 -10.62 60.91
C THR C 1472 95.64 -11.54 62.05
N ASP C 1473 96.65 -11.15 62.82
CA ASP C 1473 97.05 -11.91 64.00
C ASP C 1473 96.00 -11.79 65.10
N ASP C 1474 96.06 -12.72 66.05
CA ASP C 1474 95.10 -12.71 67.16
C ASP C 1474 95.24 -11.47 68.02
N ASP C 1475 96.39 -10.80 67.98
CA ASP C 1475 96.61 -9.53 68.68
C ASP C 1475 97.15 -8.55 67.64
N ASP C 1476 96.26 -7.76 67.05
CA ASP C 1476 96.61 -6.86 65.96
C ASP C 1476 95.70 -5.64 66.03
N GLY C 1477 95.84 -4.76 65.04
CA GLY C 1477 95.02 -3.57 64.98
C GLY C 1477 94.70 -3.14 63.56
N LEU C 1478 93.42 -2.91 63.29
CA LEU C 1478 92.97 -2.49 61.96
C LEU C 1478 93.17 -0.99 61.77
N THR C 1479 93.59 -0.62 60.56
CA THR C 1479 93.78 0.78 60.20
C THR C 1479 93.25 1.02 58.80
N VAL C 1480 92.32 1.98 58.68
CA VAL C 1480 91.76 2.37 57.39
C VAL C 1480 92.06 3.85 57.17
N SER C 1481 92.70 4.15 56.04
CA SER C 1481 93.13 5.51 55.72
C SER C 1481 92.50 5.95 54.41
N PHE C 1482 91.98 7.18 54.40
CA PHE C 1482 91.31 7.75 53.24
C PHE C 1482 91.96 9.08 52.90
N GLU C 1483 92.13 9.34 51.60
CA GLU C 1483 92.73 10.58 51.12
C GLU C 1483 91.70 11.40 50.36
N PHE C 1484 91.58 12.68 50.74
CA PHE C 1484 90.69 13.62 50.07
C PHE C 1484 91.43 14.64 49.23
N SER C 1485 92.73 14.82 49.45
CA SER C 1485 93.57 15.69 48.63
C SER C 1485 95.01 15.23 48.80
N GLU C 1486 95.87 15.62 47.86
CA GLU C 1486 97.25 15.18 47.90
C GLU C 1486 97.93 15.66 49.18
N ASP C 1487 98.74 14.79 49.77
CA ASP C 1487 99.47 15.05 51.02
C ASP C 1487 98.53 15.29 52.20
N GLU C 1488 97.27 14.87 52.08
CA GLU C 1488 96.30 14.94 53.18
C GLU C 1488 95.57 13.61 53.25
N THR C 1489 95.49 13.05 54.46
CA THR C 1489 94.89 11.74 54.63
C THR C 1489 94.17 11.68 55.97
N ILE C 1490 92.94 11.16 55.96
CA ILE C 1490 92.17 10.91 57.17
C ILE C 1490 92.17 9.40 57.41
N VAL C 1491 92.38 9.01 58.67
CA VAL C 1491 92.61 7.62 59.02
C VAL C 1491 91.61 7.16 60.07
N GLY C 1492 91.36 5.86 60.10
CA GLY C 1492 90.55 5.26 61.14
C GLY C 1492 91.29 4.07 61.73
N SER C 1493 90.96 3.76 62.98
CA SER C 1493 91.68 2.75 63.74
C SER C 1493 90.72 1.77 64.38
N ALA C 1494 91.22 0.56 64.60
CA ALA C 1494 90.50 -0.50 65.28
C ALA C 1494 91.51 -1.46 65.89
N LEU C 1495 91.04 -2.29 66.81
CA LEU C 1495 91.90 -3.21 67.54
C LEU C 1495 91.34 -4.63 67.44
N ILE C 1496 92.23 -5.61 67.62
CA ILE C 1496 91.90 -7.02 67.50
C ILE C 1496 92.28 -7.70 68.81
N ARG C 1497 91.32 -8.38 69.43
CA ARG C 1497 91.54 -9.17 70.64
C ARG C 1497 90.71 -10.45 70.57
N TRP C 1498 90.85 -11.28 71.59
CA TRP C 1498 90.08 -12.52 71.68
C TRP C 1498 88.61 -12.22 71.95
N ALA D 37 -12.09 -10.39 -5.91
CA ALA D 37 -12.68 -11.32 -6.86
C ALA D 37 -11.63 -11.81 -7.85
N ASN D 38 -12.05 -12.69 -8.77
CA ASN D 38 -11.14 -13.23 -9.77
C ASN D 38 -10.82 -12.17 -10.82
N ALA D 39 -9.60 -12.26 -11.37
CA ALA D 39 -9.14 -11.30 -12.35
C ALA D 39 -8.95 -11.88 -13.74
N ASN D 40 -8.75 -13.20 -13.85
CA ASN D 40 -8.56 -13.85 -15.14
C ASN D 40 -9.64 -14.87 -15.49
N LEU D 41 -10.47 -15.26 -14.53
CA LEU D 41 -11.50 -16.27 -14.75
C LEU D 41 -12.88 -15.61 -14.67
N PHE D 42 -13.67 -15.79 -15.72
CA PHE D 42 -15.03 -15.25 -15.76
C PHE D 42 -15.98 -16.38 -16.09
N VAL D 43 -16.93 -16.63 -15.19
CA VAL D 43 -17.93 -17.68 -15.33
C VAL D 43 -19.29 -17.02 -15.44
N SER D 44 -20.15 -17.55 -16.33
CA SER D 44 -21.43 -16.91 -16.62
C SER D 44 -22.33 -16.82 -15.41
N ALA D 45 -22.12 -17.63 -14.38
CA ALA D 45 -22.99 -17.68 -13.23
C ALA D 45 -22.50 -16.84 -12.05
N GLU D 46 -21.42 -16.08 -12.23
CA GLU D 46 -20.92 -15.20 -11.17
C GLU D 46 -21.86 -13.99 -11.06
N ASN D 47 -22.90 -14.16 -10.25
CA ASN D 47 -23.90 -13.11 -10.05
C ASN D 47 -24.26 -13.07 -8.57
N SER D 48 -23.74 -12.08 -7.85
CA SER D 48 -24.08 -11.93 -6.43
C SER D 48 -25.52 -11.52 -6.23
N GLN D 49 -26.18 -11.01 -7.28
CA GLN D 49 -27.60 -10.70 -7.18
C GLN D 49 -28.42 -11.96 -6.92
N PHE D 50 -28.09 -13.06 -7.60
CA PHE D 50 -28.76 -14.33 -7.43
C PHE D 50 -27.94 -15.31 -6.60
N ASP D 51 -26.96 -14.81 -5.84
CA ASP D 51 -26.15 -15.64 -4.95
C ASP D 51 -25.42 -16.76 -5.69
N ASN D 52 -25.08 -16.52 -6.96
CA ASN D 52 -24.30 -17.45 -7.76
C ASN D 52 -24.94 -18.83 -7.84
N TYR D 53 -26.27 -18.85 -7.98
CA TYR D 53 -26.99 -20.09 -8.19
C TYR D 53 -27.06 -20.43 -9.68
N MET D 54 -27.04 -21.73 -9.98
CA MET D 54 -27.26 -22.21 -11.33
C MET D 54 -28.20 -23.40 -11.27
N SER D 55 -29.12 -23.46 -12.24
CA SER D 55 -30.16 -24.48 -12.21
C SER D 55 -30.66 -24.77 -13.61
N GLY D 56 -31.36 -25.88 -13.74
CA GLY D 56 -32.03 -26.23 -14.98
C GLY D 56 -31.08 -26.59 -16.10
N PRO D 57 -31.53 -26.42 -17.34
CA PRO D 57 -30.69 -26.75 -18.49
C PRO D 57 -29.64 -25.69 -18.78
N GLN D 58 -29.39 -24.82 -17.81
CA GLN D 58 -28.46 -23.71 -18.00
C GLN D 58 -27.15 -24.20 -18.58
N VAL D 59 -26.72 -23.55 -19.66
CA VAL D 59 -25.38 -23.73 -20.19
C VAL D 59 -24.52 -22.63 -19.58
N ILE D 60 -23.45 -23.03 -18.88
CA ILE D 60 -22.61 -22.09 -18.16
C ILE D 60 -21.32 -21.91 -18.94
N GLU D 61 -21.06 -20.67 -19.35
CA GLU D 61 -19.88 -20.35 -20.13
C GLU D 61 -18.72 -19.99 -19.22
N VAL D 62 -17.54 -20.52 -19.52
CA VAL D 62 -16.32 -20.23 -18.78
C VAL D 62 -15.37 -19.53 -19.73
N VAL D 63 -14.90 -18.35 -19.34
CA VAL D 63 -14.07 -17.50 -20.17
C VAL D 63 -12.78 -17.20 -19.42
N VAL D 64 -11.66 -17.28 -20.13
CA VAL D 64 -10.35 -16.94 -19.58
C VAL D 64 -9.82 -15.75 -20.36
N ILE D 65 -9.57 -14.65 -19.66
CA ILE D 65 -9.02 -13.43 -20.25
C ILE D 65 -7.70 -13.16 -19.55
N ASP D 66 -6.61 -13.66 -20.11
CA ASP D 66 -5.29 -13.53 -19.52
C ASP D 66 -4.35 -12.87 -20.50
N SER D 67 -3.44 -12.05 -19.98
CA SER D 67 -2.45 -11.38 -20.84
C SER D 67 -1.35 -12.33 -21.28
N ASP D 68 -1.23 -13.49 -20.65
CA ASP D 68 -0.11 -14.37 -20.91
C ASP D 68 -0.39 -15.42 -21.98
N ILE D 69 -1.66 -15.58 -22.40
CA ILE D 69 -2.02 -16.66 -23.31
C ILE D 69 -2.90 -16.15 -24.45
N ASN D 70 -3.00 -14.84 -24.61
CA ASN D 70 -3.89 -14.29 -25.63
C ASN D 70 -3.19 -13.95 -26.94
N ASP D 71 -2.08 -14.61 -27.25
CA ASP D 71 -1.44 -14.41 -28.55
C ASP D 71 -2.01 -15.39 -29.56
N THR D 72 -2.71 -14.87 -30.57
CA THR D 72 -3.41 -15.71 -31.53
C THR D 72 -2.52 -16.22 -32.65
N ASP D 73 -1.33 -15.67 -32.82
CA ASP D 73 -0.38 -16.14 -33.82
C ASP D 73 0.64 -17.13 -33.27
N GLU D 74 0.63 -17.37 -31.96
CA GLU D 74 1.54 -18.31 -31.32
C GLU D 74 0.75 -19.45 -30.68
N ALA D 75 1.34 -20.64 -30.71
CA ALA D 75 0.70 -21.83 -30.14
C ALA D 75 1.00 -21.88 -28.65
N LYS D 76 0.33 -21.00 -27.90
CA LYS D 76 0.46 -21.00 -26.45
C LYS D 76 -0.33 -22.14 -25.84
N GLY D 77 -0.04 -22.41 -24.56
CA GLY D 77 -0.68 -23.52 -23.89
C GLY D 77 -2.11 -23.21 -23.48
N GLU D 78 -2.93 -24.24 -23.50
CA GLU D 78 -4.31 -24.11 -23.08
C GLU D 78 -4.37 -23.85 -21.57
N PRO D 79 -5.26 -22.96 -21.12
CA PRO D 79 -5.42 -22.77 -19.67
C PRO D 79 -5.91 -24.05 -19.01
N ASP D 80 -5.39 -24.30 -17.81
CA ASP D 80 -5.77 -25.48 -17.03
C ASP D 80 -6.93 -25.10 -16.13
N VAL D 81 -8.14 -25.39 -16.58
CA VAL D 81 -9.37 -25.06 -15.87
C VAL D 81 -10.08 -26.35 -15.50
N THR D 82 -10.54 -26.44 -14.26
CA THR D 82 -11.26 -27.60 -13.77
C THR D 82 -12.56 -27.17 -13.12
N VAL D 83 -13.66 -27.80 -13.51
CA VAL D 83 -14.94 -27.64 -12.83
C VAL D 83 -15.21 -28.91 -12.04
N ASN D 84 -15.35 -28.76 -10.72
CA ASN D 84 -15.46 -29.91 -9.81
C ASN D 84 -14.33 -30.90 -10.04
N GLY D 85 -13.15 -30.37 -10.37
CA GLY D 85 -11.97 -31.17 -10.61
C GLY D 85 -11.79 -31.65 -12.04
N LYS D 86 -12.88 -31.92 -12.75
CA LYS D 86 -12.78 -32.42 -14.11
C LYS D 86 -12.23 -31.35 -15.03
N VAL D 87 -11.33 -31.75 -15.94
CA VAL D 87 -10.75 -30.79 -16.87
C VAL D 87 -11.80 -30.36 -17.89
N LEU D 88 -11.67 -29.13 -18.37
CA LEU D 88 -12.64 -28.52 -19.27
C LEU D 88 -11.88 -27.95 -20.47
N ARG D 89 -11.90 -28.70 -21.58
CA ARG D 89 -11.19 -28.27 -22.79
C ARG D 89 -11.76 -26.95 -23.30
N MET D 90 -10.88 -26.00 -23.61
CA MET D 90 -11.28 -24.71 -24.12
C MET D 90 -10.71 -24.48 -25.52
N VAL D 91 -11.50 -23.81 -26.35
CA VAL D 91 -11.08 -23.40 -27.69
C VAL D 91 -10.82 -21.90 -27.66
N GLN D 92 -9.69 -21.48 -28.21
CA GLN D 92 -9.39 -20.06 -28.29
C GLN D 92 -10.14 -19.42 -29.44
N ALA D 93 -10.59 -18.20 -29.23
CA ALA D 93 -11.31 -17.43 -30.24
C ALA D 93 -10.42 -16.33 -30.79
N VAL D 94 -10.93 -15.62 -31.79
CA VAL D 94 -10.14 -14.60 -32.46
C VAL D 94 -9.76 -13.47 -31.50
N ASP D 95 -10.52 -13.29 -30.42
CA ASP D 95 -10.16 -12.29 -29.43
C ASP D 95 -9.11 -12.76 -28.44
N GLY D 96 -8.52 -13.94 -28.68
CA GLY D 96 -7.49 -14.44 -27.79
C GLY D 96 -7.98 -14.96 -26.47
N ASN D 97 -9.27 -15.25 -26.34
CA ASN D 97 -9.84 -15.75 -25.10
C ASN D 97 -10.31 -17.19 -25.30
N TRP D 98 -10.14 -17.99 -24.26
CA TRP D 98 -10.45 -19.42 -24.30
C TRP D 98 -11.84 -19.65 -23.74
N TYR D 99 -12.65 -20.40 -24.48
CA TYR D 99 -14.06 -20.58 -24.17
C TYR D 99 -14.37 -22.05 -23.93
N GLY D 100 -15.16 -22.33 -22.90
CA GLY D 100 -15.62 -23.66 -22.62
C GLY D 100 -17.06 -23.68 -22.13
N TYR D 101 -17.91 -24.44 -22.80
CA TYR D 101 -19.34 -24.48 -22.52
C TYR D 101 -19.67 -25.80 -21.87
N PHE D 102 -20.28 -25.76 -20.69
CA PHE D 102 -20.63 -26.98 -19.98
C PHE D 102 -22.04 -26.87 -19.41
N ALA D 103 -22.67 -28.04 -19.27
CA ALA D 103 -24.02 -28.14 -18.72
C ALA D 103 -24.19 -29.54 -18.14
N ASP D 104 -25.21 -29.70 -17.31
CA ASP D 104 -25.47 -30.99 -16.69
C ASP D 104 -25.89 -32.00 -17.76
N ARG D 105 -25.39 -33.24 -17.61
CA ARG D 105 -25.68 -34.27 -18.61
C ARG D 105 -27.15 -34.65 -18.61
N ASP D 106 -27.71 -34.95 -17.43
CA ASP D 106 -29.10 -35.36 -17.36
C ASP D 106 -30.02 -34.22 -17.77
N GLN D 107 -29.74 -32.99 -17.31
CA GLN D 107 -30.57 -31.86 -17.68
C GLN D 107 -30.53 -31.60 -19.19
N ALA D 108 -29.34 -31.69 -19.78
CA ALA D 108 -29.23 -31.47 -21.21
C ALA D 108 -29.96 -32.56 -21.99
N GLN D 109 -29.85 -33.81 -21.56
CA GLN D 109 -30.57 -34.88 -22.24
C GLN D 109 -32.08 -34.67 -22.15
N ILE D 110 -32.57 -34.30 -20.96
CA ILE D 110 -34.00 -34.06 -20.79
C ILE D 110 -34.45 -32.91 -21.68
N ALA D 111 -33.67 -31.82 -21.73
CA ALA D 111 -34.04 -30.67 -22.54
C ALA D 111 -34.01 -30.99 -24.03
N ASP D 112 -33.04 -31.81 -24.45
CA ASP D 112 -32.95 -32.18 -25.86
C ASP D 112 -34.06 -33.15 -26.25
N SER D 113 -34.58 -33.91 -25.27
CA SER D 113 -35.68 -34.81 -25.57
C SER D 113 -36.88 -34.05 -26.12
N THR D 114 -37.19 -32.88 -25.56
CA THR D 114 -38.27 -32.06 -26.07
C THR D 114 -37.98 -31.51 -27.46
N ALA D 115 -36.71 -31.41 -27.83
CA ALA D 115 -36.33 -30.90 -29.16
C ALA D 115 -36.58 -31.99 -30.20
N THR D 116 -37.86 -32.14 -30.55
CA THR D 116 -38.25 -33.16 -31.52
C THR D 116 -37.70 -32.86 -32.92
N THR D 117 -37.49 -31.58 -33.23
CA THR D 117 -36.93 -31.18 -34.50
C THR D 117 -35.57 -30.50 -34.28
N ALA D 118 -34.69 -30.64 -35.27
CA ALA D 118 -33.35 -30.12 -35.14
C ALA D 118 -33.33 -28.60 -35.14
N ASP D 119 -32.38 -28.04 -34.38
CA ASP D 119 -32.12 -26.60 -34.36
C ASP D 119 -33.33 -25.79 -33.89
N SER D 120 -34.12 -26.37 -32.99
CA SER D 120 -35.28 -25.67 -32.43
C SER D 120 -35.49 -26.12 -31.00
N GLY D 121 -36.10 -25.23 -30.21
CA GLY D 121 -36.32 -25.55 -28.81
C GLY D 121 -35.02 -25.62 -28.04
N LEU D 122 -35.01 -26.46 -27.01
CA LEU D 122 -33.81 -26.69 -26.20
C LEU D 122 -32.95 -27.78 -26.83
N ASP D 123 -32.50 -27.50 -28.06
CA ASP D 123 -31.72 -28.46 -28.83
C ASP D 123 -30.25 -28.35 -28.47
N PHE D 124 -29.69 -29.41 -27.91
CA PHE D 124 -28.26 -29.46 -27.59
C PHE D 124 -27.44 -30.09 -28.71
N GLY D 125 -28.06 -30.48 -29.81
CA GLY D 125 -27.33 -31.07 -30.92
C GLY D 125 -27.34 -32.58 -30.84
N VAL D 126 -26.18 -33.19 -31.06
CA VAL D 126 -26.02 -34.64 -31.09
C VAL D 126 -25.11 -35.05 -29.95
N PHE D 127 -25.55 -36.04 -29.18
CA PHE D 127 -24.78 -36.52 -28.04
C PHE D 127 -23.79 -37.58 -28.47
N CYS D 128 -22.51 -37.37 -28.16
CA CYS D 128 -21.46 -38.33 -28.42
C CYS D 128 -20.76 -38.66 -27.11
N ALA D 129 -20.26 -39.88 -27.01
CA ALA D 129 -19.59 -40.32 -25.79
C ALA D 129 -18.27 -39.58 -25.60
N SER D 130 -17.73 -39.68 -24.39
CA SER D 130 -16.47 -39.03 -24.08
C SER D 130 -15.33 -39.59 -24.93
N SER D 131 -15.35 -40.90 -25.17
CA SER D 131 -14.28 -41.54 -25.93
C SER D 131 -14.27 -41.16 -27.40
N SER D 132 -15.32 -40.52 -27.90
CA SER D 132 -15.44 -40.18 -29.31
C SER D 132 -14.96 -38.77 -29.62
N GLY D 133 -14.45 -38.03 -28.63
CA GLY D 133 -14.02 -36.66 -28.88
C GLY D 133 -12.88 -36.58 -29.87
N THR D 134 -11.91 -37.48 -29.77
CA THR D 134 -10.75 -37.45 -30.65
C THR D 134 -11.16 -37.60 -32.12
N ALA D 135 -12.05 -38.54 -32.41
CA ALA D 135 -12.50 -38.73 -33.78
C ALA D 135 -13.48 -37.66 -34.23
N ALA D 136 -14.32 -37.16 -33.32
CA ALA D 136 -15.36 -36.19 -33.68
C ALA D 136 -14.87 -34.76 -33.64
N LEU D 137 -14.08 -34.40 -32.63
CA LEU D 137 -13.62 -33.02 -32.49
C LEU D 137 -12.16 -32.84 -32.83
N GLY D 138 -11.34 -33.87 -32.67
CA GLY D 138 -9.91 -33.76 -32.92
C GLY D 138 -9.04 -33.69 -31.68
N PHE D 139 -9.60 -33.91 -30.49
CA PHE D 139 -8.83 -33.86 -29.25
C PHE D 139 -9.55 -34.67 -28.19
N SER D 140 -8.83 -34.98 -27.12
CA SER D 140 -9.34 -35.86 -26.08
C SER D 140 -10.28 -35.11 -25.14
N THR D 141 -11.42 -35.73 -24.85
CA THR D 141 -12.40 -35.20 -23.91
C THR D 141 -12.88 -36.31 -22.99
N THR D 142 -11.96 -37.16 -22.52
CA THR D 142 -12.34 -38.33 -21.75
C THR D 142 -12.89 -37.94 -20.38
N GLU D 143 -12.31 -36.92 -19.75
CA GLU D 143 -12.70 -36.57 -18.38
C GLU D 143 -14.13 -36.05 -18.30
N THR D 144 -14.69 -35.57 -19.41
CA THR D 144 -16.06 -35.08 -19.39
C THR D 144 -17.05 -36.24 -19.50
N ASP D 145 -18.22 -36.07 -18.88
CA ASP D 145 -19.25 -37.10 -18.96
C ASP D 145 -19.79 -37.26 -20.38
N GLY D 146 -19.73 -36.22 -21.20
CA GLY D 146 -20.19 -36.30 -22.56
C GLY D 146 -19.99 -34.98 -23.26
N ILE D 147 -20.12 -35.02 -24.58
CA ILE D 147 -19.99 -33.84 -25.42
C ILE D 147 -21.17 -33.78 -26.38
N ALA D 148 -21.68 -32.58 -26.61
CA ALA D 148 -22.81 -32.35 -27.51
C ALA D 148 -22.30 -31.50 -28.68
N ILE D 149 -22.22 -32.11 -29.86
CA ILE D 149 -21.66 -31.45 -31.02
C ILE D 149 -22.78 -31.07 -31.99
N PRO D 150 -22.64 -29.96 -32.74
CA PRO D 150 -23.73 -29.46 -33.59
C PRO D 150 -23.77 -30.08 -34.98
N ILE D 151 -24.09 -31.36 -35.05
CA ILE D 151 -24.20 -32.05 -36.33
C ILE D 151 -25.60 -32.65 -36.45
N THR D 152 -25.85 -33.35 -37.55
CA THR D 152 -27.04 -34.17 -37.73
C THR D 152 -26.62 -35.52 -38.28
N ILE D 153 -27.42 -36.53 -38.00
CA ILE D 153 -27.13 -37.89 -38.43
C ILE D 153 -27.91 -38.19 -39.71
N ALA D 154 -27.23 -38.81 -40.69
CA ALA D 154 -27.88 -39.27 -41.90
C ALA D 154 -27.97 -40.79 -41.98
N ASN D 155 -27.20 -41.52 -41.17
CA ASN D 155 -27.26 -42.97 -41.09
C ASN D 155 -27.39 -43.30 -39.60
N ALA D 156 -28.63 -43.36 -39.12
CA ALA D 156 -28.90 -43.51 -37.69
C ALA D 156 -28.65 -44.96 -37.25
N THR D 157 -27.36 -45.30 -37.18
CA THR D 157 -26.96 -46.58 -36.64
C THR D 157 -27.09 -46.57 -35.12
N ALA D 158 -27.42 -47.72 -34.55
CA ALA D 158 -27.65 -47.81 -33.11
C ALA D 158 -26.36 -47.78 -32.30
N THR D 159 -25.21 -48.05 -32.90
CA THR D 159 -23.94 -48.12 -32.19
C THR D 159 -22.95 -47.07 -32.68
N GLY D 160 -22.69 -47.01 -33.98
CA GLY D 160 -21.65 -46.15 -34.51
C GLY D 160 -21.98 -44.68 -34.58
N ASN D 161 -23.24 -44.31 -34.43
CA ASN D 161 -23.66 -42.92 -34.52
C ASN D 161 -24.38 -42.52 -33.24
N GLY D 162 -24.11 -41.30 -32.77
CA GLY D 162 -24.66 -40.85 -31.52
C GLY D 162 -26.15 -40.57 -31.59
N THR D 163 -26.76 -40.42 -30.42
CA THR D 163 -28.17 -40.12 -30.33
C THR D 163 -28.45 -38.73 -30.87
N GLN D 164 -29.64 -38.56 -31.45
CA GLN D 164 -30.01 -37.26 -32.03
C GLN D 164 -30.92 -36.45 -31.11
N THR D 165 -31.77 -37.11 -30.33
CA THR D 165 -32.72 -36.41 -29.47
C THR D 165 -32.43 -36.55 -27.98
N GLY D 166 -31.70 -37.59 -27.57
CA GLY D 166 -31.39 -37.75 -26.16
C GLY D 166 -32.54 -38.38 -25.39
N SER D 167 -32.21 -39.19 -24.39
CA SER D 167 -33.23 -39.89 -23.62
C SER D 167 -34.08 -38.90 -22.82
N SER D 168 -35.37 -39.18 -22.72
CA SER D 168 -36.27 -38.32 -21.95
C SER D 168 -35.90 -38.32 -20.47
N SER D 169 -35.55 -39.47 -19.92
CA SER D 169 -35.18 -39.59 -18.50
C SER D 169 -33.70 -39.32 -18.26
N GLY D 170 -32.94 -39.00 -19.29
CA GLY D 170 -31.52 -38.78 -19.13
C GLY D 170 -30.72 -40.07 -19.05
N GLY D 171 -29.75 -40.13 -18.16
CA GLY D 171 -28.92 -41.30 -18.00
C GLY D 171 -27.57 -41.15 -18.68
N ALA D 172 -26.79 -42.22 -18.62
CA ALA D 172 -25.44 -42.21 -19.16
C ALA D 172 -25.46 -42.16 -20.68
N ILE D 173 -24.39 -41.59 -21.24
CA ILE D 173 -24.19 -41.52 -22.69
C ILE D 173 -23.23 -42.63 -23.08
N THR D 174 -23.59 -43.41 -24.10
CA THR D 174 -22.77 -44.54 -24.50
C THR D 174 -22.49 -44.51 -26.01
N THR D 175 -23.41 -43.93 -26.76
CA THR D 175 -23.25 -43.86 -28.22
C THR D 175 -22.05 -43.01 -28.58
N THR D 176 -21.33 -43.43 -29.61
CA THR D 176 -20.10 -42.79 -30.03
C THR D 176 -20.27 -42.13 -31.40
N CYS D 177 -19.23 -41.41 -31.82
CA CYS D 177 -19.21 -40.70 -33.08
C CYS D 177 -17.81 -40.79 -33.68
N ALA D 178 -17.71 -40.55 -34.98
CA ALA D 178 -16.45 -40.68 -35.68
C ALA D 178 -16.40 -39.65 -36.82
N ALA D 179 -15.38 -39.78 -37.68
CA ALA D 179 -15.21 -38.83 -38.77
C ALA D 179 -16.27 -39.00 -39.84
N ASN D 180 -16.64 -40.25 -40.15
CA ASN D 180 -17.72 -40.47 -41.11
C ASN D 180 -19.03 -39.90 -40.61
N THR D 181 -19.22 -39.85 -39.30
CA THR D 181 -20.41 -39.20 -38.74
C THR D 181 -20.42 -37.72 -39.08
N LEU D 182 -19.26 -37.06 -39.01
CA LEU D 182 -19.17 -35.67 -39.41
C LEU D 182 -19.42 -35.51 -40.92
N ASP D 183 -18.75 -36.32 -41.73
CA ASP D 183 -18.82 -36.13 -43.18
C ASP D 183 -20.22 -36.43 -43.71
N ALA D 184 -20.93 -37.36 -43.07
CA ALA D 184 -22.25 -37.76 -43.54
C ALA D 184 -23.35 -36.80 -43.13
N SER D 185 -23.05 -35.81 -42.30
CA SER D 185 -24.09 -34.89 -41.84
C SER D 185 -24.65 -34.08 -43.00
N THR D 186 -25.97 -34.00 -43.07
CA THR D 186 -26.65 -33.19 -44.09
C THR D 186 -26.87 -31.76 -43.65
N ALA D 187 -26.62 -31.45 -42.37
CA ALA D 187 -26.78 -30.09 -41.86
C ALA D 187 -25.91 -29.96 -40.62
N ASN D 188 -25.22 -28.82 -40.50
CA ASN D 188 -24.29 -28.59 -39.41
C ASN D 188 -24.70 -27.35 -38.63
N GLY D 189 -24.60 -27.44 -37.31
CA GLY D 189 -24.98 -26.34 -36.44
C GLY D 189 -26.37 -26.50 -35.85
N THR D 190 -26.67 -27.69 -35.35
CA THR D 190 -28.00 -27.99 -34.81
C THR D 190 -28.16 -27.58 -33.35
N ILE D 191 -27.11 -27.08 -32.70
CA ILE D 191 -27.25 -26.62 -31.32
C ILE D 191 -27.95 -25.27 -31.31
N ASN D 192 -28.97 -25.14 -30.45
CA ASN D 192 -29.72 -23.92 -30.31
C ASN D 192 -29.61 -23.30 -28.93
N VAL D 193 -28.91 -23.94 -28.00
CA VAL D 193 -28.73 -23.38 -26.67
C VAL D 193 -27.51 -22.49 -26.55
N VAL D 194 -26.59 -22.56 -27.51
CA VAL D 194 -25.43 -21.67 -27.59
C VAL D 194 -25.41 -21.14 -29.01
N ARG D 195 -25.96 -19.95 -29.22
CA ARG D 195 -26.18 -19.43 -30.57
C ARG D 195 -25.12 -18.43 -31.02
N GLU D 196 -24.38 -17.82 -30.10
CA GLU D 196 -23.48 -16.73 -30.44
C GLU D 196 -22.08 -17.00 -29.91
N ALA D 197 -21.57 -18.21 -30.16
CA ALA D 197 -20.20 -18.52 -29.81
C ALA D 197 -19.24 -17.75 -30.71
N LYS D 198 -18.09 -17.38 -30.15
CA LYS D 198 -17.12 -16.60 -30.90
C LYS D 198 -16.40 -17.47 -31.93
N ASP D 199 -15.77 -16.81 -32.89
CA ASP D 199 -15.11 -17.51 -33.99
C ASP D 199 -13.79 -18.12 -33.51
N PRO D 200 -13.56 -19.40 -33.76
CA PRO D 200 -12.27 -20.00 -33.37
C PRO D 200 -11.12 -19.44 -34.20
N VAL D 201 -9.92 -19.55 -33.62
CA VAL D 201 -8.72 -19.08 -34.30
C VAL D 201 -8.46 -19.95 -35.53
N ALA D 202 -8.23 -19.30 -36.67
CA ALA D 202 -7.96 -20.04 -37.89
C ALA D 202 -6.58 -20.68 -37.85
N ALA D 203 -6.42 -21.75 -38.63
CA ALA D 203 -5.15 -22.44 -38.72
C ALA D 203 -4.18 -21.65 -39.59
N SER D 204 -2.98 -21.39 -39.07
CA SER D 204 -1.97 -20.66 -39.80
C SER D 204 -0.61 -20.94 -39.18
N GLY D 205 0.37 -21.30 -40.02
CA GLY D 205 1.68 -21.62 -39.50
C GLY D 205 1.62 -22.83 -38.58
N SER D 206 2.16 -22.65 -37.37
CA SER D 206 2.16 -23.72 -36.39
C SER D 206 0.87 -23.77 -35.57
N VAL D 207 0.06 -22.71 -35.62
CA VAL D 207 -1.15 -22.64 -34.81
C VAL D 207 -2.26 -23.42 -35.51
N SER D 208 -2.85 -24.37 -34.80
CA SER D 208 -3.96 -25.15 -35.33
C SER D 208 -5.26 -24.38 -35.11
N VAL D 209 -6.39 -25.01 -35.48
CA VAL D 209 -7.68 -24.38 -35.28
C VAL D 209 -8.03 -24.43 -33.80
N GLY D 210 -8.26 -23.26 -33.20
CA GLY D 210 -8.49 -23.19 -31.78
C GLY D 210 -7.32 -23.60 -30.93
N GLN D 211 -6.14 -23.78 -31.52
CA GLN D 211 -4.91 -24.19 -30.86
C GLN D 211 -5.00 -25.56 -30.20
N ILE D 212 -6.13 -26.26 -30.35
CA ILE D 212 -6.27 -27.60 -29.82
C ILE D 212 -6.66 -28.62 -30.88
N GLY D 213 -6.90 -28.21 -32.11
CA GLY D 213 -7.09 -29.16 -33.20
C GLY D 213 -8.53 -29.45 -33.58
N LEU D 214 -9.33 -28.42 -33.77
CA LEU D 214 -10.68 -28.60 -34.30
C LEU D 214 -10.61 -29.03 -35.76
N LYS D 215 -11.63 -29.76 -36.20
CA LYS D 215 -11.67 -30.20 -37.59
C LYS D 215 -12.32 -29.14 -38.49
N ASN D 216 -13.47 -28.60 -38.09
CA ASN D 216 -14.10 -27.51 -38.81
C ASN D 216 -14.33 -26.37 -37.83
N GLY D 217 -13.80 -25.19 -38.16
CA GLY D 217 -13.79 -24.08 -37.23
C GLY D 217 -14.82 -23.01 -37.49
N THR D 218 -15.92 -23.35 -38.16
CA THR D 218 -16.98 -22.38 -38.37
C THR D 218 -17.67 -22.05 -37.05
N ALA D 219 -18.01 -20.77 -36.86
CA ALA D 219 -18.39 -20.28 -35.54
C ALA D 219 -19.67 -20.92 -35.04
N ASN D 220 -20.74 -20.90 -35.84
CA ASN D 220 -22.03 -21.41 -35.38
C ASN D 220 -22.72 -22.33 -36.35
N SER D 221 -22.43 -22.27 -37.65
CA SER D 221 -23.03 -23.15 -38.64
C SER D 221 -22.16 -24.36 -38.92
N GLY D 222 -21.02 -24.49 -38.25
CA GLY D 222 -20.15 -25.62 -38.43
C GLY D 222 -20.57 -26.82 -37.60
N PRO D 223 -19.91 -27.95 -37.81
CA PRO D 223 -20.23 -29.17 -37.06
C PRO D 223 -19.39 -29.42 -35.81
N ASN D 224 -18.56 -28.46 -35.39
CA ASN D 224 -17.70 -28.69 -34.24
C ASN D 224 -17.84 -27.61 -33.18
N TRP D 225 -18.04 -26.36 -33.61
CA TRP D 225 -18.10 -25.24 -32.70
C TRP D 225 -19.42 -24.51 -32.87
N PRO D 226 -20.13 -24.18 -31.77
CA PRO D 226 -19.73 -24.54 -30.41
C PRO D 226 -20.11 -25.97 -30.04
N PHE D 227 -19.51 -26.48 -28.97
CA PHE D 227 -19.85 -27.79 -28.45
C PHE D 227 -19.92 -27.71 -26.93
N ILE D 228 -20.94 -28.33 -26.36
CA ILE D 228 -21.16 -28.31 -24.92
C ILE D 228 -20.59 -29.59 -24.32
N GLN D 229 -19.76 -29.44 -23.30
CA GLN D 229 -19.18 -30.58 -22.59
C GLN D 229 -20.05 -30.90 -21.39
N LEU D 230 -20.53 -32.13 -21.31
CA LEU D 230 -21.56 -32.49 -20.35
C LEU D 230 -20.92 -32.96 -19.05
N TYR D 231 -21.45 -32.48 -17.92
CA TYR D 231 -20.87 -32.78 -16.62
C TYR D 231 -21.97 -33.22 -15.67
N GLU D 232 -21.77 -34.35 -15.01
CA GLU D 232 -22.76 -34.88 -14.07
C GLU D 232 -22.60 -34.18 -12.74
N LEU D 233 -23.55 -33.32 -12.39
CA LEU D 233 -23.49 -32.49 -11.21
C LEU D 233 -24.54 -32.92 -10.20
N ASN D 234 -24.20 -32.78 -8.92
CA ASN D 234 -25.15 -33.24 -7.90
C ASN D 234 -26.12 -32.13 -7.50
N PRO D 235 -27.41 -32.43 -7.36
CA PRO D 235 -28.36 -31.42 -6.90
C PRO D 235 -28.05 -30.97 -5.48
N THR D 236 -28.30 -29.69 -5.22
CA THR D 236 -28.10 -29.01 -3.93
C THR D 236 -26.64 -28.96 -3.51
N GLY D 237 -25.72 -29.48 -4.32
CA GLY D 237 -24.31 -29.45 -4.00
C GLY D 237 -23.59 -28.33 -4.73
N ASN D 238 -22.51 -27.86 -4.11
CA ASN D 238 -21.73 -26.77 -4.68
C ASN D 238 -21.02 -27.22 -5.95
N VAL D 239 -20.94 -26.32 -6.92
CA VAL D 239 -20.15 -26.50 -8.13
C VAL D 239 -19.03 -25.48 -8.09
N VAL D 240 -17.79 -25.95 -8.11
CA VAL D 240 -16.62 -25.09 -7.98
C VAL D 240 -15.84 -25.17 -9.28
N VAL D 241 -15.64 -24.02 -9.92
CA VAL D 241 -14.83 -23.91 -11.12
C VAL D 241 -13.47 -23.34 -10.72
N GLN D 242 -12.41 -24.06 -11.08
CA GLN D 242 -11.06 -23.68 -10.71
C GLN D 242 -10.20 -23.52 -11.95
N TYR D 243 -9.40 -22.45 -11.97
CA TYR D 243 -8.47 -22.17 -13.06
C TYR D 243 -7.06 -22.21 -12.49
N ASN D 244 -6.20 -23.02 -13.10
CA ASN D 244 -4.83 -23.23 -12.61
C ASN D 244 -3.87 -22.35 -13.41
N LYS D 245 -3.20 -21.44 -12.71
CA LYS D 245 -2.25 -20.54 -13.34
C LYS D 245 -1.12 -20.26 -12.34
N GLY D 246 0.09 -20.07 -12.87
CA GLY D 246 1.23 -19.79 -12.03
C GLY D 246 1.10 -18.50 -11.26
N GLY D 247 1.01 -18.61 -9.94
CA GLY D 247 0.84 -17.46 -9.06
C GLY D 247 -0.27 -17.62 -8.05
N GLY D 248 -1.21 -18.53 -8.28
CA GLY D 248 -2.33 -18.74 -7.39
C GLY D 248 -3.56 -19.22 -8.12
N VAL D 249 -4.22 -20.23 -7.57
CA VAL D 249 -5.41 -20.79 -8.20
C VAL D 249 -6.59 -19.85 -7.95
N GLN D 250 -7.48 -19.75 -8.93
CA GLN D 250 -8.68 -18.93 -8.83
C GLN D 250 -9.89 -19.85 -8.88
N SER D 251 -10.78 -19.71 -7.90
CA SER D 251 -11.91 -20.61 -7.75
C SER D 251 -13.21 -19.81 -7.65
N THR D 252 -14.25 -20.30 -8.32
CA THR D 252 -15.58 -19.72 -8.26
C THR D 252 -16.54 -20.79 -7.76
N THR D 253 -17.36 -20.44 -6.78
CA THR D 253 -18.30 -21.39 -6.18
C THR D 253 -19.70 -21.14 -6.72
N LEU D 254 -20.36 -22.21 -7.12
CA LEU D 254 -21.71 -22.16 -7.65
C LEU D 254 -22.55 -23.27 -7.02
N THR D 255 -23.86 -23.05 -6.93
CA THR D 255 -24.77 -24.01 -6.33
C THR D 255 -25.69 -24.58 -7.41
N PHE D 256 -25.87 -25.90 -7.38
CA PHE D 256 -26.76 -26.59 -8.31
C PHE D 256 -28.06 -26.89 -7.58
N ASP D 257 -28.91 -25.86 -7.50
CA ASP D 257 -30.14 -25.94 -6.71
C ASP D 257 -31.26 -25.25 -7.45
N THR D 258 -32.48 -25.68 -7.21
CA THR D 258 -33.66 -25.02 -7.74
C THR D 258 -33.73 -23.58 -7.22
N VAL D 259 -34.22 -22.68 -8.07
CA VAL D 259 -34.06 -21.25 -7.82
C VAL D 259 -35.42 -20.54 -7.72
N ASP D 260 -36.43 -21.23 -7.20
CA ASP D 260 -37.73 -20.60 -7.07
C ASP D 260 -37.75 -19.46 -6.06
N GLN D 261 -36.74 -19.37 -5.19
CA GLN D 261 -36.68 -18.29 -4.22
C GLN D 261 -36.21 -16.98 -4.82
N PHE D 262 -35.55 -17.03 -5.98
CA PHE D 262 -35.04 -15.83 -6.63
C PHE D 262 -35.91 -15.35 -7.78
N ALA D 263 -37.01 -16.05 -8.07
CA ALA D 263 -37.87 -15.71 -9.20
C ALA D 263 -39.07 -14.91 -8.72
N GLU D 264 -39.34 -13.80 -9.41
CA GLU D 264 -40.51 -12.98 -9.10
C GLU D 264 -40.80 -12.07 -10.28
N LEU D 265 -42.02 -11.53 -10.29
CA LEU D 265 -42.47 -10.60 -11.32
C LEU D 265 -42.90 -9.31 -10.64
N SER D 266 -42.58 -8.18 -11.28
CA SER D 266 -42.86 -6.87 -10.71
C SER D 266 -43.61 -6.02 -11.72
N LEU D 267 -44.75 -5.48 -11.30
CA LEU D 267 -45.48 -4.49 -12.07
C LEU D 267 -44.88 -3.11 -11.83
N ASP D 268 -44.79 -2.31 -12.90
CA ASP D 268 -44.17 -1.00 -12.75
C ASP D 268 -45.12 0.03 -12.15
N ARG D 269 -46.42 -0.25 -12.14
CA ARG D 269 -47.42 0.70 -11.66
C ARG D 269 -48.42 0.00 -10.75
N THR D 270 -48.85 0.73 -9.73
CA THR D 270 -49.90 0.21 -8.84
C THR D 270 -51.28 0.30 -9.49
N VAL D 271 -51.52 1.33 -10.30
CA VAL D 271 -52.79 1.53 -10.98
C VAL D 271 -52.51 1.88 -12.43
N PHE D 272 -53.28 1.30 -13.35
CA PHE D 272 -53.05 1.45 -14.78
C PHE D 272 -54.17 2.25 -15.42
N PRO D 273 -53.89 3.40 -16.00
CA PRO D 273 -54.93 4.13 -16.74
C PRO D 273 -55.38 3.36 -17.97
N ARG D 274 -56.43 3.89 -18.61
CA ARG D 274 -57.18 3.12 -19.60
C ARG D 274 -56.32 2.73 -20.80
N VAL D 275 -55.49 3.64 -21.31
CA VAL D 275 -54.72 3.37 -22.51
C VAL D 275 -53.27 3.00 -22.19
N SER D 276 -52.91 2.91 -20.92
CA SER D 276 -51.52 2.69 -20.53
C SER D 276 -51.03 1.31 -20.95
N GLN D 277 -49.73 1.24 -21.24
CA GLN D 277 -49.07 -0.03 -21.48
C GLN D 277 -48.86 -0.79 -20.18
N VAL D 278 -48.66 -2.09 -20.29
CA VAL D 278 -48.42 -2.96 -19.15
C VAL D 278 -47.04 -3.57 -19.33
N HIS D 279 -46.03 -2.94 -18.74
CA HIS D 279 -44.66 -3.45 -18.78
C HIS D 279 -44.46 -4.38 -17.58
N ALA D 280 -44.08 -5.63 -17.87
CA ALA D 280 -43.83 -6.63 -16.84
C ALA D 280 -42.37 -7.07 -16.90
N THR D 281 -41.77 -7.24 -15.73
CA THR D 281 -40.38 -7.64 -15.60
C THR D 281 -40.29 -8.95 -14.85
N ILE D 282 -39.62 -9.93 -15.44
CA ILE D 282 -39.44 -11.25 -14.84
C ILE D 282 -37.95 -11.47 -14.58
N THR D 283 -37.61 -11.84 -13.36
CA THR D 283 -36.23 -12.08 -12.96
C THR D 283 -36.11 -13.54 -12.52
N ASP D 284 -35.74 -14.41 -13.44
CA ASP D 284 -35.61 -15.83 -13.15
C ASP D 284 -34.30 -16.35 -13.71
N LEU D 285 -33.64 -17.21 -12.94
CA LEU D 285 -32.39 -17.80 -13.37
C LEU D 285 -32.60 -18.91 -14.38
N TRP D 286 -33.67 -19.69 -14.20
CA TRP D 286 -33.87 -20.89 -15.02
C TRP D 286 -34.08 -20.54 -16.49
N LEU D 287 -34.55 -19.33 -16.77
CA LEU D 287 -34.83 -18.94 -18.16
C LEU D 287 -33.59 -18.45 -18.88
N ASN D 288 -32.44 -18.38 -18.21
CA ASN D 288 -31.20 -17.92 -18.83
C ASN D 288 -30.37 -19.11 -19.30
N ILE D 289 -30.94 -19.82 -20.27
CA ILE D 289 -30.29 -21.02 -20.80
C ILE D 289 -29.03 -20.65 -21.56
N ASP D 290 -29.12 -19.67 -22.46
CA ASP D 290 -28.00 -19.32 -23.33
C ASP D 290 -27.07 -18.37 -22.61
N PRO D 291 -25.80 -18.72 -22.40
CA PRO D 291 -24.88 -17.78 -21.74
C PRO D 291 -24.32 -16.71 -22.67
N THR D 292 -24.43 -16.88 -23.98
CA THR D 292 -23.83 -15.94 -24.92
C THR D 292 -24.85 -15.18 -25.75
N ASP D 293 -26.15 -15.34 -25.49
CA ASP D 293 -27.18 -14.58 -26.18
C ASP D 293 -28.36 -14.42 -25.23
N GLU D 294 -29.15 -13.36 -25.48
CA GLU D 294 -30.34 -13.16 -24.68
C GLU D 294 -31.46 -14.07 -25.15
N ASP D 295 -32.05 -14.81 -24.21
CA ASP D 295 -33.04 -15.82 -24.50
C ASP D 295 -34.44 -15.19 -24.60
N SER D 296 -35.28 -15.81 -25.43
CA SER D 296 -36.64 -15.37 -25.64
C SER D 296 -37.59 -16.53 -25.39
N TRP D 297 -38.63 -16.28 -24.59
CA TRP D 297 -39.61 -17.30 -24.25
C TRP D 297 -41.00 -16.79 -24.62
N THR D 298 -41.78 -17.64 -25.28
CA THR D 298 -43.17 -17.36 -25.63
C THR D 298 -44.06 -18.30 -24.84
N PHE D 299 -45.11 -17.75 -24.23
CA PHE D 299 -45.96 -18.50 -23.31
C PHE D 299 -47.36 -18.66 -23.88
N ALA D 300 -48.14 -19.52 -23.23
CA ALA D 300 -49.56 -19.71 -23.51
C ALA D 300 -50.29 -19.53 -22.18
N THR D 301 -50.66 -18.29 -21.89
CA THR D 301 -51.09 -17.89 -20.55
C THR D 301 -52.61 -17.88 -20.36
N ASN D 302 -53.38 -18.10 -21.41
CA ASN D 302 -54.84 -18.01 -21.30
C ASN D 302 -55.34 -19.15 -20.41
N THR D 303 -55.78 -18.80 -19.20
CA THR D 303 -56.17 -19.82 -18.24
C THR D 303 -57.64 -20.23 -18.37
N LYS D 304 -58.42 -19.55 -19.20
CA LYS D 304 -59.82 -19.88 -19.38
C LYS D 304 -60.14 -20.53 -20.72
N ASN D 305 -59.13 -20.86 -21.52
CA ASN D 305 -59.37 -21.58 -22.76
C ASN D 305 -59.67 -23.03 -22.41
N THR D 306 -60.94 -23.32 -22.14
CA THR D 306 -61.36 -24.58 -21.55
C THR D 306 -61.36 -25.74 -22.54
N THR D 307 -60.82 -25.55 -23.74
CA THR D 307 -60.70 -26.66 -24.68
C THR D 307 -59.84 -27.77 -24.08
N SER D 308 -60.29 -29.01 -24.23
CA SER D 308 -59.59 -30.14 -23.63
C SER D 308 -58.18 -30.28 -24.19
N SER D 309 -58.03 -30.08 -25.51
CA SER D 309 -56.71 -30.24 -26.13
C SER D 309 -55.73 -29.19 -25.62
N PHE D 310 -56.18 -27.96 -25.45
CA PHE D 310 -55.27 -26.89 -25.06
C PHE D 310 -54.79 -27.06 -23.63
N ASN D 311 -53.51 -26.74 -23.41
CA ASN D 311 -52.92 -26.72 -22.08
C ASN D 311 -52.04 -25.49 -21.96
N VAL D 312 -51.88 -25.02 -20.72
CA VAL D 312 -51.01 -23.87 -20.48
C VAL D 312 -49.56 -24.33 -20.61
N ASP D 313 -48.86 -23.80 -21.62
CA ASP D 313 -47.55 -24.31 -21.99
C ASP D 313 -46.58 -23.17 -22.21
N THR D 314 -45.30 -23.48 -22.01
CA THR D 314 -44.20 -22.55 -22.23
C THR D 314 -43.40 -23.00 -23.44
N PHE D 315 -42.99 -22.05 -24.27
CA PHE D 315 -42.25 -22.34 -25.48
C PHE D 315 -40.93 -21.57 -25.47
N TYR D 316 -39.86 -22.23 -25.94
CA TYR D 316 -38.53 -21.66 -25.94
C TYR D 316 -38.13 -21.22 -27.34
N GLN D 317 -37.74 -19.95 -27.47
CA GLN D 317 -37.12 -19.42 -28.67
C GLN D 317 -37.99 -19.62 -29.91
N VAL D 318 -39.26 -19.24 -29.80
CA VAL D 318 -40.11 -19.14 -30.98
C VAL D 318 -39.71 -17.92 -31.81
N PHE D 319 -39.44 -16.80 -31.14
CA PHE D 319 -38.98 -15.58 -31.78
C PHE D 319 -37.57 -15.26 -31.29
N ASP D 320 -36.65 -15.02 -32.21
CA ASP D 320 -35.30 -14.65 -31.83
C ASP D 320 -35.30 -13.28 -31.16
N GLU D 321 -34.12 -12.87 -30.69
CA GLU D 321 -33.97 -11.57 -30.04
C GLU D 321 -34.25 -10.42 -31.00
N ASN D 322 -34.11 -10.64 -32.31
CA ASN D 322 -34.36 -9.61 -33.30
C ASN D 322 -35.82 -9.50 -33.70
N GLY D 323 -36.66 -10.43 -33.26
CA GLY D 323 -38.06 -10.42 -33.63
C GLY D 323 -38.42 -11.22 -34.86
N ALA D 324 -37.53 -12.09 -35.34
CA ALA D 324 -37.80 -12.91 -36.50
C ALA D 324 -38.27 -14.29 -36.06
N SER D 325 -38.43 -15.19 -37.02
CA SER D 325 -38.86 -16.55 -36.73
C SER D 325 -37.68 -17.34 -36.19
N GLY D 326 -37.73 -17.69 -34.91
CA GLY D 326 -36.65 -18.42 -34.27
C GLY D 326 -36.68 -19.92 -34.45
N GLY D 327 -37.68 -20.45 -35.15
CA GLY D 327 -37.85 -21.86 -35.35
C GLY D 327 -39.27 -22.27 -35.03
N SER D 328 -39.47 -23.56 -34.81
CA SER D 328 -40.79 -24.07 -34.49
C SER D 328 -41.06 -23.98 -33.00
N ALA D 329 -42.33 -24.08 -32.64
CA ALA D 329 -42.78 -24.08 -31.25
C ALA D 329 -42.94 -25.52 -30.79
N LEU D 330 -42.37 -25.84 -29.63
CA LEU D 330 -42.30 -27.21 -29.16
C LEU D 330 -42.83 -27.30 -27.73
N THR D 331 -43.47 -28.42 -27.42
CA THR D 331 -44.10 -28.61 -26.12
C THR D 331 -43.05 -28.67 -25.01
N LEU D 332 -43.36 -28.03 -23.89
CA LEU D 332 -42.52 -28.08 -22.70
C LEU D 332 -43.30 -28.27 -21.41
N ARG D 333 -44.61 -28.49 -21.48
CA ARG D 333 -45.41 -28.58 -20.26
C ARG D 333 -45.12 -29.87 -19.50
N THR D 334 -44.97 -30.98 -20.19
CA THR D 334 -44.82 -32.28 -19.55
C THR D 334 -43.37 -32.55 -19.14
N THR D 335 -42.47 -31.59 -19.27
CA THR D 335 -41.06 -31.80 -19.02
C THR D 335 -40.51 -30.93 -17.90
N LEU D 336 -41.18 -29.81 -17.59
CA LEU D 336 -40.63 -28.85 -16.62
C LEU D 336 -40.39 -29.50 -15.26
N SER D 337 -41.13 -30.56 -14.93
CA SER D 337 -40.89 -31.25 -13.66
C SER D 337 -39.48 -31.85 -13.62
N SER D 338 -39.06 -32.47 -14.71
CA SER D 338 -37.71 -33.04 -14.79
C SER D 338 -36.63 -32.00 -15.03
N LEU D 339 -37.00 -30.79 -15.46
CA LEU D 339 -36.04 -29.72 -15.71
C LEU D 339 -35.77 -28.89 -14.46
N MET D 340 -36.01 -29.44 -13.28
CA MET D 340 -35.80 -28.80 -11.98
C MET D 340 -36.66 -27.56 -11.78
N CYS D 341 -37.68 -27.35 -12.63
CA CYS D 341 -38.59 -26.24 -12.41
C CYS D 341 -39.43 -26.51 -11.17
N GLU D 342 -39.32 -25.62 -10.19
CA GLU D 342 -40.17 -25.64 -9.00
C GLU D 342 -41.10 -24.44 -9.15
N ASP D 343 -42.29 -24.70 -9.71
CA ASP D 343 -43.37 -23.73 -9.94
C ASP D 343 -42.87 -22.33 -10.28
N ASN D 344 -41.88 -22.23 -11.18
CA ASN D 344 -41.34 -20.94 -11.58
C ASN D 344 -41.05 -20.86 -13.08
N CYS D 345 -41.62 -21.78 -13.87
CA CYS D 345 -41.37 -21.79 -15.31
C CYS D 345 -42.63 -21.66 -16.14
N VAL D 346 -43.78 -21.38 -15.52
CA VAL D 346 -45.05 -21.30 -16.22
C VAL D 346 -45.70 -19.96 -15.93
N LEU D 347 -46.23 -19.32 -16.97
CA LEU D 347 -46.93 -18.06 -16.87
C LEU D 347 -48.39 -18.25 -17.23
N THR D 348 -49.28 -17.69 -16.42
CA THR D 348 -50.71 -17.75 -16.66
C THR D 348 -51.30 -16.34 -16.51
N LEU D 349 -52.25 -16.02 -17.39
CA LEU D 349 -52.86 -14.69 -17.41
C LEU D 349 -54.37 -14.82 -17.50
N ASP D 350 -55.07 -13.84 -16.93
CA ASP D 350 -56.52 -13.75 -17.00
C ASP D 350 -56.90 -12.31 -17.31
N VAL D 351 -57.49 -12.08 -18.48
CA VAL D 351 -57.75 -10.73 -18.96
C VAL D 351 -58.85 -10.01 -18.17
N ASP D 352 -59.61 -10.74 -17.35
CA ASP D 352 -60.67 -10.12 -16.55
C ASP D 352 -60.94 -11.03 -15.37
N ALA D 353 -60.61 -10.57 -14.17
CA ALA D 353 -60.80 -11.39 -12.98
C ALA D 353 -62.27 -11.47 -12.60
N GLN D 354 -63.03 -10.40 -12.80
CA GLN D 354 -64.41 -10.33 -12.35
C GLN D 354 -65.40 -10.90 -13.35
N SER D 355 -64.93 -11.32 -14.53
CA SER D 355 -65.79 -11.91 -15.56
C SER D 355 -66.97 -10.99 -15.91
N SER D 356 -66.67 -9.69 -16.06
CA SER D 356 -67.70 -8.70 -16.34
C SER D 356 -67.98 -8.53 -17.83
N GLY D 357 -67.31 -9.31 -18.69
CA GLY D 357 -67.49 -9.19 -20.12
C GLY D 357 -66.64 -8.14 -20.79
N THR D 358 -65.91 -7.35 -20.02
CA THR D 358 -65.01 -6.32 -20.55
C THR D 358 -63.59 -6.63 -20.10
N PRO D 359 -62.74 -7.15 -20.98
CA PRO D 359 -61.38 -7.50 -20.56
C PRO D 359 -60.57 -6.28 -20.15
N VAL D 360 -59.71 -6.48 -19.15
CA VAL D 360 -58.88 -5.39 -18.67
C VAL D 360 -57.65 -5.22 -19.54
N VAL D 361 -56.86 -6.27 -19.69
CA VAL D 361 -55.61 -6.22 -20.43
C VAL D 361 -55.80 -6.86 -21.80
N THR D 362 -55.02 -6.41 -22.76
CA THR D 362 -54.94 -7.02 -24.09
C THR D 362 -53.47 -7.20 -24.46
N ILE D 363 -53.24 -7.78 -25.64
CA ILE D 363 -51.90 -8.04 -26.12
C ILE D 363 -51.72 -7.42 -27.48
N GLN D 364 -50.46 -7.16 -27.83
CA GLN D 364 -50.12 -6.44 -29.06
C GLN D 364 -48.75 -6.88 -29.53
N ASP D 365 -48.54 -6.80 -30.85
CA ASP D 365 -47.25 -7.12 -31.42
C ASP D 365 -46.26 -5.98 -31.17
N ASN D 366 -44.99 -6.33 -31.10
CA ASN D 366 -43.92 -5.34 -30.93
C ASN D 366 -42.70 -5.81 -31.72
N GLY D 367 -41.55 -5.21 -31.43
CA GLY D 367 -40.35 -5.51 -32.19
C GLY D 367 -39.73 -6.86 -31.88
N ASP D 368 -40.07 -7.46 -30.74
CA ASP D 368 -39.46 -8.70 -30.30
C ASP D 368 -40.30 -9.93 -30.65
N SER D 369 -41.39 -9.76 -31.38
CA SER D 369 -42.29 -10.88 -31.67
C SER D 369 -43.01 -10.63 -32.98
N ILE D 370 -43.74 -11.64 -33.42
CA ILE D 370 -44.57 -11.57 -34.63
C ILE D 370 -45.97 -12.00 -34.23
N LEU D 371 -46.83 -11.05 -33.90
CA LEU D 371 -48.20 -11.31 -33.50
C LEU D 371 -49.14 -10.72 -34.54
N THR D 372 -50.07 -11.55 -35.03
CA THR D 372 -50.92 -11.16 -36.15
C THR D 372 -52.38 -11.45 -35.83
N GLN D 373 -53.26 -10.75 -36.53
CA GLN D 373 -54.70 -10.92 -36.40
C GLN D 373 -55.13 -12.16 -37.15
N LEU D 374 -55.55 -13.19 -36.40
CA LEU D 374 -56.13 -14.36 -37.04
C LEU D 374 -57.60 -14.15 -37.34
N ASN D 375 -58.38 -13.73 -36.35
CA ASN D 375 -59.78 -13.35 -36.55
C ASN D 375 -59.80 -11.87 -36.92
N ALA D 376 -59.75 -11.60 -38.22
CA ALA D 376 -59.72 -10.24 -38.73
C ALA D 376 -61.10 -9.66 -38.96
N SER D 377 -62.16 -10.36 -38.56
CA SER D 377 -63.52 -9.89 -38.81
C SER D 377 -63.76 -8.56 -38.11
N SER D 378 -64.54 -7.69 -38.76
CA SER D 378 -64.84 -6.38 -38.20
C SER D 378 -65.70 -6.47 -36.95
N ASN D 379 -66.35 -7.61 -36.70
CA ASN D 379 -67.16 -7.77 -35.49
C ASN D 379 -66.31 -7.68 -34.23
N THR D 380 -65.04 -8.04 -34.30
CA THR D 380 -64.12 -7.95 -33.17
C THR D 380 -63.06 -6.90 -33.46
N ASN D 381 -62.49 -6.37 -32.38
CA ASN D 381 -61.44 -5.35 -32.46
C ASN D 381 -60.18 -5.88 -31.80
N ALA D 382 -59.18 -5.00 -31.68
CA ALA D 382 -57.93 -5.39 -31.04
C ALA D 382 -58.09 -5.64 -29.55
N ASN D 383 -59.21 -5.20 -28.96
CA ASN D 383 -59.43 -5.39 -27.53
C ASN D 383 -59.64 -6.85 -27.16
N ASN D 384 -60.02 -7.70 -28.12
CA ASN D 384 -60.21 -9.13 -27.86
C ASN D 384 -58.84 -9.80 -27.80
N ALA D 385 -58.44 -10.20 -26.59
CA ALA D 385 -57.14 -10.85 -26.43
C ALA D 385 -57.11 -12.23 -27.07
N SER D 386 -58.29 -12.83 -27.30
CA SER D 386 -58.34 -14.15 -27.89
C SER D 386 -58.25 -14.14 -29.41
N ALA D 387 -58.32 -12.96 -30.04
CA ALA D 387 -58.24 -12.88 -31.49
C ALA D 387 -56.81 -12.84 -32.00
N PHE D 388 -55.82 -12.81 -31.11
CA PHE D 388 -54.42 -12.73 -31.48
C PHE D 388 -53.78 -14.11 -31.40
N GLY D 389 -52.90 -14.39 -32.36
CA GLY D 389 -52.18 -15.65 -32.38
C GLY D 389 -51.03 -15.59 -33.34
N ILE D 390 -50.20 -16.63 -33.30
CA ILE D 390 -49.02 -16.74 -34.15
C ILE D 390 -49.42 -17.56 -35.37
N SER D 391 -49.33 -16.94 -36.56
CA SER D 391 -49.85 -17.57 -37.77
C SER D 391 -49.12 -18.87 -38.10
N THR D 392 -47.80 -18.88 -37.95
CA THR D 392 -47.01 -20.05 -38.34
C THR D 392 -47.16 -21.21 -37.37
N GLU D 393 -47.71 -20.98 -36.17
CA GLU D 393 -47.82 -22.02 -35.15
C GLU D 393 -49.22 -22.00 -34.52
N THR D 394 -50.24 -21.98 -35.37
CA THR D 394 -51.62 -21.95 -34.90
C THR D 394 -52.04 -23.25 -34.22
N ALA D 395 -51.24 -24.32 -34.31
CA ALA D 395 -51.61 -25.59 -33.69
C ALA D 395 -51.74 -25.44 -32.18
N LYS D 396 -50.82 -24.72 -31.55
CA LYS D 396 -50.87 -24.50 -30.11
C LYS D 396 -50.86 -23.03 -29.72
N LEU D 397 -50.78 -22.10 -30.67
CA LEU D 397 -50.78 -20.67 -30.39
C LEU D 397 -51.67 -19.94 -31.39
N GLY D 398 -52.84 -20.49 -31.67
CA GLY D 398 -53.80 -19.89 -32.59
C GLY D 398 -54.67 -18.86 -31.91
N THR D 399 -55.92 -18.79 -32.35
CA THR D 399 -56.89 -17.91 -31.70
C THR D 399 -57.10 -18.37 -30.26
N GLY D 400 -57.22 -17.39 -29.36
CA GLY D 400 -57.17 -17.75 -27.97
C GLY D 400 -55.74 -18.11 -27.60
N SER D 401 -55.60 -18.76 -26.45
CA SER D 401 -54.30 -19.18 -25.93
C SER D 401 -53.31 -18.02 -25.94
N ILE D 402 -53.63 -17.01 -25.14
CA ILE D 402 -52.99 -15.70 -25.15
C ILE D 402 -51.47 -15.84 -25.14
N PRO D 403 -50.79 -15.55 -26.25
CA PRO D 403 -49.34 -15.70 -26.31
C PRO D 403 -48.62 -14.48 -25.75
N VAL D 404 -48.00 -14.65 -24.59
CA VAL D 404 -47.19 -13.62 -23.96
C VAL D 404 -45.73 -13.95 -24.22
N THR D 405 -44.97 -12.96 -24.67
CA THR D 405 -43.57 -13.16 -25.04
C THR D 405 -42.69 -12.24 -24.20
N ILE D 406 -41.56 -12.79 -23.73
CA ILE D 406 -40.60 -12.03 -22.93
C ILE D 406 -39.21 -12.24 -23.52
N THR D 407 -38.40 -11.20 -23.44
CA THR D 407 -37.02 -11.24 -23.92
C THR D 407 -36.09 -10.81 -22.79
N GLU D 408 -34.87 -11.34 -22.83
CA GLU D 408 -33.91 -11.03 -21.77
C GLU D 408 -33.31 -9.64 -21.97
N GLN D 409 -33.12 -8.93 -20.86
CA GLN D 409 -32.51 -7.61 -20.89
C GLN D 409 -30.99 -7.76 -20.77
N GLY D 410 -30.38 -8.24 -21.84
CA GLY D 410 -28.97 -8.50 -21.88
C GLY D 410 -28.67 -9.97 -22.10
N PRO D 411 -27.49 -10.27 -22.67
CA PRO D 411 -27.17 -11.67 -22.96
C PRO D 411 -27.15 -12.57 -21.73
N ASN D 412 -26.77 -12.05 -20.56
CA ASN D 412 -26.64 -12.89 -19.39
C ASN D 412 -27.18 -12.23 -18.12
N SER D 413 -28.03 -11.21 -18.25
CA SER D 413 -28.52 -10.51 -17.07
C SER D 413 -29.52 -11.36 -16.29
N GLY D 414 -30.26 -12.24 -16.97
CA GLY D 414 -31.25 -13.05 -16.31
C GLY D 414 -32.55 -12.35 -15.99
N VAL D 415 -32.73 -11.12 -16.45
CA VAL D 415 -33.94 -10.35 -16.21
C VAL D 415 -34.70 -10.23 -17.54
N PHE D 416 -35.96 -10.62 -17.52
CA PHE D 416 -36.79 -10.66 -18.72
C PHE D 416 -37.92 -9.64 -18.61
N GLY D 417 -38.28 -9.07 -19.75
CA GLY D 417 -39.31 -8.05 -19.78
C GLY D 417 -40.24 -8.18 -20.97
N THR D 418 -41.54 -8.00 -20.72
CA THR D 418 -42.51 -8.00 -21.81
C THR D 418 -42.25 -6.85 -22.77
N TYR D 419 -41.90 -5.68 -22.24
CA TYR D 419 -41.66 -4.51 -23.07
C TYR D 419 -40.44 -4.72 -23.95
N ASP D 420 -40.50 -4.19 -25.17
CA ASP D 420 -39.39 -4.27 -26.10
C ASP D 420 -38.43 -3.11 -25.83
N GLU D 421 -37.50 -2.88 -26.74
CA GLU D 421 -36.55 -1.79 -26.57
C GLU D 421 -37.18 -0.43 -26.81
N SER D 422 -38.34 -0.37 -27.47
CA SER D 422 -39.02 0.88 -27.76
C SER D 422 -40.10 1.22 -26.75
N ASP D 423 -40.06 0.63 -25.56
CA ASP D 423 -41.01 0.89 -24.48
C ASP D 423 -42.44 0.56 -24.90
N LYS D 424 -42.62 -0.39 -25.81
CA LYS D 424 -43.94 -0.83 -26.27
C LYS D 424 -44.16 -2.26 -25.79
N SER D 425 -45.01 -2.41 -24.78
CA SER D 425 -45.16 -3.68 -24.09
C SER D 425 -46.02 -4.66 -24.89
N VAL D 426 -45.87 -5.94 -24.57
CA VAL D 426 -46.76 -6.96 -25.10
C VAL D 426 -48.15 -6.81 -24.50
N LEU D 427 -48.22 -6.63 -23.18
CA LEU D 427 -49.49 -6.48 -22.48
C LEU D 427 -49.90 -5.01 -22.46
N LYS D 428 -51.18 -4.77 -22.73
CA LYS D 428 -51.72 -3.42 -22.79
C LYS D 428 -53.11 -3.40 -22.16
N ILE D 429 -53.44 -2.29 -21.49
CA ILE D 429 -54.78 -2.12 -20.95
C ILE D 429 -55.75 -1.81 -22.08
N THR D 430 -56.90 -2.47 -22.07
CA THR D 430 -57.88 -2.30 -23.12
C THR D 430 -58.44 -0.89 -23.13
N ASP D 431 -58.91 -0.46 -24.30
CA ASP D 431 -59.31 0.92 -24.50
C ASP D 431 -60.52 1.30 -23.65
N ASN D 432 -61.54 0.43 -23.63
CA ASN D 432 -62.81 0.74 -22.96
C ASN D 432 -62.91 0.10 -21.58
N ALA D 433 -61.80 0.00 -20.86
CA ALA D 433 -61.81 -0.63 -19.55
C ALA D 433 -62.64 0.17 -18.56
N LYS D 434 -63.21 -0.53 -17.58
CA LYS D 434 -64.06 0.05 -16.56
C LYS D 434 -63.29 0.14 -15.25
N ARG D 435 -63.35 1.30 -14.60
CA ARG D 435 -62.63 1.50 -13.36
C ARG D 435 -63.11 0.51 -12.31
N GLY D 436 -62.15 -0.10 -11.59
CA GLY D 436 -62.47 -1.09 -10.59
C GLY D 436 -62.25 -2.50 -11.08
N THR D 437 -62.62 -2.78 -12.33
CA THR D 437 -62.38 -4.09 -12.91
C THR D 437 -60.88 -4.32 -13.07
N SER D 438 -60.44 -5.54 -12.76
CA SER D 438 -59.02 -5.84 -12.68
C SER D 438 -58.72 -7.17 -13.35
N ALA D 439 -57.49 -7.31 -13.81
CA ALA D 439 -56.97 -8.53 -14.41
C ALA D 439 -55.89 -9.13 -13.53
N SER D 440 -55.66 -10.43 -13.71
CA SER D 440 -54.71 -11.17 -12.89
C SER D 440 -53.62 -11.76 -13.77
N LEU D 441 -52.37 -11.35 -13.51
CA LEU D 441 -51.20 -11.90 -14.17
C LEU D 441 -50.42 -12.69 -13.13
N ASP D 442 -50.13 -13.96 -13.43
CA ASP D 442 -49.58 -14.88 -12.46
C ASP D 442 -48.24 -15.42 -12.93
N TYR D 443 -47.24 -15.32 -12.05
CA TYR D 443 -45.95 -15.96 -12.27
C TYR D 443 -45.42 -16.44 -10.92
N ASN D 444 -44.79 -17.61 -10.93
CA ASN D 444 -44.25 -18.23 -9.72
C ASN D 444 -45.34 -18.51 -8.70
N GLU D 445 -46.54 -18.86 -9.17
CA GLU D 445 -47.68 -19.16 -8.30
C GLU D 445 -47.93 -18.03 -7.31
N THR D 446 -47.62 -16.80 -7.73
CA THR D 446 -47.89 -15.60 -6.96
C THR D 446 -48.56 -14.59 -7.88
N PRO D 447 -49.84 -14.79 -8.17
CA PRO D 447 -50.53 -13.90 -9.11
C PRO D 447 -50.59 -12.48 -8.59
N GLN D 448 -50.28 -11.53 -9.45
CA GLN D 448 -50.40 -10.11 -9.15
C GLN D 448 -51.54 -9.53 -9.96
N THR D 449 -52.41 -8.79 -9.28
CA THR D 449 -53.63 -8.27 -9.90
C THR D 449 -53.37 -6.90 -10.52
N ILE D 450 -53.66 -6.79 -11.81
CA ILE D 450 -53.51 -5.53 -12.54
C ILE D 450 -54.82 -4.77 -12.37
N LEU D 451 -54.75 -3.61 -11.74
CA LEU D 451 -55.93 -2.84 -11.38
C LEU D 451 -56.11 -1.65 -12.30
N VAL D 452 -57.34 -1.34 -12.68
CA VAL D 452 -57.60 -0.12 -13.49
C VAL D 452 -58.18 0.90 -12.52
N GLY D 453 -57.88 2.18 -12.69
CA GLY D 453 -58.36 3.14 -11.68
C GLY D 453 -58.07 4.60 -12.02
N PHE D 454 -58.28 5.51 -11.05
CA PHE D 454 -58.10 6.96 -11.29
C PHE D 454 -57.71 7.65 -9.97
N SER D 455 -57.32 8.93 -9.99
CA SER D 455 -56.83 9.59 -8.75
C SER D 455 -57.31 11.04 -8.66
N PHE D 456 -57.50 11.57 -7.45
CA PHE D 456 -57.89 12.96 -7.40
C PHE D 456 -56.71 13.85 -7.77
N ALA D 457 -56.91 14.73 -8.75
CA ALA D 457 -55.85 15.61 -9.21
C ALA D 457 -55.87 16.94 -8.43
N SER D 458 -54.80 17.70 -8.58
CA SER D 458 -54.69 19.00 -7.91
C SER D 458 -53.74 19.86 -8.73
N ILE D 459 -54.31 20.79 -9.50
CA ILE D 459 -53.52 21.72 -10.30
C ILE D 459 -53.22 22.95 -9.46
N ASP D 460 -51.95 23.31 -9.37
CA ASP D 460 -51.51 24.43 -8.54
C ASP D 460 -50.58 25.32 -9.34
N ILE D 461 -50.71 26.62 -9.13
CA ILE D 461 -49.83 27.62 -9.74
C ILE D 461 -48.99 28.22 -8.62
N GLN D 462 -47.67 28.09 -8.74
CA GLN D 462 -46.73 28.52 -7.71
C GLN D 462 -45.86 29.64 -8.26
N PRO D 463 -46.19 30.90 -7.98
CA PRO D 463 -45.33 32.01 -8.40
C PRO D 463 -44.01 32.00 -7.65
N VAL D 464 -42.96 32.51 -8.31
CA VAL D 464 -41.65 32.58 -7.67
C VAL D 464 -41.63 33.56 -6.51
N THR D 465 -42.58 34.49 -6.47
CA THR D 465 -42.67 35.47 -5.39
C THR D 465 -44.14 35.65 -5.04
N ASP D 466 -44.44 36.70 -4.27
CA ASP D 466 -45.80 36.96 -3.80
C ASP D 466 -46.67 37.67 -4.83
N GLU D 467 -46.11 38.08 -5.96
CA GLU D 467 -46.88 38.77 -6.99
C GLU D 467 -46.50 38.21 -8.35
N TRP D 468 -47.52 37.95 -9.18
CA TRP D 468 -47.30 37.42 -10.53
C TRP D 468 -47.26 38.59 -11.51
N THR D 469 -46.11 39.26 -11.55
CA THR D 469 -45.95 40.41 -12.43
C THR D 469 -45.68 39.94 -13.87
N SER D 470 -45.78 40.88 -14.79
CA SER D 470 -45.63 40.57 -16.20
C SER D 470 -44.20 40.14 -16.51
N GLY D 471 -44.07 39.29 -17.53
CA GLY D 471 -42.76 38.79 -17.93
C GLY D 471 -42.09 37.93 -16.88
N GLN D 472 -42.85 37.06 -16.21
CA GLN D 472 -42.32 36.18 -15.18
C GLN D 472 -42.91 34.79 -15.40
N GLU D 473 -42.10 33.88 -15.96
CA GLU D 473 -42.53 32.51 -16.17
C GLU D 473 -42.53 31.77 -14.84
N ILE D 474 -43.69 31.26 -14.45
CA ILE D 474 -43.82 30.57 -13.17
C ILE D 474 -44.30 29.14 -13.42
N PRO D 475 -43.78 28.15 -12.69
CA PRO D 475 -44.15 26.76 -12.98
C PRO D 475 -45.61 26.47 -12.66
N VAL D 476 -46.17 25.54 -13.44
CA VAL D 476 -47.50 25.00 -13.20
C VAL D 476 -47.35 23.52 -12.91
N VAL D 477 -47.85 23.08 -11.76
CA VAL D 477 -47.67 21.71 -11.29
C VAL D 477 -49.02 21.03 -11.31
N ILE D 478 -49.09 19.88 -12.00
CA ILE D 478 -50.29 19.08 -12.09
C ILE D 478 -49.95 17.67 -11.62
N VAL D 479 -50.65 17.21 -10.59
CA VAL D 479 -50.46 15.88 -10.03
C VAL D 479 -51.67 15.05 -10.40
N ASP D 480 -51.53 14.18 -11.39
CA ASP D 480 -52.64 13.36 -11.88
C ASP D 480 -52.09 12.00 -12.28
N ALA D 481 -52.42 10.97 -11.49
CA ALA D 481 -51.97 9.62 -11.79
C ALA D 481 -52.70 9.01 -12.98
N ASP D 482 -53.85 9.58 -13.36
CA ASP D 482 -54.60 9.02 -14.49
C ASP D 482 -53.85 9.19 -15.81
N GLN D 483 -53.07 10.25 -15.95
CA GLN D 483 -52.32 10.49 -17.18
C GLN D 483 -51.00 9.74 -17.22
N ASN D 484 -50.55 9.17 -16.10
CA ASN D 484 -49.31 8.41 -16.05
C ASN D 484 -49.63 6.97 -16.45
N LYS D 485 -49.71 6.74 -17.76
CA LYS D 485 -50.10 5.46 -18.31
C LYS D 485 -48.92 4.54 -18.61
N ASN D 486 -47.69 4.98 -18.33
CA ASN D 486 -46.51 4.16 -18.56
C ASN D 486 -45.53 4.42 -17.42
N SER D 487 -45.12 3.36 -16.72
CA SER D 487 -44.22 3.46 -15.60
C SER D 487 -42.75 3.38 -15.99
N ARG D 488 -42.45 3.15 -17.26
CA ARG D 488 -41.07 3.03 -17.73
C ARG D 488 -40.70 4.08 -18.77
N ALA D 489 -41.51 5.12 -18.92
CA ALA D 489 -41.24 6.16 -19.91
C ALA D 489 -41.88 7.47 -19.44
N ASP D 490 -41.66 8.52 -20.23
CA ASP D 490 -42.20 9.84 -19.94
C ASP D 490 -43.41 10.09 -20.84
N GLU D 491 -44.54 10.45 -20.22
CA GLU D 491 -45.77 10.74 -20.94
C GLU D 491 -45.93 12.25 -21.04
N ASP D 492 -45.94 12.77 -22.26
CA ASP D 492 -46.13 14.18 -22.52
C ASP D 492 -47.53 14.41 -23.08
N LEU D 493 -48.24 15.39 -22.50
CA LEU D 493 -49.56 15.73 -23.00
C LEU D 493 -49.45 16.29 -24.42
N ASP D 494 -50.51 16.07 -25.21
CA ASP D 494 -50.51 16.52 -26.60
C ASP D 494 -51.94 16.66 -27.08
N LEU D 495 -52.28 17.82 -27.63
CA LEU D 495 -53.58 17.99 -28.27
C LEU D 495 -53.71 17.06 -29.48
N ASN D 496 -52.63 16.87 -30.22
CA ASN D 496 -52.66 16.03 -31.41
C ASN D 496 -52.76 14.55 -31.09
N ASN D 497 -52.62 14.16 -29.82
CA ASN D 497 -52.68 12.76 -29.45
C ASN D 497 -54.06 12.45 -28.89
N PRO D 498 -54.88 11.66 -29.60
CA PRO D 498 -56.20 11.30 -29.06
C PRO D 498 -56.12 10.50 -27.77
N ASP D 499 -55.02 9.78 -27.54
CA ASP D 499 -54.87 9.01 -26.31
C ASP D 499 -54.85 9.92 -25.09
N VAL D 500 -54.20 11.08 -25.20
CA VAL D 500 -54.22 12.07 -24.12
C VAL D 500 -55.59 12.73 -24.13
N THR D 501 -56.49 12.27 -23.27
CA THR D 501 -57.88 12.70 -23.32
C THR D 501 -58.06 14.10 -22.74
N LEU D 502 -57.36 14.43 -21.67
CA LEU D 502 -57.62 15.63 -20.89
C LEU D 502 -56.39 16.52 -20.87
N ILE D 503 -56.57 17.79 -21.26
CA ILE D 503 -55.50 18.77 -21.27
C ILE D 503 -55.96 20.03 -20.53
N PRO D 504 -55.14 20.59 -19.64
CA PRO D 504 -55.53 21.85 -18.98
C PRO D 504 -55.63 22.98 -20.00
N ALA D 505 -56.53 23.92 -19.71
CA ALA D 505 -56.78 25.03 -20.62
C ALA D 505 -57.04 26.31 -19.83
N LEU D 506 -56.73 27.43 -20.46
CA LEU D 506 -57.02 28.76 -19.93
C LEU D 506 -57.58 29.62 -21.05
N ARG D 507 -58.58 30.43 -20.73
CA ARG D 507 -59.21 31.27 -21.73
C ARG D 507 -59.64 32.59 -21.11
N THR D 508 -59.67 33.63 -21.95
CA THR D 508 -60.11 34.95 -21.56
C THR D 508 -61.09 35.48 -22.60
N GLY D 509 -62.06 36.27 -22.14
CA GLY D 509 -63.08 36.77 -23.05
C GLY D 509 -63.95 35.66 -23.60
N ASP D 510 -64.34 35.81 -24.86
CA ASP D 510 -65.17 34.83 -25.56
C ASP D 510 -64.51 34.47 -26.88
N PRO D 511 -63.45 33.67 -26.85
CA PRO D 511 -62.83 33.23 -28.11
C PRO D 511 -63.76 32.31 -28.88
N PHE D 512 -63.68 32.39 -30.21
CA PHE D 512 -64.52 31.58 -31.08
C PHE D 512 -63.86 30.21 -31.27
N THR D 513 -64.25 29.26 -30.43
CA THR D 513 -63.75 27.91 -30.54
C THR D 513 -64.56 27.14 -31.58
N ILE D 514 -64.21 25.85 -31.75
CA ILE D 514 -64.89 25.02 -32.74
C ILE D 514 -66.31 24.67 -32.31
N ASP D 515 -66.65 24.86 -31.04
CA ASP D 515 -67.94 24.46 -30.51
C ASP D 515 -68.77 25.63 -30.01
N GLU D 516 -68.51 26.85 -30.50
CA GLU D 516 -69.32 27.99 -30.07
C GLU D 516 -70.76 27.85 -30.54
N GLY D 517 -71.00 27.13 -31.63
CA GLY D 517 -72.34 26.93 -32.14
C GLY D 517 -72.92 25.58 -31.77
N GLY D 518 -72.34 24.93 -30.76
CA GLY D 518 -72.78 23.62 -30.34
C GLY D 518 -71.87 22.52 -30.85
N THR D 519 -72.41 21.30 -30.84
CA THR D 519 -71.66 20.15 -31.30
C THR D 519 -71.51 20.19 -32.82
N PRO D 520 -70.29 20.18 -33.35
CA PRO D 520 -70.11 20.25 -34.80
C PRO D 520 -70.38 18.91 -35.47
N SER D 521 -70.43 18.96 -36.81
CA SER D 521 -70.58 17.77 -37.64
C SER D 521 -69.46 17.75 -38.66
N LEU D 522 -68.67 16.68 -38.67
CA LEU D 522 -67.49 16.56 -39.52
C LEU D 522 -67.60 15.33 -40.41
N ILE D 523 -67.26 15.49 -41.69
CA ILE D 523 -67.27 14.41 -42.66
C ILE D 523 -65.99 14.47 -43.48
N PHE D 524 -65.68 13.35 -44.14
CA PHE D 524 -64.53 13.25 -45.01
C PHE D 524 -64.99 12.89 -46.42
N THR D 525 -64.27 13.41 -47.41
CA THR D 525 -64.67 13.27 -48.81
C THR D 525 -63.42 13.11 -49.67
N ASN D 526 -63.52 12.26 -50.70
CA ASN D 526 -62.46 12.06 -51.67
C ASN D 526 -62.94 12.52 -53.04
N GLY D 527 -62.08 13.23 -53.76
CA GLY D 527 -62.43 13.73 -55.08
C GLY D 527 -61.46 14.81 -55.52
N THR D 528 -61.93 15.66 -56.43
CA THR D 528 -61.14 16.74 -56.98
C THR D 528 -61.85 18.07 -56.73
N ASN D 529 -61.07 19.11 -56.44
CA ASN D 529 -61.64 20.42 -56.18
C ASN D 529 -62.10 21.11 -57.46
N GLY D 530 -61.37 20.92 -58.55
CA GLY D 530 -61.70 21.55 -59.81
C GLY D 530 -61.13 22.95 -59.92
N ASP D 531 -61.22 23.49 -61.14
CA ASP D 531 -60.70 24.83 -61.41
C ASP D 531 -61.55 25.93 -60.78
N ASP D 532 -62.84 25.70 -60.60
CA ASP D 532 -63.72 26.68 -59.96
C ASP D 532 -63.78 26.47 -58.45
N SER D 533 -62.61 26.42 -57.82
CA SER D 533 -62.51 26.22 -56.38
C SER D 533 -61.46 27.16 -55.81
N ILE D 534 -61.69 27.59 -54.56
CA ILE D 534 -60.78 28.52 -53.91
C ILE D 534 -59.49 27.84 -53.46
N PHE D 535 -59.48 26.51 -53.33
CA PHE D 535 -58.30 25.83 -52.83
C PHE D 535 -57.15 25.89 -53.83
N ASP D 536 -57.45 25.78 -55.13
CA ASP D 536 -56.41 25.78 -56.14
C ASP D 536 -56.14 27.18 -56.69
N THR D 537 -57.19 27.90 -57.10
CA THR D 537 -57.00 29.23 -57.67
C THR D 537 -56.63 30.26 -56.61
N GLY D 538 -57.17 30.12 -55.40
CA GLY D 538 -56.92 31.10 -54.36
C GLY D 538 -55.50 31.07 -53.86
N ALA D 539 -55.08 32.22 -53.32
CA ALA D 539 -53.75 32.36 -52.74
C ALA D 539 -53.78 33.49 -51.72
N ILE D 540 -52.78 33.50 -50.84
CA ILE D 540 -52.69 34.51 -49.80
C ILE D 540 -52.03 35.74 -50.42
N ASN D 541 -52.83 36.75 -50.74
CA ASN D 541 -52.31 38.01 -51.28
C ASN D 541 -53.03 39.24 -50.75
N ASN D 542 -53.92 39.09 -49.77
CA ASN D 542 -54.72 40.18 -49.23
C ASN D 542 -55.58 40.87 -50.30
N THR D 543 -55.94 40.13 -51.35
CA THR D 543 -56.79 40.64 -52.40
C THR D 543 -58.17 39.97 -52.32
N SER D 544 -59.21 40.74 -52.66
CA SER D 544 -60.57 40.24 -52.59
C SER D 544 -60.77 39.03 -53.50
N ALA D 545 -60.30 39.13 -54.74
CA ALA D 545 -60.42 37.99 -55.67
C ALA D 545 -59.52 36.84 -55.24
N GLY D 546 -58.31 37.15 -54.76
CA GLY D 546 -57.34 36.14 -54.40
C GLY D 546 -57.74 35.26 -53.22
N GLN D 547 -58.30 35.86 -52.17
CA GLN D 547 -58.60 35.14 -50.95
C GLN D 547 -60.07 34.83 -50.76
N VAL D 548 -60.96 35.51 -51.47
CA VAL D 548 -62.40 35.31 -51.33
C VAL D 548 -62.96 34.86 -52.68
N GLY D 549 -63.71 33.77 -52.68
CA GLY D 549 -64.30 33.25 -53.90
C GLY D 549 -65.41 32.25 -53.65
N ASN D 550 -65.45 31.19 -54.45
CA ASN D 550 -66.46 30.15 -54.32
C ASN D 550 -65.79 28.79 -54.22
N PHE D 551 -66.44 27.87 -53.50
CA PHE D 551 -65.93 26.53 -53.28
C PHE D 551 -66.83 25.53 -54.00
N THR D 552 -66.24 24.74 -54.89
CA THR D 552 -66.95 23.70 -55.62
C THR D 552 -66.15 22.41 -55.55
N LEU D 553 -66.85 21.29 -55.70
CA LEU D 553 -66.21 19.99 -55.59
C LEU D 553 -67.05 18.95 -56.31
N ASN D 554 -66.39 17.84 -56.67
CA ASN D 554 -67.06 16.66 -57.19
C ASN D 554 -66.61 15.46 -56.36
N ILE D 555 -67.55 14.56 -56.07
CA ILE D 555 -67.33 13.48 -55.12
C ILE D 555 -67.34 12.15 -55.87
N ASN D 556 -66.33 11.34 -55.64
CA ASN D 556 -66.22 9.99 -56.20
C ASN D 556 -65.90 9.05 -55.03
N VAL D 557 -66.93 8.56 -54.36
CA VAL D 557 -66.77 7.68 -53.20
C VAL D 557 -67.34 6.30 -53.47
N THR D 558 -67.39 5.88 -54.74
CA THR D 558 -67.94 4.57 -55.07
C THR D 558 -67.08 3.45 -54.48
N ARG D 559 -65.75 3.60 -54.55
CA ARG D 559 -64.86 2.57 -54.04
C ARG D 559 -64.83 2.51 -52.52
N PHE D 560 -65.37 3.51 -51.83
CA PHE D 560 -65.36 3.52 -50.38
C PHE D 560 -66.37 2.51 -49.83
N SER D 561 -66.27 2.25 -48.53
CA SER D 561 -67.20 1.34 -47.87
C SER D 561 -68.60 1.96 -47.85
N SER D 562 -69.60 1.15 -48.24
CA SER D 562 -71.00 1.55 -48.27
C SER D 562 -71.25 2.65 -49.30
N ALA D 563 -70.22 3.05 -50.04
CA ALA D 563 -70.32 4.05 -51.10
C ALA D 563 -70.98 5.34 -50.59
N THR D 564 -70.55 5.77 -49.40
CA THR D 564 -71.10 6.95 -48.77
C THR D 564 -69.97 7.81 -48.20
N ASN D 565 -70.30 9.08 -47.93
CA ASN D 565 -69.34 9.98 -47.31
C ASN D 565 -68.96 9.48 -45.92
N ILE D 566 -67.71 9.70 -45.55
CA ILE D 566 -67.17 9.18 -44.28
C ILE D 566 -67.70 10.06 -43.15
N THR D 567 -68.77 9.59 -42.50
CA THR D 567 -69.28 10.28 -41.33
C THR D 567 -68.45 9.92 -40.11
N SER D 568 -68.65 10.68 -39.02
CA SER D 568 -67.86 10.49 -37.82
C SER D 568 -68.67 10.91 -36.61
N THR D 569 -68.24 10.42 -35.44
CA THR D 569 -68.83 10.78 -34.16
C THR D 569 -68.02 11.92 -33.55
N GLU D 570 -68.70 12.98 -33.13
CA GLU D 570 -68.07 14.21 -32.69
C GLU D 570 -68.27 14.40 -31.19
N SER D 571 -67.18 14.74 -30.51
CA SER D 571 -67.21 15.03 -29.08
C SER D 571 -66.36 16.27 -28.81
N ILE D 572 -66.74 17.02 -27.78
CA ILE D 572 -66.07 18.27 -27.43
C ILE D 572 -65.69 18.24 -25.97
N ASP D 573 -64.45 18.62 -25.67
CA ASP D 573 -64.01 18.77 -24.29
C ASP D 573 -64.52 20.09 -23.72
N THR D 574 -64.80 20.10 -22.42
CA THR D 574 -65.39 21.26 -21.77
C THR D 574 -64.41 22.41 -21.58
N PHE D 575 -63.12 22.13 -21.45
CA PHE D 575 -62.13 23.18 -21.18
C PHE D 575 -61.17 23.39 -22.34
N SER D 576 -60.47 22.35 -22.78
CA SER D 576 -59.58 22.51 -23.94
C SER D 576 -60.36 22.71 -25.23
N LYS D 577 -61.66 22.44 -25.23
CA LYS D 577 -62.55 22.62 -26.37
C LYS D 577 -62.09 21.80 -27.59
N ARG D 578 -61.31 20.75 -27.34
CA ARG D 578 -60.84 19.92 -28.43
C ARG D 578 -61.97 19.07 -29.01
N LEU D 579 -62.01 18.97 -30.33
CA LEU D 579 -62.96 18.14 -31.04
C LEU D 579 -62.30 16.80 -31.33
N ILE D 580 -62.91 15.72 -30.82
CA ILE D 580 -62.41 14.36 -31.03
C ILE D 580 -63.37 13.67 -32.00
N SER D 581 -62.83 13.19 -33.11
CA SER D 581 -63.61 12.57 -34.16
C SER D 581 -63.41 11.06 -34.12
N ALA D 582 -64.51 10.33 -33.98
CA ALA D 582 -64.49 8.87 -33.94
C ALA D 582 -65.05 8.33 -35.25
N GLN D 583 -64.30 7.42 -35.88
CA GLN D 583 -64.68 6.88 -37.17
C GLN D 583 -63.98 5.54 -37.36
N THR D 584 -64.26 4.90 -38.49
CA THR D 584 -63.66 3.62 -38.81
C THR D 584 -62.16 3.78 -39.00
N ALA D 585 -61.37 2.89 -38.38
CA ALA D 585 -59.92 2.95 -38.47
C ALA D 585 -59.41 2.12 -39.65
N ASN D 586 -59.77 2.57 -40.85
CA ASN D 586 -59.34 1.92 -42.08
C ASN D 586 -57.99 2.48 -42.51
N SER D 587 -57.01 1.58 -42.69
CA SER D 587 -55.66 1.98 -43.09
C SER D 587 -55.17 1.20 -44.30
N SER D 588 -56.06 0.82 -45.21
CA SER D 588 -55.67 0.08 -46.39
C SER D 588 -54.86 0.96 -47.33
N ALA D 589 -54.04 0.32 -48.17
CA ALA D 589 -53.25 1.06 -49.15
C ALA D 589 -54.13 1.75 -50.18
N ASN D 590 -55.24 1.11 -50.56
CA ASN D 590 -56.16 1.71 -51.53
C ASN D 590 -56.93 2.89 -50.96
N PHE D 591 -56.92 3.09 -49.65
CA PHE D 591 -57.61 4.22 -49.04
C PHE D 591 -56.96 5.52 -49.48
N ASP D 592 -57.80 6.45 -49.97
CA ASP D 592 -57.33 7.77 -50.36
C ASP D 592 -58.45 8.77 -50.10
N VAL D 593 -58.20 9.73 -49.23
CA VAL D 593 -59.15 10.78 -48.90
C VAL D 593 -58.45 12.13 -49.00
N ASP D 594 -59.17 13.13 -49.50
CA ASP D 594 -58.58 14.44 -49.75
C ASP D 594 -59.30 15.59 -49.06
N PHE D 595 -60.63 15.56 -49.01
CA PHE D 595 -61.41 16.68 -48.49
C PHE D 595 -61.89 16.38 -47.07
N ALA D 596 -62.37 17.44 -46.42
CA ALA D 596 -62.99 17.33 -45.10
C ALA D 596 -63.81 18.59 -44.86
N ILE D 597 -65.11 18.42 -44.67
CA ILE D 597 -66.04 19.51 -44.46
C ILE D 597 -66.65 19.37 -43.07
N ILE D 598 -66.62 20.45 -42.29
CA ILE D 598 -67.14 20.45 -40.94
C ILE D 598 -68.00 21.69 -40.75
N ASP D 599 -69.19 21.50 -40.17
CA ASP D 599 -70.12 22.57 -39.85
C ASP D 599 -70.16 22.76 -38.34
N LEU D 600 -70.20 24.02 -37.91
CA LEU D 600 -70.14 24.35 -36.49
C LEU D 600 -71.53 24.36 -35.85
N GLY D 601 -72.28 23.28 -36.06
CA GLY D 601 -73.61 23.20 -35.48
C GLY D 601 -74.51 24.32 -36.00
N SER D 602 -75.05 25.10 -35.08
CA SER D 602 -75.94 26.21 -35.40
C SER D 602 -75.23 27.55 -35.44
N ALA D 603 -73.90 27.57 -35.47
CA ALA D 603 -73.16 28.82 -35.49
C ALA D 603 -73.41 29.58 -36.79
N THR D 604 -73.53 30.90 -36.67
CA THR D 604 -73.75 31.77 -37.83
C THR D 604 -72.77 32.93 -37.82
N LEU D 605 -72.97 33.90 -38.71
CA LEU D 605 -72.14 35.10 -38.69
C LEU D 605 -72.36 35.91 -37.42
N GLU D 606 -73.54 35.80 -36.82
CA GLU D 606 -73.76 36.46 -35.53
C GLU D 606 -72.87 35.86 -34.44
N THR D 607 -72.74 34.53 -34.44
CA THR D 607 -71.86 33.86 -33.48
C THR D 607 -70.38 34.09 -33.77
N LEU D 608 -70.04 34.58 -34.96
CA LEU D 608 -68.65 34.86 -35.31
C LEU D 608 -68.28 36.31 -35.08
N LYS D 609 -69.22 37.25 -35.27
CA LYS D 609 -68.92 38.66 -35.13
C LYS D 609 -68.72 39.08 -33.68
N GLU D 610 -69.16 38.26 -32.72
CA GLU D 610 -68.90 38.58 -31.32
C GLU D 610 -67.42 38.49 -31.00
N THR D 611 -66.69 37.63 -31.71
CA THR D 611 -65.24 37.51 -31.57
C THR D 611 -64.51 38.17 -32.73
N VAL D 612 -64.85 37.81 -33.96
CA VAL D 612 -64.23 38.43 -35.14
C VAL D 612 -64.75 39.86 -35.27
N VAL D 613 -63.83 40.82 -35.29
CA VAL D 613 -64.17 42.23 -35.37
C VAL D 613 -63.69 42.78 -36.70
N ASP D 614 -64.30 43.89 -37.12
CA ASP D 614 -63.95 44.54 -38.37
C ASP D 614 -62.67 45.36 -38.15
N GLU D 615 -61.57 44.92 -38.76
CA GLU D 615 -60.30 45.61 -38.58
C GLU D 615 -60.30 46.99 -39.21
N ASP D 616 -61.16 47.23 -40.20
CA ASP D 616 -61.17 48.53 -40.87
C ASP D 616 -61.84 49.61 -40.03
N ASN D 617 -62.86 49.26 -39.23
CA ASN D 617 -63.60 50.24 -38.46
C ASN D 617 -63.08 50.42 -37.05
N THR D 618 -62.60 49.35 -36.41
CA THR D 618 -62.06 49.48 -35.06
C THR D 618 -60.74 50.25 -35.07
N ALA D 619 -60.53 51.03 -34.03
CA ALA D 619 -59.28 51.79 -33.92
C ALA D 619 -58.08 50.86 -33.85
N VAL D 620 -58.12 49.87 -32.97
CA VAL D 620 -57.08 48.85 -32.86
C VAL D 620 -57.77 47.50 -32.78
N GLY D 621 -57.40 46.59 -33.69
CA GLY D 621 -57.97 45.27 -33.71
C GLY D 621 -57.28 44.32 -34.67
N PHE D 622 -57.00 43.11 -34.20
CA PHE D 622 -56.36 42.09 -35.02
C PHE D 622 -57.08 40.76 -34.82
N ASN D 623 -57.10 39.95 -35.88
CA ASN D 623 -57.73 38.64 -35.85
C ASN D 623 -56.70 37.58 -36.17
N PHE D 624 -56.72 36.49 -35.40
CA PHE D 624 -55.75 35.41 -35.53
C PHE D 624 -56.46 34.08 -35.61
N PHE D 625 -55.89 33.15 -36.37
CA PHE D 625 -56.46 31.82 -36.56
C PHE D 625 -55.40 30.80 -36.17
N ASN D 626 -55.70 30.01 -35.15
CA ASN D 626 -54.81 28.96 -34.66
C ASN D 626 -55.45 27.60 -34.94
N TYR D 627 -54.70 26.71 -35.58
CA TYR D 627 -55.21 25.39 -35.93
C TYR D 627 -54.18 24.32 -35.62
N ASP D 628 -54.67 23.13 -35.29
CA ASP D 628 -53.82 21.98 -34.97
C ASP D 628 -54.44 20.75 -35.63
N VAL D 629 -53.81 20.27 -36.70
CA VAL D 629 -54.29 19.09 -37.41
C VAL D 629 -53.16 18.07 -37.53
N ARG D 630 -52.26 18.05 -36.55
CA ARG D 630 -51.10 17.17 -36.61
C ARG D 630 -51.50 15.70 -36.62
N SER D 631 -52.63 15.36 -35.98
CA SER D 631 -53.05 13.96 -35.93
C SER D 631 -53.38 13.40 -37.31
N LEU D 632 -53.77 14.25 -38.26
CA LEU D 632 -54.06 13.77 -39.60
C LEU D 632 -52.80 13.29 -40.32
N GLY D 633 -51.66 13.91 -40.02
CA GLY D 633 -50.42 13.54 -40.70
C GLY D 633 -50.40 13.89 -42.16
N ALA D 634 -51.01 15.01 -42.54
CA ALA D 634 -51.05 15.42 -43.94
C ALA D 634 -49.78 16.15 -44.33
N ASP D 635 -49.35 15.96 -45.58
CA ASP D 635 -48.16 16.63 -46.07
C ASP D 635 -48.39 18.14 -46.17
N THR D 636 -49.50 18.55 -46.77
CA THR D 636 -49.88 19.95 -46.86
C THR D 636 -51.30 20.11 -46.37
N VAL D 637 -51.59 21.26 -45.75
CA VAL D 637 -52.88 21.52 -45.14
C VAL D 637 -53.42 22.84 -45.69
N SER D 638 -54.68 22.84 -46.11
CA SER D 638 -55.36 24.04 -46.58
C SER D 638 -56.69 24.16 -45.87
N ILE D 639 -56.98 25.37 -45.36
CA ILE D 639 -58.21 25.63 -44.61
C ILE D 639 -58.89 26.85 -45.21
N ALA D 640 -60.20 26.74 -45.43
CA ALA D 640 -61.00 27.82 -45.98
C ALA D 640 -62.26 27.98 -45.15
N LEU D 641 -62.76 29.22 -45.09
CA LEU D 641 -63.99 29.52 -44.36
C LEU D 641 -65.15 29.62 -45.33
N LEU D 642 -66.26 28.96 -44.99
CA LEU D 642 -67.44 28.90 -45.83
C LEU D 642 -68.60 29.63 -45.17
N ASN D 643 -69.33 30.41 -45.96
CA ASN D 643 -70.53 31.11 -45.48
C ASN D 643 -71.66 30.89 -46.47
N THR D 644 -72.81 30.45 -45.96
CA THR D 644 -73.96 30.19 -46.82
C THR D 644 -75.23 30.31 -46.01
N THR D 645 -76.32 30.65 -46.69
CA THR D 645 -77.62 30.79 -46.04
C THR D 645 -78.33 29.46 -45.85
N GLY D 646 -77.86 28.39 -46.48
CA GLY D 646 -78.45 27.08 -46.36
C GLY D 646 -77.62 26.13 -45.53
N ASN D 647 -77.93 24.84 -45.65
CA ASN D 647 -77.21 23.82 -44.92
C ASN D 647 -75.84 23.56 -45.56
N ILE D 648 -74.88 23.18 -44.73
CA ILE D 648 -73.54 22.89 -45.20
C ILE D 648 -73.42 21.45 -45.68
N LEU D 649 -74.02 20.50 -44.95
CA LEU D 649 -73.99 19.10 -45.33
C LEU D 649 -75.36 18.68 -45.84
N PRO D 650 -75.48 18.20 -47.09
CA PRO D 650 -74.44 18.05 -48.10
C PRO D 650 -74.08 19.38 -48.76
N TRP D 651 -72.88 19.49 -49.34
CA TRP D 651 -72.47 20.73 -49.97
C TRP D 651 -73.03 20.84 -51.38
N VAL D 652 -73.01 22.07 -51.91
CA VAL D 652 -73.50 22.35 -53.26
C VAL D 652 -72.36 22.94 -54.08
N ASN D 653 -72.66 23.28 -55.33
CA ASN D 653 -71.66 23.82 -56.24
C ASN D 653 -72.21 25.06 -56.94
N ASN D 654 -71.30 25.88 -57.45
CA ASN D 654 -71.70 27.09 -58.17
C ASN D 654 -72.49 26.75 -59.43
N ASP D 655 -72.06 25.70 -60.15
CA ASP D 655 -72.76 25.30 -61.36
C ASP D 655 -74.13 24.69 -61.09
N THR D 656 -74.43 24.36 -59.84
CA THR D 656 -75.72 23.78 -59.47
C THR D 656 -76.72 24.84 -59.00
N ARG D 657 -76.32 25.71 -58.08
CA ARG D 657 -77.19 26.75 -57.56
C ARG D 657 -76.43 28.05 -57.45
N ASN D 658 -77.18 29.16 -57.45
CA ASN D 658 -76.62 30.50 -57.37
C ASN D 658 -77.30 31.29 -56.26
N VAL D 659 -77.61 30.62 -55.15
CA VAL D 659 -78.27 31.28 -54.03
C VAL D 659 -77.33 32.27 -53.36
N ASP D 660 -76.07 31.90 -53.18
CA ASP D 660 -75.08 32.73 -52.52
C ASP D 660 -74.12 33.31 -53.56
N LYS D 661 -73.91 34.62 -53.50
CA LYS D 661 -72.98 35.26 -54.42
C LYS D 661 -71.55 34.79 -54.19
N ASN D 662 -71.16 34.61 -52.93
CA ASN D 662 -69.83 34.13 -52.58
C ASN D 662 -69.93 33.31 -51.30
N ASN D 663 -69.24 32.17 -51.27
CA ASN D 663 -69.35 31.27 -50.13
C ASN D 663 -68.01 30.69 -49.69
N ALA D 664 -66.90 31.27 -50.12
CA ALA D 664 -65.58 30.76 -49.77
C ALA D 664 -64.66 31.90 -49.36
N ILE D 665 -64.01 31.74 -48.21
CA ILE D 665 -63.02 32.71 -47.72
C ILE D 665 -61.79 31.90 -47.34
N LEU D 666 -60.75 31.96 -48.17
CA LEU D 666 -59.54 31.18 -47.92
C LEU D 666 -58.77 31.77 -46.76
N LEU D 667 -58.28 30.90 -45.88
CA LEU D 667 -57.48 31.30 -44.74
C LEU D 667 -56.07 30.74 -44.79
N VAL D 668 -55.92 29.44 -45.04
CA VAL D 668 -54.64 28.77 -45.12
C VAL D 668 -54.57 28.01 -46.44
N SER D 669 -53.46 28.14 -47.16
CA SER D 669 -53.29 27.54 -48.48
C SER D 669 -52.01 26.73 -48.50
N ASN D 670 -52.15 25.40 -48.48
CA ASN D 670 -51.04 24.47 -48.68
C ASN D 670 -49.90 24.72 -47.69
N SER D 671 -50.25 24.90 -46.42
CA SER D 671 -49.24 25.05 -45.39
C SER D 671 -48.54 23.72 -45.13
N THR D 672 -47.21 23.77 -45.01
CA THR D 672 -46.43 22.58 -44.74
C THR D 672 -46.41 22.20 -43.26
N ASN D 673 -46.91 23.07 -42.38
CA ASN D 673 -46.93 22.82 -40.95
C ASN D 673 -48.38 22.67 -40.49
N SER D 674 -48.66 21.54 -39.81
CA SER D 674 -50.00 21.35 -39.26
C SER D 674 -50.22 22.24 -38.04
N GLN D 675 -49.16 22.59 -37.33
CA GLN D 675 -49.24 23.54 -36.23
C GLN D 675 -48.85 24.93 -36.74
N ALA D 676 -49.77 25.89 -36.61
CA ALA D 676 -49.52 27.24 -37.08
C ALA D 676 -50.43 28.20 -36.35
N TYR D 677 -49.88 29.38 -36.03
CA TYR D 677 -50.63 30.46 -35.38
C TYR D 677 -50.38 31.71 -36.24
N VAL D 678 -51.20 31.88 -37.27
CA VAL D 678 -50.97 32.89 -38.30
C VAL D 678 -51.91 34.06 -38.11
N ASP D 679 -51.44 35.24 -38.49
CA ASP D 679 -52.24 36.45 -38.43
C ASP D 679 -53.12 36.52 -39.67
N LEU D 680 -54.44 36.62 -39.46
CA LEU D 680 -55.37 36.73 -40.58
C LEU D 680 -55.20 38.07 -41.27
N THR D 681 -55.27 38.04 -42.60
CA THR D 681 -55.16 39.26 -43.38
C THR D 681 -56.44 40.09 -43.25
N ASN D 682 -56.32 41.36 -43.64
CA ASN D 682 -57.49 42.25 -43.63
C ASN D 682 -58.57 41.80 -44.59
N ALA D 683 -58.22 41.00 -45.60
CA ALA D 683 -59.23 40.52 -46.54
C ALA D 683 -60.26 39.64 -45.85
N VAL D 684 -59.84 38.81 -44.91
CA VAL D 684 -60.78 37.95 -44.19
C VAL D 684 -61.75 38.80 -43.38
N SER D 685 -61.23 39.81 -42.67
CA SER D 685 -62.08 40.68 -41.87
C SER D 685 -63.06 41.44 -42.76
N ASP D 686 -62.60 41.92 -43.91
CA ASP D 686 -63.49 42.61 -44.85
C ASP D 686 -64.58 41.67 -45.36
N ALA D 687 -64.20 40.43 -45.70
CA ALA D 687 -65.18 39.48 -46.22
C ALA D 687 -66.19 39.06 -45.16
N VAL D 688 -65.80 39.09 -43.88
CA VAL D 688 -66.73 38.77 -42.81
C VAL D 688 -67.88 39.77 -42.80
N TYR D 689 -67.57 41.05 -42.99
CA TYR D 689 -68.57 42.11 -43.07
C TYR D 689 -68.87 42.52 -44.50
N GLY D 690 -68.42 41.74 -45.48
CA GLY D 690 -68.57 42.08 -46.88
C GLY D 690 -69.86 41.65 -47.53
N SER D 691 -70.82 41.13 -46.77
CA SER D 691 -72.10 40.70 -47.31
C SER D 691 -73.21 41.55 -46.73
N THR D 692 -74.09 42.04 -47.61
CA THR D 692 -75.20 42.89 -47.19
C THR D 692 -76.38 42.11 -46.65
N ASN D 693 -76.38 40.78 -46.78
CA ASN D 693 -77.48 39.98 -46.27
C ASN D 693 -77.45 39.94 -44.74
N THR D 694 -78.56 39.48 -44.16
CA THR D 694 -78.65 39.36 -42.72
C THR D 694 -77.64 38.36 -42.19
N ASP D 695 -76.89 38.76 -41.16
CA ASP D 695 -75.86 37.89 -40.60
C ASP D 695 -76.46 36.67 -39.91
N SER D 696 -77.66 36.80 -39.34
CA SER D 696 -78.28 35.67 -38.67
C SER D 696 -78.90 34.68 -39.66
N ASN D 697 -79.10 35.09 -40.91
CA ASN D 697 -79.70 34.23 -41.92
C ASN D 697 -78.68 33.43 -42.72
N VAL D 698 -77.39 33.57 -42.42
CA VAL D 698 -76.33 32.89 -43.14
C VAL D 698 -75.50 32.10 -42.15
N ASN D 699 -75.29 30.82 -42.44
CA ASN D 699 -74.49 29.94 -41.61
C ASN D 699 -73.03 30.00 -42.02
N ILE D 700 -72.18 29.37 -41.21
CA ILE D 700 -70.74 29.36 -41.43
C ILE D 700 -70.25 27.92 -41.48
N GLY D 701 -69.32 27.65 -42.40
CA GLY D 701 -68.75 26.32 -42.51
C GLY D 701 -67.24 26.41 -42.67
N PHE D 702 -66.57 25.35 -42.22
CA PHE D 702 -65.12 25.25 -42.27
C PHE D 702 -64.71 24.11 -43.19
N ALA D 703 -63.75 24.39 -44.08
CA ALA D 703 -63.36 23.43 -45.11
C ALA D 703 -61.90 23.04 -44.94
N MET D 704 -61.57 21.83 -45.37
CA MET D 704 -60.21 21.31 -45.30
C MET D 704 -59.83 20.68 -46.63
N TYR D 705 -58.62 20.95 -47.10
CA TYR D 705 -58.03 20.26 -48.23
C TYR D 705 -56.61 19.88 -47.88
N PHE D 706 -56.26 18.60 -48.07
CA PHE D 706 -54.95 18.10 -47.69
C PHE D 706 -54.58 16.91 -48.55
N THR D 707 -53.30 16.56 -48.52
CA THR D 707 -52.76 15.43 -49.24
C THR D 707 -51.93 14.57 -48.29
N GLY D 708 -51.69 13.33 -48.70
CA GLY D 708 -50.91 12.40 -47.89
C GLY D 708 -51.56 11.99 -46.58
N VAL D 709 -52.87 11.77 -46.60
CA VAL D 709 -53.61 11.41 -45.39
C VAL D 709 -54.34 10.09 -45.66
N GLY D 710 -53.76 9.24 -46.50
CA GLY D 710 -54.42 8.04 -46.95
C GLY D 710 -54.66 6.98 -45.88
N ASP D 711 -54.46 7.34 -44.61
CA ASP D 711 -54.76 6.46 -43.50
C ASP D 711 -55.36 7.27 -42.37
N LEU D 712 -56.47 6.78 -41.82
CA LEU D 712 -57.17 7.44 -40.73
C LEU D 712 -57.23 6.50 -39.53
N ALA D 713 -56.92 7.03 -38.35
CA ALA D 713 -56.94 6.25 -37.13
C ALA D 713 -58.36 6.16 -36.58
N ALA D 714 -58.52 5.43 -35.47
CA ALA D 714 -59.84 5.30 -34.86
C ALA D 714 -60.35 6.64 -34.36
N LYS D 715 -59.47 7.43 -33.73
CA LYS D 715 -59.83 8.74 -33.20
C LYS D 715 -58.95 9.80 -33.83
N GLU D 716 -59.56 10.92 -34.22
CA GLU D 716 -58.85 12.05 -34.78
C GLU D 716 -59.29 13.32 -34.06
N VAL D 717 -58.36 14.26 -33.93
CA VAL D 717 -58.58 15.49 -33.16
C VAL D 717 -58.42 16.68 -34.09
N ILE D 718 -59.38 17.61 -34.01
CA ILE D 718 -59.35 18.84 -34.78
C ILE D 718 -59.53 20.01 -33.82
N VAL D 719 -58.53 20.88 -33.76
CA VAL D 719 -58.56 22.06 -32.90
C VAL D 719 -58.19 23.27 -33.74
N MET D 720 -59.15 24.17 -33.96
CA MET D 720 -58.91 25.42 -34.69
C MET D 720 -59.93 26.47 -34.24
N ASP D 721 -59.42 27.49 -33.54
CA ASP D 721 -60.23 28.54 -32.97
C ASP D 721 -59.89 29.89 -33.61
N PHE D 722 -60.58 30.93 -33.16
CA PHE D 722 -60.35 32.30 -33.60
C PHE D 722 -59.93 33.18 -32.43
N PHE D 723 -58.95 34.02 -32.66
CA PHE D 723 -58.44 34.96 -31.66
C PHE D 723 -58.71 36.40 -32.09
N SER D 724 -58.86 37.28 -31.11
CA SER D 724 -59.09 38.69 -31.38
C SER D 724 -58.61 39.52 -30.20
N PHE D 725 -57.96 40.64 -30.50
CA PHE D 725 -57.48 41.56 -29.49
C PHE D 725 -57.58 42.99 -30.02
N GLY D 726 -57.59 43.94 -29.10
CA GLY D 726 -57.62 45.34 -29.44
C GLY D 726 -58.58 46.11 -28.56
N PHE D 727 -58.90 47.32 -28.99
CA PHE D 727 -59.81 48.19 -28.26
C PHE D 727 -60.42 49.18 -29.23
N THR D 728 -61.50 49.84 -28.79
CA THR D 728 -62.24 50.77 -29.61
C THR D 728 -62.25 52.15 -28.96
N ASP D 729 -62.43 53.16 -29.81
CA ASP D 729 -62.43 54.59 -29.45
C ASP D 729 -61.37 54.90 -28.38
N ASP D 730 -61.73 55.63 -27.32
CA ASP D 730 -60.72 56.05 -26.34
C ASP D 730 -60.09 54.86 -25.61
N GLY D 731 -60.83 53.77 -25.44
CA GLY D 731 -60.26 52.56 -24.86
C GLY D 731 -59.80 52.68 -23.43
N VAL D 732 -60.49 53.46 -22.61
CA VAL D 732 -60.12 53.58 -21.21
C VAL D 732 -61.03 52.73 -20.32
N GLN D 733 -62.31 52.65 -20.66
CA GLN D 733 -63.24 51.84 -19.89
C GLN D 733 -63.03 50.35 -20.15
N SER D 734 -63.53 49.53 -19.23
CA SER D 734 -63.37 48.09 -19.36
C SER D 734 -64.29 47.49 -20.43
N SER D 735 -65.38 48.18 -20.78
CA SER D 735 -66.31 47.65 -21.77
C SER D 735 -65.70 47.60 -23.17
N GLU D 736 -64.75 48.47 -23.48
CA GLU D 736 -64.13 48.53 -24.79
C GLU D 736 -62.80 47.79 -24.86
N ARG D 737 -62.39 47.14 -23.78
CA ARG D 737 -61.16 46.35 -23.76
C ARG D 737 -61.52 44.87 -23.84
N PHE D 738 -60.98 44.18 -24.84
CA PHE D 738 -61.29 42.78 -25.06
C PHE D 738 -60.04 42.02 -25.46
N ALA D 739 -59.96 40.76 -25.02
CA ALA D 739 -58.85 39.88 -25.39
C ALA D 739 -59.41 38.46 -25.42
N ASN D 740 -59.81 38.01 -26.61
CA ASN D 740 -60.44 36.70 -26.80
C ASN D 740 -59.36 35.71 -27.23
N GLN D 741 -59.01 34.80 -26.33
CA GLN D 741 -58.01 33.78 -26.63
C GLN D 741 -58.23 32.57 -25.73
N ILE D 742 -57.72 31.43 -26.18
CA ILE D 742 -57.73 30.20 -25.40
C ILE D 742 -56.31 29.65 -25.38
N ILE D 743 -55.85 29.26 -24.19
CA ILE D 743 -54.47 28.81 -23.98
C ILE D 743 -54.49 27.41 -23.39
N ARG D 744 -53.74 26.51 -24.01
CA ARG D 744 -53.63 25.13 -23.55
C ARG D 744 -52.18 24.82 -23.20
N ILE D 745 -51.98 24.18 -22.07
CA ILE D 745 -50.65 23.91 -21.52
C ILE D 745 -50.27 22.48 -21.85
N GLU D 746 -49.08 22.30 -22.42
CA GLU D 746 -48.57 20.97 -22.75
C GLU D 746 -47.66 20.47 -21.62
N ALA D 747 -48.30 20.06 -20.54
CA ALA D 747 -47.56 19.59 -19.36
C ALA D 747 -46.77 18.33 -19.70
N GLU D 748 -45.54 18.27 -19.20
CA GLU D 748 -44.65 17.15 -19.43
C GLU D 748 -44.38 16.43 -18.11
N GLU D 749 -44.39 15.09 -18.16
CA GLU D 749 -44.18 14.29 -16.97
C GLU D 749 -42.78 14.53 -16.40
N THR D 750 -42.70 14.62 -15.08
CA THR D 750 -41.42 14.90 -14.43
C THR D 750 -40.47 13.72 -14.53
N GLY D 751 -40.96 12.52 -14.22
CA GLY D 751 -40.12 11.34 -14.23
C GLY D 751 -40.80 10.19 -14.93
N ASP D 752 -40.09 9.05 -14.98
CA ASP D 752 -40.63 7.87 -15.65
C ASP D 752 -41.89 7.36 -14.95
N ASN D 753 -41.90 7.34 -13.63
CA ASN D 753 -43.02 6.85 -12.84
C ASN D 753 -43.46 7.88 -11.82
N THR D 754 -43.57 9.13 -12.23
CA THR D 754 -44.04 10.21 -11.37
C THR D 754 -45.35 10.75 -11.91
N SER D 755 -46.38 10.80 -11.05
CA SER D 755 -47.66 11.34 -11.44
C SER D 755 -47.66 12.86 -11.58
N THR D 756 -46.58 13.52 -11.16
CA THR D 756 -46.51 14.98 -11.19
C THR D 756 -46.14 15.45 -12.60
N PHE D 757 -47.06 16.13 -13.27
CA PHE D 757 -46.81 16.76 -14.54
C PHE D 757 -46.49 18.24 -14.33
N GLU D 758 -45.41 18.70 -14.94
CA GLU D 758 -44.91 20.05 -14.71
C GLU D 758 -45.09 20.88 -15.98
N GLY D 759 -45.63 22.09 -15.80
CA GLY D 759 -45.76 23.04 -16.88
C GLY D 759 -45.43 24.44 -16.40
N SER D 760 -45.68 25.44 -17.23
CA SER D 760 -45.42 26.81 -16.82
C SER D 760 -46.33 27.74 -17.62
N LEU D 761 -46.60 28.91 -17.05
CA LEU D 761 -47.44 29.92 -17.68
C LEU D 761 -46.67 31.23 -17.82
N GLU D 762 -46.78 31.83 -19.01
CA GLU D 762 -46.22 33.14 -19.30
C GLU D 762 -47.35 34.08 -19.66
N TYR D 763 -47.21 35.34 -19.27
CA TYR D 763 -48.19 36.35 -19.64
C TYR D 763 -47.49 37.68 -19.81
N VAL D 764 -47.85 38.40 -20.86
CA VAL D 764 -47.32 39.72 -21.14
C VAL D 764 -48.45 40.73 -20.96
N MET D 765 -48.16 41.83 -20.28
CA MET D 765 -49.14 42.88 -20.05
C MET D 765 -48.97 43.92 -21.16
N VAL D 766 -50.00 44.07 -21.98
CA VAL D 766 -49.90 44.92 -23.16
C VAL D 766 -49.69 46.37 -22.74
N ASN D 767 -48.84 47.07 -23.49
CA ASN D 767 -48.53 48.47 -23.23
C ASN D 767 -48.96 49.32 -24.41
N GLN D 768 -48.81 50.63 -24.26
CA GLN D 768 -49.21 51.56 -25.30
C GLN D 768 -48.35 51.44 -26.56
N ILE D 769 -47.19 50.79 -26.47
CA ILE D 769 -46.30 50.69 -27.62
C ILE D 769 -46.67 49.49 -28.48
N ASN D 770 -46.88 48.34 -27.86
CA ASN D 770 -47.14 47.11 -28.61
C ASN D 770 -48.62 46.85 -28.85
N ILE D 771 -49.51 47.70 -28.34
CA ILE D 771 -50.94 47.51 -28.56
C ILE D 771 -51.28 47.69 -30.03
N GLN D 772 -50.47 48.45 -30.77
CA GLN D 772 -50.71 48.71 -32.18
C GLN D 772 -49.83 47.87 -33.10
N ASP D 773 -49.12 46.89 -32.56
CA ASP D 773 -48.24 46.02 -33.33
C ASP D 773 -48.81 44.60 -33.25
N ALA D 774 -49.07 44.00 -34.42
CA ALA D 774 -49.64 42.67 -34.46
C ALA D 774 -48.63 41.58 -34.14
N GLY D 775 -47.33 41.89 -34.20
CA GLY D 775 -46.32 40.88 -33.94
C GLY D 775 -46.34 40.38 -32.51
N THR D 776 -46.57 41.29 -31.55
CA THR D 776 -46.60 40.88 -30.15
C THR D 776 -47.79 39.95 -29.86
N PHE D 777 -48.90 40.12 -30.58
CA PHE D 777 -50.00 39.18 -30.43
C PHE D 777 -49.74 37.89 -31.17
N SER D 778 -49.08 37.96 -32.33
CA SER D 778 -48.73 36.77 -33.09
C SER D 778 -47.50 36.07 -32.54
N GLY D 779 -46.72 36.73 -31.69
CA GLY D 779 -45.52 36.12 -31.14
C GLY D 779 -45.74 35.20 -29.97
N ILE D 780 -46.99 35.08 -29.48
CA ILE D 780 -47.27 34.21 -28.36
C ILE D 780 -47.45 32.77 -28.85
N THR D 781 -47.29 31.83 -27.92
CA THR D 781 -47.45 30.41 -28.23
C THR D 781 -48.75 29.91 -27.61
N PRO D 782 -49.78 29.62 -28.41
CA PRO D 782 -51.04 29.16 -27.83
C PRO D 782 -50.98 27.72 -27.34
N ILE D 783 -50.24 26.87 -28.06
CA ILE D 783 -50.13 25.45 -27.74
C ILE D 783 -48.65 25.13 -27.60
N ALA D 784 -48.20 24.97 -26.36
CA ALA D 784 -46.80 24.64 -26.07
C ALA D 784 -46.74 24.21 -24.60
N ASP D 785 -45.55 23.78 -24.19
CA ASP D 785 -45.34 23.43 -22.78
C ASP D 785 -45.26 24.68 -21.91
N ASP D 786 -44.85 25.80 -22.48
CA ASP D 786 -44.77 27.08 -21.78
C ASP D 786 -45.49 28.15 -22.59
N PRO D 787 -46.83 28.12 -22.61
CA PRO D 787 -47.58 29.05 -23.43
C PRO D 787 -47.59 30.45 -22.83
N SER D 788 -48.01 31.41 -23.66
CA SER D 788 -48.12 32.80 -23.24
C SER D 788 -49.44 33.37 -23.73
N PHE D 789 -49.95 34.36 -23.01
CA PHE D 789 -51.23 34.98 -23.34
C PHE D 789 -51.18 36.46 -23.02
N ILE D 790 -52.13 37.20 -23.59
CA ILE D 790 -52.19 38.66 -23.48
C ILE D 790 -53.12 39.03 -22.33
N VAL D 791 -52.75 40.09 -21.61
CA VAL D 791 -53.57 40.65 -20.55
C VAL D 791 -53.79 42.12 -20.85
N ILE D 792 -55.06 42.56 -20.87
CA ILE D 792 -55.41 43.91 -21.27
C ILE D 792 -55.70 44.84 -20.09
N GLU D 793 -55.89 44.28 -18.89
CA GLU D 793 -56.37 45.05 -17.74
C GLU D 793 -55.90 44.33 -16.49
N ASP D 794 -55.76 45.07 -15.39
CA ASP D 794 -55.22 44.45 -14.18
C ASP D 794 -56.26 43.49 -13.58
N LEU D 795 -56.38 42.31 -14.20
CA LEU D 795 -57.38 41.34 -13.80
C LEU D 795 -57.07 40.81 -12.41
N THR D 796 -57.87 41.22 -11.42
CA THR D 796 -57.75 40.71 -10.07
C THR D 796 -59.09 40.18 -9.59
N ASP D 797 -59.14 39.68 -8.35
CA ASP D 797 -60.37 39.19 -7.75
C ASP D 797 -61.05 38.14 -8.61
N GLU D 798 -62.30 38.39 -9.01
CA GLU D 798 -63.08 37.41 -9.75
C GLU D 798 -62.63 37.25 -11.20
N ASP D 799 -61.86 38.19 -11.74
CA ASP D 799 -61.43 38.16 -13.13
C ASP D 799 -59.97 37.74 -13.28
N ALA D 800 -59.35 37.26 -12.22
CA ALA D 800 -57.94 36.88 -12.27
C ALA D 800 -57.75 35.72 -13.24
N PRO D 801 -56.61 35.66 -13.93
CA PRO D 801 -56.36 34.56 -14.87
C PRO D 801 -56.42 33.21 -14.18
N ARG D 802 -57.39 32.40 -14.58
CA ARG D 802 -57.66 31.10 -13.98
C ARG D 802 -57.47 30.01 -15.03
N VAL D 803 -56.69 29.00 -14.68
CA VAL D 803 -56.47 27.84 -15.54
C VAL D 803 -57.45 26.75 -15.14
N ASN D 804 -58.02 26.09 -16.14
CA ASN D 804 -59.03 25.05 -15.92
C ASN D 804 -58.51 23.71 -16.41
N TYR D 805 -58.86 22.66 -15.68
CA TYR D 805 -58.41 21.31 -16.02
C TYR D 805 -59.43 20.32 -15.47
N ASN D 806 -60.11 19.59 -16.36
CA ASN D 806 -60.99 18.53 -15.92
C ASN D 806 -60.17 17.36 -15.38
N ASP D 807 -60.84 16.49 -14.63
CA ASP D 807 -60.17 15.31 -14.10
C ASP D 807 -61.21 14.28 -13.70
N LEU D 808 -60.88 13.02 -13.90
CA LEU D 808 -61.68 11.90 -13.42
C LEU D 808 -61.22 11.56 -12.00
N GLY D 809 -62.07 11.86 -11.02
CA GLY D 809 -61.69 11.64 -9.64
C GLY D 809 -61.67 10.18 -9.27
N ALA D 810 -61.19 9.92 -8.05
CA ALA D 810 -61.14 8.55 -7.55
C ALA D 810 -62.52 7.93 -7.45
N ASP D 811 -63.55 8.76 -7.20
CA ASP D 811 -64.91 8.24 -7.15
C ASP D 811 -65.42 7.84 -8.53
N GLY D 812 -65.00 8.55 -9.57
CA GLY D 812 -65.42 8.27 -10.93
C GLY D 812 -66.10 9.44 -11.63
N VAL D 813 -66.36 10.54 -10.95
CA VAL D 813 -67.00 11.69 -11.57
C VAL D 813 -65.93 12.54 -12.27
N THR D 814 -66.36 13.32 -13.25
CA THR D 814 -65.45 14.19 -14.00
C THR D 814 -65.48 15.60 -13.41
N THR D 815 -65.08 15.68 -12.15
CA THR D 815 -65.05 16.96 -11.46
C THR D 815 -63.87 17.79 -11.95
N PRO D 816 -64.06 19.10 -12.15
CA PRO D 816 -62.95 19.95 -12.57
C PRO D 816 -62.13 20.45 -11.39
N VAL D 817 -60.85 20.70 -11.65
CA VAL D 817 -59.94 21.33 -10.70
C VAL D 817 -59.33 22.55 -11.38
N SER D 818 -59.35 23.68 -10.66
CA SER D 818 -58.90 24.94 -11.24
C SER D 818 -58.07 25.71 -10.22
N ASP D 819 -57.17 26.53 -10.74
CA ASP D 819 -56.37 27.43 -9.93
C ASP D 819 -56.24 28.77 -10.64
N GLN D 820 -56.11 29.83 -9.86
CA GLN D 820 -56.02 31.18 -10.41
C GLN D 820 -54.95 31.96 -9.66
N GLU D 821 -54.33 32.90 -10.36
CA GLU D 821 -53.34 33.79 -9.78
C GLU D 821 -53.56 35.20 -10.31
N GLU D 822 -53.58 36.17 -9.41
CA GLU D 822 -53.81 37.55 -9.81
C GLU D 822 -52.64 38.08 -10.64
N ALA D 823 -52.96 38.95 -11.60
CA ALA D 823 -51.96 39.60 -12.43
C ALA D 823 -52.22 41.11 -12.41
N PRO D 824 -51.93 41.75 -11.27
CA PRO D 824 -52.21 43.18 -11.15
C PRO D 824 -51.15 44.03 -11.83
N SER D 825 -51.46 45.32 -11.92
CA SER D 825 -50.54 46.27 -12.52
C SER D 825 -49.79 47.04 -11.44
N HIS D 826 -48.82 47.85 -11.88
CA HIS D 826 -47.97 48.61 -10.98
C HIS D 826 -47.88 50.05 -11.48
N SER D 827 -47.74 50.97 -10.53
CA SER D 827 -47.63 52.39 -10.85
C SER D 827 -46.18 52.70 -11.20
N GLY D 828 -45.93 52.99 -12.48
CA GLY D 828 -44.59 53.30 -12.94
C GLY D 828 -44.01 54.54 -12.28
N VAL D 829 -42.79 54.43 -11.76
CA VAL D 829 -42.10 55.52 -11.10
C VAL D 829 -40.82 55.82 -11.86
N VAL D 830 -40.67 57.07 -12.29
CA VAL D 830 -39.48 57.53 -13.00
C VAL D 830 -38.85 58.67 -12.22
N SER D 831 -37.53 58.60 -12.05
CA SER D 831 -36.82 59.61 -11.28
C SER D 831 -35.40 59.74 -11.81
N LEU D 832 -34.77 60.86 -11.47
CA LEU D 832 -33.41 61.14 -11.86
C LEU D 832 -32.47 60.98 -10.66
N ASN D 833 -31.20 60.69 -10.95
CA ASN D 833 -30.24 60.39 -9.88
C ASN D 833 -29.94 61.60 -9.01
N ALA D 834 -30.05 62.82 -9.54
CA ALA D 834 -29.68 64.02 -8.80
C ALA D 834 -30.74 65.09 -9.00
N ASP D 835 -30.79 66.02 -8.04
CA ASP D 835 -31.72 67.14 -8.14
C ASP D 835 -31.24 68.20 -9.13
N SER D 836 -29.93 68.39 -9.26
CA SER D 836 -29.36 69.37 -10.17
C SER D 836 -28.28 68.71 -11.01
N TYR D 837 -28.10 69.23 -12.23
CA TYR D 837 -27.15 68.66 -13.17
C TYR D 837 -26.37 69.77 -13.85
N LYS D 838 -25.10 69.50 -14.14
CA LYS D 838 -24.25 70.43 -14.86
C LYS D 838 -24.35 70.15 -16.37
N ILE D 839 -23.58 70.91 -17.15
CA ILE D 839 -23.52 70.67 -18.59
C ILE D 839 -22.79 69.36 -18.84
N ALA D 840 -23.39 68.50 -19.65
CA ALA D 840 -22.85 67.17 -19.96
C ALA D 840 -22.58 66.40 -18.67
N ASP D 841 -23.57 66.38 -17.78
CA ASP D 841 -23.48 65.69 -16.50
C ASP D 841 -23.89 64.24 -16.59
N THR D 842 -24.25 63.76 -17.78
CA THR D 842 -24.65 62.37 -18.00
C THR D 842 -25.83 61.98 -17.11
N VAL D 843 -26.95 62.65 -17.35
CA VAL D 843 -28.18 62.33 -16.63
C VAL D 843 -28.62 60.92 -17.00
N VAL D 844 -29.17 60.20 -16.03
CA VAL D 844 -29.64 58.84 -16.22
C VAL D 844 -31.09 58.75 -15.76
N ILE D 845 -31.93 58.10 -16.56
CA ILE D 845 -33.35 57.95 -16.26
C ILE D 845 -33.58 56.52 -15.80
N THR D 846 -34.11 56.37 -14.59
CA THR D 846 -34.42 55.07 -14.01
C THR D 846 -35.93 54.91 -13.96
N VAL D 847 -36.45 53.95 -14.73
CA VAL D 847 -37.88 53.68 -14.80
C VAL D 847 -38.12 52.32 -14.17
N GLU D 848 -38.89 52.28 -13.10
CA GLU D 848 -39.24 51.03 -12.42
C GLU D 848 -40.74 50.79 -12.62
N ASP D 849 -41.06 49.81 -13.47
CA ASP D 849 -42.46 49.44 -13.73
C ASP D 849 -42.43 48.03 -14.30
N LEU D 850 -42.92 47.07 -13.52
CA LEU D 850 -42.78 45.66 -13.88
C LEU D 850 -43.69 45.25 -15.03
N ASP D 851 -44.69 46.08 -15.37
CA ASP D 851 -45.64 45.69 -16.42
C ASP D 851 -45.05 45.80 -17.82
N LEU D 852 -43.93 46.49 -17.99
CA LEU D 852 -43.33 46.60 -19.32
C LEU D 852 -42.44 45.42 -19.68
N ASN D 853 -42.21 44.50 -18.74
CA ASN D 853 -41.42 43.30 -19.03
C ASN D 853 -42.30 42.31 -19.77
N VAL D 854 -42.03 42.11 -21.06
CA VAL D 854 -42.85 41.27 -21.92
C VAL D 854 -42.15 39.94 -22.23
N ASP D 855 -41.02 39.66 -21.59
CA ASP D 855 -40.35 38.39 -21.76
C ASP D 855 -39.32 38.21 -20.66
N SER D 856 -39.40 37.08 -19.95
CA SER D 856 -38.42 36.76 -18.92
C SER D 856 -37.10 36.25 -19.51
N ASP D 857 -37.06 35.95 -20.80
CA ASP D 857 -35.85 35.45 -21.44
C ASP D 857 -35.05 36.59 -22.09
N LEU D 858 -35.67 37.30 -23.03
CA LEU D 858 -34.99 38.37 -23.74
C LEU D 858 -34.92 39.63 -22.90
N ILE D 859 -33.97 40.50 -23.26
CA ILE D 859 -33.83 41.79 -22.61
C ILE D 859 -34.80 42.77 -23.28
N ASP D 860 -35.71 43.33 -22.49
CA ASP D 860 -36.70 44.26 -23.03
C ASP D 860 -36.08 45.63 -23.25
N ILE D 861 -36.29 46.20 -24.44
CA ILE D 861 -35.73 47.49 -24.80
C ILE D 861 -36.83 48.34 -25.42
N PHE D 862 -36.60 49.66 -25.40
CA PHE D 862 -37.53 50.62 -25.99
C PHE D 862 -36.71 51.69 -26.72
N THR D 863 -36.83 51.71 -28.05
CA THR D 863 -36.08 52.67 -28.87
C THR D 863 -36.81 54.01 -28.89
N VAL D 864 -36.21 54.97 -29.58
CA VAL D 864 -36.77 56.31 -29.73
C VAL D 864 -37.20 56.49 -31.19
N VAL D 865 -38.37 57.08 -31.37
CA VAL D 865 -38.94 57.27 -32.70
C VAL D 865 -38.21 58.38 -33.43
N SER D 866 -37.82 58.12 -34.68
CA SER D 866 -37.19 59.12 -35.54
C SER D 866 -38.01 59.16 -36.84
N ASP D 867 -39.06 59.97 -36.83
CA ASP D 867 -39.93 60.10 -37.99
C ASP D 867 -40.67 61.44 -37.88
N ASN D 868 -40.36 62.36 -38.78
CA ASN D 868 -40.94 63.70 -38.71
C ASN D 868 -42.44 63.67 -38.97
N SER D 869 -42.90 62.77 -39.84
CA SER D 869 -44.32 62.73 -40.19
C SER D 869 -45.20 62.38 -38.98
N LYS D 870 -44.77 61.42 -38.17
CA LYS D 870 -45.56 61.00 -37.02
C LYS D 870 -45.47 62.03 -35.90
N ALA D 871 -46.58 62.16 -35.15
CA ALA D 871 -46.66 63.13 -34.07
C ALA D 871 -45.79 62.77 -32.88
N THR D 872 -45.28 61.53 -32.81
CA THR D 872 -44.43 61.09 -31.71
C THR D 872 -42.95 61.15 -32.07
N ASP D 873 -42.55 62.12 -32.88
CA ASP D 873 -41.15 62.28 -33.24
C ASP D 873 -40.32 62.62 -32.00
N ASP D 874 -39.11 62.05 -31.94
CA ASP D 874 -38.18 62.23 -30.83
C ASP D 874 -38.73 61.74 -29.51
N ALA D 875 -39.74 60.88 -29.53
CA ALA D 875 -40.32 60.31 -28.32
C ALA D 875 -40.05 58.81 -28.28
N VAL D 876 -39.86 58.29 -27.06
CA VAL D 876 -39.68 56.86 -26.88
C VAL D 876 -40.97 56.15 -27.26
N GLY D 877 -40.84 55.05 -28.01
CA GLY D 877 -42.00 54.28 -28.41
C GLY D 877 -41.91 53.70 -29.80
N SER D 878 -42.98 53.81 -30.58
CA SER D 878 -43.06 53.25 -31.91
C SER D 878 -43.55 54.31 -32.88
N ALA D 879 -43.22 54.10 -34.17
CA ALA D 879 -43.62 55.05 -35.19
C ALA D 879 -45.14 55.15 -35.31
N THR D 880 -45.82 54.02 -35.26
CA THR D 880 -47.28 54.03 -35.29
C THR D 880 -47.84 54.77 -34.09
N THR D 881 -48.82 55.64 -34.33
CA THR D 881 -49.37 56.47 -33.27
C THR D 881 -50.78 56.89 -33.65
N GLN D 882 -51.70 56.76 -32.70
CA GLN D 882 -53.08 57.22 -32.86
C GLN D 882 -53.37 58.29 -31.81
N SER D 883 -54.15 59.29 -32.21
CA SER D 883 -54.51 60.39 -31.32
C SER D 883 -55.79 60.03 -30.55
N LEU D 884 -55.71 60.12 -29.23
CA LEU D 884 -56.83 59.79 -28.36
C LEU D 884 -57.01 60.91 -27.32
N SER D 885 -57.94 60.69 -26.40
CA SER D 885 -58.21 61.68 -25.37
C SER D 885 -57.07 61.80 -24.36
N PHE D 886 -56.25 60.77 -24.22
CA PHE D 886 -55.15 60.78 -23.27
C PHE D 886 -53.80 61.14 -23.91
N GLY D 887 -53.82 61.62 -25.15
CA GLY D 887 -52.59 62.01 -25.82
C GLY D 887 -52.28 61.18 -27.04
N GLU D 888 -51.04 60.74 -27.17
CA GLU D 888 -50.59 59.95 -28.31
C GLU D 888 -50.33 58.52 -27.86
N LEU D 889 -50.80 57.56 -28.67
CA LEU D 889 -50.64 56.15 -28.33
C LEU D 889 -49.18 55.74 -28.34
N GLY D 890 -48.41 56.24 -29.30
CA GLY D 890 -47.01 55.86 -29.44
C GLY D 890 -46.03 56.61 -28.57
N ARG D 891 -46.51 57.48 -27.69
CA ARG D 891 -45.65 58.29 -26.83
C ARG D 891 -45.45 57.56 -25.51
N LEU D 892 -44.22 57.10 -25.25
CA LEU D 892 -43.89 56.40 -24.00
C LEU D 892 -43.18 57.31 -23.01
N LEU D 893 -42.07 57.94 -23.41
CA LEU D 893 -41.29 58.77 -22.50
C LEU D 893 -40.79 59.99 -23.25
N ASP D 894 -40.85 61.15 -22.60
CA ASP D 894 -40.39 62.40 -23.19
C ASP D 894 -39.55 63.16 -22.18
N VAL D 895 -38.58 63.93 -22.69
CA VAL D 895 -37.74 64.80 -21.88
C VAL D 895 -38.00 66.23 -22.30
N THR D 896 -38.26 67.10 -21.32
CA THR D 896 -38.67 68.47 -21.60
C THR D 896 -37.76 69.45 -20.88
N PHE D 897 -37.30 70.48 -21.60
CA PHE D 897 -36.62 71.62 -21.02
C PHE D 897 -37.58 72.80 -21.01
N ASP D 898 -37.78 73.39 -19.83
CA ASP D 898 -38.76 74.46 -19.64
C ASP D 898 -40.15 74.03 -20.11
N ASP D 899 -40.51 72.79 -19.78
CA ASP D 899 -41.80 72.20 -20.14
C ASP D 899 -42.01 72.17 -21.64
N VAL D 900 -40.93 72.10 -22.41
CA VAL D 900 -40.98 72.02 -23.86
C VAL D 900 -40.17 70.80 -24.30
N ILE D 901 -40.78 69.95 -25.13
CA ILE D 901 -40.14 68.71 -25.54
C ILE D 901 -38.86 69.00 -26.31
N TRP D 902 -37.80 68.27 -25.96
CA TRP D 902 -36.52 68.42 -26.63
C TRP D 902 -36.52 67.57 -27.89
N SER D 903 -36.52 68.22 -29.06
CA SER D 903 -36.55 67.54 -30.34
C SER D 903 -35.52 68.15 -31.27
N THR D 904 -34.98 67.32 -32.18
CA THR D 904 -34.00 67.81 -33.13
C THR D 904 -34.68 68.47 -34.31
N PRO D 905 -34.17 69.59 -34.81
CA PRO D 905 -34.79 70.24 -35.98
C PRO D 905 -34.67 69.35 -37.21
N ASP D 906 -35.81 69.13 -37.88
CA ASP D 906 -35.86 68.31 -39.08
C ASP D 906 -37.13 68.64 -39.84
N GLY D 907 -37.26 68.03 -41.02
CA GLY D 907 -38.43 68.25 -41.84
C GLY D 907 -38.40 69.61 -42.54
N ALA D 908 -39.58 70.03 -42.98
CA ALA D 908 -39.74 71.31 -43.66
C ALA D 908 -40.21 72.42 -42.74
N ASN D 909 -40.37 72.15 -41.45
CA ASN D 909 -40.85 73.14 -40.48
C ASN D 909 -39.72 73.75 -39.66
N ASN D 910 -38.46 73.49 -40.03
CA ASN D 910 -37.32 74.03 -39.32
C ASN D 910 -36.59 75.11 -40.12
N THR D 911 -37.31 75.81 -41.01
CA THR D 911 -36.71 76.85 -41.83
C THR D 911 -36.59 78.19 -41.13
N ALA D 912 -37.12 78.31 -39.91
CA ALA D 912 -37.04 79.58 -39.19
C ALA D 912 -35.60 79.90 -38.83
N THR D 913 -35.24 81.18 -38.93
CA THR D 913 -33.91 81.65 -38.62
C THR D 913 -33.84 82.57 -37.40
N GLY D 914 -34.99 83.04 -36.89
CA GLY D 914 -34.98 83.87 -35.70
C GLY D 914 -34.47 85.28 -35.98
N ASN D 915 -33.88 85.87 -34.95
CA ASN D 915 -33.41 87.25 -35.03
C ASN D 915 -32.22 87.42 -35.98
N ASP D 916 -31.49 86.35 -36.27
CA ASP D 916 -30.35 86.39 -37.18
C ASP D 916 -30.68 85.58 -38.43
N SER D 917 -29.70 85.51 -39.34
CA SER D 917 -29.86 84.82 -40.61
C SER D 917 -29.44 83.36 -40.55
N ASP D 918 -29.07 82.85 -39.38
CA ASP D 918 -28.60 81.49 -39.22
C ASP D 918 -29.73 80.60 -38.71
N THR D 919 -29.92 79.46 -39.38
CA THR D 919 -30.96 78.52 -38.98
C THR D 919 -30.56 77.80 -37.70
N CYS D 920 -31.56 77.28 -36.99
CA CYS D 920 -31.30 76.61 -35.71
C CYS D 920 -30.42 75.38 -35.90
N SER D 921 -30.70 74.58 -36.93
CA SER D 921 -29.87 73.40 -37.19
C SER D 921 -28.46 73.79 -37.56
N THR D 922 -28.31 74.82 -38.41
CA THR D 922 -26.97 75.29 -38.77
C THR D 922 -26.26 75.88 -37.56
N GLU D 923 -26.99 76.58 -36.69
CA GLU D 923 -26.39 77.12 -35.47
C GLU D 923 -25.89 76.00 -34.57
N LEU D 924 -26.69 74.94 -34.41
CA LEU D 924 -26.26 73.80 -33.60
C LEU D 924 -25.04 73.12 -34.21
N SER D 925 -25.02 72.98 -35.54
CA SER D 925 -23.87 72.38 -36.20
C SER D 925 -22.61 73.22 -36.01
N ASN D 926 -22.75 74.55 -36.11
CA ASN D 926 -21.60 75.43 -35.89
C ASN D 926 -21.11 75.36 -34.45
N ALA D 927 -22.05 75.26 -33.50
CA ALA D 927 -21.67 75.14 -32.09
C ALA D 927 -21.01 73.82 -31.76
N GLY D 928 -21.04 72.86 -32.68
CA GLY D 928 -20.45 71.56 -32.43
C GLY D 928 -21.28 70.62 -31.60
N ILE D 929 -22.57 70.91 -31.42
CA ILE D 929 -23.45 70.09 -30.60
C ILE D 929 -24.06 69.03 -31.49
N THR D 930 -23.50 67.82 -31.46
CA THR D 930 -24.08 66.70 -32.19
C THR D 930 -25.29 66.10 -31.50
N ASP D 931 -25.52 66.45 -30.22
CA ASP D 931 -26.70 66.01 -29.49
C ASP D 931 -27.86 66.99 -29.72
N THR D 932 -28.25 67.10 -30.99
CA THR D 932 -29.31 68.02 -31.38
C THR D 932 -30.70 67.57 -30.91
N GLY D 933 -30.84 66.32 -30.48
CA GLY D 933 -32.13 65.84 -30.02
C GLY D 933 -31.97 64.51 -29.31
N LEU D 934 -33.11 63.99 -28.84
CA LEU D 934 -33.11 62.71 -28.13
C LEU D 934 -32.63 61.59 -29.05
N GLY D 935 -33.11 61.59 -30.30
CA GLY D 935 -32.69 60.56 -31.23
C GLY D 935 -31.21 60.64 -31.58
N ALA D 936 -30.65 61.85 -31.64
CA ALA D 936 -29.24 62.00 -31.94
C ALA D 936 -28.36 61.36 -30.87
N THR D 937 -28.73 61.51 -29.60
CA THR D 937 -27.96 60.93 -28.51
C THR D 937 -28.04 59.41 -28.47
N GLY D 938 -28.99 58.80 -29.17
CA GLY D 938 -29.15 57.37 -29.09
C GLY D 938 -29.70 56.87 -27.77
N PHE D 939 -30.40 57.73 -27.03
CA PHE D 939 -30.93 57.35 -25.73
C PHE D 939 -32.05 56.33 -25.87
N THR D 940 -31.85 55.15 -25.31
CA THR D 940 -32.84 54.09 -25.35
C THR D 940 -32.95 53.45 -23.97
N LEU D 941 -34.12 52.90 -23.69
CA LEU D 941 -34.36 52.22 -22.41
C LEU D 941 -33.95 50.76 -22.53
N VAL D 942 -33.13 50.30 -21.60
CA VAL D 942 -32.68 48.91 -21.55
C VAL D 942 -32.95 48.36 -20.16
N GLU D 943 -33.50 47.15 -20.11
CA GLU D 943 -33.80 46.51 -18.84
C GLU D 943 -32.52 46.16 -18.10
N THR D 944 -32.56 46.27 -16.77
CA THR D 944 -31.40 45.93 -15.95
C THR D 944 -31.03 44.46 -16.09
N GLY D 945 -32.03 43.58 -16.09
CA GLY D 945 -31.80 42.16 -16.23
C GLY D 945 -32.87 41.51 -17.09
N ALA D 946 -32.84 40.17 -17.10
CA ALA D 946 -33.81 39.43 -17.90
C ALA D 946 -35.23 39.63 -17.38
N ALA D 947 -35.42 39.63 -16.07
CA ALA D 947 -36.75 39.77 -15.48
C ALA D 947 -36.77 40.79 -14.34
N THR D 948 -35.82 41.74 -14.32
CA THR D 948 -35.79 42.74 -13.27
C THR D 948 -37.02 43.65 -13.33
N GLY D 949 -37.42 44.04 -14.53
CA GLY D 949 -38.54 44.95 -14.69
C GLY D 949 -38.22 46.40 -14.52
N VAL D 950 -36.95 46.76 -14.35
CA VAL D 950 -36.51 48.14 -14.19
C VAL D 950 -35.66 48.51 -15.40
N PHE D 951 -36.01 49.60 -16.06
CA PHE D 951 -35.33 50.05 -17.27
C PHE D 951 -34.47 51.27 -16.95
N VAL D 952 -33.24 51.25 -17.46
CA VAL D 952 -32.26 52.30 -17.21
C VAL D 952 -31.84 52.91 -18.54
N GLY D 953 -31.93 54.24 -18.63
CA GLY D 953 -31.49 54.95 -19.82
C GLY D 953 -30.83 56.25 -19.41
N ASP D 954 -29.94 56.72 -20.28
CA ASP D 954 -29.13 57.88 -19.94
C ASP D 954 -28.74 58.63 -21.21
N PHE D 955 -28.35 59.89 -21.01
CA PHE D 955 -27.84 60.76 -22.08
C PHE D 955 -27.13 61.93 -21.42
N GLN D 956 -26.37 62.66 -22.23
CA GLN D 956 -25.62 63.82 -21.77
C GLN D 956 -26.36 65.10 -22.16
N ILE D 957 -26.47 66.02 -21.21
CA ILE D 957 -27.17 67.28 -21.43
C ILE D 957 -26.33 68.18 -22.34
N PRO D 958 -26.85 68.61 -23.47
CA PRO D 958 -26.10 69.52 -24.34
C PRO D 958 -26.06 70.93 -23.77
N SER D 959 -25.05 71.69 -24.22
CA SER D 959 -24.94 73.09 -23.81
C SER D 959 -25.97 73.96 -24.53
N PHE D 960 -26.27 73.63 -25.79
CA PHE D 960 -27.22 74.38 -26.59
C PHE D 960 -28.33 73.46 -27.07
N TRP D 961 -29.56 73.95 -27.05
CA TRP D 961 -30.71 73.19 -27.54
C TRP D 961 -31.62 74.14 -28.32
N CYS D 962 -32.39 73.56 -29.23
CA CYS D 962 -33.32 74.30 -30.07
C CYS D 962 -34.72 74.18 -29.50
N ARG D 963 -35.31 75.31 -29.11
CA ARG D 963 -36.65 75.31 -28.55
C ARG D 963 -37.69 75.11 -29.65
N VAL D 964 -38.72 74.36 -29.34
CA VAL D 964 -39.83 74.13 -30.27
C VAL D 964 -40.78 75.31 -30.17
N SER D 965 -41.04 75.97 -31.30
CA SER D 965 -41.91 77.13 -31.30
C SER D 965 -43.35 76.76 -30.95
N ASP D 966 -43.85 75.66 -31.51
CA ASP D 966 -45.21 75.23 -31.23
C ASP D 966 -45.30 73.72 -31.42
N THR D 967 -46.06 73.06 -30.55
CA THR D 967 -46.26 71.62 -30.59
C THR D 967 -47.60 71.22 -31.20
N THR D 968 -48.30 72.16 -31.81
CA THR D 968 -49.64 71.89 -32.35
C THR D 968 -49.63 71.38 -33.78
N THR D 969 -48.46 71.19 -34.38
CA THR D 969 -48.35 70.72 -35.75
C THR D 969 -47.30 69.63 -35.86
N THR D 970 -47.47 68.76 -36.85
CA THR D 970 -46.49 67.72 -37.15
C THR D 970 -46.01 67.86 -38.59
N PRO D 971 -44.70 67.89 -38.85
CA PRO D 971 -43.59 67.87 -37.88
C PRO D 971 -43.52 69.15 -37.07
N TYR D 972 -42.82 69.14 -35.94
CA TYR D 972 -42.76 70.31 -35.08
C TYR D 972 -42.08 71.47 -35.79
N THR D 973 -42.59 72.68 -35.55
CA THR D 973 -41.98 73.90 -36.06
C THR D 973 -41.04 74.45 -35.00
N TYR D 974 -39.74 74.48 -35.30
CA TYR D 974 -38.73 74.84 -34.32
C TYR D 974 -38.41 76.33 -34.41
N ALA D 975 -37.92 76.87 -33.29
CA ALA D 975 -37.51 78.27 -33.26
C ALA D 975 -36.24 78.47 -34.07
N GLY D 976 -36.03 79.72 -34.50
CA GLY D 976 -34.90 80.02 -35.36
C GLY D 976 -33.58 80.22 -34.65
N ASP D 977 -33.57 80.29 -33.32
CA ASP D 977 -32.34 80.50 -32.57
C ASP D 977 -32.30 79.52 -31.40
N GLU D 978 -31.10 79.06 -31.08
CA GLU D 978 -30.90 78.17 -29.95
C GLU D 978 -30.65 78.97 -28.68
N GLU D 979 -30.82 78.31 -27.53
CA GLU D 979 -30.59 78.93 -26.24
C GLU D 979 -29.88 77.96 -25.33
N THR D 980 -29.09 78.50 -24.41
CA THR D 980 -28.30 77.67 -23.52
C THR D 980 -29.20 77.06 -22.45
N THR D 981 -29.03 75.76 -22.20
CA THR D 981 -29.92 75.02 -21.32
C THR D 981 -29.69 75.30 -19.84
N THR D 982 -28.65 76.05 -19.48
CA THR D 982 -28.37 76.29 -18.06
C THR D 982 -29.49 77.09 -17.42
N GLY D 983 -29.84 76.71 -16.19
CA GLY D 983 -30.91 77.34 -15.45
C GLY D 983 -32.28 76.80 -15.74
N LEU D 984 -32.52 76.32 -16.96
CA LEU D 984 -33.80 75.73 -17.30
C LEU D 984 -33.99 74.42 -16.53
N ASP D 985 -35.26 74.08 -16.29
CA ASP D 985 -35.61 72.86 -15.57
C ASP D 985 -35.80 71.72 -16.55
N ILE D 986 -35.05 70.64 -16.36
CA ILE D 986 -35.17 69.45 -17.19
C ILE D 986 -36.17 68.50 -16.54
N GLU D 987 -37.23 68.17 -17.28
CA GLU D 987 -38.30 67.32 -16.76
C GLU D 987 -38.53 66.16 -17.72
N VAL D 988 -38.74 64.98 -17.15
CA VAL D 988 -39.07 63.79 -17.92
C VAL D 988 -40.52 63.43 -17.65
N ASN D 989 -41.12 62.73 -18.62
CA ASN D 989 -42.51 62.28 -18.50
C ASN D 989 -42.61 60.87 -19.06
N TYR D 990 -42.77 59.89 -18.17
CA TYR D 990 -43.02 58.51 -18.56
C TYR D 990 -44.52 58.29 -18.64
N VAL D 991 -45.00 57.90 -19.82
CA VAL D 991 -46.42 57.67 -20.03
C VAL D 991 -46.72 56.25 -19.57
N ASP D 992 -47.54 56.13 -18.53
CA ASP D 992 -47.87 54.83 -17.93
C ASP D 992 -49.20 54.37 -18.50
N PHE D 993 -49.18 53.31 -19.31
CA PHE D 993 -50.41 52.83 -19.93
C PHE D 993 -51.35 52.20 -18.90
N ARG D 994 -50.81 51.59 -17.85
CA ARG D 994 -51.61 50.92 -16.84
C ARG D 994 -51.05 51.26 -15.46
N ASP D 995 -51.82 52.02 -14.68
CA ASP D 995 -51.45 52.35 -13.31
C ASP D 995 -51.79 51.18 -12.39
N ALA D 996 -51.71 51.41 -11.07
CA ALA D 996 -51.98 50.34 -10.11
C ALA D 996 -53.41 49.85 -10.22
N SER D 997 -54.36 50.76 -10.40
CA SER D 997 -55.74 50.39 -10.70
C SER D 997 -55.94 49.95 -12.14
N GLY D 998 -54.93 50.12 -13.00
CA GLY D 998 -54.97 49.59 -14.34
C GLY D 998 -55.47 50.54 -15.39
N GLU D 999 -55.01 51.79 -15.32
CA GLU D 999 -55.43 52.82 -16.25
C GLU D 999 -54.28 53.81 -16.42
N ILE D 1000 -54.50 54.82 -17.26
CA ILE D 1000 -53.44 55.72 -17.68
C ILE D 1000 -53.26 56.83 -16.64
N VAL D 1001 -52.08 56.90 -16.04
CA VAL D 1001 -51.72 57.98 -15.13
C VAL D 1001 -50.39 58.58 -15.56
N GLU D 1002 -50.35 59.91 -15.66
CA GLU D 1002 -49.18 60.63 -16.15
C GLU D 1002 -48.26 60.95 -14.98
N VAL D 1003 -47.07 60.34 -14.98
CA VAL D 1003 -46.08 60.54 -13.92
C VAL D 1003 -44.75 60.95 -14.52
N GLY D 1004 -44.06 61.87 -13.85
CA GLY D 1004 -42.74 62.29 -14.26
C GLY D 1004 -41.96 62.84 -13.08
N ASP D 1005 -40.71 63.23 -13.36
CA ASP D 1005 -39.82 63.82 -12.36
C ASP D 1005 -39.26 65.13 -12.89
N SER D 1006 -38.71 65.93 -11.97
CA SER D 1006 -38.22 67.26 -12.29
C SER D 1006 -36.79 67.42 -11.79
N ALA D 1007 -36.01 68.20 -12.54
CA ALA D 1007 -34.65 68.54 -12.17
C ALA D 1007 -34.24 69.80 -12.90
N GLY D 1008 -33.18 70.44 -12.41
CA GLY D 1008 -32.68 71.69 -12.97
C GLY D 1008 -31.27 71.53 -13.50
N VAL D 1009 -30.97 72.21 -14.61
CA VAL D 1009 -29.64 72.22 -15.19
C VAL D 1009 -28.84 73.32 -14.49
N ARG D 1010 -27.97 72.92 -13.57
CA ARG D 1010 -27.20 73.87 -12.79
C ARG D 1010 -26.09 74.51 -13.63
N ALA D 1011 -25.64 75.68 -13.18
CA ALA D 1011 -24.52 76.37 -13.80
C ALA D 1011 -23.76 77.12 -12.71
N ASN D 1012 -22.47 77.32 -12.95
CA ASN D 1012 -21.59 77.94 -11.96
C ASN D 1012 -21.06 79.27 -12.48
N THR D 1013 -20.97 80.25 -11.58
CA THR D 1013 -20.43 81.55 -11.94
C THR D 1013 -18.96 81.46 -12.29
N GLY D 1014 -18.57 82.13 -13.37
CA GLY D 1014 -17.17 82.17 -13.73
C GLY D 1014 -16.37 83.14 -12.88
N SER D 1015 -15.08 82.85 -12.77
CA SER D 1015 -14.17 83.68 -11.99
C SER D 1015 -12.81 83.70 -12.67
N VAL D 1016 -12.16 84.86 -12.65
CA VAL D 1016 -10.84 85.03 -13.24
C VAL D 1016 -9.91 85.59 -12.17
N SER D 1017 -8.70 85.05 -12.11
CA SER D 1017 -7.72 85.44 -11.09
C SER D 1017 -6.36 85.65 -11.75
N LEU D 1018 -5.54 86.48 -11.11
CA LEU D 1018 -4.19 86.75 -11.55
C LEU D 1018 -3.19 86.28 -10.51
N ASP D 1019 -1.99 85.92 -10.97
CA ASP D 1019 -0.99 85.34 -10.08
C ASP D 1019 -0.56 86.31 -8.99
N ARG D 1020 -0.33 87.58 -9.35
CA ARG D 1020 0.22 88.56 -8.43
C ARG D 1020 -0.61 89.83 -8.45
N THR D 1021 -0.67 90.50 -7.30
CA THR D 1021 -1.36 91.79 -7.22
C THR D 1021 -0.62 92.87 -7.98
N VAL D 1022 0.72 92.82 -8.00
CA VAL D 1022 1.53 93.78 -8.72
C VAL D 1022 2.48 93.04 -9.65
N TYR D 1023 2.91 93.73 -10.69
CA TYR D 1023 3.82 93.16 -11.68
C TYR D 1023 4.89 94.18 -12.04
N PRO D 1024 6.11 93.72 -12.35
CA PRO D 1024 7.17 94.64 -12.72
C PRO D 1024 6.96 95.21 -14.11
N VAL D 1025 7.58 96.36 -14.35
CA VAL D 1025 7.53 97.01 -15.66
C VAL D 1025 8.48 96.29 -16.60
N PRO D 1026 8.02 95.79 -17.74
CA PRO D 1026 8.91 95.09 -18.67
C PRO D 1026 9.92 96.04 -19.30
N PHE D 1027 11.05 95.46 -19.70
CA PHE D 1027 12.14 96.21 -20.32
C PHE D 1027 12.59 95.51 -21.59
N GLY D 1028 13.13 96.29 -22.53
CA GLY D 1028 13.59 95.79 -23.79
C GLY D 1028 15.10 95.77 -23.91
N THR D 1029 15.58 95.69 -25.15
CA THR D 1029 17.00 95.64 -25.46
C THR D 1029 17.34 96.77 -26.43
N ILE D 1030 18.62 96.82 -26.83
CA ILE D 1030 19.07 97.85 -27.76
C ILE D 1030 18.44 97.66 -29.13
N ALA D 1031 18.23 96.41 -29.56
CA ALA D 1031 17.70 96.14 -30.88
C ALA D 1031 16.25 96.59 -31.04
N ASP D 1032 15.56 96.94 -29.94
CA ASP D 1032 14.19 97.43 -30.00
C ASP D 1032 14.11 98.93 -30.17
N SER D 1033 15.25 99.62 -30.33
CA SER D 1033 15.29 101.06 -30.48
C SER D 1033 16.07 101.42 -31.75
N SER D 1034 15.56 102.40 -32.48
CA SER D 1034 16.22 102.86 -33.71
C SER D 1034 17.31 103.89 -33.46
N LYS D 1035 17.51 104.29 -32.21
CA LYS D 1035 18.55 105.27 -31.90
C LYS D 1035 19.94 104.67 -32.13
N ALA D 1036 20.89 105.53 -32.46
CA ALA D 1036 22.26 105.10 -32.66
C ALA D 1036 22.86 104.58 -31.36
N ALA D 1037 23.91 103.77 -31.50
CA ALA D 1037 24.55 103.14 -30.34
C ALA D 1037 25.15 104.20 -29.43
N ASN D 1038 24.85 104.10 -28.14
CA ASN D 1038 25.34 105.03 -27.14
C ASN D 1038 25.85 104.25 -25.93
N ALA D 1039 26.78 104.88 -25.20
CA ALA D 1039 27.30 104.29 -23.97
C ALA D 1039 26.33 104.39 -22.80
N ALA D 1040 25.24 105.13 -22.96
CA ALA D 1040 24.23 105.31 -21.94
C ALA D 1040 22.87 105.01 -22.54
N PRO D 1041 21.89 104.61 -21.70
CA PRO D 1041 20.55 104.33 -22.23
C PRO D 1041 19.90 105.53 -22.90
N ASN D 1042 20.18 106.74 -22.41
CA ASN D 1042 19.61 107.98 -22.96
C ASN D 1042 18.08 107.93 -22.95
N GLY D 1043 17.52 107.39 -21.87
CA GLY D 1043 16.08 107.30 -21.72
C GLY D 1043 15.43 106.11 -22.40
N ARG D 1044 16.21 105.24 -23.03
CA ARG D 1044 15.65 104.08 -23.69
C ARG D 1044 15.29 103.00 -22.67
N SER D 1045 14.45 102.06 -23.13
CA SER D 1045 14.05 100.91 -22.30
C SER D 1045 15.11 99.82 -22.44
N VAL D 1046 16.30 100.12 -21.94
CA VAL D 1046 17.46 99.24 -22.01
C VAL D 1046 17.96 99.00 -20.59
N PHE D 1047 18.46 97.79 -20.33
CA PHE D 1047 18.95 97.40 -19.01
C PHE D 1047 20.39 96.90 -19.16
N PRO D 1048 21.34 97.81 -19.30
CA PRO D 1048 22.74 97.42 -19.50
C PRO D 1048 23.47 97.23 -18.18
N ILE D 1049 24.75 96.95 -18.28
CA ILE D 1049 25.60 96.78 -17.10
C ILE D 1049 26.01 98.15 -16.56
N HIS D 1050 26.64 98.14 -15.39
CA HIS D 1050 27.19 99.37 -14.82
C HIS D 1050 28.31 99.87 -15.72
N ALA D 1051 28.42 101.21 -15.82
CA ALA D 1051 29.18 101.88 -16.88
C ALA D 1051 30.51 101.22 -17.19
N THR D 1052 31.23 100.73 -16.17
CA THR D 1052 32.55 100.16 -16.41
C THR D 1052 32.50 98.89 -17.25
N GLY D 1053 31.35 98.22 -17.32
CA GLY D 1053 31.22 97.06 -18.16
C GLY D 1053 31.03 97.34 -19.63
N ILE D 1054 30.71 98.57 -19.98
CA ILE D 1054 30.50 98.98 -21.37
C ILE D 1054 31.72 99.72 -21.87
N THR D 1055 32.12 99.43 -23.12
CA THR D 1055 33.25 100.10 -23.76
C THR D 1055 32.71 101.02 -24.85
N SER D 1056 32.31 102.22 -24.43
CA SER D 1056 31.98 103.35 -25.30
C SER D 1056 30.69 103.15 -26.09
N THR D 1057 30.16 101.92 -26.10
CA THR D 1057 28.97 101.58 -26.88
C THR D 1057 28.33 100.35 -26.27
N ILE D 1058 27.02 100.41 -26.08
CA ILE D 1058 26.26 99.29 -25.55
C ILE D 1058 25.86 98.38 -26.70
N ASP D 1059 26.42 97.18 -26.71
CA ASP D 1059 26.15 96.17 -27.73
C ASP D 1059 25.38 95.00 -27.12
N SER D 1060 25.13 93.99 -27.94
CA SER D 1060 24.21 92.93 -27.56
C SER D 1060 24.78 92.03 -26.47
N THR D 1061 26.08 92.07 -26.23
CA THR D 1061 26.72 91.19 -25.26
C THR D 1061 26.85 91.82 -23.89
N GLU D 1062 26.38 93.05 -23.69
CA GLU D 1062 26.57 93.77 -22.43
C GLU D 1062 25.27 94.40 -21.94
N GLU D 1063 24.15 93.69 -22.07
CA GLU D 1063 22.90 94.12 -21.49
C GLU D 1063 22.06 92.88 -21.19
N LEU D 1064 21.11 93.06 -20.27
CA LEU D 1064 20.25 91.94 -19.89
C LEU D 1064 19.36 91.52 -21.07
N PRO D 1065 18.99 90.25 -21.13
CA PRO D 1065 18.11 89.78 -22.21
C PRO D 1065 16.75 90.45 -22.15
N THR D 1066 15.93 90.16 -23.17
CA THR D 1066 14.62 90.78 -23.27
C THR D 1066 13.79 90.50 -22.02
N GLY D 1067 13.10 91.53 -21.53
CA GLY D 1067 12.39 91.44 -20.28
C GLY D 1067 10.89 91.35 -20.41
N ASP D 1068 10.42 90.59 -21.39
CA ASP D 1068 8.98 90.37 -21.56
C ASP D 1068 8.47 89.51 -20.43
N LEU D 1069 7.83 90.12 -19.43
CA LEU D 1069 7.27 89.37 -18.33
C LEU D 1069 6.13 88.49 -18.82
N THR D 1070 6.07 87.27 -18.29
CA THR D 1070 5.08 86.27 -18.69
C THR D 1070 4.05 86.14 -17.57
N ILE D 1071 2.88 86.71 -17.78
CA ILE D 1071 1.77 86.61 -16.83
C ILE D 1071 0.92 85.42 -17.21
N HIS D 1072 0.49 84.67 -16.19
CA HIS D 1072 -0.38 83.51 -16.39
C HIS D 1072 -1.78 83.87 -15.92
N VAL D 1073 -2.75 83.70 -16.79
CA VAL D 1073 -4.16 83.97 -16.48
C VAL D 1073 -4.84 82.64 -16.14
N ARG D 1074 -5.63 82.65 -15.07
CA ARG D 1074 -6.32 81.46 -14.60
C ARG D 1074 -7.78 81.78 -14.37
N ILE D 1075 -8.65 80.88 -14.81
CA ILE D 1075 -10.09 81.00 -14.58
C ILE D 1075 -10.58 79.75 -13.88
N ASN D 1076 -11.65 79.90 -13.11
CA ASN D 1076 -12.27 78.79 -12.37
C ASN D 1076 -13.73 78.71 -12.80
N ASP D 1077 -13.98 78.01 -13.90
CA ASP D 1077 -15.33 77.83 -14.43
C ASP D 1077 -15.67 76.35 -14.48
N PRO D 1078 -16.43 75.83 -13.52
CA PRO D 1078 -16.80 74.41 -13.57
C PRO D 1078 -17.64 74.04 -14.78
N ASP D 1079 -18.28 75.02 -15.43
CA ASP D 1079 -19.11 74.72 -16.59
C ASP D 1079 -18.30 74.11 -17.73
N PHE D 1080 -17.09 74.64 -17.95
CA PHE D 1080 -16.21 74.13 -18.99
C PHE D 1080 -15.55 72.81 -18.61
N ASP D 1081 -15.70 72.37 -17.37
CA ASP D 1081 -15.18 71.07 -16.93
C ASP D 1081 -16.17 69.96 -17.28
N GLU D 1082 -16.36 69.77 -18.59
CA GLU D 1082 -17.31 68.77 -19.07
C GLU D 1082 -16.86 67.35 -18.72
N ASN D 1083 -15.56 67.10 -18.70
CA ASN D 1083 -15.03 65.77 -18.40
C ASN D 1083 -14.48 65.76 -16.98
N PRO D 1084 -15.10 65.04 -16.05
CA PRO D 1084 -14.58 65.02 -14.67
C PRO D 1084 -13.20 64.42 -14.55
N ALA D 1085 -12.80 63.52 -15.45
CA ALA D 1085 -11.49 62.90 -15.40
C ALA D 1085 -10.88 62.87 -16.80
N GLY D 1086 -10.98 63.98 -17.52
CA GLY D 1086 -10.44 64.05 -18.86
C GLY D 1086 -9.99 65.47 -19.19
N GLU D 1087 -9.34 65.59 -20.35
CA GLU D 1087 -8.85 66.87 -20.81
C GLU D 1087 -10.02 67.78 -21.19
N ASP D 1088 -9.94 69.05 -20.79
CA ASP D 1088 -10.94 70.04 -21.13
C ASP D 1088 -10.24 71.33 -21.56
N ALA D 1089 -10.86 72.05 -22.49
CA ALA D 1089 -10.33 73.30 -22.99
C ALA D 1089 -11.46 74.32 -23.14
N MET D 1090 -11.17 75.57 -22.82
CA MET D 1090 -12.14 76.65 -22.95
C MET D 1090 -12.23 77.03 -24.42
N ASP D 1091 -13.23 76.48 -25.12
CA ASP D 1091 -13.38 76.66 -26.55
C ASP D 1091 -14.30 77.81 -26.91
N GLN D 1092 -14.83 78.55 -25.94
CA GLN D 1092 -15.69 79.68 -26.24
C GLN D 1092 -14.87 80.77 -26.94
N ASP D 1093 -15.43 81.32 -28.02
CA ASP D 1093 -14.69 82.24 -28.86
C ASP D 1093 -14.58 83.61 -28.19
N ASN D 1094 -13.34 84.07 -27.99
CA ASN D 1094 -13.05 85.41 -27.49
C ASN D 1094 -13.72 85.68 -26.14
N ALA D 1095 -13.78 84.68 -25.27
CA ALA D 1095 -14.38 84.86 -23.96
C ALA D 1095 -13.46 85.59 -22.98
N LEU D 1096 -12.15 85.60 -23.24
CA LEU D 1096 -11.19 86.24 -22.35
C LEU D 1096 -10.55 87.41 -23.07
N LYS D 1097 -10.54 88.57 -22.40
CA LYS D 1097 -9.93 89.79 -22.93
C LYS D 1097 -8.85 90.26 -21.97
N ILE D 1098 -7.65 90.49 -22.49
CA ILE D 1098 -6.52 90.98 -21.70
C ILE D 1098 -6.19 92.39 -22.19
N SER D 1099 -6.18 93.34 -21.26
CA SER D 1099 -6.02 94.74 -21.62
C SER D 1099 -5.21 95.46 -20.56
N VAL D 1100 -4.62 96.59 -20.96
CA VAL D 1100 -3.86 97.46 -20.08
C VAL D 1100 -4.48 98.84 -20.13
N ILE D 1101 -4.74 99.42 -18.96
CA ILE D 1101 -5.40 100.73 -18.86
C ILE D 1101 -4.48 101.68 -18.10
N ARG D 1102 -4.35 102.90 -18.61
CA ARG D 1102 -3.63 103.98 -17.95
C ARG D 1102 -4.57 105.18 -17.90
N GLY D 1103 -5.36 105.27 -16.83
CA GLY D 1103 -6.28 106.37 -16.67
C GLY D 1103 -7.47 106.30 -17.62
N SER D 1104 -7.63 107.33 -18.45
CA SER D 1104 -8.75 107.41 -19.36
C SER D 1104 -8.52 106.68 -20.68
N ASP D 1105 -7.33 106.16 -20.92
CA ASP D 1105 -7.00 105.46 -22.15
C ASP D 1105 -6.78 103.98 -21.88
N SER D 1106 -7.20 103.15 -22.82
CA SER D 1106 -7.13 101.70 -22.68
C SER D 1106 -6.57 101.09 -23.95
N VAL D 1107 -5.84 99.97 -23.77
CA VAL D 1107 -5.31 99.19 -24.88
C VAL D 1107 -5.50 97.72 -24.54
N VAL D 1108 -5.88 96.92 -25.54
CA VAL D 1108 -6.16 95.51 -25.35
C VAL D 1108 -5.00 94.70 -25.90
N LEU D 1109 -4.51 93.74 -25.12
CA LEU D 1109 -3.39 92.91 -25.55
C LEU D 1109 -3.84 91.88 -26.58
N GLY D 1110 -5.02 91.30 -26.39
CA GLY D 1110 -5.50 90.30 -27.32
C GLY D 1110 -6.73 89.60 -26.77
N TYR D 1111 -7.05 88.46 -27.39
CA TYR D 1111 -8.22 87.67 -27.02
C TYR D 1111 -7.80 86.22 -26.84
N ALA D 1112 -8.54 85.51 -25.99
CA ALA D 1112 -8.27 84.12 -25.69
C ALA D 1112 -9.57 83.33 -25.71
N GLY D 1113 -9.46 82.03 -25.98
CA GLY D 1113 -10.58 81.13 -26.04
C GLY D 1113 -10.90 80.63 -27.43
N ALA D 1114 -10.69 81.46 -28.45
CA ALA D 1114 -10.91 81.04 -29.82
C ALA D 1114 -9.65 80.34 -30.36
N SER D 1115 -9.71 79.93 -31.62
CA SER D 1115 -8.54 79.32 -32.25
C SER D 1115 -7.42 80.33 -32.37
N GLU D 1116 -6.19 79.85 -32.14
CA GLU D 1116 -5.02 80.73 -32.21
C GLU D 1116 -4.88 81.31 -33.60
N ARG D 1117 -4.69 82.63 -33.68
CA ARG D 1117 -4.59 83.32 -34.95
C ARG D 1117 -3.68 84.52 -34.80
N THR D 1118 -3.16 84.99 -35.93
CA THR D 1118 -2.30 86.17 -35.94
C THR D 1118 -3.15 87.43 -35.98
N GLY D 1119 -2.67 88.46 -35.28
CA GLY D 1119 -3.40 89.72 -35.25
C GLY D 1119 -2.55 90.81 -34.62
N LYS D 1120 -3.05 92.04 -34.74
CA LYS D 1120 -2.37 93.21 -34.22
C LYS D 1120 -2.95 93.60 -32.87
N ILE D 1121 -2.50 94.75 -32.36
CA ILE D 1121 -2.96 95.26 -31.07
C ILE D 1121 -3.94 96.40 -31.32
N ASP D 1122 -5.10 96.31 -30.67
CA ASP D 1122 -6.13 97.34 -30.79
C ASP D 1122 -6.08 98.27 -29.58
N VAL D 1123 -6.44 99.53 -29.80
CA VAL D 1123 -6.42 100.53 -28.74
C VAL D 1123 -7.86 100.89 -28.40
N GLY D 1124 -8.24 100.65 -27.14
CA GLY D 1124 -9.58 100.98 -26.68
C GLY D 1124 -10.70 100.21 -27.34
N GLY D 1125 -10.40 99.10 -28.00
CA GLY D 1125 -11.42 98.34 -28.70
C GLY D 1125 -12.06 99.08 -29.85
N ASN D 1126 -11.28 99.89 -30.58
CA ASN D 1126 -11.84 100.67 -31.67
C ASN D 1126 -12.09 99.82 -32.90
N ASN D 1127 -11.30 98.77 -33.10
CA ASN D 1127 -11.45 97.91 -34.27
C ASN D 1127 -12.67 97.02 -34.09
N GLY D 1128 -13.70 97.27 -34.91
CA GLY D 1128 -14.91 96.46 -34.81
C GLY D 1128 -14.69 95.02 -35.22
N THR D 1129 -13.88 94.80 -36.26
CA THR D 1129 -13.60 93.46 -36.75
C THR D 1129 -12.71 92.74 -35.74
N ILE D 1130 -13.17 91.58 -35.25
CA ILE D 1130 -12.45 90.86 -34.22
C ILE D 1130 -11.38 89.94 -34.80
N SER D 1131 -11.47 89.60 -36.08
CA SER D 1131 -10.50 88.69 -36.67
C SER D 1131 -9.12 89.31 -36.81
N ASN D 1132 -9.01 90.62 -36.72
CA ASN D 1132 -7.72 91.31 -36.82
C ASN D 1132 -6.99 91.38 -35.48
N ILE D 1133 -7.58 90.88 -34.41
CA ILE D 1133 -6.97 90.93 -33.08
C ILE D 1133 -6.22 89.64 -32.83
N ARG D 1134 -5.07 89.75 -32.17
CA ARG D 1134 -4.26 88.59 -31.85
C ARG D 1134 -5.01 87.64 -30.91
N SER D 1135 -4.93 86.35 -31.20
CA SER D 1135 -5.58 85.31 -30.41
C SER D 1135 -4.52 84.40 -29.81
N PHE D 1136 -4.62 84.12 -28.52
CA PHE D 1136 -3.67 83.28 -27.82
C PHE D 1136 -4.07 81.80 -27.80
N GLY D 1137 -5.18 81.45 -28.43
CA GLY D 1137 -5.62 80.06 -28.46
C GLY D 1137 -6.49 79.71 -27.28
N GLU D 1138 -6.83 78.42 -27.22
CA GLU D 1138 -7.69 77.90 -26.16
C GLU D 1138 -6.87 77.58 -24.92
N MET D 1139 -7.39 77.98 -23.77
CA MET D 1139 -6.73 77.68 -22.51
C MET D 1139 -6.85 76.19 -22.17
N ASP D 1140 -5.80 75.65 -21.56
CA ASP D 1140 -5.75 74.24 -21.22
C ASP D 1140 -5.98 74.04 -19.72
N GLU D 1141 -6.73 72.99 -19.39
CA GLU D 1141 -7.03 72.68 -18.00
C GLU D 1141 -5.76 72.25 -17.28
N ILE D 1142 -5.59 72.72 -16.04
CA ILE D 1142 -4.36 72.44 -15.29
C ILE D 1142 -4.31 70.97 -14.88
N ALA D 1143 -5.44 70.41 -14.47
CA ALA D 1143 -5.51 69.02 -14.03
C ALA D 1143 -6.82 68.41 -14.52
N PRO D 1144 -6.84 67.11 -14.80
CA PRO D 1144 -8.05 66.50 -15.37
C PRO D 1144 -9.29 66.63 -14.50
N ASP D 1145 -9.13 66.80 -13.19
CA ASP D 1145 -10.28 66.94 -12.28
C ASP D 1145 -10.26 68.27 -11.52
N ALA D 1146 -9.67 69.31 -12.10
CA ALA D 1146 -9.59 70.60 -11.43
C ALA D 1146 -10.61 71.61 -11.94
N GLY D 1147 -10.77 71.72 -13.26
CA GLY D 1147 -11.67 72.69 -13.82
C GLY D 1147 -11.08 74.08 -13.99
N ILE D 1148 -9.80 74.27 -13.69
CA ILE D 1148 -9.13 75.56 -13.79
C ILE D 1148 -8.24 75.55 -15.02
N PHE D 1149 -8.38 76.57 -15.86
CA PHE D 1149 -7.65 76.68 -17.11
C PHE D 1149 -6.62 77.79 -17.00
N GLU D 1150 -5.39 77.50 -17.41
CA GLU D 1150 -4.29 78.46 -17.34
C GLU D 1150 -3.73 78.71 -18.74
N LEU D 1151 -3.49 79.99 -19.05
CA LEU D 1151 -2.89 80.39 -20.32
C LEU D 1151 -1.68 81.27 -20.02
N ASP D 1152 -0.55 80.96 -20.65
CA ASP D 1152 0.67 81.72 -20.46
C ASP D 1152 0.81 82.74 -21.59
N VAL D 1153 0.83 84.02 -21.23
CA VAL D 1153 0.95 85.12 -22.17
C VAL D 1153 2.04 86.07 -21.70
N ASN D 1154 2.91 86.47 -22.62
CA ASN D 1154 4.00 87.40 -22.33
C ASN D 1154 3.65 88.78 -22.84
N ILE D 1155 4.01 89.80 -22.06
CA ILE D 1155 3.74 91.19 -22.41
C ILE D 1155 5.07 91.88 -22.67
N LYS D 1156 5.19 92.48 -23.86
CA LYS D 1156 6.37 93.24 -24.21
C LYS D 1156 6.30 94.64 -23.60
N PHE D 1157 7.46 95.28 -23.49
CA PHE D 1157 7.51 96.65 -22.98
C PHE D 1157 6.84 97.64 -23.93
N THR D 1158 6.58 97.23 -25.17
CA THR D 1158 5.89 98.10 -26.13
C THR D 1158 4.37 97.96 -26.06
N ASP D 1159 3.85 96.92 -25.39
CA ASP D 1159 2.42 96.66 -25.38
C ASP D 1159 1.76 97.49 -24.29
N GLY D 1160 1.55 98.77 -24.60
CA GLY D 1160 0.91 99.69 -23.69
C GLY D 1160 0.33 100.90 -24.41
N PRO D 1161 -0.41 101.72 -23.67
CA PRO D 1161 -0.99 102.92 -24.28
C PRO D 1161 0.09 103.91 -24.69
N ALA D 1162 -0.23 104.70 -25.72
CA ALA D 1162 0.72 105.69 -26.22
C ALA D 1162 0.87 106.84 -25.23
N SER D 1163 2.10 107.33 -25.09
CA SER D 1163 2.38 108.46 -24.21
C SER D 1163 3.61 109.20 -24.73
N ALA D 1164 3.68 110.48 -24.40
CA ALA D 1164 4.82 111.31 -24.83
C ALA D 1164 6.04 111.13 -23.94
N GLN D 1165 5.89 110.50 -22.77
CA GLN D 1165 7.02 110.33 -21.87
C GLN D 1165 8.02 109.30 -22.42
N CYS D 1166 7.61 108.49 -23.38
CA CYS D 1166 8.44 107.43 -23.93
C CYS D 1166 9.09 107.80 -25.26
N ASN D 1167 9.07 109.08 -25.64
CA ASN D 1167 9.74 109.52 -26.85
C ASN D 1167 11.26 109.47 -26.73
N SER D 1168 11.79 109.24 -25.53
CA SER D 1168 13.23 109.17 -25.34
C SER D 1168 13.85 108.03 -26.14
N HIS D 1169 13.07 106.99 -26.45
CA HIS D 1169 13.54 105.86 -27.23
C HIS D 1169 12.76 105.80 -28.54
N ASP D 1170 13.48 105.79 -29.66
CA ASP D 1170 12.89 105.58 -30.98
C ASP D 1170 12.60 104.09 -31.12
N THR D 1171 11.49 103.66 -30.52
CA THR D 1171 11.22 102.24 -30.35
C THR D 1171 10.97 101.56 -31.70
N LEU D 1172 11.56 100.37 -31.85
CA LEU D 1172 11.27 99.48 -32.97
C LEU D 1172 10.31 98.41 -32.49
N TYR D 1173 9.14 98.33 -33.14
CA TYR D 1173 8.06 97.47 -32.70
C TYR D 1173 8.13 96.13 -33.43
N THR D 1174 8.21 95.05 -32.67
CA THR D 1174 8.24 93.72 -33.25
C THR D 1174 6.87 93.41 -33.87
N ALA D 1175 6.89 92.88 -35.09
CA ALA D 1175 5.65 92.60 -35.80
C ALA D 1175 4.92 91.42 -35.18
N LEU D 1176 3.62 91.57 -34.96
CA LEU D 1176 2.78 90.48 -34.49
C LEU D 1176 2.04 89.78 -35.62
N ASP D 1177 1.94 90.40 -36.79
CA ASP D 1177 1.29 89.80 -37.94
C ASP D 1177 2.32 89.06 -38.78
N GLY D 1178 1.94 88.64 -39.99
CA GLY D 1178 2.83 87.85 -40.83
C GLY D 1178 3.98 88.62 -41.42
N THR D 1179 3.87 89.95 -41.52
CA THR D 1179 4.93 90.75 -42.10
C THR D 1179 6.14 90.79 -41.17
N THR D 1180 7.32 90.98 -41.77
CA THR D 1180 8.57 91.05 -41.02
C THR D 1180 8.99 92.49 -40.71
N GLY D 1181 8.17 93.47 -41.07
CA GLY D 1181 8.54 94.85 -40.83
C GLY D 1181 8.50 95.22 -39.36
N LYS D 1182 9.28 96.24 -39.01
CA LYS D 1182 9.37 96.73 -37.64
C LYS D 1182 8.59 98.01 -37.41
N ALA D 1183 7.70 98.38 -38.34
CA ALA D 1183 6.95 99.62 -38.21
C ALA D 1183 5.89 99.48 -37.12
N ASP D 1184 5.31 100.63 -36.76
CA ASP D 1184 4.29 100.65 -35.71
C ASP D 1184 3.04 99.89 -36.12
N THR D 1185 2.61 100.01 -37.38
CA THR D 1185 1.39 99.36 -37.83
C THR D 1185 1.51 97.85 -37.86
N ASN D 1186 2.73 97.31 -37.82
CA ASN D 1186 2.89 95.86 -37.83
C ASN D 1186 2.43 95.22 -36.53
N ARG D 1187 2.61 95.91 -35.41
CA ARG D 1187 2.21 95.39 -34.11
C ARG D 1187 0.87 95.92 -33.63
N PHE D 1188 0.52 97.16 -33.98
CA PHE D 1188 -0.70 97.80 -33.52
C PHE D 1188 -1.62 98.07 -34.70
N ASP D 1189 -2.93 98.11 -34.42
CA ASP D 1189 -3.90 98.36 -35.48
C ASP D 1189 -3.73 99.73 -36.10
N ASP D 1190 -3.33 100.72 -35.31
CA ASP D 1190 -3.11 102.08 -35.79
C ASP D 1190 -1.76 102.59 -35.28
N GLY D 1191 -1.20 103.53 -36.02
CA GLY D 1191 0.05 104.12 -35.61
C GLY D 1191 -0.11 105.03 -34.39
N ALA D 1192 0.97 105.16 -33.63
CA ALA D 1192 0.95 106.01 -32.45
C ALA D 1192 0.85 107.48 -32.85
N ALA D 1193 0.28 108.28 -31.95
CA ALA D 1193 0.16 109.70 -32.20
C ALA D 1193 1.53 110.34 -32.29
N SER D 1194 1.64 111.39 -33.12
CA SER D 1194 2.91 112.07 -33.29
C SER D 1194 3.40 112.63 -31.97
N GLY D 1195 4.67 112.37 -31.66
CA GLY D 1195 5.23 112.75 -30.38
C GLY D 1195 4.96 111.79 -29.24
N GLN D 1196 4.31 110.66 -29.51
CA GLN D 1196 3.99 109.69 -28.48
C GLN D 1196 4.34 108.29 -28.97
N GLU D 1197 4.62 107.40 -28.02
CA GLU D 1197 4.99 106.03 -28.33
C GLU D 1197 4.27 105.09 -27.36
N TYR D 1198 3.95 103.89 -27.85
CA TYR D 1198 3.30 102.89 -27.03
C TYR D 1198 4.28 102.32 -26.01
N CYS D 1199 3.86 102.29 -24.75
CA CYS D 1199 4.73 101.85 -23.65
C CYS D 1199 3.89 101.70 -22.39
N ILE D 1200 4.52 101.19 -21.35
CA ILE D 1200 3.90 101.01 -20.03
C ILE D 1200 4.70 101.81 -19.02
N LEU D 1201 4.00 102.60 -18.21
CA LEU D 1201 4.62 103.42 -17.18
C LEU D 1201 4.36 102.82 -15.80
N GLN D 1202 5.03 103.38 -14.80
CA GLN D 1202 4.81 102.96 -13.43
C GLN D 1202 3.42 103.37 -12.96
N GLY D 1203 2.76 102.47 -12.24
CA GLY D 1203 1.42 102.73 -11.75
C GLY D 1203 0.31 102.32 -12.69
N ASP D 1204 0.63 101.84 -13.89
CA ASP D 1204 -0.39 101.39 -14.83
C ASP D 1204 -1.09 100.15 -14.28
N ILE D 1205 -2.38 100.03 -14.60
CA ILE D 1205 -3.22 98.96 -14.10
C ILE D 1205 -3.36 97.90 -15.17
N LEU D 1206 -3.02 96.65 -14.83
CA LEU D 1206 -3.18 95.51 -15.72
C LEU D 1206 -4.44 94.74 -15.30
N GLN D 1207 -5.36 94.56 -16.24
CA GLN D 1207 -6.65 93.97 -15.95
C GLN D 1207 -6.95 92.86 -16.95
N VAL D 1208 -7.71 91.86 -16.49
CA VAL D 1208 -8.11 90.71 -17.30
C VAL D 1208 -9.63 90.67 -17.33
N GLU D 1209 -10.19 90.54 -18.53
CA GLU D 1209 -11.63 90.50 -18.74
C GLU D 1209 -12.04 89.12 -19.22
N TYR D 1210 -12.99 88.51 -18.51
CA TYR D 1210 -13.55 87.22 -18.88
C TYR D 1210 -15.06 87.32 -18.89
N THR D 1211 -15.67 86.88 -19.98
CA THR D 1211 -17.13 86.91 -20.15
C THR D 1211 -17.64 85.47 -19.96
N ASP D 1212 -18.30 85.24 -18.84
CA ASP D 1212 -18.84 83.92 -18.55
C ASP D 1212 -20.06 83.67 -19.42
N PRO D 1213 -20.06 82.63 -20.28
CA PRO D 1213 -21.26 82.34 -21.07
C PRO D 1213 -22.46 81.92 -20.23
N ALA D 1214 -22.23 81.44 -19.01
CA ALA D 1214 -23.34 81.01 -18.15
C ALA D 1214 -22.90 81.15 -16.70
N ASP D 1215 -23.47 82.12 -16.00
CA ASP D 1215 -23.24 82.26 -14.56
C ASP D 1215 -24.22 81.34 -13.82
N ALA D 1216 -24.35 81.55 -12.51
CA ALA D 1216 -25.34 80.79 -11.74
C ALA D 1216 -26.75 81.02 -12.25
N SER D 1217 -26.99 82.13 -12.96
CA SER D 1217 -28.26 82.41 -13.60
C SER D 1217 -28.33 81.95 -15.05
N GLY D 1218 -27.24 81.38 -15.57
CA GLY D 1218 -27.23 80.88 -16.93
C GLY D 1218 -27.37 81.95 -17.99
N ASP D 1219 -26.60 83.03 -17.87
CA ASP D 1219 -26.64 84.12 -18.84
C ASP D 1219 -25.22 84.65 -19.02
N ALA D 1220 -25.11 85.79 -19.70
CA ALA D 1220 -23.81 86.42 -19.86
C ALA D 1220 -23.42 87.15 -18.58
N ASN D 1221 -22.14 87.07 -18.23
CA ASN D 1221 -21.64 87.74 -17.03
C ASN D 1221 -20.18 88.10 -17.24
N THR D 1222 -19.79 89.28 -16.77
CA THR D 1222 -18.43 89.79 -16.91
C THR D 1222 -17.77 89.86 -15.55
N VAL D 1223 -16.58 89.27 -15.43
CA VAL D 1223 -15.79 89.32 -14.21
C VAL D 1223 -14.42 89.90 -14.54
N THR D 1224 -13.84 90.61 -13.57
CA THR D 1224 -12.60 91.31 -13.78
C THR D 1224 -11.65 91.08 -12.62
N ASP D 1225 -10.36 91.03 -12.92
CA ASP D 1225 -9.30 91.06 -11.94
C ASP D 1225 -8.25 92.06 -12.40
N SER D 1226 -7.64 92.77 -11.45
CA SER D 1226 -6.75 93.87 -11.77
C SER D 1226 -5.42 93.71 -11.07
N ALA D 1227 -4.36 94.16 -11.75
CA ALA D 1227 -3.01 94.22 -11.20
C ALA D 1227 -2.40 95.56 -11.57
N THR D 1228 -1.46 96.01 -10.76
CA THR D 1228 -0.85 97.33 -10.92
C THR D 1228 0.64 97.17 -11.22
N PHE D 1229 1.10 97.82 -12.28
CA PHE D 1229 2.52 97.87 -12.59
C PHE D 1229 3.25 98.73 -11.56
N ASP D 1230 4.46 98.33 -11.21
CA ASP D 1230 5.23 99.05 -10.20
C ASP D 1230 6.71 98.78 -10.40
N LEU D 1231 7.52 99.68 -9.88
CA LEU D 1231 8.97 99.54 -9.87
C LEU D 1231 9.49 99.85 -8.47
N ARG D 1232 10.39 99.00 -7.98
CA ARG D 1232 10.89 99.11 -6.62
C ARG D 1232 12.42 99.19 -6.64
N ASN D 1233 12.97 99.77 -5.57
CA ASN D 1233 14.41 99.89 -5.45
C ASN D 1233 15.05 98.54 -5.13
N GLY D 1234 16.33 98.45 -5.43
CA GLY D 1234 17.11 97.24 -5.16
C GLY D 1234 18.07 97.48 -4.00
N VAL D 1235 18.21 96.47 -3.15
CA VAL D 1235 19.05 96.55 -1.96
C VAL D 1235 19.80 95.24 -1.79
N LEU D 1236 21.10 95.33 -1.54
CA LEU D 1236 21.93 94.15 -1.30
C LEU D 1236 21.88 93.76 0.18
N GLN D 1237 22.30 92.52 0.45
CA GLN D 1237 22.38 92.05 1.83
C GLN D 1237 23.40 90.93 1.89
N SER D 1238 24.01 90.77 3.07
CA SER D 1238 24.98 89.72 3.32
C SER D 1238 24.72 89.12 4.69
N ASP D 1239 25.12 87.85 4.86
CA ASP D 1239 24.90 87.16 6.11
C ASP D 1239 25.72 87.74 7.26
N LYS D 1240 26.82 88.43 6.95
CA LYS D 1240 27.65 89.05 7.98
C LYS D 1240 28.42 90.20 7.35
N SER D 1241 29.09 90.97 8.20
CA SER D 1241 29.80 92.16 7.73
C SER D 1241 31.26 91.87 7.37
N VAL D 1242 31.98 91.16 8.23
CA VAL D 1242 33.39 90.85 8.00
C VAL D 1242 33.51 89.48 7.36
N TYR D 1243 34.55 89.31 6.54
CA TYR D 1243 34.79 88.07 5.84
C TYR D 1243 36.28 87.78 5.77
N ILE D 1244 36.64 86.52 5.97
CA ILE D 1244 38.00 86.06 5.78
C ILE D 1244 38.26 85.91 4.29
N ILE D 1245 39.44 86.36 3.83
CA ILE D 1245 39.78 86.24 2.42
C ILE D 1245 39.75 84.77 2.03
N GLY D 1246 39.03 84.46 0.95
CA GLY D 1246 38.88 83.10 0.50
C GLY D 1246 37.68 82.37 1.05
N SER D 1247 36.90 82.99 1.95
CA SER D 1247 35.72 82.36 2.50
C SER D 1247 34.55 82.47 1.52
N ASP D 1248 33.40 81.96 1.94
CA ASP D 1248 32.20 81.97 1.11
C ASP D 1248 31.34 83.18 1.45
N MET D 1249 31.05 84.00 0.45
CA MET D 1249 30.20 85.17 0.60
C MET D 1249 28.81 84.84 0.08
N ILE D 1250 27.82 84.88 0.97
CA ILE D 1250 26.43 84.63 0.60
C ILE D 1250 25.84 85.98 0.21
N LEU D 1251 26.05 86.37 -1.04
CA LEU D 1251 25.57 87.65 -1.55
C LEU D 1251 24.10 87.52 -1.90
N THR D 1252 23.25 88.21 -1.15
CA THR D 1252 21.81 88.14 -1.30
C THR D 1252 21.28 89.46 -1.85
N LEU D 1253 20.53 89.39 -2.94
CA LEU D 1253 19.90 90.55 -3.55
C LEU D 1253 18.39 90.42 -3.39
N ILE D 1254 17.77 91.39 -2.72
CA ILE D 1254 16.33 91.40 -2.55
C ILE D 1254 15.75 92.60 -3.31
N GLU D 1255 15.02 92.34 -4.38
CA GLU D 1255 14.46 93.39 -5.21
C GLU D 1255 13.31 92.82 -6.03
N PRO D 1256 12.11 93.39 -5.93
CA PRO D 1256 10.92 92.72 -6.47
C PRO D 1256 10.85 92.68 -7.99
N ASP D 1257 11.32 93.72 -8.68
CA ASP D 1257 11.02 93.88 -10.10
C ASP D 1257 11.75 92.89 -11.00
N PHE D 1258 12.70 92.11 -10.48
CA PHE D 1258 13.33 91.09 -11.31
C PHE D 1258 12.55 89.79 -11.35
N ASP D 1259 11.48 89.66 -10.56
CA ASP D 1259 10.63 88.46 -10.59
C ASP D 1259 9.62 88.60 -11.72
N LEU D 1260 10.11 88.34 -12.95
CA LEU D 1260 9.27 88.51 -14.12
C LEU D 1260 8.22 87.41 -14.25
N ASP D 1261 8.57 86.17 -13.93
CA ASP D 1261 7.65 85.04 -14.05
C ASP D 1261 7.51 84.41 -12.67
N ASN D 1262 6.27 84.27 -12.20
CA ASN D 1262 6.02 83.68 -10.89
C ASN D 1262 6.09 82.16 -10.92
N ASP D 1263 5.99 81.54 -12.10
CA ASP D 1263 5.97 80.09 -12.20
C ASP D 1263 7.37 79.47 -12.27
N SER D 1264 8.41 80.28 -12.48
CA SER D 1264 9.77 79.78 -12.61
C SER D 1264 10.74 80.76 -11.98
N ALA D 1265 11.95 80.27 -11.70
CA ALA D 1265 13.02 81.08 -11.12
C ALA D 1265 13.98 81.45 -12.25
N GLU D 1266 14.07 82.74 -12.53
CA GLU D 1266 14.93 83.24 -13.60
C GLU D 1266 16.35 83.46 -13.07
N THR D 1267 17.27 83.66 -14.01
CA THR D 1267 18.65 83.99 -13.69
C THR D 1267 19.05 85.27 -14.40
N TYR D 1268 19.91 86.05 -13.74
CA TYR D 1268 20.36 87.33 -14.25
C TYR D 1268 21.86 87.45 -14.05
N ASP D 1269 22.51 88.15 -14.97
CA ASP D 1269 23.97 88.21 -15.00
C ASP D 1269 24.52 88.80 -13.71
N LEU D 1270 25.58 88.18 -13.19
CA LEU D 1270 26.28 88.72 -12.03
C LEU D 1270 26.95 90.06 -12.35
N ASP D 1271 27.13 90.37 -13.64
CA ASP D 1271 27.79 91.62 -14.03
C ASP D 1271 27.06 92.84 -13.50
N LEU D 1272 25.77 92.72 -13.15
CA LEU D 1272 25.05 93.83 -12.54
C LEU D 1272 25.74 94.33 -11.28
N ILE D 1273 26.38 93.44 -10.52
CA ILE D 1273 27.18 93.84 -9.37
C ILE D 1273 28.61 94.10 -9.84
N GLU D 1274 29.29 95.00 -9.13
CA GLU D 1274 30.64 95.42 -9.47
C GLU D 1274 31.54 95.34 -8.24
N TRP D 1275 32.81 94.99 -8.47
CA TRP D 1275 33.81 95.01 -7.41
C TRP D 1275 34.45 96.39 -7.36
N ASP D 1276 34.46 97.00 -6.18
CA ASP D 1276 35.05 98.33 -6.00
C ASP D 1276 35.91 98.23 -4.75
N SER D 1277 37.22 98.28 -4.94
CA SER D 1277 38.18 98.19 -3.83
C SER D 1277 39.51 98.76 -4.33
N ASP D 1278 40.50 98.78 -3.44
CA ASP D 1278 41.82 99.28 -3.83
C ASP D 1278 42.51 98.34 -4.81
N ALA D 1279 42.17 97.05 -4.78
CA ALA D 1279 42.83 96.11 -5.68
C ALA D 1279 42.51 96.42 -7.14
N ALA D 1280 41.22 96.54 -7.47
CA ALA D 1280 40.79 96.81 -8.84
C ALA D 1280 39.30 97.13 -8.82
N THR D 1281 38.81 97.62 -9.96
CA THR D 1281 37.39 97.88 -10.17
C THR D 1281 36.94 97.08 -11.38
N THR D 1282 36.09 96.10 -11.16
CA THR D 1282 35.64 95.22 -12.23
C THR D 1282 34.24 94.71 -11.90
N THR D 1283 33.53 94.29 -12.94
CA THR D 1283 32.16 93.82 -12.83
C THR D 1283 32.07 92.36 -12.37
N MET D 1284 33.21 91.73 -12.11
CA MET D 1284 33.29 90.37 -11.55
C MET D 1284 32.67 89.31 -12.46
N GLY D 1285 32.19 89.71 -13.63
CA GLY D 1285 31.60 88.79 -14.58
C GLY D 1285 32.48 88.54 -15.79
N ASN D 1286 31.85 88.03 -16.86
CA ASN D 1286 32.57 87.78 -18.09
C ASN D 1286 33.00 89.07 -18.78
N LYS D 1287 32.39 90.20 -18.44
CA LYS D 1287 32.73 91.48 -19.02
C LYS D 1287 33.80 92.22 -18.22
N GLY D 1288 34.33 91.62 -17.17
CA GLY D 1288 35.33 92.25 -16.34
C GLY D 1288 36.73 92.10 -16.91
N VAL D 1289 37.71 92.43 -16.07
CA VAL D 1289 39.11 92.37 -16.46
C VAL D 1289 39.55 90.92 -16.59
N THR D 1290 40.71 90.70 -17.20
CA THR D 1290 41.21 89.34 -17.40
C THR D 1290 41.49 88.67 -16.07
N GLY D 1291 41.00 87.44 -15.90
CA GLY D 1291 41.20 86.68 -14.70
C GLY D 1291 40.27 87.03 -13.55
N ALA D 1292 39.32 87.93 -13.76
CA ALA D 1292 38.46 88.39 -12.67
C ALA D 1292 37.47 87.30 -12.25
N ALA D 1293 36.62 86.87 -13.19
CA ALA D 1293 35.51 85.98 -12.85
C ALA D 1293 36.02 84.68 -12.23
N ALA D 1294 37.23 84.27 -12.60
CA ALA D 1294 37.81 83.06 -12.02
C ALA D 1294 38.11 83.25 -10.54
N ALA D 1295 38.42 84.48 -10.14
CA ALA D 1295 38.84 84.76 -8.77
C ALA D 1295 37.72 84.51 -7.77
N PHE D 1296 36.47 84.84 -8.13
CA PHE D 1296 35.32 84.60 -7.26
C PHE D 1296 34.74 83.21 -7.40
N ASP D 1297 34.80 82.60 -8.59
CA ASP D 1297 34.24 81.27 -8.85
C ASP D 1297 32.79 81.21 -8.39
N PRO D 1298 31.88 81.90 -9.06
CA PRO D 1298 30.49 81.92 -8.60
C PRO D 1298 29.83 80.55 -8.69
N GLU D 1299 29.01 80.25 -7.69
CA GLU D 1299 28.22 79.02 -7.65
C GLU D 1299 26.84 79.36 -7.12
N PRO D 1300 25.84 79.58 -8.01
CA PRO D 1300 25.87 79.46 -9.46
C PRO D 1300 26.64 80.58 -10.15
N THR D 1301 26.85 80.47 -11.47
CA THR D 1301 27.66 81.44 -12.19
C THR D 1301 27.01 82.82 -12.25
N ASP D 1302 25.72 82.93 -11.93
CA ASP D 1302 25.02 84.20 -11.99
C ASP D 1302 24.01 84.29 -10.85
N PHE D 1303 23.40 85.47 -10.72
CA PHE D 1303 22.37 85.67 -9.73
C PHE D 1303 21.22 84.70 -9.98
N ARG D 1304 20.78 84.01 -8.94
CA ARG D 1304 19.73 83.02 -9.08
C ARG D 1304 18.64 83.31 -8.06
N GLU D 1305 17.39 83.26 -8.50
CA GLU D 1305 16.27 83.58 -7.62
C GLU D 1305 16.00 82.41 -6.68
N THR D 1306 15.69 82.72 -5.42
CA THR D 1306 15.53 81.68 -4.41
C THR D 1306 14.35 80.76 -4.73
N GLY D 1307 13.19 81.35 -5.02
CA GLY D 1307 12.01 80.56 -5.33
C GLY D 1307 11.19 81.21 -6.42
N ASP D 1308 10.38 80.39 -7.09
CA ASP D 1308 9.68 80.86 -8.29
C ASP D 1308 8.80 82.06 -8.01
N SER D 1309 8.30 82.21 -6.78
CA SER D 1309 7.45 83.33 -6.41
C SER D 1309 7.99 84.05 -5.18
N THR D 1310 9.30 84.29 -5.15
CA THR D 1310 9.95 84.95 -4.02
C THR D 1310 10.53 86.32 -4.36
N GLY D 1311 11.24 86.45 -5.48
CA GLY D 1311 11.84 87.70 -5.85
C GLY D 1311 13.20 87.98 -5.23
N ILE D 1312 13.72 87.06 -4.42
CA ILE D 1312 15.01 87.25 -3.75
C ILE D 1312 16.05 86.42 -4.49
N PHE D 1313 17.17 87.06 -4.83
CA PHE D 1313 18.24 86.43 -5.58
C PHE D 1313 19.47 86.25 -4.69
N GLN D 1314 20.05 85.05 -4.74
CA GLN D 1314 21.21 84.71 -3.92
C GLN D 1314 22.25 84.02 -4.79
N ILE D 1315 23.51 84.13 -4.37
CA ILE D 1315 24.63 83.54 -5.08
C ILE D 1315 25.79 83.41 -4.11
N VAL D 1316 26.58 82.35 -4.28
CA VAL D 1316 27.73 82.08 -3.43
C VAL D 1316 28.97 82.60 -4.13
N ILE D 1317 29.68 83.52 -3.48
CA ILE D 1317 30.87 84.16 -4.01
C ILE D 1317 32.04 83.89 -3.08
N GLU D 1318 33.20 83.59 -3.66
CA GLU D 1318 34.42 83.42 -2.87
C GLU D 1318 35.22 84.71 -2.91
N ILE D 1319 35.70 85.13 -1.74
CA ILE D 1319 36.49 86.36 -1.62
C ILE D 1319 37.84 86.14 -2.29
N PRO D 1320 38.18 86.93 -3.30
CA PRO D 1320 39.45 86.70 -4.01
C PRO D 1320 40.65 87.12 -3.18
N GLU D 1321 41.71 86.31 -3.25
CA GLU D 1321 42.99 86.71 -2.68
C GLU D 1321 43.73 87.70 -3.56
N SER D 1322 43.38 87.77 -4.84
CA SER D 1322 43.99 88.71 -5.78
C SER D 1322 43.00 88.98 -6.89
N LEU D 1323 42.79 90.27 -7.19
CA LEU D 1323 41.82 90.66 -8.20
C LEU D 1323 42.42 90.62 -9.61
N SER D 1324 43.46 91.43 -9.84
CA SER D 1324 44.11 91.47 -11.15
C SER D 1324 45.53 91.95 -10.96
N ASN D 1325 46.48 91.01 -10.97
CA ASN D 1325 47.92 91.26 -10.86
C ASN D 1325 48.31 91.90 -9.53
N ASP D 1326 47.42 91.94 -8.55
CA ASP D 1326 47.74 92.47 -7.24
C ASP D 1326 46.86 91.80 -6.19
N LYS D 1327 47.37 91.75 -4.97
CA LYS D 1327 46.68 91.07 -3.88
C LYS D 1327 45.61 91.98 -3.27
N LEU D 1328 44.76 91.37 -2.45
CA LEU D 1328 43.76 92.08 -1.66
C LEU D 1328 44.23 92.15 -0.21
N GLU D 1329 44.18 93.34 0.37
CA GLU D 1329 44.81 93.61 1.66
C GLU D 1329 43.82 93.47 2.80
N ARG D 1330 44.37 93.28 4.00
CA ARG D 1330 43.56 93.17 5.20
C ARG D 1330 43.02 94.54 5.60
N GLY D 1331 41.77 94.56 6.04
CA GLY D 1331 41.14 95.83 6.38
C GLY D 1331 40.73 96.66 5.19
N GLU D 1332 40.79 96.09 3.98
CA GLU D 1332 40.45 96.84 2.79
C GLU D 1332 38.96 97.11 2.73
N GLU D 1333 38.60 98.29 2.20
CA GLU D 1333 37.21 98.66 2.04
C GLU D 1333 36.65 98.01 0.79
N ILE D 1334 35.63 97.17 0.96
CA ILE D 1334 35.01 96.46 -0.14
C ILE D 1334 33.65 97.09 -0.39
N ILE D 1335 33.45 97.59 -1.62
CA ILE D 1335 32.21 98.24 -2.01
C ILE D 1335 31.57 97.41 -3.11
N LEU D 1336 30.33 96.97 -2.88
CA LEU D 1336 29.56 96.22 -3.86
C LEU D 1336 28.38 97.08 -4.29
N GLU D 1337 28.52 97.75 -5.43
CA GLU D 1337 27.52 98.67 -5.95
C GLU D 1337 26.93 98.14 -7.25
N TYR D 1338 25.60 98.23 -7.37
CA TYR D 1338 24.88 97.84 -8.56
C TYR D 1338 23.84 98.89 -8.89
N THR D 1339 23.60 99.09 -10.18
CA THR D 1339 22.63 100.08 -10.67
C THR D 1339 21.30 99.40 -10.95
N ASP D 1340 20.23 99.92 -10.35
CA ASP D 1340 18.92 99.29 -10.48
C ASP D 1340 18.30 99.54 -11.84
N TRP D 1341 18.46 100.75 -12.38
CA TRP D 1341 17.83 101.20 -13.62
C TRP D 1341 16.32 101.32 -13.47
N GLY D 1342 15.78 100.90 -12.33
CA GLY D 1342 14.36 100.90 -12.11
C GLY D 1342 13.91 101.37 -10.73
N PRO D 1343 14.55 102.41 -10.15
CA PRO D 1343 14.25 102.76 -8.76
C PRO D 1343 12.82 103.22 -8.56
N SER D 1344 12.44 103.48 -7.30
CA SER D 1344 11.06 103.85 -7.00
C SER D 1344 10.67 105.16 -7.68
N GLY D 1345 11.62 106.08 -7.85
CA GLY D 1345 11.35 107.34 -8.52
C GLY D 1345 11.35 107.29 -10.02
N SER D 1346 11.60 106.12 -10.61
CA SER D 1346 11.65 105.96 -12.05
C SER D 1346 10.26 105.67 -12.60
N ASP D 1347 9.84 106.47 -13.59
CA ASP D 1347 8.55 106.22 -14.23
C ASP D 1347 8.58 104.94 -15.06
N TYR D 1348 9.74 104.60 -15.62
CA TYR D 1348 9.90 103.36 -16.37
C TYR D 1348 11.37 102.96 -16.34
N VAL D 1349 11.66 101.79 -16.90
CA VAL D 1349 13.02 101.25 -16.86
C VAL D 1349 13.93 102.12 -17.71
N GLY D 1350 15.07 102.51 -17.15
CA GLY D 1350 16.03 103.35 -17.84
C GLY D 1350 15.81 104.84 -17.70
N ASP D 1351 14.87 105.26 -16.86
CA ASP D 1351 14.63 106.69 -16.66
C ASP D 1351 15.60 107.27 -15.63
N GLU D 1352 15.66 106.68 -14.45
CA GLU D 1352 16.55 107.12 -13.38
C GLU D 1352 17.67 106.10 -13.21
N ASP D 1353 18.89 106.60 -13.01
CA ASP D 1353 20.09 105.77 -12.94
C ASP D 1353 20.66 105.72 -11.52
N GLU D 1354 19.79 105.62 -10.52
CA GLU D 1354 20.24 105.57 -9.14
C GLU D 1354 21.04 104.30 -8.88
N ASP D 1355 22.10 104.45 -8.07
CA ASP D 1355 22.98 103.34 -7.72
C ASP D 1355 22.90 103.09 -6.22
N VAL D 1356 23.08 101.83 -5.84
CA VAL D 1356 23.05 101.41 -4.44
C VAL D 1356 24.28 100.55 -4.18
N ASN D 1357 24.94 100.82 -3.05
CA ASN D 1357 26.19 100.15 -2.70
C ASN D 1357 26.10 99.53 -1.32
N LEU D 1358 27.02 98.61 -1.05
CA LEU D 1358 27.12 97.95 0.24
C LEU D 1358 28.57 97.93 0.69
N THR D 1359 28.78 98.03 2.00
CA THR D 1359 30.11 98.05 2.59
C THR D 1359 30.42 96.69 3.19
N ILE D 1360 31.60 96.15 2.86
CA ILE D 1360 32.04 94.85 3.34
C ILE D 1360 33.44 94.98 3.90
N TYR D 1361 33.67 94.42 5.09
CA TYR D 1361 34.96 94.46 5.76
C TYR D 1361 35.68 93.14 5.60
N THR D 1362 37.01 93.20 5.59
CA THR D 1362 37.85 92.00 5.60
C THR D 1362 38.36 91.74 7.01
N SER D 1363 38.72 90.48 7.26
CA SER D 1363 39.11 90.08 8.60
C SER D 1363 40.40 90.77 9.03
N ASN D 1364 40.43 91.22 10.29
CA ASN D 1364 41.60 91.82 10.88
C ASN D 1364 41.86 91.16 12.23
N PHE D 1365 43.07 90.63 12.40
CA PHE D 1365 43.47 90.01 13.65
C PHE D 1365 44.95 90.24 13.89
N GLY D 1366 45.35 90.17 15.15
CA GLY D 1366 46.74 90.40 15.52
C GLY D 1366 47.68 89.33 15.01
N ALA D 1367 48.59 89.72 14.12
CA ALA D 1367 49.59 88.79 13.57
C ALA D 1367 50.83 88.74 14.46
N THR D 1368 50.60 88.32 15.70
CA THR D 1368 51.69 88.25 16.67
C THR D 1368 52.68 87.15 16.30
N VAL D 1369 53.97 87.45 16.51
CA VAL D 1369 55.05 86.51 16.24
C VAL D 1369 55.79 86.26 17.55
N GLU D 1370 56.00 84.98 17.87
CA GLU D 1370 56.66 84.59 19.10
C GLU D 1370 57.80 83.62 18.80
N LEU D 1371 58.77 83.58 19.71
CA LEU D 1371 59.90 82.67 19.63
C LEU D 1371 59.89 81.77 20.86
N ASP D 1372 60.52 80.59 20.71
CA ASP D 1372 60.58 79.63 21.81
C ASP D 1372 61.35 80.20 23.00
N GLN D 1373 62.46 80.87 22.74
CA GLN D 1373 63.28 81.46 23.80
C GLN D 1373 63.64 82.89 23.42
N LYS D 1374 63.75 83.74 24.44
CA LYS D 1374 64.15 85.13 24.20
C LYS D 1374 65.66 85.24 23.96
N VAL D 1375 66.44 84.34 24.55
CA VAL D 1375 67.90 84.36 24.44
C VAL D 1375 68.36 83.02 23.88
N TYR D 1376 69.24 83.07 22.88
CA TYR D 1376 69.76 81.88 22.23
C TYR D 1376 71.28 81.95 22.18
N SER D 1377 71.89 80.77 22.04
CA SER D 1377 73.31 80.65 21.78
C SER D 1377 73.52 80.31 20.30
N TRP D 1378 74.78 80.19 19.90
CA TRP D 1378 75.07 79.80 18.54
C TRP D 1378 74.91 78.28 18.38
N THR D 1379 74.80 77.84 17.13
CA THR D 1379 74.50 76.45 16.80
C THR D 1379 73.23 75.98 17.51
N ASP D 1380 72.20 76.82 17.46
CA ASP D 1380 70.93 76.55 18.11
C ASP D 1380 69.80 76.70 17.11
N LYS D 1381 68.69 76.03 17.41
CA LYS D 1381 67.50 76.04 16.56
C LYS D 1381 66.39 76.81 17.25
N VAL D 1382 65.69 77.66 16.50
CA VAL D 1382 64.61 78.48 17.01
C VAL D 1382 63.33 78.12 16.28
N TYR D 1383 62.26 77.89 17.04
CA TYR D 1383 60.94 77.60 16.48
C TYR D 1383 60.17 78.91 16.36
N ILE D 1384 59.80 79.26 15.14
CA ILE D 1384 59.06 80.50 14.87
C ILE D 1384 57.60 80.16 14.70
N THR D 1385 56.75 80.81 15.50
CA THR D 1385 55.31 80.62 15.44
C THR D 1385 54.63 81.94 15.14
N ILE D 1386 53.61 81.89 14.29
CA ILE D 1386 52.87 83.08 13.87
C ILE D 1386 51.37 82.77 13.97
N VAL D 1387 50.64 83.63 14.67
CA VAL D 1387 49.18 83.51 14.77
C VAL D 1387 48.58 84.54 13.83
N ALA D 1388 48.19 84.09 12.64
CA ALA D 1388 47.64 84.98 11.61
C ALA D 1388 46.34 84.40 11.09
N PRO D 1389 45.23 84.63 11.80
CA PRO D 1389 43.93 84.14 11.30
C PRO D 1389 43.52 84.74 9.98
N ASP D 1390 44.05 85.91 9.62
CA ASP D 1390 43.68 86.54 8.35
C ASP D 1390 44.15 85.74 7.16
N HIS D 1391 45.26 85.03 7.28
CA HIS D 1391 45.84 84.29 6.16
C HIS D 1391 45.30 82.88 6.03
N ASN D 1392 44.34 82.47 6.88
CA ASN D 1392 43.69 81.17 6.74
C ASN D 1392 42.69 81.28 5.59
N PHE D 1393 43.22 81.27 4.37
CA PHE D 1393 42.39 81.51 3.20
C PHE D 1393 41.39 80.39 2.97
N ASP D 1394 41.81 79.14 3.13
CA ASP D 1394 40.94 77.99 2.87
C ASP D 1394 40.98 77.06 4.08
N SER D 1395 39.80 76.56 4.47
CA SER D 1395 39.71 75.69 5.64
C SER D 1395 40.32 74.33 5.38
N ASP D 1396 40.20 73.82 4.15
CA ASP D 1396 40.71 72.50 3.79
C ASP D 1396 42.10 72.54 3.18
N LEU D 1397 42.72 73.72 3.12
CA LEU D 1397 44.06 73.87 2.57
C LEU D 1397 44.97 74.47 3.64
N VAL D 1398 46.11 73.85 3.85
CA VAL D 1398 47.10 74.39 4.77
C VAL D 1398 47.73 75.62 4.12
N ASP D 1399 47.39 76.80 4.64
CA ASP D 1399 47.85 78.04 4.04
C ASP D 1399 49.33 78.28 4.34
N GLU D 1400 49.95 79.11 3.51
CA GLU D 1400 51.36 79.43 3.62
C GLU D 1400 51.58 80.93 3.52
N ILE D 1401 52.65 81.40 4.14
CA ILE D 1401 53.05 82.80 4.10
C ILE D 1401 54.54 82.88 3.85
N GLY D 1402 54.98 84.02 3.33
CA GLY D 1402 56.38 84.23 3.03
C GLY D 1402 56.86 83.67 1.71
N GLU D 1403 55.97 83.09 0.91
CA GLU D 1403 56.40 82.45 -0.33
C GLU D 1403 56.72 83.48 -1.41
N THR D 1404 55.89 84.50 -1.56
CA THR D 1404 56.01 85.47 -2.65
C THR D 1404 56.56 86.79 -2.14
N ASP D 1405 56.97 87.63 -3.10
CA ASP D 1405 57.48 88.96 -2.74
C ASP D 1405 56.36 89.88 -2.27
N SER D 1406 55.13 89.65 -2.72
CA SER D 1406 54.00 90.43 -2.25
C SER D 1406 53.70 90.17 -0.78
N ASP D 1407 53.96 88.96 -0.31
CA ASP D 1407 53.79 88.60 1.11
C ASP D 1407 55.09 87.98 1.61
N PRO D 1408 56.09 88.79 1.91
CA PRO D 1408 57.40 88.26 2.28
C PRO D 1408 57.55 88.01 3.78
N ILE D 1409 58.40 87.03 4.09
CA ILE D 1409 58.87 86.77 5.44
C ILE D 1409 60.36 87.02 5.46
N LYS D 1410 60.79 87.89 6.37
CA LYS D 1410 62.17 88.39 6.40
C LYS D 1410 62.78 88.01 7.74
N VAL D 1411 63.62 86.99 7.75
CA VAL D 1411 64.39 86.65 8.93
C VAL D 1411 65.80 87.22 8.76
N SER D 1412 66.36 87.75 9.84
CA SER D 1412 67.60 88.50 9.74
C SER D 1412 68.30 88.54 11.08
N THR D 1413 69.63 88.52 11.03
CA THR D 1413 70.51 88.80 12.15
C THR D 1413 71.13 90.19 11.96
N ARG D 1414 72.07 90.54 12.84
CA ARG D 1414 72.81 91.79 12.72
C ARG D 1414 74.01 91.59 11.80
N GLY D 1415 73.69 91.35 10.53
CA GLY D 1415 74.73 91.13 9.52
C GLY D 1415 74.36 90.10 8.47
N PHE D 1416 73.40 89.24 8.78
CA PHE D 1416 72.96 88.20 7.85
C PHE D 1416 71.44 88.14 7.85
N ASP D 1417 70.89 87.67 6.73
CA ASP D 1417 69.44 87.57 6.59
C ASP D 1417 69.10 86.53 5.54
N LEU D 1418 67.86 86.03 5.60
CA LEU D 1418 67.31 85.13 4.59
C LEU D 1418 66.07 85.76 4.01
N ASP D 1419 65.91 85.62 2.69
CA ASP D 1419 64.78 86.21 1.97
C ASP D 1419 63.81 85.14 1.51
N ASN D 1420 62.52 85.50 1.52
CA ASN D 1420 61.43 84.65 1.05
C ASN D 1420 61.44 83.30 1.75
N TYR D 1421 61.17 83.33 3.05
CA TYR D 1421 61.15 82.14 3.89
C TYR D 1421 59.69 81.71 4.06
N LYS D 1422 59.35 80.52 3.56
CA LYS D 1422 57.98 80.04 3.67
C LYS D 1422 57.67 79.61 5.10
N LEU D 1423 56.43 79.85 5.51
CA LEU D 1423 55.91 79.34 6.77
C LEU D 1423 54.61 78.60 6.50
N VAL D 1424 54.38 77.53 7.25
CA VAL D 1424 53.30 76.59 7.00
C VAL D 1424 52.35 76.55 8.18
N GLU D 1425 51.06 76.45 7.89
CA GLU D 1425 50.05 76.32 8.93
C GLU D 1425 50.19 74.99 9.66
N THR D 1426 50.07 75.02 10.98
CA THR D 1426 50.16 73.79 11.76
C THR D 1426 49.00 72.86 11.45
N GLY D 1427 47.80 73.41 11.27
CA GLY D 1427 46.65 72.61 10.93
C GLY D 1427 45.97 73.18 9.69
N THR D 1428 45.04 72.38 9.15
CA THR D 1428 44.35 72.80 7.93
C THR D 1428 43.45 74.00 8.16
N ASP D 1429 42.88 74.13 9.37
CA ASP D 1429 41.97 75.22 9.69
C ASP D 1429 42.26 75.76 11.08
N THR D 1430 43.55 75.97 11.39
CA THR D 1430 43.94 76.46 12.71
C THR D 1430 44.28 77.94 12.74
N GLY D 1431 44.83 78.48 11.65
CA GLY D 1431 45.20 79.88 11.62
C GLY D 1431 46.54 80.21 12.23
N ILE D 1432 47.35 79.20 12.58
CA ILE D 1432 48.65 79.40 13.20
C ILE D 1432 49.71 78.83 12.28
N PHE D 1433 50.75 79.61 12.01
CA PHE D 1433 51.84 79.21 11.13
C PHE D 1433 53.09 78.91 11.96
N THR D 1434 53.76 77.80 11.63
CA THR D 1434 54.89 77.34 12.41
C THR D 1434 56.03 76.91 11.48
N GLY D 1435 57.24 77.30 11.84
CA GLY D 1435 58.44 76.90 11.13
C GLY D 1435 59.65 77.19 12.00
N GLU D 1436 60.75 76.51 11.69
CA GLU D 1436 61.96 76.66 12.49
C GLU D 1436 63.16 76.90 11.59
N VAL D 1437 64.11 77.69 12.11
CA VAL D 1437 65.38 77.97 11.45
C VAL D 1437 66.49 77.65 12.43
N ILE D 1438 67.58 77.08 11.92
CA ILE D 1438 68.75 76.73 12.71
C ILE D 1438 69.84 77.76 12.44
N LEU D 1439 70.43 78.29 13.50
CA LEU D 1439 71.51 79.27 13.39
C LEU D 1439 72.83 78.52 13.29
N THR D 1440 73.43 78.53 12.09
CA THR D 1440 74.64 77.76 11.83
C THR D 1440 75.90 78.42 12.37
N GLY D 1441 75.83 79.67 12.81
CA GLY D 1441 77.02 80.31 13.34
C GLY D 1441 78.01 80.67 12.24
N PHE D 1442 79.26 80.87 12.66
CA PHE D 1442 80.35 81.23 11.76
C PHE D 1442 81.52 80.27 11.98
N THR D 1443 82.22 79.96 10.89
CA THR D 1443 83.28 78.98 10.92
C THR D 1443 84.63 79.54 11.38
N ALA D 1444 84.72 80.84 11.62
CA ALA D 1444 85.98 81.47 11.99
C ALA D 1444 86.17 81.52 13.50
N HIS D 1445 86.08 80.36 14.16
CA HIS D 1445 86.26 80.28 15.60
C HIS D 1445 86.58 78.84 15.99
N ASP D 1446 87.51 78.67 16.92
CA ASP D 1446 87.86 77.36 17.46
C ASP D 1446 87.16 77.19 18.80
N ALA D 1447 85.85 76.89 18.72
CA ALA D 1447 85.07 76.72 19.95
C ALA D 1447 85.55 75.53 20.76
N ASP D 1448 85.87 74.43 20.10
CA ASP D 1448 86.35 73.24 20.80
C ASP D 1448 87.74 73.44 21.41
N GLY D 1449 88.53 74.36 20.87
CA GLY D 1449 89.86 74.62 21.39
C GLY D 1449 90.93 73.67 20.94
N ASP D 1450 90.63 72.77 20.00
CA ASP D 1450 91.63 71.81 19.53
C ASP D 1450 92.66 72.44 18.60
N GLY D 1451 92.40 73.64 18.11
CA GLY D 1451 93.36 74.35 17.27
C GLY D 1451 93.00 74.44 15.80
N ASN D 1452 91.77 74.09 15.41
CA ASN D 1452 91.36 74.16 14.02
C ASN D 1452 89.97 74.80 13.93
N THR D 1453 89.68 75.39 12.78
CA THR D 1453 88.40 76.01 12.53
C THR D 1453 87.39 74.95 12.09
N GLY D 1454 86.23 75.39 11.59
CA GLY D 1454 85.22 74.48 11.10
C GLY D 1454 84.34 73.86 12.17
N ASP D 1455 84.34 74.40 13.39
CA ASP D 1455 83.47 73.87 14.43
C ASP D 1455 82.00 74.04 14.11
N ALA D 1456 81.63 75.12 13.42
CA ALA D 1456 80.26 75.36 13.00
C ALA D 1456 80.24 75.59 11.49
N THR D 1457 79.34 74.88 10.80
CA THR D 1457 79.25 74.97 9.34
C THR D 1457 78.46 76.24 8.98
N GLY D 1458 79.16 77.37 9.01
CA GLY D 1458 78.56 78.65 8.68
C GLY D 1458 78.04 78.72 7.27
N THR D 1459 76.72 78.71 7.12
CA THR D 1459 76.11 78.74 5.79
C THR D 1459 74.71 79.33 5.91
N THR D 1460 74.41 80.30 5.05
CA THR D 1460 73.10 80.95 5.00
C THR D 1460 72.37 80.42 3.77
N SER D 1461 71.36 79.59 3.99
CA SER D 1461 70.61 78.98 2.89
C SER D 1461 69.28 78.50 3.43
N GLY D 1462 68.41 78.10 2.50
CA GLY D 1462 67.10 77.58 2.87
C GLY D 1462 65.96 78.52 2.55
N SER D 1463 64.93 78.01 1.89
CA SER D 1463 63.75 78.80 1.55
C SER D 1463 62.45 78.16 1.98
N GLY D 1464 62.44 76.89 2.36
CA GLY D 1464 61.24 76.22 2.81
C GLY D 1464 60.93 76.52 4.26
N PRO D 1465 59.92 75.83 4.82
CA PRO D 1465 59.54 76.09 6.21
C PRO D 1465 60.38 75.36 7.24
N THR D 1466 61.24 74.42 6.82
CA THR D 1466 61.95 73.57 7.75
C THR D 1466 63.45 73.47 7.50
N ASP D 1467 63.94 73.97 6.36
CA ASP D 1467 65.34 73.81 5.99
C ASP D 1467 66.12 75.13 6.06
N GLY D 1468 65.67 76.08 6.86
CA GLY D 1468 66.35 77.36 6.93
C GLY D 1468 67.66 77.25 7.68
N LEU D 1469 68.72 77.80 7.08
CA LEU D 1469 70.05 77.85 7.69
C LEU D 1469 70.53 79.30 7.70
N LEU D 1470 71.02 79.75 8.85
CA LEU D 1470 71.45 81.13 9.02
C LEU D 1470 72.77 81.19 9.75
N ALA D 1471 73.67 82.06 9.29
CA ALA D 1471 74.90 82.33 10.01
C ALA D 1471 74.67 83.41 11.06
N THR D 1472 75.31 83.24 12.22
CA THR D 1472 75.08 84.15 13.33
C THR D 1472 76.36 84.25 14.16
N ASP D 1473 76.78 85.49 14.44
CA ASP D 1473 77.95 85.72 15.27
C ASP D 1473 77.63 85.36 16.72
N ASP D 1474 78.69 85.15 17.52
CA ASP D 1474 78.51 84.81 18.93
C ASP D 1474 77.83 85.93 19.71
N ASP D 1475 77.86 87.16 19.20
CA ASP D 1475 77.17 88.29 19.80
C ASP D 1475 76.34 88.94 18.69
N ASP D 1476 75.08 88.54 18.58
CA ASP D 1476 74.21 88.98 17.49
C ASP D 1476 72.79 89.04 18.01
N GLY D 1477 71.85 89.36 17.11
CA GLY D 1477 70.45 89.42 17.46
C GLY D 1477 69.53 88.99 16.35
N LEU D 1478 68.60 88.08 16.65
CA LEU D 1478 67.65 87.56 15.68
C LEU D 1478 66.49 88.52 15.50
N THR D 1479 66.05 88.67 14.25
CA THR D 1479 64.91 89.51 13.92
C THR D 1479 64.04 88.81 12.90
N VAL D 1480 62.75 88.64 13.22
CA VAL D 1480 61.77 88.04 12.32
C VAL D 1480 60.67 89.06 12.07
N SER D 1481 60.42 89.35 10.80
CA SER D 1481 59.45 90.36 10.39
C SER D 1481 58.39 89.73 9.51
N PHE D 1482 57.13 90.05 9.79
CA PHE D 1482 55.99 89.53 9.05
C PHE D 1482 55.14 90.68 8.53
N GLU D 1483 54.64 90.54 7.31
CA GLU D 1483 53.82 91.56 6.68
C GLU D 1483 52.41 91.04 6.47
N PHE D 1484 51.42 91.81 6.94
CA PHE D 1484 50.01 91.49 6.76
C PHE D 1484 49.31 92.37 5.74
N SER D 1485 49.90 93.51 5.39
CA SER D 1485 49.39 94.38 4.34
C SER D 1485 50.55 95.24 3.86
N GLU D 1486 50.40 95.79 2.65
CA GLU D 1486 51.49 96.58 2.07
C GLU D 1486 51.81 97.77 2.96
N ASP D 1487 53.10 98.06 3.09
CA ASP D 1487 53.62 99.16 3.91
C ASP D 1487 53.30 98.98 5.39
N GLU D 1488 52.95 97.76 5.81
CA GLU D 1488 52.72 97.43 7.21
C GLU D 1488 53.44 96.13 7.53
N THR D 1489 54.20 96.13 8.63
CA THR D 1489 55.01 94.97 8.97
C THR D 1489 55.08 94.84 10.49
N ILE D 1490 54.87 93.62 10.97
CA ILE D 1490 55.03 93.28 12.39
C ILE D 1490 56.31 92.47 12.54
N VAL D 1491 57.11 92.81 13.56
CA VAL D 1491 58.44 92.27 13.70
C VAL D 1491 58.61 91.60 15.06
N GLY D 1492 59.53 90.66 15.12
CA GLY D 1492 59.92 90.05 16.37
C GLY D 1492 61.42 90.08 16.53
N SER D 1493 61.86 90.06 17.78
CA SER D 1493 63.27 90.25 18.10
C SER D 1493 63.76 89.16 19.05
N ALA D 1494 65.07 88.90 18.96
CA ALA D 1494 65.75 87.95 19.84
C ALA D 1494 67.21 88.34 19.90
N LEU D 1495 67.91 87.80 20.89
CA LEU D 1495 69.31 88.13 21.13
C LEU D 1495 70.14 86.86 21.22
N ILE D 1496 71.43 87.00 20.93
CA ILE D 1496 72.37 85.89 20.91
C ILE D 1496 73.50 86.19 21.89
N ARG D 1497 73.74 85.27 22.82
CA ARG D 1497 74.84 85.37 23.77
C ARG D 1497 75.42 83.98 24.00
N TRP D 1498 76.47 83.93 24.82
CA TRP D 1498 77.10 82.66 25.17
C TRP D 1498 76.19 81.83 26.06
N ALA E 37 1.57 -21.50 -1.53
CA ALA E 37 2.60 -20.47 -1.44
C ALA E 37 3.53 -20.52 -2.63
N ASN E 38 3.66 -21.71 -3.22
CA ASN E 38 4.52 -21.87 -4.39
C ASN E 38 3.96 -21.08 -5.57
N ALA E 39 4.86 -20.64 -6.45
CA ALA E 39 4.43 -19.86 -7.60
C ALA E 39 4.20 -20.73 -8.83
N ASN E 40 5.08 -21.70 -9.07
CA ASN E 40 5.03 -22.48 -10.29
C ASN E 40 5.17 -23.98 -10.11
N LEU E 41 5.42 -24.47 -8.89
CA LEU E 41 5.56 -25.90 -8.62
C LEU E 41 4.31 -26.40 -7.92
N PHE E 42 3.64 -27.38 -8.51
CA PHE E 42 2.45 -27.98 -7.93
C PHE E 42 2.66 -29.48 -7.78
N VAL E 43 2.46 -29.98 -6.56
CA VAL E 43 2.65 -31.38 -6.23
C VAL E 43 1.34 -31.92 -5.69
N SER E 44 0.92 -33.08 -6.19
CA SER E 44 -0.37 -33.64 -5.81
C SER E 44 -0.46 -33.91 -4.31
N ALA E 45 0.60 -34.46 -3.72
CA ALA E 45 0.59 -34.82 -2.31
C ALA E 45 0.51 -33.62 -1.39
N GLU E 46 0.73 -32.41 -1.90
CA GLU E 46 0.74 -31.20 -1.08
C GLU E 46 -0.70 -30.87 -0.69
N ASN E 47 -1.12 -31.43 0.44
CA ASN E 47 -2.47 -31.22 0.96
C ASN E 47 -2.37 -30.81 2.43
N SER E 48 -2.99 -29.68 2.77
CA SER E 48 -2.99 -29.22 4.14
C SER E 48 -3.89 -30.07 5.04
N GLN E 49 -4.88 -30.76 4.46
CA GLN E 49 -5.77 -31.59 5.26
C GLN E 49 -5.03 -32.78 5.85
N PHE E 50 -4.03 -33.30 5.14
CA PHE E 50 -3.29 -34.48 5.56
C PHE E 50 -1.83 -34.18 5.87
N ASP E 51 -1.46 -32.91 6.01
CA ASP E 51 -0.09 -32.50 6.34
C ASP E 51 0.92 -33.04 5.31
N ASN E 52 0.50 -33.08 4.05
CA ASN E 52 1.37 -33.42 2.92
C ASN E 52 2.00 -34.79 3.07
N TYR E 53 1.33 -35.71 3.76
CA TYR E 53 1.80 -37.08 3.83
C TYR E 53 1.54 -37.81 2.52
N MET E 54 2.25 -38.92 2.32
CA MET E 54 1.97 -39.82 1.22
C MET E 54 2.34 -41.23 1.65
N SER E 55 1.71 -42.22 1.02
CA SER E 55 1.94 -43.61 1.40
C SER E 55 1.53 -44.52 0.24
N GLY E 56 1.99 -45.77 0.32
CA GLY E 56 1.55 -46.80 -0.58
C GLY E 56 1.98 -46.59 -2.01
N PRO E 57 1.26 -47.21 -2.94
CA PRO E 57 1.68 -47.21 -4.34
C PRO E 57 1.28 -45.95 -5.10
N GLN E 58 0.99 -44.87 -4.37
CA GLN E 58 0.52 -43.64 -4.99
C GLN E 58 1.51 -43.15 -6.05
N VAL E 59 0.98 -42.80 -7.21
CA VAL E 59 1.73 -42.04 -8.20
C VAL E 59 1.51 -40.56 -7.92
N ILE E 60 2.60 -39.83 -7.74
CA ILE E 60 2.53 -38.41 -7.43
C ILE E 60 2.76 -37.62 -8.71
N GLU E 61 1.91 -36.65 -8.97
CA GLU E 61 1.96 -35.87 -10.20
C GLU E 61 2.60 -34.51 -9.90
N VAL E 62 3.64 -34.17 -10.66
CA VAL E 62 4.34 -32.90 -10.54
C VAL E 62 4.02 -32.07 -11.77
N VAL E 63 3.48 -30.88 -11.56
CA VAL E 63 3.06 -30.00 -12.63
C VAL E 63 3.84 -28.70 -12.52
N VAL E 64 4.42 -28.26 -13.62
CA VAL E 64 5.06 -26.95 -13.72
C VAL E 64 4.16 -26.05 -14.56
N ILE E 65 3.60 -25.03 -13.92
CA ILE E 65 2.78 -24.04 -14.61
C ILE E 65 3.53 -22.72 -14.54
N ASP E 66 4.20 -22.37 -15.64
CA ASP E 66 5.06 -21.19 -15.66
C ASP E 66 4.84 -20.45 -16.97
N SER E 67 4.59 -19.14 -16.87
CA SER E 67 4.39 -18.33 -18.06
C SER E 67 5.65 -18.21 -18.91
N ASP E 68 6.82 -18.44 -18.31
CA ASP E 68 8.07 -18.31 -19.05
C ASP E 68 8.17 -19.36 -20.15
N ILE E 69 7.75 -20.59 -19.88
CA ILE E 69 7.94 -21.70 -20.80
C ILE E 69 6.63 -22.40 -21.10
N ASN E 70 5.51 -21.65 -21.05
CA ASN E 70 4.21 -22.25 -21.30
C ASN E 70 3.89 -22.38 -22.79
N ASP E 71 4.74 -21.86 -23.67
CA ASP E 71 4.47 -21.98 -25.10
C ASP E 71 4.76 -23.39 -25.58
N THR E 72 4.13 -23.75 -26.71
CA THR E 72 4.26 -25.08 -27.27
C THR E 72 4.84 -25.10 -28.68
N ASP E 73 4.96 -23.95 -29.34
CA ASP E 73 5.51 -23.89 -30.69
C ASP E 73 7.00 -23.61 -30.72
N GLU E 74 7.64 -23.51 -29.56
CA GLU E 74 9.06 -23.25 -29.46
C GLU E 74 9.73 -24.31 -28.59
N ALA E 75 10.97 -24.65 -28.93
CA ALA E 75 11.74 -25.63 -28.15
C ALA E 75 12.38 -24.91 -26.96
N LYS E 76 11.56 -24.69 -25.94
CA LYS E 76 12.02 -24.06 -24.72
C LYS E 76 12.78 -25.07 -23.86
N GLY E 77 13.37 -24.57 -22.78
CA GLY E 77 14.13 -25.43 -21.90
C GLY E 77 13.23 -26.19 -20.94
N GLU E 78 13.51 -27.48 -20.81
CA GLU E 78 12.78 -28.31 -19.85
C GLU E 78 13.03 -27.82 -18.44
N PRO E 79 12.01 -27.68 -17.60
CA PRO E 79 12.24 -27.22 -16.23
C PRO E 79 13.15 -28.17 -15.47
N ASP E 80 14.00 -27.59 -14.63
CA ASP E 80 14.95 -28.37 -13.82
C ASP E 80 14.29 -28.64 -12.47
N VAL E 81 13.48 -29.69 -12.41
CA VAL E 81 12.79 -30.09 -11.20
C VAL E 81 13.43 -31.38 -10.70
N THR E 82 13.69 -31.44 -9.39
CA THR E 82 14.30 -32.59 -8.78
C THR E 82 13.53 -32.97 -7.52
N VAL E 83 13.54 -34.26 -7.20
CA VAL E 83 13.02 -34.76 -5.94
C VAL E 83 14.16 -35.45 -5.20
N ASN E 84 14.38 -35.04 -3.95
CA ASN E 84 15.51 -35.53 -3.15
C ASN E 84 16.82 -35.41 -3.91
N GLY E 85 16.90 -34.44 -4.80
CA GLY E 85 18.08 -34.23 -5.63
C GLY E 85 18.04 -34.86 -7.02
N LYS E 86 17.48 -36.06 -7.11
CA LYS E 86 17.41 -36.74 -8.40
C LYS E 86 16.50 -35.99 -9.37
N VAL E 87 16.95 -35.87 -10.62
CA VAL E 87 16.20 -35.12 -11.61
C VAL E 87 14.97 -35.91 -12.03
N LEU E 88 13.88 -35.19 -12.32
CA LEU E 88 12.62 -35.78 -12.75
C LEU E 88 12.26 -35.21 -14.11
N ARG E 89 12.38 -36.03 -15.16
CA ARG E 89 12.08 -35.57 -16.51
C ARG E 89 10.60 -35.20 -16.62
N MET E 90 10.33 -34.12 -17.35
CA MET E 90 8.98 -33.63 -17.54
C MET E 90 8.65 -33.50 -19.02
N VAL E 91 7.41 -33.85 -19.36
CA VAL E 91 6.90 -33.75 -20.73
C VAL E 91 5.87 -32.63 -20.77
N GLN E 92 5.99 -31.76 -21.76
CA GLN E 92 5.01 -30.69 -21.90
C GLN E 92 3.72 -31.21 -22.50
N ALA E 93 2.61 -30.62 -22.08
CA ALA E 93 1.29 -31.01 -22.55
C ALA E 93 0.70 -29.87 -23.39
N VAL E 94 -0.42 -30.17 -24.05
CA VAL E 94 -1.08 -29.17 -24.88
C VAL E 94 -1.53 -27.97 -24.07
N ASP E 95 -1.66 -28.12 -22.75
CA ASP E 95 -1.99 -27.00 -21.89
C ASP E 95 -0.78 -26.17 -21.48
N GLY E 96 0.37 -26.38 -22.13
CA GLY E 96 1.56 -25.61 -21.81
C GLY E 96 2.10 -25.84 -20.43
N ASN E 97 1.72 -26.93 -19.78
CA ASN E 97 2.20 -27.26 -18.45
C ASN E 97 3.03 -28.53 -18.51
N TRP E 98 4.23 -28.48 -17.96
CA TRP E 98 5.15 -29.61 -17.99
C TRP E 98 4.74 -30.61 -16.92
N TYR E 99 4.57 -31.86 -17.32
CA TYR E 99 4.00 -32.89 -16.46
C TYR E 99 5.03 -33.96 -16.16
N GLY E 100 5.00 -34.47 -14.93
CA GLY E 100 5.90 -35.53 -14.52
C GLY E 100 5.33 -36.36 -13.40
N TYR E 101 5.33 -37.68 -13.56
CA TYR E 101 4.74 -38.60 -12.61
C TYR E 101 5.82 -39.50 -12.03
N PHE E 102 5.85 -39.61 -10.70
CA PHE E 102 6.80 -40.48 -10.02
C PHE E 102 6.08 -41.26 -8.92
N ALA E 103 6.74 -42.32 -8.46
CA ALA E 103 6.22 -43.13 -7.37
C ALA E 103 7.38 -43.89 -6.75
N ASP E 104 7.13 -44.44 -5.56
CA ASP E 104 8.13 -45.26 -4.91
C ASP E 104 8.39 -46.52 -5.73
N ARG E 105 9.61 -47.04 -5.64
CA ARG E 105 9.97 -48.20 -6.44
C ARG E 105 9.41 -49.48 -5.85
N ASP E 106 9.64 -49.70 -4.55
CA ASP E 106 9.18 -50.92 -3.91
C ASP E 106 7.66 -51.01 -3.93
N GLN E 107 6.97 -49.92 -3.58
CA GLN E 107 5.52 -49.93 -3.56
C GLN E 107 4.95 -50.18 -4.95
N ALA E 108 5.52 -49.55 -5.97
CA ALA E 108 5.03 -49.74 -7.33
C ALA E 108 5.25 -51.18 -7.79
N GLN E 109 6.41 -51.76 -7.49
CA GLN E 109 6.63 -53.16 -7.86
C GLN E 109 5.65 -54.09 -7.15
N ILE E 110 5.42 -53.84 -5.86
CA ILE E 110 4.48 -54.67 -5.11
C ILE E 110 3.07 -54.55 -5.70
N ALA E 111 2.67 -53.32 -6.05
CA ALA E 111 1.34 -53.11 -6.61
C ALA E 111 1.20 -53.80 -7.97
N ASP E 112 2.20 -53.64 -8.84
CA ASP E 112 2.15 -54.29 -10.14
C ASP E 112 2.21 -55.80 -10.04
N SER E 113 2.73 -56.32 -8.93
CA SER E 113 2.68 -57.77 -8.71
C SER E 113 1.24 -58.26 -8.63
N THR E 114 0.36 -57.49 -7.98
CA THR E 114 -1.03 -57.91 -7.83
C THR E 114 -1.78 -57.94 -9.16
N ALA E 115 -1.46 -57.02 -10.07
CA ALA E 115 -2.16 -56.91 -11.35
C ALA E 115 -1.70 -58.06 -12.25
N THR E 116 -2.35 -59.22 -12.07
CA THR E 116 -2.00 -60.40 -12.84
C THR E 116 -2.44 -60.31 -14.29
N THR E 117 -3.22 -59.31 -14.66
CA THR E 117 -3.67 -59.11 -16.04
C THR E 117 -3.38 -57.68 -16.47
N ALA E 118 -3.23 -57.50 -17.77
CA ALA E 118 -2.84 -56.20 -18.31
C ALA E 118 -4.00 -55.21 -18.25
N ASP E 119 -3.67 -53.95 -17.97
CA ASP E 119 -4.63 -52.84 -18.00
C ASP E 119 -5.81 -53.08 -17.06
N SER E 120 -5.52 -53.63 -15.88
CA SER E 120 -6.54 -53.83 -14.86
C SER E 120 -5.88 -53.85 -13.50
N GLY E 121 -6.59 -53.33 -12.50
CA GLY E 121 -6.00 -53.26 -11.17
C GLY E 121 -4.88 -52.24 -11.12
N LEU E 122 -4.08 -52.34 -10.06
CA LEU E 122 -2.93 -51.46 -9.87
C LEU E 122 -1.79 -51.87 -10.79
N ASP E 123 -2.03 -51.72 -12.10
CA ASP E 123 -1.05 -52.09 -13.11
C ASP E 123 -0.25 -50.86 -13.51
N PHE E 124 1.03 -50.85 -13.17
CA PHE E 124 1.91 -49.73 -13.47
C PHE E 124 2.48 -49.79 -14.87
N GLY E 125 2.22 -50.86 -15.61
CA GLY E 125 2.79 -51.01 -16.94
C GLY E 125 3.93 -52.00 -16.97
N VAL E 126 4.97 -51.68 -17.74
CA VAL E 126 6.14 -52.56 -17.89
C VAL E 126 7.34 -51.83 -17.31
N PHE E 127 7.96 -52.45 -16.30
CA PHE E 127 9.15 -51.88 -15.71
C PHE E 127 10.34 -52.02 -16.67
N CYS E 128 11.14 -50.96 -16.76
CA CYS E 128 12.34 -50.95 -17.57
C CYS E 128 13.48 -50.37 -16.76
N ALA E 129 14.70 -50.74 -17.14
CA ALA E 129 15.88 -50.23 -16.46
C ALA E 129 16.07 -48.74 -16.75
N SER E 130 16.79 -48.06 -15.85
CA SER E 130 17.02 -46.64 -16.02
C SER E 130 17.82 -46.34 -17.28
N SER E 131 18.66 -47.26 -17.71
CA SER E 131 19.46 -47.06 -18.91
C SER E 131 18.65 -47.23 -20.19
N SER E 132 17.42 -47.74 -20.10
CA SER E 132 16.61 -48.03 -21.28
C SER E 132 15.73 -46.86 -21.71
N GLY E 133 15.75 -45.75 -20.98
CA GLY E 133 14.91 -44.62 -21.33
C GLY E 133 15.27 -44.01 -22.67
N THR E 134 16.57 -43.87 -22.94
CA THR E 134 17.00 -43.28 -24.20
C THR E 134 16.57 -44.15 -25.38
N ALA E 135 16.62 -45.47 -25.22
CA ALA E 135 16.21 -46.36 -26.30
C ALA E 135 14.70 -46.35 -26.48
N ALA E 136 13.96 -46.47 -25.37
CA ALA E 136 12.51 -46.58 -25.46
C ALA E 136 11.85 -45.21 -25.53
N LEU E 137 11.99 -44.40 -24.47
CA LEU E 137 11.31 -43.12 -24.42
C LEU E 137 11.94 -42.11 -25.37
N GLY E 138 13.26 -42.17 -25.54
CA GLY E 138 13.98 -41.25 -26.38
C GLY E 138 14.73 -40.14 -25.66
N PHE E 139 14.96 -40.27 -24.35
CA PHE E 139 15.70 -39.28 -23.60
C PHE E 139 16.32 -39.95 -22.39
N SER E 140 17.38 -39.33 -21.87
CA SER E 140 18.10 -39.90 -20.75
C SER E 140 17.25 -39.84 -19.48
N THR E 141 17.28 -40.94 -18.72
CA THR E 141 16.60 -41.02 -17.44
C THR E 141 17.44 -41.77 -16.41
N THR E 142 18.76 -41.64 -16.52
CA THR E 142 19.66 -42.47 -15.71
C THR E 142 19.51 -42.18 -14.22
N GLU E 143 19.28 -40.92 -13.85
CA GLU E 143 19.20 -40.57 -12.44
C GLU E 143 18.01 -41.19 -11.73
N THR E 144 17.04 -41.72 -12.47
CA THR E 144 15.93 -42.43 -11.85
C THR E 144 16.34 -43.84 -11.46
N ASP E 145 15.57 -44.42 -10.54
CA ASP E 145 15.80 -45.79 -10.10
C ASP E 145 15.01 -46.81 -10.93
N GLY E 146 14.38 -46.38 -12.00
CA GLY E 146 13.60 -47.23 -12.86
C GLY E 146 12.45 -46.44 -13.47
N ILE E 147 11.98 -46.91 -14.61
CA ILE E 147 10.85 -46.29 -15.31
C ILE E 147 9.85 -47.37 -15.68
N ALA E 148 8.57 -47.06 -15.54
CA ALA E 148 7.48 -47.94 -15.93
C ALA E 148 6.80 -47.33 -17.15
N ILE E 149 6.75 -48.09 -18.25
CA ILE E 149 6.22 -47.57 -19.51
C ILE E 149 5.05 -48.44 -19.96
N PRO E 150 4.05 -47.87 -20.65
CA PRO E 150 2.84 -48.61 -21.02
C PRO E 150 2.95 -49.45 -22.29
N ILE E 151 3.59 -50.61 -22.17
CA ILE E 151 3.71 -51.53 -23.29
C ILE E 151 3.32 -52.93 -22.85
N THR E 152 3.46 -53.90 -23.75
CA THR E 152 3.34 -55.31 -23.42
C THR E 152 4.45 -56.06 -24.12
N ILE E 153 4.81 -57.22 -23.57
CA ILE E 153 5.93 -58.01 -24.08
C ILE E 153 5.40 -59.21 -24.85
N ALA E 154 5.88 -59.37 -26.08
CA ALA E 154 5.57 -60.54 -26.88
C ALA E 154 6.66 -61.61 -26.82
N ASN E 155 7.92 -61.21 -26.64
CA ASN E 155 9.04 -62.13 -26.50
C ASN E 155 9.68 -61.84 -25.15
N ALA E 156 9.37 -62.65 -24.14
CA ALA E 156 9.79 -62.41 -22.76
C ALA E 156 11.20 -62.96 -22.54
N THR E 157 12.17 -62.27 -23.14
CA THR E 157 13.57 -62.60 -22.91
C THR E 157 13.97 -62.21 -21.50
N ALA E 158 14.92 -62.96 -20.95
CA ALA E 158 15.36 -62.70 -19.57
C ALA E 158 16.21 -61.43 -19.48
N THR E 159 16.81 -61.01 -20.59
CA THR E 159 17.72 -59.87 -20.58
C THR E 159 17.21 -58.70 -21.41
N GLY E 160 16.87 -58.92 -22.67
CA GLY E 160 16.57 -57.82 -23.57
C GLY E 160 15.19 -57.20 -23.42
N ASN E 161 14.33 -57.77 -22.57
CA ASN E 161 12.98 -57.27 -22.38
C ASN E 161 12.71 -57.12 -20.90
N GLY E 162 11.95 -56.07 -20.54
CA GLY E 162 11.67 -55.80 -19.15
C GLY E 162 10.67 -56.78 -18.56
N THR E 163 10.35 -56.54 -17.28
CA THR E 163 9.43 -57.38 -16.55
C THR E 163 8.02 -56.80 -16.60
N GLN E 164 7.08 -57.57 -17.10
CA GLN E 164 5.70 -57.13 -17.21
C GLN E 164 5.01 -57.03 -15.85
N THR E 165 5.31 -57.96 -14.94
CA THR E 165 4.60 -58.06 -13.68
C THR E 165 5.38 -57.56 -12.48
N GLY E 166 6.67 -57.26 -12.63
CA GLY E 166 7.44 -56.85 -11.48
C GLY E 166 7.64 -57.99 -10.50
N SER E 167 7.79 -57.63 -9.23
CA SER E 167 7.98 -58.61 -8.17
C SER E 167 7.20 -58.19 -6.93
N SER E 168 6.83 -59.18 -6.12
CA SER E 168 6.08 -58.91 -4.90
C SER E 168 6.97 -58.34 -3.80
N SER E 169 8.30 -58.41 -3.95
CA SER E 169 9.22 -57.91 -2.95
C SER E 169 9.82 -56.56 -3.33
N GLY E 170 10.20 -56.38 -4.59
CA GLY E 170 10.82 -55.13 -5.02
C GLY E 170 12.25 -55.32 -5.48
N GLY E 171 13.14 -54.44 -5.03
CA GLY E 171 14.54 -54.49 -5.41
C GLY E 171 14.82 -53.75 -6.71
N ALA E 172 16.11 -53.64 -7.02
CA ALA E 172 16.54 -52.94 -8.22
C ALA E 172 16.05 -53.67 -9.47
N ILE E 173 15.79 -52.89 -10.52
CA ILE E 173 15.25 -53.43 -11.76
C ILE E 173 16.36 -53.50 -12.81
N THR E 174 17.03 -54.64 -12.90
CA THR E 174 18.13 -54.80 -13.84
C THR E 174 17.66 -55.12 -15.26
N THR E 175 16.38 -55.45 -15.44
CA THR E 175 15.88 -55.79 -16.77
C THR E 175 15.79 -54.55 -17.64
N THR E 176 16.38 -54.62 -18.84
CA THR E 176 16.46 -53.49 -19.74
C THR E 176 15.41 -53.59 -20.83
N CYS E 177 15.30 -52.52 -21.62
CA CYS E 177 14.37 -52.43 -22.73
C CYS E 177 15.02 -51.70 -23.89
N ALA E 178 14.52 -51.93 -25.09
CA ALA E 178 15.08 -51.33 -26.30
C ALA E 178 13.96 -50.90 -27.22
N ALA E 179 14.34 -50.41 -28.40
CA ALA E 179 13.35 -49.99 -29.39
C ALA E 179 12.57 -51.18 -29.93
N ASN E 180 13.23 -52.32 -30.13
CA ASN E 180 12.53 -53.52 -30.57
C ASN E 180 11.52 -53.97 -29.53
N THR E 181 11.79 -53.73 -28.24
CA THR E 181 10.80 -54.00 -27.22
C THR E 181 9.55 -53.17 -27.42
N LEU E 182 9.72 -51.90 -27.81
CA LEU E 182 8.58 -51.06 -28.12
C LEU E 182 7.83 -51.57 -29.34
N ASP E 183 8.55 -51.85 -30.43
CA ASP E 183 7.90 -52.24 -31.67
C ASP E 183 7.30 -53.64 -31.60
N ALA E 184 7.67 -54.45 -30.60
CA ALA E 184 7.13 -55.78 -30.44
C ALA E 184 5.97 -55.83 -29.46
N SER E 185 5.36 -54.70 -29.17
CA SER E 185 4.21 -54.65 -28.25
C SER E 185 2.93 -54.69 -29.05
N THR E 186 2.09 -55.70 -28.79
CA THR E 186 0.83 -55.87 -29.50
C THR E 186 -0.33 -55.11 -28.86
N ALA E 187 -0.13 -54.55 -27.67
CA ALA E 187 -1.20 -53.81 -26.99
C ALA E 187 -0.55 -52.69 -26.20
N ASN E 188 -0.51 -51.50 -26.78
CA ASN E 188 0.10 -50.34 -26.14
C ASN E 188 -0.90 -49.65 -25.21
N GLY E 189 -0.40 -49.20 -24.07
CA GLY E 189 -1.23 -48.46 -23.13
C GLY E 189 -1.79 -49.29 -22.01
N THR E 190 -0.96 -50.12 -21.39
CA THR E 190 -1.42 -51.03 -20.33
C THR E 190 -1.44 -50.38 -18.96
N ILE E 191 -1.02 -49.12 -18.83
CA ILE E 191 -0.98 -48.47 -17.53
C ILE E 191 -2.40 -48.19 -17.06
N ASN E 192 -2.73 -48.66 -15.85
CA ASN E 192 -4.01 -48.39 -15.22
C ASN E 192 -3.90 -47.53 -13.97
N VAL E 193 -2.70 -47.05 -13.64
CA VAL E 193 -2.54 -46.24 -12.44
C VAL E 193 -2.64 -44.75 -12.74
N VAL E 194 -2.36 -44.34 -13.97
CA VAL E 194 -2.57 -42.97 -14.43
C VAL E 194 -3.41 -43.05 -15.69
N ARG E 195 -4.60 -42.44 -15.66
CA ARG E 195 -5.56 -42.57 -16.75
C ARG E 195 -5.84 -41.28 -17.49
N GLU E 196 -5.36 -40.14 -17.00
CA GLU E 196 -5.68 -38.85 -17.59
C GLU E 196 -4.43 -38.04 -17.89
N ALA E 197 -3.47 -38.67 -18.54
CA ALA E 197 -2.34 -37.94 -19.08
C ALA E 197 -2.79 -37.02 -20.21
N LYS E 198 -2.32 -35.78 -20.18
CA LYS E 198 -2.68 -34.85 -21.24
C LYS E 198 -1.79 -35.07 -22.46
N ASP E 199 -2.28 -34.62 -23.61
CA ASP E 199 -1.64 -34.91 -24.89
C ASP E 199 -0.29 -34.22 -25.00
N PRO E 200 0.80 -34.95 -25.24
CA PRO E 200 2.08 -34.30 -25.50
C PRO E 200 2.02 -33.45 -26.76
N VAL E 201 2.85 -32.40 -26.78
CA VAL E 201 2.83 -31.46 -27.90
C VAL E 201 3.25 -32.17 -29.17
N ALA E 202 2.53 -31.92 -30.27
CA ALA E 202 2.85 -32.53 -31.54
C ALA E 202 4.15 -31.95 -32.09
N ALA E 203 4.91 -32.80 -32.79
CA ALA E 203 6.20 -32.39 -33.33
C ALA E 203 6.01 -31.52 -34.56
N SER E 204 6.57 -30.32 -34.52
CA SER E 204 6.51 -29.40 -35.66
C SER E 204 7.81 -28.60 -35.70
N GLY E 205 8.52 -28.69 -36.82
CA GLY E 205 9.79 -27.99 -36.94
C GLY E 205 10.79 -28.50 -35.92
N SER E 206 11.38 -27.58 -35.16
CA SER E 206 12.34 -27.97 -34.14
C SER E 206 11.68 -28.60 -32.92
N VAL E 207 10.39 -28.36 -32.72
CA VAL E 207 9.70 -28.92 -31.56
C VAL E 207 9.53 -30.43 -31.75
N SER E 208 9.92 -31.19 -30.75
CA SER E 208 9.79 -32.64 -30.76
C SER E 208 8.52 -33.05 -30.02
N VAL E 209 8.15 -34.32 -30.17
CA VAL E 209 6.97 -34.85 -29.49
C VAL E 209 7.23 -34.82 -27.99
N GLY E 210 6.39 -34.08 -27.26
CA GLY E 210 6.61 -33.88 -25.85
C GLY E 210 7.68 -32.88 -25.50
N GLN E 211 8.27 -32.22 -26.50
CA GLN E 211 9.29 -31.18 -26.34
C GLN E 211 10.60 -31.75 -25.80
N ILE E 212 10.62 -33.04 -25.48
CA ILE E 212 11.83 -33.70 -24.97
C ILE E 212 12.19 -34.95 -25.76
N GLY E 213 11.47 -35.27 -26.82
CA GLY E 213 11.87 -36.37 -27.69
C GLY E 213 11.16 -37.68 -27.45
N LEU E 214 9.85 -37.64 -27.23
CA LEU E 214 9.08 -38.87 -27.13
C LEU E 214 8.94 -39.52 -28.51
N LYS E 215 9.02 -40.85 -28.54
CA LYS E 215 8.93 -41.55 -29.82
C LYS E 215 7.49 -41.69 -30.29
N ASN E 216 6.55 -41.91 -29.37
CA ASN E 216 5.14 -42.00 -29.71
C ASN E 216 4.36 -41.03 -28.84
N GLY E 217 3.46 -40.26 -29.45
CA GLY E 217 2.86 -39.14 -28.77
C GLY E 217 1.43 -39.32 -28.30
N THR E 218 0.77 -40.39 -28.71
CA THR E 218 -0.60 -40.63 -28.25
C THR E 218 -0.61 -40.94 -26.77
N ALA E 219 -1.48 -40.26 -26.03
CA ALA E 219 -1.51 -40.33 -24.58
C ALA E 219 -2.64 -41.24 -24.12
N ASN E 220 -2.36 -42.01 -23.06
CA ASN E 220 -3.25 -42.94 -22.37
C ASN E 220 -3.52 -44.19 -23.21
N SER E 221 -3.04 -44.24 -24.44
CA SER E 221 -3.21 -45.42 -25.29
C SER E 221 -1.88 -45.77 -25.95
N GLY E 222 -0.98 -44.80 -26.03
CA GLY E 222 0.31 -45.02 -26.64
C GLY E 222 1.27 -45.73 -25.72
N PRO E 223 2.42 -46.10 -26.29
CA PRO E 223 3.43 -46.84 -25.51
C PRO E 223 4.38 -45.96 -24.71
N ASN E 224 4.27 -44.63 -24.79
CA ASN E 224 5.21 -43.75 -24.11
C ASN E 224 4.54 -42.92 -23.01
N TRP E 225 3.51 -42.15 -23.33
CA TRP E 225 2.90 -41.25 -22.37
C TRP E 225 1.56 -41.78 -21.93
N PRO E 226 1.28 -41.87 -20.62
CA PRO E 226 2.18 -41.47 -19.53
C PRO E 226 3.19 -42.56 -19.14
N PHE E 227 4.15 -42.18 -18.30
CA PHE E 227 5.09 -43.13 -17.72
C PHE E 227 5.49 -42.62 -16.34
N ILE E 228 5.68 -43.54 -15.41
CA ILE E 228 6.04 -43.22 -14.03
C ILE E 228 7.51 -43.53 -13.85
N GLN E 229 8.23 -42.61 -13.21
CA GLN E 229 9.64 -42.79 -12.89
C GLN E 229 9.78 -43.25 -11.45
N LEU E 230 10.61 -44.26 -11.24
CA LEU E 230 10.64 -45.00 -9.97
C LEU E 230 11.76 -44.43 -9.09
N TYR E 231 11.42 -44.13 -7.84
CA TYR E 231 12.29 -43.38 -6.95
C TYR E 231 12.32 -44.02 -5.58
N GLU E 232 13.51 -44.31 -5.07
CA GLU E 232 13.64 -44.79 -3.70
C GLU E 232 13.30 -43.67 -2.72
N LEU E 233 12.47 -44.00 -1.72
CA LEU E 233 12.05 -43.04 -0.72
C LEU E 233 12.22 -43.63 0.66
N ASN E 234 12.34 -42.75 1.66
CA ASN E 234 12.62 -43.18 3.01
C ASN E 234 11.35 -43.17 3.84
N PRO E 235 10.83 -44.32 4.28
CA PRO E 235 9.66 -44.30 5.17
C PRO E 235 9.94 -43.52 6.43
N THR E 236 8.92 -42.78 6.87
CA THR E 236 8.99 -41.83 7.98
C THR E 236 9.95 -40.68 7.71
N GLY E 237 10.50 -40.61 6.49
CA GLY E 237 11.43 -39.56 6.11
C GLY E 237 10.80 -38.65 5.08
N ASN E 238 11.23 -37.39 5.08
CA ASN E 238 10.63 -36.40 4.19
C ASN E 238 11.02 -36.66 2.74
N VAL E 239 10.10 -36.31 1.84
CA VAL E 239 10.36 -36.32 0.40
C VAL E 239 10.26 -34.88 -0.07
N VAL E 240 11.35 -34.37 -0.64
CA VAL E 240 11.48 -32.96 -0.98
C VAL E 240 11.50 -32.82 -2.49
N VAL E 241 10.61 -31.98 -3.02
CA VAL E 241 10.55 -31.69 -4.44
C VAL E 241 11.15 -30.31 -4.66
N GLN E 242 12.21 -30.24 -5.46
CA GLN E 242 12.93 -29.00 -5.72
C GLN E 242 12.75 -28.59 -7.17
N TYR E 243 12.55 -27.30 -7.38
CA TYR E 243 12.41 -26.73 -8.72
C TYR E 243 13.44 -25.62 -8.86
N ASN E 244 14.43 -25.84 -9.72
CA ASN E 244 15.56 -24.91 -9.89
C ASN E 244 15.26 -23.99 -11.05
N LYS E 245 14.82 -22.77 -10.74
CA LYS E 245 14.48 -21.78 -11.75
C LYS E 245 15.19 -20.48 -11.44
N GLY E 246 15.36 -19.66 -12.49
CA GLY E 246 16.01 -18.38 -12.33
C GLY E 246 15.26 -17.43 -11.42
N GLY E 247 15.94 -16.96 -10.37
CA GLY E 247 15.34 -16.05 -9.41
C GLY E 247 15.09 -16.66 -8.05
N GLY E 248 15.20 -17.97 -7.91
CA GLY E 248 14.96 -18.63 -6.65
C GLY E 248 14.47 -20.05 -6.87
N VAL E 249 14.56 -20.85 -5.81
CA VAL E 249 14.19 -22.26 -5.84
C VAL E 249 12.86 -22.42 -5.12
N GLN E 250 11.97 -23.21 -5.71
CA GLN E 250 10.67 -23.49 -5.13
C GLN E 250 10.67 -24.92 -4.60
N SER E 251 10.42 -25.08 -3.31
CA SER E 251 10.53 -26.35 -2.63
C SER E 251 9.19 -26.76 -2.04
N THR E 252 8.88 -28.05 -2.14
CA THR E 252 7.70 -28.62 -1.52
C THR E 252 8.12 -29.96 -0.92
N THR E 253 8.06 -30.05 0.41
CA THR E 253 8.51 -31.23 1.13
C THR E 253 7.31 -32.06 1.58
N LEU E 254 7.33 -33.34 1.25
CA LEU E 254 6.27 -34.27 1.59
C LEU E 254 6.72 -35.16 2.75
N THR E 255 5.90 -36.16 3.07
CA THR E 255 6.24 -37.16 4.06
C THR E 255 5.77 -38.52 3.58
N PHE E 256 6.68 -39.50 3.58
CA PHE E 256 6.38 -40.85 3.14
C PHE E 256 6.17 -41.70 4.39
N ASP E 257 4.92 -41.78 4.85
CA ASP E 257 4.62 -42.47 6.09
C ASP E 257 3.19 -43.00 6.03
N THR E 258 2.91 -43.98 6.88
CA THR E 258 1.56 -44.53 6.98
C THR E 258 0.58 -43.44 7.40
N VAL E 259 -0.56 -43.38 6.72
CA VAL E 259 -1.53 -42.31 6.91
C VAL E 259 -2.80 -42.82 7.58
N ASP E 260 -2.71 -43.94 8.30
CA ASP E 260 -3.88 -44.49 8.98
C ASP E 260 -4.48 -43.53 9.99
N GLN E 261 -3.69 -42.58 10.51
CA GLN E 261 -4.21 -41.60 11.45
C GLN E 261 -5.13 -40.60 10.79
N PHE E 262 -5.15 -40.54 9.46
CA PHE E 262 -6.00 -39.63 8.72
C PHE E 262 -7.22 -40.31 8.11
N ALA E 263 -7.44 -41.59 8.43
CA ALA E 263 -8.56 -42.34 7.88
C ALA E 263 -9.71 -42.33 8.88
N GLU E 264 -10.90 -42.00 8.40
CA GLU E 264 -12.09 -41.95 9.24
C GLU E 264 -13.33 -42.07 8.36
N LEU E 265 -14.37 -42.66 8.92
CA LEU E 265 -15.64 -42.83 8.24
C LEU E 265 -16.70 -42.01 8.97
N SER E 266 -17.41 -41.17 8.23
CA SER E 266 -18.41 -40.26 8.78
C SER E 266 -19.79 -40.64 8.28
N LEU E 267 -20.78 -40.52 9.16
CA LEU E 267 -22.17 -40.80 8.83
C LEU E 267 -23.01 -39.54 9.02
N ASP E 268 -24.01 -39.37 8.16
CA ASP E 268 -24.74 -38.12 8.09
C ASP E 268 -25.79 -37.95 9.19
N ARG E 269 -26.05 -38.97 10.00
CA ARG E 269 -27.02 -38.84 11.08
C ARG E 269 -26.73 -39.87 12.14
N THR E 270 -27.31 -39.66 13.33
CA THR E 270 -27.12 -40.57 14.45
C THR E 270 -28.09 -41.74 14.43
N VAL E 271 -29.38 -41.48 14.16
CA VAL E 271 -30.39 -42.53 14.08
C VAL E 271 -30.96 -42.54 12.67
N PHE E 272 -31.17 -43.74 12.13
CA PHE E 272 -31.54 -43.90 10.74
C PHE E 272 -33.00 -44.34 10.62
N PRO E 273 -33.86 -43.55 9.97
CA PRO E 273 -35.27 -43.93 9.83
C PRO E 273 -35.50 -45.09 8.85
N ARG E 274 -36.78 -45.34 8.56
CA ARG E 274 -37.19 -46.60 7.95
C ARG E 274 -36.50 -46.84 6.60
N VAL E 275 -36.56 -45.86 5.70
CA VAL E 275 -36.08 -46.05 4.34
C VAL E 275 -35.00 -45.03 4.02
N SER E 276 -34.24 -44.64 5.05
CA SER E 276 -33.21 -43.63 4.88
C SER E 276 -32.05 -44.17 4.06
N GLN E 277 -31.44 -43.28 3.27
CA GLN E 277 -30.18 -43.59 2.63
C GLN E 277 -29.06 -43.61 3.66
N VAL E 278 -28.09 -44.50 3.47
CA VAL E 278 -26.91 -44.58 4.33
C VAL E 278 -25.75 -44.00 3.53
N HIS E 279 -25.43 -42.74 3.80
CA HIS E 279 -24.34 -42.06 3.12
C HIS E 279 -23.06 -42.21 3.92
N ALA E 280 -22.04 -42.82 3.31
CA ALA E 280 -20.76 -43.02 3.95
C ALA E 280 -19.70 -42.20 3.23
N THR E 281 -18.90 -41.47 3.99
CA THR E 281 -17.82 -40.65 3.46
C THR E 281 -16.50 -41.16 4.02
N ILE E 282 -15.61 -41.60 3.12
CA ILE E 282 -14.32 -42.17 3.50
C ILE E 282 -13.24 -41.15 3.18
N THR E 283 -12.58 -40.64 4.22
CA THR E 283 -11.48 -39.70 4.09
C THR E 283 -10.18 -40.49 4.26
N ASP E 284 -9.63 -40.96 3.15
CA ASP E 284 -8.44 -41.80 3.17
C ASP E 284 -7.45 -41.31 2.14
N LEU E 285 -6.24 -40.96 2.58
CA LEU E 285 -5.19 -40.55 1.66
C LEU E 285 -4.68 -41.74 0.84
N TRP E 286 -4.63 -42.93 1.44
CA TRP E 286 -4.03 -44.07 0.78
C TRP E 286 -4.79 -44.47 -0.47
N LEU E 287 -6.12 -44.35 -0.44
CA LEU E 287 -6.95 -44.84 -1.54
C LEU E 287 -6.87 -43.95 -2.78
N ASN E 288 -6.27 -42.77 -2.69
CA ASN E 288 -6.14 -41.87 -3.83
C ASN E 288 -4.87 -42.23 -4.63
N ILE E 289 -4.96 -43.36 -5.32
CA ILE E 289 -3.80 -43.87 -6.05
C ILE E 289 -3.53 -43.02 -7.29
N ASP E 290 -4.55 -42.75 -8.09
CA ASP E 290 -4.38 -41.95 -9.30
C ASP E 290 -4.52 -40.48 -8.95
N PRO E 291 -3.51 -39.65 -9.26
CA PRO E 291 -3.63 -38.22 -8.92
C PRO E 291 -4.40 -37.41 -9.95
N THR E 292 -4.63 -37.94 -11.15
CA THR E 292 -5.28 -37.19 -12.21
C THR E 292 -6.77 -37.49 -12.33
N ASP E 293 -7.19 -38.73 -12.12
CA ASP E 293 -8.57 -39.13 -12.31
C ASP E 293 -9.15 -39.60 -10.98
N GLU E 294 -10.48 -39.72 -10.96
CA GLU E 294 -11.16 -40.29 -9.81
C GLU E 294 -10.89 -41.79 -9.72
N ASP E 295 -10.83 -42.31 -8.50
CA ASP E 295 -10.51 -43.69 -8.24
C ASP E 295 -11.72 -44.39 -7.64
N SER E 296 -12.09 -45.53 -8.21
CA SER E 296 -13.23 -46.31 -7.76
C SER E 296 -12.74 -47.60 -7.13
N TRP E 297 -13.25 -47.91 -5.94
CA TRP E 297 -12.87 -49.09 -5.20
C TRP E 297 -14.10 -49.92 -4.88
N THR E 298 -14.08 -51.18 -5.29
CA THR E 298 -15.17 -52.12 -5.03
C THR E 298 -14.69 -53.11 -3.97
N PHE E 299 -15.55 -53.35 -2.98
CA PHE E 299 -15.16 -54.08 -1.78
C PHE E 299 -15.91 -55.40 -1.68
N ALA E 300 -15.53 -56.20 -0.69
CA ALA E 300 -16.27 -57.40 -0.30
C ALA E 300 -16.41 -57.34 1.22
N THR E 301 -17.48 -56.70 1.69
CA THR E 301 -17.61 -56.33 3.09
C THR E 301 -18.36 -57.34 3.93
N ASN E 302 -18.91 -58.41 3.33
CA ASN E 302 -19.74 -59.35 4.07
C ASN E 302 -18.85 -60.15 5.02
N THR E 303 -18.89 -59.80 6.31
CA THR E 303 -18.03 -60.44 7.28
C THR E 303 -18.55 -61.81 7.73
N LYS E 304 -19.86 -62.04 7.62
CA LYS E 304 -20.46 -63.29 8.09
C LYS E 304 -20.55 -64.35 7.01
N ASN E 305 -19.99 -64.11 5.82
CA ASN E 305 -19.97 -65.13 4.79
C ASN E 305 -18.94 -66.20 5.18
N THR E 306 -19.36 -67.16 5.99
CA THR E 306 -18.46 -68.11 6.61
C THR E 306 -17.96 -69.20 5.66
N THR E 307 -18.15 -69.03 4.36
CA THR E 307 -17.58 -69.96 3.40
C THR E 307 -16.06 -69.98 3.56
N SER E 308 -15.49 -71.20 3.57
CA SER E 308 -14.05 -71.34 3.81
C SER E 308 -13.23 -70.67 2.73
N SER E 309 -13.64 -70.81 1.46
CA SER E 309 -12.89 -70.22 0.37
C SER E 309 -13.06 -68.71 0.30
N PHE E 310 -14.11 -68.16 0.90
CA PHE E 310 -14.36 -66.73 0.84
C PHE E 310 -13.37 -65.98 1.73
N ASN E 311 -13.13 -64.72 1.36
CA ASN E 311 -12.23 -63.86 2.13
C ASN E 311 -12.57 -62.40 1.87
N VAL E 312 -12.35 -61.55 2.87
CA VAL E 312 -12.63 -60.13 2.73
C VAL E 312 -11.50 -59.48 1.93
N ASP E 313 -11.86 -58.80 0.85
CA ASP E 313 -10.87 -58.35 -0.13
C ASP E 313 -11.23 -56.96 -0.62
N THR E 314 -10.23 -56.25 -1.13
CA THR E 314 -10.36 -54.91 -1.67
C THR E 314 -9.92 -54.93 -3.13
N PHE E 315 -10.63 -54.18 -3.98
CA PHE E 315 -10.39 -54.20 -5.41
C PHE E 315 -10.28 -52.78 -5.94
N TYR E 316 -9.44 -52.60 -6.96
CA TYR E 316 -9.15 -51.29 -7.53
C TYR E 316 -9.73 -51.18 -8.94
N GLN E 317 -10.50 -50.12 -9.17
CA GLN E 317 -10.99 -49.75 -10.49
C GLN E 317 -11.72 -50.91 -11.18
N VAL E 318 -12.65 -51.52 -10.45
CA VAL E 318 -13.55 -52.47 -11.08
C VAL E 318 -14.47 -51.75 -12.06
N PHE E 319 -14.97 -50.58 -11.69
CA PHE E 319 -15.83 -49.77 -12.53
C PHE E 319 -15.20 -48.40 -12.76
N ASP E 320 -15.38 -47.86 -13.95
CA ASP E 320 -14.90 -46.53 -14.26
C ASP E 320 -15.63 -45.49 -13.43
N GLU E 321 -15.08 -44.28 -13.39
CA GLU E 321 -15.67 -43.19 -12.62
C GLU E 321 -17.04 -42.78 -13.18
N ASN E 322 -17.33 -43.11 -14.43
CA ASN E 322 -18.60 -42.75 -15.06
C ASN E 322 -19.64 -43.87 -14.95
N GLY E 323 -19.33 -44.93 -14.21
CA GLY E 323 -20.26 -46.02 -14.02
C GLY E 323 -20.07 -47.20 -14.94
N ALA E 324 -19.24 -47.06 -15.98
CA ALA E 324 -19.00 -48.17 -16.89
C ALA E 324 -18.04 -49.18 -16.27
N SER E 325 -17.70 -50.21 -17.05
CA SER E 325 -16.77 -51.22 -16.58
C SER E 325 -15.34 -50.66 -16.63
N GLY E 326 -14.65 -50.73 -15.51
CA GLY E 326 -13.30 -50.21 -15.39
C GLY E 326 -12.19 -51.22 -15.45
N GLY E 327 -12.48 -52.46 -15.83
CA GLY E 327 -11.49 -53.52 -15.89
C GLY E 327 -11.79 -54.64 -14.92
N SER E 328 -10.93 -55.66 -14.97
CA SER E 328 -11.12 -56.83 -14.13
C SER E 328 -10.80 -56.52 -12.67
N ALA E 329 -11.26 -57.40 -11.79
CA ALA E 329 -11.07 -57.27 -10.35
C ALA E 329 -9.98 -58.24 -9.89
N LEU E 330 -9.05 -57.74 -9.08
CA LEU E 330 -7.88 -58.51 -8.68
C LEU E 330 -7.68 -58.46 -7.17
N THR E 331 -7.20 -59.57 -6.61
CA THR E 331 -7.02 -59.69 -5.17
C THR E 331 -5.97 -58.71 -4.65
N LEU E 332 -6.23 -58.16 -3.47
CA LEU E 332 -5.30 -57.24 -2.82
C LEU E 332 -5.06 -57.52 -1.34
N ARG E 333 -5.88 -58.35 -0.70
CA ARG E 333 -5.77 -58.51 0.75
C ARG E 333 -4.46 -59.18 1.14
N THR E 334 -3.93 -60.06 0.30
CA THR E 334 -2.62 -60.65 0.55
C THR E 334 -1.49 -59.64 0.37
N THR E 335 -1.80 -58.45 -0.13
CA THR E 335 -0.82 -57.41 -0.41
C THR E 335 -0.91 -56.22 0.53
N LEU E 336 -2.10 -55.95 1.09
CA LEU E 336 -2.32 -54.74 1.86
C LEU E 336 -1.41 -54.64 3.08
N SER E 337 -0.85 -55.77 3.54
CA SER E 337 0.14 -55.70 4.61
C SER E 337 1.44 -55.09 4.12
N SER E 338 1.79 -55.30 2.86
CA SER E 338 3.02 -54.79 2.28
C SER E 338 2.88 -53.38 1.70
N LEU E 339 1.68 -52.80 1.76
CA LEU E 339 1.43 -51.48 1.20
C LEU E 339 1.17 -50.43 2.28
N MET E 340 1.81 -50.59 3.44
CA MET E 340 1.80 -49.60 4.51
C MET E 340 0.40 -49.31 5.05
N CYS E 341 -0.56 -50.19 4.79
CA CYS E 341 -1.90 -50.05 5.36
C CYS E 341 -1.88 -50.50 6.81
N GLU E 342 -1.83 -49.53 7.73
CA GLU E 342 -1.95 -49.82 9.15
C GLU E 342 -3.44 -49.91 9.47
N ASP E 343 -4.01 -51.07 9.14
CA ASP E 343 -5.43 -51.40 9.37
C ASP E 343 -6.38 -50.34 8.83
N ASN E 344 -6.00 -49.68 7.73
CA ASN E 344 -6.79 -48.59 7.16
C ASN E 344 -7.06 -48.79 5.67
N CYS E 345 -7.22 -50.05 5.24
CA CYS E 345 -7.51 -50.31 3.83
C CYS E 345 -8.55 -51.41 3.64
N VAL E 346 -9.29 -51.78 4.69
CA VAL E 346 -10.27 -52.86 4.61
C VAL E 346 -11.57 -52.36 5.23
N LEU E 347 -12.69 -52.56 4.51
CA LEU E 347 -14.01 -52.21 4.98
C LEU E 347 -14.80 -53.49 5.23
N THR E 348 -15.32 -53.64 6.44
CA THR E 348 -16.13 -54.79 6.82
C THR E 348 -17.51 -54.32 7.27
N LEU E 349 -18.55 -54.99 6.77
CA LEU E 349 -19.93 -54.63 7.06
C LEU E 349 -20.66 -55.82 7.67
N ASP E 350 -21.49 -55.54 8.68
CA ASP E 350 -22.38 -56.53 9.26
C ASP E 350 -23.77 -55.91 9.32
N VAL E 351 -24.69 -56.41 8.49
CA VAL E 351 -25.99 -55.78 8.35
C VAL E 351 -26.82 -55.94 9.62
N ASP E 352 -26.74 -57.11 10.26
CA ASP E 352 -27.51 -57.39 11.47
C ASP E 352 -26.56 -57.75 12.61
N ALA E 353 -26.41 -56.84 13.56
CA ALA E 353 -25.55 -57.07 14.71
C ALA E 353 -26.15 -58.04 15.72
N GLN E 354 -27.43 -58.39 15.57
CA GLN E 354 -28.09 -59.29 16.52
C GLN E 354 -28.58 -60.58 15.89
N SER E 355 -28.41 -60.75 14.58
CA SER E 355 -28.85 -61.95 13.86
C SER E 355 -30.33 -62.25 14.12
N SER E 356 -31.16 -61.22 13.99
CA SER E 356 -32.59 -61.34 14.21
C SER E 356 -33.35 -61.81 12.98
N GLY E 357 -32.65 -62.10 11.89
CA GLY E 357 -33.29 -62.52 10.66
C GLY E 357 -33.85 -61.40 9.81
N THR E 358 -33.70 -60.14 10.24
CA THR E 358 -34.18 -58.98 9.50
C THR E 358 -33.01 -58.05 9.28
N PRO E 359 -32.28 -58.20 8.17
CA PRO E 359 -31.12 -57.33 7.92
C PRO E 359 -31.53 -55.87 7.85
N VAL E 360 -30.69 -55.01 8.41
CA VAL E 360 -30.99 -53.58 8.50
C VAL E 360 -30.61 -52.86 7.22
N VAL E 361 -29.38 -53.06 6.75
CA VAL E 361 -28.82 -52.32 5.63
C VAL E 361 -28.78 -53.22 4.42
N THR E 362 -29.29 -52.73 3.30
CA THR E 362 -29.18 -53.41 2.01
C THR E 362 -28.47 -52.49 1.03
N ILE E 363 -28.04 -53.06 -0.10
CA ILE E 363 -27.30 -52.32 -1.10
C ILE E 363 -28.19 -52.11 -2.32
N GLN E 364 -27.74 -51.20 -3.19
CA GLN E 364 -28.51 -50.82 -4.37
C GLN E 364 -27.59 -50.19 -5.38
N ASP E 365 -27.90 -50.40 -6.66
CA ASP E 365 -27.10 -49.85 -7.74
C ASP E 365 -27.31 -48.34 -7.85
N ASN E 366 -26.31 -47.66 -8.38
CA ASN E 366 -26.41 -46.23 -8.65
C ASN E 366 -25.63 -45.92 -9.92
N GLY E 367 -25.34 -44.64 -10.13
CA GLY E 367 -24.67 -44.18 -11.33
C GLY E 367 -23.17 -44.32 -11.35
N ASP E 368 -22.55 -44.74 -10.25
CA ASP E 368 -21.10 -44.90 -10.18
C ASP E 368 -20.68 -46.37 -10.20
N SER E 369 -21.60 -47.29 -10.48
CA SER E 369 -21.27 -48.71 -10.51
C SER E 369 -22.36 -49.43 -11.29
N ILE E 370 -22.15 -50.73 -11.50
CA ILE E 370 -23.13 -51.59 -12.14
C ILE E 370 -23.37 -52.75 -11.18
N LEU E 371 -24.36 -52.60 -10.31
CA LEU E 371 -24.77 -53.68 -9.42
C LEU E 371 -25.99 -54.39 -9.99
N THR E 372 -26.09 -55.68 -9.71
CA THR E 372 -27.15 -56.50 -10.27
C THR E 372 -27.60 -57.52 -9.24
N GLN E 373 -28.92 -57.73 -9.17
CA GLN E 373 -29.50 -58.74 -8.29
C GLN E 373 -29.43 -60.08 -9.01
N LEU E 374 -28.43 -60.89 -8.64
CA LEU E 374 -28.22 -62.16 -9.33
C LEU E 374 -29.39 -63.11 -9.14
N ASN E 375 -29.95 -63.16 -7.93
CA ASN E 375 -31.11 -63.99 -7.64
C ASN E 375 -32.36 -63.19 -7.99
N ALA E 376 -32.91 -63.44 -9.16
CA ALA E 376 -34.11 -62.76 -9.64
C ALA E 376 -35.39 -63.48 -9.25
N SER E 377 -35.28 -64.56 -8.48
CA SER E 377 -36.47 -65.32 -8.09
C SER E 377 -37.42 -64.48 -7.26
N SER E 378 -38.72 -64.69 -7.46
CA SER E 378 -39.74 -63.96 -6.72
C SER E 378 -39.81 -64.36 -5.26
N ASN E 379 -39.13 -65.44 -4.85
CA ASN E 379 -39.14 -65.86 -3.46
C ASN E 379 -38.42 -64.86 -2.55
N THR E 380 -37.63 -63.96 -3.11
CA THR E 380 -36.87 -62.99 -2.35
C THR E 380 -37.18 -61.58 -2.82
N ASN E 381 -36.83 -60.60 -1.99
CA ASN E 381 -37.05 -59.20 -2.27
C ASN E 381 -35.72 -58.46 -2.36
N ALA E 382 -35.78 -57.14 -2.44
CA ALA E 382 -34.57 -56.33 -2.51
C ALA E 382 -33.84 -56.25 -1.18
N ASN E 383 -34.45 -56.70 -0.08
CA ASN E 383 -33.79 -56.66 1.22
C ASN E 383 -32.74 -57.76 1.40
N ASN E 384 -32.67 -58.73 0.50
CA ASN E 384 -31.67 -59.79 0.57
C ASN E 384 -30.37 -59.26 -0.02
N ALA E 385 -29.53 -58.68 0.83
CA ALA E 385 -28.27 -58.11 0.37
C ALA E 385 -27.38 -59.16 -0.28
N SER E 386 -27.47 -60.40 0.19
CA SER E 386 -26.65 -61.48 -0.37
C SER E 386 -27.07 -61.89 -1.77
N ALA E 387 -28.20 -61.38 -2.27
CA ALA E 387 -28.66 -61.70 -3.62
C ALA E 387 -28.11 -60.75 -4.67
N PHE E 388 -27.22 -59.83 -4.28
CA PHE E 388 -26.64 -58.87 -5.21
C PHE E 388 -25.19 -59.23 -5.50
N GLY E 389 -24.74 -58.90 -6.70
CA GLY E 389 -23.37 -59.16 -7.10
C GLY E 389 -23.05 -58.50 -8.42
N ILE E 390 -21.87 -58.81 -8.94
CA ILE E 390 -21.41 -58.33 -10.23
C ILE E 390 -21.40 -59.50 -11.19
N SER E 391 -22.09 -59.34 -12.33
CA SER E 391 -22.20 -60.42 -13.30
C SER E 391 -20.85 -60.78 -13.90
N THR E 392 -20.02 -59.77 -14.21
CA THR E 392 -18.73 -60.02 -14.83
C THR E 392 -17.67 -60.50 -13.84
N GLU E 393 -17.88 -60.31 -12.55
CA GLU E 393 -16.92 -60.75 -11.54
C GLU E 393 -17.56 -61.73 -10.57
N THR E 394 -18.31 -62.69 -11.11
CA THR E 394 -19.06 -63.63 -10.27
C THR E 394 -18.14 -64.51 -9.43
N ALA E 395 -16.90 -64.73 -9.90
CA ALA E 395 -16.02 -65.67 -9.24
C ALA E 395 -15.73 -65.28 -7.80
N LYS E 396 -15.46 -64.00 -7.55
CA LYS E 396 -15.15 -63.53 -6.21
C LYS E 396 -16.22 -62.64 -5.61
N LEU E 397 -17.11 -62.06 -6.42
CA LEU E 397 -18.17 -61.19 -5.94
C LEU E 397 -19.52 -61.66 -6.46
N GLY E 398 -19.79 -62.95 -6.35
CA GLY E 398 -21.07 -63.49 -6.77
C GLY E 398 -22.15 -63.29 -5.73
N THR E 399 -23.02 -64.30 -5.57
CA THR E 399 -24.04 -64.23 -4.53
C THR E 399 -23.39 -64.13 -3.16
N GLY E 400 -23.99 -63.33 -2.28
CA GLY E 400 -23.31 -63.02 -1.06
C GLY E 400 -22.16 -62.07 -1.33
N SER E 401 -21.30 -61.91 -0.34
CA SER E 401 -20.10 -61.07 -0.45
C SER E 401 -20.48 -59.65 -0.87
N ILE E 402 -21.21 -58.99 0.02
CA ILE E 402 -21.83 -57.69 -0.22
C ILE E 402 -20.83 -56.73 -0.86
N PRO E 403 -20.96 -56.42 -2.15
CA PRO E 403 -20.01 -55.54 -2.82
C PRO E 403 -20.36 -54.08 -2.60
N VAL E 404 -19.52 -53.38 -1.83
CA VAL E 404 -19.67 -51.95 -1.61
C VAL E 404 -18.66 -51.24 -2.49
N THR E 405 -19.15 -50.25 -3.26
CA THR E 405 -18.32 -49.50 -4.18
C THR E 405 -18.30 -48.03 -3.76
N ILE E 406 -17.11 -47.44 -3.77
CA ILE E 406 -16.95 -46.04 -3.43
C ILE E 406 -16.28 -45.32 -4.59
N THR E 407 -16.52 -44.02 -4.67
CA THR E 407 -15.95 -43.16 -5.70
C THR E 407 -15.38 -41.91 -5.04
N GLU E 408 -14.20 -41.50 -5.49
CA GLU E 408 -13.55 -40.34 -4.88
C GLU E 408 -14.24 -39.06 -5.32
N GLN E 409 -14.54 -38.19 -4.36
CA GLN E 409 -15.25 -36.94 -4.62
C GLN E 409 -14.28 -35.88 -5.18
N GLY E 410 -13.71 -36.20 -6.34
CA GLY E 410 -12.75 -35.34 -6.97
C GLY E 410 -11.55 -36.11 -7.49
N PRO E 411 -10.88 -35.58 -8.51
CA PRO E 411 -9.71 -36.29 -9.06
C PRO E 411 -8.59 -36.49 -8.06
N ASN E 412 -8.37 -35.50 -7.18
CA ASN E 412 -7.30 -35.58 -6.20
C ASN E 412 -7.79 -35.15 -4.82
N SER E 413 -9.10 -35.29 -4.57
CA SER E 413 -9.64 -34.89 -3.29
C SER E 413 -9.10 -35.75 -2.16
N GLY E 414 -8.95 -37.05 -2.40
CA GLY E 414 -8.56 -37.96 -1.35
C GLY E 414 -9.68 -38.34 -0.41
N VAL E 415 -10.92 -37.95 -0.70
CA VAL E 415 -12.08 -38.27 0.11
C VAL E 415 -13.08 -39.01 -0.75
N PHE E 416 -13.53 -40.17 -0.27
CA PHE E 416 -14.39 -41.06 -1.03
C PHE E 416 -15.78 -41.09 -0.41
N GLY E 417 -16.76 -41.42 -1.23
CA GLY E 417 -18.14 -41.52 -0.77
C GLY E 417 -18.88 -42.58 -1.56
N THR E 418 -19.86 -43.20 -0.89
CA THR E 418 -20.65 -44.24 -1.55
C THR E 418 -21.69 -43.66 -2.49
N TYR E 419 -22.25 -42.50 -2.17
CA TYR E 419 -23.31 -41.93 -2.98
C TYR E 419 -22.78 -41.51 -4.35
N ASP E 420 -23.67 -41.54 -5.34
CA ASP E 420 -23.35 -41.07 -6.68
C ASP E 420 -23.66 -39.58 -6.78
N GLU E 421 -23.68 -39.06 -8.01
CA GLU E 421 -24.05 -37.67 -8.20
C GLU E 421 -25.55 -37.43 -8.08
N SER E 422 -26.35 -38.49 -8.20
CA SER E 422 -27.79 -38.40 -7.99
C SER E 422 -28.18 -38.62 -6.53
N ASP E 423 -27.20 -38.53 -5.61
CA ASP E 423 -27.43 -38.77 -4.18
C ASP E 423 -28.07 -40.12 -3.92
N LYS E 424 -27.65 -41.13 -4.67
CA LYS E 424 -28.18 -42.49 -4.54
C LYS E 424 -27.11 -43.34 -3.87
N SER E 425 -27.15 -43.37 -2.55
CA SER E 425 -26.16 -44.12 -1.78
C SER E 425 -26.24 -45.61 -2.08
N VAL E 426 -25.09 -46.27 -2.07
CA VAL E 426 -25.06 -47.71 -2.25
C VAL E 426 -25.77 -48.42 -1.10
N LEU E 427 -25.51 -47.98 0.13
CA LEU E 427 -26.11 -48.59 1.30
C LEU E 427 -27.47 -47.96 1.58
N LYS E 428 -28.50 -48.80 1.71
CA LYS E 428 -29.84 -48.34 2.00
C LYS E 428 -30.44 -49.18 3.11
N ILE E 429 -31.24 -48.55 3.96
CA ILE E 429 -31.90 -49.24 5.06
C ILE E 429 -33.11 -50.00 4.53
N THR E 430 -33.23 -51.26 4.92
CA THR E 430 -34.39 -52.04 4.55
C THR E 430 -35.64 -51.46 5.21
N ASP E 431 -36.76 -51.48 4.46
CA ASP E 431 -37.99 -50.86 4.93
C ASP E 431 -38.62 -51.63 6.09
N ASN E 432 -38.37 -52.92 6.22
CA ASN E 432 -38.95 -53.73 7.27
C ASN E 432 -38.06 -53.87 8.49
N ALA E 433 -37.19 -52.89 8.73
CA ALA E 433 -36.26 -52.96 9.85
C ALA E 433 -36.99 -52.90 11.18
N LYS E 434 -36.51 -53.66 12.16
CA LYS E 434 -37.11 -53.68 13.49
C LYS E 434 -36.50 -52.60 14.37
N ARG E 435 -37.35 -51.89 15.09
CA ARG E 435 -36.88 -50.80 15.95
C ARG E 435 -35.98 -51.35 17.05
N GLY E 436 -34.88 -50.65 17.29
CA GLY E 436 -33.88 -51.08 18.25
C GLY E 436 -32.76 -51.89 17.68
N THR E 437 -32.92 -52.45 16.49
CA THR E 437 -31.86 -53.19 15.82
C THR E 437 -30.92 -52.20 15.13
N SER E 438 -29.67 -52.62 14.95
CA SER E 438 -28.67 -51.74 14.37
C SER E 438 -27.68 -52.54 13.54
N ALA E 439 -26.99 -51.85 12.64
CA ALA E 439 -25.94 -52.41 11.82
C ALA E 439 -24.59 -51.87 12.26
N SER E 440 -23.54 -52.58 11.88
CA SER E 440 -22.18 -52.23 12.27
C SER E 440 -21.34 -52.05 11.02
N LEU E 441 -20.96 -50.80 10.74
CA LEU E 441 -20.05 -50.45 9.65
C LEU E 441 -18.68 -50.18 10.24
N ASP E 442 -17.67 -50.91 9.78
CA ASP E 442 -16.34 -50.87 10.37
C ASP E 442 -15.32 -50.48 9.31
N TYR E 443 -14.69 -49.33 9.50
CA TYR E 443 -13.56 -48.88 8.68
C TYR E 443 -12.45 -48.42 9.58
N ASN E 444 -11.21 -48.65 9.15
CA ASN E 444 -10.01 -48.34 9.94
C ASN E 444 -10.02 -49.05 11.28
N GLU E 445 -10.68 -50.22 11.32
CA GLU E 445 -10.84 -51.00 12.55
C GLU E 445 -11.45 -50.15 13.67
N THR E 446 -12.40 -49.30 13.30
CA THR E 446 -13.17 -48.48 14.23
C THR E 446 -14.64 -48.66 13.89
N PRO E 447 -15.24 -49.77 14.34
CA PRO E 447 -16.63 -50.05 13.95
C PRO E 447 -17.58 -48.96 14.41
N GLN E 448 -18.56 -48.64 13.56
CA GLN E 448 -19.58 -47.66 13.86
C GLN E 448 -20.95 -48.32 13.76
N THR E 449 -21.91 -47.77 14.50
CA THR E 449 -23.24 -48.33 14.59
C THR E 449 -24.22 -47.54 13.73
N ILE E 450 -25.14 -48.25 13.09
CA ILE E 450 -26.22 -47.63 12.35
C ILE E 450 -27.52 -47.93 13.08
N LEU E 451 -27.91 -47.05 13.98
CA LEU E 451 -29.06 -47.31 14.85
C LEU E 451 -30.36 -47.00 14.12
N VAL E 452 -31.40 -47.83 14.33
CA VAL E 452 -32.74 -47.61 13.70
C VAL E 452 -33.72 -47.09 14.75
N GLY E 453 -34.55 -46.09 14.42
CA GLY E 453 -35.45 -45.48 15.44
C GLY E 453 -36.49 -44.52 14.89
N PHE E 454 -37.20 -43.79 15.75
CA PHE E 454 -38.27 -42.84 15.34
C PHE E 454 -38.43 -41.78 16.44
N SER E 455 -39.33 -40.77 16.30
CA SER E 455 -39.37 -39.68 17.32
C SER E 455 -40.78 -39.10 17.56
N PHE E 456 -40.95 -38.34 18.66
CA PHE E 456 -42.27 -37.79 18.94
C PHE E 456 -42.48 -36.52 18.13
N ALA E 457 -43.58 -36.46 17.39
CA ALA E 457 -43.89 -35.30 16.57
C ALA E 457 -44.75 -34.30 17.35
N SER E 458 -44.86 -33.10 16.79
CA SER E 458 -45.65 -32.04 17.41
C SER E 458 -46.10 -31.09 16.31
N ILE E 459 -47.37 -31.22 15.90
CA ILE E 459 -47.94 -30.34 14.89
C ILE E 459 -48.55 -29.12 15.59
N ASP E 460 -48.16 -27.94 15.14
CA ASP E 460 -48.59 -26.70 15.76
C ASP E 460 -49.07 -25.73 14.68
N ILE E 461 -50.13 -25.00 15.00
CA ILE E 461 -50.66 -23.96 14.12
C ILE E 461 -50.40 -22.62 14.79
N GLN E 462 -49.65 -21.75 14.11
CA GLN E 462 -49.21 -20.46 14.66
C GLN E 462 -49.83 -19.34 13.84
N PRO E 463 -50.94 -18.76 14.31
CA PRO E 463 -51.50 -17.60 13.60
C PRO E 463 -50.60 -16.39 13.72
N VAL E 464 -50.68 -15.53 12.70
CA VAL E 464 -49.88 -14.30 12.71
C VAL E 464 -50.33 -13.34 13.80
N THR E 465 -51.55 -13.48 14.30
CA THR E 465 -52.07 -12.63 15.36
C THR E 465 -52.87 -13.51 16.32
N ASP E 466 -53.65 -12.86 17.19
CA ASP E 466 -54.41 -13.56 18.21
C ASP E 466 -55.73 -14.13 17.71
N GLU E 467 -56.11 -13.84 16.46
CA GLU E 467 -57.36 -14.33 15.90
C GLU E 467 -57.11 -14.82 14.48
N TRP E 468 -57.66 -15.99 14.16
CA TRP E 468 -57.52 -16.57 12.82
C TRP E 468 -58.72 -16.18 11.98
N THR E 469 -58.70 -14.94 11.49
CA THR E 469 -59.79 -14.43 10.68
C THR E 469 -59.70 -14.97 9.26
N SER E 470 -60.78 -14.79 8.51
CA SER E 470 -60.86 -15.31 7.16
C SER E 470 -59.87 -14.60 6.24
N GLY E 471 -59.41 -15.33 5.22
CA GLY E 471 -58.45 -14.78 4.28
C GLY E 471 -57.11 -14.45 4.88
N GLN E 472 -56.61 -15.31 5.77
CA GLN E 472 -55.32 -15.10 6.43
C GLN E 472 -54.57 -16.44 6.40
N GLU E 473 -53.58 -16.54 5.51
CA GLU E 473 -52.76 -17.74 5.43
C GLU E 473 -51.77 -17.74 6.59
N ILE E 474 -51.84 -18.78 7.43
CA ILE E 474 -50.97 -18.87 8.59
C ILE E 474 -50.14 -20.14 8.49
N PRO E 475 -48.86 -20.11 8.87
CA PRO E 475 -48.01 -21.28 8.71
C PRO E 475 -48.42 -22.44 9.60
N VAL E 476 -48.18 -23.65 9.10
CA VAL E 476 -48.38 -24.88 9.85
C VAL E 476 -47.01 -25.54 9.97
N VAL E 477 -46.57 -25.80 11.21
CA VAL E 477 -45.23 -26.32 11.48
C VAL E 477 -45.38 -27.73 12.01
N ILE E 478 -44.70 -28.67 11.35
CA ILE E 478 -44.69 -30.07 11.75
C ILE E 478 -43.24 -30.49 11.96
N VAL E 479 -42.92 -30.95 13.17
CA VAL E 479 -41.58 -31.41 13.51
C VAL E 479 -41.65 -32.92 13.67
N ASP E 480 -41.16 -33.64 12.66
CA ASP E 480 -41.20 -35.09 12.67
C ASP E 480 -39.94 -35.62 12.00
N ALA E 481 -39.06 -36.21 12.80
CA ALA E 481 -37.81 -36.77 12.25
C ALA E 481 -38.04 -38.06 11.47
N ASP E 482 -39.20 -38.69 11.64
CA ASP E 482 -39.47 -39.95 10.93
C ASP E 482 -39.60 -39.72 9.43
N GLN E 483 -40.11 -38.56 9.01
CA GLN E 483 -40.27 -38.26 7.60
C GLN E 483 -39.01 -37.72 6.95
N ASN E 484 -37.98 -37.37 7.75
CA ASN E 484 -36.71 -36.88 7.20
C ASN E 484 -35.83 -38.09 6.92
N LYS E 485 -36.08 -38.70 5.76
CA LYS E 485 -35.40 -39.93 5.37
C LYS E 485 -34.15 -39.68 4.54
N ASN E 486 -33.79 -38.43 4.29
CA ASN E 486 -32.59 -38.09 3.53
C ASN E 486 -31.96 -36.85 4.13
N SER E 487 -30.70 -36.95 4.53
CA SER E 487 -29.98 -35.86 5.17
C SER E 487 -29.28 -34.94 4.17
N ARG E 488 -29.31 -35.25 2.88
CA ARG E 488 -28.65 -34.46 1.87
C ARG E 488 -29.61 -33.90 0.82
N ALA E 489 -30.92 -33.94 1.09
CA ALA E 489 -31.90 -33.45 0.14
C ALA E 489 -33.14 -33.01 0.90
N ASP E 490 -34.11 -32.48 0.15
CA ASP E 490 -35.37 -32.02 0.71
C ASP E 490 -36.46 -33.06 0.45
N GLU E 491 -37.14 -33.48 1.50
CA GLU E 491 -38.22 -34.45 1.40
C GLU E 491 -39.55 -33.72 1.46
N ASP E 492 -40.34 -33.83 0.40
CA ASP E 492 -41.65 -33.21 0.30
C ASP E 492 -42.71 -34.29 0.42
N LEU E 493 -43.69 -34.07 1.30
CA LEU E 493 -44.79 -35.01 1.43
C LEU E 493 -45.60 -35.06 0.14
N ASP E 494 -46.20 -36.21 -0.12
CA ASP E 494 -46.96 -36.40 -1.36
C ASP E 494 -47.95 -37.54 -1.16
N LEU E 495 -49.23 -37.29 -1.45
CA LEU E 495 -50.21 -38.36 -1.46
C LEU E 495 -49.89 -39.39 -2.53
N ASN E 496 -49.39 -38.94 -3.68
CA ASN E 496 -49.07 -39.83 -4.79
C ASN E 496 -47.84 -40.67 -4.53
N ASN E 497 -47.08 -40.39 -3.46
CA ASN E 497 -45.86 -41.14 -3.17
C ASN E 497 -46.16 -42.17 -2.10
N PRO E 498 -46.16 -43.47 -2.43
CA PRO E 498 -46.38 -44.48 -1.38
C PRO E 498 -45.32 -44.47 -0.30
N ASP E 499 -44.10 -44.01 -0.61
CA ASP E 499 -43.05 -43.96 0.41
C ASP E 499 -43.41 -43.01 1.53
N VAL E 500 -44.05 -41.89 1.22
CA VAL E 500 -44.55 -40.98 2.24
C VAL E 500 -45.79 -41.60 2.86
N THR E 501 -45.62 -42.27 4.01
CA THR E 501 -46.70 -43.06 4.58
C THR E 501 -47.75 -42.19 5.25
N LEU E 502 -47.34 -41.13 5.93
CA LEU E 502 -48.23 -40.37 6.81
C LEU E 502 -48.31 -38.92 6.35
N ILE E 503 -49.54 -38.44 6.14
CA ILE E 503 -49.79 -37.06 5.72
C ILE E 503 -50.81 -36.44 6.66
N PRO E 504 -50.59 -35.22 7.13
CA PRO E 504 -51.62 -34.55 7.95
C PRO E 504 -52.87 -34.29 7.15
N ALA E 505 -54.01 -34.32 7.83
CA ALA E 505 -55.30 -34.14 7.18
C ALA E 505 -56.24 -33.34 8.07
N LEU E 506 -57.18 -32.65 7.43
CA LEU E 506 -58.23 -31.91 8.10
C LEU E 506 -59.54 -32.17 7.38
N ARG E 507 -60.63 -32.33 8.14
CA ARG E 507 -61.91 -32.65 7.55
C ARG E 507 -63.03 -31.98 8.36
N THR E 508 -64.12 -31.66 7.68
CA THR E 508 -65.30 -31.10 8.29
C THR E 508 -66.53 -31.85 7.80
N GLY E 509 -67.53 -31.96 8.67
CA GLY E 509 -68.72 -32.70 8.32
C GLY E 509 -68.44 -34.18 8.15
N ASP E 510 -69.12 -34.80 7.18
CA ASP E 510 -68.96 -36.22 6.87
C ASP E 510 -68.72 -36.36 5.38
N PRO E 511 -67.52 -36.02 4.89
CA PRO E 511 -67.22 -36.22 3.47
C PRO E 511 -67.17 -37.71 3.13
N PHE E 512 -67.58 -38.03 1.91
CA PHE E 512 -67.62 -39.41 1.44
C PHE E 512 -66.23 -39.79 0.91
N THR E 513 -65.42 -40.36 1.79
CA THR E 513 -64.10 -40.83 1.41
C THR E 513 -64.19 -42.21 0.77
N ILE E 514 -63.03 -42.76 0.41
CA ILE E 514 -62.99 -44.06 -0.24
C ILE E 514 -63.30 -45.19 0.73
N ASP E 515 -63.26 -44.93 2.04
CA ASP E 515 -63.45 -45.96 3.05
C ASP E 515 -64.67 -45.73 3.93
N GLU E 516 -65.67 -44.96 3.44
CA GLU E 516 -66.88 -44.76 4.23
C GLU E 516 -67.65 -46.07 4.43
N GLY E 517 -67.50 -47.01 3.51
CA GLY E 517 -68.17 -48.30 3.62
C GLY E 517 -67.26 -49.40 4.14
N GLY E 518 -66.16 -49.02 4.76
CA GLY E 518 -65.20 -49.98 5.26
C GLY E 518 -64.00 -50.12 4.34
N THR E 519 -63.28 -51.22 4.53
CA THR E 519 -62.10 -51.49 3.72
C THR E 519 -62.50 -51.85 2.30
N PRO E 520 -62.02 -51.12 1.29
CA PRO E 520 -62.41 -51.41 -0.09
C PRO E 520 -61.67 -52.61 -0.65
N SER E 521 -62.11 -53.05 -1.83
CA SER E 521 -61.47 -54.13 -2.57
C SER E 521 -61.19 -53.64 -3.98
N LEU E 522 -59.92 -53.68 -4.38
CA LEU E 522 -59.47 -53.15 -5.66
C LEU E 522 -58.79 -54.24 -6.47
N ILE E 523 -59.13 -54.30 -7.76
CA ILE E 523 -58.54 -55.26 -8.70
C ILE E 523 -58.16 -54.53 -9.98
N PHE E 524 -57.30 -55.17 -10.77
CA PHE E 524 -56.88 -54.66 -12.06
C PHE E 524 -57.24 -55.66 -13.14
N THR E 525 -57.58 -55.15 -14.33
CA THR E 525 -58.07 -55.98 -15.42
C THR E 525 -57.56 -55.42 -16.74
N ASN E 526 -57.21 -56.32 -17.66
CA ASN E 526 -56.81 -55.96 -19.01
C ASN E 526 -57.82 -56.49 -20.01
N GLY E 527 -58.16 -55.67 -21.00
CA GLY E 527 -59.12 -56.06 -22.01
C GLY E 527 -59.63 -54.84 -22.76
N THR E 528 -60.82 -55.00 -23.34
CA THR E 528 -61.47 -53.96 -24.12
C THR E 528 -62.82 -53.61 -23.51
N ASN E 529 -63.17 -52.33 -23.54
CA ASN E 529 -64.45 -51.89 -22.99
C ASN E 529 -65.61 -52.26 -23.90
N GLY E 530 -65.40 -52.17 -25.21
CA GLY E 530 -66.46 -52.45 -26.17
C GLY E 530 -67.32 -51.24 -26.45
N ASP E 531 -68.17 -51.38 -27.48
CA ASP E 531 -69.06 -50.30 -27.87
C ASP E 531 -70.19 -50.07 -26.89
N ASP E 532 -70.62 -51.12 -26.17
CA ASP E 532 -71.68 -50.98 -25.17
C ASP E 532 -71.09 -50.67 -23.80
N SER E 533 -70.27 -49.62 -23.74
CA SER E 533 -69.63 -49.21 -22.49
C SER E 533 -69.70 -47.69 -22.38
N ILE E 534 -69.80 -47.22 -21.14
CA ILE E 534 -69.89 -45.78 -20.89
C ILE E 534 -68.55 -45.07 -21.08
N PHE E 535 -67.44 -45.81 -21.04
CA PHE E 535 -66.13 -45.16 -21.13
C PHE E 535 -65.88 -44.60 -22.52
N ASP E 536 -66.32 -45.30 -23.57
CA ASP E 536 -66.09 -44.86 -24.94
C ASP E 536 -67.24 -44.01 -25.48
N THR E 537 -68.48 -44.50 -25.34
CA THR E 537 -69.63 -43.77 -25.87
C THR E 537 -69.97 -42.54 -25.03
N GLY E 538 -69.77 -42.64 -23.71
CA GLY E 538 -70.13 -41.55 -22.84
C GLY E 538 -69.23 -40.34 -22.99
N ALA E 539 -69.78 -39.18 -22.63
CA ALA E 539 -69.06 -37.92 -22.69
C ALA E 539 -69.68 -36.96 -21.68
N ILE E 540 -68.93 -35.93 -21.32
CA ILE E 540 -69.39 -34.92 -20.37
C ILE E 540 -70.23 -33.91 -21.15
N ASN E 541 -71.54 -34.01 -21.04
CA ASN E 541 -72.45 -33.07 -21.69
C ASN E 541 -73.66 -32.71 -20.84
N ASN E 542 -73.71 -33.14 -19.58
CA ASN E 542 -74.85 -32.93 -18.68
C ASN E 542 -76.15 -33.51 -19.24
N THR E 543 -76.05 -34.54 -20.07
CA THR E 543 -77.20 -35.22 -20.63
C THR E 543 -77.34 -36.60 -20.00
N SER E 544 -78.59 -37.03 -19.82
CA SER E 544 -78.86 -38.32 -19.19
C SER E 544 -78.25 -39.47 -19.98
N ALA E 545 -78.45 -39.46 -21.30
CA ALA E 545 -77.87 -40.51 -22.14
C ALA E 545 -76.36 -40.39 -22.20
N GLY E 546 -75.86 -39.16 -22.27
CA GLY E 546 -74.43 -38.92 -22.42
C GLY E 546 -73.58 -39.34 -21.24
N GLN E 547 -74.04 -39.06 -20.02
CA GLN E 547 -73.25 -39.32 -18.83
C GLN E 547 -73.71 -40.54 -18.02
N VAL E 548 -74.91 -41.03 -18.25
CA VAL E 548 -75.45 -42.18 -17.52
C VAL E 548 -75.77 -43.28 -18.52
N GLY E 549 -75.28 -44.48 -18.24
CA GLY E 549 -75.51 -45.61 -19.11
C GLY E 549 -75.21 -46.94 -18.46
N ASN E 550 -74.59 -47.86 -19.23
CA ASN E 550 -74.24 -49.17 -18.73
C ASN E 550 -72.76 -49.43 -18.99
N PHE E 551 -72.15 -50.23 -18.11
CA PHE E 551 -70.73 -50.57 -18.21
C PHE E 551 -70.61 -52.06 -18.52
N THR E 552 -69.93 -52.37 -19.62
CA THR E 552 -69.66 -53.74 -20.03
C THR E 552 -68.18 -53.88 -20.36
N LEU E 553 -67.69 -55.11 -20.27
CA LEU E 553 -66.27 -55.36 -20.51
C LEU E 553 -66.07 -56.83 -20.85
N ASN E 554 -64.94 -57.10 -21.51
CA ASN E 554 -64.47 -58.46 -21.76
C ASN E 554 -63.04 -58.57 -21.27
N ILE E 555 -62.71 -59.69 -20.64
CA ILE E 555 -61.45 -59.87 -19.94
C ILE E 555 -60.60 -60.90 -20.68
N ASN E 556 -59.34 -60.54 -20.96
CA ASN E 556 -58.37 -61.44 -21.56
C ASN E 556 -57.10 -61.37 -20.71
N VAL E 557 -57.05 -62.21 -19.68
CA VAL E 557 -55.93 -62.23 -18.75
C VAL E 557 -55.16 -63.55 -18.82
N THR E 558 -55.24 -64.25 -19.96
CA THR E 558 -54.55 -65.52 -20.09
C THR E 558 -53.03 -65.36 -19.99
N ARG E 559 -52.49 -64.31 -20.62
CA ARG E 559 -51.06 -64.08 -20.60
C ARG E 559 -50.55 -63.61 -19.25
N PHE E 560 -51.43 -63.20 -18.34
CA PHE E 560 -51.00 -62.73 -17.03
C PHE E 560 -50.56 -63.90 -16.16
N SER E 561 -49.91 -63.55 -15.05
CA SER E 561 -49.46 -64.56 -14.10
C SER E 561 -50.67 -65.23 -13.44
N SER E 562 -50.63 -66.57 -13.41
CA SER E 562 -51.70 -67.38 -12.81
C SER E 562 -53.01 -67.27 -13.58
N ALA E 563 -53.02 -66.50 -14.66
CA ALA E 563 -54.19 -66.32 -15.51
C ALA E 563 -55.41 -65.89 -14.71
N THR E 564 -55.21 -64.94 -13.81
CA THR E 564 -56.25 -64.44 -12.93
C THR E 564 -56.20 -62.93 -12.87
N ASN E 565 -57.31 -62.35 -12.41
CA ASN E 565 -57.37 -60.90 -12.23
C ASN E 565 -56.37 -60.47 -11.16
N ILE E 566 -55.80 -59.28 -11.35
CA ILE E 566 -54.74 -58.78 -10.48
C ILE E 566 -55.38 -58.30 -9.18
N THR E 567 -55.36 -59.15 -8.16
CA THR E 567 -55.83 -58.75 -6.84
C THR E 567 -54.76 -57.95 -6.11
N SER E 568 -55.17 -57.30 -5.02
CA SER E 568 -54.26 -56.44 -4.29
C SER E 568 -54.66 -56.40 -2.82
N THR E 569 -53.70 -56.00 -1.99
CA THR E 569 -53.91 -55.82 -0.56
C THR E 569 -54.24 -54.35 -0.30
N GLU E 570 -55.33 -54.10 0.43
CA GLU E 570 -55.87 -52.76 0.62
C GLU E 570 -55.68 -52.31 2.06
N SER E 571 -55.21 -51.08 2.23
CA SER E 571 -55.04 -50.48 3.54
C SER E 571 -55.52 -49.04 3.48
N ILE E 572 -56.02 -48.54 4.61
CA ILE E 572 -56.60 -47.21 4.71
C ILE E 572 -55.95 -46.47 5.86
N ASP E 573 -55.53 -45.23 5.61
CA ASP E 573 -55.03 -44.37 6.68
C ASP E 573 -56.18 -43.79 7.47
N THR E 574 -55.95 -43.57 8.77
CA THR E 574 -57.00 -43.13 9.66
C THR E 574 -57.38 -41.66 9.48
N PHE E 575 -56.45 -40.81 9.01
CA PHE E 575 -56.71 -39.38 8.89
C PHE E 575 -56.74 -38.92 7.45
N SER E 576 -55.66 -39.15 6.68
CA SER E 576 -55.67 -38.77 5.27
C SER E 576 -56.62 -39.64 4.45
N LYS E 577 -57.06 -40.77 5.00
CA LYS E 577 -58.00 -41.69 4.35
C LYS E 577 -57.45 -42.23 3.03
N ARG E 578 -56.14 -42.19 2.86
CA ARG E 578 -55.53 -42.67 1.62
C ARG E 578 -55.60 -44.20 1.56
N LEU E 579 -55.93 -44.70 0.37
CA LEU E 579 -55.95 -46.13 0.11
C LEU E 579 -54.61 -46.53 -0.50
N ILE E 580 -53.90 -47.43 0.15
CA ILE E 580 -52.62 -47.94 -0.32
C ILE E 580 -52.83 -49.37 -0.81
N SER E 581 -52.49 -49.60 -2.08
CA SER E 581 -52.68 -50.89 -2.72
C SER E 581 -51.36 -51.62 -2.84
N ALA E 582 -51.29 -52.82 -2.28
CA ALA E 582 -50.09 -53.65 -2.33
C ALA E 582 -50.32 -54.80 -3.30
N GLN E 583 -49.39 -54.97 -4.24
CA GLN E 583 -49.52 -56.00 -5.26
C GLN E 583 -48.14 -56.32 -5.80
N THR E 584 -48.10 -57.27 -6.73
CA THR E 584 -46.84 -57.67 -7.35
C THR E 584 -46.26 -56.52 -8.17
N ALA E 585 -44.97 -56.27 -7.99
CA ALA E 585 -44.27 -55.19 -8.69
C ALA E 585 -43.70 -55.67 -10.01
N ASN E 586 -44.60 -56.05 -10.92
CA ASN E 586 -44.21 -56.52 -12.24
C ASN E 586 -44.10 -55.33 -13.19
N SER E 587 -42.92 -55.18 -13.82
CA SER E 587 -42.67 -54.07 -14.73
C SER E 587 -42.14 -54.56 -16.08
N SER E 588 -42.56 -55.74 -16.53
CA SER E 588 -42.10 -56.25 -17.80
C SER E 588 -42.68 -55.44 -18.95
N ALA E 589 -41.98 -55.49 -20.10
CA ALA E 589 -42.46 -54.77 -21.28
C ALA E 589 -43.77 -55.36 -21.79
N ASN E 590 -43.94 -56.68 -21.69
CA ASN E 590 -45.17 -57.33 -22.14
C ASN E 590 -46.36 -57.02 -21.24
N PHE E 591 -46.12 -56.47 -20.05
CA PHE E 591 -47.21 -56.13 -19.14
C PHE E 591 -48.06 -55.02 -19.74
N ASP E 592 -49.38 -55.25 -19.77
CA ASP E 592 -50.32 -54.26 -20.25
C ASP E 592 -51.63 -54.42 -19.50
N VAL E 593 -52.03 -53.38 -18.77
CA VAL E 593 -53.27 -53.38 -18.01
C VAL E 593 -54.02 -52.10 -18.34
N ASP E 594 -55.34 -52.20 -18.41
CA ASP E 594 -56.17 -51.06 -18.83
C ASP E 594 -57.26 -50.71 -17.83
N PHE E 595 -57.91 -51.69 -17.22
CA PHE E 595 -59.06 -51.46 -16.36
C PHE E 595 -58.66 -51.53 -14.89
N ALA E 596 -59.57 -51.06 -14.04
CA ALA E 596 -59.41 -51.15 -12.60
C ALA E 596 -60.78 -50.95 -11.96
N ILE E 597 -61.25 -51.96 -11.23
CA ILE E 597 -62.55 -51.93 -10.58
C ILE E 597 -62.34 -52.02 -9.08
N ILE E 598 -62.96 -51.12 -8.34
CA ILE E 598 -62.85 -51.07 -6.89
C ILE E 598 -64.24 -50.92 -6.28
N ASP E 599 -64.51 -51.73 -5.26
CA ASP E 599 -65.76 -51.68 -4.51
C ASP E 599 -65.49 -51.11 -3.12
N LEU E 600 -66.41 -50.26 -2.66
CA LEU E 600 -66.23 -49.57 -1.38
C LEU E 600 -66.76 -50.38 -0.21
N GLY E 601 -66.34 -51.65 -0.13
CA GLY E 601 -66.79 -52.50 0.96
C GLY E 601 -68.29 -52.68 0.94
N SER E 602 -68.94 -52.32 2.04
CA SER E 602 -70.38 -52.44 2.20
C SER E 602 -71.12 -51.13 1.93
N ALA E 603 -70.46 -50.16 1.32
CA ALA E 603 -71.09 -48.87 1.06
C ALA E 603 -72.22 -49.03 0.03
N THR E 604 -73.31 -48.30 0.25
CA THR E 604 -74.46 -48.33 -0.65
C THR E 604 -74.90 -46.92 -0.99
N LEU E 605 -76.04 -46.78 -1.67
CA LEU E 605 -76.58 -45.46 -1.96
C LEU E 605 -76.97 -44.74 -0.67
N GLU E 606 -77.32 -45.48 0.38
CA GLU E 606 -77.59 -44.85 1.67
C GLU E 606 -76.33 -44.19 2.24
N THR E 607 -75.19 -44.86 2.11
CA THR E 607 -73.92 -44.29 2.57
C THR E 607 -73.43 -43.16 1.68
N LEU E 608 -74.00 -43.01 0.48
CA LEU E 608 -73.62 -41.92 -0.42
C LEU E 608 -74.54 -40.71 -0.29
N LYS E 609 -75.82 -40.93 -0.01
CA LYS E 609 -76.77 -39.82 0.06
C LYS E 609 -76.58 -38.96 1.30
N GLU E 610 -75.87 -39.46 2.31
CA GLU E 610 -75.58 -38.63 3.47
C GLU E 610 -74.65 -37.48 3.12
N THR E 611 -73.79 -37.68 2.12
CA THR E 611 -72.92 -36.62 1.62
C THR E 611 -73.41 -36.07 0.29
N VAL E 612 -73.65 -36.93 -0.69
CA VAL E 612 -74.18 -36.48 -1.99
C VAL E 612 -75.64 -36.06 -1.80
N VAL E 613 -75.95 -34.83 -2.16
CA VAL E 613 -77.29 -34.28 -2.01
C VAL E 613 -77.88 -34.03 -3.39
N ASP E 614 -79.21 -33.97 -3.45
CA ASP E 614 -79.92 -33.72 -4.70
C ASP E 614 -79.86 -32.23 -5.01
N GLU E 615 -79.12 -31.86 -6.05
CA GLU E 615 -78.97 -30.46 -6.40
C GLU E 615 -80.27 -29.84 -6.90
N ASP E 616 -81.20 -30.65 -7.40
CA ASP E 616 -82.45 -30.12 -7.93
C ASP E 616 -83.42 -29.72 -6.83
N ASN E 617 -83.43 -30.43 -5.71
CA ASN E 617 -84.38 -30.15 -4.63
C ASN E 617 -83.84 -29.20 -3.57
N THR E 618 -82.55 -29.27 -3.26
CA THR E 618 -81.98 -28.36 -2.27
C THR E 618 -81.92 -26.93 -2.81
N ALA E 619 -82.14 -25.97 -1.92
CA ALA E 619 -82.09 -24.56 -2.32
C ALA E 619 -80.70 -24.20 -2.84
N VAL E 620 -79.67 -24.52 -2.07
CA VAL E 620 -78.28 -24.32 -2.47
C VAL E 620 -77.51 -25.60 -2.19
N GLY E 621 -76.86 -26.14 -3.21
CA GLY E 621 -76.09 -27.36 -3.04
C GLY E 621 -75.25 -27.71 -4.25
N PHE E 622 -73.99 -28.06 -4.01
CA PHE E 622 -73.08 -28.45 -5.08
C PHE E 622 -72.31 -29.70 -4.66
N ASN E 623 -71.97 -30.52 -5.64
CA ASN E 623 -71.24 -31.77 -5.42
C ASN E 623 -69.94 -31.71 -6.20
N PHE E 624 -68.85 -32.13 -5.56
CA PHE E 624 -67.52 -32.08 -6.15
C PHE E 624 -66.83 -33.42 -5.98
N PHE E 625 -66.01 -33.78 -6.97
CA PHE E 625 -65.28 -35.04 -6.97
C PHE E 625 -63.80 -34.73 -7.12
N ASN E 626 -63.02 -35.09 -6.11
CA ASN E 626 -61.57 -34.90 -6.11
C ASN E 626 -60.88 -36.25 -6.15
N TYR E 627 -59.96 -36.42 -7.11
CA TYR E 627 -59.27 -37.69 -7.27
C TYR E 627 -57.78 -37.45 -7.49
N ASP E 628 -56.97 -38.41 -7.03
CA ASP E 628 -55.52 -38.35 -7.18
C ASP E 628 -55.03 -39.74 -7.56
N VAL E 629 -54.63 -39.91 -8.82
CA VAL E 629 -54.13 -41.19 -9.32
C VAL E 629 -52.76 -40.98 -9.97
N ARG E 630 -52.01 -40.00 -9.47
CA ARG E 630 -50.72 -39.69 -10.07
C ARG E 630 -49.74 -40.85 -9.99
N SER E 631 -49.85 -41.68 -8.95
CA SER E 631 -48.92 -42.80 -8.80
C SER E 631 -49.05 -43.82 -9.91
N LEU E 632 -50.20 -43.92 -10.56
CA LEU E 632 -50.36 -44.84 -11.68
C LEU E 632 -49.55 -44.41 -12.89
N GLY E 633 -49.36 -43.11 -13.08
CA GLY E 633 -48.64 -42.62 -14.24
C GLY E 633 -49.33 -42.88 -15.55
N ALA E 634 -50.66 -42.80 -15.57
CA ALA E 634 -51.41 -43.04 -16.80
C ALA E 634 -51.47 -41.78 -17.66
N ASP E 635 -51.46 -41.98 -18.97
CA ASP E 635 -51.55 -40.85 -19.89
C ASP E 635 -52.90 -40.17 -19.80
N THR E 636 -53.97 -40.95 -19.86
CA THR E 636 -55.33 -40.45 -19.70
C THR E 636 -56.05 -41.26 -18.62
N VAL E 637 -56.93 -40.58 -17.88
CA VAL E 637 -57.64 -41.19 -16.76
C VAL E 637 -59.13 -40.99 -16.96
N SER E 638 -59.90 -42.06 -16.80
CA SER E 638 -61.35 -42.02 -16.86
C SER E 638 -61.93 -42.71 -15.64
N ILE E 639 -62.90 -42.06 -15.00
CA ILE E 639 -63.53 -42.56 -13.78
C ILE E 639 -65.04 -42.56 -13.96
N ALA E 640 -65.68 -43.67 -13.61
CA ALA E 640 -67.13 -43.80 -13.70
C ALA E 640 -67.66 -44.37 -12.40
N LEU E 641 -68.90 -44.00 -12.06
CA LEU E 641 -69.56 -44.50 -10.86
C LEU E 641 -70.51 -45.62 -11.23
N LEU E 642 -70.45 -46.72 -10.47
CA LEU E 642 -71.25 -47.90 -10.73
C LEU E 642 -72.24 -48.11 -9.60
N ASN E 643 -73.48 -48.46 -9.95
CA ASN E 643 -74.51 -48.78 -8.97
C ASN E 643 -75.20 -50.07 -9.38
N THR E 644 -75.29 -51.02 -8.45
CA THR E 644 -75.92 -52.31 -8.75
C THR E 644 -76.43 -52.92 -7.45
N THR E 645 -77.47 -53.74 -7.58
CA THR E 645 -78.05 -54.42 -6.43
C THR E 645 -77.29 -55.67 -6.01
N GLY E 646 -76.36 -56.14 -6.84
CA GLY E 646 -75.57 -57.33 -6.54
C GLY E 646 -74.13 -56.99 -6.20
N ASN E 647 -73.29 -58.01 -6.25
CA ASN E 647 -71.88 -57.84 -5.96
C ASN E 647 -71.16 -57.19 -7.13
N ILE E 648 -70.12 -56.42 -6.82
CA ILE E 648 -69.33 -55.76 -7.84
C ILE E 648 -68.25 -56.67 -8.40
N LEU E 649 -67.58 -57.43 -7.53
CA LEU E 649 -66.54 -58.37 -7.96
C LEU E 649 -67.06 -59.79 -7.85
N PRO E 650 -67.09 -60.56 -8.94
CA PRO E 650 -66.73 -60.19 -10.32
C PRO E 650 -67.81 -59.36 -11.00
N TRP E 651 -67.46 -58.60 -12.03
CA TRP E 651 -68.44 -57.76 -12.70
C TRP E 651 -69.22 -58.57 -13.73
N VAL E 652 -70.35 -58.00 -14.15
CA VAL E 652 -71.23 -58.63 -15.14
C VAL E 652 -71.37 -57.71 -16.34
N ASN E 653 -72.16 -58.13 -17.32
CA ASN E 653 -72.35 -57.37 -18.54
C ASN E 653 -73.83 -57.28 -18.88
N ASN E 654 -74.18 -56.28 -19.68
CA ASN E 654 -75.57 -56.10 -20.10
C ASN E 654 -76.06 -57.30 -20.91
N ASP E 655 -75.22 -57.82 -21.79
CA ASP E 655 -75.59 -58.97 -22.61
C ASP E 655 -75.73 -60.25 -21.80
N THR E 656 -75.25 -60.27 -20.56
CA THR E 656 -75.34 -61.44 -19.69
C THR E 656 -76.56 -61.42 -18.79
N ARG E 657 -76.80 -60.31 -18.10
CA ARG E 657 -77.93 -60.18 -17.19
C ARG E 657 -78.57 -58.81 -17.36
N ASN E 658 -79.84 -58.72 -16.98
CA ASN E 658 -80.61 -57.49 -17.07
C ASN E 658 -81.27 -57.18 -15.73
N VAL E 659 -80.56 -57.45 -14.63
CA VAL E 659 -81.11 -57.19 -13.31
C VAL E 659 -81.24 -55.69 -13.07
N ASP E 660 -80.24 -54.92 -13.46
CA ASP E 660 -80.21 -53.48 -13.26
C ASP E 660 -80.48 -52.76 -14.58
N LYS E 661 -81.42 -51.81 -14.55
CA LYS E 661 -81.73 -51.05 -15.75
C LYS E 661 -80.54 -50.19 -16.18
N ASN E 662 -79.84 -49.59 -15.21
CA ASN E 662 -78.67 -48.78 -15.50
C ASN E 662 -77.69 -48.92 -14.35
N ASN E 663 -76.41 -49.07 -14.68
CA ASN E 663 -75.40 -49.31 -13.66
C ASN E 663 -74.11 -48.52 -13.87
N ALA E 664 -74.14 -47.48 -14.70
CA ALA E 664 -72.94 -46.70 -14.97
C ALA E 664 -73.28 -45.22 -14.94
N ILE E 665 -72.48 -44.45 -14.21
CA ILE E 665 -72.61 -42.99 -14.14
C ILE E 665 -71.22 -42.43 -14.37
N LEU E 666 -70.98 -41.89 -15.56
CA LEU E 666 -69.67 -41.38 -15.90
C LEU E 666 -69.40 -40.07 -15.16
N LEU E 667 -68.19 -39.94 -14.62
CA LEU E 667 -67.77 -38.74 -13.91
C LEU E 667 -66.61 -38.05 -14.60
N VAL E 668 -65.56 -38.79 -14.95
CA VAL E 668 -64.39 -38.23 -15.62
C VAL E 668 -64.11 -39.07 -16.87
N SER E 669 -63.87 -38.38 -17.99
CA SER E 669 -63.68 -39.05 -19.27
C SER E 669 -62.37 -38.57 -19.90
N ASN E 670 -61.37 -39.45 -19.89
CA ASN E 670 -60.10 -39.23 -20.60
C ASN E 670 -59.43 -37.92 -20.18
N SER E 671 -59.39 -37.67 -18.89
CA SER E 671 -58.69 -36.50 -18.38
C SER E 671 -57.18 -36.67 -18.52
N THR E 672 -56.51 -35.63 -18.98
CA THR E 672 -55.07 -35.66 -19.14
C THR E 672 -54.32 -35.40 -17.83
N ASN E 673 -55.02 -34.96 -16.78
CA ASN E 673 -54.41 -34.67 -15.50
C ASN E 673 -54.88 -35.68 -14.46
N SER E 674 -53.93 -36.34 -13.79
CA SER E 674 -54.30 -37.26 -12.72
C SER E 674 -54.78 -36.52 -11.49
N GLN E 675 -54.31 -35.29 -11.28
CA GLN E 675 -54.80 -34.44 -10.21
C GLN E 675 -55.87 -33.50 -10.77
N ALA E 676 -57.07 -33.59 -10.20
CA ALA E 676 -58.17 -32.74 -10.66
C ALA E 676 -59.21 -32.62 -9.56
N TYR E 677 -59.78 -31.42 -9.45
CA TYR E 677 -60.85 -31.13 -8.49
C TYR E 677 -61.98 -30.50 -9.30
N VAL E 678 -62.84 -31.33 -9.87
CA VAL E 678 -63.83 -30.90 -10.84
C VAL E 678 -65.21 -30.85 -10.20
N ASP E 679 -66.03 -29.93 -10.69
CA ASP E 679 -67.41 -29.80 -10.22
C ASP E 679 -68.29 -30.81 -10.95
N LEU E 680 -68.97 -31.67 -10.19
CA LEU E 680 -69.85 -32.65 -10.79
C LEU E 680 -71.05 -31.96 -11.42
N THR E 681 -71.46 -32.46 -12.60
CA THR E 681 -72.62 -31.91 -13.27
C THR E 681 -73.91 -32.33 -12.57
N ASN E 682 -74.99 -31.63 -12.90
CA ASN E 682 -76.29 -31.96 -12.34
C ASN E 682 -76.77 -33.34 -12.76
N ALA E 683 -76.24 -33.88 -13.86
CA ALA E 683 -76.64 -35.20 -14.31
C ALA E 683 -76.26 -36.27 -13.29
N VAL E 684 -75.09 -36.14 -12.66
CA VAL E 684 -74.67 -37.10 -11.65
C VAL E 684 -75.62 -37.08 -10.45
N SER E 685 -75.96 -35.87 -9.99
CA SER E 685 -76.87 -35.74 -8.86
C SER E 685 -78.25 -36.30 -9.20
N ASP E 686 -78.73 -36.05 -10.42
CA ASP E 686 -80.01 -36.60 -10.83
C ASP E 686 -79.96 -38.13 -10.88
N ALA E 687 -78.87 -38.69 -11.40
CA ALA E 687 -78.75 -40.14 -11.50
C ALA E 687 -78.61 -40.79 -10.13
N VAL E 688 -78.07 -40.07 -9.15
CA VAL E 688 -77.98 -40.61 -7.80
C VAL E 688 -79.38 -40.87 -7.24
N TYR E 689 -80.31 -39.95 -7.48
CA TYR E 689 -81.70 -40.10 -7.06
C TYR E 689 -82.60 -40.54 -8.21
N GLY E 690 -82.02 -40.98 -9.32
CA GLY E 690 -82.78 -41.34 -10.50
C GLY E 690 -83.29 -42.76 -10.55
N SER E 691 -83.13 -43.53 -9.48
CA SER E 691 -83.59 -44.92 -9.43
C SER E 691 -84.69 -45.05 -8.39
N THR E 692 -85.79 -45.70 -8.77
CA THR E 692 -86.92 -45.89 -7.88
C THR E 692 -86.74 -47.06 -6.92
N ASN E 693 -85.70 -47.87 -7.10
CA ASN E 693 -85.46 -48.99 -6.21
C ASN E 693 -84.96 -48.51 -4.85
N THR E 694 -85.00 -49.42 -3.88
CA THR E 694 -84.53 -49.09 -2.53
C THR E 694 -83.04 -48.75 -2.55
N ASP E 695 -82.69 -47.63 -1.93
CA ASP E 695 -81.30 -47.19 -1.91
C ASP E 695 -80.42 -48.13 -1.10
N SER E 696 -80.96 -48.76 -0.07
CA SER E 696 -80.18 -49.67 0.75
C SER E 696 -79.98 -51.02 0.08
N ASN E 697 -80.78 -51.34 -0.94
CA ASN E 697 -80.69 -52.62 -1.63
C ASN E 697 -79.76 -52.59 -2.83
N VAL E 698 -79.12 -51.46 -3.11
CA VAL E 698 -78.24 -51.30 -4.26
C VAL E 698 -76.88 -50.82 -3.77
N ASN E 699 -75.83 -51.52 -4.18
CA ASN E 699 -74.46 -51.17 -3.83
C ASN E 699 -73.89 -50.17 -4.82
N ILE E 700 -72.71 -49.65 -4.50
CA ILE E 700 -72.03 -48.66 -5.32
C ILE E 700 -70.62 -49.16 -5.65
N GLY E 701 -70.19 -48.93 -6.88
CA GLY E 701 -68.87 -49.31 -7.30
C GLY E 701 -68.21 -48.20 -8.09
N PHE E 702 -66.88 -48.18 -8.03
CA PHE E 702 -66.08 -47.17 -8.71
C PHE E 702 -65.21 -47.84 -9.77
N ALA E 703 -65.20 -47.26 -10.97
CA ALA E 703 -64.53 -47.84 -12.12
C ALA E 703 -63.42 -46.93 -12.61
N MET E 704 -62.40 -47.53 -13.21
CA MET E 704 -61.26 -46.81 -13.75
C MET E 704 -60.95 -47.33 -15.15
N TYR E 705 -60.68 -46.42 -16.08
CA TYR E 705 -60.15 -46.76 -17.39
C TYR E 705 -59.01 -45.81 -17.71
N PHE E 706 -57.86 -46.37 -18.10
CA PHE E 706 -56.69 -45.56 -18.35
C PHE E 706 -55.77 -46.27 -19.34
N THR E 707 -54.83 -45.50 -19.89
CA THR E 707 -53.84 -46.00 -20.83
C THR E 707 -52.45 -45.59 -20.37
N GLY E 708 -51.44 -46.27 -20.92
CA GLY E 708 -50.06 -45.97 -20.57
C GLY E 708 -49.69 -46.27 -19.14
N VAL E 709 -50.18 -47.39 -18.59
CA VAL E 709 -49.91 -47.76 -17.21
C VAL E 709 -49.30 -49.16 -17.20
N GLY E 710 -48.56 -49.49 -18.26
CA GLY E 710 -48.05 -50.84 -18.43
C GLY E 710 -47.01 -51.29 -17.43
N ASP E 711 -46.83 -50.53 -16.35
CA ASP E 711 -45.95 -50.91 -15.26
C ASP E 711 -46.59 -50.51 -13.94
N LEU E 712 -46.60 -51.45 -13.00
CA LEU E 712 -47.17 -51.24 -11.67
C LEU E 712 -46.08 -51.44 -10.62
N ALA E 713 -46.02 -50.52 -9.67
CA ALA E 713 -45.04 -50.60 -8.60
C ALA E 713 -45.53 -51.53 -7.49
N ALA E 714 -44.70 -51.72 -6.47
CA ALA E 714 -45.09 -52.57 -5.35
C ALA E 714 -46.28 -52.00 -4.61
N LYS E 715 -46.29 -50.70 -4.38
CA LYS E 715 -47.38 -50.02 -3.68
C LYS E 715 -47.97 -48.95 -4.57
N GLU E 716 -49.30 -48.87 -4.61
CA GLU E 716 -50.02 -47.86 -5.36
C GLU E 716 -51.05 -47.20 -4.45
N VAL E 717 -51.29 -45.92 -4.67
CA VAL E 717 -52.18 -45.12 -3.84
C VAL E 717 -53.33 -44.60 -4.67
N ILE E 718 -54.55 -44.73 -4.14
CA ILE E 718 -55.75 -44.24 -4.79
C ILE E 718 -56.51 -43.37 -3.78
N VAL E 719 -56.68 -42.10 -4.12
CA VAL E 719 -57.40 -41.16 -3.26
C VAL E 719 -58.44 -40.45 -4.12
N MET E 720 -59.72 -40.70 -3.85
CA MET E 720 -60.82 -40.03 -4.55
C MET E 720 -62.05 -40.02 -3.65
N ASP E 721 -62.42 -38.83 -3.19
CA ASP E 721 -63.52 -38.62 -2.27
C ASP E 721 -64.61 -37.78 -2.92
N PHE E 722 -65.68 -37.54 -2.17
CA PHE E 722 -66.79 -36.71 -2.59
C PHE E 722 -66.95 -35.51 -1.67
N PHE E 723 -67.20 -34.34 -2.25
CA PHE E 723 -67.40 -33.10 -1.51
C PHE E 723 -68.83 -32.60 -1.72
N SER E 724 -69.33 -31.86 -0.73
CA SER E 724 -70.67 -31.30 -0.80
C SER E 724 -70.75 -30.08 0.10
N PHE E 725 -71.41 -29.03 -0.40
CA PHE E 725 -71.60 -27.80 0.36
C PHE E 725 -72.96 -27.22 0.00
N GLY E 726 -73.47 -26.37 0.88
CA GLY E 726 -74.72 -25.67 0.65
C GLY E 726 -75.57 -25.66 1.91
N PHE E 727 -76.84 -25.32 1.72
CA PHE E 727 -77.80 -25.25 2.81
C PHE E 727 -79.20 -25.44 2.25
N THR E 728 -80.15 -25.71 3.15
CA THR E 728 -81.52 -25.98 2.77
C THR E 728 -82.45 -24.96 3.43
N ASP E 729 -83.62 -24.78 2.81
CA ASP E 729 -84.65 -23.82 3.21
C ASP E 729 -84.06 -22.51 3.72
N ASP E 730 -84.51 -22.02 4.87
CA ASP E 730 -84.05 -20.71 5.34
C ASP E 730 -82.56 -20.70 5.66
N GLY E 731 -82.00 -21.83 6.08
CA GLY E 731 -80.57 -21.93 6.29
C GLY E 731 -80.01 -21.05 7.39
N VAL E 732 -80.76 -20.85 8.47
CA VAL E 732 -80.26 -20.05 9.58
C VAL E 732 -79.77 -20.94 10.73
N GLN E 733 -80.46 -22.05 10.97
CA GLN E 733 -80.06 -22.97 12.03
C GLN E 733 -78.83 -23.77 11.61
N SER E 734 -78.15 -24.33 12.62
CA SER E 734 -76.95 -25.10 12.36
C SER E 734 -77.25 -26.47 11.76
N SER E 735 -78.45 -27.00 11.95
CA SER E 735 -78.80 -28.31 11.43
C SER E 735 -78.85 -28.34 9.91
N GLU E 736 -79.16 -27.22 9.27
CA GLU E 736 -79.27 -27.15 7.82
C GLU E 736 -78.01 -26.62 7.14
N ARG E 737 -76.96 -26.34 7.90
CA ARG E 737 -75.70 -25.89 7.35
C ARG E 737 -74.71 -27.05 7.36
N PHE E 738 -74.16 -27.37 6.19
CA PHE E 738 -73.25 -28.50 6.05
C PHE E 738 -72.12 -28.15 5.11
N ALA E 739 -70.93 -28.68 5.41
CA ALA E 739 -69.76 -28.50 4.55
C ALA E 739 -68.91 -29.76 4.68
N ASN E 740 -69.09 -30.70 3.77
CA ASN E 740 -68.41 -31.99 3.81
C ASN E 740 -67.19 -31.92 2.89
N GLN E 741 -66.01 -31.91 3.51
CA GLN E 741 -64.76 -31.85 2.75
C GLN E 741 -63.63 -32.43 3.60
N ILE E 742 -62.58 -32.88 2.91
CA ILE E 742 -61.36 -33.36 3.55
C ILE E 742 -60.19 -32.61 2.94
N ILE E 743 -59.29 -32.12 3.78
CA ILE E 743 -58.17 -31.28 3.37
C ILE E 743 -56.87 -31.94 3.83
N ARG E 744 -55.93 -32.10 2.90
CA ARG E 744 -54.63 -32.68 3.18
C ARG E 744 -53.54 -31.67 2.86
N ILE E 745 -52.58 -31.54 3.76
CA ILE E 745 -51.53 -30.53 3.67
C ILE E 745 -50.27 -31.21 3.13
N GLU E 746 -49.68 -30.60 2.10
CA GLU E 746 -48.44 -31.11 1.51
C GLU E 746 -47.25 -30.37 2.11
N ALA E 747 -46.92 -30.73 3.35
CA ALA E 747 -45.83 -30.08 4.05
C ALA E 747 -44.50 -30.34 3.35
N GLU E 748 -43.67 -29.30 3.26
CA GLU E 748 -42.37 -29.37 2.61
C GLU E 748 -41.28 -29.17 3.65
N GLU E 749 -40.22 -29.98 3.53
CA GLU E 749 -39.11 -29.91 4.48
C GLU E 749 -38.42 -28.55 4.39
N THR E 750 -38.07 -28.00 5.56
CA THR E 750 -37.46 -26.68 5.60
C THR E 750 -36.04 -26.71 5.04
N GLY E 751 -35.23 -27.67 5.47
CA GLY E 751 -33.85 -27.74 5.04
C GLY E 751 -33.47 -29.16 4.64
N ASP E 752 -32.21 -29.31 4.23
CA ASP E 752 -31.72 -30.62 3.80
C ASP E 752 -31.75 -31.63 4.94
N ASN E 753 -31.36 -31.21 6.14
CA ASN E 753 -31.31 -32.10 7.30
C ASN E 753 -32.06 -31.48 8.47
N THR E 754 -33.26 -30.96 8.21
CA THR E 754 -34.11 -30.40 9.25
C THR E 754 -35.38 -31.23 9.35
N SER E 755 -35.69 -31.68 10.57
CA SER E 755 -36.91 -32.46 10.80
C SER E 755 -38.16 -31.61 10.75
N THR E 756 -38.03 -30.28 10.69
CA THR E 756 -39.17 -29.38 10.72
C THR E 756 -39.77 -29.28 9.32
N PHE E 757 -40.99 -29.78 9.15
CA PHE E 757 -41.75 -29.63 7.92
C PHE E 757 -42.71 -28.46 8.06
N GLU E 758 -42.71 -27.58 7.06
CA GLU E 758 -43.48 -26.34 7.12
C GLU E 758 -44.62 -26.40 6.10
N GLY E 759 -45.80 -26.04 6.56
CA GLY E 759 -46.96 -25.91 5.69
C GLY E 759 -47.79 -24.70 6.06
N SER E 760 -48.97 -24.56 5.47
CA SER E 760 -49.84 -23.44 5.80
C SER E 760 -51.28 -23.83 5.52
N LEU E 761 -52.18 -23.15 6.21
CA LEU E 761 -53.62 -23.38 6.05
C LEU E 761 -54.32 -22.10 5.66
N GLU E 762 -55.21 -22.21 4.67
CA GLU E 762 -56.06 -21.12 4.24
C GLU E 762 -57.51 -21.51 4.45
N TYR E 763 -58.34 -20.54 4.80
CA TYR E 763 -59.76 -20.80 4.95
C TYR E 763 -60.54 -19.55 4.56
N VAL E 764 -61.61 -19.74 3.80
CA VAL E 764 -62.49 -18.66 3.39
C VAL E 764 -63.82 -18.85 4.10
N MET E 765 -64.36 -17.76 4.65
CA MET E 765 -65.64 -17.81 5.32
C MET E 765 -66.72 -17.42 4.31
N VAL E 766 -67.61 -18.37 4.02
CA VAL E 766 -68.60 -18.18 2.97
C VAL E 766 -69.53 -17.03 3.32
N ASN E 767 -69.88 -16.22 2.32
CA ASN E 767 -70.77 -15.09 2.49
C ASN E 767 -72.03 -15.30 1.65
N GLN E 768 -72.97 -14.36 1.79
CA GLN E 768 -74.23 -14.45 1.08
C GLN E 768 -74.06 -14.28 -0.42
N ILE E 769 -72.92 -13.77 -0.89
CA ILE E 769 -72.72 -13.55 -2.31
C ILE E 769 -72.19 -14.80 -2.99
N ASN E 770 -71.18 -15.43 -2.40
CA ASN E 770 -70.53 -16.59 -3.02
C ASN E 770 -71.16 -17.92 -2.61
N ILE E 771 -72.15 -17.92 -1.73
CA ILE E 771 -72.80 -19.17 -1.32
C ILE E 771 -73.55 -19.79 -2.49
N GLN E 772 -73.96 -18.98 -3.47
CA GLN E 772 -74.70 -19.45 -4.63
C GLN E 772 -73.84 -19.58 -5.87
N ASP E 773 -72.52 -19.46 -5.74
CA ASP E 773 -71.60 -19.57 -6.86
C ASP E 773 -70.73 -20.80 -6.61
N ALA E 774 -70.71 -21.72 -7.58
CA ALA E 774 -69.93 -22.94 -7.44
C ALA E 774 -68.45 -22.72 -7.65
N GLY E 775 -68.06 -21.60 -8.25
CA GLY E 775 -66.64 -21.35 -8.51
C GLY E 775 -65.83 -21.20 -7.23
N THR E 776 -66.40 -20.53 -6.22
CA THR E 776 -65.68 -20.34 -4.97
C THR E 776 -65.46 -21.66 -4.24
N PHE E 777 -66.37 -22.63 -4.40
CA PHE E 777 -66.15 -23.95 -3.85
C PHE E 777 -65.16 -24.76 -4.69
N SER E 778 -65.23 -24.60 -6.01
CA SER E 778 -64.31 -25.28 -6.90
C SER E 778 -62.95 -24.61 -6.99
N GLY E 779 -62.83 -23.37 -6.52
CA GLY E 779 -61.57 -22.65 -6.57
C GLY E 779 -60.60 -22.98 -5.46
N ILE E 780 -60.99 -23.82 -4.51
CA ILE E 780 -60.10 -24.18 -3.42
C ILE E 780 -59.19 -25.32 -3.84
N THR E 781 -58.07 -25.45 -3.14
CA THR E 781 -57.10 -26.50 -3.42
C THR E 781 -57.18 -27.56 -2.33
N PRO E 782 -57.70 -28.75 -2.61
CA PRO E 782 -57.80 -29.77 -1.57
C PRO E 782 -56.47 -30.41 -1.23
N ILE E 783 -55.62 -30.60 -2.23
CA ILE E 783 -54.32 -31.24 -2.08
C ILE E 783 -53.26 -30.30 -2.60
N ALA E 784 -52.54 -29.65 -1.70
CA ALA E 784 -51.47 -28.71 -2.04
C ALA E 784 -50.67 -28.43 -0.79
N ASP E 785 -49.58 -27.67 -0.94
CA ASP E 785 -48.79 -27.27 0.22
C ASP E 785 -49.50 -26.21 1.03
N ASP E 786 -50.37 -25.42 0.40
CA ASP E 786 -51.15 -24.38 1.06
C ASP E 786 -52.62 -24.56 0.70
N PRO E 787 -53.28 -25.58 1.26
CA PRO E 787 -54.67 -25.86 0.89
C PRO E 787 -55.63 -24.85 1.51
N SER E 788 -56.86 -24.86 1.00
CA SER E 788 -57.91 -23.99 1.49
C SER E 788 -59.20 -24.80 1.64
N PHE E 789 -60.04 -24.36 2.57
CA PHE E 789 -61.30 -25.05 2.85
C PHE E 789 -62.38 -24.04 3.20
N ILE E 790 -63.62 -24.49 3.13
CA ILE E 790 -64.79 -23.65 3.34
C ILE E 790 -65.24 -23.75 4.78
N VAL E 791 -65.69 -22.63 5.34
CA VAL E 791 -66.26 -22.57 6.68
C VAL E 791 -67.66 -21.95 6.57
N ILE E 792 -68.66 -22.65 7.12
CA ILE E 792 -70.05 -22.24 6.99
C ILE E 792 -70.60 -21.53 8.22
N GLU E 793 -69.90 -21.61 9.36
CA GLU E 793 -70.43 -21.16 10.63
C GLU E 793 -69.24 -20.83 11.53
N ASP E 794 -69.45 -19.94 12.49
CA ASP E 794 -68.32 -19.52 13.32
C ASP E 794 -67.89 -20.65 14.25
N LEU E 795 -67.19 -21.62 13.69
CA LEU E 795 -66.80 -22.82 14.43
C LEU E 795 -65.80 -22.45 15.53
N THR E 796 -66.26 -22.49 16.78
CA THR E 796 -65.38 -22.26 17.92
C THR E 796 -65.52 -23.41 18.90
N ASP E 797 -64.78 -23.34 20.01
CA ASP E 797 -64.83 -24.35 21.07
C ASP E 797 -64.57 -25.75 20.52
N GLU E 798 -65.53 -26.66 20.71
CA GLU E 798 -65.36 -28.05 20.33
C GLU E 798 -65.42 -28.28 18.83
N ASP E 799 -65.94 -27.31 18.05
CA ASP E 799 -66.11 -27.48 16.62
C ASP E 799 -65.07 -26.69 15.83
N ALA E 800 -64.05 -26.17 16.50
CA ALA E 800 -63.03 -25.37 15.82
C ALA E 800 -62.28 -26.22 14.80
N PRO E 801 -61.85 -25.61 13.69
CA PRO E 801 -61.11 -26.37 12.67
C PRO E 801 -59.85 -27.00 13.26
N ARG E 802 -59.81 -28.33 13.26
CA ARG E 802 -58.73 -29.09 13.85
C ARG E 802 -58.05 -29.93 12.78
N VAL E 803 -56.72 -29.83 12.70
CA VAL E 803 -55.93 -30.62 11.77
C VAL E 803 -55.44 -31.86 12.50
N ASN E 804 -55.48 -33.00 11.81
CA ASN E 804 -55.10 -34.28 12.39
C ASN E 804 -53.90 -34.85 11.65
N TYR E 805 -53.00 -35.48 12.40
CA TYR E 805 -51.79 -36.06 11.84
C TYR E 805 -51.35 -37.22 12.72
N ASN E 806 -51.38 -38.43 12.17
CA ASN E 806 -50.84 -39.57 12.89
C ASN E 806 -49.31 -39.48 12.96
N ASP E 807 -48.74 -40.23 13.88
CA ASP E 807 -47.28 -40.26 14.02
C ASP E 807 -46.87 -41.52 14.78
N LEU E 808 -45.73 -42.07 14.38
CA LEU E 808 -45.10 -43.17 15.10
C LEU E 808 -44.18 -42.57 16.15
N GLY E 809 -44.57 -42.70 17.42
CA GLY E 809 -43.81 -42.11 18.50
C GLY E 809 -42.50 -42.84 18.75
N ALA E 810 -41.69 -42.24 19.63
CA ALA E 810 -40.41 -42.85 19.98
C ALA E 810 -40.59 -44.20 20.63
N ASP E 811 -41.71 -44.41 21.34
CA ASP E 811 -41.97 -45.71 21.95
C ASP E 811 -42.32 -46.76 20.91
N GLY E 812 -42.97 -46.36 19.83
CA GLY E 812 -43.37 -47.27 18.76
C GLY E 812 -44.86 -47.32 18.48
N VAL E 813 -45.68 -46.65 19.28
CA VAL E 813 -47.12 -46.65 19.05
C VAL E 813 -47.46 -45.58 18.00
N THR E 814 -48.60 -45.76 17.34
CA THR E 814 -49.05 -44.82 16.32
C THR E 814 -50.04 -43.83 16.94
N THR E 815 -49.52 -43.07 17.90
CA THR E 815 -50.35 -42.07 18.58
C THR E 815 -50.57 -40.87 17.67
N PRO E 816 -51.77 -40.30 17.64
CA PRO E 816 -52.01 -39.11 16.83
C PRO E 816 -51.66 -37.83 17.56
N VAL E 817 -51.28 -36.82 16.79
CA VAL E 817 -51.05 -35.47 17.28
C VAL E 817 -51.91 -34.51 16.49
N SER E 818 -52.62 -33.63 17.18
CA SER E 818 -53.58 -32.75 16.54
C SER E 818 -53.48 -31.36 17.14
N ASP E 819 -53.83 -30.37 16.32
CA ASP E 819 -53.92 -28.98 16.76
C ASP E 819 -55.14 -28.34 16.13
N GLN E 820 -55.71 -27.36 16.84
CA GLN E 820 -56.90 -26.68 16.37
C GLN E 820 -56.76 -25.18 16.63
N GLU E 821 -57.41 -24.39 15.78
CA GLU E 821 -57.45 -22.95 15.92
C GLU E 821 -58.86 -22.47 15.61
N GLU E 822 -59.39 -21.61 16.47
CA GLU E 822 -60.75 -21.10 16.28
C GLU E 822 -60.82 -20.20 15.07
N ALA E 823 -61.95 -20.23 14.38
CA ALA E 823 -62.23 -19.37 13.23
C ALA E 823 -63.56 -18.66 13.45
N PRO E 824 -63.60 -17.71 14.37
CA PRO E 824 -64.87 -17.04 14.69
C PRO E 824 -65.21 -15.98 13.66
N SER E 825 -66.43 -15.47 13.78
CA SER E 825 -66.91 -14.42 12.89
C SER E 825 -66.82 -13.07 13.57
N HIS E 826 -67.10 -12.01 12.80
CA HIS E 826 -67.04 -10.65 13.29
C HIS E 826 -68.29 -9.90 12.87
N SER E 827 -68.70 -8.95 13.72
CA SER E 827 -69.88 -8.13 13.46
C SER E 827 -69.48 -6.99 12.53
N GLY E 828 -69.96 -7.05 11.28
CA GLY E 828 -69.67 -6.01 10.32
C GLY E 828 -70.18 -4.64 10.72
N VAL E 829 -69.31 -3.64 10.65
CA VAL E 829 -69.65 -2.27 11.01
C VAL E 829 -69.45 -1.39 9.79
N VAL E 830 -70.51 -0.67 9.41
CA VAL E 830 -70.47 0.24 8.26
C VAL E 830 -70.85 1.63 8.76
N SER E 831 -70.06 2.63 8.35
CA SER E 831 -70.29 4.00 8.79
C SER E 831 -69.82 4.96 7.70
N LEU E 832 -70.31 6.18 7.79
CA LEU E 832 -69.96 7.25 6.87
C LEU E 832 -69.00 8.23 7.54
N ASN E 833 -68.20 8.91 6.71
CA ASN E 833 -67.15 9.78 7.25
C ASN E 833 -67.71 11.00 7.96
N ALA E 834 -68.91 11.46 7.59
CA ALA E 834 -69.48 12.68 8.16
C ALA E 834 -70.95 12.47 8.50
N ASP E 835 -71.44 13.28 9.43
CA ASP E 835 -72.86 13.22 9.79
C ASP E 835 -73.75 13.87 8.75
N SER E 836 -73.27 14.91 8.08
CA SER E 836 -74.04 15.62 7.07
C SER E 836 -73.20 15.76 5.80
N TYR E 837 -73.88 15.81 4.67
CA TYR E 837 -73.21 15.88 3.38
C TYR E 837 -73.90 16.89 2.49
N LYS E 838 -73.11 17.58 1.67
CA LYS E 838 -73.65 18.53 0.70
C LYS E 838 -73.91 17.82 -0.64
N ILE E 839 -74.36 18.57 -1.62
CA ILE E 839 -74.56 18.02 -2.96
C ILE E 839 -73.20 17.71 -3.58
N ALA E 840 -73.05 16.49 -4.09
CA ALA E 840 -71.78 16.01 -4.66
C ALA E 840 -70.64 16.17 -3.67
N ASP E 841 -70.88 15.72 -2.44
CA ASP E 841 -69.91 15.81 -1.36
C ASP E 841 -68.96 14.61 -1.33
N THR E 842 -69.11 13.68 -2.27
CA THR E 842 -68.26 12.49 -2.39
C THR E 842 -68.28 11.67 -1.10
N VAL E 843 -69.47 11.16 -0.79
CA VAL E 843 -69.63 10.28 0.38
C VAL E 843 -68.82 9.01 0.16
N VAL E 844 -68.24 8.49 1.23
CA VAL E 844 -67.44 7.27 1.19
C VAL E 844 -67.97 6.30 2.23
N ILE E 845 -68.11 5.04 1.84
CA ILE E 845 -68.63 3.99 2.71
C ILE E 845 -67.46 3.13 3.16
N THR E 846 -67.25 3.04 4.46
CA THR E 846 -66.19 2.23 5.05
C THR E 846 -66.83 1.03 5.74
N VAL E 847 -66.55 -0.16 5.21
CA VAL E 847 -67.07 -1.41 5.76
C VAL E 847 -65.91 -2.18 6.36
N GLU E 848 -65.96 -2.43 7.66
CA GLU E 848 -64.94 -3.21 8.35
C GLU E 848 -65.56 -4.53 8.81
N ASP E 849 -65.19 -5.62 8.14
CA ASP E 849 -65.68 -6.95 8.48
C ASP E 849 -64.69 -7.95 7.89
N LEU E 850 -63.94 -8.63 8.75
CA LEU E 850 -62.84 -9.46 8.29
C LEU E 850 -63.31 -10.75 7.62
N ASP E 851 -64.59 -11.12 7.78
CA ASP E 851 -65.06 -12.38 7.23
C ASP E 851 -65.26 -12.34 5.72
N LEU E 852 -65.30 -11.15 5.12
CA LEU E 852 -65.47 -11.06 3.67
C LEU E 852 -64.15 -11.22 2.91
N ASN E 853 -63.02 -11.29 3.60
CA ASN E 853 -61.73 -11.50 2.94
C ASN E 853 -61.61 -12.97 2.60
N VAL E 854 -61.68 -13.30 1.31
CA VAL E 854 -61.66 -14.67 0.85
C VAL E 854 -60.33 -15.04 0.21
N ASP E 855 -59.34 -14.15 0.27
CA ASP E 855 -58.01 -14.47 -0.25
C ASP E 855 -57.02 -13.44 0.30
N SER E 856 -55.95 -13.94 0.91
CA SER E 856 -54.88 -13.08 1.40
C SER E 856 -53.97 -12.58 0.28
N ASP E 857 -54.09 -13.14 -0.93
CA ASP E 857 -53.25 -12.74 -2.05
C ASP E 857 -53.94 -11.69 -2.92
N LEU E 858 -55.11 -12.03 -3.45
CA LEU E 858 -55.83 -11.13 -4.34
C LEU E 858 -56.58 -10.06 -3.55
N ILE E 859 -56.90 -8.97 -4.23
CA ILE E 859 -57.68 -7.89 -3.64
C ILE E 859 -59.16 -8.25 -3.77
N ASP E 860 -59.85 -8.35 -2.64
CA ASP E 860 -61.27 -8.71 -2.65
C ASP E 860 -62.12 -7.51 -3.04
N ILE E 861 -63.03 -7.72 -4.00
CA ILE E 861 -63.90 -6.67 -4.50
C ILE E 861 -65.32 -7.18 -4.54
N PHE E 862 -66.26 -6.23 -4.55
CA PHE E 862 -67.69 -6.54 -4.63
C PHE E 862 -68.34 -5.55 -5.59
N THR E 863 -68.82 -6.05 -6.72
CA THR E 863 -69.44 -5.20 -7.73
C THR E 863 -70.91 -4.96 -7.38
N VAL E 864 -71.58 -4.16 -8.21
CA VAL E 864 -72.99 -3.84 -8.03
C VAL E 864 -73.78 -4.53 -9.14
N VAL E 865 -74.91 -5.11 -8.78
CA VAL E 865 -75.74 -5.85 -9.72
C VAL E 865 -76.48 -4.89 -10.63
N SER E 866 -76.43 -5.16 -11.94
CA SER E 866 -77.17 -4.39 -12.94
C SER E 866 -78.00 -5.38 -13.75
N ASP E 867 -79.19 -5.69 -13.24
CA ASP E 867 -80.08 -6.64 -13.91
C ASP E 867 -81.50 -6.35 -13.41
N ASN E 868 -82.35 -5.87 -14.32
CA ASN E 868 -83.72 -5.50 -13.93
C ASN E 868 -84.54 -6.72 -13.52
N SER E 869 -84.30 -7.86 -14.15
CA SER E 869 -85.09 -9.06 -13.85
C SER E 869 -84.91 -9.52 -12.41
N LYS E 870 -83.67 -9.50 -11.91
CA LYS E 870 -83.41 -9.96 -10.56
C LYS E 870 -83.88 -8.94 -9.53
N ALA E 871 -84.32 -9.45 -8.38
CA ALA E 871 -84.83 -8.59 -7.31
C ALA E 871 -83.74 -7.77 -6.64
N THR E 872 -82.47 -8.10 -6.85
CA THR E 872 -81.35 -7.37 -6.26
C THR E 872 -80.74 -6.35 -7.22
N ASP E 873 -81.57 -5.74 -8.07
CA ASP E 873 -81.08 -4.72 -8.98
C ASP E 873 -80.57 -3.52 -8.21
N ASP E 874 -79.48 -2.93 -8.71
CA ASP E 874 -78.82 -1.77 -8.11
C ASP E 874 -78.31 -2.04 -6.70
N ALA E 875 -78.15 -3.31 -6.33
CA ALA E 875 -77.62 -3.69 -5.02
C ALA E 875 -76.26 -4.34 -5.18
N VAL E 876 -75.39 -4.12 -4.19
CA VAL E 876 -74.09 -4.77 -4.18
C VAL E 876 -74.29 -6.27 -4.00
N GLY E 877 -73.56 -7.06 -4.79
CA GLY E 877 -73.65 -8.50 -4.69
C GLY E 877 -73.52 -9.22 -6.01
N SER E 878 -74.39 -10.20 -6.24
CA SER E 878 -74.37 -11.02 -7.44
C SER E 878 -75.76 -11.07 -8.05
N ALA E 879 -75.81 -11.36 -9.35
CA ALA E 879 -77.08 -11.43 -10.06
C ALA E 879 -77.97 -12.53 -9.50
N THR E 880 -77.39 -13.69 -9.21
CA THR E 880 -78.15 -14.79 -8.62
C THR E 880 -78.69 -14.38 -7.26
N THR E 881 -79.95 -14.68 -7.02
CA THR E 881 -80.61 -14.26 -5.77
C THR E 881 -81.78 -15.17 -5.48
N GLN E 882 -81.87 -15.63 -4.24
CA GLN E 882 -82.98 -16.43 -3.77
C GLN E 882 -83.69 -15.69 -2.64
N SER E 883 -85.02 -15.80 -2.61
CA SER E 883 -85.83 -15.15 -1.59
C SER E 883 -85.97 -16.05 -0.37
N LEU E 884 -85.62 -15.52 0.79
CA LEU E 884 -85.68 -16.26 2.04
C LEU E 884 -86.36 -15.41 3.11
N SER E 885 -86.40 -15.92 4.33
CA SER E 885 -87.03 -15.21 5.44
C SER E 885 -86.26 -13.97 5.85
N PHE E 886 -84.96 -13.91 5.57
CA PHE E 886 -84.13 -12.78 5.95
C PHE E 886 -83.91 -11.80 4.81
N GLY E 887 -84.68 -11.91 3.73
CA GLY E 887 -84.56 -10.99 2.62
C GLY E 887 -84.08 -11.65 1.34
N GLU E 888 -83.13 -11.02 0.67
CA GLU E 888 -82.59 -11.52 -0.59
C GLU E 888 -81.16 -12.02 -0.39
N LEU E 889 -80.88 -13.19 -0.96
CA LEU E 889 -79.56 -13.79 -0.79
C LEU E 889 -78.47 -12.95 -1.46
N GLY E 890 -78.76 -12.39 -2.64
CA GLY E 890 -77.79 -11.62 -3.38
C GLY E 890 -77.63 -10.18 -2.98
N ARG E 891 -78.33 -9.74 -1.93
CA ARG E 891 -78.29 -8.35 -1.48
C ARG E 891 -77.21 -8.20 -0.41
N LEU E 892 -76.13 -7.48 -0.73
CA LEU E 892 -75.04 -7.24 0.21
C LEU E 892 -75.11 -5.86 0.85
N LEU E 893 -75.17 -4.79 0.04
CA LEU E 893 -75.19 -3.43 0.56
C LEU E 893 -76.13 -2.58 -0.28
N ASP E 894 -76.92 -1.74 0.40
CA ASP E 894 -77.85 -0.86 -0.26
C ASP E 894 -77.74 0.55 0.32
N VAL E 895 -78.02 1.55 -0.51
CA VAL E 895 -78.05 2.94 -0.10
C VAL E 895 -79.47 3.46 -0.29
N THR E 896 -80.02 4.10 0.74
CA THR E 896 -81.41 4.50 0.75
C THR E 896 -81.53 5.98 1.06
N PHE E 897 -82.33 6.69 0.26
CA PHE E 897 -82.73 8.05 0.55
C PHE E 897 -84.18 8.04 1.03
N ASP E 898 -84.42 8.61 2.21
CA ASP E 898 -85.73 8.58 2.85
C ASP E 898 -86.22 7.14 3.01
N ASP E 899 -85.32 6.25 3.41
CA ASP E 899 -85.60 4.83 3.60
C ASP E 899 -86.13 4.17 2.33
N VAL E 900 -85.74 4.69 1.18
CA VAL E 900 -86.12 4.14 -0.12
C VAL E 900 -84.85 3.88 -0.91
N ILE E 901 -84.73 2.66 -1.44
CA ILE E 901 -83.51 2.28 -2.15
C ILE E 901 -83.32 3.15 -3.39
N TRP E 902 -82.08 3.63 -3.57
CA TRP E 902 -81.73 4.45 -4.72
C TRP E 902 -81.43 3.53 -5.90
N SER E 903 -82.29 3.54 -6.91
CA SER E 903 -82.13 2.71 -8.09
C SER E 903 -82.36 3.54 -9.34
N THR E 904 -81.69 3.16 -10.43
CA THR E 904 -81.85 3.88 -11.69
C THR E 904 -83.09 3.37 -12.42
N PRO E 905 -83.88 4.24 -13.04
CA PRO E 905 -85.05 3.79 -13.79
C PRO E 905 -84.64 2.95 -15.00
N ASP E 906 -85.24 1.77 -15.11
CA ASP E 906 -84.94 0.87 -16.21
C ASP E 906 -86.08 -0.13 -16.34
N GLY E 907 -86.00 -0.97 -17.37
CA GLY E 907 -87.03 -1.96 -17.60
C GLY E 907 -88.30 -1.37 -18.17
N ALA E 908 -89.38 -2.14 -18.04
CA ALA E 908 -90.69 -1.73 -18.51
C ALA E 908 -91.57 -1.13 -17.42
N ASN E 909 -91.05 -0.99 -16.20
CA ASN E 909 -91.81 -0.47 -15.08
C ASN E 909 -91.49 1.01 -14.80
N ASN E 910 -90.75 1.67 -15.68
CA ASN E 910 -90.39 3.07 -15.51
C ASN E 910 -91.12 3.98 -16.49
N THR E 911 -92.31 3.58 -16.93
CA THR E 911 -93.08 4.36 -17.89
C THR E 911 -93.91 5.46 -17.24
N ALA E 912 -93.92 5.54 -15.90
CA ALA E 912 -94.68 6.57 -15.22
C ALA E 912 -94.10 7.95 -15.51
N THR E 913 -94.99 8.93 -15.68
CA THR E 913 -94.59 10.30 -15.95
C THR E 913 -94.94 11.27 -14.83
N GLY E 914 -95.76 10.86 -13.86
CA GLY E 914 -96.08 11.74 -12.74
C GLY E 914 -97.04 12.86 -13.14
N ASN E 915 -96.92 13.99 -12.43
CA ASN E 915 -97.82 15.11 -12.65
C ASN E 915 -97.62 15.79 -13.99
N ASP E 916 -96.47 15.61 -14.64
CA ASP E 916 -96.18 16.18 -15.94
C ASP E 916 -96.05 15.06 -16.97
N SER E 917 -95.76 15.45 -18.21
CA SER E 917 -95.66 14.52 -19.33
C SER E 917 -94.24 14.00 -19.53
N ASP E 918 -93.31 14.34 -18.66
CA ASP E 918 -91.92 13.94 -18.80
C ASP E 918 -91.63 12.76 -17.89
N THR E 919 -91.01 11.72 -18.46
CA THR E 919 -90.65 10.53 -17.71
C THR E 919 -89.49 10.83 -16.77
N CYS E 920 -89.37 10.00 -15.72
CA CYS E 920 -88.34 10.21 -14.72
C CYS E 920 -86.94 10.08 -15.33
N SER E 921 -86.74 9.06 -16.18
CA SER E 921 -85.44 8.90 -16.83
C SER E 921 -85.14 10.07 -17.76
N THR E 922 -86.13 10.51 -18.54
CA THR E 922 -85.94 11.66 -19.41
C THR E 922 -85.70 12.94 -18.60
N GLU E 923 -86.40 13.08 -17.47
CA GLU E 923 -86.16 14.24 -16.60
C GLU E 923 -84.74 14.24 -16.05
N LEU E 924 -84.25 13.08 -15.63
CA LEU E 924 -82.87 13.00 -15.14
C LEU E 924 -81.87 13.29 -16.25
N SER E 925 -82.14 12.80 -17.46
CA SER E 925 -81.26 13.09 -18.59
C SER E 925 -81.24 14.58 -18.91
N ASN E 926 -82.41 15.22 -18.87
CA ASN E 926 -82.47 16.66 -19.13
C ASN E 926 -81.75 17.44 -18.04
N ALA E 927 -81.87 17.00 -16.78
CA ALA E 927 -81.17 17.67 -15.69
C ALA E 927 -79.66 17.48 -15.75
N GLY E 928 -79.16 16.60 -16.61
CA GLY E 928 -77.74 16.36 -16.72
C GLY E 928 -77.16 15.45 -15.65
N ILE E 929 -78.00 14.74 -14.91
CA ILE E 929 -77.55 13.87 -13.84
C ILE E 929 -77.27 12.50 -14.45
N THR E 930 -76.00 12.21 -14.71
CA THR E 930 -75.60 10.89 -15.18
C THR E 930 -75.54 9.87 -14.06
N ASP E 931 -75.56 10.30 -12.80
CA ASP E 931 -75.60 9.40 -11.65
C ASP E 931 -77.04 9.05 -11.31
N THR E 932 -77.71 8.41 -12.27
CA THR E 932 -79.11 8.03 -12.12
C THR E 932 -79.32 6.90 -11.13
N GLY E 933 -78.25 6.20 -10.74
CA GLY E 933 -78.39 5.10 -9.79
C GLY E 933 -77.04 4.67 -9.29
N LEU E 934 -77.06 3.67 -8.40
CA LEU E 934 -75.82 3.15 -7.84
C LEU E 934 -74.95 2.54 -8.93
N GLY E 935 -75.54 1.79 -9.84
CA GLY E 935 -74.77 1.20 -10.93
C GLY E 935 -74.18 2.22 -11.86
N ALA E 936 -74.88 3.34 -12.09
CA ALA E 936 -74.38 4.38 -12.98
C ALA E 936 -73.09 4.99 -12.42
N THR E 937 -73.04 5.22 -11.10
CA THR E 937 -71.85 5.81 -10.49
C THR E 937 -70.65 4.87 -10.50
N GLY E 938 -70.85 3.57 -10.75
CA GLY E 938 -69.75 2.64 -10.68
C GLY E 938 -69.25 2.37 -9.29
N PHE E 939 -70.08 2.59 -8.27
CA PHE E 939 -69.67 2.40 -6.89
C PHE E 939 -69.47 0.92 -6.60
N THR E 940 -68.25 0.56 -6.22
CA THR E 940 -67.90 -0.82 -5.89
C THR E 940 -67.05 -0.83 -4.64
N LEU E 941 -67.12 -1.94 -3.90
CA LEU E 941 -66.32 -2.10 -2.69
C LEU E 941 -64.96 -2.69 -3.05
N VAL E 942 -63.89 -2.05 -2.59
CA VAL E 942 -62.53 -2.52 -2.81
C VAL E 942 -61.82 -2.60 -1.47
N GLU E 943 -61.11 -3.70 -1.26
CA GLU E 943 -60.38 -3.88 -0.01
C GLU E 943 -59.22 -2.91 0.09
N THR E 944 -58.94 -2.45 1.31
CA THR E 944 -57.84 -1.52 1.52
C THR E 944 -56.50 -2.14 1.16
N GLY E 945 -56.30 -3.41 1.54
CA GLY E 945 -55.07 -4.11 1.25
C GLY E 945 -55.35 -5.57 0.92
N ALA E 946 -54.26 -6.34 0.80
CA ALA E 946 -54.38 -7.75 0.47
C ALA E 946 -55.12 -8.52 1.56
N ALA E 947 -54.83 -8.24 2.83
CA ALA E 947 -55.46 -8.95 3.94
C ALA E 947 -55.96 -8.00 5.02
N THR E 948 -56.24 -6.74 4.68
CA THR E 948 -56.72 -5.79 5.67
C THR E 948 -58.10 -6.19 6.18
N GLY E 949 -58.98 -6.65 5.30
CA GLY E 949 -60.33 -7.00 5.68
C GLY E 949 -61.29 -5.84 5.78
N VAL E 950 -60.88 -4.64 5.40
CA VAL E 950 -61.72 -3.45 5.43
C VAL E 950 -61.93 -2.99 4.00
N PHE E 951 -63.20 -2.82 3.61
CA PHE E 951 -63.55 -2.44 2.25
C PHE E 951 -64.00 -0.98 2.22
N VAL E 952 -63.51 -0.24 1.23
CA VAL E 952 -63.78 1.18 1.09
C VAL E 952 -64.46 1.42 -0.25
N GLY E 953 -65.60 2.10 -0.23
CA GLY E 953 -66.29 2.46 -1.44
C GLY E 953 -66.89 3.85 -1.31
N ASP E 954 -67.07 4.51 -2.44
CA ASP E 954 -67.49 5.91 -2.43
C ASP E 954 -68.27 6.23 -3.70
N PHE E 955 -69.03 7.32 -3.62
CA PHE E 955 -69.77 7.86 -4.76
C PHE E 955 -70.18 9.29 -4.42
N GLN E 956 -70.60 10.02 -5.44
CA GLN E 956 -71.03 11.41 -5.28
C GLN E 956 -72.54 11.48 -5.24
N ILE E 957 -73.07 12.25 -4.30
CA ILE E 957 -74.52 12.40 -4.13
C ILE E 957 -75.07 13.26 -5.26
N PRO E 958 -76.03 12.75 -6.03
CA PRO E 958 -76.62 13.57 -7.10
C PRO E 958 -77.58 14.61 -6.53
N SER E 959 -77.80 15.66 -7.32
CA SER E 959 -78.76 16.69 -6.92
C SER E 959 -80.20 16.21 -7.09
N PHE E 960 -80.46 15.40 -8.11
CA PHE E 960 -81.78 14.87 -8.38
C PHE E 960 -81.74 13.35 -8.38
N TRP E 961 -82.76 12.73 -7.80
CA TRP E 961 -82.89 11.28 -7.80
C TRP E 961 -84.34 10.90 -8.05
N CYS E 962 -84.53 9.69 -8.57
CA CYS E 962 -85.86 9.17 -8.89
C CYS E 962 -86.31 8.25 -7.78
N ARG E 963 -87.41 8.61 -7.12
CA ARG E 963 -87.94 7.78 -6.04
C ARG E 963 -88.63 6.54 -6.58
N VAL E 964 -88.45 5.42 -5.89
CA VAL E 964 -89.11 4.17 -6.27
C VAL E 964 -90.52 4.19 -5.71
N SER E 965 -91.52 4.02 -6.58
CA SER E 965 -92.90 4.05 -6.15
C SER E 965 -93.23 2.89 -5.23
N ASP E 966 -92.78 1.68 -5.57
CA ASP E 966 -93.03 0.50 -4.75
C ASP E 966 -91.92 -0.51 -4.97
N THR E 967 -91.52 -1.18 -3.89
CA THR E 967 -90.47 -2.18 -3.92
C THR E 967 -91.01 -3.60 -3.90
N THR E 968 -92.31 -3.79 -4.11
CA THR E 968 -92.93 -5.10 -4.02
C THR E 968 -92.94 -5.85 -5.34
N THR E 969 -92.35 -5.29 -6.40
CA THR E 969 -92.33 -5.92 -7.70
C THR E 969 -90.94 -5.81 -8.32
N THR E 970 -90.61 -6.77 -9.18
CA THR E 970 -89.35 -6.76 -9.92
C THR E 970 -89.65 -6.78 -11.42
N PRO E 971 -89.06 -5.87 -12.22
CA PRO E 971 -88.19 -4.76 -11.82
C PRO E 971 -88.96 -3.69 -11.06
N TYR E 972 -88.26 -2.81 -10.34
CA TYR E 972 -88.93 -1.80 -9.53
C TYR E 972 -89.73 -0.84 -10.41
N THR E 973 -90.89 -0.43 -9.91
CA THR E 973 -91.71 0.57 -10.56
C THR E 973 -91.37 1.95 -9.98
N TYR E 974 -90.82 2.82 -10.82
CA TYR E 974 -90.31 4.10 -10.36
C TYR E 974 -91.37 5.18 -10.49
N ALA E 975 -91.23 6.22 -9.67
CA ALA E 975 -92.14 7.36 -9.74
C ALA E 975 -91.89 8.16 -11.01
N GLY E 976 -92.91 8.91 -11.43
CA GLY E 976 -92.83 9.66 -12.67
C GLY E 976 -92.12 10.99 -12.60
N ASP E 977 -91.77 11.45 -11.40
CA ASP E 977 -91.09 12.73 -11.23
C ASP E 977 -89.94 12.57 -10.25
N GLU E 978 -88.86 13.29 -10.50
CA GLU E 978 -87.71 13.27 -9.62
C GLU E 978 -87.86 14.35 -8.54
N GLU E 979 -87.08 14.19 -7.47
CA GLU E 979 -87.09 15.15 -6.38
C GLU E 979 -85.66 15.39 -5.91
N THR E 980 -85.43 16.60 -5.40
CA THR E 980 -84.09 16.99 -4.98
C THR E 980 -83.75 16.31 -3.66
N THR E 981 -82.54 15.75 -3.58
CA THR E 981 -82.14 14.93 -2.43
C THR E 981 -81.83 15.75 -1.19
N THR E 982 -81.78 17.08 -1.27
CA THR E 982 -81.42 17.88 -0.11
C THR E 982 -82.46 17.71 1.01
N GLY E 983 -81.98 17.63 2.24
CA GLY E 983 -82.81 17.46 3.39
C GLY E 983 -83.17 16.02 3.70
N LEU E 984 -83.24 15.17 2.68
CA LEU E 984 -83.52 13.76 2.88
C LEU E 984 -82.35 13.10 3.61
N ASP E 985 -82.65 12.04 4.35
CA ASP E 985 -81.64 11.30 5.08
C ASP E 985 -81.09 10.16 4.22
N ILE E 986 -79.78 10.15 4.02
CA ILE E 986 -79.12 9.09 3.25
C ILE E 986 -78.68 8.00 4.22
N GLU E 987 -79.17 6.79 4.00
CA GLU E 987 -78.88 5.66 4.88
C GLU E 987 -78.34 4.50 4.06
N VAL E 988 -77.33 3.82 4.61
CA VAL E 988 -76.76 2.64 3.99
C VAL E 988 -77.14 1.43 4.84
N ASN E 989 -77.16 0.27 4.19
CA ASN E 989 -77.47 -0.99 4.87
C ASN E 989 -76.55 -2.07 4.34
N TYR E 990 -75.59 -2.48 5.15
CA TYR E 990 -74.71 -3.60 4.84
C TYR E 990 -75.32 -4.87 5.41
N VAL E 991 -75.59 -5.84 4.53
CA VAL E 991 -76.20 -7.10 4.94
C VAL E 991 -75.07 -8.00 5.41
N ASP E 992 -75.09 -8.34 6.70
CA ASP E 992 -74.03 -9.16 7.30
C ASP E 992 -74.52 -10.60 7.34
N PHE E 993 -73.88 -11.47 6.55
CA PHE E 993 -74.30 -12.87 6.50
C PHE E 993 -73.98 -13.61 7.80
N ARG E 994 -72.90 -13.22 8.47
CA ARG E 994 -72.47 -13.88 9.71
C ARG E 994 -72.05 -12.82 10.72
N ASP E 995 -72.83 -12.70 11.80
CA ASP E 995 -72.52 -11.78 12.89
C ASP E 995 -71.48 -12.43 13.82
N ALA E 996 -71.23 -11.81 14.97
CA ALA E 996 -70.23 -12.33 15.90
C ALA E 996 -70.59 -13.72 16.39
N SER E 997 -71.87 -13.96 16.68
CA SER E 997 -72.37 -15.29 16.99
C SER E 997 -72.54 -16.16 15.76
N GLY E 998 -72.40 -15.57 14.56
CA GLY E 998 -72.38 -16.36 13.33
C GLY E 998 -73.72 -16.51 12.65
N GLU E 999 -74.48 -15.41 12.58
CA GLU E 999 -75.79 -15.41 11.97
C GLU E 999 -76.05 -14.04 11.39
N ILE E 1000 -77.22 -13.88 10.76
CA ILE E 1000 -77.52 -12.69 9.98
C ILE E 1000 -78.03 -11.58 10.91
N VAL E 1001 -77.31 -10.46 10.94
CA VAL E 1001 -77.74 -9.27 11.67
C VAL E 1001 -77.66 -8.07 10.73
N GLU E 1002 -78.74 -7.29 10.68
CA GLU E 1002 -78.87 -6.16 9.78
C GLU E 1002 -78.31 -4.91 10.45
N VAL E 1003 -77.21 -4.39 9.91
CA VAL E 1003 -76.57 -3.20 10.45
C VAL E 1003 -76.38 -2.15 9.35
N GLY E 1004 -76.58 -0.88 9.71
CA GLY E 1004 -76.37 0.22 8.79
C GLY E 1004 -76.06 1.49 9.54
N ASP E 1005 -75.82 2.56 8.78
CA ASP E 1005 -75.55 3.88 9.31
C ASP E 1005 -76.48 4.90 8.68
N SER E 1006 -76.58 6.07 9.30
CA SER E 1006 -77.48 7.12 8.88
C SER E 1006 -76.75 8.43 8.72
N ALA E 1007 -77.19 9.23 7.73
CA ALA E 1007 -76.66 10.56 7.50
C ALA E 1007 -77.69 11.37 6.74
N GLY E 1008 -77.51 12.69 6.76
CA GLY E 1008 -78.43 13.62 6.10
C GLY E 1008 -77.73 14.39 5.00
N VAL E 1009 -78.46 14.66 3.93
CA VAL E 1009 -77.95 15.47 2.81
C VAL E 1009 -78.23 16.93 3.15
N ARG E 1010 -77.19 17.65 3.58
CA ARG E 1010 -77.34 19.03 4.01
C ARG E 1010 -77.52 19.95 2.81
N ALA E 1011 -78.11 21.11 3.08
CA ALA E 1011 -78.28 22.15 2.08
C ALA E 1011 -78.17 23.52 2.77
N ASN E 1012 -77.74 24.52 2.01
CA ASN E 1012 -77.51 25.85 2.55
C ASN E 1012 -78.47 26.85 1.92
N THR E 1013 -78.94 27.79 2.75
CA THR E 1013 -79.83 28.84 2.27
C THR E 1013 -79.10 29.76 1.30
N GLY E 1014 -79.75 30.10 0.20
CA GLY E 1014 -79.18 31.05 -0.74
C GLY E 1014 -79.30 32.48 -0.26
N SER E 1015 -78.38 33.31 -0.73
CA SER E 1015 -78.35 34.72 -0.38
C SER E 1015 -77.86 35.53 -1.57
N VAL E 1016 -78.46 36.69 -1.78
CA VAL E 1016 -78.11 37.58 -2.87
C VAL E 1016 -77.76 38.96 -2.28
N SER E 1017 -76.69 39.55 -2.78
CA SER E 1017 -76.21 40.83 -2.27
C SER E 1017 -75.87 41.75 -3.43
N LEU E 1018 -75.93 43.05 -3.16
CA LEU E 1018 -75.60 44.08 -4.13
C LEU E 1018 -74.40 44.88 -3.64
N ASP E 1019 -73.64 45.41 -4.59
CA ASP E 1019 -72.39 46.10 -4.26
C ASP E 1019 -72.64 47.34 -3.41
N ARG E 1020 -73.64 48.13 -3.76
CA ARG E 1020 -73.89 49.41 -3.12
C ARG E 1020 -75.35 49.54 -2.73
N THR E 1021 -75.58 50.27 -1.62
CA THR E 1021 -76.95 50.53 -1.19
C THR E 1021 -77.67 51.47 -2.13
N VAL E 1022 -76.95 52.43 -2.73
CA VAL E 1022 -77.52 53.37 -3.68
C VAL E 1022 -76.70 53.33 -4.96
N TYR E 1023 -77.34 53.74 -6.05
CA TYR E 1023 -76.71 53.75 -7.37
C TYR E 1023 -77.09 55.03 -8.09
N PRO E 1024 -76.18 55.56 -8.92
CA PRO E 1024 -76.50 56.77 -9.68
C PRO E 1024 -77.47 56.51 -10.81
N VAL E 1025 -78.15 57.56 -11.22
CA VAL E 1025 -79.08 57.48 -12.35
C VAL E 1025 -78.28 57.47 -13.65
N PRO E 1026 -78.45 56.46 -14.49
CA PRO E 1026 -77.70 56.41 -15.76
C PRO E 1026 -78.13 57.51 -16.71
N PHE E 1027 -77.21 57.89 -17.60
CA PHE E 1027 -77.44 58.93 -18.58
C PHE E 1027 -77.00 58.44 -19.95
N GLY E 1028 -77.63 59.02 -20.99
CA GLY E 1028 -77.36 58.65 -22.36
C GLY E 1028 -76.60 59.73 -23.12
N THR E 1029 -76.67 59.63 -24.44
CA THR E 1029 -75.99 60.56 -25.33
C THR E 1029 -77.01 61.16 -26.30
N ILE E 1030 -76.52 62.01 -27.20
CA ILE E 1030 -77.39 62.65 -28.18
C ILE E 1030 -77.95 61.63 -29.16
N ALA E 1031 -77.18 60.61 -29.51
CA ALA E 1031 -77.62 59.62 -30.49
C ALA E 1031 -78.77 58.76 -29.98
N ASP E 1032 -79.08 58.81 -28.69
CA ASP E 1032 -80.19 58.06 -28.13
C ASP E 1032 -81.51 58.83 -28.15
N SER E 1033 -81.51 60.02 -28.75
CA SER E 1033 -82.71 60.85 -28.84
C SER E 1033 -82.96 61.23 -30.30
N SER E 1034 -84.23 61.20 -30.69
CA SER E 1034 -84.63 61.56 -32.05
C SER E 1034 -84.83 63.05 -32.25
N LYS E 1035 -84.69 63.85 -31.19
CA LYS E 1035 -84.85 65.29 -31.30
C LYS E 1035 -83.72 65.89 -32.14
N ALA E 1036 -84.02 67.01 -32.80
CA ALA E 1036 -83.04 67.71 -33.60
C ALA E 1036 -81.92 68.26 -32.71
N ALA E 1037 -80.78 68.52 -33.33
CA ALA E 1037 -79.62 68.99 -32.60
C ALA E 1037 -79.88 70.36 -31.99
N ASN E 1038 -79.58 70.50 -30.69
CA ASN E 1038 -79.79 71.73 -29.96
C ASN E 1038 -78.55 72.04 -29.13
N ALA E 1039 -78.37 73.33 -28.84
CA ALA E 1039 -77.26 73.76 -27.99
C ALA E 1039 -77.50 73.48 -26.51
N ALA E 1040 -78.70 73.05 -26.14
CA ALA E 1040 -79.07 72.74 -24.78
C ALA E 1040 -79.70 71.35 -24.73
N PRO E 1041 -79.62 70.67 -23.60
CA PRO E 1041 -80.25 69.34 -23.51
C PRO E 1041 -81.74 69.35 -23.76
N ASN E 1042 -82.44 70.42 -23.38
CA ASN E 1042 -83.88 70.55 -23.57
C ASN E 1042 -84.62 69.38 -22.90
N GLY E 1043 -84.17 69.00 -21.71
CA GLY E 1043 -84.78 67.93 -20.96
C GLY E 1043 -84.35 66.53 -21.36
N ARG E 1044 -83.44 66.39 -22.31
CA ARG E 1044 -82.98 65.07 -22.73
C ARG E 1044 -82.00 64.50 -21.71
N SER E 1045 -81.80 63.18 -21.80
CA SER E 1045 -80.83 62.48 -20.95
C SER E 1045 -79.44 62.58 -21.58
N VAL E 1046 -78.93 63.81 -21.63
CA VAL E 1046 -77.65 64.12 -22.24
C VAL E 1046 -76.79 64.81 -21.20
N PHE E 1047 -75.49 64.56 -21.24
CA PHE E 1047 -74.53 65.12 -20.28
C PHE E 1047 -73.44 65.85 -21.06
N PRO E 1048 -73.72 67.04 -21.55
CA PRO E 1048 -72.74 67.78 -22.35
C PRO E 1048 -71.84 68.64 -21.48
N ILE E 1049 -70.98 69.40 -22.14
CA ILE E 1049 -70.07 70.30 -21.45
C ILE E 1049 -70.80 71.60 -21.09
N HIS E 1050 -70.13 72.44 -20.29
CA HIS E 1050 -70.67 73.74 -19.95
C HIS E 1050 -70.78 74.57 -21.23
N ALA E 1051 -71.82 75.41 -21.29
CA ALA E 1051 -72.29 76.03 -22.53
C ALA E 1051 -71.16 76.53 -23.42
N THR E 1052 -70.10 77.11 -22.84
CA THR E 1052 -69.04 77.68 -23.66
C THR E 1052 -68.28 76.62 -24.46
N GLY E 1053 -68.35 75.35 -24.06
CA GLY E 1053 -67.72 74.30 -24.82
C GLY E 1053 -68.47 73.85 -26.05
N ILE E 1054 -69.74 74.23 -26.17
CA ILE E 1054 -70.58 73.86 -27.29
C ILE E 1054 -70.70 75.05 -28.24
N THR E 1055 -70.63 74.77 -29.55
CA THR E 1055 -70.77 75.80 -30.58
C THR E 1055 -72.11 75.59 -31.28
N SER E 1056 -73.16 76.13 -30.66
CA SER E 1056 -74.50 76.26 -31.25
C SER E 1056 -75.22 74.93 -31.42
N THR E 1057 -74.51 73.81 -31.27
CA THR E 1057 -75.07 72.48 -31.47
C THR E 1057 -74.22 71.48 -30.70
N ILE E 1058 -74.90 70.60 -29.97
CA ILE E 1058 -74.22 69.54 -29.21
C ILE E 1058 -74.02 68.35 -30.13
N ASP E 1059 -72.76 68.05 -30.44
CA ASP E 1059 -72.40 66.94 -31.30
C ASP E 1059 -71.66 65.88 -30.48
N SER E 1060 -71.21 64.83 -31.16
CA SER E 1060 -70.72 63.64 -30.47
C SER E 1060 -69.38 63.89 -29.78
N THR E 1061 -68.68 64.96 -30.14
CA THR E 1061 -67.36 65.23 -29.58
C THR E 1061 -67.40 66.14 -28.36
N GLU E 1062 -68.57 66.57 -27.92
CA GLU E 1062 -68.69 67.53 -26.83
C GLU E 1062 -69.72 67.12 -25.79
N GLU E 1063 -69.75 65.82 -25.47
CA GLU E 1063 -70.58 65.32 -24.38
C GLU E 1063 -69.92 64.08 -23.81
N LEU E 1064 -70.27 63.76 -22.57
CA LEU E 1064 -69.70 62.60 -21.91
C LEU E 1064 -70.16 61.31 -22.61
N PRO E 1065 -69.34 60.26 -22.57
CA PRO E 1065 -69.73 58.99 -23.20
C PRO E 1065 -70.96 58.39 -22.52
N THR E 1066 -71.43 57.28 -23.09
CA THR E 1066 -72.64 56.65 -22.58
C THR E 1066 -72.48 56.26 -21.12
N GLY E 1067 -73.52 56.51 -20.34
CA GLY E 1067 -73.43 56.34 -18.90
C GLY E 1067 -74.17 55.13 -18.37
N ASP E 1068 -74.08 54.01 -19.08
CA ASP E 1068 -74.71 52.77 -18.63
C ASP E 1068 -73.93 52.24 -17.44
N LEU E 1069 -74.47 52.44 -16.24
CA LEU E 1069 -73.82 51.94 -15.04
C LEU E 1069 -73.83 50.42 -15.03
N THR E 1070 -72.73 49.83 -14.59
CA THR E 1070 -72.54 48.39 -14.58
C THR E 1070 -72.64 47.90 -13.14
N ILE E 1071 -73.77 47.30 -12.79
CA ILE E 1071 -73.98 46.73 -11.46
C ILE E 1071 -73.55 45.27 -11.49
N HIS E 1072 -72.87 44.83 -10.43
CA HIS E 1072 -72.43 43.45 -10.30
C HIS E 1072 -73.30 42.77 -9.25
N VAL E 1073 -73.93 41.66 -9.62
CA VAL E 1073 -74.77 40.88 -8.72
C VAL E 1073 -73.95 39.71 -8.19
N ARG E 1074 -74.04 39.47 -6.89
CA ARG E 1074 -73.30 38.41 -6.24
C ARG E 1074 -74.24 37.58 -5.38
N ILE E 1075 -74.09 36.26 -5.44
CA ILE E 1075 -74.85 35.35 -4.60
C ILE E 1075 -73.88 34.47 -3.83
N ASN E 1076 -74.34 34.01 -2.66
CA ASN E 1076 -73.54 33.14 -1.79
C ASN E 1076 -74.35 31.86 -1.55
N ASP E 1077 -74.22 30.92 -2.48
CA ASP E 1077 -74.94 29.64 -2.38
C ASP E 1077 -73.93 28.51 -2.36
N PRO E 1078 -73.61 27.94 -1.19
CA PRO E 1078 -72.67 26.81 -1.15
C PRO E 1078 -73.16 25.58 -1.90
N ASP E 1079 -74.47 25.47 -2.15
CA ASP E 1079 -74.98 24.30 -2.86
C ASP E 1079 -74.42 24.20 -4.26
N PHE E 1080 -74.29 25.32 -4.95
CA PHE E 1080 -73.72 25.34 -6.31
C PHE E 1080 -72.21 25.18 -6.31
N ASP E 1081 -71.56 25.21 -5.14
CA ASP E 1081 -70.13 24.97 -5.05
C ASP E 1081 -69.84 23.47 -4.98
N GLU E 1082 -70.16 22.80 -6.10
CA GLU E 1082 -69.98 21.36 -6.17
C GLU E 1082 -68.51 20.97 -6.12
N ASN E 1083 -67.63 21.79 -6.68
CA ASN E 1083 -66.20 21.50 -6.72
C ASN E 1083 -65.48 22.36 -5.67
N PRO E 1084 -64.95 21.78 -4.60
CA PRO E 1084 -64.27 22.59 -3.58
C PRO E 1084 -63.04 23.32 -4.11
N ALA E 1085 -62.37 22.78 -5.12
CA ALA E 1085 -61.19 23.41 -5.69
C ALA E 1085 -61.25 23.40 -7.20
N GLY E 1086 -62.41 23.74 -7.76
CA GLY E 1086 -62.59 23.76 -9.20
C GLY E 1086 -63.60 24.81 -9.62
N GLU E 1087 -63.70 24.99 -10.93
CA GLU E 1087 -64.63 25.96 -11.49
C GLU E 1087 -66.07 25.51 -11.28
N ASP E 1088 -66.93 26.44 -10.89
CA ASP E 1088 -68.35 26.17 -10.71
C ASP E 1088 -69.16 27.30 -11.33
N ALA E 1089 -70.32 26.97 -11.86
CA ALA E 1089 -71.22 27.94 -12.48
C ALA E 1089 -72.65 27.64 -12.08
N MET E 1090 -73.42 28.70 -11.85
CA MET E 1090 -74.83 28.57 -11.49
C MET E 1090 -75.61 28.25 -12.77
N ASP E 1091 -75.88 26.97 -12.99
CA ASP E 1091 -76.53 26.50 -14.20
C ASP E 1091 -78.04 26.37 -14.07
N GLN E 1092 -78.61 26.73 -12.93
CA GLN E 1092 -80.06 26.66 -12.77
C GLN E 1092 -80.72 27.68 -13.68
N ASP E 1093 -81.76 27.23 -14.39
CA ASP E 1093 -82.38 28.06 -15.42
C ASP E 1093 -83.23 29.16 -14.79
N ASN E 1094 -82.91 30.41 -15.13
CA ASN E 1094 -83.69 31.58 -14.73
C ASN E 1094 -83.87 31.67 -13.22
N ALA E 1095 -82.83 31.32 -12.46
CA ALA E 1095 -82.91 31.41 -11.01
C ALA E 1095 -82.75 32.83 -10.49
N LEU E 1096 -82.15 33.72 -11.28
CA LEU E 1096 -81.92 35.10 -10.86
C LEU E 1096 -82.75 36.04 -11.73
N LYS E 1097 -83.49 36.94 -11.07
CA LYS E 1097 -84.31 37.94 -11.74
C LYS E 1097 -83.85 39.33 -11.31
N ILE E 1098 -83.59 40.18 -12.29
CA ILE E 1098 -83.17 41.57 -12.05
C ILE E 1098 -84.27 42.48 -12.55
N SER E 1099 -84.77 43.34 -11.67
CA SER E 1099 -85.92 44.17 -12.00
C SER E 1099 -85.79 45.53 -11.35
N VAL E 1100 -86.51 46.51 -11.90
CA VAL E 1100 -86.56 47.86 -11.39
C VAL E 1100 -88.02 48.20 -11.10
N ILE E 1101 -88.29 48.72 -9.90
CA ILE E 1101 -89.64 49.04 -9.46
C ILE E 1101 -89.71 50.52 -9.12
N ARG E 1102 -90.79 51.17 -9.58
CA ARG E 1102 -91.09 52.55 -9.24
C ARG E 1102 -92.53 52.58 -8.72
N GLY E 1103 -92.69 52.39 -7.42
CA GLY E 1103 -94.01 52.39 -6.81
C GLY E 1103 -94.83 51.17 -7.16
N SER E 1104 -95.99 51.38 -7.79
CA SER E 1104 -96.90 50.30 -8.12
C SER E 1104 -96.58 49.62 -9.44
N ASP E 1105 -95.61 50.13 -10.20
CA ASP E 1105 -95.25 49.56 -11.49
C ASP E 1105 -93.85 48.94 -11.41
N SER E 1106 -93.68 47.83 -12.12
CA SER E 1106 -92.42 47.10 -12.10
C SER E 1106 -92.00 46.74 -13.52
N VAL E 1107 -90.69 46.68 -13.73
CA VAL E 1107 -90.11 46.26 -15.00
C VAL E 1107 -88.91 45.36 -14.69
N VAL E 1108 -88.75 44.30 -15.46
CA VAL E 1108 -87.70 43.32 -15.25
C VAL E 1108 -86.62 43.52 -16.29
N LEU E 1109 -85.37 43.57 -15.84
CA LEU E 1109 -84.25 43.78 -16.76
C LEU E 1109 -83.94 42.50 -17.54
N GLY E 1110 -84.03 41.35 -16.90
CA GLY E 1110 -83.74 40.10 -17.57
C GLY E 1110 -83.63 38.96 -16.59
N TYR E 1111 -83.07 37.86 -17.07
CA TYR E 1111 -82.91 36.64 -16.28
C TYR E 1111 -81.47 36.17 -16.36
N ALA E 1112 -81.04 35.47 -15.32
CA ALA E 1112 -79.68 34.95 -15.25
C ALA E 1112 -79.72 33.52 -14.74
N GLY E 1113 -78.68 32.75 -15.09
CA GLY E 1113 -78.55 31.37 -14.72
C GLY E 1113 -78.73 30.39 -15.85
N ALA E 1114 -79.58 30.71 -16.82
CA ALA E 1114 -79.76 29.86 -17.99
C ALA E 1114 -78.70 30.20 -19.05
N SER E 1115 -78.77 29.51 -20.18
CA SER E 1115 -77.86 29.81 -21.29
C SER E 1115 -78.13 31.21 -21.82
N GLU E 1116 -77.05 31.92 -22.17
CA GLU E 1116 -77.19 33.28 -22.68
C GLU E 1116 -77.98 33.28 -23.98
N ARG E 1117 -78.98 34.16 -24.05
CA ARG E 1117 -79.85 34.24 -25.21
C ARG E 1117 -80.32 35.66 -25.40
N THR E 1118 -80.75 35.97 -26.62
CA THR E 1118 -81.27 37.29 -26.93
C THR E 1118 -82.74 37.39 -26.55
N GLY E 1119 -83.14 38.57 -26.07
CA GLY E 1119 -84.51 38.79 -25.66
C GLY E 1119 -84.77 40.25 -25.41
N LYS E 1120 -86.05 40.56 -25.24
CA LYS E 1120 -86.50 41.93 -25.00
C LYS E 1120 -86.72 42.16 -23.51
N ILE E 1121 -87.27 43.33 -23.18
CA ILE E 1121 -87.53 43.71 -21.80
C ILE E 1121 -89.03 43.56 -21.54
N ASP E 1122 -89.38 42.86 -20.46
CA ASP E 1122 -90.75 42.66 -20.06
C ASP E 1122 -91.12 43.64 -18.96
N VAL E 1123 -92.38 44.04 -18.93
CA VAL E 1123 -92.90 44.98 -17.94
C VAL E 1123 -93.82 44.23 -16.98
N GLY E 1124 -93.45 44.21 -15.70
CA GLY E 1124 -94.26 43.56 -14.69
C GLY E 1124 -94.41 42.06 -14.84
N GLY E 1125 -93.54 41.41 -15.62
CA GLY E 1125 -93.67 39.99 -15.85
C GLY E 1125 -94.93 39.57 -16.57
N ASN E 1126 -95.40 40.40 -17.51
CA ASN E 1126 -96.63 40.09 -18.23
C ASN E 1126 -96.43 39.00 -19.27
N ASN E 1127 -95.23 38.91 -19.85
CA ASN E 1127 -94.96 37.93 -20.88
C ASN E 1127 -94.81 36.55 -20.24
N GLY E 1128 -95.78 35.67 -20.51
CA GLY E 1128 -95.72 34.33 -19.95
C GLY E 1128 -94.56 33.51 -20.49
N THR E 1129 -94.28 33.65 -21.79
CA THR E 1129 -93.18 32.91 -22.42
C THR E 1129 -91.85 33.47 -21.92
N ILE E 1130 -91.02 32.60 -21.35
CA ILE E 1130 -89.76 33.05 -20.76
C ILE E 1130 -88.64 33.12 -21.79
N SER E 1131 -88.79 32.45 -22.93
CA SER E 1131 -87.72 32.43 -23.93
C SER E 1131 -87.55 33.79 -24.61
N ASN E 1132 -88.54 34.68 -24.52
CA ASN E 1132 -88.46 35.99 -25.13
C ASN E 1132 -87.76 37.01 -24.23
N ILE E 1133 -87.33 36.63 -23.04
CA ILE E 1133 -86.69 37.54 -22.10
C ILE E 1133 -85.18 37.41 -22.27
N ARG E 1134 -84.49 38.55 -22.16
CA ARG E 1134 -83.04 38.57 -22.29
C ARG E 1134 -82.38 37.77 -21.16
N SER E 1135 -81.38 36.97 -21.52
CA SER E 1135 -80.65 36.13 -20.58
C SER E 1135 -79.19 36.56 -20.56
N PHE E 1136 -78.65 36.75 -19.36
CA PHE E 1136 -77.27 37.18 -19.19
C PHE E 1136 -76.28 36.03 -19.08
N GLY E 1137 -76.74 34.80 -19.19
CA GLY E 1137 -75.85 33.65 -19.09
C GLY E 1137 -75.67 33.17 -17.67
N GLU E 1138 -74.79 32.18 -17.53
CA GLU E 1138 -74.50 31.58 -16.24
C GLU E 1138 -73.46 32.39 -15.49
N MET E 1139 -73.71 32.61 -14.21
CA MET E 1139 -72.75 33.34 -13.38
C MET E 1139 -71.53 32.49 -13.10
N ASP E 1140 -70.37 33.14 -13.02
CA ASP E 1140 -69.10 32.46 -12.81
C ASP E 1140 -68.63 32.65 -11.37
N GLU E 1141 -68.06 31.59 -10.81
CA GLU E 1141 -67.56 31.63 -9.44
C GLU E 1141 -66.35 32.56 -9.36
N ILE E 1142 -66.28 33.35 -8.29
CA ILE E 1142 -65.21 34.33 -8.17
C ILE E 1142 -63.88 33.65 -7.90
N ALA E 1143 -63.87 32.61 -7.07
CA ALA E 1143 -62.67 31.89 -6.71
C ALA E 1143 -62.99 30.40 -6.62
N PRO E 1144 -62.03 29.53 -6.92
CA PRO E 1144 -62.32 28.09 -6.96
C PRO E 1144 -62.81 27.53 -5.63
N ASP E 1145 -62.49 28.17 -4.50
CA ASP E 1145 -62.92 27.69 -3.19
C ASP E 1145 -63.76 28.72 -2.45
N ALA E 1146 -64.47 29.58 -3.17
CA ALA E 1146 -65.27 30.63 -2.54
C ALA E 1146 -66.76 30.29 -2.49
N GLY E 1147 -67.32 29.81 -3.61
CA GLY E 1147 -68.74 29.54 -3.68
C GLY E 1147 -69.60 30.73 -4.01
N ILE E 1148 -69.01 31.90 -4.28
CA ILE E 1148 -69.74 33.11 -4.59
C ILE E 1148 -69.63 33.37 -6.09
N PHE E 1149 -70.77 33.60 -6.73
CA PHE E 1149 -70.85 33.81 -8.17
C PHE E 1149 -71.19 35.26 -8.46
N GLU E 1150 -70.45 35.87 -9.37
CA GLU E 1150 -70.64 37.27 -9.73
C GLU E 1150 -70.96 37.38 -11.21
N LEU E 1151 -71.96 38.20 -11.54
CA LEU E 1151 -72.34 38.49 -12.92
C LEU E 1151 -72.35 39.99 -13.12
N ASP E 1152 -71.72 40.45 -14.19
CA ASP E 1152 -71.64 41.87 -14.52
C ASP E 1152 -72.72 42.21 -15.53
N VAL E 1153 -73.64 43.09 -15.15
CA VAL E 1153 -74.74 43.52 -16.00
C VAL E 1153 -74.82 45.04 -15.99
N ASN E 1154 -74.96 45.62 -17.17
CA ASN E 1154 -75.07 47.07 -17.33
C ASN E 1154 -76.51 47.46 -17.57
N ILE E 1155 -76.93 48.57 -16.97
CA ILE E 1155 -78.30 49.08 -17.09
C ILE E 1155 -78.25 50.39 -17.87
N LYS E 1156 -79.01 50.45 -18.96
CA LYS E 1156 -79.12 51.66 -19.75
C LYS E 1156 -80.11 52.62 -19.09
N PHE E 1157 -80.01 53.89 -19.46
CA PHE E 1157 -80.94 54.89 -18.95
C PHE E 1157 -82.36 54.68 -19.46
N THR E 1158 -82.53 53.85 -20.49
CA THR E 1158 -83.85 53.52 -21.01
C THR E 1158 -84.50 52.34 -20.30
N ASP E 1159 -83.73 51.57 -19.54
CA ASP E 1159 -84.25 50.34 -18.91
C ASP E 1159 -84.95 50.71 -17.60
N GLY E 1160 -86.18 51.19 -17.73
CA GLY E 1160 -86.98 51.55 -16.60
C GLY E 1160 -88.45 51.60 -16.92
N PRO E 1161 -89.29 51.77 -15.90
CA PRO E 1161 -90.74 51.85 -16.13
C PRO E 1161 -91.10 53.10 -16.92
N ALA E 1162 -92.20 53.00 -17.67
CA ALA E 1162 -92.66 54.12 -18.47
C ALA E 1162 -93.23 55.22 -17.58
N SER E 1163 -92.95 56.48 -17.96
CA SER E 1163 -93.46 57.63 -17.24
C SER E 1163 -93.58 58.80 -18.20
N ALA E 1164 -94.48 59.72 -17.86
CA ALA E 1164 -94.69 60.91 -18.70
C ALA E 1164 -93.67 62.00 -18.43
N GLN E 1165 -92.90 61.89 -17.35
CA GLN E 1165 -91.91 62.92 -17.04
C GLN E 1165 -90.74 62.89 -18.00
N CYS E 1166 -90.57 61.79 -18.75
CA CYS E 1166 -89.45 61.62 -19.64
C CYS E 1166 -89.81 61.89 -21.11
N ASN E 1167 -90.96 62.50 -21.37
CA ASN E 1167 -91.31 62.87 -22.73
C ASN E 1167 -90.46 64.01 -23.28
N SER E 1168 -89.66 64.65 -22.43
CA SER E 1168 -88.81 65.74 -22.91
C SER E 1168 -87.81 65.27 -23.95
N HIS E 1169 -87.46 63.99 -23.94
CA HIS E 1169 -86.54 63.41 -24.91
C HIS E 1169 -87.27 62.38 -25.75
N ASP E 1170 -87.22 62.55 -27.07
CA ASP E 1170 -87.74 61.56 -28.01
C ASP E 1170 -86.71 60.43 -28.10
N THR E 1171 -86.76 59.55 -27.10
CA THR E 1171 -85.71 58.56 -26.91
C THR E 1171 -85.67 57.55 -28.05
N LEU E 1172 -84.46 57.24 -28.50
CA LEU E 1172 -84.22 56.15 -29.42
C LEU E 1172 -83.71 54.94 -28.64
N TYR E 1173 -84.42 53.83 -28.72
CA TYR E 1173 -84.16 52.66 -27.90
C TYR E 1173 -83.26 51.70 -28.66
N THR E 1174 -82.11 51.37 -28.06
CA THR E 1174 -81.20 50.40 -28.67
C THR E 1174 -81.82 49.01 -28.65
N ALA E 1175 -81.74 48.32 -29.78
CA ALA E 1175 -82.36 47.01 -29.91
C ALA E 1175 -81.59 45.98 -29.10
N LEU E 1176 -82.33 45.17 -28.33
CA LEU E 1176 -81.74 44.05 -27.60
C LEU E 1176 -81.88 42.73 -28.33
N ASP E 1177 -82.77 42.65 -29.31
CA ASP E 1177 -82.96 41.44 -30.10
C ASP E 1177 -82.06 41.50 -31.34
N GLY E 1178 -82.28 40.59 -32.28
CA GLY E 1178 -81.44 40.51 -33.46
C GLY E 1178 -81.64 41.63 -34.47
N THR E 1179 -82.80 42.28 -34.43
CA THR E 1179 -83.08 43.37 -35.37
C THR E 1179 -82.21 44.58 -35.06
N THR E 1180 -81.94 45.38 -36.08
CA THR E 1180 -81.14 46.59 -35.95
C THR E 1180 -81.99 47.84 -35.78
N GLY E 1181 -83.31 47.70 -35.70
CA GLY E 1181 -84.17 48.86 -35.57
C GLY E 1181 -84.05 49.53 -34.21
N LYS E 1182 -84.38 50.81 -34.18
CA LYS E 1182 -84.32 51.62 -32.96
C LYS E 1182 -85.70 51.85 -32.35
N ALA E 1183 -86.72 51.11 -32.78
CA ALA E 1183 -88.06 51.32 -32.28
C ALA E 1183 -88.19 50.80 -30.84
N ASP E 1184 -89.30 51.16 -30.21
CA ASP E 1184 -89.54 50.76 -28.82
C ASP E 1184 -89.67 49.25 -28.69
N THR E 1185 -90.36 48.61 -29.63
CA THR E 1185 -90.59 47.17 -29.55
C THR E 1185 -89.32 46.36 -29.71
N ASN E 1186 -88.25 46.96 -30.22
CA ASN E 1186 -86.99 46.22 -30.38
C ASN E 1186 -86.34 45.92 -29.04
N ARG E 1187 -86.48 46.82 -28.07
CA ARG E 1187 -85.88 46.64 -26.75
C ARG E 1187 -86.86 46.12 -25.72
N PHE E 1188 -88.13 46.46 -25.82
CA PHE E 1188 -89.14 46.08 -24.85
C PHE E 1188 -90.17 45.17 -25.50
N ASP E 1189 -90.80 44.32 -24.68
CA ASP E 1189 -91.80 43.40 -25.20
C ASP E 1189 -93.01 44.14 -25.75
N ASP E 1190 -93.37 45.27 -25.16
CA ASP E 1190 -94.50 46.08 -25.63
C ASP E 1190 -94.07 47.54 -25.71
N GLY E 1191 -94.76 48.27 -26.58
CA GLY E 1191 -94.48 49.69 -26.72
C GLY E 1191 -94.93 50.48 -25.51
N ALA E 1192 -94.27 51.61 -25.29
CA ALA E 1192 -94.62 52.47 -24.17
C ALA E 1192 -95.97 53.12 -24.41
N ALA E 1193 -96.65 53.46 -23.31
CA ALA E 1193 -97.94 54.14 -23.40
C ALA E 1193 -97.78 55.51 -24.05
N SER E 1194 -98.81 55.92 -24.79
CA SER E 1194 -98.76 57.22 -25.46
C SER E 1194 -98.57 58.33 -24.44
N GLY E 1195 -97.62 59.22 -24.72
CA GLY E 1195 -97.27 60.27 -23.80
C GLY E 1195 -96.30 59.88 -22.70
N GLN E 1196 -95.80 58.65 -22.72
CA GLN E 1196 -94.87 58.17 -21.71
C GLN E 1196 -93.72 57.45 -22.38
N GLU E 1197 -92.57 57.45 -21.69
CA GLU E 1197 -91.37 56.81 -22.20
C GLU E 1197 -90.70 56.04 -21.07
N TYR E 1198 -90.03 54.94 -21.43
CA TYR E 1198 -89.32 54.13 -20.46
C TYR E 1198 -88.06 54.86 -20.00
N CYS E 1199 -87.88 54.94 -18.68
CA CYS E 1199 -86.77 55.68 -18.09
C CYS E 1199 -86.70 55.36 -16.60
N ILE E 1200 -85.66 55.88 -15.96
CA ILE E 1200 -85.45 55.73 -14.52
C ILE E 1200 -85.38 57.12 -13.91
N LEU E 1201 -86.14 57.32 -12.84
CA LEU E 1201 -86.19 58.59 -12.13
C LEU E 1201 -85.44 58.49 -10.82
N GLN E 1202 -85.26 59.64 -10.17
CA GLN E 1202 -84.63 59.68 -8.86
C GLN E 1202 -85.54 59.03 -7.82
N GLY E 1203 -84.94 58.26 -6.92
CA GLY E 1203 -85.69 57.56 -5.90
C GLY E 1203 -86.21 56.19 -6.29
N ASP E 1204 -86.00 55.76 -7.53
CA ASP E 1204 -86.43 54.44 -7.95
C ASP E 1204 -85.63 53.36 -7.23
N ILE E 1205 -86.29 52.24 -6.97
CA ILE E 1205 -85.70 51.14 -6.20
C ILE E 1205 -85.23 50.06 -7.17
N LEU E 1206 -83.95 49.70 -7.07
CA LEU E 1206 -83.37 48.62 -7.85
C LEU E 1206 -83.27 47.38 -6.98
N GLN E 1207 -83.87 46.28 -7.44
CA GLN E 1207 -83.97 45.07 -6.65
C GLN E 1207 -83.51 43.87 -7.48
N VAL E 1208 -82.96 42.88 -6.79
CA VAL E 1208 -82.49 41.64 -7.41
C VAL E 1208 -83.24 40.48 -6.79
N GLU E 1209 -83.77 39.60 -7.63
CA GLU E 1209 -84.53 38.44 -7.20
C GLU E 1209 -83.76 37.17 -7.52
N TYR E 1210 -83.55 36.33 -6.51
CA TYR E 1210 -82.90 35.04 -6.66
C TYR E 1210 -83.77 33.98 -6.02
N THR E 1211 -84.04 32.91 -6.76
CA THR E 1211 -84.85 31.79 -6.29
C THR E 1211 -83.91 30.63 -5.96
N ASP E 1212 -83.72 30.36 -4.69
CA ASP E 1212 -82.85 29.28 -4.26
C ASP E 1212 -83.52 27.94 -4.53
N PRO E 1213 -82.95 27.07 -5.35
CA PRO E 1213 -83.55 25.74 -5.56
C PRO E 1213 -83.58 24.88 -4.31
N ALA E 1214 -82.72 25.15 -3.33
CA ALA E 1214 -82.68 24.36 -2.11
C ALA E 1214 -82.15 25.23 -0.99
N ASP E 1215 -83.01 25.60 -0.05
CA ASP E 1215 -82.60 26.32 1.14
C ASP E 1215 -82.14 25.30 2.19
N ALA E 1216 -81.99 25.74 3.44
CA ALA E 1216 -81.67 24.81 4.52
C ALA E 1216 -82.72 23.73 4.67
N SER E 1217 -83.94 23.98 4.20
CA SER E 1217 -85.01 22.98 4.20
C SER E 1217 -85.09 22.21 2.89
N GLY E 1218 -84.22 22.50 1.92
CA GLY E 1218 -84.22 21.78 0.66
C GLY E 1218 -85.46 21.97 -0.18
N ASP E 1219 -85.92 23.21 -0.34
CA ASP E 1219 -87.09 23.51 -1.15
C ASP E 1219 -86.84 24.81 -1.90
N ALA E 1220 -87.91 25.35 -2.49
CA ALA E 1220 -87.79 26.64 -3.16
C ALA E 1220 -87.81 27.77 -2.15
N ASN E 1221 -86.99 28.78 -2.38
CA ASN E 1221 -86.92 29.93 -1.48
C ASN E 1221 -86.53 31.16 -2.29
N THR E 1222 -87.15 32.30 -1.96
CA THR E 1222 -86.91 33.56 -2.66
C THR E 1222 -86.23 34.53 -1.70
N VAL E 1223 -85.11 35.10 -2.14
CA VAL E 1223 -84.38 36.12 -1.38
C VAL E 1223 -84.24 37.36 -2.24
N THR E 1224 -84.25 38.52 -1.58
CA THR E 1224 -84.23 39.79 -2.27
C THR E 1224 -83.22 40.73 -1.64
N ASP E 1225 -82.61 41.56 -2.49
CA ASP E 1225 -81.80 42.69 -2.05
C ASP E 1225 -82.21 43.91 -2.87
N SER E 1226 -82.19 45.07 -2.23
CA SER E 1226 -82.72 46.28 -2.84
C SER E 1226 -81.70 47.41 -2.81
N ALA E 1227 -81.73 48.24 -3.85
CA ALA E 1227 -80.93 49.45 -3.92
C ALA E 1227 -81.80 50.58 -4.46
N THR E 1228 -81.44 51.81 -4.11
CA THR E 1228 -82.24 52.98 -4.45
C THR E 1228 -81.44 53.89 -5.38
N PHE E 1229 -82.05 54.26 -6.49
CA PHE E 1229 -81.44 55.25 -7.38
C PHE E 1229 -81.47 56.63 -6.72
N ASP E 1230 -80.41 57.41 -6.94
CA ASP E 1230 -80.32 58.73 -6.34
C ASP E 1230 -79.39 59.59 -7.17
N LEU E 1231 -79.55 60.91 -7.00
CA LEU E 1231 -78.70 61.90 -7.62
C LEU E 1231 -78.27 62.92 -6.57
N ARG E 1232 -76.98 63.25 -6.55
CA ARG E 1232 -76.41 64.12 -5.54
C ARG E 1232 -75.71 65.30 -6.23
N ASN E 1233 -75.59 66.39 -5.47
CA ASN E 1233 -74.91 67.58 -5.97
C ASN E 1233 -73.40 67.35 -6.04
N GLY E 1234 -72.74 68.16 -6.86
CA GLY E 1234 -71.29 68.12 -7.01
C GLY E 1234 -70.66 69.35 -6.37
N VAL E 1235 -69.53 69.13 -5.71
CA VAL E 1235 -68.81 70.18 -5.01
C VAL E 1235 -67.32 70.02 -5.25
N LEU E 1236 -66.65 71.12 -5.58
CA LEU E 1236 -65.21 71.12 -5.78
C LEU E 1236 -64.48 71.33 -4.44
N GLN E 1237 -63.20 71.00 -4.45
CA GLN E 1237 -62.37 71.23 -3.27
C GLN E 1237 -60.91 71.35 -3.70
N SER E 1238 -60.14 72.09 -2.91
CA SER E 1238 -58.72 72.26 -3.17
C SER E 1238 -57.96 72.17 -1.84
N ASP E 1239 -56.69 71.77 -1.94
CA ASP E 1239 -55.88 71.61 -0.74
C ASP E 1239 -55.59 72.93 -0.04
N LYS E 1240 -55.67 74.05 -0.75
CA LYS E 1240 -55.44 75.37 -0.16
C LYS E 1240 -56.16 76.40 -1.00
N SER E 1241 -56.20 77.64 -0.49
CA SER E 1241 -56.92 78.71 -1.14
C SER E 1241 -56.05 79.51 -2.11
N VAL E 1242 -54.85 79.89 -1.69
CA VAL E 1242 -53.96 80.70 -2.51
C VAL E 1242 -52.98 79.76 -3.21
N TYR E 1243 -52.55 80.18 -4.41
CA TYR E 1243 -51.63 79.40 -5.22
C TYR E 1243 -50.65 80.32 -5.93
N ILE E 1244 -49.39 79.90 -5.97
CA ILE E 1244 -48.37 80.60 -6.76
C ILE E 1244 -48.57 80.22 -8.22
N ILE E 1245 -48.46 81.20 -9.11
CA ILE E 1245 -48.59 80.93 -10.53
C ILE E 1245 -47.53 79.92 -10.96
N GLY E 1246 -47.97 78.86 -11.64
CA GLY E 1246 -47.08 77.80 -12.05
C GLY E 1246 -46.94 76.66 -11.07
N SER E 1247 -47.57 76.74 -9.90
CA SER E 1247 -47.51 75.67 -8.91
C SER E 1247 -48.48 74.55 -9.28
N ASP E 1248 -48.54 73.53 -8.44
CA ASP E 1248 -49.40 72.38 -8.68
C ASP E 1248 -50.72 72.56 -7.93
N MET E 1249 -51.83 72.50 -8.67
CA MET E 1249 -53.16 72.61 -8.10
C MET E 1249 -53.76 71.21 -7.99
N ILE E 1250 -54.04 70.78 -6.76
CA ILE E 1250 -54.65 69.48 -6.51
C ILE E 1250 -56.16 69.72 -6.53
N LEU E 1251 -56.74 69.69 -7.73
CA LEU E 1251 -58.16 69.93 -7.92
C LEU E 1251 -58.91 68.65 -7.61
N THR E 1252 -59.69 68.66 -6.52
CA THR E 1252 -60.42 67.50 -6.04
C THR E 1252 -61.90 67.71 -6.24
N LEU E 1253 -62.55 66.75 -6.90
CA LEU E 1253 -63.99 66.78 -7.12
C LEU E 1253 -64.62 65.62 -6.33
N ILE E 1254 -65.52 65.96 -5.42
CA ILE E 1254 -66.22 64.94 -4.64
C ILE E 1254 -67.70 64.98 -4.99
N GLU E 1255 -68.18 63.93 -5.66
CA GLU E 1255 -69.56 63.87 -6.12
C GLU E 1255 -69.92 62.41 -6.39
N PRO E 1256 -70.98 61.89 -5.75
CA PRO E 1256 -71.20 60.44 -5.76
C PRO E 1256 -71.65 59.87 -7.10
N ASP E 1257 -72.45 60.61 -7.87
CA ASP E 1257 -73.14 60.02 -9.02
C ASP E 1257 -72.23 59.70 -10.19
N PHE E 1258 -70.97 60.12 -10.17
CA PHE E 1258 -70.05 59.72 -11.24
C PHE E 1258 -69.42 58.36 -11.01
N ASP E 1259 -69.63 57.74 -9.85
CA ASP E 1259 -69.11 56.41 -9.57
C ASP E 1259 -70.07 55.37 -10.15
N LEU E 1260 -69.96 55.18 -11.46
CA LEU E 1260 -70.87 54.28 -12.16
C LEU E 1260 -70.56 52.82 -11.87
N ASP E 1261 -69.28 52.45 -11.80
CA ASP E 1261 -68.87 51.07 -11.58
C ASP E 1261 -68.04 51.04 -10.30
N ASN E 1262 -68.43 50.18 -9.36
CA ASN E 1262 -67.70 50.08 -8.10
C ASN E 1262 -66.44 49.22 -8.23
N ASP E 1263 -66.33 48.41 -9.29
CA ASP E 1263 -65.20 47.51 -9.44
C ASP E 1263 -64.01 48.16 -10.14
N SER E 1264 -64.19 49.34 -10.73
CA SER E 1264 -63.12 50.01 -11.46
C SER E 1264 -63.23 51.51 -11.26
N ALA E 1265 -62.14 52.20 -11.55
CA ALA E 1265 -62.07 53.66 -11.47
C ALA E 1265 -62.22 54.24 -12.87
N GLU E 1266 -63.30 54.97 -13.10
CA GLU E 1266 -63.57 55.56 -14.40
C GLU E 1266 -62.87 56.91 -14.53
N THR E 1267 -62.83 57.41 -15.76
CA THR E 1267 -62.29 58.73 -16.05
C THR E 1267 -63.33 59.56 -16.79
N TYR E 1268 -63.33 60.86 -16.53
CA TYR E 1268 -64.28 61.78 -17.12
C TYR E 1268 -63.54 63.03 -17.58
N ASP E 1269 -64.05 63.63 -18.66
CA ASP E 1269 -63.36 64.74 -19.30
C ASP E 1269 -63.18 65.91 -18.35
N LEU E 1270 -61.99 66.49 -18.37
CA LEU E 1270 -61.73 67.71 -17.60
C LEU E 1270 -62.55 68.89 -18.11
N ASP E 1271 -63.09 68.79 -19.33
CA ASP E 1271 -63.88 69.89 -19.90
C ASP E 1271 -65.09 70.24 -19.05
N LEU E 1272 -65.55 69.32 -18.18
CA LEU E 1272 -66.63 69.63 -17.27
C LEU E 1272 -66.32 70.85 -16.41
N ILE E 1273 -65.04 71.04 -16.04
CA ILE E 1273 -64.62 72.24 -15.33
C ILE E 1273 -64.24 73.31 -16.35
N GLU E 1274 -64.41 74.57 -15.96
CA GLU E 1274 -64.15 75.71 -16.83
C GLU E 1274 -63.26 76.72 -16.12
N TRP E 1275 -62.41 77.39 -16.88
CA TRP E 1275 -61.61 78.49 -16.36
C TRP E 1275 -62.39 79.78 -16.52
N ASP E 1276 -62.53 80.53 -15.43
CA ASP E 1276 -63.24 81.80 -15.45
C ASP E 1276 -62.36 82.79 -14.70
N SER E 1277 -61.77 83.74 -15.43
CA SER E 1277 -60.90 84.75 -14.86
C SER E 1277 -60.82 85.91 -15.85
N ASP E 1278 -60.06 86.94 -15.48
CA ASP E 1278 -59.90 88.09 -16.37
C ASP E 1278 -59.08 87.74 -17.60
N ALA E 1279 -58.20 86.75 -17.51
CA ALA E 1279 -57.37 86.38 -18.65
C ALA E 1279 -58.20 85.86 -19.80
N ALA E 1280 -59.05 84.87 -19.53
CA ALA E 1280 -59.89 84.26 -20.57
C ALA E 1280 -60.91 83.36 -19.89
N THR E 1281 -61.89 82.91 -20.68
CA THR E 1281 -62.88 81.95 -20.25
C THR E 1281 -62.84 80.75 -21.18
N THR E 1282 -62.41 79.61 -20.66
CA THR E 1282 -62.24 78.41 -21.48
C THR E 1282 -62.45 77.18 -20.61
N THR E 1283 -62.78 76.06 -21.26
CA THR E 1283 -63.07 74.81 -20.59
C THR E 1283 -61.80 74.05 -20.21
N MET E 1284 -60.62 74.59 -20.51
CA MET E 1284 -59.33 74.04 -20.11
C MET E 1284 -59.06 72.67 -20.72
N GLY E 1285 -59.96 72.16 -21.55
CA GLY E 1285 -59.81 70.88 -22.19
C GLY E 1285 -59.51 71.00 -23.67
N ASN E 1286 -59.73 69.89 -24.38
CA ASN E 1286 -59.51 69.88 -25.83
C ASN E 1286 -60.53 70.73 -26.57
N LYS E 1287 -61.66 71.05 -25.93
CA LYS E 1287 -62.70 71.88 -26.54
C LYS E 1287 -62.51 73.37 -26.24
N GLY E 1288 -61.44 73.74 -25.55
CA GLY E 1288 -61.20 75.12 -25.20
C GLY E 1288 -60.52 75.89 -26.33
N VAL E 1289 -60.05 77.09 -25.98
CA VAL E 1289 -59.39 77.96 -26.93
C VAL E 1289 -58.04 77.38 -27.32
N THR E 1290 -57.45 77.92 -28.38
CA THR E 1290 -56.15 77.43 -28.85
C THR E 1290 -55.07 77.69 -27.80
N GLY E 1291 -54.29 76.65 -27.51
CA GLY E 1291 -53.21 76.73 -26.54
C GLY E 1291 -53.64 76.63 -25.10
N ALA E 1292 -54.92 76.38 -24.82
CA ALA E 1292 -55.41 76.36 -23.44
C ALA E 1292 -54.92 75.12 -22.70
N ALA E 1293 -55.28 73.94 -23.20
CA ALA E 1293 -55.02 72.70 -22.47
C ALA E 1293 -53.53 72.50 -22.20
N ALA E 1294 -52.68 73.04 -23.07
CA ALA E 1294 -51.24 72.95 -22.86
C ALA E 1294 -50.81 73.77 -21.64
N ALA E 1295 -51.53 74.85 -21.35
CA ALA E 1295 -51.14 75.76 -20.28
C ALA E 1295 -51.22 75.11 -18.91
N PHE E 1296 -52.23 74.26 -18.70
CA PHE E 1296 -52.37 73.55 -17.43
C PHE E 1296 -51.59 72.25 -17.36
N ASP E 1297 -51.42 71.56 -18.50
CA ASP E 1297 -50.70 70.29 -18.56
C ASP E 1297 -51.25 69.31 -17.52
N PRO E 1298 -52.48 68.82 -17.70
CA PRO E 1298 -53.07 67.95 -16.68
C PRO E 1298 -52.34 66.63 -16.56
N GLU E 1299 -52.22 66.16 -15.31
CA GLU E 1299 -51.61 64.87 -15.00
C GLU E 1299 -52.45 64.21 -13.91
N PRO E 1300 -53.38 63.31 -14.26
CA PRO E 1300 -53.70 62.79 -15.60
C PRO E 1300 -54.41 63.79 -16.49
N THR E 1301 -54.60 63.48 -17.77
CA THR E 1301 -55.19 64.41 -18.72
C THR E 1301 -56.65 64.72 -18.42
N ASP E 1302 -57.30 63.93 -17.57
CA ASP E 1302 -58.70 64.14 -17.25
C ASP E 1302 -58.96 63.81 -15.79
N PHE E 1303 -60.19 64.08 -15.35
CA PHE E 1303 -60.59 63.75 -13.99
C PHE E 1303 -60.47 62.25 -13.78
N ARG E 1304 -59.83 61.86 -12.69
CA ARG E 1304 -59.60 60.45 -12.42
C ARG E 1304 -60.10 60.14 -11.01
N GLU E 1305 -60.84 59.05 -10.86
CA GLU E 1305 -61.41 58.68 -9.58
C GLU E 1305 -60.32 58.09 -8.68
N THR E 1306 -60.37 58.45 -7.39
CA THR E 1306 -59.31 58.04 -6.47
C THR E 1306 -59.27 56.53 -6.29
N GLY E 1307 -60.42 55.91 -6.03
CA GLY E 1307 -60.47 54.48 -5.84
C GLY E 1307 -61.75 53.90 -6.43
N ASP E 1308 -61.69 52.60 -6.72
CA ASP E 1308 -62.78 51.97 -7.48
C ASP E 1308 -64.13 52.10 -6.78
N SER E 1309 -64.13 52.23 -5.45
CA SER E 1309 -65.37 52.37 -4.70
C SER E 1309 -65.31 53.59 -3.78
N THR E 1310 -64.84 54.71 -4.31
CA THR E 1310 -64.70 55.95 -3.54
C THR E 1310 -65.61 57.07 -4.02
N GLY E 1311 -65.67 57.31 -5.33
CA GLY E 1311 -66.49 58.38 -5.86
C GLY E 1311 -65.84 59.75 -5.88
N ILE E 1312 -64.60 59.86 -5.41
CA ILE E 1312 -63.88 61.14 -5.36
C ILE E 1312 -62.90 61.19 -6.52
N PHE E 1313 -62.94 62.29 -7.27
CA PHE E 1313 -62.11 62.47 -8.45
C PHE E 1313 -61.08 63.56 -8.18
N GLN E 1314 -59.82 63.27 -8.53
CA GLN E 1314 -58.72 64.20 -8.33
C GLN E 1314 -57.88 64.29 -9.59
N ILE E 1315 -57.21 65.43 -9.74
CA ILE E 1315 -56.36 65.68 -10.90
C ILE E 1315 -55.37 66.78 -10.54
N VAL E 1316 -54.16 66.69 -11.08
CA VAL E 1316 -53.10 67.66 -10.83
C VAL E 1316 -53.09 68.66 -11.97
N ILE E 1317 -53.29 69.94 -11.64
CA ILE E 1317 -53.35 71.03 -12.60
C ILE E 1317 -52.27 72.04 -12.28
N GLU E 1318 -51.59 72.53 -13.31
CA GLU E 1318 -50.60 73.60 -13.14
C GLU E 1318 -51.24 74.94 -13.45
N ILE E 1319 -50.99 75.92 -12.59
CA ILE E 1319 -51.55 77.25 -12.75
C ILE E 1319 -50.88 77.92 -13.95
N PRO E 1320 -51.64 78.32 -14.97
CA PRO E 1320 -51.00 78.89 -16.16
C PRO E 1320 -50.49 80.29 -15.91
N GLU E 1321 -49.32 80.59 -16.47
CA GLU E 1321 -48.81 81.95 -16.49
C GLU E 1321 -49.49 82.80 -17.55
N SER E 1322 -50.10 82.17 -18.56
CA SER E 1322 -50.82 82.87 -19.61
C SER E 1322 -51.87 81.94 -20.18
N LEU E 1323 -53.11 82.44 -20.28
CA LEU E 1323 -54.21 81.62 -20.76
C LEU E 1323 -54.30 81.60 -22.28
N SER E 1324 -54.48 82.76 -22.90
CA SER E 1324 -54.56 82.85 -24.36
C SER E 1324 -54.15 84.25 -24.78
N ASN E 1325 -52.92 84.40 -25.25
CA ASN E 1325 -52.35 85.65 -25.75
C ASN E 1325 -52.28 86.74 -24.70
N ASP E 1326 -52.49 86.42 -23.42
CA ASP E 1326 -52.36 87.40 -22.35
C ASP E 1326 -51.97 86.69 -21.07
N LYS E 1327 -51.31 87.42 -20.18
CA LYS E 1327 -50.80 86.87 -18.95
C LYS E 1327 -51.90 86.80 -17.88
N LEU E 1328 -51.60 86.08 -16.80
CA LEU E 1328 -52.46 86.01 -15.64
C LEU E 1328 -51.85 86.86 -14.53
N GLU E 1329 -52.67 87.71 -13.92
CA GLU E 1329 -52.19 88.75 -13.02
C GLU E 1329 -52.25 88.31 -11.56
N ARG E 1330 -51.46 88.99 -10.74
CA ARG E 1330 -51.44 88.71 -9.31
C ARG E 1330 -52.70 89.24 -8.64
N GLY E 1331 -53.24 88.47 -7.70
CA GLY E 1331 -54.48 88.85 -7.06
C GLY E 1331 -55.71 88.65 -7.91
N GLU E 1332 -55.57 87.97 -9.05
CA GLU E 1332 -56.71 87.77 -9.94
C GLU E 1332 -57.71 86.80 -9.33
N GLU E 1333 -58.98 87.06 -9.60
CA GLU E 1333 -60.06 86.20 -9.12
C GLU E 1333 -60.18 85.00 -10.04
N ILE E 1334 -59.97 83.81 -9.49
CA ILE E 1334 -60.03 82.56 -10.25
C ILE E 1334 -61.31 81.85 -9.87
N ILE E 1335 -62.17 81.59 -10.86
CA ILE E 1335 -63.45 80.93 -10.64
C ILE E 1335 -63.43 79.60 -11.40
N LEU E 1336 -63.65 78.51 -10.67
CA LEU E 1336 -63.72 77.18 -11.26
C LEU E 1336 -65.15 76.67 -11.10
N GLU E 1337 -65.94 76.79 -12.15
CA GLU E 1337 -67.35 76.43 -12.14
C GLU E 1337 -67.61 75.26 -13.08
N TYR E 1338 -68.39 74.29 -12.61
CA TYR E 1338 -68.79 73.14 -13.40
C TYR E 1338 -70.28 72.89 -13.20
N THR E 1339 -70.94 72.40 -14.24
CA THR E 1339 -72.37 72.11 -14.21
C THR E 1339 -72.58 70.62 -13.93
N ASP E 1340 -73.38 70.33 -12.90
CA ASP E 1340 -73.57 68.95 -12.48
C ASP E 1340 -74.50 68.19 -13.43
N TRP E 1341 -75.55 68.85 -13.91
CA TRP E 1341 -76.60 68.25 -14.74
C TRP E 1341 -77.43 67.25 -13.95
N GLY E 1342 -77.02 66.96 -12.71
CA GLY E 1342 -77.68 65.98 -11.89
C GLY E 1342 -77.89 66.36 -10.44
N PRO E 1343 -78.23 67.64 -10.14
CA PRO E 1343 -78.28 68.08 -8.74
C PRO E 1343 -79.32 67.34 -7.92
N SER E 1344 -79.35 67.61 -6.61
CA SER E 1344 -80.28 66.91 -5.72
C SER E 1344 -81.73 67.17 -6.10
N GLY E 1345 -82.04 68.35 -6.61
CA GLY E 1345 -83.39 68.68 -7.02
C GLY E 1345 -83.78 68.18 -8.39
N SER E 1346 -82.88 67.48 -9.08
CA SER E 1346 -83.15 66.96 -10.41
C SER E 1346 -83.79 65.58 -10.32
N ASP E 1347 -84.93 65.41 -10.99
CA ASP E 1347 -85.57 64.10 -11.03
C ASP E 1347 -84.77 63.11 -11.85
N TYR E 1348 -84.06 63.59 -12.87
CA TYR E 1348 -83.21 62.74 -13.69
C TYR E 1348 -82.13 63.61 -14.31
N VAL E 1349 -81.19 62.95 -15.00
CA VAL E 1349 -80.05 63.66 -15.58
C VAL E 1349 -80.53 64.58 -16.70
N GLY E 1350 -80.10 65.83 -16.66
CA GLY E 1350 -80.48 66.81 -17.65
C GLY E 1350 -81.76 67.57 -17.36
N ASP E 1351 -82.35 67.39 -16.17
CA ASP E 1351 -83.56 68.12 -15.81
C ASP E 1351 -83.23 69.51 -15.28
N GLU E 1352 -82.37 69.59 -14.27
CA GLU E 1352 -81.96 70.85 -13.66
C GLU E 1352 -80.52 71.15 -14.05
N ASP E 1353 -80.24 72.41 -14.36
CA ASP E 1353 -78.94 72.84 -14.86
C ASP E 1353 -78.18 73.69 -13.84
N GLU E 1354 -78.25 73.29 -12.56
CA GLU E 1354 -77.59 74.04 -11.51
C GLU E 1354 -76.07 73.98 -11.69
N ASP E 1355 -75.42 75.11 -11.41
CA ASP E 1355 -73.97 75.23 -11.53
C ASP E 1355 -73.37 75.52 -10.16
N VAL E 1356 -72.15 75.02 -9.96
CA VAL E 1356 -71.41 75.20 -8.72
C VAL E 1356 -70.01 75.70 -9.05
N ASN E 1357 -69.56 76.71 -8.31
CA ASN E 1357 -68.28 77.36 -8.57
C ASN E 1357 -67.42 77.38 -7.32
N LEU E 1358 -66.13 77.61 -7.52
CA LEU E 1358 -65.16 77.70 -6.43
C LEU E 1358 -64.28 78.92 -6.66
N THR E 1359 -63.87 79.54 -5.56
CA THR E 1359 -63.03 80.74 -5.61
C THR E 1359 -61.59 80.36 -5.26
N ILE E 1360 -60.66 80.81 -6.09
CA ILE E 1360 -59.24 80.53 -5.92
C ILE E 1360 -58.46 81.84 -6.01
N TYR E 1361 -57.55 82.04 -5.07
CA TYR E 1361 -56.73 83.26 -5.02
C TYR E 1361 -55.34 82.96 -5.55
N THR E 1362 -54.70 83.98 -6.12
CA THR E 1362 -53.31 83.90 -6.54
C THR E 1362 -52.42 84.58 -5.51
N SER E 1363 -51.15 84.19 -5.50
CA SER E 1363 -50.22 84.67 -4.48
C SER E 1363 -50.00 86.17 -4.62
N ASN E 1364 -49.99 86.87 -3.47
CA ASN E 1364 -49.69 88.29 -3.41
C ASN E 1364 -48.64 88.53 -2.35
N PHE E 1365 -47.53 89.17 -2.74
CA PHE E 1365 -46.46 89.50 -1.82
C PHE E 1365 -45.83 90.81 -2.24
N GLY E 1366 -45.20 91.47 -1.28
CA GLY E 1366 -44.57 92.76 -1.53
C GLY E 1366 -43.37 92.67 -2.45
N ALA E 1367 -43.47 93.29 -3.63
CA ALA E 1367 -42.38 93.30 -4.60
C ALA E 1367 -41.45 94.48 -4.34
N THR E 1368 -40.85 94.47 -3.14
CA THR E 1368 -39.96 95.55 -2.74
C THR E 1368 -38.67 95.53 -3.56
N VAL E 1369 -38.18 96.72 -3.90
CA VAL E 1369 -36.95 96.89 -4.66
C VAL E 1369 -35.99 97.70 -3.82
N GLU E 1370 -34.76 97.22 -3.70
CA GLU E 1370 -33.74 97.87 -2.88
C GLU E 1370 -32.47 98.05 -3.70
N LEU E 1371 -31.67 99.04 -3.29
CA LEU E 1371 -30.38 99.32 -3.90
C LEU E 1371 -29.29 99.17 -2.85
N ASP E 1372 -28.07 98.92 -3.32
CA ASP E 1372 -26.95 98.75 -2.40
C ASP E 1372 -26.66 100.03 -1.63
N GLN E 1373 -26.70 101.17 -2.30
CA GLN E 1373 -26.46 102.46 -1.68
C GLN E 1373 -27.54 103.45 -2.10
N LYS E 1374 -27.88 104.36 -1.18
CA LYS E 1374 -28.85 105.39 -1.50
C LYS E 1374 -28.25 106.50 -2.36
N VAL E 1375 -26.95 106.75 -2.21
CA VAL E 1375 -26.25 107.80 -2.93
C VAL E 1375 -25.09 107.18 -3.71
N TYR E 1376 -24.98 107.54 -4.99
CA TYR E 1376 -23.94 107.02 -5.86
C TYR E 1376 -23.22 108.17 -6.56
N SER E 1377 -22.00 107.89 -7.00
CA SER E 1377 -21.26 108.80 -7.86
C SER E 1377 -21.30 108.27 -9.30
N TRP E 1378 -20.68 109.01 -10.20
CA TRP E 1378 -20.62 108.54 -11.58
C TRP E 1378 -19.51 107.50 -11.73
N THR E 1379 -19.58 106.75 -12.84
CA THR E 1379 -18.71 105.60 -13.08
C THR E 1379 -18.77 104.61 -11.91
N ASP E 1380 -20.00 104.33 -11.48
CA ASP E 1380 -20.23 103.44 -10.35
C ASP E 1380 -21.23 102.35 -10.75
N LYS E 1381 -21.17 101.23 -10.04
CA LYS E 1381 -22.03 100.08 -10.29
C LYS E 1381 -23.02 99.93 -9.16
N VAL E 1382 -24.29 99.68 -9.49
CA VAL E 1382 -25.36 99.53 -8.52
C VAL E 1382 -25.93 98.12 -8.64
N TYR E 1383 -26.07 97.44 -7.50
CA TYR E 1383 -26.67 96.11 -7.46
C TYR E 1383 -28.15 96.27 -7.16
N ILE E 1384 -28.99 95.79 -8.09
CA ILE E 1384 -30.44 95.90 -7.96
C ILE E 1384 -30.97 94.55 -7.48
N THR E 1385 -31.69 94.56 -6.36
CA THR E 1385 -32.30 93.35 -5.80
C THR E 1385 -33.80 93.54 -5.71
N ILE E 1386 -34.54 92.47 -6.05
CA ILE E 1386 -35.99 92.48 -6.03
C ILE E 1386 -36.48 91.23 -5.32
N VAL E 1387 -37.34 91.41 -4.33
CA VAL E 1387 -37.96 90.30 -3.61
C VAL E 1387 -39.38 90.14 -4.14
N ALA E 1388 -39.57 89.21 -5.07
CA ALA E 1388 -40.86 89.00 -5.72
C ALA E 1388 -41.21 87.52 -5.66
N PRO E 1389 -41.76 87.06 -4.53
CA PRO E 1389 -42.17 85.65 -4.44
C PRO E 1389 -43.25 85.26 -5.42
N ASP E 1390 -44.03 86.23 -5.92
CA ASP E 1390 -45.10 85.92 -6.86
C ASP E 1390 -44.56 85.41 -8.19
N HIS E 1391 -43.38 85.85 -8.60
CA HIS E 1391 -42.82 85.50 -9.89
C HIS E 1391 -41.99 84.22 -9.85
N ASN E 1392 -41.91 83.56 -8.70
CA ASN E 1392 -41.24 82.26 -8.60
C ASN E 1392 -42.16 81.20 -9.19
N PHE E 1393 -42.24 81.20 -10.52
CA PHE E 1393 -43.20 80.35 -11.21
C PHE E 1393 -42.88 78.87 -11.05
N ASP E 1394 -41.61 78.50 -11.15
CA ASP E 1394 -41.20 77.10 -11.06
C ASP E 1394 -40.08 76.97 -10.04
N SER E 1395 -40.16 75.93 -9.20
CA SER E 1395 -39.16 75.73 -8.16
C SER E 1395 -37.82 75.28 -8.73
N ASP E 1396 -37.84 74.51 -9.82
CA ASP E 1396 -36.62 74.00 -10.41
C ASP E 1396 -36.12 74.86 -11.57
N LEU E 1397 -36.76 75.99 -11.83
CA LEU E 1397 -36.37 76.91 -12.89
C LEU E 1397 -36.08 78.27 -12.30
N VAL E 1398 -34.91 78.82 -12.63
CA VAL E 1398 -34.58 80.18 -12.20
C VAL E 1398 -35.45 81.15 -12.99
N ASP E 1399 -36.42 81.76 -12.31
CA ASP E 1399 -37.37 82.64 -12.99
C ASP E 1399 -36.72 83.97 -13.35
N GLU E 1400 -37.31 84.65 -14.32
CA GLU E 1400 -36.81 85.92 -14.81
C GLU E 1400 -37.94 86.93 -14.92
N ILE E 1401 -37.59 88.21 -14.79
CA ILE E 1401 -38.53 89.31 -14.93
C ILE E 1401 -37.89 90.39 -15.79
N GLY E 1402 -38.75 91.21 -16.39
CA GLY E 1402 -38.29 92.28 -17.26
C GLY E 1402 -37.98 91.88 -18.68
N GLU E 1403 -38.19 90.62 -19.05
CA GLU E 1403 -37.83 90.16 -20.39
C GLU E 1403 -38.81 90.67 -21.44
N THR E 1404 -40.10 90.61 -21.16
CA THR E 1404 -41.12 90.91 -22.15
C THR E 1404 -41.78 92.25 -21.86
N ASP E 1405 -42.52 92.74 -22.85
CA ASP E 1405 -43.23 94.01 -22.68
C ASP E 1405 -44.41 93.88 -21.72
N SER E 1406 -44.99 92.68 -21.62
CA SER E 1406 -46.06 92.45 -20.66
C SER E 1406 -45.57 92.54 -19.23
N ASP E 1407 -44.31 92.19 -18.97
CA ASP E 1407 -43.70 92.31 -17.64
C ASP E 1407 -42.39 93.06 -17.78
N PRO E 1408 -42.45 94.39 -17.91
CA PRO E 1408 -41.24 95.17 -18.16
C PRO E 1408 -40.52 95.61 -16.89
N ILE E 1409 -39.20 95.76 -17.04
CA ILE E 1409 -38.35 96.39 -16.03
C ILE E 1409 -37.80 97.67 -16.64
N LYS E 1410 -38.01 98.78 -15.97
CA LYS E 1410 -37.70 100.11 -16.51
C LYS E 1410 -36.69 100.77 -15.58
N VAL E 1411 -35.43 100.79 -15.98
CA VAL E 1411 -34.42 101.56 -15.28
C VAL E 1411 -34.22 102.87 -16.00
N SER E 1412 -34.03 103.95 -15.24
CA SER E 1412 -34.04 105.28 -15.83
C SER E 1412 -33.32 106.27 -14.92
N THR E 1413 -32.62 107.22 -15.55
CA THR E 1413 -32.08 108.39 -14.89
C THR E 1413 -32.94 109.61 -15.27
N ARG E 1414 -32.49 110.79 -14.85
CA ARG E 1414 -33.16 112.04 -15.22
C ARG E 1414 -32.66 112.52 -16.58
N GLY E 1415 -32.99 111.73 -17.61
CA GLY E 1415 -32.57 112.05 -18.96
C GLY E 1415 -32.24 110.84 -19.81
N PHE E 1416 -31.94 109.70 -19.16
CA PHE E 1416 -31.60 108.48 -19.87
C PHE E 1416 -32.33 107.31 -19.21
N ASP E 1417 -32.56 106.26 -19.99
CA ASP E 1417 -33.27 105.08 -19.51
C ASP E 1417 -32.91 103.89 -20.37
N LEU E 1418 -33.11 102.70 -19.80
CA LEU E 1418 -32.96 101.43 -20.52
C LEU E 1418 -34.28 100.69 -20.48
N ASP E 1419 -34.64 100.06 -21.60
CA ASP E 1419 -35.90 99.35 -21.74
C ASP E 1419 -35.67 97.84 -21.79
N ASN E 1420 -36.62 97.10 -21.20
CA ASN E 1420 -36.62 95.64 -21.19
C ASN E 1420 -35.31 95.08 -20.64
N TYR E 1421 -35.10 95.32 -19.34
CA TYR E 1421 -33.91 94.87 -18.65
C TYR E 1421 -34.26 93.59 -17.88
N LYS E 1422 -33.62 92.49 -18.25
CA LYS E 1422 -33.90 91.22 -17.59
C LYS E 1422 -33.30 91.19 -16.19
N LEU E 1423 -34.00 90.54 -15.27
CA LEU E 1423 -33.49 90.26 -13.94
C LEU E 1423 -33.64 88.77 -13.66
N VAL E 1424 -32.67 88.22 -12.94
CA VAL E 1424 -32.54 86.78 -12.76
C VAL E 1424 -32.64 86.44 -11.28
N GLU E 1425 -33.31 85.32 -10.99
CA GLU E 1425 -33.42 84.84 -9.62
C GLU E 1425 -32.06 84.39 -9.11
N THR E 1426 -31.76 84.75 -7.85
CA THR E 1426 -30.49 84.34 -7.26
C THR E 1426 -30.42 82.83 -7.08
N GLY E 1427 -31.53 82.21 -6.69
CA GLY E 1427 -31.59 80.77 -6.56
C GLY E 1427 -32.74 80.21 -7.35
N THR E 1428 -32.74 78.87 -7.47
CA THR E 1428 -33.78 78.21 -8.25
C THR E 1428 -35.14 78.33 -7.58
N ASP E 1429 -35.18 78.36 -6.25
CA ASP E 1429 -36.44 78.43 -5.51
C ASP E 1429 -36.33 79.42 -4.35
N THR E 1430 -35.75 80.58 -4.61
CA THR E 1430 -35.55 81.60 -3.58
C THR E 1430 -36.57 82.73 -3.62
N GLY E 1431 -37.04 83.11 -4.81
CA GLY E 1431 -37.99 84.19 -4.93
C GLY E 1431 -37.39 85.58 -4.94
N ILE E 1432 -36.07 85.69 -5.02
CA ILE E 1432 -35.38 86.98 -5.02
C ILE E 1432 -34.64 87.13 -6.34
N PHE E 1433 -34.82 88.28 -6.98
CA PHE E 1433 -34.19 88.57 -8.27
C PHE E 1433 -33.07 89.58 -8.07
N THR E 1434 -31.93 89.33 -8.71
CA THR E 1434 -30.74 90.15 -8.53
C THR E 1434 -30.09 90.44 -9.87
N GLY E 1435 -29.68 91.69 -10.06
CA GLY E 1435 -28.94 92.12 -11.23
C GLY E 1435 -28.31 93.47 -10.96
N GLU E 1436 -27.28 93.79 -11.74
CA GLU E 1436 -26.56 95.03 -11.54
C GLU E 1436 -26.40 95.77 -12.86
N VAL E 1437 -26.40 97.11 -12.75
CA VAL E 1437 -26.17 98.00 -13.88
C VAL E 1437 -25.05 98.96 -13.49
N ILE E 1438 -24.19 99.26 -14.46
CA ILE E 1438 -23.07 100.18 -14.26
C ILE E 1438 -23.42 101.50 -14.93
N LEU E 1439 -23.24 102.60 -14.20
CA LEU E 1439 -23.51 103.94 -14.71
C LEU E 1439 -22.25 104.45 -15.41
N THR E 1440 -22.31 104.51 -16.75
CA THR E 1440 -21.14 104.88 -17.54
C THR E 1440 -20.87 106.37 -17.57
N GLY E 1441 -21.79 107.20 -17.08
CA GLY E 1441 -21.55 108.63 -17.09
C GLY E 1441 -21.65 109.22 -18.48
N PHE E 1442 -21.05 110.40 -18.62
CA PHE E 1442 -21.04 111.13 -19.89
C PHE E 1442 -19.61 111.51 -20.24
N THR E 1443 -19.32 111.50 -21.54
CA THR E 1443 -17.96 111.72 -22.04
C THR E 1443 -17.60 113.19 -22.16
N ALA E 1444 -18.53 114.11 -21.93
CA ALA E 1444 -18.28 115.53 -22.10
C ALA E 1444 -17.78 116.19 -20.82
N HIS E 1445 -16.71 115.65 -20.25
CA HIS E 1445 -16.13 116.20 -19.03
C HIS E 1445 -14.69 115.71 -18.90
N ASP E 1446 -13.81 116.61 -18.47
CA ASP E 1446 -12.41 116.27 -18.21
C ASP E 1446 -12.25 116.09 -16.70
N ALA E 1447 -12.69 114.92 -16.22
CA ALA E 1447 -12.59 114.62 -14.79
C ALA E 1447 -11.15 114.54 -14.32
N ASP E 1448 -10.28 113.92 -15.12
CA ASP E 1448 -8.87 113.81 -14.76
C ASP E 1448 -8.16 115.16 -14.79
N GLY E 1449 -8.65 116.11 -15.58
CA GLY E 1449 -8.03 117.42 -15.66
C GLY E 1449 -6.84 117.51 -16.58
N ASP E 1450 -6.54 116.45 -17.35
CA ASP E 1450 -5.40 116.48 -18.24
C ASP E 1450 -5.65 117.32 -19.49
N GLY E 1451 -6.89 117.68 -19.76
CA GLY E 1451 -7.23 118.52 -20.90
C GLY E 1451 -7.91 117.84 -22.06
N ASN E 1452 -8.37 116.60 -21.90
CA ASN E 1452 -9.04 115.88 -22.98
C ASN E 1452 -10.28 115.20 -22.42
N THR E 1453 -11.25 114.97 -23.30
CA THR E 1453 -12.49 114.30 -22.94
C THR E 1453 -12.27 112.78 -22.96
N GLY E 1454 -13.36 112.02 -22.89
CA GLY E 1454 -13.28 110.58 -22.93
C GLY E 1454 -12.93 109.90 -21.63
N ASP E 1455 -13.01 110.62 -20.50
CA ASP E 1455 -12.71 109.99 -19.21
C ASP E 1455 -13.71 108.89 -18.86
N ALA E 1456 -14.96 109.04 -19.27
CA ALA E 1456 -15.99 108.02 -19.04
C ALA E 1456 -16.62 107.66 -20.38
N THR E 1457 -16.71 106.35 -20.65
CA THR E 1457 -17.27 105.87 -21.91
C THR E 1457 -18.79 105.91 -21.83
N GLY E 1458 -19.34 107.10 -22.05
CA GLY E 1458 -20.77 107.30 -22.02
C GLY E 1458 -21.51 106.49 -23.08
N THR E 1459 -22.23 105.47 -22.64
CA THR E 1459 -22.95 104.60 -23.56
C THR E 1459 -24.11 103.95 -22.82
N THR E 1460 -25.30 104.02 -23.42
CA THR E 1460 -26.50 103.40 -22.87
C THR E 1460 -26.81 102.16 -23.69
N SER E 1461 -26.60 100.99 -23.10
CA SER E 1461 -26.81 99.73 -23.79
C SER E 1461 -26.94 98.62 -22.76
N GLY E 1462 -27.33 97.44 -23.24
CA GLY E 1462 -27.47 96.28 -22.38
C GLY E 1462 -28.91 95.89 -22.12
N SER E 1463 -29.22 94.61 -22.30
CA SER E 1463 -30.55 94.09 -22.05
C SER E 1463 -30.58 92.88 -21.14
N GLY E 1464 -29.44 92.25 -20.85
CA GLY E 1464 -29.40 91.12 -19.97
C GLY E 1464 -29.37 91.53 -18.51
N PRO E 1465 -29.18 90.56 -17.61
CA PRO E 1465 -29.18 90.88 -16.18
C PRO E 1465 -27.84 91.40 -15.66
N THR E 1466 -26.77 91.35 -16.45
CA THR E 1466 -25.44 91.68 -15.96
C THR E 1466 -24.68 92.66 -16.84
N ASP E 1467 -25.16 92.95 -18.05
CA ASP E 1467 -24.42 93.78 -19.00
C ASP E 1467 -25.06 95.15 -19.21
N GLY E 1468 -25.83 95.63 -18.24
CA GLY E 1468 -26.50 96.91 -18.39
C GLY E 1468 -25.52 98.06 -18.30
N LEU E 1469 -25.59 98.98 -19.27
CA LEU E 1469 -24.78 100.18 -19.28
C LEU E 1469 -25.69 101.39 -19.41
N LEU E 1470 -25.47 102.39 -18.57
CA LEU E 1470 -26.33 103.58 -18.53
C LEU E 1470 -25.47 104.83 -18.43
N ALA E 1471 -25.85 105.86 -19.18
CA ALA E 1471 -25.23 107.17 -19.06
C ALA E 1471 -25.92 107.97 -17.96
N THR E 1472 -25.12 108.71 -17.20
CA THR E 1472 -25.64 109.45 -16.05
C THR E 1472 -24.83 110.72 -15.85
N ASP E 1473 -25.54 111.85 -15.72
CA ASP E 1473 -24.87 113.11 -15.45
C ASP E 1473 -24.32 113.13 -14.03
N ASP E 1474 -23.39 114.06 -13.78
CA ASP E 1474 -22.79 114.18 -12.46
C ASP E 1474 -23.81 114.59 -11.40
N ASP E 1475 -24.94 115.16 -11.81
CA ASP E 1475 -26.04 115.50 -10.91
C ASP E 1475 -27.30 114.91 -11.51
N ASP E 1476 -27.66 113.71 -11.09
CA ASP E 1476 -28.77 112.97 -11.68
C ASP E 1476 -29.41 112.11 -10.60
N GLY E 1477 -30.40 111.31 -10.99
CA GLY E 1477 -31.07 110.43 -10.06
C GLY E 1477 -31.51 109.12 -10.69
N LEU E 1478 -31.16 108.01 -10.06
CA LEU E 1478 -31.51 106.68 -10.56
C LEU E 1478 -32.95 106.32 -10.16
N THR E 1479 -33.65 105.67 -11.09
CA THR E 1479 -35.02 105.23 -10.86
C THR E 1479 -35.18 103.83 -11.43
N VAL E 1480 -35.61 102.88 -10.60
CA VAL E 1480 -35.89 101.52 -11.01
C VAL E 1480 -37.35 101.22 -10.71
N SER E 1481 -38.09 100.79 -11.73
CA SER E 1481 -39.52 100.53 -11.63
C SER E 1481 -39.82 99.09 -12.00
N PHE E 1482 -40.64 98.43 -11.19
CA PHE E 1482 -41.01 97.04 -11.39
C PHE E 1482 -42.53 96.92 -11.43
N GLU E 1483 -43.03 96.07 -12.32
CA GLU E 1483 -44.46 95.85 -12.49
C GLU E 1483 -44.82 94.43 -12.08
N PHE E 1484 -45.82 94.31 -11.20
CA PHE E 1484 -46.32 93.01 -10.77
C PHE E 1484 -47.69 92.69 -11.35
N SER E 1485 -48.42 93.67 -11.86
CA SER E 1485 -49.69 93.47 -12.53
C SER E 1485 -49.92 94.68 -13.43
N GLU E 1486 -50.80 94.51 -14.42
CA GLU E 1486 -51.05 95.59 -15.37
C GLU E 1486 -51.60 96.81 -14.65
N ASP E 1487 -51.12 97.99 -15.06
CA ASP E 1487 -51.50 99.27 -14.49
C ASP E 1487 -51.09 99.41 -13.03
N GLU E 1488 -50.16 98.57 -12.57
CA GLU E 1488 -49.61 98.66 -11.23
C GLU E 1488 -48.10 98.54 -11.31
N THR E 1489 -47.38 99.45 -10.66
CA THR E 1489 -45.93 99.48 -10.75
C THR E 1489 -45.34 99.94 -9.43
N ILE E 1490 -44.32 99.22 -8.96
CA ILE E 1490 -43.56 99.60 -7.78
C ILE E 1490 -42.20 100.13 -8.23
N VAL E 1491 -41.78 101.24 -7.65
CA VAL E 1491 -40.62 101.98 -8.12
C VAL E 1491 -39.60 102.13 -7.00
N GLY E 1492 -38.35 102.29 -7.40
CA GLY E 1492 -37.29 102.62 -6.46
C GLY E 1492 -36.50 103.81 -6.96
N SER E 1493 -35.89 104.53 -6.03
CA SER E 1493 -35.22 105.79 -6.34
C SER E 1493 -33.82 105.81 -5.77
N ALA E 1494 -32.96 106.60 -6.41
CA ALA E 1494 -31.60 106.84 -5.96
C ALA E 1494 -31.14 108.17 -6.52
N LEU E 1495 -30.05 108.70 -5.95
CA LEU E 1495 -29.54 110.00 -6.34
C LEU E 1495 -28.05 109.90 -6.67
N ILE E 1496 -27.60 110.85 -7.48
CA ILE E 1496 -26.22 110.89 -7.97
C ILE E 1496 -25.60 112.22 -7.55
N ARG E 1497 -24.46 112.16 -6.87
CA ARG E 1497 -23.70 113.34 -6.48
C ARG E 1497 -22.21 113.03 -6.59
N TRP E 1498 -21.40 114.03 -6.31
CA TRP E 1498 -19.95 113.87 -6.34
C TRP E 1498 -19.48 113.00 -5.18
N ALA F 37 22.55 -14.11 -2.67
CA ALA F 37 21.35 -14.60 -3.31
C ALA F 37 21.38 -14.33 -4.81
N ASN F 38 22.10 -15.17 -5.54
CA ASN F 38 22.20 -15.00 -6.99
C ASN F 38 20.88 -15.35 -7.67
N ALA F 39 20.70 -14.84 -8.87
CA ALA F 39 19.46 -15.07 -9.61
C ALA F 39 19.61 -16.15 -10.68
N ASN F 40 20.76 -16.20 -11.36
CA ASN F 40 20.94 -17.13 -12.47
C ASN F 40 22.12 -18.06 -12.28
N LEU F 41 23.25 -17.57 -11.76
CA LEU F 41 24.46 -18.37 -11.61
C LEU F 41 24.37 -19.17 -10.32
N PHE F 42 24.49 -20.50 -10.44
CA PHE F 42 24.53 -21.39 -9.28
C PHE F 42 25.78 -22.24 -9.37
N VAL F 43 26.54 -22.29 -8.28
CA VAL F 43 27.78 -23.03 -8.20
C VAL F 43 27.62 -24.15 -7.19
N SER F 44 28.14 -25.33 -7.53
CA SER F 44 27.99 -26.49 -6.67
C SER F 44 28.69 -26.27 -5.33
N ALA F 45 29.90 -25.71 -5.35
CA ALA F 45 30.65 -25.51 -4.12
C ALA F 45 30.06 -24.42 -3.25
N GLU F 46 29.14 -23.61 -3.76
CA GLU F 46 28.49 -22.59 -2.95
C GLU F 46 27.60 -23.28 -1.94
N ASN F 47 27.93 -23.13 -0.66
CA ASN F 47 27.22 -23.87 0.39
C ASN F 47 27.45 -23.15 1.71
N SER F 48 26.40 -22.57 2.28
CA SER F 48 26.53 -21.89 3.56
C SER F 48 26.84 -22.87 4.68
N GLN F 49 26.46 -24.14 4.53
CA GLN F 49 26.79 -25.14 5.53
C GLN F 49 28.30 -25.32 5.66
N PHE F 50 29.01 -25.35 4.53
CA PHE F 50 30.46 -25.53 4.52
C PHE F 50 31.20 -24.26 4.11
N ASP F 51 30.53 -23.10 4.13
CA ASP F 51 31.16 -21.80 3.93
C ASP F 51 31.92 -21.71 2.60
N ASN F 52 31.32 -22.26 1.55
CA ASN F 52 31.80 -22.10 0.18
C ASN F 52 33.20 -22.65 -0.04
N TYR F 53 33.65 -23.57 0.80
CA TYR F 53 34.97 -24.16 0.61
C TYR F 53 34.96 -25.20 -0.50
N MET F 54 36.16 -25.54 -0.96
CA MET F 54 36.37 -26.57 -1.96
C MET F 54 37.76 -27.17 -1.76
N SER F 55 37.88 -28.47 -1.97
CA SER F 55 39.14 -29.15 -1.72
C SER F 55 39.20 -30.44 -2.52
N GLY F 56 40.42 -30.94 -2.70
CA GLY F 56 40.64 -32.21 -3.34
C GLY F 56 40.40 -32.19 -4.83
N PRO F 57 40.14 -33.37 -5.40
CA PRO F 57 39.92 -33.46 -6.85
C PRO F 57 38.51 -33.10 -7.26
N GLN F 58 37.79 -32.39 -6.40
CA GLN F 58 36.39 -32.04 -6.65
C GLN F 58 36.21 -31.43 -8.04
N VAL F 59 35.21 -31.93 -8.76
CA VAL F 59 34.76 -31.29 -9.98
C VAL F 59 33.57 -30.40 -9.62
N ILE F 60 33.64 -29.13 -10.02
CA ILE F 60 32.65 -28.15 -9.63
C ILE F 60 31.72 -27.88 -10.79
N GLU F 61 30.43 -28.16 -10.60
CA GLU F 61 29.42 -27.90 -11.60
C GLU F 61 29.02 -26.44 -11.56
N VAL F 62 29.05 -25.79 -12.71
CA VAL F 62 28.57 -24.42 -12.86
C VAL F 62 27.37 -24.46 -13.78
N VAL F 63 26.23 -24.01 -13.27
CA VAL F 63 24.98 -23.97 -14.03
C VAL F 63 24.52 -22.53 -14.12
N VAL F 64 24.08 -22.12 -15.30
CA VAL F 64 23.50 -20.80 -15.52
C VAL F 64 22.03 -21.04 -15.87
N ILE F 65 21.17 -20.97 -14.86
CA ILE F 65 19.74 -21.12 -15.04
C ILE F 65 19.19 -19.72 -15.32
N ASP F 66 19.06 -19.39 -16.60
CA ASP F 66 18.67 -18.05 -17.04
C ASP F 66 17.48 -18.18 -17.97
N SER F 67 16.35 -17.56 -17.60
CA SER F 67 15.15 -17.68 -18.40
C SER F 67 15.26 -16.93 -19.73
N ASP F 68 16.22 -16.02 -19.86
CA ASP F 68 16.32 -15.23 -21.08
C ASP F 68 16.92 -16.03 -22.23
N ILE F 69 17.73 -17.04 -21.94
CA ILE F 69 18.43 -17.80 -22.98
C ILE F 69 18.12 -19.28 -22.86
N ASN F 70 16.96 -19.62 -22.27
CA ASN F 70 16.63 -21.02 -22.02
C ASN F 70 16.20 -21.77 -23.27
N ASP F 71 15.74 -21.09 -24.31
CA ASP F 71 15.27 -21.80 -25.49
C ASP F 71 16.43 -22.46 -26.22
N THR F 72 16.13 -23.56 -26.90
CA THR F 72 17.15 -24.37 -27.55
C THR F 72 16.96 -24.52 -29.05
N ASP F 73 16.01 -23.79 -29.66
CA ASP F 73 15.82 -23.88 -31.10
C ASP F 73 16.44 -22.71 -31.85
N GLU F 74 16.71 -21.61 -31.18
CA GLU F 74 17.33 -20.44 -31.80
C GLU F 74 18.85 -20.55 -31.72
N ALA F 75 19.52 -19.85 -32.63
CA ALA F 75 20.98 -19.85 -32.68
C ALA F 75 21.51 -18.81 -31.69
N LYS F 76 21.28 -19.11 -30.41
CA LYS F 76 21.70 -18.21 -29.35
C LYS F 76 23.20 -18.31 -29.12
N GLY F 77 23.72 -17.34 -28.38
CA GLY F 77 25.15 -17.29 -28.09
C GLY F 77 25.48 -17.87 -26.73
N GLU F 78 26.78 -18.05 -26.51
CA GLU F 78 27.24 -18.60 -25.24
C GLU F 78 27.32 -17.49 -24.19
N PRO F 79 26.81 -17.72 -22.99
CA PRO F 79 26.95 -16.71 -21.93
C PRO F 79 28.41 -16.57 -21.49
N ASP F 80 28.76 -15.35 -21.08
CA ASP F 80 30.13 -15.03 -20.69
C ASP F 80 30.32 -15.42 -19.23
N VAL F 81 30.84 -16.62 -19.00
CA VAL F 81 31.10 -17.12 -17.65
C VAL F 81 32.60 -17.36 -17.52
N THR F 82 33.22 -16.72 -16.54
CA THR F 82 34.65 -16.83 -16.31
C THR F 82 34.90 -17.10 -14.83
N VAL F 83 36.00 -17.80 -14.55
CA VAL F 83 36.45 -18.04 -13.19
C VAL F 83 37.89 -17.57 -13.08
N ASN F 84 38.18 -16.79 -12.04
CA ASN F 84 39.48 -16.15 -11.86
C ASN F 84 39.92 -15.39 -13.11
N GLY F 85 38.94 -14.92 -13.89
CA GLY F 85 39.21 -14.18 -15.11
C GLY F 85 39.34 -15.03 -16.35
N LYS F 86 39.54 -16.34 -16.21
CA LYS F 86 39.68 -17.22 -17.35
C LYS F 86 38.32 -17.71 -17.82
N VAL F 87 38.09 -17.67 -19.13
CA VAL F 87 36.79 -18.00 -19.68
C VAL F 87 36.51 -19.48 -19.49
N LEU F 88 35.26 -19.82 -19.22
CA LEU F 88 34.82 -21.20 -18.97
C LEU F 88 33.80 -21.56 -20.04
N ARG F 89 34.17 -22.47 -20.95
CA ARG F 89 33.28 -22.85 -22.03
C ARG F 89 32.01 -23.48 -21.48
N MET F 90 30.87 -23.02 -21.98
CA MET F 90 29.57 -23.47 -21.52
C MET F 90 28.83 -24.20 -22.63
N VAL F 91 28.13 -25.27 -22.27
CA VAL F 91 27.36 -26.07 -23.20
C VAL F 91 25.90 -26.04 -22.77
N GLN F 92 25.01 -25.71 -23.69
CA GLN F 92 23.59 -25.72 -23.40
C GLN F 92 23.05 -27.15 -23.44
N ALA F 93 22.21 -27.48 -22.47
CA ALA F 93 21.62 -28.80 -22.34
C ALA F 93 20.16 -28.77 -22.78
N VAL F 94 19.55 -29.96 -22.85
CA VAL F 94 18.16 -30.07 -23.27
C VAL F 94 17.22 -29.38 -22.30
N ASP F 95 17.66 -29.11 -21.08
CA ASP F 95 16.83 -28.43 -20.09
C ASP F 95 16.94 -26.91 -20.16
N GLY F 96 17.65 -26.38 -21.16
CA GLY F 96 17.77 -24.96 -21.32
C GLY F 96 18.75 -24.28 -20.39
N ASN F 97 19.55 -25.04 -19.66
CA ASN F 97 20.57 -24.50 -18.78
C ASN F 97 21.94 -24.76 -19.37
N TRP F 98 22.83 -23.78 -19.24
CA TRP F 98 24.19 -23.91 -19.74
C TRP F 98 25.07 -24.51 -18.65
N TYR F 99 25.82 -25.53 -19.01
CA TYR F 99 26.62 -26.29 -18.05
C TYR F 99 28.11 -26.14 -18.36
N GLY F 100 28.91 -26.22 -17.30
CA GLY F 100 30.36 -26.15 -17.42
C GLY F 100 31.03 -26.71 -16.18
N TYR F 101 32.01 -27.57 -16.37
CA TYR F 101 32.64 -28.28 -15.26
C TYR F 101 34.13 -27.96 -15.23
N PHE F 102 34.62 -27.55 -14.07
CA PHE F 102 36.02 -27.18 -13.91
C PHE F 102 36.58 -27.79 -12.65
N ALA F 103 37.90 -27.96 -12.63
CA ALA F 103 38.60 -28.51 -11.47
C ALA F 103 40.04 -28.04 -11.52
N ASP F 104 40.73 -28.18 -10.38
CA ASP F 104 42.13 -27.84 -10.32
C ASP F 104 42.95 -28.79 -11.18
N ARG F 105 43.95 -28.24 -11.89
CA ARG F 105 44.74 -29.05 -12.80
C ARG F 105 45.62 -30.04 -12.04
N ASP F 106 46.31 -29.56 -11.00
CA ASP F 106 47.20 -30.45 -10.23
C ASP F 106 46.41 -31.55 -9.54
N GLN F 107 45.29 -31.18 -8.91
CA GLN F 107 44.48 -32.17 -8.21
C GLN F 107 43.90 -33.19 -9.17
N ALA F 108 43.41 -32.73 -10.33
CA ALA F 108 42.86 -33.65 -11.32
C ALA F 108 43.92 -34.61 -11.84
N GLN F 109 45.12 -34.09 -12.12
CA GLN F 109 46.19 -34.97 -12.59
C GLN F 109 46.58 -35.98 -11.52
N ILE F 110 46.69 -35.54 -10.27
CA ILE F 110 47.08 -36.45 -9.19
C ILE F 110 46.02 -37.53 -9.01
N ALA F 111 44.74 -37.15 -9.09
CA ALA F 111 43.67 -38.13 -8.94
C ALA F 111 43.65 -39.12 -10.09
N ASP F 112 43.78 -38.64 -11.33
CA ASP F 112 43.81 -39.54 -12.47
C ASP F 112 45.04 -40.43 -12.46
N SER F 113 46.11 -40.02 -11.76
CA SER F 113 47.26 -40.89 -11.62
C SER F 113 46.93 -42.19 -10.91
N THR F 114 45.83 -42.24 -10.17
CA THR F 114 45.40 -43.44 -9.48
C THR F 114 44.40 -44.26 -10.28
N ALA F 115 44.08 -43.83 -11.50
CA ALA F 115 43.13 -44.57 -12.36
C ALA F 115 43.92 -45.59 -13.17
N THR F 116 44.15 -46.75 -12.55
CA THR F 116 44.88 -47.82 -13.23
C THR F 116 44.14 -48.31 -14.46
N THR F 117 42.82 -48.47 -14.35
CA THR F 117 41.98 -48.87 -15.47
C THR F 117 40.95 -47.78 -15.75
N ALA F 118 40.54 -47.70 -17.01
CA ALA F 118 39.63 -46.63 -17.44
C ALA F 118 38.27 -46.78 -16.78
N ASP F 119 37.61 -45.63 -16.61
CA ASP F 119 36.25 -45.57 -16.05
C ASP F 119 36.17 -46.21 -14.67
N SER F 120 37.21 -46.02 -13.86
CA SER F 120 37.24 -46.53 -12.50
C SER F 120 37.99 -45.55 -11.61
N GLY F 121 37.56 -45.45 -10.36
CA GLY F 121 38.21 -44.57 -9.41
C GLY F 121 38.02 -43.12 -9.79
N LEU F 122 38.97 -42.29 -9.35
CA LEU F 122 38.93 -40.86 -9.64
C LEU F 122 39.44 -40.58 -11.04
N ASP F 123 38.89 -41.28 -12.03
CA ASP F 123 39.37 -41.15 -13.40
C ASP F 123 38.78 -39.90 -14.04
N PHE F 124 39.66 -39.00 -14.50
CA PHE F 124 39.25 -37.82 -15.23
C PHE F 124 39.29 -38.03 -16.74
N GLY F 125 39.60 -39.23 -17.20
CA GLY F 125 39.64 -39.51 -18.62
C GLY F 125 41.03 -39.29 -19.18
N VAL F 126 41.14 -38.50 -20.25
CA VAL F 126 42.39 -38.26 -20.95
C VAL F 126 42.60 -36.76 -21.05
N PHE F 127 43.79 -36.30 -20.65
CA PHE F 127 44.12 -34.89 -20.68
C PHE F 127 44.67 -34.51 -22.05
N CYS F 128 44.45 -33.26 -22.44
CA CYS F 128 44.97 -32.72 -23.68
C CYS F 128 45.39 -31.27 -23.46
N ALA F 129 46.20 -30.76 -24.40
CA ALA F 129 46.66 -29.38 -24.31
C ALA F 129 45.50 -28.42 -24.52
N SER F 130 45.63 -27.22 -23.93
CA SER F 130 44.60 -26.21 -24.03
C SER F 130 44.40 -25.71 -25.46
N SER F 131 45.38 -25.92 -26.34
CA SER F 131 45.25 -25.53 -27.73
C SER F 131 44.60 -26.62 -28.59
N SER F 132 44.33 -27.79 -28.01
CA SER F 132 43.75 -28.90 -28.76
C SER F 132 42.22 -28.87 -28.78
N GLY F 133 41.59 -27.89 -28.14
CA GLY F 133 40.14 -27.84 -28.10
C GLY F 133 39.53 -27.68 -29.48
N THR F 134 40.13 -26.83 -30.32
CA THR F 134 39.59 -26.61 -31.66
C THR F 134 39.64 -27.89 -32.49
N ALA F 135 40.74 -28.64 -32.41
CA ALA F 135 40.87 -29.85 -33.20
C ALA F 135 40.00 -30.98 -32.64
N ALA F 136 39.88 -31.05 -31.32
CA ALA F 136 39.15 -32.15 -30.71
C ALA F 136 37.68 -31.79 -30.47
N LEU F 137 37.42 -30.74 -29.71
CA LEU F 137 36.05 -30.38 -29.34
C LEU F 137 35.37 -29.50 -30.37
N GLY F 138 36.11 -28.97 -31.34
CA GLY F 138 35.54 -28.13 -32.37
C GLY F 138 35.44 -26.66 -32.02
N PHE F 139 35.75 -26.28 -30.79
CA PHE F 139 35.72 -24.89 -30.37
C PHE F 139 36.97 -24.57 -29.55
N SER F 140 37.38 -23.31 -29.59
CA SER F 140 38.61 -22.90 -28.94
C SER F 140 38.49 -23.00 -27.43
N THR F 141 39.55 -23.51 -26.79
CA THR F 141 39.65 -23.59 -25.33
C THR F 141 41.03 -23.11 -24.89
N THR F 142 41.52 -22.04 -25.51
CA THR F 142 42.89 -21.59 -25.26
C THR F 142 43.09 -21.11 -23.83
N GLU F 143 42.11 -20.40 -23.27
CA GLU F 143 42.29 -19.70 -22.02
C GLU F 143 42.28 -20.61 -20.80
N THR F 144 42.31 -21.92 -20.98
CA THR F 144 42.37 -22.85 -19.86
C THR F 144 43.77 -23.43 -19.71
N ASP F 145 43.92 -24.31 -18.73
CA ASP F 145 45.19 -24.97 -18.44
C ASP F 145 45.18 -26.45 -18.84
N GLY F 146 44.22 -26.87 -19.65
CA GLY F 146 44.12 -28.25 -20.09
C GLY F 146 42.68 -28.74 -19.93
N ILE F 147 42.30 -29.67 -20.80
CA ILE F 147 40.95 -30.23 -20.82
C ILE F 147 41.06 -31.74 -20.64
N ALA F 148 40.12 -32.29 -19.87
CA ALA F 148 40.07 -33.74 -19.60
C ALA F 148 38.84 -34.30 -20.31
N ILE F 149 39.07 -35.00 -21.42
CA ILE F 149 37.97 -35.54 -22.23
C ILE F 149 37.94 -37.05 -22.11
N PRO F 150 36.76 -37.68 -22.21
CA PRO F 150 36.67 -39.13 -21.97
C PRO F 150 37.00 -39.97 -23.20
N ILE F 151 38.07 -39.61 -23.91
CA ILE F 151 38.51 -40.38 -25.08
C ILE F 151 39.43 -41.50 -24.61
N THR F 152 39.74 -42.43 -25.52
CA THR F 152 40.81 -43.40 -25.32
C THR F 152 41.72 -43.37 -26.53
N ILE F 153 42.95 -43.83 -26.34
CA ILE F 153 44.00 -43.73 -27.36
C ILE F 153 44.29 -45.12 -27.90
N ALA F 154 44.36 -45.25 -29.22
CA ALA F 154 44.78 -46.47 -29.87
C ALA F 154 46.22 -46.41 -30.38
N ASN F 155 46.65 -45.24 -30.86
CA ASN F 155 48.04 -45.01 -31.27
C ASN F 155 48.65 -44.06 -30.26
N ALA F 156 49.33 -44.62 -29.25
CA ALA F 156 49.82 -43.85 -28.12
C ALA F 156 51.20 -43.24 -28.44
N THR F 157 51.17 -42.21 -29.27
CA THR F 157 52.39 -41.47 -29.57
C THR F 157 52.79 -40.61 -28.37
N ALA F 158 54.07 -40.25 -28.34
CA ALA F 158 54.59 -39.42 -27.25
C ALA F 158 54.36 -37.93 -27.47
N THR F 159 53.95 -37.52 -28.66
CA THR F 159 53.76 -36.10 -28.97
C THR F 159 52.32 -35.77 -29.33
N GLY F 160 51.72 -36.52 -30.26
CA GLY F 160 50.43 -36.18 -30.82
C GLY F 160 49.22 -36.63 -30.04
N ASN F 161 49.40 -37.25 -28.87
CA ASN F 161 48.28 -37.76 -28.09
C ASN F 161 48.49 -37.42 -26.63
N GLY F 162 47.40 -37.21 -25.91
CA GLY F 162 47.46 -36.84 -24.51
C GLY F 162 47.89 -37.99 -23.62
N THR F 163 47.78 -37.75 -22.32
CA THR F 163 48.16 -38.73 -21.31
C THR F 163 46.91 -39.45 -20.82
N GLN F 164 46.88 -40.77 -21.01
CA GLN F 164 45.74 -41.55 -20.55
C GLN F 164 45.68 -41.61 -19.03
N THR F 165 46.82 -41.58 -18.36
CA THR F 165 46.89 -41.67 -16.90
C THR F 165 47.18 -40.34 -16.23
N GLY F 166 48.06 -39.53 -16.81
CA GLY F 166 48.39 -38.25 -16.20
C GLY F 166 49.57 -38.35 -15.24
N SER F 167 50.31 -37.25 -15.17
CA SER F 167 51.50 -37.22 -14.31
C SER F 167 51.10 -37.25 -12.85
N SER F 168 51.72 -38.16 -12.09
CA SER F 168 51.42 -38.27 -10.67
C SER F 168 51.93 -37.08 -9.87
N SER F 169 52.92 -36.36 -10.38
CA SER F 169 53.49 -35.21 -9.69
C SER F 169 52.75 -33.91 -9.99
N GLY F 170 51.75 -33.94 -10.87
CA GLY F 170 51.05 -32.73 -11.22
C GLY F 170 51.85 -31.84 -12.15
N GLY F 171 51.43 -30.59 -12.24
CA GLY F 171 52.08 -29.61 -13.09
C GLY F 171 51.40 -29.46 -14.43
N ALA F 172 51.94 -28.54 -15.22
CA ALA F 172 51.36 -28.21 -16.51
C ALA F 172 51.49 -29.39 -17.48
N ILE F 173 50.55 -29.47 -18.41
CA ILE F 173 50.52 -30.51 -19.44
C ILE F 173 50.71 -29.85 -20.80
N THR F 174 51.51 -30.48 -21.65
CA THR F 174 51.77 -29.96 -22.99
C THR F 174 51.37 -30.94 -24.09
N THR F 175 50.85 -32.11 -23.75
CA THR F 175 50.48 -33.09 -24.75
C THR F 175 49.24 -32.62 -25.51
N THR F 176 49.32 -32.65 -26.84
CA THR F 176 48.26 -32.15 -27.70
C THR F 176 47.39 -33.30 -28.21
N CYS F 177 46.18 -32.95 -28.62
CA CYS F 177 45.21 -33.91 -29.15
C CYS F 177 44.65 -33.37 -30.46
N ALA F 178 44.32 -34.27 -31.38
CA ALA F 178 43.89 -33.90 -32.72
C ALA F 178 42.68 -34.72 -33.13
N ALA F 179 42.16 -34.45 -34.32
CA ALA F 179 40.98 -35.13 -34.82
C ALA F 179 41.24 -36.63 -35.02
N ASN F 180 42.42 -36.98 -35.50
CA ASN F 180 42.74 -38.40 -35.70
C ASN F 180 42.70 -39.17 -34.39
N THR F 181 43.01 -38.50 -33.27
CA THR F 181 42.87 -39.15 -31.97
C THR F 181 41.42 -39.49 -31.70
N LEU F 182 40.50 -38.59 -32.04
CA LEU F 182 39.08 -38.89 -31.93
C LEU F 182 38.68 -40.06 -32.83
N ASP F 183 39.10 -39.99 -34.09
CA ASP F 183 38.71 -41.03 -35.05
C ASP F 183 39.30 -42.40 -34.68
N ALA F 184 40.37 -42.41 -33.89
CA ALA F 184 41.00 -43.65 -33.48
C ALA F 184 40.57 -44.13 -32.10
N SER F 185 39.56 -43.49 -31.50
CA SER F 185 39.10 -43.89 -30.18
C SER F 185 38.36 -45.21 -30.26
N THR F 186 38.67 -46.13 -29.34
CA THR F 186 38.04 -47.44 -29.28
C THR F 186 37.00 -47.55 -28.17
N ALA F 187 36.89 -46.54 -27.31
CA ALA F 187 35.92 -46.57 -26.21
C ALA F 187 35.73 -45.14 -25.72
N ASN F 188 34.50 -44.65 -25.76
CA ASN F 188 34.18 -43.30 -25.34
C ASN F 188 33.39 -43.33 -24.04
N GLY F 189 33.76 -42.46 -23.12
CA GLY F 189 33.12 -42.37 -21.83
C GLY F 189 33.95 -42.83 -20.66
N THR F 190 35.27 -42.63 -20.70
CA THR F 190 36.14 -43.06 -19.61
C THR F 190 36.05 -42.16 -18.38
N ILE F 191 35.44 -40.98 -18.51
CA ILE F 191 35.33 -40.07 -17.37
C ILE F 191 34.40 -40.66 -16.34
N ASN F 192 34.84 -40.69 -15.08
CA ASN F 192 34.05 -41.21 -13.98
C ASN F 192 33.82 -40.18 -12.88
N VAL F 193 34.22 -38.92 -13.11
CA VAL F 193 33.99 -37.88 -12.11
C VAL F 193 32.77 -37.02 -12.43
N VAL F 194 32.27 -37.06 -13.66
CA VAL F 194 31.02 -36.42 -14.05
C VAL F 194 30.20 -37.47 -14.78
N ARG F 195 29.27 -38.11 -14.07
CA ARG F 195 28.57 -39.27 -14.59
C ARG F 195 27.13 -39.00 -15.01
N GLU F 196 26.55 -37.87 -14.60
CA GLU F 196 25.16 -37.56 -14.91
C GLU F 196 25.04 -36.20 -15.58
N ALA F 197 25.94 -35.91 -16.53
CA ALA F 197 25.85 -34.68 -17.27
C ALA F 197 24.63 -34.69 -18.18
N LYS F 198 24.00 -33.52 -18.33
CA LYS F 198 22.79 -33.44 -19.13
C LYS F 198 23.11 -33.51 -20.63
N ASP F 199 22.13 -33.95 -21.40
CA ASP F 199 22.32 -34.14 -22.83
C ASP F 199 22.54 -32.79 -23.52
N PRO F 200 23.60 -32.63 -24.31
CA PRO F 200 23.76 -31.39 -25.07
C PRO F 200 22.63 -31.20 -26.07
N VAL F 201 22.32 -29.93 -26.35
CA VAL F 201 21.29 -29.60 -27.32
C VAL F 201 21.67 -30.18 -28.67
N ALA F 202 20.77 -30.96 -29.25
CA ALA F 202 21.04 -31.58 -30.55
C ALA F 202 21.09 -30.54 -31.65
N ALA F 203 21.98 -30.76 -32.62
CA ALA F 203 22.13 -29.84 -33.74
C ALA F 203 20.93 -29.93 -34.66
N SER F 204 20.50 -28.77 -35.16
CA SER F 204 19.37 -28.71 -36.07
C SER F 204 19.37 -27.35 -36.76
N GLY F 205 19.39 -27.35 -38.09
CA GLY F 205 19.33 -26.12 -38.85
C GLY F 205 20.44 -25.15 -38.55
N SER F 206 20.10 -24.05 -37.87
CA SER F 206 21.06 -23.01 -37.54
C SER F 206 21.69 -23.20 -36.16
N VAL F 207 21.42 -24.32 -35.50
CA VAL F 207 21.91 -24.58 -34.15
C VAL F 207 22.84 -25.80 -34.21
N SER F 208 24.02 -25.66 -33.62
CA SER F 208 24.98 -26.76 -33.53
C SER F 208 24.82 -27.47 -32.20
N VAL F 209 25.52 -28.60 -32.05
CA VAL F 209 25.48 -29.39 -30.83
C VAL F 209 26.01 -28.55 -29.68
N GLY F 210 25.16 -28.27 -28.70
CA GLY F 210 25.53 -27.40 -27.61
C GLY F 210 25.64 -25.93 -27.97
N GLN F 211 25.23 -25.55 -29.18
CA GLN F 211 25.29 -24.20 -29.70
C GLN F 211 26.71 -23.66 -29.82
N ILE F 212 27.72 -24.49 -29.55
CA ILE F 212 29.12 -24.09 -29.68
C ILE F 212 29.91 -24.99 -30.61
N GLY F 213 29.39 -26.16 -30.98
CA GLY F 213 30.00 -26.95 -32.04
C GLY F 213 30.71 -28.22 -31.62
N LEU F 214 30.15 -28.93 -30.64
CA LEU F 214 30.72 -30.23 -30.28
C LEU F 214 30.59 -31.20 -31.44
N LYS F 215 31.62 -32.04 -31.62
CA LYS F 215 31.60 -33.02 -32.70
C LYS F 215 30.62 -34.16 -32.42
N ASN F 216 30.64 -34.69 -31.20
CA ASN F 216 29.73 -35.76 -30.80
C ASN F 216 28.99 -35.32 -29.54
N GLY F 217 27.66 -35.35 -29.60
CA GLY F 217 26.83 -34.84 -28.53
C GLY F 217 26.21 -35.87 -27.61
N THR F 218 26.61 -37.13 -27.68
CA THR F 218 26.06 -38.14 -26.78
C THR F 218 26.63 -37.94 -25.38
N ALA F 219 25.74 -37.72 -24.42
CA ALA F 219 26.15 -37.40 -23.06
C ALA F 219 26.43 -38.66 -22.25
N ASN F 220 27.44 -38.59 -21.38
CA ASN F 220 27.78 -39.64 -20.41
C ASN F 220 28.32 -40.89 -21.09
N SER F 221 28.34 -40.90 -22.42
CA SER F 221 28.92 -42.01 -23.17
C SER F 221 29.72 -41.57 -24.39
N GLY F 222 29.76 -40.28 -24.69
CA GLY F 222 30.47 -39.81 -25.86
C GLY F 222 31.87 -39.32 -25.53
N PRO F 223 32.60 -38.88 -26.56
CA PRO F 223 33.98 -38.42 -26.36
C PRO F 223 34.13 -36.95 -26.01
N ASN F 224 33.08 -36.14 -26.16
CA ASN F 224 33.16 -34.70 -25.93
C ASN F 224 32.47 -34.24 -24.67
N TRP F 225 31.24 -34.70 -24.41
CA TRP F 225 30.49 -34.27 -23.25
C TRP F 225 30.25 -35.46 -22.34
N PRO F 226 30.52 -35.36 -21.03
CA PRO F 226 31.07 -34.16 -20.39
C PRO F 226 32.59 -34.07 -20.50
N PHE F 227 33.12 -32.86 -20.38
CA PHE F 227 34.55 -32.63 -20.32
C PHE F 227 34.83 -31.55 -19.28
N ILE F 228 35.97 -31.68 -18.61
CA ILE F 228 36.36 -30.79 -17.53
C ILE F 228 37.47 -29.87 -18.03
N GLN F 229 37.33 -28.59 -17.74
CA GLN F 229 38.34 -27.58 -18.08
C GLN F 229 39.16 -27.29 -16.82
N LEU F 230 40.46 -27.55 -16.90
CA LEU F 230 41.33 -27.44 -15.74
C LEU F 230 41.84 -26.01 -15.58
N TYR F 231 42.03 -25.60 -14.32
CA TYR F 231 42.49 -24.26 -14.01
C TYR F 231 43.49 -24.31 -12.88
N GLU F 232 44.42 -23.36 -12.88
CA GLU F 232 45.45 -23.28 -11.85
C GLU F 232 44.92 -22.49 -10.67
N LEU F 233 44.81 -23.14 -9.52
CA LEU F 233 44.34 -22.51 -8.29
C LEU F 233 45.39 -22.66 -7.20
N ASN F 234 45.33 -21.76 -6.22
CA ASN F 234 46.29 -21.72 -5.14
C ASN F 234 45.65 -22.17 -3.84
N PRO F 235 46.19 -23.18 -3.17
CA PRO F 235 45.64 -23.58 -1.87
C PRO F 235 45.64 -22.42 -0.90
N THR F 236 44.58 -22.34 -0.09
CA THR F 236 44.25 -21.25 0.82
C THR F 236 43.86 -19.97 0.08
N GLY F 237 43.90 -19.96 -1.25
CA GLY F 237 43.51 -18.80 -2.03
C GLY F 237 42.09 -18.94 -2.54
N ASN F 238 41.37 -17.82 -2.55
CA ASN F 238 39.97 -17.82 -2.95
C ASN F 238 39.83 -18.07 -4.45
N VAL F 239 38.68 -18.64 -4.82
CA VAL F 239 38.32 -18.87 -6.21
C VAL F 239 37.04 -18.12 -6.48
N VAL F 240 37.04 -17.30 -7.53
CA VAL F 240 35.93 -16.42 -7.85
C VAL F 240 35.32 -16.85 -9.18
N VAL F 241 34.08 -17.33 -9.14
CA VAL F 241 33.33 -17.68 -10.34
C VAL F 241 32.47 -16.50 -10.71
N GLN F 242 32.52 -16.10 -11.98
CA GLN F 242 31.90 -14.87 -12.45
C GLN F 242 30.95 -15.15 -13.60
N TYR F 243 29.80 -14.51 -13.58
CA TYR F 243 28.84 -14.53 -14.67
C TYR F 243 28.57 -13.09 -15.10
N ASN F 244 28.77 -12.80 -16.37
CA ASN F 244 28.65 -11.45 -16.91
C ASN F 244 27.34 -11.35 -17.68
N LYS F 245 26.38 -10.62 -17.13
CA LYS F 245 25.09 -10.42 -17.77
C LYS F 245 24.71 -8.96 -17.67
N GLY F 246 23.84 -8.53 -18.58
CA GLY F 246 23.40 -7.14 -18.58
C GLY F 246 22.63 -6.81 -17.31
N GLY F 247 22.80 -5.58 -16.85
CA GLY F 247 22.12 -5.10 -15.66
C GLY F 247 22.83 -5.38 -14.36
N GLY F 248 23.95 -6.09 -14.38
CA GLY F 248 24.68 -6.40 -13.17
C GLY F 248 25.27 -7.79 -13.19
N VAL F 249 26.56 -7.89 -12.88
CA VAL F 249 27.24 -9.18 -12.93
C VAL F 249 27.00 -9.93 -11.63
N GLN F 250 27.15 -11.26 -11.71
CA GLN F 250 26.96 -12.14 -10.56
C GLN F 250 28.25 -12.92 -10.32
N SER F 251 28.78 -12.80 -9.11
CA SER F 251 30.06 -13.40 -8.76
C SER F 251 29.91 -14.21 -7.49
N THR F 252 30.54 -15.37 -7.46
CA THR F 252 30.57 -16.25 -6.31
C THR F 252 32.02 -16.52 -5.92
N THR F 253 32.32 -16.45 -4.63
CA THR F 253 33.66 -16.63 -4.12
C THR F 253 33.76 -17.97 -3.41
N LEU F 254 34.71 -18.79 -3.83
CA LEU F 254 34.98 -20.07 -3.18
C LEU F 254 36.39 -20.07 -2.63
N THR F 255 36.59 -20.81 -1.54
CA THR F 255 37.89 -20.93 -0.90
C THR F 255 38.44 -22.32 -1.18
N PHE F 256 39.67 -22.37 -1.71
CA PHE F 256 40.30 -23.62 -2.12
C PHE F 256 41.35 -23.96 -1.07
N ASP F 257 40.95 -24.72 -0.06
CA ASP F 257 41.82 -25.00 1.07
C ASP F 257 41.37 -26.30 1.72
N THR F 258 42.22 -26.84 2.59
CA THR F 258 41.87 -28.03 3.35
C THR F 258 40.67 -27.74 4.24
N VAL F 259 39.75 -28.71 4.32
CA VAL F 259 38.46 -28.49 4.97
C VAL F 259 38.27 -29.45 6.14
N ASP F 260 39.36 -29.78 6.83
CA ASP F 260 39.27 -30.74 7.92
C ASP F 260 38.42 -30.24 9.08
N GLN F 261 38.28 -28.91 9.22
CA GLN F 261 37.51 -28.37 10.33
C GLN F 261 36.03 -28.66 10.20
N PHE F 262 35.54 -28.97 9.00
CA PHE F 262 34.14 -29.29 8.79
C PHE F 262 33.86 -30.78 8.73
N ALA F 263 34.86 -31.60 8.45
CA ALA F 263 34.67 -33.04 8.42
C ALA F 263 34.33 -33.53 9.83
N GLU F 264 33.09 -33.95 10.02
CA GLU F 264 32.64 -34.41 11.33
C GLU F 264 31.77 -35.65 11.13
N LEU F 265 31.73 -36.48 12.17
CA LEU F 265 30.89 -37.68 12.18
C LEU F 265 30.04 -37.67 13.42
N SER F 266 28.76 -38.03 13.24
CA SER F 266 27.79 -38.00 14.32
C SER F 266 27.02 -39.31 14.37
N LEU F 267 26.59 -39.68 15.58
CA LEU F 267 25.77 -40.86 15.79
C LEU F 267 24.38 -40.43 16.25
N ASP F 268 23.36 -41.17 15.82
CA ASP F 268 21.99 -40.79 16.11
C ASP F 268 21.69 -40.76 17.61
N ARG F 269 22.24 -41.72 18.36
CA ARG F 269 21.97 -41.83 19.78
C ARG F 269 23.29 -41.85 20.54
N THR F 270 23.21 -42.11 21.84
CA THR F 270 24.38 -42.27 22.68
C THR F 270 24.56 -43.69 23.19
N VAL F 271 23.49 -44.29 23.72
CA VAL F 271 23.50 -45.70 24.12
C VAL F 271 22.77 -46.49 23.05
N PHE F 272 23.26 -47.70 22.77
CA PHE F 272 22.75 -48.50 21.67
C PHE F 272 22.36 -49.89 22.17
N PRO F 273 21.12 -50.32 21.93
CA PRO F 273 20.73 -51.68 22.35
C PRO F 273 21.40 -52.79 21.55
N ARG F 274 21.02 -54.03 21.83
CA ARG F 274 21.81 -55.18 21.41
C ARG F 274 21.87 -55.32 19.90
N VAL F 275 20.78 -55.02 19.19
CA VAL F 275 20.70 -55.27 17.76
C VAL F 275 20.44 -54.00 16.96
N SER F 276 20.38 -52.84 17.63
CA SER F 276 20.04 -51.59 16.94
C SER F 276 20.99 -51.28 15.81
N GLN F 277 20.44 -50.76 14.72
CA GLN F 277 21.27 -50.30 13.61
C GLN F 277 22.14 -49.13 14.04
N VAL F 278 23.39 -49.14 13.59
CA VAL F 278 24.33 -48.08 13.90
C VAL F 278 24.37 -47.14 12.70
N HIS F 279 23.96 -45.89 12.90
CA HIS F 279 23.81 -44.93 11.83
C HIS F 279 24.96 -43.92 11.90
N ALA F 280 25.62 -43.69 10.76
CA ALA F 280 26.75 -42.78 10.68
C ALA F 280 26.41 -41.67 9.70
N THR F 281 26.56 -40.42 10.15
CA THR F 281 26.33 -39.24 9.33
C THR F 281 27.67 -38.54 9.12
N ILE F 282 28.23 -38.66 7.93
CA ILE F 282 29.55 -38.13 7.62
C ILE F 282 29.38 -36.82 6.86
N THR F 283 29.56 -35.71 7.57
CA THR F 283 29.46 -34.38 6.98
C THR F 283 30.86 -33.97 6.51
N ASP F 284 31.22 -34.39 5.30
CA ASP F 284 32.54 -34.08 4.75
C ASP F 284 32.39 -33.50 3.36
N LEU F 285 32.96 -32.31 3.16
CA LEU F 285 32.90 -31.66 1.86
C LEU F 285 33.80 -32.37 0.85
N TRP F 286 34.95 -32.88 1.30
CA TRP F 286 35.93 -33.41 0.37
C TRP F 286 35.42 -34.62 -0.40
N LEU F 287 34.54 -35.41 0.20
CA LEU F 287 34.10 -36.65 -0.43
C LEU F 287 33.15 -36.42 -1.59
N ASN F 288 32.69 -35.20 -1.82
CA ASN F 288 31.70 -34.91 -2.85
C ASN F 288 32.41 -34.58 -4.17
N ILE F 289 33.01 -35.62 -4.75
CA ILE F 289 33.78 -35.44 -5.98
C ILE F 289 32.85 -35.09 -7.14
N ASP F 290 31.78 -35.86 -7.32
CA ASP F 290 30.87 -35.65 -8.42
C ASP F 290 29.74 -34.71 -7.98
N PRO F 291 29.56 -33.57 -8.61
CA PRO F 291 28.49 -32.65 -8.20
C PRO F 291 27.12 -33.08 -8.72
N THR F 292 27.08 -33.69 -9.91
CA THR F 292 25.83 -34.07 -10.53
C THR F 292 25.39 -35.48 -10.18
N ASP F 293 26.09 -36.16 -9.28
CA ASP F 293 25.76 -37.53 -8.93
C ASP F 293 26.00 -37.75 -7.44
N GLU F 294 25.27 -38.71 -6.88
CA GLU F 294 25.57 -39.16 -5.53
C GLU F 294 26.83 -40.03 -5.55
N ASP F 295 27.74 -39.76 -4.63
CA ASP F 295 29.06 -40.38 -4.65
C ASP F 295 29.12 -41.51 -3.64
N SER F 296 29.84 -42.57 -4.01
CA SER F 296 29.99 -43.75 -3.17
C SER F 296 31.47 -44.01 -2.91
N TRP F 297 31.82 -44.19 -1.65
CA TRP F 297 33.18 -44.47 -1.23
C TRP F 297 33.23 -45.77 -0.44
N THR F 298 34.35 -46.48 -0.57
CA THR F 298 34.57 -47.73 0.16
C THR F 298 35.84 -47.59 0.99
N PHE F 299 35.77 -48.05 2.24
CA PHE F 299 36.89 -47.94 3.17
C PHE F 299 37.25 -49.31 3.71
N ALA F 300 38.54 -49.52 3.96
CA ALA F 300 39.02 -50.68 4.69
C ALA F 300 39.38 -50.20 6.10
N THR F 301 38.49 -50.47 7.04
CA THR F 301 38.55 -49.83 8.36
C THR F 301 39.06 -50.75 9.46
N ASN F 302 39.56 -51.93 9.12
CA ASN F 302 39.99 -52.89 10.13
C ASN F 302 41.29 -52.39 10.77
N THR F 303 41.18 -51.92 12.02
CA THR F 303 42.32 -51.32 12.69
C THR F 303 43.23 -52.35 13.35
N LYS F 304 42.81 -53.60 13.44
CA LYS F 304 43.57 -54.63 14.15
C LYS F 304 43.94 -55.81 13.27
N ASN F 305 43.77 -55.71 11.95
CA ASN F 305 44.24 -56.75 11.05
C ASN F 305 45.74 -56.54 10.86
N THR F 306 46.52 -57.20 11.72
CA THR F 306 47.95 -56.97 11.81
C THR F 306 48.74 -57.56 10.63
N THR F 307 48.07 -58.00 9.58
CA THR F 307 48.76 -58.47 8.39
C THR F 307 49.60 -57.34 7.81
N SER F 308 50.86 -57.65 7.47
CA SER F 308 51.78 -56.63 7.00
C SER F 308 51.31 -56.01 5.70
N SER F 309 50.82 -56.83 4.77
CA SER F 309 50.42 -56.33 3.46
C SER F 309 49.14 -55.51 3.49
N PHE F 310 48.41 -55.52 4.59
CA PHE F 310 47.13 -54.81 4.69
C PHE F 310 47.32 -53.46 5.36
N ASN F 311 46.64 -52.44 4.85
CA ASN F 311 46.64 -51.12 5.44
C ASN F 311 45.27 -50.50 5.27
N VAL F 312 44.95 -49.54 6.14
CA VAL F 312 43.70 -48.80 6.02
C VAL F 312 43.74 -47.98 4.74
N ASP F 313 42.67 -48.09 3.94
CA ASP F 313 42.65 -47.48 2.62
C ASP F 313 41.26 -46.95 2.32
N THR F 314 41.16 -46.19 1.23
CA THR F 314 39.90 -45.66 0.74
C THR F 314 39.77 -45.98 -0.74
N PHE F 315 38.53 -46.14 -1.20
CA PHE F 315 38.26 -46.48 -2.59
C PHE F 315 37.09 -45.65 -3.09
N TYR F 316 37.08 -45.40 -4.39
CA TYR F 316 36.08 -44.54 -5.02
C TYR F 316 35.29 -45.32 -6.05
N GLN F 317 33.96 -45.22 -5.96
CA GLN F 317 33.04 -45.76 -6.96
C GLN F 317 33.20 -47.27 -7.15
N VAL F 318 33.37 -48.00 -6.04
CA VAL F 318 33.29 -49.45 -6.10
C VAL F 318 31.88 -49.89 -6.48
N PHE F 319 30.88 -49.26 -5.88
CA PHE F 319 29.47 -49.52 -6.19
C PHE F 319 28.81 -48.25 -6.67
N ASP F 320 27.73 -48.41 -7.44
CA ASP F 320 26.92 -47.28 -7.84
C ASP F 320 26.06 -46.79 -6.68
N GLU F 321 25.46 -45.62 -6.87
CA GLU F 321 24.53 -45.10 -5.88
C GLU F 321 23.29 -45.97 -5.73
N ASN F 322 23.00 -46.83 -6.71
CA ASN F 322 21.89 -47.75 -6.67
C ASN F 322 22.29 -49.12 -6.13
N GLY F 323 23.54 -49.28 -5.71
CA GLY F 323 24.02 -50.56 -5.21
C GLY F 323 24.50 -51.53 -6.27
N ALA F 324 24.53 -51.12 -7.54
CA ALA F 324 25.03 -51.98 -8.60
C ALA F 324 26.55 -51.95 -8.64
N SER F 325 27.11 -52.63 -9.63
CA SER F 325 28.55 -52.63 -9.82
C SER F 325 29.01 -51.26 -10.31
N GLY F 326 29.81 -50.57 -9.50
CA GLY F 326 30.28 -49.25 -9.81
C GLY F 326 31.59 -49.17 -10.54
N GLY F 327 32.27 -50.29 -10.77
CA GLY F 327 33.55 -50.33 -11.42
C GLY F 327 34.58 -51.02 -10.55
N SER F 328 35.85 -50.86 -10.93
CA SER F 328 36.93 -51.47 -10.18
C SER F 328 37.34 -50.58 -9.01
N ALA F 329 38.05 -51.17 -8.06
CA ALA F 329 38.54 -50.48 -6.88
C ALA F 329 40.03 -50.19 -7.05
N LEU F 330 40.43 -48.97 -6.71
CA LEU F 330 41.80 -48.53 -6.91
C LEU F 330 42.35 -47.90 -5.64
N THR F 331 43.66 -48.06 -5.43
CA THR F 331 44.30 -47.61 -4.21
C THR F 331 44.32 -46.10 -4.12
N LEU F 332 44.12 -45.58 -2.90
CA LEU F 332 44.21 -44.15 -2.66
C LEU F 332 44.89 -43.80 -1.34
N ARG F 333 45.41 -44.78 -0.59
CA ARG F 333 45.99 -44.48 0.71
C ARG F 333 47.25 -43.63 0.58
N THR F 334 48.11 -43.95 -0.40
CA THR F 334 49.37 -43.24 -0.57
C THR F 334 49.21 -41.94 -1.36
N THR F 335 48.02 -41.64 -1.86
CA THR F 335 47.78 -40.45 -2.65
C THR F 335 47.07 -39.35 -1.88
N LEU F 336 46.42 -39.69 -0.75
CA LEU F 336 45.63 -38.71 -0.02
C LEU F 336 46.48 -37.57 0.52
N SER F 337 47.78 -37.80 0.74
CA SER F 337 48.64 -36.75 1.25
C SER F 337 48.72 -35.59 0.26
N SER F 338 48.84 -35.89 -1.03
CA SER F 338 48.89 -34.85 -2.05
C SER F 338 47.52 -34.31 -2.43
N LEU F 339 46.44 -34.91 -1.92
CA LEU F 339 45.08 -34.50 -2.26
C LEU F 339 44.46 -33.61 -1.19
N MET F 340 45.28 -32.80 -0.52
CA MET F 340 44.81 -31.84 0.48
C MET F 340 43.99 -32.52 1.58
N CYS F 341 44.40 -33.73 1.97
CA CYS F 341 43.69 -34.48 3.01
C CYS F 341 44.53 -34.48 4.29
N GLU F 342 44.34 -33.43 5.07
CA GLU F 342 44.87 -33.38 6.44
C GLU F 342 43.84 -34.04 7.35
N ASP F 343 44.13 -35.28 7.75
CA ASP F 343 43.33 -36.12 8.65
C ASP F 343 41.83 -35.97 8.46
N ASN F 344 41.37 -35.91 7.20
CA ASN F 344 39.95 -35.77 6.94
C ASN F 344 39.47 -36.59 5.74
N CYS F 345 40.21 -37.63 5.34
CA CYS F 345 39.76 -38.44 4.21
C CYS F 345 39.97 -39.94 4.44
N VAL F 346 40.10 -40.39 5.68
CA VAL F 346 40.33 -41.79 6.00
C VAL F 346 39.32 -42.24 7.04
N LEU F 347 39.01 -43.54 7.03
CA LEU F 347 38.07 -44.13 7.97
C LEU F 347 38.67 -45.43 8.51
N THR F 348 38.72 -45.55 9.82
CA THR F 348 39.12 -46.78 10.48
C THR F 348 38.16 -47.08 11.62
N LEU F 349 37.90 -48.35 11.85
CA LEU F 349 36.89 -48.79 12.80
C LEU F 349 37.51 -49.68 13.87
N ASP F 350 37.16 -49.41 15.12
CA ASP F 350 37.53 -50.24 16.26
C ASP F 350 36.28 -50.96 16.74
N VAL F 351 36.33 -52.29 16.76
CA VAL F 351 35.15 -53.08 17.12
C VAL F 351 35.14 -53.54 18.57
N ASP F 352 36.29 -53.48 19.27
CA ASP F 352 36.36 -53.93 20.65
C ASP F 352 37.40 -53.07 21.35
N ALA F 353 36.94 -52.01 22.03
CA ALA F 353 37.85 -51.11 22.72
C ALA F 353 38.58 -51.80 23.86
N GLN F 354 37.88 -52.60 24.65
CA GLN F 354 38.46 -53.26 25.81
C GLN F 354 39.14 -54.58 25.49
N SER F 355 38.99 -55.07 24.25
CA SER F 355 39.58 -56.34 23.83
C SER F 355 39.17 -57.48 24.77
N SER F 356 37.88 -57.54 25.07
CA SER F 356 37.34 -58.52 25.99
C SER F 356 36.82 -59.78 25.30
N GLY F 357 37.07 -59.93 24.00
CA GLY F 357 36.59 -61.07 23.26
C GLY F 357 35.14 -61.00 22.85
N THR F 358 34.49 -59.85 23.00
CA THR F 358 33.09 -59.67 22.63
C THR F 358 32.97 -58.57 21.58
N PRO F 359 32.96 -58.89 20.29
CA PRO F 359 32.82 -57.85 19.27
C PRO F 359 31.48 -57.14 19.39
N VAL F 360 31.48 -55.85 19.04
CA VAL F 360 30.30 -55.01 19.19
C VAL F 360 29.69 -54.65 17.85
N VAL F 361 30.51 -54.28 16.87
CA VAL F 361 30.03 -53.77 15.59
C VAL F 361 30.35 -54.78 14.49
N THR F 362 29.39 -55.02 13.61
CA THR F 362 29.56 -55.87 12.44
C THR F 362 28.96 -55.19 11.22
N ILE F 363 29.07 -55.83 10.06
CA ILE F 363 28.66 -55.24 8.79
C ILE F 363 27.79 -56.22 8.01
N GLN F 364 26.97 -55.67 7.12
CA GLN F 364 26.00 -56.47 6.37
C GLN F 364 25.95 -55.97 4.93
N ASP F 365 25.36 -56.80 4.07
CA ASP F 365 25.01 -56.36 2.73
C ASP F 365 23.81 -55.44 2.78
N ASN F 366 23.82 -54.39 1.95
CA ASN F 366 22.69 -53.46 1.89
C ASN F 366 22.21 -53.28 0.46
N GLY F 367 21.25 -52.39 0.27
CA GLY F 367 20.79 -52.07 -1.08
C GLY F 367 21.73 -51.16 -1.85
N ASP F 368 22.69 -50.54 -1.16
CA ASP F 368 23.69 -49.69 -1.79
C ASP F 368 25.08 -50.33 -1.73
N SER F 369 25.13 -51.65 -1.58
CA SER F 369 26.39 -52.36 -1.47
C SER F 369 26.19 -53.81 -1.94
N ILE F 370 27.31 -54.47 -2.23
CA ILE F 370 27.28 -55.84 -2.71
C ILE F 370 28.15 -56.69 -1.78
N LEU F 371 28.12 -56.39 -0.49
CA LEU F 371 28.91 -57.14 0.48
C LEU F 371 28.52 -58.61 0.48
N THR F 372 29.51 -59.48 0.70
CA THR F 372 29.30 -60.92 0.65
C THR F 372 30.08 -61.57 1.79
N GLN F 373 29.43 -62.51 2.48
CA GLN F 373 30.09 -63.27 3.54
C GLN F 373 30.93 -64.36 2.90
N LEU F 374 32.21 -64.06 2.65
CA LEU F 374 33.10 -65.04 2.04
C LEU F 374 33.29 -66.25 2.94
N ASN F 375 33.51 -66.01 4.23
CA ASN F 375 33.71 -67.11 5.19
C ASN F 375 32.34 -67.63 5.60
N ALA F 376 31.76 -68.46 4.73
CA ALA F 376 30.43 -69.02 4.95
C ALA F 376 30.45 -70.30 5.77
N SER F 377 31.51 -70.53 6.54
CA SER F 377 31.58 -71.74 7.35
C SER F 377 30.51 -71.70 8.45
N SER F 378 29.91 -72.86 8.70
CA SER F 378 28.86 -72.96 9.70
C SER F 378 29.38 -72.77 11.12
N ASN F 379 30.70 -72.87 11.33
CA ASN F 379 31.25 -72.70 12.67
C ASN F 379 31.05 -71.28 13.18
N THR F 380 31.18 -70.29 12.29
CA THR F 380 31.03 -68.89 12.66
C THR F 380 29.66 -68.36 12.24
N ASN F 381 29.37 -67.15 12.68
CA ASN F 381 28.08 -66.51 12.40
C ASN F 381 28.27 -65.12 11.82
N ALA F 382 27.18 -64.37 11.69
CA ALA F 382 27.24 -63.03 11.14
C ALA F 382 27.93 -62.03 12.07
N ASN F 383 28.22 -62.41 13.32
CA ASN F 383 28.89 -61.51 14.24
C ASN F 383 30.36 -61.34 13.92
N ASN F 384 30.99 -62.31 13.27
CA ASN F 384 32.40 -62.23 12.92
C ASN F 384 32.54 -61.25 11.75
N ALA F 385 32.80 -59.98 12.07
CA ALA F 385 32.88 -58.96 11.03
C ALA F 385 33.99 -59.24 10.03
N SER F 386 35.01 -59.99 10.44
CA SER F 386 36.11 -60.32 9.54
C SER F 386 35.72 -61.34 8.48
N ALA F 387 34.54 -61.95 8.59
CA ALA F 387 34.08 -62.92 7.60
C ALA F 387 33.48 -62.26 6.37
N PHE F 388 33.21 -60.96 6.41
CA PHE F 388 32.57 -60.27 5.29
C PHE F 388 33.61 -59.64 4.38
N GLY F 389 33.27 -59.59 3.09
CA GLY F 389 34.16 -58.99 2.12
C GLY F 389 33.47 -58.81 0.78
N ILE F 390 34.26 -58.44 -0.22
CA ILE F 390 33.76 -58.17 -1.56
C ILE F 390 34.39 -59.18 -2.51
N SER F 391 33.56 -59.84 -3.32
CA SER F 391 34.05 -60.91 -4.19
C SER F 391 34.92 -60.36 -5.31
N THR F 392 34.48 -59.30 -5.97
CA THR F 392 35.17 -58.80 -7.15
C THR F 392 36.55 -58.22 -6.82
N GLU F 393 36.74 -57.68 -5.63
CA GLU F 393 37.98 -57.02 -5.27
C GLU F 393 38.59 -57.62 -4.01
N THR F 394 38.73 -58.95 -4.00
CA THR F 394 39.27 -59.63 -2.83
C THR F 394 40.76 -59.33 -2.62
N ALA F 395 41.42 -58.70 -3.58
CA ALA F 395 42.85 -58.42 -3.44
C ALA F 395 43.11 -57.50 -2.24
N LYS F 396 42.31 -56.45 -2.10
CA LYS F 396 42.43 -55.54 -0.98
C LYS F 396 41.18 -55.48 -0.11
N LEU F 397 40.01 -55.73 -0.71
CA LEU F 397 38.74 -55.76 0.03
C LEU F 397 38.23 -57.19 0.21
N GLY F 398 39.13 -58.14 0.43
CA GLY F 398 38.76 -59.53 0.62
C GLY F 398 38.27 -59.81 2.03
N THR F 399 38.48 -61.04 2.48
CA THR F 399 38.09 -61.42 3.83
C THR F 399 38.78 -60.52 4.85
N GLY F 400 38.03 -60.11 5.87
CA GLY F 400 38.57 -59.12 6.77
C GLY F 400 38.55 -57.74 6.12
N SER F 401 39.32 -56.83 6.73
CA SER F 401 39.51 -55.47 6.26
C SER F 401 38.26 -54.62 6.47
N ILE F 402 37.16 -55.25 6.88
CA ILE F 402 35.89 -54.60 7.15
C ILE F 402 35.52 -53.63 6.04
N PRO F 403 35.14 -54.10 4.86
CA PRO F 403 34.73 -53.19 3.78
C PRO F 403 33.47 -52.43 4.17
N VAL F 404 33.57 -51.11 4.21
CA VAL F 404 32.46 -50.24 4.60
C VAL F 404 32.19 -49.27 3.45
N THR F 405 30.94 -49.22 3.02
CA THR F 405 30.53 -48.35 1.92
C THR F 405 29.60 -47.26 2.45
N ILE F 406 29.76 -46.05 1.94
CA ILE F 406 28.94 -44.91 2.32
C ILE F 406 28.42 -44.24 1.06
N THR F 407 27.18 -43.75 1.11
CA THR F 407 26.53 -43.10 -0.01
C THR F 407 26.05 -41.72 0.42
N GLU F 408 26.10 -40.77 -0.52
CA GLU F 408 25.72 -39.40 -0.19
C GLU F 408 24.21 -39.25 -0.07
N GLN F 409 23.79 -38.52 0.96
CA GLN F 409 22.39 -38.16 1.14
C GLN F 409 22.10 -36.95 0.26
N GLY F 410 21.79 -37.24 -1.00
CA GLY F 410 21.64 -36.20 -2.00
C GLY F 410 22.82 -36.21 -2.96
N PRO F 411 22.67 -35.53 -4.10
CA PRO F 411 23.75 -35.52 -5.09
C PRO F 411 24.85 -34.53 -4.76
N ASN F 412 24.48 -33.44 -4.06
CA ASN F 412 25.43 -32.36 -3.82
C ASN F 412 25.35 -31.82 -2.40
N SER F 413 24.69 -32.52 -1.48
CA SER F 413 24.60 -32.04 -0.11
C SER F 413 25.91 -32.19 0.64
N GLY F 414 26.82 -33.04 0.16
CA GLY F 414 28.07 -33.25 0.84
C GLY F 414 27.97 -33.97 2.15
N VAL F 415 26.86 -34.66 2.40
CA VAL F 415 26.65 -35.42 3.62
C VAL F 415 26.40 -36.88 3.24
N PHE F 416 27.19 -37.77 3.82
CA PHE F 416 27.14 -39.19 3.50
C PHE F 416 26.60 -39.98 4.67
N GLY F 417 25.99 -41.12 4.37
CA GLY F 417 25.40 -41.96 5.40
C GLY F 417 25.54 -43.42 5.06
N THR F 418 25.77 -44.22 6.10
CA THR F 418 25.80 -45.67 5.92
C THR F 418 24.40 -46.22 5.69
N TYR F 419 23.42 -45.74 6.44
CA TYR F 419 22.04 -46.19 6.28
C TYR F 419 21.51 -45.85 4.89
N ASP F 420 20.76 -46.78 4.32
CA ASP F 420 20.23 -46.63 2.98
C ASP F 420 18.78 -46.13 3.04
N GLU F 421 18.11 -46.10 1.88
CA GLU F 421 16.74 -45.61 1.83
C GLU F 421 15.79 -46.54 2.57
N SER F 422 16.17 -47.80 2.77
CA SER F 422 15.39 -48.77 3.53
C SER F 422 15.71 -48.74 5.01
N ASP F 423 16.54 -47.79 5.45
CA ASP F 423 16.96 -47.59 6.84
C ASP F 423 17.83 -48.73 7.37
N LYS F 424 18.27 -49.64 6.51
CA LYS F 424 19.14 -50.74 6.93
C LYS F 424 20.57 -50.23 6.97
N SER F 425 21.11 -50.11 8.17
CA SER F 425 22.45 -49.57 8.34
C SER F 425 23.51 -50.55 7.83
N VAL F 426 24.73 -50.06 7.70
CA VAL F 426 25.85 -50.94 7.38
C VAL F 426 26.46 -51.52 8.65
N LEU F 427 26.18 -50.90 9.80
CA LEU F 427 26.75 -51.32 11.07
C LEU F 427 25.64 -51.71 12.04
N LYS F 428 25.82 -52.86 12.72
CA LYS F 428 24.91 -53.31 13.76
C LYS F 428 25.67 -53.57 15.04
N ILE F 429 25.01 -53.34 16.17
CA ILE F 429 25.49 -53.87 17.44
C ILE F 429 25.27 -55.37 17.44
N THR F 430 26.28 -56.12 17.90
CA THR F 430 26.18 -57.57 17.91
C THR F 430 25.14 -58.04 18.92
N ASP F 431 24.40 -59.09 18.54
CA ASP F 431 23.31 -59.57 19.39
C ASP F 431 23.83 -60.16 20.70
N ASN F 432 25.05 -60.69 20.71
CA ASN F 432 25.66 -61.23 21.91
C ASN F 432 26.64 -60.25 22.55
N ALA F 433 26.43 -58.95 22.37
CA ALA F 433 27.30 -57.95 22.96
C ALA F 433 27.13 -57.94 24.48
N LYS F 434 28.25 -57.87 25.19
CA LYS F 434 28.22 -57.78 26.64
C LYS F 434 27.91 -56.36 27.07
N ARG F 435 27.09 -56.24 28.11
CA ARG F 435 26.72 -54.92 28.62
C ARG F 435 27.97 -54.17 29.10
N GLY F 436 27.98 -52.87 28.87
CA GLY F 436 29.10 -52.02 29.23
C GLY F 436 30.20 -51.96 28.19
N THR F 437 30.45 -53.07 27.50
CA THR F 437 31.45 -53.08 26.44
C THR F 437 31.05 -52.12 25.33
N SER F 438 32.02 -51.37 24.82
CA SER F 438 31.76 -50.35 23.82
C SER F 438 32.78 -50.45 22.71
N ALA F 439 32.38 -50.00 21.52
CA ALA F 439 33.25 -49.90 20.36
C ALA F 439 33.39 -48.43 19.97
N SER F 440 34.43 -48.13 19.21
CA SER F 440 34.71 -46.77 18.79
C SER F 440 34.91 -46.72 17.28
N LEU F 441 34.32 -45.71 16.65
CA LEU F 441 34.49 -45.49 15.22
C LEU F 441 35.30 -44.20 15.04
N ASP F 442 36.21 -44.23 14.07
CA ASP F 442 37.18 -43.14 13.90
C ASP F 442 36.96 -42.48 12.54
N TYR F 443 36.70 -41.18 12.56
CA TYR F 443 36.74 -40.35 11.37
C TYR F 443 37.28 -38.99 11.73
N ASN F 444 38.06 -38.40 10.83
CA ASN F 444 38.72 -37.12 11.05
C ASN F 444 39.65 -37.18 12.27
N GLU F 445 40.16 -38.38 12.57
CA GLU F 445 40.98 -38.63 13.74
C GLU F 445 40.30 -38.14 15.02
N THR F 446 38.97 -38.24 15.03
CA THR F 446 38.14 -37.87 16.18
C THR F 446 37.33 -39.11 16.55
N PRO F 447 37.81 -39.90 17.52
CA PRO F 447 37.11 -41.13 17.87
C PRO F 447 35.69 -40.87 18.35
N GLN F 448 34.77 -41.76 17.96
CA GLN F 448 33.37 -41.70 18.36
C GLN F 448 33.02 -43.03 19.02
N THR F 449 32.73 -42.99 20.32
CA THR F 449 32.48 -44.20 21.08
C THR F 449 31.04 -44.63 20.92
N ILE F 450 30.85 -45.94 20.74
CA ILE F 450 29.51 -46.53 20.59
C ILE F 450 29.26 -47.33 21.86
N LEU F 451 28.63 -46.70 22.85
CA LEU F 451 28.38 -47.34 24.13
C LEU F 451 27.23 -48.34 24.01
N VAL F 452 27.16 -49.31 24.94
CA VAL F 452 26.02 -50.28 25.00
C VAL F 452 25.36 -50.24 26.39
N GLY F 453 24.03 -50.00 26.49
CA GLY F 453 23.31 -49.91 27.78
C GLY F 453 21.79 -49.89 27.63
N PHE F 454 21.04 -49.41 28.65
CA PHE F 454 19.54 -49.44 28.63
C PHE F 454 18.92 -48.23 29.35
N SER F 455 17.65 -48.30 29.82
CA SER F 455 16.96 -47.17 30.52
C SER F 455 15.81 -47.66 31.39
N PHE F 456 15.44 -46.93 32.46
CA PHE F 456 14.39 -47.50 33.31
C PHE F 456 13.02 -47.16 32.75
N ALA F 457 12.19 -48.19 32.56
CA ALA F 457 10.87 -48.00 32.01
C ALA F 457 9.84 -47.79 33.13
N SER F 458 8.66 -47.35 32.74
CA SER F 458 7.58 -47.12 33.69
C SER F 458 6.26 -47.25 32.95
N ILE F 459 5.59 -48.39 33.11
CA ILE F 459 4.29 -48.64 32.50
C ILE F 459 3.21 -48.16 33.45
N ASP F 460 2.32 -47.31 32.94
CA ASP F 460 1.27 -46.71 33.75
C ASP F 460 -0.06 -46.85 33.03
N ILE F 461 -1.12 -47.10 33.80
CA ILE F 461 -2.48 -47.17 33.30
C ILE F 461 -3.23 -45.97 33.87
N GLN F 462 -3.75 -45.12 32.97
CA GLN F 462 -4.41 -43.87 33.34
C GLN F 462 -5.87 -43.93 32.94
N PRO F 463 -6.76 -44.26 33.85
CA PRO F 463 -8.19 -44.23 33.53
C PRO F 463 -8.69 -42.81 33.31
N VAL F 464 -9.72 -42.69 32.47
CA VAL F 464 -10.29 -41.37 32.20
C VAL F 464 -10.98 -40.79 33.42
N THR F 465 -11.35 -41.63 34.38
CA THR F 465 -12.00 -41.17 35.61
C THR F 465 -11.42 -41.97 36.78
N ASP F 466 -12.08 -41.89 37.93
CA ASP F 466 -11.61 -42.53 39.14
C ASP F 466 -11.97 -44.01 39.23
N GLU F 467 -12.78 -44.52 38.29
CA GLU F 467 -13.17 -45.92 38.29
C GLU F 467 -13.06 -46.48 36.88
N TRP F 468 -12.49 -47.69 36.76
CA TRP F 468 -12.34 -48.34 35.46
C TRP F 468 -13.52 -49.28 35.26
N THR F 469 -14.64 -48.69 34.85
CA THR F 469 -15.85 -49.46 34.62
C THR F 469 -15.79 -50.17 33.28
N SER F 470 -16.70 -51.11 33.08
CA SER F 470 -16.72 -51.92 31.86
C SER F 470 -17.05 -51.06 30.65
N GLY F 471 -16.52 -51.47 29.50
CA GLY F 471 -16.75 -50.73 28.26
C GLY F 471 -16.15 -49.34 28.25
N GLN F 472 -14.94 -49.20 28.78
CA GLN F 472 -14.26 -47.90 28.82
C GLN F 472 -12.80 -48.13 28.42
N GLU F 473 -12.48 -47.75 27.18
CA GLU F 473 -11.11 -47.86 26.70
C GLU F 473 -10.26 -46.76 27.32
N ILE F 474 -9.22 -47.15 28.05
CA ILE F 474 -8.36 -46.18 28.72
C ILE F 474 -6.93 -46.34 28.20
N PRO F 475 -6.20 -45.25 28.00
CA PRO F 475 -4.86 -45.35 27.42
C PRO F 475 -3.88 -46.06 28.35
N VAL F 476 -2.92 -46.75 27.73
CA VAL F 476 -1.80 -47.37 28.42
C VAL F 476 -0.53 -46.71 27.91
N VAL F 477 0.25 -46.14 28.82
CA VAL F 477 1.44 -45.37 28.47
C VAL F 477 2.66 -46.12 28.94
N ILE F 478 3.58 -46.39 28.00
CA ILE F 478 4.83 -47.07 28.28
C ILE F 478 5.97 -46.17 27.83
N VAL F 479 6.86 -45.81 28.75
CA VAL F 479 8.01 -44.98 28.46
C VAL F 479 9.25 -45.87 28.55
N ASP F 480 9.79 -46.24 27.40
CA ASP F 480 10.95 -47.14 27.34
C ASP F 480 11.82 -46.72 26.17
N ALA F 481 12.99 -46.15 26.48
CA ALA F 481 13.91 -45.73 25.43
C ALA F 481 14.60 -46.91 24.76
N ASP F 482 14.58 -48.10 25.37
CA ASP F 482 15.24 -49.25 24.79
C ASP F 482 14.56 -49.69 23.50
N GLN F 483 13.24 -49.52 23.40
CA GLN F 483 12.50 -49.93 22.21
C GLN F 483 12.53 -48.88 21.11
N ASN F 484 12.99 -47.66 21.41
CA ASN F 484 13.10 -46.60 20.41
C ASN F 484 14.43 -46.75 19.70
N LYS F 485 14.47 -47.67 18.73
CA LYS F 485 15.69 -48.00 18.02
C LYS F 485 15.90 -47.19 16.75
N ASN F 486 14.99 -46.27 16.43
CA ASN F 486 15.13 -45.43 15.25
C ASN F 486 14.61 -44.03 15.59
N SER F 487 15.45 -43.03 15.40
CA SER F 487 15.12 -41.65 15.72
C SER F 487 14.45 -40.91 14.57
N ARG F 488 14.32 -41.54 13.40
CA ARG F 488 13.71 -40.90 12.24
C ARG F 488 12.47 -41.62 11.75
N ALA F 489 11.91 -42.53 12.54
CA ALA F 489 10.73 -43.28 12.13
C ALA F 489 9.95 -43.69 13.37
N ASP F 490 8.82 -44.35 13.15
CA ASP F 490 7.96 -44.83 14.22
C ASP F 490 8.17 -46.33 14.39
N GLU F 491 8.47 -46.75 15.62
CA GLU F 491 8.67 -48.16 15.94
C GLU F 491 7.41 -48.70 16.61
N ASP F 492 6.79 -49.69 15.98
CA ASP F 492 5.59 -50.33 16.49
C ASP F 492 5.96 -51.72 17.00
N LEU F 493 5.53 -52.03 18.22
CA LEU F 493 5.76 -53.36 18.77
C LEU F 493 5.01 -54.40 17.95
N ASP F 494 5.57 -55.61 17.92
CA ASP F 494 4.97 -56.68 17.12
C ASP F 494 5.44 -58.02 17.66
N LEU F 495 4.50 -58.91 17.96
CA LEU F 495 4.86 -60.28 18.33
C LEU F 495 5.54 -60.99 17.17
N ASN F 496 5.09 -60.73 15.94
CA ASN F 496 5.66 -61.37 14.77
C ASN F 496 7.05 -60.85 14.42
N ASN F 497 7.52 -59.79 15.07
CA ASN F 497 8.83 -59.23 14.76
C ASN F 497 9.83 -59.72 15.81
N PRO F 498 10.78 -60.58 15.45
CA PRO F 498 11.79 -61.00 16.42
C PRO F 498 12.65 -59.86 16.94
N ASP F 499 12.80 -58.79 16.17
CA ASP F 499 13.59 -57.65 16.63
C ASP F 499 12.96 -57.00 17.85
N VAL F 500 11.64 -56.92 17.90
CA VAL F 500 10.95 -56.42 19.09
C VAL F 500 11.00 -57.52 20.14
N THR F 501 11.95 -57.41 21.07
CA THR F 501 12.21 -58.49 22.01
C THR F 501 11.17 -58.56 23.11
N LEU F 502 10.71 -57.40 23.61
CA LEU F 502 9.91 -57.34 24.82
C LEU F 502 8.56 -56.69 24.51
N ILE F 503 7.48 -57.39 24.88
CA ILE F 503 6.12 -56.90 24.67
C ILE F 503 5.36 -57.00 25.99
N PRO F 504 4.61 -55.96 26.38
CA PRO F 504 3.79 -56.07 27.60
C PRO F 504 2.70 -57.12 27.43
N ALA F 505 2.34 -57.75 28.55
CA ALA F 505 1.35 -58.82 28.53
C ALA F 505 0.48 -58.76 29.77
N LEU F 506 -0.74 -59.25 29.63
CA LEU F 506 -1.69 -59.39 30.72
C LEU F 506 -2.35 -60.75 30.62
N ARG F 507 -2.56 -61.41 31.77
CA ARG F 507 -3.14 -62.73 31.77
C ARG F 507 -4.00 -62.91 33.01
N THR F 508 -5.02 -63.75 32.89
CA THR F 508 -5.91 -64.11 33.98
C THR F 508 -6.08 -65.62 34.03
N GLY F 509 -6.23 -66.15 35.24
CA GLY F 509 -6.35 -67.58 35.40
C GLY F 509 -5.05 -68.30 35.04
N ASP F 510 -5.19 -69.48 34.43
CA ASP F 510 -4.06 -70.29 34.01
C ASP F 510 -4.25 -70.67 32.54
N PRO F 511 -4.04 -69.74 31.62
CA PRO F 511 -4.14 -70.09 30.19
C PRO F 511 -3.02 -71.04 29.79
N PHE F 512 -3.33 -71.93 28.84
CA PHE F 512 -2.36 -72.91 28.36
C PHE F 512 -1.51 -72.26 27.27
N THR F 513 -0.37 -71.73 27.69
CA THR F 513 0.58 -71.13 26.75
C THR F 513 1.46 -72.21 26.15
N ILE F 514 2.39 -71.80 25.29
CA ILE F 514 3.28 -72.74 24.62
C ILE F 514 4.31 -73.32 25.58
N ASP F 515 4.50 -72.71 26.75
CA ASP F 515 5.53 -73.13 27.70
C ASP F 515 4.97 -73.63 29.02
N GLU F 516 3.71 -74.06 29.05
CA GLU F 516 3.15 -74.60 30.29
C GLU F 516 3.87 -75.87 30.73
N GLY F 517 4.44 -76.62 29.79
CA GLY F 517 5.17 -77.83 30.11
C GLY F 517 6.67 -77.64 30.13
N GLY F 518 7.11 -76.39 30.24
CA GLY F 518 8.53 -76.09 30.22
C GLY F 518 8.99 -75.57 28.88
N THR F 519 10.30 -75.63 28.67
CA THR F 519 10.88 -75.16 27.43
C THR F 519 10.55 -76.13 26.29
N PRO F 520 9.92 -75.67 25.22
CA PRO F 520 9.55 -76.57 24.12
C PRO F 520 10.74 -76.91 23.24
N SER F 521 10.52 -77.86 22.35
CA SER F 521 11.51 -78.26 21.34
C SER F 521 10.85 -78.22 19.98
N LEU F 522 11.42 -77.42 19.07
CA LEU F 522 10.84 -77.19 17.75
C LEU F 522 11.84 -77.59 16.67
N ILE F 523 11.35 -78.29 15.64
CA ILE F 523 12.15 -78.71 14.51
C ILE F 523 11.38 -78.42 13.22
N PHE F 524 12.10 -78.41 12.11
CA PHE F 524 11.53 -78.21 10.79
C PHE F 524 11.84 -79.41 9.91
N THR F 525 10.91 -79.74 9.02
CA THR F 525 11.01 -80.94 8.21
C THR F 525 10.44 -80.67 6.82
N ASN F 526 11.07 -81.24 5.80
CA ASN F 526 10.60 -81.16 4.43
C ASN F 526 10.21 -82.54 3.93
N GLY F 527 9.09 -82.62 3.24
CA GLY F 527 8.62 -83.89 2.72
C GLY F 527 7.16 -83.80 2.31
N THR F 528 6.49 -84.95 2.31
CA THR F 528 5.10 -85.07 1.93
C THR F 528 4.30 -85.69 3.08
N ASN F 529 3.08 -85.21 3.28
CA ASN F 529 2.24 -85.72 4.34
C ASN F 529 1.66 -87.09 4.00
N GLY F 530 1.32 -87.31 2.73
CA GLY F 530 0.74 -88.56 2.31
C GLY F 530 -0.77 -88.59 2.49
N ASP F 531 -1.39 -89.63 1.92
CA ASP F 531 -2.84 -89.78 2.01
C ASP F 531 -3.31 -90.18 3.39
N ASP F 532 -2.47 -90.87 4.16
CA ASP F 532 -2.84 -91.26 5.53
C ASP F 532 -2.39 -90.20 6.55
N SER F 533 -2.79 -88.96 6.29
CA SER F 533 -2.45 -87.85 7.16
C SER F 533 -3.67 -86.96 7.37
N ILE F 534 -3.74 -86.36 8.55
CA ILE F 534 -4.88 -85.51 8.88
C ILE F 534 -4.81 -84.16 8.18
N PHE F 535 -3.64 -83.74 7.71
CA PHE F 535 -3.52 -82.43 7.09
C PHE F 535 -4.26 -82.36 5.76
N ASP F 536 -4.22 -83.44 4.97
CA ASP F 536 -4.86 -83.44 3.66
C ASP F 536 -6.28 -83.97 3.72
N THR F 537 -6.49 -85.13 4.35
CA THR F 537 -7.83 -85.72 4.39
C THR F 537 -8.73 -84.99 5.36
N GLY F 538 -8.18 -84.48 6.46
CA GLY F 538 -8.99 -83.83 7.47
C GLY F 538 -9.56 -82.50 7.00
N ALA F 539 -10.66 -82.12 7.62
CA ALA F 539 -11.32 -80.85 7.33
C ALA F 539 -12.13 -80.44 8.55
N ILE F 540 -12.47 -79.15 8.60
CA ILE F 540 -13.25 -78.60 9.72
C ILE F 540 -14.72 -78.87 9.42
N ASN F 541 -15.28 -79.88 10.08
CA ASN F 541 -16.69 -80.21 9.94
C ASN F 541 -17.35 -80.62 11.24
N ASN F 542 -16.67 -80.52 12.37
CA ASN F 542 -17.17 -80.94 13.69
C ASN F 542 -17.52 -82.43 13.71
N THR F 543 -16.87 -83.22 12.87
CA THR F 543 -17.08 -84.66 12.82
C THR F 543 -15.86 -85.37 13.39
N SER F 544 -16.10 -86.49 14.06
CA SER F 544 -15.01 -87.25 14.68
C SER F 544 -13.99 -87.72 13.63
N ALA F 545 -14.48 -88.30 12.53
CA ALA F 545 -13.60 -88.75 11.48
C ALA F 545 -12.94 -87.56 10.77
N GLY F 546 -13.69 -86.49 10.56
CA GLY F 546 -13.20 -85.35 9.83
C GLY F 546 -12.07 -84.58 10.50
N GLN F 547 -12.19 -84.37 11.82
CA GLN F 547 -11.22 -83.55 12.53
C GLN F 547 -10.24 -84.34 13.38
N VAL F 548 -10.53 -85.60 13.69
CA VAL F 548 -9.66 -86.45 14.51
C VAL F 548 -9.22 -87.64 13.69
N GLY F 549 -7.91 -87.90 13.67
CA GLY F 549 -7.37 -89.01 12.92
C GLY F 549 -5.96 -89.36 13.30
N ASN F 550 -5.13 -89.69 12.32
CA ASN F 550 -3.73 -90.03 12.53
C ASN F 550 -2.85 -89.17 11.65
N PHE F 551 -1.64 -88.91 12.14
CA PHE F 551 -0.66 -88.09 11.42
C PHE F 551 0.52 -88.96 11.01
N THR F 552 0.80 -88.99 9.71
CA THR F 552 1.92 -89.73 9.16
C THR F 552 2.70 -88.82 8.22
N LEU F 553 3.97 -89.14 8.03
CA LEU F 553 4.82 -88.32 7.18
C LEU F 553 6.02 -89.13 6.72
N ASN F 554 6.62 -88.68 5.62
CA ASN F 554 7.89 -89.20 5.12
C ASN F 554 8.85 -88.03 4.95
N ILE F 555 10.11 -88.25 5.30
CA ILE F 555 11.10 -87.19 5.38
C ILE F 555 12.15 -87.41 4.30
N ASN F 556 12.43 -86.35 3.54
CA ASN F 556 13.48 -86.34 2.51
C ASN F 556 14.32 -85.09 2.75
N VAL F 557 15.33 -85.21 3.60
CA VAL F 557 16.18 -84.08 3.95
C VAL F 557 17.63 -84.33 3.50
N THR F 558 17.82 -85.15 2.47
CA THR F 558 19.17 -85.43 1.98
C THR F 558 19.83 -84.17 1.43
N ARG F 559 19.09 -83.36 0.69
CA ARG F 559 19.64 -82.15 0.10
C ARG F 559 19.91 -81.06 1.13
N PHE F 560 19.40 -81.19 2.34
CA PHE F 560 19.61 -80.17 3.36
C PHE F 560 21.04 -80.24 3.90
N SER F 561 21.42 -79.20 4.64
CA SER F 561 22.73 -79.15 5.25
C SER F 561 22.85 -80.23 6.32
N SER F 562 23.95 -80.99 6.28
CA SER F 562 24.25 -82.06 7.22
C SER F 562 23.26 -83.21 7.11
N ALA F 563 22.31 -83.12 6.17
CA ALA F 563 21.33 -84.17 5.91
C ALA F 563 20.58 -84.56 7.19
N THR F 564 20.18 -83.56 7.96
CA THR F 564 19.50 -83.76 9.23
C THR F 564 18.32 -82.81 9.35
N ASN F 565 17.42 -83.15 10.26
CA ASN F 565 16.27 -82.28 10.53
C ASN F 565 16.74 -80.94 11.08
N ILE F 566 16.03 -79.88 10.72
CA ILE F 566 16.43 -78.52 11.08
C ILE F 566 16.08 -78.30 12.55
N THR F 567 17.07 -78.46 13.42
CA THR F 567 16.89 -78.16 14.83
C THR F 567 17.00 -76.65 15.06
N SER F 568 16.59 -76.23 16.26
CA SER F 568 16.58 -74.81 16.58
C SER F 568 16.76 -74.61 18.07
N THR F 569 17.18 -73.40 18.44
CA THR F 569 17.32 -72.99 19.82
C THR F 569 16.05 -72.29 20.27
N GLU F 570 15.51 -72.72 21.41
CA GLU F 570 14.20 -72.27 21.88
C GLU F 570 14.36 -71.41 23.13
N SER F 571 13.65 -70.28 23.14
CA SER F 571 13.63 -69.38 24.28
C SER F 571 12.20 -68.91 24.50
N ILE F 572 11.88 -68.63 25.77
CA ILE F 572 10.52 -68.25 26.17
C ILE F 572 10.60 -66.96 26.97
N ASP F 573 9.74 -66.00 26.63
CA ASP F 573 9.62 -64.78 27.41
C ASP F 573 8.78 -65.04 28.66
N THR F 574 9.11 -64.32 29.73
CA THR F 574 8.46 -64.56 31.02
C THR F 574 7.03 -64.04 31.09
N PHE F 575 6.69 -63.00 30.32
CA PHE F 575 5.36 -62.39 30.40
C PHE F 575 4.56 -62.59 29.12
N SER F 576 5.08 -62.19 27.97
CA SER F 576 4.36 -62.43 26.72
C SER F 576 4.33 -63.90 26.34
N LYS F 577 5.19 -64.71 26.97
CA LYS F 577 5.25 -66.16 26.74
C LYS F 577 5.57 -66.50 25.29
N ARG F 578 6.18 -65.55 24.56
CA ARG F 578 6.51 -65.78 23.17
C ARG F 578 7.69 -66.74 23.05
N LEU F 579 7.59 -67.67 22.11
CA LEU F 579 8.65 -68.60 21.80
C LEU F 579 9.48 -68.04 20.66
N ILE F 580 10.77 -67.83 20.89
CA ILE F 580 11.70 -67.32 19.89
C ILE F 580 12.60 -68.48 19.46
N SER F 581 12.59 -68.77 18.16
CA SER F 581 13.34 -69.89 17.60
C SER F 581 14.58 -69.35 16.88
N ALA F 582 15.74 -69.83 17.30
CA ALA F 582 17.02 -69.44 16.69
C ALA F 582 17.55 -70.59 15.86
N GLN F 583 17.89 -70.30 14.61
CA GLN F 583 18.36 -71.33 13.68
C GLN F 583 19.16 -70.67 12.58
N THR F 584 19.69 -71.49 11.68
CA THR F 584 20.48 -71.00 10.56
C THR F 584 19.60 -70.16 9.64
N ALA F 585 20.12 -68.99 9.25
CA ALA F 585 19.39 -68.06 8.38
C ALA F 585 19.69 -68.35 6.91
N ASN F 586 19.27 -69.52 6.47
CA ASN F 586 19.46 -69.93 5.08
C ASN F 586 18.28 -69.46 4.24
N SER F 587 18.58 -68.70 3.18
CA SER F 587 17.55 -68.16 2.30
C SER F 587 17.83 -68.48 0.83
N SER F 588 18.43 -69.63 0.55
CA SER F 588 18.72 -70.00 -0.83
C SER F 588 17.43 -70.32 -1.58
N ALA F 589 17.48 -70.20 -2.91
CA ALA F 589 16.32 -70.52 -3.72
C ALA F 589 15.97 -72.00 -3.65
N ASN F 590 16.98 -72.87 -3.56
CA ASN F 590 16.75 -74.31 -3.47
C ASN F 590 16.15 -74.72 -2.13
N PHE F 591 16.17 -73.84 -1.13
CA PHE F 591 15.60 -74.16 0.17
C PHE F 591 14.10 -74.34 0.06
N ASP F 592 13.60 -75.46 0.58
CA ASP F 592 12.18 -75.73 0.61
C ASP F 592 11.86 -76.56 1.84
N VAL F 593 11.02 -76.01 2.73
CA VAL F 593 10.60 -76.68 3.95
C VAL F 593 9.09 -76.60 4.04
N ASP F 594 8.47 -77.67 4.54
CA ASP F 594 7.01 -77.74 4.58
C ASP F 594 6.45 -78.04 5.96
N PHE F 595 7.10 -78.89 6.74
CA PHE F 595 6.57 -79.33 8.03
C PHE F 595 7.27 -78.61 9.18
N ALA F 596 6.67 -78.73 10.35
CA ALA F 596 7.24 -78.20 11.58
C ALA F 596 6.56 -78.89 12.76
N ILE F 597 7.35 -79.60 13.56
CA ILE F 597 6.85 -80.35 14.70
C ILE F 597 7.47 -79.76 15.97
N ILE F 598 6.63 -79.46 16.95
CA ILE F 598 7.07 -78.87 18.21
C ILE F 598 6.42 -79.62 19.36
N ASP F 599 7.24 -79.98 20.36
CA ASP F 599 6.77 -80.64 21.57
C ASP F 599 6.85 -79.67 22.74
N LEU F 600 5.83 -79.69 23.60
CA LEU F 600 5.73 -78.75 24.71
C LEU F 600 6.47 -79.24 25.95
N GLY F 601 7.73 -79.64 25.77
CA GLY F 601 8.50 -80.12 26.91
C GLY F 601 7.87 -81.36 27.52
N SER F 602 7.57 -81.26 28.82
CA SER F 602 6.97 -82.36 29.57
C SER F 602 5.46 -82.23 29.71
N ALA F 603 4.83 -81.36 28.92
CA ALA F 603 3.39 -81.17 29.03
C ALA F 603 2.64 -82.42 28.58
N THR F 604 1.56 -82.73 29.28
CA THR F 604 0.73 -83.90 28.97
C THR F 604 -0.74 -83.50 28.92
N LEU F 605 -1.63 -84.49 28.81
CA LEU F 605 -3.06 -84.20 28.86
C LEU F 605 -3.47 -83.67 30.22
N GLU F 606 -2.74 -84.01 31.27
CA GLU F 606 -3.01 -83.44 32.59
C GLU F 606 -2.73 -81.94 32.59
N THR F 607 -1.64 -81.52 31.95
CA THR F 607 -1.31 -80.10 31.84
C THR F 607 -2.24 -79.35 30.89
N LEU F 608 -3.01 -80.07 30.06
CA LEU F 608 -3.95 -79.44 29.15
C LEU F 608 -5.36 -79.37 29.72
N LYS F 609 -5.76 -80.36 30.51
CA LYS F 609 -7.12 -80.40 31.04
C LYS F 609 -7.35 -79.36 32.12
N GLU F 610 -6.30 -78.79 32.70
CA GLU F 610 -6.48 -77.72 33.68
C GLU F 610 -7.03 -76.46 33.01
N THR F 611 -6.73 -76.26 31.73
CA THR F 611 -7.28 -75.15 30.95
C THR F 611 -8.37 -75.62 30.00
N VAL F 612 -8.09 -76.63 29.17
CA VAL F 612 -9.09 -77.17 28.27
C VAL F 612 -10.12 -77.94 29.08
N VAL F 613 -11.39 -77.56 28.95
CA VAL F 613 -12.47 -78.20 29.69
C VAL F 613 -13.38 -78.93 28.71
N ASP F 614 -14.12 -79.90 29.23
CA ASP F 614 -15.05 -80.69 28.42
C ASP F 614 -16.31 -79.87 28.21
N GLU F 615 -16.54 -79.44 26.97
CA GLU F 615 -17.70 -78.62 26.65
C GLU F 615 -19.00 -79.38 26.79
N ASP F 616 -18.96 -80.71 26.70
CA ASP F 616 -20.20 -81.50 26.79
C ASP F 616 -20.70 -81.63 28.22
N ASN F 617 -19.80 -81.68 29.21
CA ASN F 617 -20.19 -81.88 30.59
C ASN F 617 -20.38 -80.58 31.36
N THR F 618 -19.58 -79.56 31.08
CA THR F 618 -19.72 -78.29 31.78
C THR F 618 -21.01 -77.59 31.33
N ALA F 619 -21.64 -76.89 32.29
CA ALA F 619 -22.87 -76.16 31.98
C ALA F 619 -22.60 -75.08 30.94
N VAL F 620 -21.58 -74.26 31.17
CA VAL F 620 -21.16 -73.24 30.21
C VAL F 620 -19.64 -73.33 30.08
N GLY F 621 -19.17 -73.48 28.85
CA GLY F 621 -17.74 -73.58 28.60
C GLY F 621 -17.38 -73.54 27.14
N PHE F 622 -16.39 -72.73 26.78
CA PHE F 622 -15.92 -72.62 25.41
C PHE F 622 -14.40 -72.65 25.40
N ASN F 623 -13.84 -73.21 24.33
CA ASN F 623 -12.40 -73.31 24.14
C ASN F 623 -12.00 -72.57 22.88
N PHE F 624 -10.91 -71.79 22.97
CA PHE F 624 -10.46 -70.97 21.87
C PHE F 624 -8.96 -71.19 21.66
N PHE F 625 -8.54 -71.11 20.40
CA PHE F 625 -7.15 -71.30 20.02
C PHE F 625 -6.68 -70.07 19.26
N ASN F 626 -5.69 -69.37 19.81
CA ASN F 626 -5.12 -68.18 19.20
C ASN F 626 -3.68 -68.48 18.79
N TYR F 627 -3.34 -68.21 17.54
CA TYR F 627 -2.01 -68.48 17.02
C TYR F 627 -1.51 -67.31 16.19
N ASP F 628 -0.19 -67.13 16.20
CA ASP F 628 0.47 -66.06 15.45
C ASP F 628 1.73 -66.64 14.82
N VAL F 629 1.70 -66.84 13.50
CA VAL F 629 2.84 -67.38 12.77
C VAL F 629 3.19 -66.46 11.61
N ARG F 630 2.93 -65.16 11.79
CA ARG F 630 3.16 -64.20 10.70
C ARG F 630 4.62 -64.13 10.30
N SER F 631 5.55 -64.37 11.24
CA SER F 631 6.97 -64.29 10.93
C SER F 631 7.41 -65.33 9.91
N LEU F 632 6.70 -66.46 9.82
CA LEU F 632 7.05 -67.48 8.84
C LEU F 632 6.77 -67.01 7.42
N GLY F 633 5.75 -66.17 7.24
CA GLY F 633 5.39 -65.72 5.91
C GLY F 633 4.85 -66.81 5.01
N ALA F 634 4.10 -67.75 5.56
CA ALA F 634 3.56 -68.84 4.78
C ALA F 634 2.26 -68.42 4.09
N ASP F 635 2.05 -68.96 2.89
CA ASP F 635 0.82 -68.66 2.15
C ASP F 635 -0.40 -69.24 2.86
N THR F 636 -0.33 -70.51 3.24
CA THR F 636 -1.38 -71.18 3.98
C THR F 636 -0.79 -71.83 5.21
N VAL F 637 -1.57 -71.86 6.30
CA VAL F 637 -1.11 -72.38 7.58
C VAL F 637 -2.10 -73.44 8.06
N SER F 638 -1.58 -74.59 8.48
CA SER F 638 -2.38 -75.66 9.04
C SER F 638 -1.75 -76.11 10.36
N ILE F 639 -2.59 -76.24 11.39
CA ILE F 639 -2.15 -76.61 12.73
C ILE F 639 -2.98 -77.78 13.21
N ALA F 640 -2.31 -78.80 13.76
CA ALA F 640 -2.97 -79.98 14.29
C ALA F 640 -2.40 -80.31 15.66
N LEU F 641 -3.24 -80.89 16.51
CA LEU F 641 -2.83 -81.29 17.86
C LEU F 641 -2.52 -82.78 17.88
N LEU F 642 -1.38 -83.12 18.47
CA LEU F 642 -0.90 -84.50 18.52
C LEU F 642 -0.92 -84.99 19.97
N ASN F 643 -1.37 -86.23 20.16
CA ASN F 643 -1.35 -86.88 21.47
C ASN F 643 -0.78 -88.28 21.33
N THR F 644 0.21 -88.61 22.16
CA THR F 644 0.84 -89.91 22.09
C THR F 644 1.45 -90.24 23.46
N THR F 645 1.55 -91.54 23.73
CA THR F 645 2.13 -91.99 25.00
C THR F 645 3.65 -92.03 24.97
N GLY F 646 4.27 -91.89 23.81
CA GLY F 646 5.71 -91.89 23.67
C GLY F 646 6.28 -90.52 23.38
N ASN F 647 7.52 -90.51 22.92
CA ASN F 647 8.19 -89.26 22.58
C ASN F 647 7.70 -88.73 21.25
N ILE F 648 7.70 -87.40 21.12
CA ILE F 648 7.26 -86.75 19.89
C ILE F 648 8.41 -86.66 18.88
N LEU F 649 9.61 -86.34 19.33
CA LEU F 649 10.77 -86.25 18.45
C LEU F 649 11.69 -87.43 18.71
N PRO F 650 11.97 -88.26 17.69
CA PRO F 650 11.46 -88.22 16.31
C PRO F 650 10.04 -88.75 16.21
N TRP F 651 9.30 -88.38 15.17
CA TRP F 651 7.93 -88.83 15.03
C TRP F 651 7.88 -90.22 14.40
N VAL F 652 6.72 -90.86 14.54
CA VAL F 652 6.50 -92.20 13.99
C VAL F 652 5.33 -92.14 13.01
N ASN F 653 4.97 -93.30 12.44
CA ASN F 653 3.91 -93.38 11.46
C ASN F 653 2.98 -94.54 11.81
N ASN F 654 1.76 -94.47 11.27
CA ASN F 654 0.78 -95.52 11.52
C ASN F 654 1.26 -96.85 10.93
N ASP F 655 1.85 -96.82 9.74
CA ASP F 655 2.36 -98.04 9.11
C ASP F 655 3.56 -98.62 9.84
N THR F 656 4.18 -97.89 10.75
CA THR F 656 5.34 -98.36 11.50
C THR F 656 4.96 -98.97 12.84
N ARG F 657 4.14 -98.27 13.63
CA ARG F 657 3.72 -98.75 14.94
C ARG F 657 2.24 -98.46 15.14
N ASN F 658 1.62 -99.24 16.03
CA ASN F 658 0.20 -99.12 16.34
C ASN F 658 0.01 -99.00 17.85
N VAL F 659 0.91 -98.27 18.51
CA VAL F 659 0.80 -98.11 19.96
C VAL F 659 -0.40 -97.24 20.32
N ASP F 660 -0.63 -96.17 19.56
CA ASP F 660 -1.72 -95.24 19.81
C ASP F 660 -2.82 -95.45 18.78
N LYS F 661 -4.06 -95.58 19.26
CA LYS F 661 -5.19 -95.74 18.35
C LYS F 661 -5.41 -94.50 17.50
N ASN F 662 -5.24 -93.32 18.10
CA ASN F 662 -5.39 -92.06 17.38
C ASN F 662 -4.43 -91.05 17.98
N ASN F 663 -3.75 -90.28 17.12
CA ASN F 663 -2.73 -89.35 17.60
C ASN F 663 -2.79 -88.00 16.90
N ALA F 664 -3.88 -87.67 16.21
CA ALA F 664 -3.98 -86.41 15.49
C ALA F 664 -5.34 -85.79 15.75
N ILE F 665 -5.34 -84.50 16.11
CA ILE F 665 -6.56 -83.72 16.30
C ILE F 665 -6.37 -82.43 15.51
N LEU F 666 -7.03 -82.32 14.36
CA LEU F 666 -6.87 -81.15 13.53
C LEU F 666 -7.57 -79.95 14.15
N LEU F 667 -6.90 -78.80 14.11
CA LEU F 667 -7.45 -77.56 14.63
C LEU F 667 -7.62 -76.51 13.56
N VAL F 668 -6.59 -76.28 12.75
CA VAL F 668 -6.63 -75.30 11.67
C VAL F 668 -6.18 -75.98 10.38
N SER F 669 -6.93 -75.77 9.30
CA SER F 669 -6.68 -76.43 8.02
C SER F 669 -6.57 -75.37 6.93
N ASN F 670 -5.34 -75.14 6.46
CA ASN F 670 -5.08 -74.29 5.29
C ASN F 670 -5.67 -72.90 5.44
N SER F 671 -5.46 -72.30 6.60
CA SER F 671 -5.92 -70.93 6.81
C SER F 671 -5.04 -69.96 6.04
N THR F 672 -5.68 -68.99 5.38
CA THR F 672 -4.96 -67.98 4.63
C THR F 672 -4.41 -66.85 5.49
N ASN F 673 -4.81 -66.78 6.75
CA ASN F 673 -4.36 -65.75 7.67
C ASN F 673 -3.49 -66.36 8.75
N SER F 674 -2.27 -65.83 8.92
CA SER F 674 -1.40 -66.30 9.99
C SER F 674 -1.89 -65.82 11.35
N GLN F 675 -2.58 -64.68 11.40
CA GLN F 675 -3.22 -64.21 12.62
C GLN F 675 -4.67 -64.63 12.63
N ALA F 676 -5.07 -65.39 13.65
CA ALA F 676 -6.44 -65.87 13.75
C ALA F 676 -6.74 -66.21 15.19
N TYR F 677 -7.97 -65.89 15.60
CA TYR F 677 -8.48 -66.21 16.95
C TYR F 677 -9.81 -66.94 16.73
N VAL F 678 -9.74 -68.25 16.55
CA VAL F 678 -10.88 -69.04 16.11
C VAL F 678 -11.43 -69.83 17.29
N ASP F 679 -12.75 -70.06 17.25
CA ASP F 679 -13.42 -70.85 18.27
C ASP F 679 -13.27 -72.34 17.93
N LEU F 680 -12.70 -73.10 18.87
CA LEU F 680 -12.53 -74.53 18.66
C LEU F 680 -13.89 -75.23 18.65
N THR F 681 -14.03 -76.19 17.74
CA THR F 681 -15.27 -76.95 17.65
C THR F 681 -15.39 -77.93 18.81
N ASN F 682 -16.60 -78.42 19.03
CA ASN F 682 -16.84 -79.41 20.08
C ASN F 682 -16.09 -80.71 19.83
N ALA F 683 -15.70 -80.98 18.57
CA ALA F 683 -14.96 -82.21 18.28
C ALA F 683 -13.62 -82.22 18.99
N VAL F 684 -12.94 -81.07 19.05
CA VAL F 684 -11.64 -81.01 19.73
C VAL F 684 -11.81 -81.30 21.22
N SER F 685 -12.83 -80.70 21.84
CA SER F 685 -13.07 -80.94 23.26
C SER F 685 -13.42 -82.40 23.52
N ASP F 686 -14.22 -83.00 22.64
CA ASP F 686 -14.55 -84.41 22.79
C ASP F 686 -13.30 -85.29 22.65
N ALA F 687 -12.45 -84.97 21.68
CA ALA F 687 -11.24 -85.76 21.46
C ALA F 687 -10.25 -85.61 22.60
N VAL F 688 -10.27 -84.47 23.29
CA VAL F 688 -9.39 -84.28 24.45
C VAL F 688 -9.74 -85.30 25.53
N TYR F 689 -11.03 -85.52 25.77
CA TYR F 689 -11.49 -86.50 26.73
C TYR F 689 -11.93 -87.81 26.07
N GLY F 690 -11.60 -87.99 24.79
CA GLY F 690 -12.04 -89.15 24.04
C GLY F 690 -11.18 -90.38 24.13
N SER F 691 -10.16 -90.37 24.99
CA SER F 691 -9.27 -91.51 25.16
C SER F 691 -9.41 -92.07 26.57
N THR F 692 -9.56 -93.39 26.66
CA THR F 692 -9.72 -94.04 27.95
C THR F 692 -8.41 -94.29 28.67
N ASN F 693 -7.27 -94.06 28.01
CA ASN F 693 -5.99 -94.25 28.65
C ASN F 693 -5.73 -93.16 29.69
N THR F 694 -4.73 -93.40 30.54
CA THR F 694 -4.36 -92.44 31.56
C THR F 694 -3.88 -91.14 30.93
N ASP F 695 -4.43 -90.01 31.39
CA ASP F 695 -4.06 -88.72 30.82
C ASP F 695 -2.61 -88.35 31.13
N SER F 696 -2.08 -88.79 32.27
CA SER F 696 -0.70 -88.49 32.63
C SER F 696 0.29 -89.35 31.86
N ASN F 697 -0.15 -90.45 31.27
CA ASN F 697 0.72 -91.36 30.54
C ASN F 697 0.82 -91.04 29.06
N VAL F 698 0.15 -89.99 28.59
CA VAL F 698 0.15 -89.61 27.19
C VAL F 698 0.60 -88.16 27.06
N ASN F 699 1.58 -87.92 26.21
CA ASN F 699 2.10 -86.59 25.96
C ASN F 699 1.30 -85.90 24.87
N ILE F 700 1.59 -84.61 24.68
CA ILE F 700 0.88 -83.78 23.69
C ILE F 700 1.91 -83.14 22.77
N GLY F 701 1.58 -83.08 21.49
CA GLY F 701 2.46 -82.45 20.51
C GLY F 701 1.66 -81.56 19.59
N PHE F 702 2.34 -80.55 19.06
CA PHE F 702 1.74 -79.57 18.16
C PHE F 702 2.41 -79.66 16.79
N ALA F 703 1.60 -79.70 15.74
CA ALA F 703 2.08 -79.92 14.39
C ALA F 703 1.78 -78.72 13.51
N MET F 704 2.61 -78.50 12.50
CA MET F 704 2.44 -77.41 11.55
C MET F 704 2.62 -77.93 10.14
N TYR F 705 1.75 -77.49 9.23
CA TYR F 705 1.92 -77.71 7.81
C TYR F 705 1.64 -76.42 7.08
N PHE F 706 2.57 -76.02 6.20
CA PHE F 706 2.45 -74.74 5.51
C PHE F 706 3.19 -74.79 4.19
N THR F 707 2.89 -73.82 3.33
CA THR F 707 3.54 -73.68 2.02
C THR F 707 4.04 -72.26 1.86
N GLY F 708 4.96 -72.08 0.91
CA GLY F 708 5.52 -70.77 0.64
C GLY F 708 6.38 -70.21 1.75
N VAL F 709 7.18 -71.05 2.41
CA VAL F 709 8.03 -70.63 3.51
C VAL F 709 9.47 -70.99 3.19
N GLY F 710 9.82 -70.98 1.89
CA GLY F 710 11.11 -71.45 1.44
C GLY F 710 12.29 -70.61 1.89
N ASP F 711 12.09 -69.70 2.82
CA ASP F 711 13.17 -68.91 3.39
C ASP F 711 12.90 -68.73 4.88
N LEU F 712 13.93 -68.98 5.69
CA LEU F 712 13.85 -68.85 7.14
C LEU F 712 14.87 -67.82 7.61
N ALA F 713 14.44 -66.93 8.49
CA ALA F 713 15.32 -65.91 9.03
C ALA F 713 16.14 -66.47 10.19
N ALA F 714 17.02 -65.63 10.74
CA ALA F 714 17.84 -66.06 11.88
C ALA F 714 16.98 -66.38 13.09
N LYS F 715 15.98 -65.55 13.36
CA LYS F 715 15.09 -65.73 14.49
C LYS F 715 13.65 -65.83 14.01
N GLU F 716 12.91 -66.78 14.55
CA GLU F 716 11.49 -66.96 14.24
C GLU F 716 10.70 -67.06 15.53
N VAL F 717 9.47 -66.56 15.50
CA VAL F 717 8.62 -66.47 16.67
C VAL F 717 7.36 -67.30 16.45
N ILE F 718 7.01 -68.10 17.44
CA ILE F 718 5.80 -68.92 17.40
C ILE F 718 5.01 -68.65 18.68
N VAL F 719 3.79 -68.15 18.52
CA VAL F 719 2.90 -67.85 19.65
C VAL F 719 1.56 -68.48 19.36
N MET F 720 1.18 -69.49 20.13
CA MET F 720 -0.13 -70.13 20.01
C MET F 720 -0.51 -70.76 21.35
N ASP F 721 -1.52 -70.19 21.98
CA ASP F 721 -1.99 -70.59 23.31
C ASP F 721 -3.41 -71.12 23.23
N PHE F 722 -3.94 -71.52 24.38
CA PHE F 722 -5.30 -72.00 24.53
C PHE F 722 -6.08 -71.12 25.49
N PHE F 723 -7.33 -70.81 25.11
CA PHE F 723 -8.21 -70.00 25.93
C PHE F 723 -9.42 -70.82 26.39
N SER F 724 -9.97 -70.45 27.54
CA SER F 724 -11.13 -71.13 28.08
C SER F 724 -11.90 -70.19 29.00
N PHE F 725 -13.23 -70.22 28.88
CA PHE F 725 -14.11 -69.40 29.71
C PHE F 725 -15.37 -70.19 30.00
N GLY F 726 -16.06 -69.79 31.07
CA GLY F 726 -17.34 -70.38 31.43
C GLY F 726 -17.41 -70.60 32.92
N PHE F 727 -18.40 -71.40 33.32
CA PHE F 727 -18.63 -71.73 34.73
C PHE F 727 -19.35 -73.06 34.81
N THR F 728 -19.35 -73.63 36.01
CA THR F 728 -19.95 -74.94 36.25
C THR F 728 -21.05 -74.82 37.30
N ASP F 729 -21.98 -75.78 37.25
CA ASP F 729 -23.16 -75.85 38.10
C ASP F 729 -23.77 -74.48 38.38
N ASP F 730 -24.08 -74.16 39.64
CA ASP F 730 -24.76 -72.90 39.92
C ASP F 730 -23.91 -71.68 39.57
N GLY F 731 -22.59 -71.79 39.66
CA GLY F 731 -21.71 -70.72 39.23
C GLY F 731 -21.82 -69.44 40.02
N VAL F 732 -22.05 -69.52 41.33
CA VAL F 732 -22.11 -68.33 42.16
C VAL F 732 -20.82 -68.12 42.92
N GLN F 733 -20.19 -69.20 43.39
CA GLN F 733 -18.95 -69.12 44.12
C GLN F 733 -17.79 -68.80 43.18
N SER F 734 -16.69 -68.30 43.75
CA SER F 734 -15.53 -67.94 42.96
C SER F 734 -14.75 -69.16 42.48
N SER F 735 -14.89 -70.29 43.15
CA SER F 735 -14.15 -71.49 42.76
C SER F 735 -14.59 -72.04 41.41
N GLU F 736 -15.85 -71.82 41.03
CA GLU F 736 -16.38 -72.33 39.78
C GLU F 736 -16.37 -71.30 38.64
N ARG F 737 -15.83 -70.11 38.90
CA ARG F 737 -15.71 -69.08 37.87
C ARG F 737 -14.26 -69.02 37.39
N PHE F 738 -14.07 -69.18 36.09
CA PHE F 738 -12.73 -69.22 35.52
C PHE F 738 -12.70 -68.46 34.20
N ALA F 739 -11.58 -67.80 33.93
CA ALA F 739 -11.38 -67.10 32.66
C ALA F 739 -9.88 -67.16 32.35
N ASN F 740 -9.48 -68.14 31.55
CA ASN F 740 -8.08 -68.38 31.23
C ASN F 740 -7.78 -67.72 29.89
N GLN F 741 -7.00 -66.64 29.92
CA GLN F 741 -6.63 -65.93 28.72
C GLN F 741 -5.33 -65.16 28.96
N ILE F 742 -4.64 -64.85 27.87
CA ILE F 742 -3.44 -64.03 27.90
C ILE F 742 -3.62 -62.91 26.87
N ILE F 743 -3.31 -61.68 27.28
CA ILE F 743 -3.53 -60.50 26.46
C ILE F 743 -2.21 -59.77 26.29
N ARG F 744 -1.86 -59.47 25.04
CA ARG F 744 -0.64 -58.75 24.70
C ARG F 744 -1.00 -57.45 23.99
N ILE F 745 -0.36 -56.36 24.41
CA ILE F 745 -0.65 -55.02 23.91
C ILE F 745 0.37 -54.65 22.86
N GLU F 746 -0.11 -54.19 21.70
CA GLU F 746 0.77 -53.76 20.61
C GLU F 746 0.95 -52.25 20.68
N ALA F 747 1.77 -51.82 21.64
CA ALA F 747 2.01 -50.40 21.83
C ALA F 747 2.69 -49.79 20.61
N GLU F 748 2.25 -48.60 20.23
CA GLU F 748 2.79 -47.88 19.09
C GLU F 748 3.50 -46.61 19.56
N GLU F 749 4.65 -46.33 18.96
CA GLU F 749 5.44 -45.16 19.33
C GLU F 749 4.67 -43.88 19.03
N THR F 750 4.75 -42.93 19.96
CA THR F 750 4.01 -41.67 19.81
C THR F 750 4.59 -40.81 18.69
N GLY F 751 5.92 -40.65 18.67
CA GLY F 751 6.55 -39.80 17.69
C GLY F 751 7.76 -40.48 17.09
N ASP F 752 8.42 -39.76 16.18
CA ASP F 752 9.60 -40.30 15.51
C ASP F 752 10.73 -40.56 16.50
N ASN F 753 10.95 -39.63 17.43
CA ASN F 753 12.03 -39.74 18.41
C ASN F 753 11.49 -39.56 19.82
N THR F 754 10.38 -40.23 20.13
CA THR F 754 9.78 -40.21 21.46
C THR F 754 9.83 -41.60 22.06
N SER F 755 10.39 -41.70 23.27
CA SER F 755 10.47 -42.99 23.95
C SER F 755 9.12 -43.44 24.49
N THR F 756 8.10 -42.58 24.46
CA THR F 756 6.79 -42.90 25.02
C THR F 756 6.00 -43.74 24.02
N PHE F 757 5.74 -44.99 24.37
CA PHE F 757 4.87 -45.86 23.59
C PHE F 757 3.47 -45.84 24.19
N GLU F 758 2.47 -45.65 23.33
CA GLU F 758 1.09 -45.48 23.78
C GLU F 758 0.26 -46.68 23.35
N GLY F 759 -0.51 -47.20 24.29
CA GLY F 759 -1.45 -48.27 24.01
C GLY F 759 -2.75 -48.04 24.77
N SER F 760 -3.64 -49.04 24.75
CA SER F 760 -4.90 -48.92 25.47
C SER F 760 -5.40 -50.31 25.81
N LEU F 761 -6.22 -50.37 26.86
CA LEU F 761 -6.80 -51.61 27.34
C LEU F 761 -8.32 -51.51 27.35
N GLU F 762 -8.97 -52.54 26.84
CA GLU F 762 -10.41 -52.68 26.87
C GLU F 762 -10.77 -53.93 27.67
N TYR F 763 -11.88 -53.86 28.39
CA TYR F 763 -12.37 -55.02 29.12
C TYR F 763 -13.88 -54.99 29.16
N VAL F 764 -14.50 -56.14 28.93
CA VAL F 764 -15.95 -56.30 29.00
C VAL F 764 -16.27 -57.17 30.20
N MET F 765 -17.25 -56.75 30.98
CA MET F 765 -17.69 -57.52 32.15
C MET F 765 -18.84 -58.42 31.72
N VAL F 766 -18.62 -59.72 31.79
CA VAL F 766 -19.58 -60.69 31.27
C VAL F 766 -20.88 -60.60 32.05
N ASN F 767 -22.00 -60.71 31.34
CA ASN F 767 -23.33 -60.65 31.94
C ASN F 767 -24.06 -61.97 31.71
N GLN F 768 -25.25 -62.07 32.29
CA GLN F 768 -26.03 -63.29 32.18
C GLN F 768 -26.52 -63.55 30.77
N ILE F 769 -26.47 -62.55 29.89
CA ILE F 769 -26.97 -62.73 28.53
C ILE F 769 -25.88 -63.29 27.62
N ASN F 770 -24.68 -62.71 27.68
CA ASN F 770 -23.60 -63.12 26.79
C ASN F 770 -22.73 -64.23 27.36
N ILE F 771 -22.99 -64.68 28.58
CA ILE F 771 -22.18 -65.76 29.16
C ILE F 771 -22.41 -67.07 28.40
N GLN F 772 -23.56 -67.20 27.73
CA GLN F 772 -23.89 -68.41 26.99
C GLN F 772 -23.71 -68.24 25.49
N ASP F 773 -23.09 -67.15 25.04
CA ASP F 773 -22.85 -66.89 23.64
C ASP F 773 -21.34 -66.89 23.42
N ALA F 774 -20.87 -67.72 22.49
CA ALA F 774 -19.45 -67.82 22.22
C ALA F 774 -18.92 -66.65 21.39
N GLY F 775 -19.81 -65.89 20.75
CA GLY F 775 -19.35 -64.78 19.93
C GLY F 775 -18.69 -63.68 20.73
N THR F 776 -19.23 -63.38 21.92
CA THR F 776 -18.65 -62.34 22.74
C THR F 776 -17.25 -62.71 23.24
N PHE F 777 -16.98 -64.01 23.44
CA PHE F 777 -15.63 -64.44 23.77
C PHE F 777 -14.73 -64.46 22.55
N SER F 778 -15.29 -64.84 21.40
CA SER F 778 -14.52 -64.84 20.16
C SER F 778 -14.39 -63.46 19.53
N GLY F 779 -15.20 -62.49 19.97
CA GLY F 779 -15.15 -61.16 19.42
C GLY F 779 -14.06 -60.27 19.98
N ILE F 780 -13.32 -60.74 20.97
CA ILE F 780 -12.24 -59.95 21.56
C ILE F 780 -10.98 -60.07 20.71
N THR F 781 -10.09 -59.09 20.85
CA THR F 781 -8.83 -59.07 20.14
C THR F 781 -7.69 -59.41 21.10
N PRO F 782 -7.09 -60.58 21.00
CA PRO F 782 -6.01 -60.92 21.94
C PRO F 782 -4.70 -60.20 21.63
N ILE F 783 -4.41 -60.00 20.35
CA ILE F 783 -3.18 -59.36 19.91
C ILE F 783 -3.56 -58.19 19.02
N ALA F 784 -3.44 -56.98 19.56
CA ALA F 784 -3.75 -55.75 18.84
C ALA F 784 -3.20 -54.58 19.65
N ASP F 785 -3.31 -53.38 19.07
CA ASP F 785 -2.88 -52.19 19.79
C ASP F 785 -3.87 -51.82 20.89
N ASP F 786 -5.14 -52.21 20.74
CA ASP F 786 -6.19 -51.97 21.73
C ASP F 786 -6.90 -53.28 22.02
N PRO F 787 -6.26 -54.19 22.76
CA PRO F 787 -6.85 -55.51 23.01
C PRO F 787 -7.98 -55.42 24.03
N SER F 788 -8.74 -56.51 24.10
CA SER F 788 -9.85 -56.64 25.04
C SER F 788 -9.80 -58.01 25.70
N PHE F 789 -10.33 -58.08 26.91
CA PHE F 789 -10.32 -59.33 27.67
C PHE F 789 -11.59 -59.42 28.50
N ILE F 790 -11.88 -60.64 28.95
CA ILE F 790 -13.11 -60.95 29.68
C ILE F 790 -12.84 -60.88 31.18
N VAL F 791 -13.81 -60.38 31.93
CA VAL F 791 -13.76 -60.34 33.38
C VAL F 791 -15.00 -61.04 33.92
N ILE F 792 -14.79 -62.02 34.81
CA ILE F 792 -15.87 -62.86 35.30
C ILE F 792 -16.36 -62.46 36.69
N GLU F 793 -15.61 -61.62 37.41
CA GLU F 793 -15.89 -61.34 38.81
C GLU F 793 -15.27 -59.98 39.13
N ASP F 794 -15.82 -59.30 40.13
CA ASP F 794 -15.35 -57.94 40.41
C ASP F 794 -13.94 -57.99 41.01
N LEU F 795 -12.96 -58.22 40.15
CA LEU F 795 -11.57 -58.40 40.59
C LEU F 795 -11.05 -57.09 41.16
N THR F 796 -10.88 -57.04 42.49
CA THR F 796 -10.28 -55.89 43.15
C THR F 796 -9.13 -56.35 44.04
N ASP F 797 -8.48 -55.40 44.72
CA ASP F 797 -7.39 -55.70 45.64
C ASP F 797 -6.29 -56.51 44.97
N GLU F 798 -6.00 -57.69 45.51
CA GLU F 798 -4.89 -58.50 45.01
C GLU F 798 -5.18 -59.16 43.67
N ASP F 799 -6.44 -59.23 43.25
CA ASP F 799 -6.81 -59.90 42.01
C ASP F 799 -7.16 -58.93 40.90
N ALA F 800 -6.85 -57.65 41.09
CA ALA F 800 -7.19 -56.64 40.09
C ALA F 800 -6.40 -56.91 38.79
N PRO F 801 -7.00 -56.60 37.64
CA PRO F 801 -6.30 -56.82 36.37
C PRO F 801 -4.98 -56.05 36.32
N ARG F 802 -3.88 -56.80 36.24
CA ARG F 802 -2.54 -56.25 36.27
C ARG F 802 -1.83 -56.59 34.97
N VAL F 803 -1.26 -55.57 34.32
CA VAL F 803 -0.48 -55.74 33.11
C VAL F 803 0.99 -55.88 33.48
N ASN F 804 1.69 -56.80 32.83
CA ASN F 804 3.08 -57.08 33.12
C ASN F 804 3.95 -56.76 31.91
N TYR F 805 5.13 -56.22 32.16
CA TYR F 805 6.05 -55.84 31.10
C TYR F 805 7.47 -55.91 31.66
N ASN F 806 8.28 -56.81 31.11
CA ASN F 806 9.69 -56.85 31.45
C ASN F 806 10.42 -55.64 30.87
N ASP F 807 11.60 -55.36 31.41
CA ASP F 807 12.40 -54.26 30.92
C ASP F 807 13.85 -54.44 31.36
N LEU F 808 14.76 -54.05 30.47
CA LEU F 808 16.18 -54.00 30.80
C LEU F 808 16.47 -52.61 31.39
N GLY F 809 16.76 -52.58 32.68
CA GLY F 809 16.98 -51.31 33.36
C GLY F 809 18.30 -50.68 32.99
N ALA F 810 18.49 -49.45 33.45
CA ALA F 810 19.74 -48.74 33.19
C ALA F 810 20.93 -49.47 33.79
N ASP F 811 20.73 -50.19 34.90
CA ASP F 811 21.83 -50.95 35.49
C ASP F 811 22.20 -52.16 34.64
N GLY F 812 21.23 -52.76 33.97
CA GLY F 812 21.45 -53.93 33.15
C GLY F 812 20.64 -55.15 33.53
N VAL F 813 19.91 -55.12 34.63
CA VAL F 813 19.09 -56.26 35.04
C VAL F 813 17.77 -56.22 34.30
N THR F 814 17.13 -57.40 34.19
CA THR F 814 15.84 -57.51 33.51
C THR F 814 14.72 -57.44 34.55
N THR F 815 14.64 -56.31 35.23
CA THR F 815 13.62 -56.13 36.25
C THR F 815 12.27 -55.88 35.59
N PRO F 816 11.18 -56.44 36.10
CA PRO F 816 9.86 -56.19 35.53
C PRO F 816 9.22 -54.94 36.12
N VAL F 817 8.37 -54.31 35.30
CA VAL F 817 7.55 -53.19 35.72
C VAL F 817 6.09 -53.53 35.42
N SER F 818 5.22 -53.32 36.41
CA SER F 818 3.84 -53.72 36.28
C SER F 818 2.94 -52.63 36.84
N ASP F 819 1.71 -52.58 36.33
CA ASP F 819 0.68 -51.68 36.82
C ASP F 819 -0.65 -52.42 36.82
N GLN F 820 -1.52 -52.04 37.75
CA GLN F 820 -2.82 -52.67 37.87
C GLN F 820 -3.89 -51.61 38.12
N GLU F 821 -5.11 -51.91 37.68
CA GLU F 821 -6.26 -51.04 37.90
C GLU F 821 -7.46 -51.91 38.25
N GLU F 822 -8.16 -51.52 39.30
CA GLU F 822 -9.32 -52.29 39.74
C GLU F 822 -10.44 -52.21 38.72
N ALA F 823 -11.21 -53.29 38.60
CA ALA F 823 -12.37 -53.36 37.71
C ALA F 823 -13.56 -53.87 38.52
N PRO F 824 -14.08 -53.04 39.42
CA PRO F 824 -15.17 -53.49 40.29
C PRO F 824 -16.51 -53.45 39.56
N SER F 825 -17.51 -54.02 40.22
CA SER F 825 -18.87 -54.05 39.68
C SER F 825 -19.72 -52.97 40.34
N HIS F 826 -20.93 -52.81 39.81
CA HIS F 826 -21.86 -51.80 40.29
C HIS F 826 -23.23 -52.41 40.50
N SER F 827 -23.96 -51.89 41.48
CA SER F 827 -25.30 -52.38 41.80
C SER F 827 -26.29 -51.71 40.85
N GLY F 828 -26.85 -52.50 39.94
CA GLY F 828 -27.82 -51.98 38.98
C GLY F 828 -29.07 -51.44 39.64
N VAL F 829 -29.45 -50.22 39.25
CA VAL F 829 -30.63 -49.55 39.80
C VAL F 829 -31.60 -49.28 38.65
N VAL F 830 -32.83 -49.77 38.80
CA VAL F 830 -33.88 -49.57 37.81
C VAL F 830 -35.05 -48.88 38.49
N SER F 831 -35.57 -47.84 37.83
CA SER F 831 -36.67 -47.06 38.39
C SER F 831 -37.52 -46.50 37.27
N LEU F 832 -38.74 -46.11 37.62
CA LEU F 832 -39.69 -45.52 36.69
C LEU F 832 -39.79 -44.03 36.93
N ASN F 833 -40.18 -43.30 35.88
CA ASN F 833 -40.20 -41.84 35.96
C ASN F 833 -41.26 -41.31 36.90
N ALA F 834 -42.35 -42.04 37.11
CA ALA F 834 -43.45 -41.57 37.94
C ALA F 834 -43.93 -42.68 38.85
N ASP F 835 -44.58 -42.28 39.94
CA ASP F 835 -45.14 -43.24 40.88
C ASP F 835 -46.43 -43.86 40.36
N SER F 836 -47.23 -43.10 39.61
CA SER F 836 -48.49 -43.59 39.06
C SER F 836 -48.54 -43.28 37.57
N TYR F 837 -49.26 -44.13 36.83
CA TYR F 837 -49.34 -44.01 35.39
C TYR F 837 -50.78 -44.21 34.93
N LYS F 838 -51.17 -43.48 33.90
CA LYS F 838 -52.49 -43.64 33.31
C LYS F 838 -52.43 -44.68 32.18
N ILE F 839 -53.57 -44.88 31.52
CA ILE F 839 -53.60 -45.78 30.37
C ILE F 839 -52.84 -45.15 29.21
N ALA F 840 -51.93 -45.92 28.62
CA ALA F 840 -51.07 -45.44 27.54
C ALA F 840 -50.31 -44.18 27.95
N ASP F 841 -49.72 -44.23 29.14
CA ASP F 841 -48.97 -43.11 29.70
C ASP F 841 -47.52 -43.10 29.26
N THR F 842 -47.11 -44.06 28.42
CA THR F 842 -45.75 -44.16 27.89
C THR F 842 -44.73 -44.25 29.02
N VAL F 843 -44.83 -45.33 29.79
CA VAL F 843 -43.86 -45.59 30.85
C VAL F 843 -42.48 -45.80 30.24
N VAL F 844 -41.45 -45.34 30.94
CA VAL F 844 -40.08 -45.46 30.49
C VAL F 844 -39.26 -46.09 31.60
N ILE F 845 -38.42 -47.08 31.25
CA ILE F 845 -37.58 -47.80 32.20
C ILE F 845 -36.15 -47.28 32.05
N THR F 846 -35.61 -46.76 33.14
CA THR F 846 -34.24 -46.26 33.17
C THR F 846 -33.39 -47.21 34.00
N VAL F 847 -32.43 -47.87 33.35
CA VAL F 847 -31.54 -48.82 34.00
C VAL F 847 -30.14 -48.22 33.99
N GLU F 848 -29.58 -47.99 35.18
CA GLU F 848 -28.23 -47.45 35.33
C GLU F 848 -27.36 -48.55 35.94
N ASP F 849 -26.48 -49.12 35.12
CA ASP F 849 -25.56 -50.15 35.57
C ASP F 849 -24.42 -50.21 34.55
N LEU F 850 -23.24 -49.76 34.97
CA LEU F 850 -22.12 -49.58 34.03
C LEU F 850 -21.52 -50.91 33.58
N ASP F 851 -21.83 -52.02 34.25
CA ASP F 851 -21.21 -53.29 33.90
C ASP F 851 -21.79 -53.90 32.61
N LEU F 852 -22.95 -53.42 32.16
CA LEU F 852 -23.52 -53.96 30.92
C LEU F 852 -22.95 -53.32 29.67
N ASN F 853 -22.11 -52.30 29.80
CA ASN F 853 -21.48 -51.67 28.64
C ASN F 853 -20.31 -52.55 28.20
N VAL F 854 -20.47 -53.22 27.06
CA VAL F 854 -19.48 -54.16 26.55
C VAL F 854 -18.68 -53.59 25.39
N ASP F 855 -18.88 -52.31 25.06
CA ASP F 855 -18.10 -51.67 24.01
C ASP F 855 -18.26 -50.16 24.14
N SER F 856 -17.12 -49.45 24.19
CA SER F 856 -17.14 -48.00 24.22
C SER F 856 -17.40 -47.39 22.85
N ASP F 857 -17.36 -48.20 21.78
CA ASP F 857 -17.58 -47.70 20.43
C ASP F 857 -19.03 -47.87 20.00
N LEU F 858 -19.51 -49.11 20.00
CA LEU F 858 -20.86 -49.41 19.55
C LEU F 858 -21.87 -49.08 20.64
N ILE F 859 -23.13 -48.90 20.22
CA ILE F 859 -24.23 -48.67 21.16
C ILE F 859 -24.73 -50.02 21.65
N ASP F 860 -24.67 -50.23 22.96
CA ASP F 860 -25.11 -51.49 23.54
C ASP F 860 -26.63 -51.55 23.61
N ILE F 861 -27.20 -52.65 23.14
CA ILE F 861 -28.64 -52.84 23.11
C ILE F 861 -28.98 -54.21 23.67
N PHE F 862 -30.23 -54.37 24.11
CA PHE F 862 -30.73 -55.63 24.63
C PHE F 862 -32.14 -55.84 24.10
N THR F 863 -32.32 -56.85 23.25
CA THR F 863 -33.62 -57.14 22.66
C THR F 863 -34.46 -57.98 23.62
N VAL F 864 -35.69 -58.27 23.21
CA VAL F 864 -36.62 -59.07 23.99
C VAL F 864 -36.79 -60.42 23.29
N VAL F 865 -36.79 -61.48 24.09
CA VAL F 865 -36.89 -62.84 23.55
C VAL F 865 -38.32 -63.11 23.09
N SER F 866 -38.45 -63.66 21.88
CA SER F 866 -39.75 -64.07 21.34
C SER F 866 -39.60 -65.54 20.92
N ASP F 867 -39.82 -66.44 21.87
CA ASP F 867 -39.71 -67.87 21.61
C ASP F 867 -40.51 -68.60 22.67
N ASN F 868 -41.61 -69.25 22.25
CA ASN F 868 -42.48 -69.91 23.21
C ASN F 868 -41.81 -71.11 23.86
N SER F 869 -40.94 -71.81 23.13
CA SER F 869 -40.29 -73.00 23.69
C SER F 869 -39.40 -72.68 24.88
N LYS F 870 -38.64 -71.58 24.80
CA LYS F 870 -37.74 -71.21 25.88
C LYS F 870 -38.51 -70.64 27.07
N ALA F 871 -37.99 -70.89 28.26
CA ALA F 871 -38.64 -70.42 29.49
C ALA F 871 -38.54 -68.92 29.66
N THR F 872 -37.69 -68.23 28.91
CA THR F 872 -37.53 -66.78 29.00
C THR F 872 -38.32 -66.05 27.93
N ASP F 873 -39.49 -66.59 27.54
CA ASP F 873 -40.32 -65.91 26.56
C ASP F 873 -40.81 -64.57 27.10
N ASP F 874 -40.87 -63.58 26.22
CA ASP F 874 -41.29 -62.21 26.54
C ASP F 874 -40.41 -61.55 27.58
N ALA F 875 -39.19 -62.04 27.77
CA ALA F 875 -38.24 -61.46 28.70
C ALA F 875 -37.05 -60.88 27.94
N VAL F 876 -36.50 -59.79 28.47
CA VAL F 876 -35.31 -59.19 27.89
C VAL F 876 -34.15 -60.17 28.05
N GLY F 877 -33.37 -60.34 26.99
CA GLY F 877 -32.22 -61.22 27.04
C GLY F 877 -31.95 -61.98 25.76
N SER F 878 -31.67 -63.27 25.88
CA SER F 878 -31.35 -64.12 24.74
C SER F 878 -32.20 -65.38 24.79
N ALA F 879 -32.37 -66.00 23.62
CA ALA F 879 -33.17 -67.21 23.53
C ALA F 879 -32.57 -68.35 24.36
N THR F 880 -31.25 -68.50 24.30
CA THR F 880 -30.59 -69.52 25.11
C THR F 880 -30.80 -69.23 26.59
N THR F 881 -31.14 -70.28 27.34
CA THR F 881 -31.45 -70.12 28.76
C THR F 881 -31.22 -71.44 29.48
N GLN F 882 -30.53 -71.37 30.62
CA GLN F 882 -30.32 -72.52 31.49
C GLN F 882 -30.95 -72.25 32.84
N SER F 883 -31.53 -73.30 33.44
CA SER F 883 -32.19 -73.18 34.73
C SER F 883 -31.17 -73.43 35.84
N LEU F 884 -31.09 -72.48 36.77
CA LEU F 884 -30.14 -72.56 37.89
C LEU F 884 -30.88 -72.22 39.18
N SER F 885 -30.12 -72.16 40.28
CA SER F 885 -30.70 -71.86 41.58
C SER F 885 -31.18 -70.42 41.69
N PHE F 886 -30.64 -69.51 40.87
CA PHE F 886 -31.02 -68.11 40.92
C PHE F 886 -32.05 -67.73 39.86
N GLY F 887 -32.66 -68.72 39.20
CA GLY F 887 -33.66 -68.44 38.20
C GLY F 887 -33.26 -68.89 36.80
N GLU F 888 -33.48 -68.03 35.82
CA GLU F 888 -33.16 -68.33 34.42
C GLU F 888 -31.97 -67.49 33.97
N LEU F 889 -31.04 -68.15 33.28
CA LEU F 889 -29.83 -67.47 32.83
C LEU F 889 -30.15 -66.38 31.80
N GLY F 890 -31.09 -66.65 30.90
CA GLY F 890 -31.44 -65.71 29.85
C GLY F 890 -32.41 -64.62 30.22
N ARG F 891 -32.81 -64.54 31.47
CA ARG F 891 -33.78 -63.55 31.94
C ARG F 891 -33.04 -62.33 32.45
N LEU F 892 -33.17 -61.20 31.73
CA LEU F 892 -32.53 -59.95 32.12
C LEU F 892 -33.49 -58.98 32.80
N LEU F 893 -34.61 -58.67 32.16
CA LEU F 893 -35.57 -57.71 32.70
C LEU F 893 -36.98 -58.17 32.39
N ASP F 894 -37.87 -58.05 33.39
CA ASP F 894 -39.26 -58.44 33.24
C ASP F 894 -40.16 -57.35 33.79
N VAL F 895 -41.35 -57.24 33.21
CA VAL F 895 -42.38 -56.30 33.67
C VAL F 895 -43.58 -57.12 34.13
N THR F 896 -44.07 -56.82 35.33
CA THR F 896 -45.12 -57.62 35.96
C THR F 896 -46.29 -56.74 36.37
N PHE F 897 -47.49 -57.18 36.03
CA PHE F 897 -48.72 -56.58 36.53
C PHE F 897 -49.30 -57.51 37.59
N ASP F 898 -49.55 -56.97 38.78
CA ASP F 898 -50.01 -57.76 39.93
C ASP F 898 -49.06 -58.92 40.21
N ASP F 899 -47.76 -58.64 40.13
CA ASP F 899 -46.70 -59.62 40.36
C ASP F 899 -46.80 -60.81 39.41
N VAL F 900 -47.36 -60.59 38.22
CA VAL F 900 -47.49 -61.62 37.19
C VAL F 900 -46.86 -61.08 35.91
N ILE F 901 -45.96 -61.87 35.31
CA ILE F 901 -45.23 -61.41 34.13
C ILE F 901 -46.20 -61.15 32.98
N TRP F 902 -46.01 -60.02 32.32
CA TRP F 902 -46.83 -59.65 31.17
C TRP F 902 -46.27 -60.33 29.93
N SER F 903 -47.02 -61.29 29.39
CA SER F 903 -46.60 -62.04 28.21
C SER F 903 -47.76 -62.14 27.23
N THR F 904 -47.43 -62.19 25.94
CA THR F 904 -48.45 -62.31 24.91
C THR F 904 -48.89 -63.76 24.76
N PRO F 905 -50.18 -64.03 24.58
CA PRO F 905 -50.64 -65.41 24.39
C PRO F 905 -50.10 -65.98 23.08
N ASP F 906 -49.49 -67.16 23.17
CA ASP F 906 -48.93 -67.83 22.00
C ASP F 906 -48.74 -69.30 22.33
N GLY F 907 -48.33 -70.06 21.32
CA GLY F 907 -48.10 -71.48 21.50
C GLY F 907 -49.40 -72.27 21.57
N ALA F 908 -49.29 -73.47 22.12
CA ALA F 908 -50.44 -74.36 22.28
C ALA F 908 -51.06 -74.31 23.66
N ASN F 909 -50.54 -73.45 24.55
CA ASN F 909 -51.04 -73.34 25.92
C ASN F 909 -51.97 -72.16 26.11
N ASN F 910 -52.39 -71.50 25.02
CA ASN F 910 -53.28 -70.36 25.09
C ASN F 910 -54.69 -70.68 24.58
N THR F 911 -55.09 -71.94 24.66
CA THR F 911 -56.40 -72.36 24.17
C THR F 911 -57.52 -72.12 25.18
N ALA F 912 -57.20 -71.66 26.38
CA ALA F 912 -58.23 -71.41 27.38
C ALA F 912 -59.13 -70.25 26.96
N THR F 913 -60.43 -70.39 27.23
CA THR F 913 -61.41 -69.37 26.89
C THR F 913 -62.05 -68.71 28.10
N GLY F 914 -61.85 -69.24 29.30
CA GLY F 914 -62.40 -68.62 30.48
C GLY F 914 -63.91 -68.79 30.60
N ASN F 915 -64.55 -67.82 31.24
CA ASN F 915 -65.99 -67.89 31.50
C ASN F 915 -66.82 -67.78 30.23
N ASP F 916 -66.28 -67.24 29.15
CA ASP F 916 -66.98 -67.11 27.88
C ASP F 916 -66.30 -67.99 26.83
N SER F 917 -66.83 -67.95 25.62
CA SER F 917 -66.35 -68.78 24.53
C SER F 917 -65.26 -68.10 23.69
N ASP F 918 -64.82 -66.91 24.10
CA ASP F 918 -63.81 -66.17 23.36
C ASP F 918 -62.44 -66.36 23.98
N THR F 919 -61.46 -66.68 23.15
CA THR F 919 -60.10 -66.88 23.61
C THR F 919 -59.46 -65.54 23.98
N CYS F 920 -58.44 -65.60 24.84
CA CYS F 920 -57.78 -64.38 25.30
C CYS F 920 -57.14 -63.62 24.14
N SER F 921 -56.46 -64.33 23.23
CA SER F 921 -55.85 -63.68 22.08
C SER F 921 -56.92 -63.07 21.17
N THR F 922 -58.00 -63.79 20.93
CA THR F 922 -59.09 -63.26 20.12
C THR F 922 -59.76 -62.07 20.81
N GLU F 923 -59.90 -62.13 22.14
CA GLU F 923 -60.46 -61.01 22.87
C GLU F 923 -59.58 -59.77 22.75
N LEU F 924 -58.26 -59.95 22.86
CA LEU F 924 -57.35 -58.82 22.71
C LEU F 924 -57.40 -58.27 21.29
N SER F 925 -57.50 -59.15 20.29
CA SER F 925 -57.60 -58.68 18.91
C SER F 925 -58.89 -57.89 18.69
N ASN F 926 -60.00 -58.37 19.25
CA ASN F 926 -61.27 -57.66 19.14
C ASN F 926 -61.22 -56.31 19.84
N ALA F 927 -60.55 -56.25 21.00
CA ALA F 927 -60.41 -54.99 21.72
C ALA F 927 -59.51 -54.00 21.02
N GLY F 928 -58.79 -54.42 19.97
CA GLY F 928 -57.90 -53.54 19.25
C GLY F 928 -56.57 -53.30 19.92
N ILE F 929 -56.19 -54.11 20.91
CA ILE F 929 -54.95 -53.94 21.64
C ILE F 929 -53.88 -54.74 20.90
N THR F 930 -53.07 -54.04 20.10
CA THR F 930 -51.94 -54.67 19.43
C THR F 930 -50.75 -54.86 20.36
N ASP F 931 -50.76 -54.21 21.53
CA ASP F 931 -49.71 -54.40 22.54
C ASP F 931 -50.07 -55.58 23.45
N THR F 932 -50.17 -56.76 22.83
CA THR F 932 -50.53 -57.97 23.56
C THR F 932 -49.43 -58.46 24.48
N GLY F 933 -48.22 -57.97 24.34
CA GLY F 933 -47.12 -58.41 25.19
C GLY F 933 -45.93 -57.50 25.04
N LEU F 934 -44.88 -57.81 25.80
CA LEU F 934 -43.66 -57.02 25.75
C LEU F 934 -43.03 -57.07 24.35
N GLY F 935 -43.00 -58.25 23.75
CA GLY F 935 -42.45 -58.37 22.41
C GLY F 935 -43.24 -57.63 21.36
N ALA F 936 -44.57 -57.57 21.52
CA ALA F 936 -45.41 -56.87 20.56
C ALA F 936 -45.09 -55.37 20.54
N THR F 937 -44.85 -54.78 21.71
CA THR F 937 -44.55 -53.36 21.78
C THR F 937 -43.18 -53.02 21.22
N GLY F 938 -42.31 -54.01 21.01
CA GLY F 938 -40.97 -53.72 20.54
C GLY F 938 -40.09 -53.05 21.58
N PHE F 939 -40.40 -53.22 22.85
CA PHE F 939 -39.63 -52.58 23.92
C PHE F 939 -38.25 -53.21 24.01
N THR F 940 -37.22 -52.39 23.80
CA THR F 940 -35.84 -52.84 23.89
C THR F 940 -35.02 -51.80 24.65
N LEU F 941 -33.95 -52.27 25.29
CA LEU F 941 -33.05 -51.38 26.02
C LEU F 941 -31.99 -50.83 25.09
N VAL F 942 -31.82 -49.51 25.08
CA VAL F 942 -30.81 -48.85 24.27
C VAL F 942 -29.99 -47.93 25.16
N GLU F 943 -28.67 -47.97 24.99
CA GLU F 943 -27.78 -47.15 25.80
C GLU F 943 -27.96 -45.68 25.43
N THR F 944 -27.82 -44.81 26.43
CA THR F 944 -27.96 -43.38 26.20
C THR F 944 -26.86 -42.86 25.27
N GLY F 945 -25.63 -43.34 25.46
CA GLY F 945 -24.52 -42.94 24.63
C GLY F 945 -23.58 -44.09 24.37
N ALA F 946 -22.43 -43.77 23.76
CA ALA F 946 -21.45 -44.81 23.45
C ALA F 946 -20.89 -45.46 24.70
N ALA F 947 -20.61 -44.67 25.74
CA ALA F 947 -20.03 -45.19 26.97
C ALA F 947 -20.73 -44.66 28.21
N THR F 948 -22.00 -44.23 28.08
CA THR F 948 -22.73 -43.73 29.24
C THR F 948 -22.96 -44.82 30.27
N GLY F 949 -23.30 -46.02 29.83
CA GLY F 949 -23.59 -47.11 30.74
C GLY F 949 -25.00 -47.11 31.30
N VAL F 950 -25.86 -46.22 30.84
CA VAL F 950 -27.24 -46.14 31.28
C VAL F 950 -28.14 -46.49 30.11
N PHE F 951 -29.04 -47.45 30.32
CA PHE F 951 -29.93 -47.94 29.27
C PHE F 951 -31.34 -47.42 29.52
N VAL F 952 -31.97 -46.94 28.45
CA VAL F 952 -33.30 -46.35 28.52
C VAL F 952 -34.24 -47.14 27.61
N GLY F 953 -35.37 -47.58 28.15
CA GLY F 953 -36.36 -48.28 27.36
C GLY F 953 -37.75 -47.87 27.83
N ASP F 954 -38.71 -47.98 26.91
CA ASP F 954 -40.05 -47.47 27.18
C ASP F 954 -41.08 -48.27 26.39
N PHE F 955 -42.33 -48.17 26.83
CA PHE F 955 -43.47 -48.77 26.16
C PHE F 955 -44.73 -48.12 26.72
N GLN F 956 -45.84 -48.33 26.02
CA GLN F 956 -47.13 -47.79 26.41
C GLN F 956 -47.96 -48.85 27.11
N ILE F 957 -48.57 -48.50 28.23
CA ILE F 957 -49.39 -49.42 29.01
C ILE F 957 -50.69 -49.70 28.28
N PRO F 958 -51.00 -50.95 27.97
CA PRO F 958 -52.28 -51.25 27.30
C PRO F 958 -53.44 -51.17 28.28
N SER F 959 -54.63 -50.98 27.72
CA SER F 959 -55.84 -50.96 28.54
C SER F 959 -56.23 -52.36 28.98
N PHE F 960 -56.01 -53.36 28.13
CA PHE F 960 -56.35 -54.75 28.42
C PHE F 960 -55.09 -55.60 28.33
N TRP F 961 -54.95 -56.55 29.26
CA TRP F 961 -53.84 -57.49 29.24
C TRP F 961 -54.35 -58.87 29.62
N CYS F 962 -53.62 -59.89 29.17
CA CYS F 962 -53.98 -61.28 29.43
C CYS F 962 -53.13 -61.80 30.58
N ARG F 963 -53.79 -62.20 31.67
CA ARG F 963 -53.08 -62.72 32.83
C ARG F 963 -52.60 -64.14 32.57
N VAL F 964 -51.39 -64.45 33.05
CA VAL F 964 -50.83 -65.79 32.94
C VAL F 964 -51.41 -66.65 34.05
N SER F 965 -52.04 -67.77 33.67
CA SER F 965 -52.65 -68.64 34.67
C SER F 965 -51.60 -69.27 35.58
N ASP F 966 -50.50 -69.75 35.01
CA ASP F 966 -49.43 -70.37 35.79
C ASP F 966 -48.11 -70.20 35.07
N THR F 967 -47.06 -69.96 35.84
CA THR F 967 -45.72 -69.77 35.31
C THR F 967 -44.84 -71.00 35.48
N THR F 968 -45.41 -72.14 35.84
CA THR F 968 -44.65 -73.35 36.12
C THR F 968 -44.43 -74.22 34.89
N THR F 969 -44.89 -73.79 33.72
CA THR F 969 -44.74 -74.56 32.50
C THR F 969 -44.29 -73.66 31.36
N THR F 970 -43.61 -74.26 30.39
CA THR F 970 -43.19 -73.55 29.18
C THR F 970 -43.76 -74.27 27.95
N PRO F 971 -44.42 -73.57 27.03
CA PRO F 971 -44.77 -72.13 27.06
C PRO F 971 -45.81 -71.83 28.13
N TYR F 972 -45.95 -70.56 28.52
CA TYR F 972 -46.87 -70.20 29.59
C TYR F 972 -48.31 -70.52 29.20
N THR F 973 -49.08 -70.98 30.18
CA THR F 973 -50.51 -71.21 29.99
C THR F 973 -51.27 -69.97 30.44
N TYR F 974 -51.94 -69.32 29.50
CA TYR F 974 -52.58 -68.04 29.76
C TYR F 974 -54.04 -68.23 30.15
N ALA F 975 -54.57 -67.26 30.89
CA ALA F 975 -55.97 -67.29 31.27
C ALA F 975 -56.86 -67.04 30.06
N GLY F 976 -58.11 -67.49 30.17
CA GLY F 976 -59.04 -67.39 29.05
C GLY F 976 -59.72 -66.06 28.88
N ASP F 977 -59.57 -65.15 29.83
CA ASP F 977 -60.21 -63.84 29.75
C ASP F 977 -59.21 -62.76 30.13
N GLU F 978 -59.31 -61.62 29.47
CA GLU F 978 -58.45 -60.49 29.78
C GLU F 978 -59.08 -59.62 30.87
N GLU F 979 -58.24 -58.78 31.49
CA GLU F 979 -58.70 -57.89 32.53
C GLU F 979 -58.03 -56.53 32.35
N THR F 980 -58.74 -55.48 32.78
CA THR F 980 -58.24 -54.13 32.60
C THR F 980 -57.13 -53.84 33.60
N THR F 981 -56.05 -53.25 33.13
CA THR F 981 -54.84 -53.06 33.94
C THR F 981 -54.97 -51.95 34.98
N THR F 982 -56.05 -51.17 34.96
CA THR F 982 -56.17 -50.06 35.88
C THR F 982 -56.26 -50.56 37.32
N GLY F 983 -55.58 -49.85 38.23
CA GLY F 983 -55.53 -50.20 39.62
C GLY F 983 -54.46 -51.21 39.97
N LEU F 984 -54.12 -52.11 39.04
CA LEU F 984 -53.06 -53.07 39.28
C LEU F 984 -51.71 -52.36 39.39
N ASP F 985 -50.79 -52.96 40.13
CA ASP F 985 -49.47 -52.41 40.31
C ASP F 985 -48.52 -52.95 39.25
N ILE F 986 -47.89 -52.05 38.50
CA ILE F 986 -46.93 -52.42 37.48
C ILE F 986 -45.54 -52.42 38.10
N GLU F 987 -44.87 -53.56 38.04
CA GLU F 987 -43.56 -53.73 38.65
C GLU F 987 -42.58 -54.28 37.63
N VAL F 988 -41.36 -53.75 37.65
CA VAL F 988 -40.29 -54.22 36.78
C VAL F 988 -39.25 -54.93 37.65
N ASN F 989 -38.51 -55.84 37.02
CA ASN F 989 -37.46 -56.58 37.69
C ASN F 989 -36.28 -56.71 36.76
N TYR F 990 -35.21 -55.97 37.06
CA TYR F 990 -33.95 -56.07 36.35
C TYR F 990 -33.07 -57.10 37.05
N VAL F 991 -32.68 -58.15 36.33
CA VAL F 991 -31.86 -59.21 36.90
C VAL F 991 -30.41 -58.74 36.79
N ASP F 992 -29.76 -58.54 37.93
CA ASP F 992 -28.39 -58.05 37.98
C ASP F 992 -27.46 -59.23 38.15
N PHE F 993 -26.66 -59.52 37.12
CA PHE F 993 -25.77 -60.67 37.19
C PHE F 993 -24.63 -60.45 38.17
N ARG F 994 -24.18 -59.21 38.34
CA ARG F 994 -23.08 -58.88 39.23
C ARG F 994 -23.43 -57.63 40.03
N ASP F 995 -23.61 -57.78 41.33
CA ASP F 995 -23.86 -56.66 42.23
C ASP F 995 -22.54 -55.98 42.57
N ALA F 996 -22.58 -55.06 43.55
CA ALA F 996 -21.38 -54.31 43.92
C ALA F 996 -20.29 -55.24 44.46
N SER F 997 -20.68 -56.24 45.25
CA SER F 997 -19.77 -57.29 45.68
C SER F 997 -19.51 -58.32 44.58
N GLY F 998 -20.25 -58.27 43.49
CA GLY F 998 -19.97 -59.10 42.33
C GLY F 998 -20.75 -60.40 42.29
N GLU F 999 -22.03 -60.34 42.61
CA GLU F 999 -22.87 -61.53 42.63
C GLU F 999 -24.30 -61.10 42.28
N ILE F 1000 -25.20 -62.07 42.23
CA ILE F 1000 -26.55 -61.85 41.72
C ILE F 1000 -27.44 -61.29 42.82
N VAL F 1001 -27.96 -60.08 42.60
CA VAL F 1001 -28.93 -59.46 43.51
C VAL F 1001 -30.13 -59.00 42.68
N GLU F 1002 -31.33 -59.36 43.16
CA GLU F 1002 -32.58 -59.08 42.45
C GLU F 1002 -33.10 -57.72 42.89
N VAL F 1003 -33.12 -56.77 41.95
CA VAL F 1003 -33.60 -55.41 42.22
C VAL F 1003 -34.66 -55.02 41.21
N GLY F 1004 -35.67 -54.31 41.68
CA GLY F 1004 -36.72 -53.80 40.81
C GLY F 1004 -37.38 -52.58 41.43
N ASP F 1005 -38.35 -52.03 40.69
CA ASP F 1005 -39.11 -50.88 41.13
C ASP F 1005 -40.60 -51.17 41.00
N SER F 1006 -41.42 -50.35 41.67
CA SER F 1006 -42.86 -50.55 41.73
C SER F 1006 -43.59 -49.28 41.33
N ALA F 1007 -44.74 -49.46 40.69
CA ALA F 1007 -45.61 -48.35 40.32
C ALA F 1007 -47.02 -48.90 40.11
N GLY F 1008 -47.99 -47.99 40.12
CA GLY F 1008 -49.40 -48.34 39.97
C GLY F 1008 -49.99 -47.71 38.72
N VAL F 1009 -50.89 -48.45 38.08
CA VAL F 1009 -51.61 -47.95 36.90
C VAL F 1009 -52.83 -47.19 37.40
N ARG F 1010 -52.75 -45.86 37.39
CA ARG F 1010 -53.82 -45.02 37.91
C ARG F 1010 -55.01 -45.00 36.95
N ALA F 1011 -56.17 -44.66 37.51
CA ALA F 1011 -57.39 -44.49 36.73
C ALA F 1011 -58.24 -43.40 37.38
N ASN F 1012 -59.05 -42.74 36.56
CA ASN F 1012 -59.85 -41.62 37.00
C ASN F 1012 -61.33 -41.93 36.91
N THR F 1013 -62.09 -41.48 37.91
CA THR F 1013 -63.53 -41.67 37.91
C THR F 1013 -64.18 -40.89 36.77
N GLY F 1014 -65.12 -41.54 36.08
CA GLY F 1014 -65.85 -40.86 35.04
C GLY F 1014 -66.93 -39.96 35.60
N SER F 1015 -67.27 -38.93 34.82
CA SER F 1015 -68.29 -37.97 35.20
C SER F 1015 -69.05 -37.53 33.95
N VAL F 1016 -70.35 -37.35 34.08
CA VAL F 1016 -71.22 -36.91 33.00
C VAL F 1016 -71.97 -35.66 33.45
N SER F 1017 -72.05 -34.67 32.56
CA SER F 1017 -72.68 -33.41 32.89
C SER F 1017 -73.60 -32.98 31.75
N LEU F 1018 -74.60 -32.17 32.08
CA LEU F 1018 -75.55 -31.64 31.11
C LEU F 1018 -75.44 -30.12 31.07
N ASP F 1019 -75.75 -29.55 29.91
CA ASP F 1019 -75.57 -28.11 29.72
C ASP F 1019 -76.45 -27.30 30.65
N ARG F 1020 -77.71 -27.69 30.81
CA ARG F 1020 -78.68 -26.92 31.56
C ARG F 1020 -79.42 -27.80 32.56
N THR F 1021 -79.81 -27.20 33.68
CA THR F 1021 -80.59 -27.92 34.68
C THR F 1021 -82.00 -28.20 34.18
N VAL F 1022 -82.57 -27.30 33.39
CA VAL F 1022 -83.91 -27.47 32.83
C VAL F 1022 -83.83 -27.30 31.32
N TYR F 1023 -84.79 -27.89 30.63
CA TYR F 1023 -84.86 -27.83 29.18
C TYR F 1023 -86.31 -27.60 28.74
N PRO F 1024 -86.51 -26.88 27.65
CA PRO F 1024 -87.88 -26.64 27.16
C PRO F 1024 -88.48 -27.89 26.54
N VAL F 1025 -89.82 -27.90 26.52
CA VAL F 1025 -90.55 -29.01 25.90
C VAL F 1025 -90.51 -28.84 24.38
N PRO F 1026 -90.02 -29.84 23.64
CA PRO F 1026 -89.97 -29.71 22.19
C PRO F 1026 -91.36 -29.69 21.56
N PHE F 1027 -91.44 -29.06 20.39
CA PHE F 1027 -92.69 -28.93 19.65
C PHE F 1027 -92.48 -29.34 18.21
N GLY F 1028 -93.56 -29.80 17.57
CA GLY F 1028 -93.53 -30.26 16.20
C GLY F 1028 -94.22 -29.31 15.25
N THR F 1029 -94.56 -29.84 14.08
CA THR F 1029 -95.23 -29.07 13.02
C THR F 1029 -96.52 -29.79 12.63
N ILE F 1030 -97.22 -29.22 11.65
CA ILE F 1030 -98.47 -29.80 11.18
C ILE F 1030 -98.22 -31.14 10.48
N ALA F 1031 -97.10 -31.26 9.78
CA ALA F 1031 -96.80 -32.49 9.04
C ALA F 1031 -96.55 -33.69 9.94
N ASP F 1032 -96.38 -33.47 11.24
CA ASP F 1032 -96.18 -34.55 12.19
C ASP F 1032 -97.48 -35.09 12.76
N SER F 1033 -98.62 -34.59 12.30
CA SER F 1033 -99.93 -35.02 12.77
C SER F 1033 -100.79 -35.45 11.60
N SER F 1034 -101.53 -36.54 11.79
CA SER F 1034 -102.41 -37.06 10.74
C SER F 1034 -103.78 -36.40 10.74
N LYS F 1035 -104.05 -35.48 11.67
CA LYS F 1035 -105.33 -34.80 11.71
C LYS F 1035 -105.48 -33.88 10.51
N ALA F 1036 -106.74 -33.67 10.10
CA ALA F 1036 -107.02 -32.78 8.99
C ALA F 1036 -106.64 -31.34 9.33
N ALA F 1037 -106.44 -30.53 8.29
CA ALA F 1037 -106.02 -29.15 8.48
C ALA F 1037 -107.08 -28.36 9.22
N ASN F 1038 -106.67 -27.63 10.26
CA ASN F 1038 -107.56 -26.83 11.07
C ASN F 1038 -106.93 -25.45 11.30
N ALA F 1039 -107.79 -24.47 11.55
CA ALA F 1039 -107.32 -23.12 11.87
C ALA F 1039 -106.79 -22.99 13.28
N ALA F 1040 -106.96 -24.02 14.11
CA ALA F 1040 -106.50 -24.04 15.49
C ALA F 1040 -105.68 -25.30 15.72
N PRO F 1041 -104.75 -25.29 16.68
CA PRO F 1041 -103.97 -26.50 16.96
C PRO F 1041 -104.82 -27.68 17.37
N ASN F 1042 -105.94 -27.45 18.08
CA ASN F 1042 -106.83 -28.51 18.54
C ASN F 1042 -106.08 -29.53 19.40
N GLY F 1043 -105.19 -29.04 20.25
CA GLY F 1043 -104.41 -29.88 21.14
C GLY F 1043 -103.18 -30.51 20.53
N ARG F 1044 -102.88 -30.22 19.26
CA ARG F 1044 -101.70 -30.79 18.62
C ARG F 1044 -100.44 -30.07 19.09
N SER F 1045 -99.30 -30.71 18.85
CA SER F 1045 -97.99 -30.13 19.17
C SER F 1045 -97.54 -29.26 18.00
N VAL F 1046 -98.29 -28.17 17.81
CA VAL F 1046 -98.06 -27.23 16.72
C VAL F 1046 -97.88 -25.84 17.32
N PHE F 1047 -97.00 -25.04 16.71
CA PHE F 1047 -96.69 -23.69 17.19
C PHE F 1047 -96.94 -22.70 16.06
N PRO F 1048 -98.21 -22.37 15.80
CA PRO F 1048 -98.54 -21.47 14.69
C PRO F 1048 -98.52 -20.01 15.14
N ILE F 1049 -98.88 -19.13 14.21
CA ILE F 1049 -98.95 -17.70 14.48
C ILE F 1049 -100.25 -17.37 15.20
N HIS F 1050 -100.36 -16.14 15.67
CA HIS F 1050 -101.60 -15.66 16.27
C HIS F 1050 -102.70 -15.66 15.21
N ALA F 1051 -103.92 -15.96 15.65
CA ALA F 1051 -105.02 -16.34 14.76
C ALA F 1051 -105.11 -15.50 13.50
N THR F 1052 -104.86 -14.19 13.60
CA THR F 1052 -105.02 -13.32 12.43
C THR F 1052 -104.01 -13.63 11.33
N GLY F 1053 -102.90 -14.30 11.66
CA GLY F 1053 -101.94 -14.70 10.64
C GLY F 1053 -102.33 -15.91 9.84
N ILE F 1054 -103.32 -16.67 10.30
CA ILE F 1054 -103.79 -17.87 9.62
C ILE F 1054 -105.07 -17.57 8.87
N THR F 1055 -105.19 -18.10 7.66
CA THR F 1055 -106.39 -17.94 6.85
C THR F 1055 -107.12 -19.29 6.78
N SER F 1056 -107.92 -19.55 7.81
CA SER F 1056 -108.88 -20.65 7.87
C SER F 1056 -108.23 -22.02 7.96
N THR F 1057 -106.91 -22.10 7.74
CA THR F 1057 -106.18 -23.36 7.72
C THR F 1057 -104.71 -23.08 7.99
N ILE F 1058 -104.13 -23.85 8.90
CA ILE F 1058 -102.72 -23.73 9.24
C ILE F 1058 -101.91 -24.58 8.26
N ASP F 1059 -101.12 -23.92 7.43
CA ASP F 1059 -100.28 -24.57 6.43
C ASP F 1059 -98.81 -24.39 6.80
N SER F 1060 -97.93 -24.89 5.94
CA SER F 1060 -96.51 -24.99 6.29
C SER F 1060 -95.83 -23.64 6.35
N THR F 1061 -96.45 -22.60 5.79
CA THR F 1061 -95.83 -21.28 5.73
C THR F 1061 -96.22 -20.38 6.89
N GLU F 1062 -97.04 -20.86 7.82
CA GLU F 1062 -97.57 -20.03 8.90
C GLU F 1062 -97.45 -20.72 10.26
N GLU F 1063 -96.33 -21.40 10.50
CA GLU F 1063 -96.03 -21.95 11.80
C GLU F 1063 -94.52 -22.01 11.97
N LEU F 1064 -94.09 -22.07 13.22
CA LEU F 1064 -92.66 -22.11 13.51
C LEU F 1064 -92.06 -23.43 13.02
N PRO F 1065 -90.78 -23.42 12.64
CA PRO F 1065 -90.14 -24.66 12.18
C PRO F 1065 -90.09 -25.70 13.29
N THR F 1066 -89.60 -26.89 12.92
CA THR F 1066 -89.56 -28.00 13.86
C THR F 1066 -88.73 -27.63 15.09
N GLY F 1067 -89.24 -28.01 16.26
CA GLY F 1067 -88.64 -27.58 17.51
C GLY F 1067 -87.89 -28.67 18.24
N ASP F 1068 -87.14 -29.49 17.51
CA ASP F 1068 -86.32 -30.54 18.11
C ASP F 1068 -85.15 -29.89 18.82
N LEU F 1069 -85.25 -29.78 20.15
CA LEU F 1069 -84.16 -29.21 20.92
C LEU F 1069 -82.93 -30.11 20.85
N THR F 1070 -81.77 -29.49 20.75
CA THR F 1070 -80.50 -30.21 20.62
C THR F 1070 -79.73 -30.09 21.93
N ILE F 1071 -79.72 -31.17 22.69
CA ILE F 1071 -78.98 -31.23 23.94
C ILE F 1071 -77.59 -31.79 23.67
N HIS F 1072 -76.59 -31.20 24.29
CA HIS F 1072 -75.20 -31.64 24.17
C HIS F 1072 -74.80 -32.35 25.45
N VAL F 1073 -74.33 -33.58 25.32
CA VAL F 1073 -73.87 -34.37 26.45
C VAL F 1073 -72.35 -34.28 26.51
N ARG F 1074 -71.83 -34.07 27.72
CA ARG F 1074 -70.39 -33.93 27.93
C ARG F 1074 -69.96 -34.84 29.06
N ILE F 1075 -68.84 -35.53 28.88
CA ILE F 1075 -68.25 -36.36 29.91
C ILE F 1075 -66.81 -35.92 30.16
N ASN F 1076 -66.33 -36.14 31.37
CA ASN F 1076 -64.97 -35.78 31.77
C ASN F 1076 -64.28 -37.06 32.27
N ASP F 1077 -63.72 -37.81 31.34
CA ASP F 1077 -63.03 -39.06 31.66
C ASP F 1077 -61.59 -38.98 31.18
N PRO F 1078 -60.63 -38.69 32.08
CA PRO F 1078 -59.22 -38.64 31.64
C PRO F 1078 -58.70 -39.96 31.12
N ASP F 1079 -59.35 -41.08 31.44
CA ASP F 1079 -58.87 -42.38 30.97
C ASP F 1079 -58.90 -42.47 29.46
N PHE F 1080 -59.95 -41.94 28.84
CA PHE F 1080 -60.07 -41.94 27.38
C PHE F 1080 -59.16 -40.91 26.71
N ASP F 1081 -58.53 -40.04 27.49
CA ASP F 1081 -57.57 -39.08 26.95
C ASP F 1081 -56.19 -39.72 26.80
N GLU F 1082 -56.14 -40.72 25.90
CA GLU F 1082 -54.90 -41.45 25.68
C GLU F 1082 -53.81 -40.57 25.07
N ASN F 1083 -54.19 -39.61 24.23
CA ASN F 1083 -53.24 -38.73 23.58
C ASN F 1083 -53.27 -37.36 24.24
N PRO F 1084 -52.20 -36.97 24.96
CA PRO F 1084 -52.22 -35.66 25.62
C PRO F 1084 -52.33 -34.48 24.66
N ALA F 1085 -51.85 -34.63 23.42
CA ALA F 1085 -51.91 -33.56 22.44
C ALA F 1085 -52.39 -34.10 21.09
N GLY F 1086 -53.41 -34.94 21.11
CA GLY F 1086 -53.94 -35.53 19.90
C GLY F 1086 -55.42 -35.79 20.01
N GLU F 1087 -56.00 -36.18 18.87
CA GLU F 1087 -57.43 -36.48 18.82
C GLU F 1087 -57.74 -37.75 19.60
N ASP F 1088 -58.81 -37.72 20.39
CA ASP F 1088 -59.28 -38.88 21.13
C ASP F 1088 -60.78 -39.01 20.99
N ALA F 1089 -61.27 -40.25 20.99
CA ALA F 1089 -62.69 -40.53 20.87
C ALA F 1089 -63.06 -41.65 21.83
N MET F 1090 -64.25 -41.53 22.43
CA MET F 1090 -64.75 -42.54 23.35
C MET F 1090 -65.26 -43.71 22.52
N ASP F 1091 -64.43 -44.74 22.37
CA ASP F 1091 -64.75 -45.88 21.52
C ASP F 1091 -65.38 -47.05 22.29
N GLN F 1092 -65.62 -46.89 23.59
CA GLN F 1092 -66.26 -47.95 24.35
C GLN F 1092 -67.70 -48.15 23.86
N ASP F 1093 -68.07 -49.40 23.65
CA ASP F 1093 -69.35 -49.71 23.02
C ASP F 1093 -70.49 -49.50 24.01
N ASN F 1094 -71.44 -48.63 23.64
CA ASN F 1094 -72.68 -48.40 24.40
C ASN F 1094 -72.40 -47.98 25.84
N ALA F 1095 -71.36 -47.19 26.05
CA ALA F 1095 -71.04 -46.72 27.40
C ALA F 1095 -71.96 -45.61 27.87
N LEU F 1096 -72.60 -44.89 26.96
CA LEU F 1096 -73.48 -43.77 27.30
C LEU F 1096 -74.92 -44.11 26.93
N LYS F 1097 -75.83 -43.93 27.88
CA LYS F 1097 -77.25 -44.16 27.69
C LYS F 1097 -78.02 -42.88 27.95
N ILE F 1098 -78.85 -42.48 26.99
CA ILE F 1098 -79.69 -41.29 27.11
C ILE F 1098 -81.15 -41.74 27.18
N SER F 1099 -81.84 -41.31 28.23
CA SER F 1099 -83.19 -41.79 28.48
C SER F 1099 -84.04 -40.68 29.07
N VAL F 1100 -85.35 -40.82 28.93
CA VAL F 1100 -86.33 -39.90 29.48
C VAL F 1100 -87.26 -40.70 30.39
N ILE F 1101 -87.47 -40.21 31.61
CA ILE F 1101 -88.28 -40.89 32.61
C ILE F 1101 -89.43 -39.97 33.03
N ARG F 1102 -90.63 -40.52 33.11
CA ARG F 1102 -91.80 -39.83 33.62
C ARG F 1102 -92.41 -40.72 34.70
N GLY F 1103 -91.97 -40.53 35.94
CA GLY F 1103 -92.47 -41.31 37.04
C GLY F 1103 -92.00 -42.75 37.02
N SER F 1104 -92.95 -43.69 36.97
CA SER F 1104 -92.63 -45.12 37.01
C SER F 1104 -92.31 -45.70 35.64
N ASP F 1105 -92.45 -44.93 34.56
CA ASP F 1105 -92.17 -45.39 33.22
C ASP F 1105 -90.94 -44.70 32.67
N SER F 1106 -90.16 -45.44 31.89
CA SER F 1106 -88.92 -44.94 31.33
C SER F 1106 -88.83 -45.30 29.85
N VAL F 1107 -88.17 -44.42 29.09
CA VAL F 1107 -87.90 -44.64 27.67
C VAL F 1107 -86.47 -44.17 27.39
N VAL F 1108 -85.76 -44.94 26.57
CA VAL F 1108 -84.35 -44.66 26.27
C VAL F 1108 -84.27 -44.07 24.86
N LEU F 1109 -83.54 -42.96 24.74
CA LEU F 1109 -83.40 -42.31 23.44
C LEU F 1109 -82.45 -43.07 22.53
N GLY F 1110 -81.37 -43.61 23.09
CA GLY F 1110 -80.41 -44.34 22.29
C GLY F 1110 -79.15 -44.62 23.08
N TYR F 1111 -78.11 -45.00 22.35
CA TYR F 1111 -76.81 -45.34 22.93
C TYR F 1111 -75.71 -44.57 22.21
N ALA F 1112 -74.63 -44.33 22.93
CA ALA F 1112 -73.49 -43.61 22.38
C ALA F 1112 -72.21 -44.31 22.78
N GLY F 1113 -71.16 -44.11 21.98
CA GLY F 1113 -69.87 -44.69 22.19
C GLY F 1113 -69.49 -45.77 21.19
N ALA F 1114 -70.47 -46.52 20.70
CA ALA F 1114 -70.21 -47.53 19.67
C ALA F 1114 -70.26 -46.88 18.29
N SER F 1115 -70.07 -47.70 17.26
CA SER F 1115 -70.17 -47.21 15.89
C SER F 1115 -71.59 -46.76 15.60
N GLU F 1116 -71.70 -45.66 14.85
CA GLU F 1116 -73.02 -45.12 14.52
C GLU F 1116 -73.81 -46.13 13.69
N ARG F 1117 -75.05 -46.37 14.10
CA ARG F 1117 -75.89 -47.35 13.44
C ARG F 1117 -77.35 -46.92 13.54
N THR F 1118 -78.17 -47.46 12.65
CA THR F 1118 -79.60 -47.17 12.65
C THR F 1118 -80.32 -48.07 13.64
N GLY F 1119 -81.33 -47.52 14.30
CA GLY F 1119 -82.09 -48.29 15.27
C GLY F 1119 -83.34 -47.54 15.69
N LYS F 1120 -84.20 -48.25 16.41
CA LYS F 1120 -85.46 -47.71 16.89
C LYS F 1120 -85.32 -47.26 18.33
N ILE F 1121 -86.46 -46.87 18.93
CA ILE F 1121 -86.50 -46.42 20.30
C ILE F 1121 -87.07 -47.52 21.18
N ASP F 1122 -86.36 -47.84 22.26
CA ASP F 1122 -86.78 -48.87 23.20
C ASP F 1122 -87.44 -48.21 24.41
N VAL F 1123 -88.41 -48.90 25.00
CA VAL F 1123 -89.14 -48.41 26.16
C VAL F 1123 -88.73 -49.23 27.37
N GLY F 1124 -88.16 -48.55 28.38
CA GLY F 1124 -87.75 -49.21 29.60
C GLY F 1124 -86.66 -50.25 29.45
N GLY F 1125 -85.93 -50.24 28.35
CA GLY F 1125 -84.90 -51.24 28.12
C GLY F 1125 -85.42 -52.65 27.99
N ASN F 1126 -86.60 -52.82 27.38
CA ASN F 1126 -87.19 -54.15 27.26
C ASN F 1126 -86.51 -54.97 26.17
N ASN F 1127 -86.00 -54.32 25.13
CA ASN F 1127 -85.36 -55.03 24.03
C ASN F 1127 -83.98 -55.52 24.47
N GLY F 1128 -83.85 -56.84 24.60
CA GLY F 1128 -82.57 -57.39 25.01
C GLY F 1128 -81.48 -57.20 23.98
N THR F 1129 -81.82 -57.31 22.70
CA THR F 1129 -80.85 -57.14 21.63
C THR F 1129 -80.47 -55.67 21.53
N ILE F 1130 -79.18 -55.37 21.63
CA ILE F 1130 -78.73 -53.98 21.64
C ILE F 1130 -78.51 -53.43 20.24
N SER F 1131 -78.37 -54.31 19.24
CA SER F 1131 -78.11 -53.85 17.89
C SER F 1131 -79.31 -53.15 17.26
N ASN F 1132 -80.51 -53.33 17.82
CA ASN F 1132 -81.70 -52.69 17.31
C ASN F 1132 -81.91 -51.28 17.86
N ILE F 1133 -81.03 -50.81 18.74
CA ILE F 1133 -81.15 -49.49 19.35
C ILE F 1133 -80.34 -48.50 18.55
N ARG F 1134 -80.87 -47.29 18.41
CA ARG F 1134 -80.18 -46.24 17.67
C ARG F 1134 -78.88 -45.87 18.36
N SER F 1135 -77.82 -45.70 17.56
CA SER F 1135 -76.50 -45.34 18.05
C SER F 1135 -76.09 -44.00 17.46
N PHE F 1136 -75.61 -43.10 18.32
CA PHE F 1136 -75.21 -41.76 17.92
C PHE F 1136 -73.74 -41.67 17.52
N GLY F 1137 -73.00 -42.78 17.55
CA GLY F 1137 -71.61 -42.75 17.21
C GLY F 1137 -70.70 -42.45 18.38
N GLU F 1138 -69.42 -42.32 18.08
CA GLU F 1138 -68.41 -42.05 19.08
C GLU F 1138 -68.30 -40.56 19.35
N MET F 1139 -68.24 -40.19 20.63
CA MET F 1139 -68.11 -38.80 21.01
C MET F 1139 -66.71 -38.29 20.68
N ASP F 1140 -66.61 -37.03 20.29
CA ASP F 1140 -65.35 -36.43 19.89
C ASP F 1140 -64.85 -35.49 20.99
N GLU F 1141 -63.53 -35.51 21.21
CA GLU F 1141 -62.91 -34.67 22.23
C GLU F 1141 -63.02 -33.20 21.83
N ILE F 1142 -63.32 -32.35 22.81
CA ILE F 1142 -63.53 -30.93 22.50
C ILE F 1142 -62.21 -30.25 22.14
N ALA F 1143 -61.13 -30.60 22.83
CA ALA F 1143 -59.82 -30.01 22.60
C ALA F 1143 -58.76 -31.10 22.74
N PRO F 1144 -57.65 -30.99 22.00
CA PRO F 1144 -56.64 -32.06 22.03
C PRO F 1144 -56.05 -32.33 23.41
N ASP F 1145 -56.08 -31.36 24.31
CA ASP F 1145 -55.54 -31.52 25.65
C ASP F 1145 -56.58 -31.30 26.74
N ALA F 1146 -57.85 -31.57 26.44
CA ALA F 1146 -58.92 -31.35 27.42
C ALA F 1146 -59.40 -32.64 28.07
N GLY F 1147 -59.62 -33.69 27.29
CA GLY F 1147 -60.15 -34.93 27.81
C GLY F 1147 -61.65 -34.97 27.96
N ILE F 1148 -62.36 -33.94 27.51
CA ILE F 1148 -63.81 -33.87 27.61
C ILE F 1148 -64.40 -34.12 26.23
N PHE F 1149 -65.36 -35.04 26.16
CA PHE F 1149 -65.98 -35.44 24.90
C PHE F 1149 -67.41 -34.93 24.87
N GLU F 1150 -67.80 -34.31 23.75
CA GLU F 1150 -69.14 -33.76 23.58
C GLU F 1150 -69.82 -34.40 22.38
N LEU F 1151 -71.09 -34.77 22.57
CA LEU F 1151 -71.91 -35.32 21.51
C LEU F 1151 -73.20 -34.52 21.41
N ASP F 1152 -73.55 -34.12 20.19
CA ASP F 1152 -74.75 -33.33 19.93
C ASP F 1152 -75.87 -34.26 19.50
N VAL F 1153 -76.95 -34.31 20.29
CA VAL F 1153 -78.10 -35.15 20.02
C VAL F 1153 -79.37 -34.30 20.13
N ASN F 1154 -80.26 -34.45 19.16
CA ASN F 1154 -81.53 -33.73 19.14
C ASN F 1154 -82.65 -34.66 19.57
N ILE F 1155 -83.59 -34.12 20.35
CA ILE F 1155 -84.73 -34.88 20.85
C ILE F 1155 -85.99 -34.33 20.19
N LYS F 1156 -86.74 -35.21 19.55
CA LYS F 1156 -88.02 -34.84 18.95
C LYS F 1156 -89.11 -34.79 20.01
N PHE F 1157 -90.19 -34.08 19.71
CA PHE F 1157 -91.33 -34.02 20.62
C PHE F 1157 -92.03 -35.37 20.75
N THR F 1158 -91.75 -36.32 19.86
CA THR F 1158 -92.32 -37.66 19.95
C THR F 1158 -91.49 -38.60 20.80
N ASP F 1159 -90.24 -38.25 21.12
CA ASP F 1159 -89.34 -39.14 21.84
C ASP F 1159 -89.60 -39.03 23.34
N GLY F 1160 -90.67 -39.70 23.78
CA GLY F 1160 -91.03 -39.72 25.17
C GLY F 1160 -91.93 -40.90 25.51
N PRO F 1161 -92.20 -41.09 26.80
CA PRO F 1161 -93.07 -42.18 27.22
C PRO F 1161 -94.49 -41.99 26.73
N ALA F 1162 -95.19 -43.10 26.53
CA ALA F 1162 -96.57 -43.04 26.05
C ALA F 1162 -97.49 -42.53 27.16
N SER F 1163 -98.46 -41.71 26.76
CA SER F 1163 -99.45 -41.19 27.70
C SER F 1163 -100.74 -40.89 26.94
N ALA F 1164 -101.85 -40.91 27.67
CA ALA F 1164 -103.16 -40.64 27.08
C ALA F 1164 -103.45 -39.16 26.94
N GLN F 1165 -102.64 -38.30 27.57
CA GLN F 1165 -102.87 -36.86 27.48
C GLN F 1165 -102.53 -36.31 26.10
N CYS F 1166 -101.78 -37.07 25.31
CA CYS F 1166 -101.32 -36.63 24.00
C CYS F 1166 -102.15 -37.21 22.85
N ASN F 1167 -103.31 -37.78 23.14
CA ASN F 1167 -104.19 -38.27 22.09
C ASN F 1167 -104.84 -37.15 21.29
N SER F 1168 -104.70 -35.90 21.73
CA SER F 1168 -105.28 -34.78 21.00
C SER F 1168 -104.69 -34.64 19.61
N HIS F 1169 -103.47 -35.14 19.40
CA HIS F 1169 -102.81 -35.10 18.10
C HIS F 1169 -102.60 -36.53 17.60
N ASP F 1170 -103.09 -36.81 16.39
CA ASP F 1170 -102.83 -38.08 15.72
C ASP F 1170 -101.42 -38.02 15.15
N THR F 1171 -100.45 -38.25 16.02
CA THR F 1171 -99.06 -37.98 15.68
C THR F 1171 -98.55 -38.91 14.60
N LEU F 1172 -97.80 -38.33 13.66
CA LEU F 1172 -97.07 -39.10 12.66
C LEU F 1172 -95.60 -39.16 13.08
N TYR F 1173 -95.10 -40.38 13.25
CA TYR F 1173 -93.77 -40.60 13.82
C TYR F 1173 -92.76 -40.74 12.70
N THR F 1174 -91.73 -39.89 12.73
CA THR F 1174 -90.66 -39.97 11.73
C THR F 1174 -89.85 -41.25 11.94
N ALA F 1175 -89.59 -41.96 10.86
CA ALA F 1175 -88.88 -43.23 10.95
C ALA F 1175 -87.41 -43.01 11.29
N LEU F 1176 -86.92 -43.77 12.25
CA LEU F 1176 -85.50 -43.76 12.60
C LEU F 1176 -84.71 -44.88 11.94
N ASP F 1177 -85.39 -45.90 11.43
CA ASP F 1177 -84.74 -47.00 10.74
C ASP F 1177 -84.69 -46.70 9.24
N GLY F 1178 -84.34 -47.70 8.44
CA GLY F 1178 -84.18 -47.50 7.01
C GLY F 1178 -85.49 -47.31 6.25
N THR F 1179 -86.60 -47.78 6.82
CA THR F 1179 -87.89 -47.65 6.14
C THR F 1179 -88.33 -46.19 6.11
N THR F 1180 -89.14 -45.86 5.11
CA THR F 1180 -89.67 -44.51 4.95
C THR F 1180 -91.07 -44.35 5.54
N GLY F 1181 -91.61 -45.39 6.17
CA GLY F 1181 -92.95 -45.31 6.73
C GLY F 1181 -93.02 -44.40 7.93
N LYS F 1182 -94.23 -43.86 8.17
CA LYS F 1182 -94.49 -42.96 9.28
C LYS F 1182 -95.21 -43.65 10.43
N ALA F 1183 -95.26 -44.98 10.45
CA ALA F 1183 -95.97 -45.70 11.48
C ALA F 1183 -95.20 -45.63 12.81
N ASP F 1184 -95.88 -46.05 13.88
CA ASP F 1184 -95.27 -46.01 15.20
C ASP F 1184 -94.07 -46.96 15.30
N THR F 1185 -94.18 -48.15 14.71
CA THR F 1185 -93.12 -49.14 14.82
C THR F 1185 -91.85 -48.71 14.09
N ASN F 1186 -91.94 -47.74 13.19
CA ASN F 1186 -90.75 -47.28 12.47
C ASN F 1186 -89.78 -46.54 13.38
N ARG F 1187 -90.30 -45.81 14.37
CA ARG F 1187 -89.46 -45.04 15.28
C ARG F 1187 -89.24 -45.75 16.61
N PHE F 1188 -90.20 -46.53 17.09
CA PHE F 1188 -90.12 -47.19 18.38
C PHE F 1188 -90.12 -48.70 18.19
N ASP F 1189 -89.50 -49.40 19.15
CA ASP F 1189 -89.42 -50.85 19.07
C ASP F 1189 -90.80 -51.50 19.13
N ASP F 1190 -91.73 -50.91 19.86
CA ASP F 1190 -93.09 -51.42 19.98
C ASP F 1190 -94.08 -50.28 19.80
N GLY F 1191 -95.28 -50.63 19.35
CA GLY F 1191 -96.32 -49.65 19.17
C GLY F 1191 -96.84 -49.13 20.50
N ALA F 1192 -97.34 -47.89 20.47
CA ALA F 1192 -97.89 -47.29 21.68
C ALA F 1192 -99.19 -48.00 22.08
N ALA F 1193 -99.49 -47.95 23.38
CA ALA F 1193 -100.71 -48.54 23.88
C ALA F 1193 -101.93 -47.83 23.30
N SER F 1194 -103.01 -48.58 23.10
CA SER F 1194 -104.23 -48.00 22.54
C SER F 1194 -104.74 -46.88 23.44
N GLY F 1195 -105.05 -45.74 22.82
CA GLY F 1195 -105.46 -44.57 23.56
C GLY F 1195 -104.32 -43.73 24.10
N GLN F 1196 -103.07 -44.09 23.80
CA GLN F 1196 -101.92 -43.35 24.30
C GLN F 1196 -100.94 -43.13 23.16
N GLU F 1197 -100.15 -42.05 23.28
CA GLU F 1197 -99.16 -41.69 22.28
C GLU F 1197 -97.86 -41.29 22.96
N TYR F 1198 -96.75 -41.55 22.30
CA TYR F 1198 -95.45 -41.19 22.82
C TYR F 1198 -95.25 -39.68 22.75
N CYS F 1199 -94.83 -39.07 23.85
CA CYS F 1199 -94.69 -37.63 23.94
C CYS F 1199 -93.98 -37.28 25.23
N ILE F 1200 -93.67 -36.00 25.40
CA ILE F 1200 -93.02 -35.47 26.59
C ILE F 1200 -93.94 -34.41 27.19
N LEU F 1201 -94.18 -34.51 28.50
CA LEU F 1201 -95.03 -33.57 29.22
C LEU F 1201 -94.17 -32.64 30.08
N GLN F 1202 -94.83 -31.63 30.63
CA GLN F 1202 -94.15 -30.72 31.54
C GLN F 1202 -93.79 -31.45 32.84
N GLY F 1203 -92.59 -31.17 33.35
CA GLY F 1203 -92.12 -31.81 34.56
C GLY F 1203 -91.39 -33.11 34.37
N ASP F 1204 -91.30 -33.61 33.13
CA ASP F 1204 -90.58 -34.84 32.87
C ASP F 1204 -89.08 -34.65 33.11
N ILE F 1205 -88.44 -35.72 33.58
CA ILE F 1205 -87.02 -35.67 33.96
C ILE F 1205 -86.20 -36.27 32.83
N LEU F 1206 -85.22 -35.50 32.35
CA LEU F 1206 -84.28 -35.95 31.34
C LEU F 1206 -82.97 -36.33 32.02
N GLN F 1207 -82.53 -37.56 31.80
CA GLN F 1207 -81.37 -38.10 32.50
C GLN F 1207 -80.41 -38.73 31.49
N VAL F 1208 -79.12 -38.68 31.82
CA VAL F 1208 -78.05 -39.24 31.00
C VAL F 1208 -77.32 -40.29 31.83
N GLU F 1209 -77.12 -41.47 31.24
CA GLU F 1209 -76.45 -42.58 31.90
C GLU F 1209 -75.13 -42.86 31.21
N TYR F 1210 -74.05 -42.87 32.00
CA TYR F 1210 -72.72 -43.18 31.50
C TYR F 1210 -72.11 -44.25 32.40
N THR F 1211 -71.60 -45.32 31.80
CA THR F 1211 -70.97 -46.42 32.52
C THR F 1211 -69.47 -46.30 32.34
N ASP F 1212 -68.78 -45.91 33.40
CA ASP F 1212 -67.33 -45.76 33.35
C ASP F 1212 -66.67 -47.13 33.33
N PRO F 1213 -65.91 -47.48 32.29
CA PRO F 1213 -65.22 -48.77 32.29
C PRO F 1213 -64.17 -48.90 33.38
N ALA F 1214 -63.66 -47.79 33.92
CA ALA F 1214 -62.65 -47.83 34.96
C ALA F 1214 -62.75 -46.56 35.79
N ASP F 1215 -63.22 -46.69 37.02
CA ASP F 1215 -63.24 -45.57 37.96
C ASP F 1215 -61.88 -45.50 38.64
N ALA F 1216 -61.79 -44.73 39.73
CA ALA F 1216 -60.56 -44.68 40.51
C ALA F 1216 -60.19 -46.05 41.06
N SER F 1217 -61.15 -46.97 41.16
CA SER F 1217 -60.89 -48.34 41.58
C SER F 1217 -60.69 -49.28 40.39
N GLY F 1218 -60.76 -48.77 39.17
CA GLY F 1218 -60.54 -49.59 37.99
C GLY F 1218 -61.58 -50.69 37.77
N ASP F 1219 -62.86 -50.33 37.89
CA ASP F 1219 -63.93 -51.30 37.68
C ASP F 1219 -65.09 -50.59 36.97
N ALA F 1220 -66.24 -51.26 36.91
CA ALA F 1220 -67.42 -50.63 36.33
C ALA F 1220 -68.04 -49.65 37.32
N ASN F 1221 -68.51 -48.53 36.80
CA ASN F 1221 -69.14 -47.51 37.64
C ASN F 1221 -70.17 -46.76 36.81
N THR F 1222 -71.30 -46.45 37.42
CA THR F 1222 -72.40 -45.75 36.76
C THR F 1222 -72.56 -44.37 37.38
N VAL F 1223 -72.59 -43.34 36.54
CA VAL F 1223 -72.80 -41.96 36.96
C VAL F 1223 -73.99 -41.41 36.19
N THR F 1224 -74.74 -40.52 36.85
CA THR F 1224 -75.96 -39.98 36.28
C THR F 1224 -76.02 -38.47 36.46
N ASP F 1225 -76.62 -37.81 35.48
CA ASP F 1225 -77.00 -36.40 35.58
C ASP F 1225 -78.42 -36.25 35.09
N SER F 1226 -79.17 -35.35 35.71
CA SER F 1226 -80.60 -35.23 35.45
C SER F 1226 -80.97 -33.80 35.11
N ALA F 1227 -81.96 -33.67 34.22
CA ALA F 1227 -82.55 -32.39 33.87
C ALA F 1227 -84.06 -32.55 33.83
N THR F 1228 -84.77 -31.45 34.05
CA THR F 1228 -86.22 -31.46 34.14
C THR F 1228 -86.82 -30.63 33.02
N PHE F 1229 -87.77 -31.22 32.28
CA PHE F 1229 -88.51 -30.47 31.28
C PHE F 1229 -89.45 -29.47 31.95
N ASP F 1230 -89.60 -28.31 31.34
CA ASP F 1230 -90.43 -27.27 31.91
C ASP F 1230 -90.91 -26.34 30.81
N LEU F 1231 -92.01 -25.63 31.11
CA LEU F 1231 -92.55 -24.61 30.23
C LEU F 1231 -92.85 -23.36 31.04
N ARG F 1232 -92.45 -22.21 30.53
CA ARG F 1232 -92.57 -20.94 31.23
C ARG F 1232 -93.35 -19.95 30.38
N ASN F 1233 -93.96 -18.97 31.06
CA ASN F 1233 -94.71 -17.94 30.38
C ASN F 1233 -93.78 -16.96 29.66
N GLY F 1234 -94.33 -16.27 28.67
CA GLY F 1234 -93.60 -15.26 27.91
C GLY F 1234 -94.09 -13.87 28.28
N VAL F 1235 -93.14 -12.93 28.37
CA VAL F 1235 -93.43 -11.56 28.75
C VAL F 1235 -92.59 -10.63 27.88
N LEU F 1236 -93.23 -9.59 27.36
CA LEU F 1236 -92.55 -8.58 26.57
C LEU F 1236 -91.97 -7.49 27.46
N GLN F 1237 -91.04 -6.72 26.89
CA GLN F 1237 -90.45 -5.60 27.60
C GLN F 1237 -89.94 -4.59 26.60
N SER F 1238 -89.91 -3.33 27.01
CA SER F 1238 -89.40 -2.25 26.18
C SER F 1238 -88.55 -1.32 27.04
N ASP F 1239 -87.61 -0.63 26.39
CA ASP F 1239 -86.70 0.26 27.11
C ASP F 1239 -87.42 1.47 27.68
N LYS F 1240 -88.57 1.84 27.14
CA LYS F 1240 -89.34 2.97 27.65
C LYS F 1240 -90.80 2.78 27.25
N SER F 1241 -91.66 3.64 27.79
CA SER F 1241 -93.10 3.51 27.57
C SER F 1241 -93.57 4.32 26.36
N VAL F 1242 -93.15 5.58 26.25
CA VAL F 1242 -93.58 6.44 25.16
C VAL F 1242 -92.53 6.40 24.06
N TYR F 1243 -93.00 6.58 22.82
CA TYR F 1243 -92.12 6.55 21.66
C TYR F 1243 -92.58 7.59 20.64
N ILE F 1244 -91.61 8.27 20.04
CA ILE F 1244 -91.87 9.18 18.93
C ILE F 1244 -92.09 8.34 17.67
N ILE F 1245 -93.09 8.71 16.87
CA ILE F 1245 -93.36 8.00 15.63
C ILE F 1245 -92.12 8.06 14.75
N GLY F 1246 -91.69 6.89 14.27
CA GLY F 1246 -90.49 6.80 13.46
C GLY F 1246 -89.21 6.55 14.23
N SER F 1247 -89.26 6.51 15.55
CA SER F 1247 -88.08 6.24 16.35
C SER F 1247 -87.78 4.74 16.38
N ASP F 1248 -86.75 4.37 17.12
CA ASP F 1248 -86.32 2.97 17.22
C ASP F 1248 -86.93 2.34 18.46
N MET F 1249 -87.66 1.24 18.27
CA MET F 1249 -88.27 0.49 19.36
C MET F 1249 -87.41 -0.72 19.65
N ILE F 1250 -86.84 -0.79 20.85
CA ILE F 1250 -86.04 -1.93 21.28
C ILE F 1250 -87.00 -2.92 21.92
N LEU F 1251 -87.63 -3.74 21.09
CA LEU F 1251 -88.61 -4.73 21.54
C LEU F 1251 -87.87 -5.94 22.08
N THR F 1252 -87.96 -6.16 23.39
CA THR F 1252 -87.25 -7.23 24.07
C THR F 1252 -88.24 -8.28 24.55
N LEU F 1253 -87.99 -9.54 24.19
CA LEU F 1253 -88.81 -10.66 24.61
C LEU F 1253 -87.97 -11.54 25.52
N ILE F 1254 -88.43 -11.73 26.75
CA ILE F 1254 -87.75 -12.60 27.71
C ILE F 1254 -88.64 -13.79 28.02
N GLU F 1255 -88.23 -14.97 27.57
CA GLU F 1255 -89.02 -16.18 27.75
C GLU F 1255 -88.11 -17.39 27.59
N PRO F 1256 -88.04 -18.27 28.59
CA PRO F 1256 -86.98 -19.29 28.60
C PRO F 1256 -87.15 -20.40 27.56
N ASP F 1257 -88.37 -20.80 27.24
CA ASP F 1257 -88.59 -22.03 26.48
C ASP F 1257 -88.21 -21.92 25.01
N PHE F 1258 -87.89 -20.73 24.51
CA PHE F 1258 -87.41 -20.63 23.13
C PHE F 1258 -85.92 -20.88 22.99
N ASP F 1259 -85.19 -21.02 24.10
CA ASP F 1259 -83.76 -21.33 24.06
C ASP F 1259 -83.59 -22.85 23.90
N LEU F 1260 -83.76 -23.29 22.66
CA LEU F 1260 -83.71 -24.72 22.37
C LEU F 1260 -82.28 -25.26 22.42
N ASP F 1261 -81.31 -24.50 21.91
CA ASP F 1261 -79.92 -24.94 21.87
C ASP F 1261 -79.08 -23.93 22.65
N ASN F 1262 -78.33 -24.41 23.63
CA ASN F 1262 -77.50 -23.53 24.45
C ASN F 1262 -76.21 -23.14 23.75
N ASP F 1263 -75.80 -23.88 22.71
CA ASP F 1263 -74.53 -23.60 22.03
C ASP F 1263 -74.65 -22.56 20.92
N SER F 1264 -75.87 -22.19 20.53
CA SER F 1264 -76.08 -21.24 19.45
C SER F 1264 -77.29 -20.38 19.75
N ALA F 1265 -77.38 -19.24 19.05
CA ALA F 1265 -78.49 -18.32 19.19
C ALA F 1265 -79.44 -18.55 18.01
N GLU F 1266 -80.66 -18.99 18.31
CA GLU F 1266 -81.65 -19.27 17.28
C GLU F 1266 -82.42 -17.99 16.93
N THR F 1267 -83.16 -18.06 15.83
CA THR F 1267 -84.04 -16.98 15.40
C THR F 1267 -85.45 -17.51 15.23
N TYR F 1268 -86.43 -16.65 15.53
CA TYR F 1268 -87.83 -17.01 15.46
C TYR F 1268 -88.60 -15.88 14.79
N ASP F 1269 -89.66 -16.25 14.07
CA ASP F 1269 -90.38 -15.29 13.24
C ASP F 1269 -90.97 -14.17 14.09
N LEU F 1270 -90.83 -12.94 13.59
CA LEU F 1270 -91.46 -11.79 14.24
C LEU F 1270 -92.98 -11.88 14.18
N ASP F 1271 -93.53 -12.72 13.32
CA ASP F 1271 -94.99 -12.85 13.20
C ASP F 1271 -95.64 -13.27 14.51
N LEU F 1272 -94.88 -13.88 15.43
CA LEU F 1272 -95.43 -14.20 16.75
C LEU F 1272 -95.99 -12.98 17.45
N ILE F 1273 -95.39 -11.80 17.24
CA ILE F 1273 -95.93 -10.55 17.76
C ILE F 1273 -96.90 -9.97 16.73
N GLU F 1274 -97.89 -9.24 17.22
CA GLU F 1274 -98.93 -8.65 16.39
C GLU F 1274 -99.10 -7.18 16.70
N TRP F 1275 -99.41 -6.39 15.68
CA TRP F 1275 -99.74 -4.98 15.86
C TRP F 1275 -101.24 -4.85 16.12
N ASP F 1276 -101.59 -4.16 17.20
CA ASP F 1276 -103.00 -3.95 17.55
C ASP F 1276 -103.12 -2.49 17.89
N SER F 1277 -103.80 -1.73 17.04
CA SER F 1277 -104.00 -0.30 17.22
C SER F 1277 -105.18 0.12 16.37
N ASP F 1278 -105.53 1.41 16.42
CA ASP F 1278 -106.63 1.92 15.61
C ASP F 1278 -106.29 1.93 14.13
N ALA F 1279 -105.00 2.03 13.79
CA ALA F 1279 -104.61 2.07 12.39
C ALA F 1279 -104.96 0.76 11.67
N ALA F 1280 -104.52 -0.37 12.23
CA ALA F 1280 -104.76 -1.67 11.62
C ALA F 1280 -104.35 -2.74 12.63
N THR F 1281 -104.72 -3.98 12.31
CA THR F 1281 -104.32 -5.16 13.09
C THR F 1281 -103.61 -6.12 12.16
N THR F 1282 -102.31 -6.30 12.38
CA THR F 1282 -101.49 -7.15 11.51
C THR F 1282 -100.35 -7.74 12.32
N THR F 1283 -99.81 -8.85 11.82
CA THR F 1283 -98.75 -9.58 12.49
C THR F 1283 -97.37 -8.98 12.23
N MET F 1284 -97.30 -7.87 11.50
CA MET F 1284 -96.08 -7.10 11.26
C MET F 1284 -95.00 -7.90 10.53
N GLY F 1285 -95.30 -9.13 10.14
CA GLY F 1285 -94.37 -9.98 9.44
C GLY F 1285 -94.74 -10.16 7.97
N ASN F 1286 -94.17 -11.20 7.37
CA ASN F 1286 -94.48 -11.51 5.98
C ASN F 1286 -95.90 -12.01 5.79
N LYS F 1287 -96.55 -12.46 6.86
CA LYS F 1287 -97.92 -12.93 6.81
C LYS F 1287 -98.94 -11.83 7.08
N GLY F 1288 -98.49 -10.59 7.26
CA GLY F 1288 -99.38 -9.49 7.54
C GLY F 1288 -99.99 -8.90 6.27
N VAL F 1289 -100.60 -7.73 6.45
CA VAL F 1289 -101.27 -7.04 5.35
C VAL F 1289 -100.22 -6.50 4.39
N THR F 1290 -100.65 -6.08 3.20
CA THR F 1290 -99.74 -5.55 2.20
C THR F 1290 -99.07 -4.27 2.69
N GLY F 1291 -97.75 -4.20 2.57
CA GLY F 1291 -96.99 -3.04 2.97
C GLY F 1291 -96.70 -2.95 4.46
N ALA F 1292 -97.07 -3.96 5.24
CA ALA F 1292 -96.91 -3.89 6.69
C ALA F 1292 -95.44 -4.02 7.09
N ALA F 1293 -94.81 -5.14 6.74
CA ALA F 1293 -93.47 -5.44 7.23
C ALA F 1293 -92.47 -4.36 6.82
N ALA F 1294 -92.73 -3.70 5.68
CA ALA F 1294 -91.85 -2.61 5.25
C ALA F 1294 -91.94 -1.42 6.20
N ALA F 1295 -93.10 -1.23 6.83
CA ALA F 1295 -93.32 -0.06 7.67
C ALA F 1295 -92.43 -0.06 8.91
N PHE F 1296 -92.20 -1.23 9.50
CA PHE F 1296 -91.34 -1.36 10.67
C PHE F 1296 -89.86 -1.53 10.32
N ASP F 1297 -89.54 -2.16 9.18
CA ASP F 1297 -88.17 -2.39 8.75
C ASP F 1297 -87.36 -3.05 9.88
N PRO F 1298 -87.64 -4.29 10.22
CA PRO F 1298 -86.95 -4.92 11.35
C PRO F 1298 -85.46 -5.11 11.08
N GLU F 1299 -84.67 -4.90 12.13
CA GLU F 1299 -83.22 -5.11 12.07
C GLU F 1299 -82.80 -5.76 13.39
N PRO F 1300 -82.66 -7.10 13.43
CA PRO F 1300 -82.78 -8.07 12.33
C PRO F 1300 -84.23 -8.30 11.88
N THR F 1301 -84.42 -9.04 10.80
CA THR F 1301 -85.77 -9.22 10.24
C THR F 1301 -86.67 -10.04 11.15
N ASP F 1302 -86.12 -10.71 12.16
CA ASP F 1302 -86.93 -11.53 13.07
C ASP F 1302 -86.36 -11.45 14.46
N PHE F 1303 -87.07 -12.06 15.41
CA PHE F 1303 -86.62 -12.11 16.79
C PHE F 1303 -85.28 -12.83 16.85
N ARG F 1304 -84.32 -12.23 17.54
CA ARG F 1304 -82.98 -12.81 17.61
C ARG F 1304 -82.58 -12.91 19.07
N GLU F 1305 -82.04 -14.06 19.47
CA GLU F 1305 -81.66 -14.27 20.86
C GLU F 1305 -80.37 -13.52 21.17
N THR F 1306 -80.31 -12.94 22.36
CA THR F 1306 -79.16 -12.10 22.72
C THR F 1306 -77.87 -12.89 22.78
N GLY F 1307 -77.89 -14.03 23.48
CA GLY F 1307 -76.69 -14.85 23.60
C GLY F 1307 -77.05 -16.32 23.59
N ASP F 1308 -76.07 -17.14 23.24
CA ASP F 1308 -76.33 -18.56 22.99
C ASP F 1308 -76.92 -19.26 24.21
N SER F 1309 -76.64 -18.76 25.41
CA SER F 1309 -77.17 -19.36 26.63
C SER F 1309 -77.86 -18.30 27.50
N THR F 1310 -78.67 -17.46 26.87
CA THR F 1310 -79.38 -16.39 27.58
C THR F 1310 -80.89 -16.56 27.59
N GLY F 1311 -81.50 -16.89 26.45
CA GLY F 1311 -82.94 -17.03 26.38
C GLY F 1311 -83.72 -15.76 26.16
N ILE F 1312 -83.04 -14.61 26.04
CA ILE F 1312 -83.69 -13.32 25.85
C ILE F 1312 -83.57 -12.93 24.39
N PHE F 1313 -84.69 -12.56 23.78
CA PHE F 1313 -84.75 -12.21 22.38
C PHE F 1313 -85.03 -10.72 22.22
N GLN F 1314 -84.25 -10.06 21.36
CA GLN F 1314 -84.37 -8.63 21.11
C GLN F 1314 -84.39 -8.36 19.61
N ILE F 1315 -85.01 -7.24 19.25
CA ILE F 1315 -85.12 -6.84 17.85
C ILE F 1315 -85.40 -5.35 17.81
N VAL F 1316 -84.86 -4.68 16.80
CA VAL F 1316 -85.02 -3.23 16.62
C VAL F 1316 -86.16 -3.01 15.64
N ILE F 1317 -87.19 -2.29 16.10
CA ILE F 1317 -88.39 -2.02 15.31
C ILE F 1317 -88.55 -0.51 15.19
N GLU F 1318 -88.91 -0.05 13.99
CA GLU F 1318 -89.22 1.36 13.77
C GLU F 1318 -90.72 1.58 13.83
N ILE F 1319 -91.13 2.62 14.56
CA ILE F 1319 -92.55 2.93 14.71
C ILE F 1319 -93.09 3.44 13.38
N PRO F 1320 -94.09 2.78 12.81
CA PRO F 1320 -94.58 3.20 11.49
C PRO F 1320 -95.38 4.48 11.57
N GLU F 1321 -95.18 5.34 10.58
CA GLU F 1321 -96.03 6.52 10.42
C GLU F 1321 -97.37 6.17 9.80
N SER F 1322 -97.46 5.03 9.12
CA SER F 1322 -98.70 4.58 8.51
C SER F 1322 -98.67 3.05 8.41
N LEU F 1323 -99.72 2.39 8.87
CA LEU F 1323 -99.77 0.94 8.88
C LEU F 1323 -100.24 0.38 7.53
N SER F 1324 -101.46 0.73 7.12
CA SER F 1324 -101.98 0.25 5.84
C SER F 1324 -103.04 1.23 5.37
N ASN F 1325 -102.66 2.09 4.42
CA ASN F 1325 -103.53 3.08 3.79
C ASN F 1325 -104.06 4.13 4.76
N ASP F 1326 -103.54 4.18 5.99
CA ASP F 1326 -103.95 5.19 6.94
C ASP F 1326 -102.81 5.48 7.90
N LYS F 1327 -102.81 6.69 8.45
CA LYS F 1327 -101.73 7.14 9.32
C LYS F 1327 -101.93 6.63 10.75
N LEU F 1328 -100.88 6.76 11.55
CA LEU F 1328 -100.93 6.47 12.97
C LEU F 1328 -100.98 7.77 13.75
N GLU F 1329 -101.90 7.86 14.69
CA GLU F 1329 -102.24 9.11 15.34
C GLU F 1329 -101.49 9.27 16.67
N ARG F 1330 -101.40 10.52 17.11
CA ARG F 1330 -100.74 10.84 18.37
C ARG F 1330 -101.62 10.42 19.53
N GLY F 1331 -101.00 9.87 20.57
CA GLY F 1331 -101.76 9.38 21.71
C GLY F 1331 -102.48 8.08 21.45
N GLU F 1332 -102.20 7.41 20.34
CA GLU F 1332 -102.87 6.18 20.00
C GLU F 1332 -102.42 5.05 20.94
N GLU F 1333 -103.36 4.17 21.26
CA GLU F 1333 -103.07 3.02 22.12
C GLU F 1333 -102.43 1.93 21.28
N ILE F 1334 -101.20 1.56 21.62
CA ILE F 1334 -100.44 0.54 20.89
C ILE F 1334 -100.42 -0.71 21.76
N ILE F 1335 -100.93 -1.81 21.22
CA ILE F 1335 -100.99 -3.09 21.94
C ILE F 1335 -100.13 -4.08 21.17
N LEU F 1336 -99.15 -4.65 21.85
CA LEU F 1336 -98.29 -5.68 21.30
C LEU F 1336 -98.56 -6.99 22.03
N GLU F 1337 -99.37 -7.84 21.43
CA GLU F 1337 -99.79 -9.11 22.02
C GLU F 1337 -99.25 -10.28 21.22
N TYR F 1338 -98.74 -11.29 21.94
CA TYR F 1338 -98.24 -12.51 21.33
C TYR F 1338 -98.73 -13.69 22.15
N THR F 1339 -98.98 -14.81 21.47
CA THR F 1339 -99.47 -16.03 22.09
C THR F 1339 -98.31 -16.97 22.37
N ASP F 1340 -98.18 -17.41 23.62
CA ASP F 1340 -97.03 -18.22 24.01
C ASP F 1340 -97.17 -19.66 23.52
N TRP F 1341 -98.39 -20.22 23.56
CA TRP F 1341 -98.68 -21.61 23.23
C TRP F 1341 -98.06 -22.56 24.25
N GLY F 1342 -97.27 -22.03 25.18
CA GLY F 1342 -96.56 -22.84 26.15
C GLY F 1342 -96.56 -22.30 27.58
N PRO F 1343 -97.68 -21.71 28.05
CA PRO F 1343 -97.64 -21.03 29.36
C PRO F 1343 -97.35 -21.98 30.52
N SER F 1344 -97.20 -21.42 31.72
CA SER F 1344 -96.86 -22.23 32.88
C SER F 1344 -97.91 -23.29 33.18
N GLY F 1345 -99.19 -22.98 32.92
CA GLY F 1345 -100.25 -23.93 33.14
C GLY F 1345 -100.44 -24.96 32.04
N SER F 1346 -99.62 -24.92 30.99
CA SER F 1346 -99.73 -25.85 29.89
C SER F 1346 -98.91 -27.10 30.18
N ASP F 1347 -99.56 -28.26 30.06
CA ASP F 1347 -98.84 -29.52 30.24
C ASP F 1347 -97.86 -29.77 29.09
N TYR F 1348 -98.19 -29.29 27.89
CA TYR F 1348 -97.29 -29.41 26.75
C TYR F 1348 -97.63 -28.30 25.77
N VAL F 1349 -96.82 -28.22 24.71
CA VAL F 1349 -96.98 -27.14 23.72
C VAL F 1349 -98.30 -27.32 22.98
N GLY F 1350 -99.07 -26.25 22.89
CA GLY F 1350 -100.35 -26.28 22.21
C GLY F 1350 -101.53 -26.69 23.07
N ASP F 1351 -101.35 -26.85 24.37
CA ASP F 1351 -102.44 -27.21 25.27
C ASP F 1351 -103.24 -25.98 25.68
N GLU F 1352 -102.57 -24.96 26.21
CA GLU F 1352 -103.21 -23.73 26.65
C GLU F 1352 -102.82 -22.61 25.70
N ASP F 1353 -103.79 -21.76 25.36
CA ASP F 1353 -103.61 -20.69 24.37
C ASP F 1353 -103.62 -19.32 25.01
N GLU F 1354 -102.97 -19.19 26.17
CA GLU F 1354 -102.93 -17.91 26.87
C GLU F 1354 -102.15 -16.88 26.05
N ASP F 1355 -102.65 -15.64 26.09
CA ASP F 1355 -102.04 -14.53 25.36
C ASP F 1355 -101.55 -13.48 26.35
N VAL F 1356 -100.47 -12.79 25.98
CA VAL F 1356 -99.87 -11.74 26.80
C VAL F 1356 -99.67 -10.52 25.92
N ASN F 1357 -100.04 -9.34 26.44
CA ASN F 1357 -99.99 -8.10 25.69
C ASN F 1357 -99.19 -7.05 26.45
N LEU F 1358 -98.77 -6.02 25.72
CA LEU F 1358 -98.04 -4.90 26.30
C LEU F 1358 -98.63 -3.60 25.77
N THR F 1359 -98.62 -2.57 26.61
CA THR F 1359 -99.16 -1.27 26.28
C THR F 1359 -98.02 -0.30 25.95
N ILE F 1360 -98.15 0.39 24.82
CA ILE F 1360 -97.14 1.33 24.35
C ILE F 1360 -97.83 2.65 24.01
N TYR F 1361 -97.26 3.75 24.48
CA TYR F 1361 -97.80 5.08 24.22
C TYR F 1361 -97.00 5.78 23.14
N THR F 1362 -97.66 6.66 22.39
CA THR F 1362 -97.01 7.51 21.42
C THR F 1362 -96.81 8.91 22.00
N SER F 1363 -95.84 9.63 21.44
CA SER F 1363 -95.45 10.92 21.98
C SER F 1363 -96.59 11.93 21.84
N ASN F 1364 -96.81 12.71 22.90
CA ASN F 1364 -97.80 13.78 22.91
C ASN F 1364 -97.14 15.05 23.43
N PHE F 1365 -97.20 16.12 22.63
CA PHE F 1365 -96.65 17.41 23.02
C PHE F 1365 -97.52 18.51 22.43
N GLY F 1366 -97.45 19.69 23.06
CA GLY F 1366 -98.24 20.82 22.63
C GLY F 1366 -97.82 21.37 21.28
N ALA F 1367 -98.71 21.27 20.29
CA ALA F 1367 -98.44 21.78 18.95
C ALA F 1367 -98.85 23.26 18.85
N THR F 1368 -98.18 24.07 19.66
CA THR F 1368 -98.48 25.50 19.71
C THR F 1368 -98.04 26.18 18.41
N VAL F 1369 -98.85 27.13 17.95
CA VAL F 1369 -98.58 27.90 16.74
C VAL F 1369 -98.51 29.37 17.13
N GLU F 1370 -97.44 30.03 16.69
CA GLU F 1370 -97.22 31.44 17.02
C GLU F 1370 -96.94 32.22 15.75
N LEU F 1371 -97.22 33.52 15.81
CA LEU F 1371 -96.96 34.46 14.73
C LEU F 1371 -95.98 35.52 15.21
N ASP F 1372 -95.28 36.13 14.24
CA ASP F 1372 -94.29 37.15 14.58
C ASP F 1372 -94.97 38.37 15.22
N GLN F 1373 -96.11 38.79 14.68
CA GLN F 1373 -96.84 39.93 15.21
C GLN F 1373 -98.32 39.57 15.35
N LYS F 1374 -98.96 40.15 16.37
CA LYS F 1374 -100.39 39.93 16.55
C LYS F 1374 -101.22 40.75 15.57
N VAL F 1375 -100.72 41.92 15.16
CA VAL F 1375 -101.42 42.82 14.26
C VAL F 1375 -100.56 43.06 13.03
N TYR F 1376 -101.15 42.94 11.85
CA TYR F 1376 -100.46 43.14 10.59
C TYR F 1376 -101.21 44.12 9.72
N SER F 1377 -100.50 44.71 8.77
CA SER F 1377 -101.09 45.53 7.72
C SER F 1377 -101.11 44.73 6.43
N TRP F 1378 -101.66 45.32 5.37
CA TRP F 1378 -101.65 44.66 4.09
C TRP F 1378 -100.28 44.82 3.41
N THR F 1379 -100.04 43.97 2.42
CA THR F 1379 -98.73 43.87 1.76
C THR F 1379 -97.63 43.62 2.79
N ASP F 1380 -97.89 42.69 3.69
CA ASP F 1380 -96.97 42.35 4.77
C ASP F 1380 -96.72 40.84 4.78
N LYS F 1381 -95.58 40.45 5.33
CA LYS F 1381 -95.17 39.06 5.41
C LYS F 1381 -95.22 38.60 6.86
N VAL F 1382 -95.76 37.41 7.09
CA VAL F 1382 -95.89 36.83 8.42
C VAL F 1382 -95.08 35.54 8.48
N TYR F 1383 -94.28 35.40 9.53
CA TYR F 1383 -93.50 34.19 9.77
C TYR F 1383 -94.30 33.27 10.68
N ILE F 1384 -94.62 32.08 10.17
CA ILE F 1384 -95.40 31.10 10.92
C ILE F 1384 -94.45 30.07 11.51
N THR F 1385 -94.50 29.90 12.83
CA THR F 1385 -93.67 28.93 13.53
C THR F 1385 -94.57 27.94 14.27
N ILE F 1386 -94.17 26.66 14.23
CA ILE F 1386 -94.93 25.59 14.86
C ILE F 1386 -93.96 24.73 15.65
N VAL F 1387 -94.26 24.49 16.93
CA VAL F 1387 -93.47 23.62 17.78
C VAL F 1387 -94.23 22.31 17.91
N ALA F 1388 -93.84 21.32 17.10
CA ALA F 1388 -94.51 20.02 17.06
C ALA F 1388 -93.48 18.91 17.20
N PRO F 1389 -93.06 18.60 18.42
CA PRO F 1389 -92.10 17.50 18.61
C PRO F 1389 -92.64 16.14 18.16
N ASP F 1390 -93.96 15.98 18.11
CA ASP F 1390 -94.53 14.70 17.70
C ASP F 1390 -94.23 14.37 16.25
N HIS F 1391 -94.11 15.38 15.39
CA HIS F 1391 -93.90 15.18 13.97
C HIS F 1391 -92.43 15.05 13.58
N ASN F 1392 -91.52 15.09 14.55
CA ASN F 1392 -90.10 14.87 14.29
C ASN F 1392 -89.89 13.37 14.09
N PHE F 1393 -90.32 12.89 12.93
CA PHE F 1393 -90.33 11.44 12.68
C PHE F 1393 -88.91 10.87 12.61
N ASP F 1394 -88.00 11.56 11.95
CA ASP F 1394 -86.64 11.08 11.78
C ASP F 1394 -85.65 12.16 12.21
N SER F 1395 -84.61 11.76 12.95
CA SER F 1395 -83.64 12.72 13.45
C SER F 1395 -82.75 13.27 12.34
N ASP F 1396 -82.45 12.46 11.32
CA ASP F 1396 -81.58 12.88 10.23
C ASP F 1396 -82.36 13.38 9.01
N LEU F 1397 -83.68 13.47 9.12
CA LEU F 1397 -84.53 13.97 8.04
C LEU F 1397 -85.32 15.18 8.52
N VAL F 1398 -85.26 16.26 7.75
CA VAL F 1398 -86.06 17.43 8.07
C VAL F 1398 -87.52 17.11 7.78
N ASP F 1399 -88.31 16.96 8.83
CA ASP F 1399 -89.70 16.56 8.68
C ASP F 1399 -90.55 17.71 8.15
N GLU F 1400 -91.69 17.35 7.56
CA GLU F 1400 -92.59 18.32 6.97
C GLU F 1400 -94.02 18.03 7.41
N ILE F 1401 -94.84 19.08 7.44
CA ILE F 1401 -96.26 18.98 7.78
C ILE F 1401 -97.05 19.81 6.78
N GLY F 1402 -98.34 19.46 6.65
CA GLY F 1402 -99.21 20.16 5.74
C GLY F 1402 -99.14 19.70 4.30
N GLU F 1403 -98.34 18.67 3.99
CA GLU F 1403 -98.17 18.26 2.61
C GLU F 1403 -99.39 17.48 2.10
N THR F 1404 -99.92 16.57 2.91
CA THR F 1404 -100.97 15.67 2.47
C THR F 1404 -102.32 16.07 3.09
N ASP F 1405 -103.38 15.49 2.54
CA ASP F 1405 -104.72 15.76 3.05
C ASP F 1405 -104.93 15.11 4.42
N SER F 1406 -104.23 14.01 4.70
CA SER F 1406 -104.32 13.38 6.01
C SER F 1406 -103.73 14.27 7.11
N ASP F 1407 -102.72 15.07 6.78
CA ASP F 1407 -102.12 16.02 7.71
C ASP F 1407 -102.09 17.39 7.06
N PRO F 1408 -103.23 18.09 7.04
CA PRO F 1408 -103.32 19.37 6.34
C PRO F 1408 -102.93 20.57 7.19
N ILE F 1409 -102.43 21.59 6.51
CA ILE F 1409 -102.20 22.91 7.09
C ILE F 1409 -103.13 23.88 6.35
N LYS F 1410 -103.95 24.59 7.12
CA LYS F 1410 -105.01 25.43 6.56
C LYS F 1410 -104.76 26.86 7.00
N VAL F 1411 -104.26 27.68 6.09
CA VAL F 1411 -104.15 29.12 6.33
C VAL F 1411 -105.32 29.81 5.66
N SER F 1412 -105.87 30.82 6.32
CA SER F 1412 -107.12 31.41 5.86
C SER F 1412 -107.29 32.82 6.42
N THR F 1413 -107.88 33.68 5.61
CA THR F 1413 -108.37 34.98 6.02
C THR F 1413 -109.90 34.94 6.12
N ARG F 1414 -110.51 36.10 6.36
CA ARG F 1414 -111.97 36.22 6.38
C ARG F 1414 -112.48 36.43 4.97
N GLY F 1415 -112.32 35.41 4.15
CA GLY F 1415 -112.75 35.45 2.76
C GLY F 1415 -111.85 34.72 1.80
N PHE F 1416 -110.60 34.50 2.19
CA PHE F 1416 -109.64 33.79 1.34
C PHE F 1416 -108.87 32.78 2.18
N ASP F 1417 -108.37 31.75 1.52
CA ASP F 1417 -107.64 30.69 2.20
C ASP F 1417 -106.73 29.98 1.21
N LEU F 1418 -105.72 29.29 1.75
CA LEU F 1418 -104.83 28.44 0.97
C LEU F 1418 -104.89 27.04 1.54
N ASP F 1419 -104.90 26.04 0.65
CA ASP F 1419 -104.99 24.64 1.04
C ASP F 1419 -103.67 23.92 0.81
N ASN F 1420 -103.40 22.97 1.70
CA ASN F 1420 -102.22 22.10 1.64
C ASN F 1420 -100.93 22.93 1.55
N TYR F 1421 -100.65 23.64 2.63
CA TYR F 1421 -99.46 24.48 2.72
C TYR F 1421 -98.39 23.72 3.50
N LYS F 1422 -97.27 23.43 2.85
CA LYS F 1422 -96.20 22.69 3.49
C LYS F 1422 -95.46 23.58 4.49
N LEU F 1423 -95.03 22.96 5.59
CA LEU F 1423 -94.16 23.61 6.56
C LEU F 1423 -92.95 22.72 6.79
N VAL F 1424 -91.80 23.35 7.00
CA VAL F 1424 -90.51 22.65 7.03
C VAL F 1424 -89.85 22.85 8.38
N GLU F 1425 -89.22 21.79 8.88
CA GLU F 1425 -88.48 21.86 10.13
C GLU F 1425 -87.27 22.78 9.99
N THR F 1426 -87.04 23.61 11.01
CA THR F 1426 -85.89 24.52 10.98
C THR F 1426 -84.58 23.73 11.02
N GLY F 1427 -84.53 22.66 11.82
CA GLY F 1427 -83.36 21.83 11.90
C GLY F 1427 -83.73 20.38 11.65
N THR F 1428 -82.68 19.56 11.46
CA THR F 1428 -82.91 18.15 11.18
C THR F 1428 -83.51 17.42 12.37
N ASP F 1429 -83.17 17.83 13.59
CA ASP F 1429 -83.66 17.18 14.80
C ASP F 1429 -84.05 18.22 15.85
N THR F 1430 -84.78 19.24 15.42
CA THR F 1430 -85.19 20.32 16.32
C THR F 1430 -86.64 20.21 16.78
N GLY F 1431 -87.53 19.70 15.94
CA GLY F 1431 -88.93 19.60 16.29
C GLY F 1431 -89.75 20.85 16.10
N ILE F 1432 -89.19 21.88 15.46
CA ILE F 1432 -89.87 23.14 15.24
C ILE F 1432 -90.00 23.36 13.74
N PHE F 1433 -91.21 23.68 13.29
CA PHE F 1433 -91.49 23.91 11.88
C PHE F 1433 -91.67 25.41 11.62
N THR F 1434 -91.08 25.89 10.54
CA THR F 1434 -91.08 27.32 10.24
C THR F 1434 -91.37 27.54 8.76
N GLY F 1435 -92.23 28.53 8.49
CA GLY F 1435 -92.54 28.94 7.13
C GLY F 1435 -93.22 30.30 7.18
N GLU F 1436 -93.18 30.99 6.05
CA GLU F 1436 -93.75 32.33 5.98
C GLU F 1436 -94.66 32.46 4.76
N VAL F 1437 -95.71 33.27 4.92
CA VAL F 1437 -96.64 33.61 3.86
C VAL F 1437 -96.73 35.13 3.77
N ILE F 1438 -96.81 35.64 2.55
CA ILE F 1438 -96.93 37.07 2.30
C ILE F 1438 -98.37 37.37 1.91
N LEU F 1439 -98.95 38.39 2.55
CA LEU F 1439 -100.32 38.81 2.27
C LEU F 1439 -100.29 39.80 1.12
N THR F 1440 -100.77 39.38 -0.05
CA THR F 1440 -100.69 40.20 -1.24
C THR F 1440 -101.77 41.27 -1.31
N GLY F 1441 -102.76 41.23 -0.43
CA GLY F 1441 -103.79 42.25 -0.47
C GLY F 1441 -104.73 42.08 -1.66
N PHE F 1442 -105.43 43.16 -1.98
CA PHE F 1442 -106.38 43.19 -3.09
C PHE F 1442 -106.06 44.37 -4.00
N THR F 1443 -106.27 44.16 -5.30
CA THR F 1443 -105.90 45.14 -6.31
C THR F 1443 -106.95 46.23 -6.51
N ALA F 1444 -108.09 46.14 -5.84
CA ALA F 1444 -109.17 47.12 -6.04
C ALA F 1444 -109.07 48.28 -5.07
N HIS F 1445 -107.91 48.94 -5.04
CA HIS F 1445 -107.71 50.09 -4.16
C HIS F 1445 -106.54 50.92 -4.68
N ASP F 1446 -106.69 52.24 -4.63
CA ASP F 1446 -105.63 53.17 -5.01
C ASP F 1446 -104.95 53.66 -3.74
N ALA F 1447 -104.08 52.81 -3.18
CA ALA F 1447 -103.40 53.16 -1.94
C ALA F 1447 -102.45 54.34 -2.14
N ASP F 1448 -101.73 54.36 -3.28
CA ASP F 1448 -100.82 55.46 -3.55
C ASP F 1448 -101.54 56.77 -3.82
N GLY F 1449 -102.80 56.72 -4.27
CA GLY F 1449 -103.56 57.91 -4.54
C GLY F 1449 -103.29 58.56 -5.89
N ASP F 1450 -102.51 57.92 -6.75
CA ASP F 1450 -102.21 58.49 -8.06
C ASP F 1450 -103.38 58.40 -9.03
N GLY F 1451 -104.39 57.60 -8.73
CA GLY F 1451 -105.56 57.48 -9.56
C GLY F 1451 -105.71 56.20 -10.35
N ASN F 1452 -104.89 55.19 -10.07
CA ASN F 1452 -104.97 53.92 -10.78
C ASN F 1452 -104.89 52.77 -9.78
N THR F 1453 -105.45 51.63 -10.18
CA THR F 1453 -105.44 50.43 -9.35
C THR F 1453 -104.11 49.70 -9.54
N GLY F 1454 -104.03 48.47 -9.04
CA GLY F 1454 -102.84 47.66 -9.20
C GLY F 1454 -101.73 47.94 -8.21
N ASP F 1455 -102.02 48.66 -7.12
CA ASP F 1455 -101.00 48.93 -6.12
C ASP F 1455 -100.51 47.66 -5.43
N ALA F 1456 -101.39 46.68 -5.25
CA ALA F 1456 -101.02 45.40 -4.66
C ALA F 1456 -101.44 44.28 -5.60
N THR F 1457 -100.52 43.37 -5.88
CA THR F 1457 -100.77 42.26 -6.80
C THR F 1457 -101.57 41.18 -6.07
N GLY F 1458 -102.88 41.40 -5.98
CA GLY F 1458 -103.76 40.46 -5.33
C GLY F 1458 -103.79 39.10 -6.00
N THR F 1459 -103.21 38.10 -5.35
CA THR F 1459 -103.14 36.76 -5.91
C THR F 1459 -103.00 35.76 -4.78
N THR F 1460 -103.83 34.73 -4.80
CA THR F 1460 -103.79 33.64 -3.82
C THR F 1460 -103.19 32.42 -4.49
N SER F 1461 -101.96 32.09 -4.11
CA SER F 1461 -101.25 30.96 -4.71
C SER F 1461 -100.12 30.55 -3.79
N GLY F 1462 -99.50 29.41 -4.11
CA GLY F 1462 -98.39 28.90 -3.33
C GLY F 1462 -98.74 27.69 -2.49
N SER F 1463 -97.91 26.65 -2.59
CA SER F 1463 -98.11 25.42 -1.82
C SER F 1463 -96.88 24.99 -1.05
N GLY F 1464 -95.71 25.57 -1.31
CA GLY F 1464 -94.50 25.22 -0.60
C GLY F 1464 -94.39 25.95 0.72
N PRO F 1465 -93.25 25.81 1.40
CA PRO F 1465 -93.09 26.46 2.70
C PRO F 1465 -92.69 27.92 2.64
N THR F 1466 -92.32 28.43 1.46
CA THR F 1466 -91.76 29.77 1.35
C THR F 1466 -92.42 30.63 0.27
N ASP F 1467 -93.25 30.06 -0.60
CA ASP F 1467 -93.82 30.78 -1.73
C ASP F 1467 -95.32 31.04 -1.57
N GLY F 1468 -95.82 31.06 -0.34
CA GLY F 1468 -97.24 31.27 -0.13
C GLY F 1468 -97.64 32.70 -0.41
N LEU F 1469 -98.69 32.88 -1.20
CA LEU F 1469 -99.27 34.18 -1.50
C LEU F 1469 -100.75 34.18 -1.16
N LEU F 1470 -101.20 35.20 -0.43
CA LEU F 1470 -102.57 35.28 0.03
C LEU F 1470 -103.13 36.68 -0.18
N ALA F 1471 -104.37 36.75 -0.65
CA ALA F 1471 -105.07 38.02 -0.73
C ALA F 1471 -105.75 38.33 0.59
N THR F 1472 -105.73 39.61 0.97
CA THR F 1472 -106.25 40.02 2.26
C THR F 1472 -106.81 41.43 2.16
N ASP F 1473 -108.04 41.62 2.64
CA ASP F 1473 -108.65 42.94 2.66
C ASP F 1473 -107.97 43.82 3.71
N ASP F 1474 -108.17 45.12 3.57
CA ASP F 1474 -107.57 46.06 4.52
C ASP F 1474 -108.11 45.88 5.93
N ASP F 1475 -109.28 45.26 6.09
CA ASP F 1475 -109.85 44.94 7.39
C ASP F 1475 -110.20 43.44 7.35
N ASP F 1476 -109.29 42.61 7.82
CA ASP F 1476 -109.44 41.17 7.74
C ASP F 1476 -108.74 40.54 8.95
N GLY F 1477 -108.72 39.20 8.97
CA GLY F 1477 -108.08 38.48 10.05
C GLY F 1477 -107.43 37.18 9.61
N LEU F 1478 -106.17 36.99 9.97
CA LEU F 1478 -105.43 35.80 9.61
C LEU F 1478 -105.75 34.65 10.55
N THR F 1479 -105.87 33.44 9.99
CA THR F 1479 -106.13 32.24 10.76
C THR F 1479 -105.26 31.11 10.24
N VAL F 1480 -104.47 30.51 11.13
CA VAL F 1480 -103.62 29.36 10.81
C VAL F 1480 -104.05 28.20 11.68
N SER F 1481 -104.38 27.07 11.06
CA SER F 1481 -104.87 25.90 11.75
C SER F 1481 -103.96 24.70 11.47
N PHE F 1482 -103.62 23.97 12.52
CA PHE F 1482 -102.74 22.81 12.44
C PHE F 1482 -103.44 21.60 13.05
N GLU F 1483 -103.26 20.44 12.42
CA GLU F 1483 -103.87 19.20 12.87
C GLU F 1483 -102.79 18.23 13.31
N PHE F 1484 -102.93 17.70 14.53
CA PHE F 1484 -102.03 16.70 15.07
C PHE F 1484 -102.63 15.30 15.12
N SER F 1485 -103.95 15.18 15.03
CA SER F 1485 -104.64 13.90 14.95
C SER F 1485 -105.99 14.14 14.31
N GLU F 1486 -106.59 13.08 13.79
CA GLU F 1486 -107.86 13.22 13.10
C GLU F 1486 -108.93 13.76 14.05
N ASP F 1487 -109.75 14.67 13.52
CA ASP F 1487 -110.83 15.33 14.27
C ASP F 1487 -110.30 16.19 15.41
N GLU F 1488 -109.01 16.54 15.39
CA GLU F 1488 -108.41 17.42 16.36
C GLU F 1488 -107.55 18.45 15.63
N THR F 1489 -107.74 19.72 15.96
CA THR F 1489 -107.05 20.79 15.26
C THR F 1489 -106.73 21.93 16.22
N ILE F 1490 -105.50 22.40 16.17
CA ILE F 1490 -105.06 23.58 16.93
C ILE F 1490 -104.93 24.74 15.96
N VAL F 1491 -105.44 25.91 16.36
CA VAL F 1491 -105.57 27.05 15.46
C VAL F 1491 -104.86 28.26 16.05
N GLY F 1492 -104.45 29.16 15.17
CA GLY F 1492 -103.90 30.44 15.57
C GLY F 1492 -104.61 31.55 14.83
N SER F 1493 -104.60 32.73 15.45
CA SER F 1493 -105.37 33.86 14.95
C SER F 1493 -104.51 35.12 14.86
N ALA F 1494 -104.89 36.01 13.96
CA ALA F 1494 -104.26 37.30 13.79
C ALA F 1494 -105.26 38.25 13.15
N LEU F 1495 -104.96 39.54 13.23
CA LEU F 1495 -105.87 40.58 12.73
C LEU F 1495 -105.13 41.50 11.77
N ILE F 1496 -105.89 42.14 10.91
CA ILE F 1496 -105.36 43.03 9.87
C ILE F 1496 -106.00 44.40 10.05
N ARG F 1497 -105.17 45.44 10.18
CA ARG F 1497 -105.62 46.82 10.26
C ARG F 1497 -104.64 47.70 9.50
N TRP F 1498 -104.95 49.00 9.45
CA TRP F 1498 -104.09 49.97 8.80
C TRP F 1498 -102.80 50.17 9.60
#